data_8AOV
#
_entry.id   8AOV
#
_cell.length_a   1.00
_cell.length_b   1.00
_cell.length_c   1.00
_cell.angle_alpha   90.00
_cell.angle_beta   90.00
_cell.angle_gamma   90.00
#
_symmetry.space_group_name_H-M   'P 1'
#
loop_
_entity.id
_entity.type
_entity.pdbx_description
1 polymer 'mRNA-capping enzyme nsP1'
2 non-polymer 'ZINC ION'
3 non-polymer "GUANOSINE-5'-TRIPHOSPHATE"
4 water water
#
_entity_poly.entity_id   1
_entity_poly.type   'polypeptide(L)'
_entity_poly.pdbx_seq_one_letter_code
;MDPVYVDIDADSAFLKALQRAYPMFEVEPRQVTPNDHANARAFSHLAIKLIEQEIDPDSTILDIGSAPARRMMSDRKYHC
VCPMRSAEDPERLANYARKLASAAGKVLDRNISGKIGDLQAVMAVPDTETPTFCLHTDVSCRQRADVAIYQDVYAVHAPT
SLYHQAIKGVRLAYWVGFDTTPFMYNAMAGAYPSYSTNWADEQVLKAKNIGLCSTDLTEGRRGKLSIMRGKKLEPCDRVL
FSVGSTLYPESRKLLKSWHLPSVFHLKGKLSFTCRCDTVVSCEGYVVKRITMSPGLYGKTTGYAVTHHADGFLMCKTTDT
VDGERVSFSVCTYVPATICDQMTGILATEVTPEDAQKLLVGLNQRIVVNGRTQRNTNTMKNYMIPVVAQAFSKWAKECRK
DMEDEKLLGVRERTLTCCCLWAFKKQKTHTVYKRPDTQSIQKVQAEFDSFVVPSLWSSGLSIPLRTRIKWLLSKVPKTDL
TPYSGDAQEARDAEKEAEEEREAELTLEALPPLQAAQEDVQVEIDVEQLEDRAGAAAHHHHHH
;
_entity_poly.pdbx_strand_id   A,C,E,G,I,K,M,O,Q,S,V,X
#
# COMPACT_ATOMS: atom_id res chain seq x y z
N PRO A 3 -21.85 -44.73 -27.36
CA PRO A 3 -22.29 -46.06 -27.77
C PRO A 3 -23.19 -46.73 -26.75
N VAL A 4 -23.02 -46.40 -25.48
CA VAL A 4 -23.91 -46.84 -24.41
C VAL A 4 -24.50 -45.60 -23.77
N TYR A 5 -25.83 -45.53 -23.73
CA TYR A 5 -26.56 -44.36 -23.28
C TYR A 5 -27.33 -44.70 -22.01
N VAL A 6 -27.21 -43.84 -21.00
CA VAL A 6 -27.83 -44.05 -19.70
C VAL A 6 -28.83 -42.93 -19.45
N ASP A 7 -30.00 -43.31 -18.93
CA ASP A 7 -31.07 -42.37 -18.65
C ASP A 7 -30.82 -41.71 -17.28
N ILE A 8 -29.82 -40.83 -17.27
CA ILE A 8 -29.48 -40.04 -16.09
C ILE A 8 -29.18 -38.62 -16.52
N ASP A 9 -29.20 -37.70 -15.55
CA ASP A 9 -28.89 -36.30 -15.83
C ASP A 9 -27.45 -36.17 -16.26
N ALA A 10 -27.20 -35.26 -17.20
CA ALA A 10 -25.84 -35.02 -17.68
C ALA A 10 -24.93 -34.45 -16.60
N ASP A 11 -25.50 -33.84 -15.56
CA ASP A 11 -24.72 -33.28 -14.46
C ASP A 11 -24.69 -34.20 -13.24
N SER A 12 -25.12 -35.44 -13.39
CA SER A 12 -25.13 -36.37 -12.26
C SER A 12 -23.72 -36.72 -11.82
N ALA A 13 -23.50 -36.70 -10.50
CA ALA A 13 -22.23 -37.13 -9.95
C ALA A 13 -22.06 -38.64 -10.03
N PHE A 14 -23.15 -39.38 -10.22
CA PHE A 14 -23.07 -40.82 -10.39
C PHE A 14 -22.49 -41.21 -11.75
N LEU A 15 -22.45 -40.28 -12.70
CA LEU A 15 -21.93 -40.59 -14.03
C LEU A 15 -20.45 -40.95 -13.96
N LYS A 16 -19.68 -40.23 -13.14
CA LYS A 16 -18.26 -40.53 -13.01
C LYS A 16 -18.04 -41.91 -12.42
N ALA A 17 -18.80 -42.27 -11.39
CA ALA A 17 -18.68 -43.60 -10.79
C ALA A 17 -19.07 -44.68 -11.78
N LEU A 18 -20.13 -44.44 -12.56
CA LEU A 18 -20.56 -45.43 -13.53
C LEU A 18 -19.56 -45.58 -14.66
N GLN A 19 -18.91 -44.48 -15.06
CA GLN A 19 -17.84 -44.56 -16.04
C GLN A 19 -16.66 -45.36 -15.51
N ARG A 20 -16.31 -45.14 -14.24
CA ARG A 20 -15.22 -45.90 -13.64
CA ARG A 20 -15.22 -45.90 -13.64
C ARG A 20 -15.56 -47.38 -13.55
N ALA A 21 -16.82 -47.69 -13.22
CA ALA A 21 -17.25 -49.09 -13.14
C ALA A 21 -17.33 -49.75 -14.50
N TYR A 22 -17.43 -48.98 -15.58
CA TYR A 22 -17.48 -49.52 -16.94
C TYR A 22 -16.52 -48.73 -17.82
N PRO A 23 -15.20 -48.88 -17.61
CA PRO A 23 -14.24 -48.13 -18.43
C PRO A 23 -14.24 -48.54 -19.90
N MET A 24 -14.67 -49.76 -20.23
CA MET A 24 -14.68 -50.24 -21.59
C MET A 24 -15.78 -49.64 -22.45
N PHE A 25 -16.76 -48.98 -21.83
CA PHE A 25 -17.84 -48.34 -22.55
C PHE A 25 -17.70 -46.82 -22.47
N GLU A 26 -18.25 -46.15 -23.47
CA GLU A 26 -18.36 -44.68 -23.48
C GLU A 26 -19.76 -44.35 -22.96
N VAL A 27 -19.86 -44.16 -21.64
CA VAL A 27 -21.15 -43.94 -21.00
C VAL A 27 -21.59 -42.51 -21.29
N GLU A 28 -22.74 -42.36 -21.93
CA GLU A 28 -23.25 -41.04 -22.29
C GLU A 28 -24.58 -40.80 -21.59
N PRO A 29 -24.72 -39.74 -20.80
CA PRO A 29 -25.99 -39.46 -20.13
C PRO A 29 -27.02 -38.91 -21.12
N ARG A 30 -28.11 -39.65 -21.29
CA ARG A 30 -29.23 -39.25 -22.15
C ARG A 30 -30.50 -39.39 -21.33
N GLN A 31 -30.82 -38.34 -20.56
CA GLN A 31 -31.95 -38.40 -19.65
C GLN A 31 -33.25 -38.27 -20.42
N VAL A 32 -34.12 -39.26 -20.28
CA VAL A 32 -35.43 -39.23 -20.91
C VAL A 32 -36.57 -39.38 -19.92
N THR A 33 -36.32 -39.83 -18.69
CA THR A 33 -37.33 -39.95 -17.66
C THR A 33 -36.81 -39.36 -16.36
N PRO A 34 -37.71 -38.91 -15.47
CA PRO A 34 -37.28 -38.37 -14.18
C PRO A 34 -37.10 -39.44 -13.13
N ASN A 35 -36.97 -40.69 -13.57
CA ASN A 35 -36.92 -41.87 -12.71
C ASN A 35 -36.12 -41.63 -11.44
N ASP A 36 -36.74 -41.93 -10.29
CA ASP A 36 -36.11 -41.71 -9.00
C ASP A 36 -35.13 -42.82 -8.62
N HIS A 37 -35.07 -43.90 -9.39
CA HIS A 37 -34.02 -44.90 -9.25
C HIS A 37 -33.28 -45.04 -10.58
N ALA A 38 -32.96 -43.89 -11.18
CA ALA A 38 -32.29 -43.89 -12.48
C ALA A 38 -30.89 -44.47 -12.40
N ASN A 39 -30.19 -44.27 -11.28
CA ASN A 39 -28.83 -44.79 -11.15
C ASN A 39 -28.82 -46.31 -11.20
N ALA A 40 -29.75 -46.97 -10.51
CA ALA A 40 -29.81 -48.42 -10.53
C ALA A 40 -30.15 -48.95 -11.91
N ARG A 41 -31.08 -48.29 -12.61
CA ARG A 41 -31.43 -48.69 -13.96
C ARG A 41 -30.24 -48.54 -14.90
N ALA A 42 -29.51 -47.43 -14.77
CA ALA A 42 -28.34 -47.22 -15.62
C ALA A 42 -27.26 -48.26 -15.35
N PHE A 43 -27.03 -48.58 -14.08
CA PHE A 43 -26.05 -49.62 -13.76
C PHE A 43 -26.47 -50.97 -14.31
N SER A 44 -27.76 -51.30 -14.18
CA SER A 44 -28.22 -52.59 -14.69
C SER A 44 -28.13 -52.66 -16.22
N HIS A 45 -28.45 -51.55 -16.89
CA HIS A 45 -28.33 -51.52 -18.34
C HIS A 45 -26.88 -51.70 -18.78
N LEU A 46 -25.95 -51.01 -18.12
CA LEU A 46 -24.54 -51.17 -18.44
C LEU A 46 -24.06 -52.58 -18.10
N ALA A 47 -24.60 -53.17 -17.03
CA ALA A 47 -24.25 -54.55 -16.68
C ALA A 47 -24.69 -55.51 -17.77
N ILE A 48 -25.90 -55.33 -18.29
CA ILE A 48 -26.38 -56.20 -19.36
C ILE A 48 -25.55 -56.01 -20.63
N LYS A 49 -25.17 -54.77 -20.92
CA LYS A 49 -24.31 -54.52 -22.08
C LYS A 49 -22.97 -55.22 -21.92
N LEU A 50 -22.37 -55.14 -20.73
N LEU A 50 -22.37 -55.14 -20.73
CA LEU A 50 -21.09 -55.81 -20.50
CA LEU A 50 -21.10 -55.80 -20.48
C LEU A 50 -21.22 -57.32 -20.56
C LEU A 50 -21.23 -57.31 -20.56
N ILE A 51 -22.31 -57.87 -20.00
CA ILE A 51 -22.51 -59.31 -20.05
C ILE A 51 -22.65 -59.78 -21.49
N GLU A 52 -23.41 -59.05 -22.30
CA GLU A 52 -23.54 -59.38 -23.70
C GLU A 52 -22.19 -59.31 -24.42
N GLN A 53 -21.41 -58.27 -24.11
CA GLN A 53 -20.09 -58.15 -24.72
C GLN A 53 -19.17 -59.30 -24.33
N GLU A 54 -19.32 -59.83 -23.12
CA GLU A 54 -18.44 -60.89 -22.64
C GLU A 54 -18.74 -62.23 -23.31
N ILE A 55 -20.03 -62.57 -23.43
CA ILE A 55 -20.39 -63.91 -23.88
C ILE A 55 -20.46 -63.97 -25.40
N ASP A 56 -20.30 -65.18 -25.93
CA ASP A 56 -20.25 -65.37 -27.37
C ASP A 56 -21.62 -65.13 -28.00
N PRO A 57 -21.65 -64.58 -29.21
CA PRO A 57 -22.95 -64.35 -29.89
C PRO A 57 -23.75 -65.62 -30.12
N ASP A 58 -23.09 -66.77 -30.28
CA ASP A 58 -23.77 -68.03 -30.56
C ASP A 58 -24.27 -68.73 -29.30
N SER A 59 -24.47 -67.99 -28.21
CA SER A 59 -24.84 -68.57 -26.93
C SER A 59 -26.32 -68.34 -26.65
N THR A 60 -26.96 -69.35 -26.08
CA THR A 60 -28.34 -69.22 -25.61
C THR A 60 -28.33 -68.75 -24.17
N ILE A 61 -29.11 -67.73 -23.87
CA ILE A 61 -29.05 -67.02 -22.60
C ILE A 61 -30.36 -67.25 -21.86
N LEU A 62 -30.30 -67.98 -20.75
CA LEU A 62 -31.45 -68.09 -19.86
C LEU A 62 -31.54 -66.80 -19.04
N ASP A 63 -32.67 -66.10 -19.15
CA ASP A 63 -32.85 -64.82 -18.49
C ASP A 63 -33.85 -65.05 -17.35
N ILE A 64 -33.31 -65.34 -16.17
CA ILE A 64 -34.11 -65.83 -15.05
C ILE A 64 -34.81 -64.67 -14.35
N GLY A 65 -36.10 -64.85 -14.06
CA GLY A 65 -36.84 -63.90 -13.25
C GLY A 65 -37.01 -62.55 -13.89
N SER A 66 -37.17 -62.50 -15.20
CA SER A 66 -37.25 -61.24 -15.92
C SER A 66 -38.40 -61.33 -16.91
N ALA A 67 -38.50 -60.31 -17.77
CA ALA A 67 -39.50 -60.25 -18.81
C ALA A 67 -38.83 -60.00 -20.16
N PRO A 68 -39.34 -60.59 -21.23
CA PRO A 68 -38.74 -60.35 -22.55
C PRO A 68 -39.01 -58.97 -23.11
N ALA A 69 -39.83 -58.17 -22.43
CA ALA A 69 -40.14 -56.81 -22.91
C ALA A 69 -38.92 -55.90 -22.84
N ARG A 70 -37.83 -56.38 -22.22
CA ARG A 70 -36.57 -55.66 -22.23
C ARG A 70 -35.44 -56.45 -22.89
N ARG A 71 -35.76 -57.54 -23.58
N ARG A 71 -35.77 -57.56 -23.57
CA ARG A 71 -34.74 -58.42 -24.14
CA ARG A 71 -34.74 -58.43 -24.14
C ARG A 71 -34.88 -58.63 -25.64
C ARG A 71 -35.04 -58.82 -25.58
N MET A 72 -35.94 -58.13 -26.27
CA MET A 72 -36.18 -58.46 -27.67
C MET A 72 -35.27 -57.69 -28.62
N MET A 73 -34.85 -56.49 -28.25
CA MET A 73 -34.04 -55.65 -29.13
C MET A 73 -32.56 -55.99 -29.05
N SER A 74 -32.25 -57.28 -29.19
CA SER A 74 -30.87 -57.75 -29.15
C SER A 74 -30.72 -58.88 -30.17
N ASP A 75 -29.48 -59.08 -30.63
CA ASP A 75 -29.17 -60.15 -31.56
C ASP A 75 -28.86 -61.46 -30.86
N ARG A 76 -28.96 -61.52 -29.54
N ARG A 76 -28.91 -61.50 -29.53
CA ARG A 76 -28.60 -62.71 -28.79
CA ARG A 76 -28.62 -62.71 -28.78
C ARG A 76 -29.86 -63.49 -28.41
C ARG A 76 -29.90 -63.50 -28.55
N LYS A 77 -29.74 -64.82 -28.45
CA LYS A 77 -30.88 -65.72 -28.25
C LYS A 77 -31.23 -65.77 -26.77
N TYR A 78 -32.14 -64.88 -26.37
CA TYR A 78 -32.58 -64.78 -24.98
C TYR A 78 -33.82 -65.65 -24.79
N HIS A 79 -33.69 -66.71 -23.99
CA HIS A 79 -34.82 -67.50 -23.53
C HIS A 79 -35.23 -66.96 -22.16
N CYS A 80 -36.38 -66.31 -22.09
CA CYS A 80 -36.83 -65.62 -20.89
C CYS A 80 -37.69 -66.57 -20.07
N VAL A 81 -37.11 -67.08 -18.99
CA VAL A 81 -37.82 -67.95 -18.06
C VAL A 81 -37.91 -67.25 -16.71
N CYS A 82 -39.12 -67.16 -16.18
CA CYS A 82 -39.33 -66.47 -14.91
C CYS A 82 -40.40 -67.16 -14.06
N ASP A 89 -45.27 -59.37 -13.81
CA ASP A 89 -45.22 -60.51 -14.73
C ASP A 89 -46.32 -60.43 -15.82
N PRO A 90 -47.61 -60.27 -15.43
CA PRO A 90 -48.64 -60.19 -16.48
C PRO A 90 -48.54 -58.93 -17.32
N GLU A 91 -48.37 -57.78 -16.67
CA GLU A 91 -48.22 -56.52 -17.40
C GLU A 91 -46.95 -56.54 -18.25
N ARG A 92 -45.86 -57.09 -17.71
CA ARG A 92 -44.62 -57.17 -18.48
C ARG A 92 -44.78 -58.10 -19.68
N LEU A 93 -45.47 -59.22 -19.50
CA LEU A 93 -45.73 -60.13 -20.63
C LEU A 93 -46.58 -59.46 -21.69
N ALA A 94 -47.61 -58.72 -21.27
CA ALA A 94 -48.43 -57.98 -22.22
C ALA A 94 -47.62 -56.91 -22.94
N ASN A 95 -46.72 -56.24 -22.22
CA ASN A 95 -45.85 -55.25 -22.85
C ASN A 95 -44.92 -55.90 -23.87
N TYR A 96 -44.40 -57.08 -23.56
CA TYR A 96 -43.55 -57.79 -24.52
C TYR A 96 -44.34 -58.16 -25.77
N ALA A 97 -45.58 -58.64 -25.60
CA ALA A 97 -46.41 -58.94 -26.75
C ALA A 97 -46.69 -57.68 -27.56
N ARG A 98 -46.95 -56.57 -26.88
CA ARG A 98 -47.19 -55.30 -27.57
C ARG A 98 -45.97 -54.87 -28.37
N LYS A 99 -44.78 -55.00 -27.78
CA LYS A 99 -43.56 -54.60 -28.48
C LYS A 99 -43.28 -55.50 -29.68
N LEU A 100 -43.59 -56.79 -29.56
CA LEU A 100 -43.48 -57.68 -30.71
C LEU A 100 -44.46 -57.27 -31.81
N ALA A 101 -45.69 -56.96 -31.44
CA ALA A 101 -46.70 -56.62 -32.43
C ALA A 101 -46.40 -55.29 -33.12
N SER A 102 -45.81 -54.34 -32.38
CA SER A 102 -45.52 -53.03 -32.92
C SER A 102 -44.24 -52.99 -33.75
N ALA A 103 -43.43 -54.05 -33.70
CA ALA A 103 -42.18 -54.10 -34.47
C ALA A 103 -42.07 -55.39 -35.29
N ALA A 104 -43.21 -56.02 -35.61
CA ALA A 104 -43.17 -57.27 -36.35
C ALA A 104 -42.59 -57.08 -37.75
N GLY A 105 -42.93 -55.99 -38.41
CA GLY A 105 -42.47 -55.75 -39.77
C GLY A 105 -41.41 -54.70 -39.90
N LYS A 106 -41.36 -53.75 -38.95
CA LYS A 106 -40.42 -52.64 -39.05
C LYS A 106 -38.98 -53.13 -39.00
N VAL A 107 -38.67 -54.03 -38.08
CA VAL A 107 -37.33 -54.59 -37.94
C VAL A 107 -37.43 -56.11 -37.98
N LEU A 108 -36.59 -56.73 -38.81
CA LEU A 108 -36.59 -58.18 -38.98
C LEU A 108 -35.22 -58.79 -38.68
N ASP A 109 -34.35 -58.05 -38.00
CA ASP A 109 -33.00 -58.52 -37.69
C ASP A 109 -32.89 -59.09 -36.27
N ARG A 110 -34.01 -59.21 -35.56
CA ARG A 110 -34.02 -59.70 -34.18
C ARG A 110 -34.82 -60.98 -34.02
N ASN A 111 -35.08 -61.70 -35.12
CA ASN A 111 -35.89 -62.92 -35.10
C ASN A 111 -37.27 -62.64 -34.50
N ILE A 112 -37.85 -61.48 -34.85
CA ILE A 112 -39.13 -61.08 -34.26
C ILE A 112 -40.25 -61.99 -34.75
N SER A 113 -40.19 -62.43 -36.00
CA SER A 113 -41.16 -63.41 -36.49
C SER A 113 -41.07 -64.70 -35.70
N GLY A 114 -39.85 -65.18 -35.47
CA GLY A 114 -39.66 -66.37 -34.67
C GLY A 114 -40.10 -66.17 -33.23
N LYS A 115 -39.84 -65.00 -32.66
CA LYS A 115 -40.27 -64.70 -31.30
C LYS A 115 -41.79 -64.70 -31.20
N ILE A 116 -42.48 -64.13 -32.19
CA ILE A 116 -43.93 -64.10 -32.20
C ILE A 116 -44.49 -65.51 -32.32
N GLY A 117 -43.90 -66.33 -33.21
CA GLY A 117 -44.32 -67.71 -33.32
C GLY A 117 -44.12 -68.48 -32.03
N ASP A 118 -42.98 -68.25 -31.36
CA ASP A 118 -42.71 -68.90 -30.08
C ASP A 118 -43.72 -68.48 -29.03
N LEU A 119 -44.04 -67.19 -28.96
CA LEU A 119 -45.02 -66.71 -27.98
C LEU A 119 -46.39 -67.31 -28.25
N GLN A 120 -46.79 -67.39 -29.52
CA GLN A 120 -48.07 -68.02 -29.86
C GLN A 120 -48.08 -69.49 -29.48
N ALA A 121 -46.97 -70.19 -29.73
CA ALA A 121 -46.89 -71.60 -29.36
C ALA A 121 -46.99 -71.77 -27.85
N VAL A 122 -46.33 -70.91 -27.08
CA VAL A 122 -46.40 -70.99 -25.62
C VAL A 122 -47.82 -70.71 -25.14
N MET A 123 -48.49 -69.71 -25.73
CA MET A 123 -49.86 -69.41 -25.35
C MET A 123 -50.81 -70.53 -25.75
N ALA A 124 -50.50 -71.29 -26.80
CA ALA A 124 -51.31 -72.45 -27.15
C ALA A 124 -51.14 -73.56 -26.12
N VAL A 125 -49.93 -74.05 -25.95
CA VAL A 125 -49.60 -75.05 -24.94
C VAL A 125 -48.64 -74.41 -23.94
N PRO A 126 -49.05 -74.20 -22.69
CA PRO A 126 -48.20 -73.49 -21.73
C PRO A 126 -46.93 -74.25 -21.32
N ASP A 127 -46.82 -75.52 -21.65
CA ASP A 127 -45.65 -76.32 -21.31
C ASP A 127 -44.57 -76.31 -22.40
N THR A 128 -44.79 -75.56 -23.47
CA THR A 128 -43.83 -75.52 -24.57
C THR A 128 -42.55 -74.83 -24.14
N GLU A 129 -41.42 -75.31 -24.67
CA GLU A 129 -40.11 -74.81 -24.30
C GLU A 129 -39.41 -74.15 -25.49
N THR A 130 -40.14 -73.28 -26.20
CA THR A 130 -39.65 -72.51 -27.34
C THR A 130 -38.29 -71.90 -27.05
N PRO A 131 -37.41 -71.78 -28.05
CA PRO A 131 -36.04 -71.32 -27.78
C PRO A 131 -35.93 -69.91 -27.24
N THR A 132 -36.95 -69.07 -27.42
CA THR A 132 -36.84 -67.67 -27.05
C THR A 132 -37.76 -67.26 -25.89
N PHE A 133 -38.65 -68.13 -25.43
CA PHE A 133 -39.55 -67.75 -24.35
C PHE A 133 -40.01 -69.00 -23.60
N CYS A 134 -40.26 -68.82 -22.30
CA CYS A 134 -40.80 -69.87 -21.47
C CYS A 134 -41.65 -69.25 -20.38
N LEU A 135 -42.61 -70.04 -19.87
CA LEU A 135 -43.46 -69.61 -18.78
C LEU A 135 -43.21 -70.38 -17.48
N HIS A 136 -42.36 -71.39 -17.51
CA HIS A 136 -42.06 -72.15 -16.31
C HIS A 136 -41.12 -71.36 -15.41
N THR A 137 -40.96 -71.85 -14.18
CA THR A 137 -39.95 -71.29 -13.30
C THR A 137 -38.56 -71.74 -13.75
N ASP A 138 -37.53 -71.12 -13.17
CA ASP A 138 -36.17 -71.52 -13.49
C ASP A 138 -35.89 -72.96 -13.11
N VAL A 139 -36.68 -73.52 -12.19
CA VAL A 139 -36.53 -74.93 -11.83
C VAL A 139 -37.31 -75.81 -12.81
N SER A 140 -38.54 -75.40 -13.15
CA SER A 140 -39.38 -76.19 -14.05
C SER A 140 -38.96 -76.08 -15.50
N CYS A 141 -38.18 -75.08 -15.87
CA CYS A 141 -37.72 -74.94 -17.24
C CYS A 141 -36.74 -76.05 -17.59
N ARG A 142 -36.78 -76.50 -18.85
CA ARG A 142 -35.90 -77.56 -19.32
C ARG A 142 -35.24 -77.21 -20.65
N GLN A 143 -35.23 -75.94 -21.03
CA GLN A 143 -34.60 -75.52 -22.27
C GLN A 143 -33.11 -75.37 -22.04
N ARG A 144 -32.31 -76.23 -22.69
CA ARG A 144 -30.87 -76.22 -22.48
C ARG A 144 -30.25 -74.92 -22.98
N ALA A 145 -29.29 -74.41 -22.22
CA ALA A 145 -28.54 -73.22 -22.60
C ALA A 145 -27.18 -73.30 -21.94
N ASP A 146 -26.33 -72.32 -22.24
CA ASP A 146 -25.00 -72.25 -21.66
C ASP A 146 -24.73 -70.97 -20.88
N VAL A 147 -25.64 -70.00 -20.90
CA VAL A 147 -25.47 -68.74 -20.18
C VAL A 147 -26.76 -68.43 -19.44
N ALA A 148 -26.64 -68.03 -18.18
CA ALA A 148 -27.78 -67.62 -17.36
C ALA A 148 -27.54 -66.20 -16.85
N ILE A 149 -28.60 -65.40 -16.83
CA ILE A 149 -28.53 -64.03 -16.34
C ILE A 149 -29.55 -63.87 -15.23
N TYR A 150 -29.08 -63.45 -14.06
CA TYR A 150 -29.93 -63.15 -12.91
C TYR A 150 -29.86 -61.66 -12.66
N GLN A 151 -30.71 -60.90 -13.36
CA GLN A 151 -30.71 -59.45 -13.26
C GLN A 151 -31.78 -59.04 -12.26
N ASP A 152 -31.35 -58.50 -11.12
CA ASP A 152 -32.25 -57.95 -10.10
C ASP A 152 -33.26 -58.99 -9.61
N VAL A 153 -32.81 -60.24 -9.50
CA VAL A 153 -33.61 -61.30 -8.91
C VAL A 153 -32.92 -61.74 -7.61
N TYR A 154 -33.70 -61.77 -6.54
CA TYR A 154 -33.16 -62.14 -5.23
C TYR A 154 -34.05 -63.10 -4.47
N ALA A 155 -35.25 -63.41 -4.97
CA ALA A 155 -36.20 -64.28 -4.27
C ALA A 155 -36.05 -65.74 -4.65
N VAL A 156 -34.91 -66.12 -5.23
CA VAL A 156 -34.64 -67.50 -5.57
C VAL A 156 -33.44 -67.97 -4.76
N HIS A 157 -33.47 -69.24 -4.36
CA HIS A 157 -32.33 -69.85 -3.68
C HIS A 157 -31.19 -70.00 -4.67
N ALA A 158 -30.06 -69.37 -4.37
CA ALA A 158 -28.96 -69.33 -5.33
C ALA A 158 -28.41 -70.72 -5.67
N PRO A 159 -28.04 -71.58 -4.71
CA PRO A 159 -27.51 -72.89 -5.12
C PRO A 159 -28.52 -73.74 -5.87
N THR A 160 -29.79 -73.70 -5.48
CA THR A 160 -30.80 -74.50 -6.18
C THR A 160 -30.96 -74.04 -7.62
N SER A 161 -31.09 -72.72 -7.84
CA SER A 161 -31.23 -72.19 -9.19
C SER A 161 -29.98 -72.46 -10.02
N LEU A 162 -28.80 -72.29 -9.42
CA LEU A 162 -27.55 -72.51 -10.15
C LEU A 162 -27.40 -73.98 -10.53
N TYR A 163 -27.78 -74.90 -9.64
CA TYR A 163 -27.74 -76.32 -9.97
C TYR A 163 -28.72 -76.66 -11.07
N HIS A 164 -29.95 -76.11 -11.00
CA HIS A 164 -30.93 -76.40 -12.03
C HIS A 164 -30.53 -75.83 -13.38
N GLN A 165 -29.78 -74.73 -13.38
CA GLN A 165 -29.23 -74.22 -14.63
C GLN A 165 -28.08 -75.07 -15.13
N ALA A 166 -27.23 -75.55 -14.21
CA ALA A 166 -26.06 -76.31 -14.59
C ALA A 166 -26.43 -77.65 -15.21
N ILE A 167 -27.45 -78.33 -14.67
CA ILE A 167 -27.88 -79.59 -15.24
C ILE A 167 -28.53 -79.40 -16.60
N LYS A 168 -28.89 -78.16 -16.95
CA LYS A 168 -29.36 -77.81 -18.28
C LYS A 168 -28.22 -77.38 -19.19
N GLY A 169 -26.97 -77.48 -18.74
CA GLY A 169 -25.82 -77.17 -19.55
C GLY A 169 -25.22 -75.80 -19.35
N VAL A 170 -25.72 -75.02 -18.40
CA VAL A 170 -25.24 -73.66 -18.20
C VAL A 170 -23.87 -73.73 -17.52
N ARG A 171 -22.86 -73.15 -18.18
CA ARG A 171 -21.52 -73.07 -17.63
C ARG A 171 -21.18 -71.67 -17.13
N LEU A 172 -21.94 -70.66 -17.53
CA LEU A 172 -21.70 -69.28 -17.13
C LEU A 172 -23.01 -68.65 -16.69
N ALA A 173 -22.98 -68.01 -15.52
CA ALA A 173 -24.14 -67.31 -14.98
C ALA A 173 -23.71 -65.93 -14.54
N TYR A 174 -24.62 -64.97 -14.67
CA TYR A 174 -24.35 -63.60 -14.24
C TYR A 174 -25.46 -63.15 -13.30
N TRP A 175 -25.08 -62.60 -12.16
CA TRP A 175 -26.03 -62.10 -11.18
C TRP A 175 -25.81 -60.61 -11.01
N VAL A 176 -26.84 -59.82 -11.28
CA VAL A 176 -26.80 -58.38 -11.14
C VAL A 176 -27.73 -58.00 -10.00
N GLY A 177 -27.23 -57.24 -9.03
CA GLY A 177 -28.09 -56.85 -7.93
C GLY A 177 -27.29 -56.15 -6.85
N PHE A 178 -28.02 -55.72 -5.83
CA PHE A 178 -27.38 -55.01 -4.74
C PHE A 178 -26.46 -55.94 -3.96
N ASP A 179 -25.40 -55.38 -3.41
CA ASP A 179 -24.41 -56.15 -2.66
C ASP A 179 -25.07 -56.89 -1.51
N THR A 180 -24.74 -58.16 -1.37
CA THR A 180 -25.29 -59.02 -0.33
C THR A 180 -24.52 -58.94 0.98
N THR A 181 -23.42 -58.18 1.01
CA THR A 181 -22.64 -58.06 2.24
C THR A 181 -23.43 -57.51 3.43
N PRO A 182 -24.27 -56.47 3.28
CA PRO A 182 -25.02 -55.99 4.46
C PRO A 182 -25.88 -57.05 5.13
N PHE A 183 -26.39 -58.02 4.37
CA PHE A 183 -27.22 -59.07 4.95
C PHE A 183 -26.41 -60.23 5.50
N MET A 184 -25.17 -60.40 5.07
CA MET A 184 -24.28 -61.33 5.75
C MET A 184 -23.82 -60.77 7.10
N TYR A 185 -23.73 -59.45 7.21
CA TYR A 185 -23.50 -58.80 8.48
C TYR A 185 -24.74 -58.73 9.35
N ASN A 186 -25.91 -59.09 8.80
CA ASN A 186 -27.16 -59.18 9.55
C ASN A 186 -27.61 -57.82 10.08
N ALA A 187 -27.50 -56.79 9.24
CA ALA A 187 -27.98 -55.47 9.61
C ALA A 187 -29.50 -55.44 9.66
N MET A 188 -30.04 -54.65 10.60
CA MET A 188 -31.49 -54.54 10.70
C MET A 188 -32.07 -53.69 9.59
N ALA A 189 -31.41 -52.58 9.27
CA ALA A 189 -31.77 -51.73 8.15
C ALA A 189 -30.50 -51.33 7.43
N GLY A 190 -30.66 -50.65 6.30
CA GLY A 190 -29.50 -50.24 5.54
C GLY A 190 -29.88 -49.38 4.37
N ALA A 191 -28.85 -48.76 3.79
CA ALA A 191 -29.01 -47.87 2.65
C ALA A 191 -27.96 -48.17 1.60
N TYR A 192 -28.39 -48.13 0.34
CA TYR A 192 -27.53 -47.95 -0.82
C TYR A 192 -27.79 -46.52 -1.27
N PRO A 193 -27.13 -45.52 -0.67
CA PRO A 193 -27.47 -44.13 -0.95
C PRO A 193 -27.25 -43.70 -2.39
N SER A 194 -26.23 -44.25 -3.05
CA SER A 194 -25.93 -43.84 -4.41
C SER A 194 -27.06 -44.21 -5.36
N TYR A 195 -27.79 -45.28 -5.07
CA TYR A 195 -28.89 -45.74 -5.89
C TYR A 195 -30.25 -45.35 -5.32
N SER A 196 -30.27 -44.44 -4.36
CA SER A 196 -31.52 -44.00 -3.72
C SER A 196 -32.30 -45.17 -3.16
N THR A 197 -31.58 -46.16 -2.63
CA THR A 197 -32.18 -47.40 -2.17
C THR A 197 -32.10 -47.48 -0.66
N ASN A 198 -33.21 -47.81 -0.02
CA ASN A 198 -33.24 -48.04 1.42
C ASN A 198 -33.98 -49.33 1.70
N TRP A 199 -33.37 -50.19 2.50
CA TRP A 199 -34.00 -51.44 2.88
C TRP A 199 -34.09 -51.53 4.38
N ALA A 200 -35.12 -52.21 4.86
CA ALA A 200 -35.34 -52.31 6.29
C ALA A 200 -36.05 -53.60 6.62
N ASP A 201 -35.75 -54.14 7.80
CA ASP A 201 -36.50 -55.25 8.33
C ASP A 201 -37.95 -54.83 8.58
N GLU A 202 -38.86 -55.80 8.43
CA GLU A 202 -40.28 -55.51 8.63
C GLU A 202 -40.56 -54.98 10.03
N GLN A 203 -39.72 -55.35 11.01
CA GLN A 203 -39.99 -54.94 12.38
C GLN A 203 -39.69 -53.46 12.61
N VAL A 204 -38.75 -52.89 11.87
CA VAL A 204 -38.35 -51.51 12.06
C VAL A 204 -38.94 -50.60 10.98
N LEU A 205 -40.04 -51.02 10.35
CA LEU A 205 -40.69 -50.17 9.36
C LEU A 205 -41.34 -48.95 10.00
N LYS A 206 -41.73 -49.06 11.27
CA LYS A 206 -42.31 -47.95 12.00
C LYS A 206 -41.27 -47.11 12.72
N ALA A 207 -40.03 -47.12 12.25
CA ALA A 207 -38.97 -46.32 12.82
C ALA A 207 -39.14 -44.86 12.41
N LYS A 208 -38.18 -44.02 12.76
CA LYS A 208 -38.26 -42.58 12.51
C LYS A 208 -37.13 -42.03 11.67
N ASN A 209 -35.89 -42.47 11.92
CA ASN A 209 -34.71 -41.82 11.35
C ASN A 209 -33.87 -42.77 10.52
N ILE A 210 -34.47 -43.80 9.94
CA ILE A 210 -33.82 -44.63 8.95
C ILE A 210 -34.40 -44.29 7.58
N GLY A 211 -33.78 -44.85 6.54
CA GLY A 211 -34.14 -44.46 5.19
C GLY A 211 -35.57 -44.86 4.81
N LEU A 212 -35.98 -46.07 5.17
CA LEU A 212 -37.28 -46.62 4.80
C LEU A 212 -38.09 -46.84 6.07
N CYS A 213 -38.87 -45.83 6.45
CA CYS A 213 -39.69 -45.94 7.66
C CYS A 213 -40.80 -44.90 7.61
N SER A 214 -41.82 -45.12 8.44
CA SER A 214 -42.87 -44.13 8.68
C SER A 214 -43.36 -44.28 10.11
N THR A 215 -43.36 -43.17 10.84
CA THR A 215 -43.88 -43.15 12.20
C THR A 215 -44.87 -42.00 12.33
N ASP A 216 -45.66 -42.05 13.38
CA ASP A 216 -46.66 -41.03 13.66
C ASP A 216 -46.18 -40.11 14.78
N LEU A 217 -46.88 -38.98 14.92
CA LEU A 217 -46.60 -38.06 16.02
C LEU A 217 -47.32 -38.52 17.27
N THR A 218 -46.59 -38.60 18.38
CA THR A 218 -47.16 -39.04 19.64
C THR A 218 -46.63 -38.16 20.76
N GLU A 219 -47.43 -38.03 21.82
CA GLU A 219 -47.00 -37.33 23.02
C GLU A 219 -46.36 -38.25 24.05
N GLY A 220 -46.38 -39.56 23.82
CA GLY A 220 -45.83 -40.49 24.79
C GLY A 220 -46.53 -40.47 26.12
N ARG A 221 -47.86 -40.35 26.11
CA ARG A 221 -48.63 -40.29 27.35
C ARG A 221 -49.11 -41.67 27.79
N ARG A 222 -49.71 -42.43 26.89
CA ARG A 222 -50.14 -43.80 27.18
C ARG A 222 -49.09 -44.78 26.69
N GLY A 223 -48.67 -45.67 27.58
CA GLY A 223 -47.74 -46.72 27.22
C GLY A 223 -48.43 -47.87 26.52
N LYS A 224 -48.14 -48.07 25.24
CA LYS A 224 -48.82 -49.08 24.46
C LYS A 224 -48.57 -50.47 25.03
N LEU A 225 -49.63 -51.26 25.12
CA LEU A 225 -49.56 -52.62 25.63
C LEU A 225 -49.48 -53.60 24.46
N SER A 226 -48.99 -54.81 24.76
CA SER A 226 -48.85 -55.84 23.75
C SER A 226 -49.07 -57.20 24.38
N ILE A 227 -49.67 -58.12 23.62
CA ILE A 227 -49.94 -59.46 24.13
C ILE A 227 -48.64 -60.24 24.30
N MET A 228 -47.63 -59.95 23.49
CA MET A 228 -46.37 -60.68 23.52
C MET A 228 -45.25 -59.83 24.11
N ARG A 229 -44.28 -60.52 24.72
CA ARG A 229 -43.09 -59.87 25.25
C ARG A 229 -42.01 -59.88 24.18
N GLY A 230 -41.60 -58.69 23.73
CA GLY A 230 -40.53 -58.65 22.75
C GLY A 230 -39.20 -59.04 23.35
N LYS A 231 -38.63 -58.17 24.19
CA LYS A 231 -37.41 -58.44 24.94
C LYS A 231 -36.24 -58.75 24.02
N LYS A 232 -36.47 -58.68 22.70
CA LYS A 232 -35.44 -59.00 21.72
C LYS A 232 -35.87 -58.39 20.39
N LEU A 233 -34.93 -57.70 19.74
CA LEU A 233 -35.17 -57.09 18.44
C LEU A 233 -34.00 -57.50 17.54
N GLU A 234 -34.13 -58.68 16.95
CA GLU A 234 -33.12 -59.20 16.05
C GLU A 234 -33.68 -59.31 14.64
N PRO A 235 -32.84 -59.23 13.62
CA PRO A 235 -33.35 -59.29 12.23
C PRO A 235 -34.15 -60.55 11.98
N CYS A 236 -35.27 -60.39 11.29
CA CYS A 236 -36.09 -61.50 10.85
C CYS A 236 -35.95 -61.66 9.33
N ASP A 237 -36.46 -62.78 8.83
CA ASP A 237 -36.23 -63.12 7.43
C ASP A 237 -36.84 -62.11 6.47
N ARG A 238 -37.97 -61.52 6.83
CA ARG A 238 -38.68 -60.63 5.93
C ARG A 238 -38.04 -59.25 5.95
N VAL A 239 -37.58 -58.78 4.79
N VAL A 239 -37.61 -58.77 4.78
CA VAL A 239 -37.05 -57.44 4.64
CA VAL A 239 -37.01 -57.45 4.62
C VAL A 239 -37.75 -56.78 3.47
C VAL A 239 -37.70 -56.79 3.44
N LEU A 240 -37.67 -55.46 3.42
CA LEU A 240 -38.29 -54.69 2.34
C LEU A 240 -37.29 -53.72 1.77
N PHE A 241 -37.11 -53.79 0.45
CA PHE A 241 -36.25 -52.90 -0.31
C PHE A 241 -37.10 -51.80 -0.94
N SER A 242 -36.54 -50.60 -1.00
CA SER A 242 -37.14 -49.50 -1.74
C SER A 242 -36.07 -48.94 -2.65
N VAL A 243 -36.19 -49.22 -3.94
CA VAL A 243 -35.32 -48.65 -4.96
C VAL A 243 -36.08 -47.49 -5.57
N GLY A 244 -35.67 -46.27 -5.23
CA GLY A 244 -36.49 -45.12 -5.52
C GLY A 244 -37.83 -45.22 -4.83
N SER A 245 -38.90 -45.37 -5.60
CA SER A 245 -40.22 -45.60 -5.05
C SER A 245 -40.70 -47.04 -5.25
N THR A 246 -39.87 -47.90 -5.83
CA THR A 246 -40.27 -49.28 -6.10
C THR A 246 -40.01 -50.15 -4.87
N LEU A 247 -41.05 -50.84 -4.43
CA LEU A 247 -41.02 -51.63 -3.19
C LEU A 247 -40.91 -53.10 -3.54
N TYR A 248 -39.97 -53.79 -2.91
CA TYR A 248 -39.73 -55.22 -3.15
C TYR A 248 -39.63 -55.95 -1.83
N PRO A 249 -40.50 -56.93 -1.57
CA PRO A 249 -40.28 -57.82 -0.43
C PRO A 249 -39.17 -58.82 -0.74
N GLU A 250 -38.39 -59.16 0.29
CA GLU A 250 -37.26 -60.05 0.12
C GLU A 250 -37.09 -60.91 1.37
N SER A 251 -36.42 -62.04 1.18
CA SER A 251 -36.08 -62.95 2.25
C SER A 251 -34.59 -62.83 2.55
N ARG A 252 -34.24 -62.74 3.84
CA ARG A 252 -32.84 -62.61 4.20
C ARG A 252 -32.05 -63.85 3.81
N LYS A 253 -32.64 -65.04 3.98
CA LYS A 253 -31.92 -66.26 3.63
C LYS A 253 -31.70 -66.35 2.12
N LEU A 254 -32.68 -65.95 1.32
CA LEU A 254 -32.50 -65.96 -0.13
C LEU A 254 -31.48 -64.93 -0.58
N LEU A 255 -31.43 -63.76 0.07
CA LEU A 255 -30.40 -62.78 -0.24
C LEU A 255 -29.02 -63.29 0.14
N LYS A 256 -28.89 -63.89 1.32
CA LYS A 256 -27.59 -64.39 1.77
C LYS A 256 -27.13 -65.57 0.93
N SER A 257 -28.07 -66.32 0.35
CA SER A 257 -27.71 -67.44 -0.50
C SER A 257 -26.91 -66.99 -1.72
N TRP A 258 -27.13 -65.76 -2.17
CA TRP A 258 -26.39 -65.21 -3.31
C TRP A 258 -25.04 -64.63 -2.91
N HIS A 259 -24.73 -64.57 -1.62
CA HIS A 259 -23.39 -64.21 -1.16
C HIS A 259 -22.52 -65.47 -1.20
N LEU A 260 -22.28 -65.94 -2.41
CA LEU A 260 -21.62 -67.21 -2.65
C LEU A 260 -20.12 -67.11 -2.38
N PRO A 261 -19.50 -68.19 -1.93
CA PRO A 261 -18.04 -68.19 -1.76
C PRO A 261 -17.34 -68.16 -3.10
N SER A 262 -16.02 -67.95 -3.04
CA SER A 262 -15.22 -67.93 -4.27
C SER A 262 -15.29 -69.27 -4.99
N VAL A 263 -15.33 -70.37 -4.25
CA VAL A 263 -15.44 -71.71 -4.80
C VAL A 263 -16.48 -72.47 -4.00
N PHE A 264 -17.40 -73.15 -4.69
CA PHE A 264 -18.38 -74.00 -4.04
C PHE A 264 -18.67 -75.20 -4.93
N HIS A 265 -19.34 -76.20 -4.34
CA HIS A 265 -19.61 -77.45 -5.02
C HIS A 265 -21.10 -77.76 -4.95
N LEU A 266 -21.71 -78.01 -6.10
CA LEU A 266 -23.10 -78.44 -6.18
C LEU A 266 -23.11 -79.95 -6.42
N LYS A 267 -23.54 -80.71 -5.41
CA LYS A 267 -23.50 -82.16 -5.44
C LYS A 267 -24.91 -82.73 -5.53
N GLY A 268 -25.14 -83.60 -6.51
CA GLY A 268 -26.42 -84.23 -6.70
C GLY A 268 -26.33 -85.39 -7.67
N LYS A 269 -27.32 -85.52 -8.56
CA LYS A 269 -27.20 -86.48 -9.65
C LYS A 269 -26.00 -86.16 -10.52
N LEU A 270 -25.80 -84.87 -10.81
CA LEU A 270 -24.59 -84.38 -11.44
C LEU A 270 -23.92 -83.39 -10.50
N SER A 271 -22.59 -83.39 -10.50
CA SER A 271 -21.80 -82.58 -9.59
C SER A 271 -21.06 -81.50 -10.36
N PHE A 272 -20.97 -80.31 -9.77
CA PHE A 272 -20.38 -79.16 -10.43
C PHE A 272 -19.49 -78.40 -9.47
N THR A 273 -18.36 -77.91 -9.98
CA THR A 273 -17.47 -77.04 -9.24
C THR A 273 -17.65 -75.63 -9.77
N CYS A 274 -18.19 -74.75 -8.94
CA CYS A 274 -18.59 -73.42 -9.37
C CYS A 274 -17.73 -72.38 -8.68
N ARG A 275 -17.44 -71.30 -9.40
CA ARG A 275 -16.64 -70.20 -8.89
C ARG A 275 -17.42 -68.90 -9.04
N CYS A 276 -17.56 -68.17 -7.95
CA CYS A 276 -18.25 -66.89 -7.94
C CYS A 276 -17.24 -65.77 -7.78
N ASP A 277 -17.21 -64.85 -8.74
CA ASP A 277 -16.34 -63.69 -8.70
C ASP A 277 -17.16 -62.44 -8.93
N THR A 278 -16.89 -61.40 -8.15
CA THR A 278 -17.53 -60.11 -8.33
C THR A 278 -16.78 -59.33 -9.41
N VAL A 279 -17.36 -59.24 -10.60
CA VAL A 279 -16.66 -58.61 -11.71
C VAL A 279 -16.96 -57.11 -11.80
N VAL A 280 -18.13 -56.67 -11.33
CA VAL A 280 -18.44 -55.24 -11.29
C VAL A 280 -18.92 -54.89 -9.88
N SER A 281 -18.47 -53.75 -9.37
CA SER A 281 -18.83 -53.34 -8.02
C SER A 281 -18.84 -51.81 -7.98
N CYS A 282 -20.03 -51.22 -7.97
CA CYS A 282 -20.19 -49.77 -7.89
C CYS A 282 -21.14 -49.43 -6.75
N GLU A 283 -20.56 -49.00 -5.62
CA GLU A 283 -21.29 -48.32 -4.55
C GLU A 283 -22.51 -49.11 -4.08
N GLY A 284 -22.34 -50.41 -3.91
CA GLY A 284 -23.40 -51.27 -3.42
C GLY A 284 -24.10 -52.10 -4.47
N TYR A 285 -23.86 -51.82 -5.75
CA TYR A 285 -24.45 -52.62 -6.83
C TYR A 285 -23.37 -53.47 -7.45
N VAL A 286 -23.57 -54.78 -7.50
CA VAL A 286 -22.55 -55.70 -7.97
C VAL A 286 -23.08 -56.55 -9.10
N VAL A 287 -22.16 -56.90 -10.00
CA VAL A 287 -22.33 -57.93 -11.00
C VAL A 287 -21.34 -59.03 -10.67
N LYS A 288 -21.87 -60.22 -10.37
CA LYS A 288 -21.11 -61.42 -10.05
C LYS A 288 -21.13 -62.38 -11.23
N ARG A 289 -19.99 -62.97 -11.52
CA ARG A 289 -19.86 -63.98 -12.56
C ARG A 289 -19.64 -65.34 -11.89
N ILE A 290 -20.51 -66.29 -12.19
CA ILE A 290 -20.43 -67.65 -11.66
C ILE A 290 -20.06 -68.58 -12.80
N THR A 291 -18.94 -69.27 -12.68
CA THR A 291 -18.51 -70.25 -13.67
C THR A 291 -18.76 -71.64 -13.12
N MET A 292 -19.62 -72.40 -13.79
CA MET A 292 -19.96 -73.75 -13.38
C MET A 292 -19.24 -74.75 -14.27
N SER A 293 -18.61 -75.74 -13.65
CA SER A 293 -17.87 -76.76 -14.36
C SER A 293 -18.21 -78.12 -13.77
N PRO A 294 -18.60 -79.10 -14.59
CA PRO A 294 -18.92 -80.43 -14.05
C PRO A 294 -17.71 -81.06 -13.39
N GLY A 295 -17.96 -81.78 -12.31
CA GLY A 295 -16.92 -82.41 -11.53
C GLY A 295 -16.75 -81.76 -10.17
N LEU A 296 -15.92 -82.40 -9.35
CA LEU A 296 -15.69 -81.94 -7.98
C LEU A 296 -14.21 -81.62 -7.75
N TYR A 297 -13.61 -80.87 -8.67
CA TYR A 297 -12.20 -80.53 -8.55
C TYR A 297 -11.96 -79.58 -7.39
N GLY A 298 -10.79 -79.73 -6.78
CA GLY A 298 -10.36 -78.82 -5.74
C GLY A 298 -11.08 -79.01 -4.42
N LYS A 299 -10.86 -78.04 -3.54
CA LYS A 299 -11.48 -77.99 -2.23
C LYS A 299 -11.98 -76.59 -1.96
N THR A 300 -12.97 -76.49 -1.07
CA THR A 300 -13.64 -75.23 -0.78
C THR A 300 -13.36 -74.81 0.66
N THR A 301 -12.98 -73.55 0.83
CA THR A 301 -12.76 -72.99 2.16
C THR A 301 -14.03 -72.48 2.81
N GLY A 302 -15.12 -72.34 2.07
CA GLY A 302 -16.34 -71.81 2.61
C GLY A 302 -16.25 -70.35 3.02
N TYR A 303 -15.50 -69.55 2.26
CA TYR A 303 -15.30 -68.14 2.60
C TYR A 303 -15.72 -67.28 1.42
N ALA A 304 -16.53 -66.26 1.71
CA ALA A 304 -16.94 -65.28 0.72
C ALA A 304 -16.31 -63.95 1.07
N VAL A 305 -15.62 -63.34 0.10
CA VAL A 305 -14.86 -62.12 0.30
C VAL A 305 -15.54 -60.99 -0.46
N THR A 306 -15.74 -59.87 0.22
CA THR A 306 -16.24 -58.63 -0.39
C THR A 306 -15.17 -57.56 -0.27
N HIS A 307 -14.64 -57.12 -1.39
CA HIS A 307 -13.74 -55.98 -1.40
C HIS A 307 -14.53 -54.69 -1.30
N HIS A 308 -13.99 -53.72 -0.58
CA HIS A 308 -14.67 -52.44 -0.35
C HIS A 308 -13.88 -51.34 -1.04
N ALA A 309 -14.35 -50.96 -2.25
CA ALA A 309 -13.82 -49.77 -2.89
C ALA A 309 -14.21 -48.53 -2.10
N ASP A 310 -15.41 -48.51 -1.53
N ASP A 310 -15.40 -48.52 -1.52
CA ASP A 310 -15.87 -47.45 -0.65
CA ASP A 310 -15.86 -47.45 -0.65
C ASP A 310 -16.09 -48.00 0.75
C ASP A 310 -16.09 -48.01 0.75
N GLY A 311 -16.15 -47.09 1.73
CA GLY A 311 -16.34 -47.52 3.10
C GLY A 311 -17.69 -48.19 3.31
N PHE A 312 -17.68 -49.27 4.08
CA PHE A 312 -18.89 -49.94 4.51
C PHE A 312 -19.04 -49.76 6.01
N LEU A 313 -20.22 -49.34 6.45
CA LEU A 313 -20.48 -49.09 7.86
C LEU A 313 -21.66 -49.93 8.32
N MET A 314 -21.48 -50.68 9.40
CA MET A 314 -22.58 -51.27 10.15
C MET A 314 -22.50 -50.71 11.57
N CYS A 315 -23.46 -49.89 11.95
CA CYS A 315 -23.39 -49.18 13.21
C CYS A 315 -24.65 -49.40 14.03
N LYS A 316 -24.46 -49.52 15.34
CA LYS A 316 -25.60 -49.50 16.25
C LYS A 316 -26.19 -48.11 16.27
N THR A 317 -27.50 -48.01 16.09
CA THR A 317 -28.20 -46.74 16.15
C THR A 317 -29.44 -46.90 17.03
N THR A 318 -29.79 -45.81 17.70
CA THR A 318 -30.96 -45.79 18.58
C THR A 318 -32.05 -44.98 17.90
N ASP A 319 -33.19 -45.61 17.66
CA ASP A 319 -34.34 -44.97 17.06
C ASP A 319 -35.56 -45.28 17.90
N THR A 320 -36.72 -44.82 17.43
CA THR A 320 -38.00 -45.19 18.03
C THR A 320 -38.82 -45.91 16.97
N VAL A 321 -39.16 -47.16 17.25
CA VAL A 321 -40.07 -47.94 16.41
C VAL A 321 -41.43 -47.96 17.09
N ASP A 322 -42.43 -47.41 16.41
CA ASP A 322 -43.78 -47.25 16.98
C ASP A 322 -43.72 -46.50 18.30
N GLY A 323 -42.78 -45.58 18.44
CA GLY A 323 -42.60 -44.81 19.65
C GLY A 323 -41.71 -45.43 20.70
N GLU A 324 -41.38 -46.71 20.57
CA GLU A 324 -40.55 -47.40 21.55
C GLU A 324 -39.08 -47.19 21.20
N ARG A 325 -38.31 -46.67 22.16
CA ARG A 325 -36.89 -46.45 21.93
C ARG A 325 -36.15 -47.78 21.94
N VAL A 326 -35.51 -48.10 20.82
CA VAL A 326 -34.78 -49.34 20.63
C VAL A 326 -33.47 -49.03 19.94
N SER A 327 -32.57 -50.01 19.96
CA SER A 327 -31.29 -49.91 19.26
C SER A 327 -31.16 -51.10 18.33
N PHE A 328 -30.69 -50.83 17.11
CA PHE A 328 -30.49 -51.88 16.12
C PHE A 328 -29.40 -51.45 15.14
N SER A 329 -28.92 -52.39 14.36
CA SER A 329 -27.83 -52.14 13.44
C SER A 329 -28.35 -51.56 12.12
N VAL A 330 -27.64 -50.56 11.62
CA VAL A 330 -27.94 -49.93 10.33
C VAL A 330 -26.66 -49.92 9.50
N CYS A 331 -26.78 -50.36 8.26
CA CYS A 331 -25.64 -50.40 7.34
C CYS A 331 -25.75 -49.28 6.32
N THR A 332 -24.61 -48.91 5.76
CA THR A 332 -24.54 -47.86 4.76
C THR A 332 -23.20 -47.92 4.04
N TYR A 333 -23.15 -47.24 2.91
CA TYR A 333 -21.92 -47.08 2.13
C TYR A 333 -21.50 -45.62 2.15
N VAL A 334 -20.26 -45.38 2.52
CA VAL A 334 -19.67 -44.04 2.59
C VAL A 334 -18.69 -43.91 1.44
N PRO A 335 -18.72 -42.81 0.68
CA PRO A 335 -17.77 -42.65 -0.42
C PRO A 335 -16.32 -42.69 0.08
N ALA A 336 -15.45 -43.26 -0.76
CA ALA A 336 -14.06 -43.46 -0.36
C ALA A 336 -13.35 -42.15 -0.07
N THR A 337 -13.69 -41.08 -0.81
CA THR A 337 -13.06 -39.79 -0.55
C THR A 337 -13.46 -39.26 0.82
N ILE A 338 -14.72 -39.44 1.22
CA ILE A 338 -15.15 -39.06 2.56
C ILE A 338 -14.39 -39.86 3.61
N CYS A 339 -14.27 -41.17 3.40
CA CYS A 339 -13.59 -42.02 4.37
C CYS A 339 -12.12 -41.64 4.51
N ASP A 340 -11.46 -41.35 3.38
CA ASP A 340 -10.07 -40.93 3.43
C ASP A 340 -9.92 -39.57 4.09
N GLN A 341 -10.86 -38.67 3.86
CA GLN A 341 -10.81 -37.35 4.49
C GLN A 341 -11.10 -37.40 5.99
N MET A 342 -11.68 -38.50 6.47
CA MET A 342 -11.99 -38.66 7.88
C MET A 342 -10.90 -39.39 8.65
N THR A 343 -9.82 -39.81 7.98
CA THR A 343 -8.80 -40.61 8.64
C THR A 343 -8.11 -39.83 9.76
N GLY A 344 -7.80 -38.56 9.52
CA GLY A 344 -7.06 -37.79 10.50
C GLY A 344 -7.84 -37.54 11.78
N ILE A 345 -9.12 -37.15 11.65
CA ILE A 345 -9.88 -36.77 12.84
C ILE A 345 -10.26 -38.00 13.66
N LEU A 346 -10.29 -39.18 13.05
CA LEU A 346 -10.61 -40.40 13.78
C LEU A 346 -9.43 -40.92 14.60
N ALA A 347 -8.27 -40.28 14.51
CA ALA A 347 -7.15 -40.64 15.38
C ALA A 347 -7.47 -40.34 16.84
N THR A 348 -8.29 -39.33 17.09
CA THR A 348 -8.72 -38.95 18.42
C THR A 348 -10.18 -39.34 18.61
N GLU A 349 -10.67 -39.13 19.83
CA GLU A 349 -12.07 -39.40 20.16
C GLU A 349 -12.88 -38.17 19.78
N VAL A 350 -13.77 -38.34 18.81
CA VAL A 350 -14.61 -37.25 18.30
C VAL A 350 -16.06 -37.55 18.66
N THR A 351 -16.78 -36.52 19.10
CA THR A 351 -18.18 -36.67 19.41
C THR A 351 -18.98 -36.84 18.12
N PRO A 352 -20.17 -37.44 18.20
CA PRO A 352 -21.03 -37.50 17.01
C PRO A 352 -21.39 -36.14 16.43
N GLU A 353 -21.53 -35.13 17.28
N GLU A 353 -21.52 -35.12 17.28
CA GLU A 353 -21.85 -33.78 16.80
CA GLU A 353 -21.85 -33.78 16.79
C GLU A 353 -20.69 -33.19 16.01
C GLU A 353 -20.69 -33.19 16.01
N ASP A 354 -19.48 -33.26 16.55
CA ASP A 354 -18.31 -32.75 15.84
C ASP A 354 -18.05 -33.57 14.57
N ALA A 355 -18.24 -34.88 14.66
CA ALA A 355 -18.10 -35.73 13.48
C ALA A 355 -19.10 -35.35 12.39
N GLN A 356 -20.34 -35.05 12.79
CA GLN A 356 -21.36 -34.66 11.82
C GLN A 356 -21.05 -33.31 11.20
N LYS A 357 -20.58 -32.35 12.00
CA LYS A 357 -20.15 -31.08 11.42
C LYS A 357 -19.01 -31.27 10.44
N LEU A 358 -18.03 -32.10 10.79
CA LEU A 358 -16.92 -32.34 9.88
C LEU A 358 -17.37 -33.03 8.59
N LEU A 359 -18.29 -34.00 8.72
CA LEU A 359 -18.80 -34.69 7.54
C LEU A 359 -19.59 -33.75 6.64
N VAL A 360 -20.36 -32.84 7.23
CA VAL A 360 -21.09 -31.86 6.44
C VAL A 360 -20.11 -30.93 5.73
N GLY A 361 -19.07 -30.50 6.43
CA GLY A 361 -18.06 -29.67 5.80
C GLY A 361 -17.36 -30.36 4.64
N LEU A 362 -17.12 -31.67 4.79
CA LEU A 362 -16.49 -32.43 3.72
C LEU A 362 -17.45 -32.77 2.59
N ASN A 363 -18.76 -32.70 2.83
CA ASN A 363 -19.74 -33.08 1.84
C ASN A 363 -20.09 -31.95 0.87
N GLN A 364 -19.63 -30.74 1.12
CA GLN A 364 -19.96 -29.60 0.26
C GLN A 364 -19.27 -29.72 -1.09
N THR A 376 -23.55 -29.31 -4.30
CA THR A 376 -23.17 -30.67 -4.64
C THR A 376 -22.73 -31.44 -3.40
N ASN A 377 -23.31 -32.63 -3.20
CA ASN A 377 -23.01 -33.48 -2.07
C ASN A 377 -22.36 -34.76 -2.56
N THR A 378 -21.19 -35.08 -2.00
CA THR A 378 -20.53 -36.34 -2.34
C THR A 378 -21.37 -37.53 -1.87
N MET A 379 -21.91 -37.45 -0.66
CA MET A 379 -22.76 -38.49 -0.11
C MET A 379 -24.13 -37.91 0.24
N LYS A 380 -25.13 -38.78 0.27
CA LYS A 380 -26.47 -38.37 0.66
C LYS A 380 -26.47 -37.90 2.11
N ASN A 381 -27.15 -36.78 2.36
CA ASN A 381 -27.07 -36.15 3.67
C ASN A 381 -27.85 -36.90 4.74
N TYR A 382 -28.92 -37.61 4.35
CA TYR A 382 -29.73 -38.31 5.33
C TYR A 382 -28.97 -39.43 6.02
N MET A 383 -27.86 -39.89 5.43
CA MET A 383 -27.01 -40.89 6.05
C MET A 383 -25.91 -40.26 6.92
N ILE A 384 -25.70 -38.95 6.81
CA ILE A 384 -24.58 -38.32 7.52
C ILE A 384 -24.68 -38.48 9.05
N PRO A 385 -25.85 -38.23 9.70
CA PRO A 385 -25.88 -38.35 11.17
C PRO A 385 -25.43 -39.70 11.69
N VAL A 386 -26.10 -40.76 11.24
CA VAL A 386 -25.77 -42.10 11.73
C VAL A 386 -24.31 -42.45 11.41
N VAL A 387 -23.87 -42.13 10.20
CA VAL A 387 -22.46 -42.33 9.86
C VAL A 387 -21.57 -41.61 10.86
N ALA A 388 -21.89 -40.34 11.15
CA ALA A 388 -21.15 -39.61 12.16
C ALA A 388 -21.10 -40.40 13.45
N GLN A 389 -22.27 -40.84 13.94
CA GLN A 389 -22.32 -41.65 15.14
C GLN A 389 -21.39 -42.84 14.99
N ALA A 390 -21.53 -43.57 13.87
CA ALA A 390 -20.67 -44.71 13.61
C ALA A 390 -19.21 -44.31 13.74
N PHE A 391 -18.82 -43.26 13.03
CA PHE A 391 -17.42 -42.85 13.06
C PHE A 391 -17.00 -42.55 14.48
N SER A 392 -17.83 -41.79 15.20
CA SER A 392 -17.50 -41.46 16.58
C SER A 392 -17.29 -42.74 17.39
N LYS A 393 -18.27 -43.64 17.32
CA LYS A 393 -18.14 -44.88 18.08
C LYS A 393 -16.87 -45.62 17.67
N TRP A 394 -16.62 -45.70 16.36
CA TRP A 394 -15.44 -46.38 15.88
C TRP A 394 -14.20 -45.78 16.52
N ALA A 395 -14.07 -44.46 16.46
CA ALA A 395 -12.93 -43.81 17.05
C ALA A 395 -12.80 -44.19 18.51
N LYS A 396 -13.90 -44.07 19.26
CA LYS A 396 -13.87 -44.43 20.67
C LYS A 396 -13.37 -45.84 20.85
N GLU A 397 -13.94 -46.78 20.09
CA GLU A 397 -13.54 -48.18 20.25
C GLU A 397 -12.06 -48.34 19.96
N CYS A 398 -11.57 -47.69 18.92
CA CYS A 398 -10.15 -47.79 18.60
C CYS A 398 -9.31 -47.30 19.76
N ARG A 399 -9.71 -46.17 20.36
CA ARG A 399 -8.97 -45.66 21.50
C ARG A 399 -8.96 -46.68 22.62
N LYS A 400 -10.11 -47.33 22.87
CA LYS A 400 -10.15 -48.36 23.90
C LYS A 400 -9.17 -49.47 23.56
N ASP A 401 -9.13 -49.89 22.30
CA ASP A 401 -8.20 -50.94 21.89
C ASP A 401 -6.76 -50.49 22.13
N MET A 402 -6.48 -49.21 21.97
CA MET A 402 -5.14 -48.70 22.23
C MET A 402 -4.88 -48.47 23.72
N GLU A 403 -5.93 -48.34 24.52
CA GLU A 403 -5.75 -48.11 25.95
C GLU A 403 -5.79 -49.40 26.76
N ASP A 404 -6.09 -50.53 26.13
CA ASP A 404 -6.16 -51.83 26.77
C ASP A 404 -5.31 -52.84 26.00
N GLU A 405 -4.08 -52.44 25.71
CA GLU A 405 -3.18 -53.27 24.94
C GLU A 405 -2.81 -54.53 25.71
N LYS A 406 -2.94 -55.68 25.06
CA LYS A 406 -2.69 -56.97 25.67
C LYS A 406 -1.23 -57.37 25.43
N LEU A 407 -0.90 -58.63 25.69
CA LEU A 407 0.42 -59.15 25.39
C LEU A 407 0.38 -59.96 24.09
N LEU A 408 1.52 -60.00 23.41
CA LEU A 408 1.61 -60.71 22.14
C LEU A 408 1.36 -62.21 22.33
N GLY A 409 0.44 -62.75 21.53
CA GLY A 409 0.23 -64.18 21.49
C GLY A 409 -0.21 -64.80 22.79
N VAL A 410 -1.01 -64.09 23.59
CA VAL A 410 -1.57 -64.64 24.81
C VAL A 410 -3.04 -64.26 24.88
N ARG A 411 -3.80 -65.02 25.67
CA ARG A 411 -5.19 -64.73 25.94
C ARG A 411 -5.46 -64.93 27.42
N GLU A 412 -6.49 -64.26 27.91
CA GLU A 412 -6.82 -64.23 29.34
C GLU A 412 -8.16 -64.90 29.62
N ARG A 413 -8.42 -66.04 28.99
CA ARG A 413 -9.65 -66.77 29.24
C ARG A 413 -9.60 -67.42 30.62
N THR A 414 -10.66 -67.22 31.40
CA THR A 414 -10.70 -67.68 32.78
C THR A 414 -11.52 -68.96 32.91
N LEU A 415 -11.08 -69.83 33.82
CA LEU A 415 -11.77 -71.08 34.09
C LEU A 415 -13.02 -70.82 34.94
N THR A 416 -14.10 -71.54 34.64
CA THR A 416 -15.37 -71.37 35.35
C THR A 416 -15.81 -72.72 35.93
N CYS A 417 -15.26 -73.06 37.09
CA CYS A 417 -15.71 -74.17 37.92
C CYS A 417 -15.81 -75.49 37.16
N CYS A 418 -15.11 -75.61 36.03
CA CYS A 418 -15.21 -76.79 35.18
C CYS A 418 -13.96 -76.86 34.30
N CYS A 419 -14.04 -77.64 33.23
CA CYS A 419 -13.03 -77.61 32.17
C CYS A 419 -13.36 -76.59 31.09
N LEU A 420 -14.19 -75.60 31.41
CA LEU A 420 -14.74 -74.67 30.44
C LEU A 420 -14.14 -73.28 30.67
N TRP A 421 -13.75 -72.63 29.58
CA TRP A 421 -13.03 -71.36 29.64
C TRP A 421 -13.89 -70.24 29.04
N ALA A 422 -13.83 -69.07 29.65
CA ALA A 422 -14.63 -67.93 29.25
C ALA A 422 -13.77 -66.68 29.13
N PHE A 423 -14.04 -65.88 28.10
CA PHE A 423 -13.39 -64.60 27.90
C PHE A 423 -14.44 -63.51 27.84
N LYS A 424 -14.00 -62.27 27.99
CA LYS A 424 -14.89 -61.11 27.94
C LYS A 424 -14.97 -60.58 26.52
N LYS A 425 -16.20 -60.46 26.01
CA LYS A 425 -16.43 -59.79 24.74
C LYS A 425 -16.54 -58.29 24.97
N GLN A 426 -15.98 -57.52 24.05
CA GLN A 426 -15.98 -56.07 24.18
C GLN A 426 -17.18 -55.47 23.46
N LYS A 427 -17.47 -54.22 23.81
CA LYS A 427 -18.53 -53.48 23.14
C LYS A 427 -18.08 -53.12 21.72
N THR A 428 -18.75 -53.68 20.72
CA THR A 428 -18.48 -53.36 19.32
C THR A 428 -19.75 -52.76 18.74
N HIS A 429 -19.80 -51.44 18.67
CA HIS A 429 -20.96 -50.74 18.15
C HIS A 429 -20.77 -50.28 16.70
N THR A 430 -19.60 -50.50 16.13
CA THR A 430 -19.34 -50.07 14.76
C THR A 430 -18.41 -51.05 14.07
N VAL A 431 -18.85 -51.58 12.94
CA VAL A 431 -18.00 -52.30 12.01
C VAL A 431 -17.74 -51.34 10.86
N TYR A 432 -16.49 -50.91 10.73
CA TYR A 432 -16.10 -49.92 9.73
C TYR A 432 -15.09 -50.60 8.80
N LYS A 433 -15.57 -51.08 7.66
CA LYS A 433 -14.70 -51.63 6.63
C LYS A 433 -14.26 -50.48 5.75
N ARG A 434 -13.02 -50.02 5.95
CA ARG A 434 -12.53 -48.87 5.21
C ARG A 434 -12.31 -49.22 3.74
N PRO A 435 -12.21 -48.21 2.88
CA PRO A 435 -11.86 -48.47 1.47
C PRO A 435 -10.56 -49.23 1.37
N ASP A 436 -10.50 -50.14 0.40
CA ASP A 436 -9.38 -51.03 0.11
C ASP A 436 -9.23 -52.15 1.13
N THR A 437 -10.22 -52.35 1.99
CA THR A 437 -10.27 -53.50 2.88
C THR A 437 -11.20 -54.56 2.31
N GLN A 438 -11.23 -55.70 2.98
CA GLN A 438 -12.08 -56.81 2.53
C GLN A 438 -12.78 -57.43 3.73
N SER A 439 -14.09 -57.58 3.62
CA SER A 439 -14.86 -58.36 4.57
C SER A 439 -14.83 -59.82 4.14
N ILE A 440 -14.76 -60.72 5.11
CA ILE A 440 -14.68 -62.16 4.83
C ILE A 440 -15.69 -62.87 5.71
N GLN A 441 -16.56 -63.66 5.09
CA GLN A 441 -17.65 -64.33 5.78
C GLN A 441 -17.52 -65.83 5.60
N LYS A 442 -17.88 -66.59 6.64
CA LYS A 442 -17.94 -68.04 6.56
C LYS A 442 -19.32 -68.43 6.05
N VAL A 443 -19.36 -69.02 4.86
CA VAL A 443 -20.62 -69.40 4.21
C VAL A 443 -20.53 -70.86 3.82
N GLN A 444 -21.69 -71.43 3.51
CA GLN A 444 -21.74 -72.81 3.01
C GLN A 444 -21.17 -72.87 1.61
N ALA A 445 -20.33 -73.89 1.37
CA ALA A 445 -19.70 -74.09 0.08
C ALA A 445 -19.99 -75.45 -0.53
N GLU A 446 -20.73 -76.31 0.16
CA GLU A 446 -21.13 -77.61 -0.36
C GLU A 446 -22.65 -77.70 -0.29
N PHE A 447 -23.29 -77.90 -1.44
CA PHE A 447 -24.74 -77.90 -1.54
C PHE A 447 -25.20 -79.21 -2.13
N ASP A 448 -26.07 -79.92 -1.40
CA ASP A 448 -26.64 -81.17 -1.89
C ASP A 448 -28.11 -81.31 -1.53
N SER A 449 -28.81 -80.20 -1.28
CA SER A 449 -30.20 -80.26 -0.84
C SER A 449 -31.10 -79.42 -1.74
N PHE A 450 -30.98 -79.58 -3.04
CA PHE A 450 -31.83 -78.87 -3.99
C PHE A 450 -33.22 -79.47 -4.04
N SER A 458 -47.17 -73.73 -13.83
CA SER A 458 -48.62 -73.67 -13.98
C SER A 458 -49.19 -72.42 -13.32
N GLY A 459 -48.93 -71.27 -13.93
CA GLY A 459 -49.41 -70.00 -13.40
C GLY A 459 -50.02 -69.12 -14.47
N LEU A 460 -50.66 -69.72 -15.45
CA LEU A 460 -51.24 -69.01 -16.58
C LEU A 460 -52.76 -69.01 -16.47
N SER A 461 -53.38 -67.89 -16.83
CA SER A 461 -54.82 -67.71 -16.71
C SER A 461 -55.43 -67.49 -18.08
N ILE A 462 -56.70 -67.90 -18.21
CA ILE A 462 -57.40 -67.78 -19.49
C ILE A 462 -57.54 -66.33 -19.95
N PRO A 463 -57.98 -65.38 -19.12
CA PRO A 463 -58.05 -63.99 -19.60
C PRO A 463 -56.71 -63.43 -20.07
N LEU A 464 -55.62 -63.80 -19.40
CA LEU A 464 -54.30 -63.36 -19.86
C LEU A 464 -53.97 -63.96 -21.22
N ARG A 465 -54.30 -65.24 -21.42
CA ARG A 465 -54.06 -65.86 -22.71
C ARG A 465 -54.85 -65.17 -23.81
N THR A 466 -56.12 -64.86 -23.54
CA THR A 466 -56.95 -64.17 -24.53
C THR A 466 -56.41 -62.77 -24.82
N ARG A 467 -55.97 -62.05 -23.78
CA ARG A 467 -55.42 -60.72 -23.99
C ARG A 467 -54.15 -60.77 -24.82
N ILE A 468 -53.27 -61.74 -24.55
CA ILE A 468 -52.04 -61.86 -25.33
C ILE A 468 -52.37 -62.21 -26.78
N LYS A 469 -53.28 -63.16 -26.99
CA LYS A 469 -53.62 -63.58 -28.34
C LYS A 469 -54.30 -62.47 -29.13
N TRP A 470 -55.01 -61.56 -28.44
CA TRP A 470 -55.70 -60.49 -29.14
C TRP A 470 -54.73 -59.55 -29.83
N LEU A 471 -53.49 -59.47 -29.35
CA LEU A 471 -52.47 -58.62 -29.95
C LEU A 471 -51.55 -59.38 -30.89
N LEU A 472 -51.83 -60.64 -31.15
CA LEU A 472 -51.02 -61.44 -32.06
C LEU A 472 -51.88 -62.07 -33.16
N PRO B 3 -41.59 -26.98 -27.73
CA PRO B 3 -42.65 -27.89 -28.14
C PRO B 3 -43.77 -27.99 -27.12
N VAL B 4 -43.43 -27.89 -25.83
CA VAL B 4 -44.40 -27.85 -24.75
C VAL B 4 -44.28 -26.50 -24.06
N TYR B 5 -45.38 -25.75 -24.04
CA TYR B 5 -45.42 -24.39 -23.51
C TYR B 5 -46.24 -24.37 -22.23
N VAL B 6 -45.71 -23.73 -21.20
CA VAL B 6 -46.34 -23.66 -19.90
C VAL B 6 -46.64 -22.21 -19.57
N ASP B 7 -47.83 -21.96 -19.02
CA ASP B 7 -48.28 -20.62 -18.67
C ASP B 7 -47.72 -20.23 -17.30
N ILE B 8 -46.42 -19.93 -17.29
CA ILE B 8 -45.74 -19.43 -16.11
C ILE B 8 -44.77 -18.32 -16.54
N ASP B 9 -44.35 -17.53 -15.56
CA ASP B 9 -43.40 -16.45 -15.82
C ASP B 9 -42.06 -17.04 -16.25
N ALA B 10 -41.41 -16.35 -17.19
CA ALA B 10 -40.12 -16.83 -17.71
C ALA B 10 -39.04 -16.83 -16.65
N ASP B 11 -39.21 -16.07 -15.56
CA ASP B 11 -38.24 -16.01 -14.47
C ASP B 11 -38.65 -16.87 -13.29
N SER B 12 -39.65 -17.73 -13.45
CA SER B 12 -40.11 -18.56 -12.35
C SER B 12 -39.05 -19.58 -11.95
N ALA B 13 -38.84 -19.73 -10.64
CA ALA B 13 -37.93 -20.75 -10.15
C ALA B 13 -38.54 -22.15 -10.28
N PHE B 14 -39.84 -22.24 -10.48
CA PHE B 14 -40.48 -23.54 -10.69
C PHE B 14 -40.21 -24.09 -12.07
N LEU B 15 -39.72 -23.27 -12.99
CA LEU B 15 -39.40 -23.74 -14.33
C LEU B 15 -38.31 -24.82 -14.29
N LYS B 16 -37.28 -24.61 -13.47
CA LYS B 16 -36.20 -25.60 -13.38
C LYS B 16 -36.72 -26.91 -12.83
N ALA B 17 -37.54 -26.85 -11.78
CA ALA B 17 -38.10 -28.06 -11.20
C ALA B 17 -39.00 -28.79 -12.19
N LEU B 18 -39.80 -28.04 -12.95
CA LEU B 18 -40.68 -28.67 -13.93
C LEU B 18 -39.91 -29.26 -15.11
N GLN B 19 -38.80 -28.62 -15.49
CA GLN B 19 -37.92 -29.19 -16.51
C GLN B 19 -37.29 -30.48 -16.02
N ARG B 20 -36.87 -30.51 -14.74
CA ARG B 20 -36.33 -31.73 -14.17
CA ARG B 20 -36.33 -31.73 -14.18
C ARG B 20 -37.38 -32.83 -14.12
N ALA B 21 -38.63 -32.47 -13.78
CA ALA B 21 -39.70 -33.45 -13.70
C ALA B 21 -40.07 -34.00 -15.07
N TYR B 22 -39.85 -33.23 -16.12
CA TYR B 22 -40.12 -33.66 -17.50
C TYR B 22 -38.90 -33.40 -18.36
N PRO B 23 -37.83 -34.18 -18.21
CA PRO B 23 -36.64 -33.99 -19.05
C PRO B 23 -36.86 -34.36 -20.50
N MET B 24 -37.92 -35.10 -20.81
CA MET B 24 -38.17 -35.54 -22.17
C MET B 24 -38.72 -34.41 -23.06
N PHE B 25 -39.32 -33.39 -22.47
CA PHE B 25 -39.88 -32.27 -23.20
C PHE B 25 -38.98 -31.05 -23.09
N GLU B 26 -39.19 -30.11 -23.99
CA GLU B 26 -38.54 -28.80 -23.93
C GLU B 26 -39.58 -27.83 -23.36
N VAL B 27 -39.51 -27.63 -22.04
CA VAL B 27 -40.50 -26.82 -21.34
C VAL B 27 -40.18 -25.35 -21.57
N GLU B 28 -41.10 -24.64 -22.22
CA GLU B 28 -40.90 -23.23 -22.55
C GLU B 28 -41.93 -22.38 -21.79
N PRO B 29 -41.50 -21.42 -20.99
CA PRO B 29 -42.47 -20.57 -20.26
C PRO B 29 -43.11 -19.57 -21.21
N ARG B 30 -44.43 -19.65 -21.34
CA ARG B 30 -45.22 -18.71 -22.13
C ARG B 30 -46.36 -18.22 -21.25
N GLN B 31 -46.10 -17.19 -20.45
CA GLN B 31 -47.10 -16.70 -19.52
C GLN B 31 -48.18 -15.93 -20.27
N VAL B 32 -49.44 -16.30 -20.04
CA VAL B 32 -50.56 -15.67 -20.74
C VAL B 32 -51.62 -15.25 -19.75
N THR B 33 -51.53 -15.73 -18.51
CA THR B 33 -52.49 -15.39 -17.46
C THR B 33 -51.73 -15.16 -16.16
N PRO B 34 -52.31 -14.37 -15.24
CA PRO B 34 -51.67 -14.14 -13.94
C PRO B 34 -52.05 -15.19 -12.91
N ASN B 35 -52.55 -16.34 -13.37
CA ASN B 35 -53.09 -17.41 -12.52
C ASN B 35 -52.25 -17.63 -11.27
N ASP B 36 -52.92 -17.66 -10.12
CA ASP B 36 -52.23 -17.84 -8.84
C ASP B 36 -51.95 -19.31 -8.53
N HIS B 37 -52.41 -20.23 -9.36
CA HIS B 37 -52.03 -21.63 -9.26
C HIS B 37 -51.46 -22.07 -10.61
N ALA B 38 -50.57 -21.25 -11.17
CA ALA B 38 -50.01 -21.54 -12.48
C ALA B 38 -49.10 -22.76 -12.46
N ASN B 39 -48.38 -22.97 -11.37
CA ASN B 39 -47.49 -24.13 -11.29
C ASN B 39 -48.26 -25.44 -11.37
N ALA B 40 -49.39 -25.53 -10.67
CA ALA B 40 -50.18 -26.75 -10.72
C ALA B 40 -50.75 -26.99 -12.11
N ARG B 41 -51.22 -25.93 -12.78
CA ARG B 41 -51.73 -26.07 -14.13
C ARG B 41 -50.63 -26.50 -15.09
N ALA B 42 -49.43 -25.92 -14.95
CA ALA B 42 -48.33 -26.30 -15.82
C ALA B 42 -47.92 -27.75 -15.60
N PHE B 43 -47.85 -28.19 -14.34
CA PHE B 43 -47.50 -29.58 -14.07
C PHE B 43 -48.56 -30.52 -14.64
N SER B 44 -49.84 -30.17 -14.48
CA SER B 44 -50.91 -31.03 -14.99
C SER B 44 -50.90 -31.09 -16.51
N HIS B 45 -50.65 -29.96 -17.17
CA HIS B 45 -50.57 -29.94 -18.62
C HIS B 45 -49.40 -30.77 -19.13
N LEU B 46 -48.23 -30.64 -18.48
CA LEU B 46 -47.09 -31.47 -18.85
C LEU B 46 -47.36 -32.94 -18.56
N ALA B 47 -48.09 -33.24 -17.48
CA ALA B 47 -48.45 -34.61 -17.19
C ALA B 47 -49.34 -35.20 -18.27
N ILE B 48 -50.30 -34.42 -18.75
CA ILE B 48 -51.17 -34.90 -19.82
C ILE B 48 -50.37 -35.10 -21.11
N LYS B 49 -49.44 -34.19 -21.40
CA LYS B 49 -48.59 -34.37 -22.57
C LYS B 49 -47.77 -35.64 -22.47
N LEU B 50 -47.20 -35.91 -21.29
N LEU B 50 -47.20 -35.90 -21.29
CA LEU B 50 -46.41 -37.13 -21.09
CA LEU B 50 -46.42 -37.12 -21.07
C LEU B 50 -47.28 -38.37 -21.21
C LEU B 50 -47.29 -38.37 -21.20
N ILE B 51 -48.49 -38.33 -20.65
CA ILE B 51 -49.39 -39.48 -20.74
C ILE B 51 -49.76 -39.75 -22.18
N GLU B 52 -50.06 -38.70 -22.95
CA GLU B 52 -50.36 -38.87 -24.36
C GLU B 52 -49.17 -39.47 -25.10
N GLN B 53 -47.96 -38.97 -24.81
CA GLN B 53 -46.77 -39.52 -25.45
C GLN B 53 -46.55 -40.99 -25.08
N GLU B 54 -46.95 -41.39 -23.88
CA GLU B 54 -46.72 -42.76 -23.41
C GLU B 54 -47.67 -43.75 -24.08
N ILE B 55 -48.95 -43.39 -24.22
CA ILE B 55 -49.95 -44.34 -24.66
C ILE B 55 -50.01 -44.38 -26.19
N ASP B 56 -50.49 -45.49 -26.72
CA ASP B 56 -50.54 -45.69 -28.15
C ASP B 56 -51.57 -44.76 -28.78
N PRO B 57 -51.30 -44.24 -29.99
CA PRO B 57 -52.29 -43.37 -30.65
C PRO B 57 -53.63 -44.02 -30.89
N ASP B 58 -53.66 -45.34 -31.09
CA ASP B 58 -54.90 -46.06 -31.39
C ASP B 58 -55.68 -46.46 -30.13
N SER B 59 -55.48 -45.76 -29.02
CA SER B 59 -56.08 -46.12 -27.75
C SER B 59 -57.24 -45.21 -27.42
N THR B 60 -58.31 -45.79 -26.88
CA THR B 60 -59.43 -45.02 -26.36
C THR B 60 -59.18 -44.69 -24.90
N ILE B 61 -59.30 -43.42 -24.55
CA ILE B 61 -58.90 -42.91 -23.24
C ILE B 61 -60.13 -42.43 -22.50
N LEU B 62 -60.49 -43.12 -21.42
CA LEU B 62 -61.52 -42.60 -20.52
C LEU B 62 -60.91 -41.48 -19.69
N ASP B 63 -61.60 -40.34 -19.65
CA ASP B 63 -61.11 -39.16 -18.96
C ASP B 63 -62.07 -38.88 -17.80
N ILE B 64 -61.72 -39.42 -16.63
CA ILE B 64 -62.64 -39.48 -15.50
C ILE B 64 -62.63 -38.16 -14.74
N GLY B 65 -63.83 -37.67 -14.39
CA GLY B 65 -63.96 -36.49 -13.55
C GLY B 65 -63.46 -35.21 -14.19
N SER B 66 -63.69 -35.04 -15.49
CA SER B 66 -63.19 -33.88 -16.20
C SER B 66 -64.27 -33.40 -17.17
N ALA B 67 -63.90 -32.46 -18.03
CA ALA B 67 -64.74 -31.93 -19.07
C ALA B 67 -63.99 -31.99 -20.40
N PRO B 68 -64.70 -32.21 -21.51
CA PRO B 68 -64.02 -32.35 -22.80
C PRO B 68 -63.53 -31.03 -23.39
N ALA B 69 -63.86 -29.89 -22.77
CA ALA B 69 -63.40 -28.60 -23.28
C ALA B 69 -61.89 -28.53 -23.34
N ARG B 70 -61.19 -29.26 -22.47
CA ARG B 70 -59.74 -29.30 -22.45
C ARG B 70 -59.17 -30.53 -23.13
N ARG B 71 -60.01 -31.37 -23.73
N ARG B 71 -60.01 -31.38 -23.71
CA ARG B 71 -59.60 -32.62 -24.34
CA ARG B 71 -59.57 -32.61 -24.36
C ARG B 71 -60.03 -32.68 -25.81
C ARG B 71 -60.06 -32.67 -25.79
N MET B 72 -60.02 -31.54 -26.48
CA MET B 72 -60.47 -31.45 -27.88
C MET B 72 -59.33 -31.25 -28.86
N MET B 73 -58.31 -30.47 -28.48
CA MET B 73 -57.18 -30.16 -29.36
C MET B 73 -56.16 -31.31 -29.39
N SER B 74 -56.67 -32.53 -29.44
CA SER B 74 -55.83 -33.71 -29.42
C SER B 74 -56.32 -34.68 -30.49
N ASP B 75 -55.39 -35.48 -31.01
CA ASP B 75 -55.71 -36.51 -31.99
C ASP B 75 -56.08 -37.84 -31.34
N ARG B 76 -56.17 -37.91 -30.02
N ARG B 76 -56.14 -37.90 -30.02
CA ARG B 76 -56.46 -39.15 -29.33
CA ARG B 76 -56.48 -39.12 -29.31
C ARG B 76 -57.93 -39.21 -28.94
C ARG B 76 -57.99 -39.19 -29.08
N LYS B 77 -58.51 -40.41 -29.00
CA LYS B 77 -59.93 -40.63 -28.79
C LYS B 77 -60.24 -40.52 -27.30
N TYR B 78 -60.55 -39.31 -26.86
CA TYR B 78 -60.88 -39.03 -25.47
C TYR B 78 -62.38 -39.17 -25.25
N HIS B 79 -62.77 -40.17 -24.47
CA HIS B 79 -64.15 -40.31 -24.01
C HIS B 79 -64.23 -39.72 -22.61
N CYS B 80 -64.89 -38.57 -22.49
CA CYS B 80 -64.93 -37.81 -21.25
C CYS B 80 -66.15 -38.23 -20.44
N VAL B 81 -65.91 -38.96 -19.36
CA VAL B 81 -66.95 -39.41 -18.44
C VAL B 81 -66.68 -38.80 -17.08
N CYS B 82 -67.69 -38.16 -16.49
CA CYS B 82 -67.55 -37.53 -15.20
C CYS B 82 -68.85 -37.55 -14.40
N ASP B 89 -69.91 -28.67 -13.13
CA ASP B 89 -69.73 -29.16 -14.48
C ASP B 89 -70.67 -28.68 -15.62
N PRO B 90 -71.72 -27.88 -15.32
CA PRO B 90 -72.51 -27.34 -16.44
C PRO B 90 -71.78 -26.27 -17.24
N GLU B 91 -71.06 -25.38 -16.57
CA GLU B 91 -70.32 -24.34 -17.28
C GLU B 91 -69.23 -24.94 -18.13
N ARG B 92 -68.57 -25.99 -17.65
CA ARG B 92 -67.51 -26.63 -18.42
C ARG B 92 -68.06 -27.35 -19.64
N LEU B 93 -69.22 -28.01 -19.49
CA LEU B 93 -69.87 -28.62 -20.64
C LEU B 93 -70.30 -27.57 -21.65
N ALA B 94 -70.82 -26.44 -21.17
CA ALA B 94 -71.20 -25.36 -22.08
C ALA B 94 -69.97 -24.80 -22.80
N ASN B 95 -68.85 -24.68 -22.10
CA ASN B 95 -67.62 -24.22 -22.74
C ASN B 95 -67.14 -25.22 -23.79
N TYR B 96 -67.26 -26.51 -23.51
CA TYR B 96 -66.91 -27.53 -24.49
C TYR B 96 -67.77 -27.40 -25.74
N ALA B 97 -69.08 -27.22 -25.55
CA ALA B 97 -69.97 -27.03 -26.70
C ALA B 97 -69.62 -25.77 -27.47
N ARG B 98 -69.29 -24.69 -26.75
CA ARG B 98 -68.91 -23.44 -27.40
C ARG B 98 -67.66 -23.60 -28.25
N LYS B 99 -66.64 -24.28 -27.70
CA LYS B 99 -65.40 -24.48 -28.44
C LYS B 99 -65.61 -25.42 -29.61
N LEU B 100 -66.49 -26.41 -29.48
CA LEU B 100 -66.84 -27.25 -30.63
C LEU B 100 -67.50 -26.43 -31.73
N ALA B 101 -68.43 -25.55 -31.35
CA ALA B 101 -69.15 -24.75 -32.35
C ALA B 101 -68.24 -23.69 -32.98
N SER B 102 -67.22 -23.24 -32.26
CA SER B 102 -66.31 -22.22 -32.75
C SER B 102 -65.17 -22.80 -33.57
N ALA B 103 -65.11 -24.13 -33.72
CA ALA B 103 -64.05 -24.75 -34.52
C ALA B 103 -64.59 -25.87 -35.40
N ALA B 104 -65.89 -25.86 -35.71
CA ALA B 104 -66.48 -26.93 -36.49
C ALA B 104 -65.90 -26.98 -37.91
N GLY B 105 -65.66 -25.82 -38.50
CA GLY B 105 -65.16 -25.77 -39.86
C GLY B 105 -63.70 -25.36 -39.98
N LYS B 106 -63.19 -24.67 -38.96
CA LYS B 106 -61.83 -24.15 -39.02
C LYS B 106 -60.81 -25.30 -39.03
N VAL B 107 -60.96 -26.24 -38.12
CA VAL B 107 -60.07 -27.40 -38.03
C VAL B 107 -60.91 -28.66 -38.12
N LEU B 108 -60.53 -29.57 -39.03
CA LEU B 108 -61.24 -30.82 -39.24
C LEU B 108 -60.36 -32.03 -39.00
N ASP B 109 -59.25 -31.86 -38.28
CA ASP B 109 -58.32 -32.94 -38.02
C ASP B 109 -58.47 -33.51 -36.61
N ARG B 110 -59.52 -33.12 -35.89
CA ARG B 110 -59.75 -33.57 -34.51
C ARG B 110 -61.09 -34.29 -34.36
N ASN B 111 -61.68 -34.76 -35.45
CA ASN B 111 -62.98 -35.42 -35.43
C ASN B 111 -64.04 -34.53 -34.79
N ILE B 112 -63.98 -33.24 -35.11
CA ILE B 112 -64.89 -32.27 -34.49
C ILE B 112 -66.32 -32.49 -34.97
N SER B 113 -66.49 -32.89 -36.24
CA SER B 113 -67.82 -33.22 -36.72
C SER B 113 -68.39 -34.42 -35.95
N GLY B 114 -67.57 -35.46 -35.76
CA GLY B 114 -68.01 -36.60 -34.98
C GLY B 114 -68.28 -36.25 -33.54
N LYS B 115 -67.44 -35.37 -32.96
CA LYS B 115 -67.65 -34.95 -31.58
C LYS B 115 -68.96 -34.17 -31.43
N ILE B 116 -69.26 -33.30 -32.39
CA ILE B 116 -70.51 -32.55 -32.36
C ILE B 116 -71.70 -33.48 -32.51
N GLY B 117 -71.62 -34.45 -33.43
CA GLY B 117 -72.68 -35.43 -33.55
C GLY B 117 -72.88 -36.23 -32.27
N ASP B 118 -71.77 -36.61 -31.63
CA ASP B 118 -71.84 -37.34 -30.37
C ASP B 118 -72.50 -36.51 -29.28
N LEU B 119 -72.13 -35.22 -29.20
CA LEU B 119 -72.75 -34.34 -28.21
C LEU B 119 -74.24 -34.20 -28.46
N GLN B 120 -74.64 -34.04 -29.72
CA GLN B 120 -76.06 -33.94 -30.03
C GLN B 120 -76.80 -35.21 -29.67
N ALA B 121 -76.18 -36.37 -29.93
CA ALA B 121 -76.80 -37.65 -29.55
C ALA B 121 -76.95 -37.75 -28.04
N VAL B 122 -75.93 -37.32 -27.29
CA VAL B 122 -75.99 -37.40 -25.83
C VAL B 122 -77.08 -36.48 -25.28
N MET B 123 -77.18 -35.26 -25.79
CA MET B 123 -78.26 -34.38 -25.35
C MET B 123 -79.62 -34.85 -25.83
N ALA B 124 -79.68 -35.65 -26.89
CA ALA B 124 -80.94 -36.26 -27.29
C ALA B 124 -81.36 -37.34 -26.30
N VAL B 125 -80.52 -38.36 -26.13
CA VAL B 125 -80.74 -39.40 -25.13
C VAL B 125 -79.57 -39.39 -24.15
N PRO B 126 -79.80 -39.08 -22.87
CA PRO B 126 -78.68 -38.94 -21.93
C PRO B 126 -78.00 -40.25 -21.56
N ASP B 127 -78.55 -41.40 -21.95
CA ASP B 127 -77.93 -42.68 -21.66
C ASP B 127 -77.02 -43.16 -22.79
N THR B 128 -76.84 -42.35 -23.83
CA THR B 128 -76.02 -42.75 -24.96
C THR B 128 -74.55 -42.81 -24.56
N GLU B 129 -73.83 -43.75 -25.17
CA GLU B 129 -72.43 -44.02 -24.84
C GLU B 129 -71.52 -43.75 -26.04
N THR B 130 -71.70 -42.59 -26.67
CA THR B 130 -70.89 -42.12 -27.79
C THR B 130 -69.40 -42.31 -27.52
N PRO B 131 -68.60 -42.61 -28.55
CA PRO B 131 -67.18 -42.91 -28.30
C PRO B 131 -66.37 -41.74 -27.75
N THR B 132 -66.85 -40.50 -27.88
CA THR B 132 -66.07 -39.34 -27.48
C THR B 132 -66.62 -38.61 -26.26
N PHE B 133 -67.84 -38.91 -25.83
CA PHE B 133 -68.41 -38.20 -24.69
C PHE B 133 -69.49 -39.05 -24.04
N CYS B 134 -69.63 -38.89 -22.72
CA CYS B 134 -70.70 -39.53 -21.96
C CYS B 134 -71.01 -38.66 -20.75
N LEU B 135 -72.24 -38.81 -20.24
CA LEU B 135 -72.69 -38.04 -19.09
C LEU B 135 -72.79 -38.86 -17.82
N HIS B 136 -72.55 -40.16 -17.88
CA HIS B 136 -72.66 -41.00 -16.71
C HIS B 136 -71.45 -40.82 -15.80
N THR B 137 -71.54 -41.37 -14.60
CA THR B 137 -70.37 -41.44 -13.73
C THR B 137 -69.44 -42.53 -14.24
N ASP B 138 -68.22 -42.54 -13.68
CA ASP B 138 -67.26 -43.59 -14.05
C ASP B 138 -67.79 -44.98 -13.72
N VAL B 139 -68.59 -45.09 -12.66
CA VAL B 139 -69.24 -46.36 -12.35
C VAL B 139 -70.34 -46.65 -13.36
N SER B 140 -71.15 -45.63 -13.69
CA SER B 140 -72.30 -45.83 -14.56
C SER B 140 -71.93 -45.90 -16.03
N CYS B 141 -70.74 -45.44 -16.41
CA CYS B 141 -70.33 -45.52 -17.80
C CYS B 141 -70.02 -46.95 -18.21
N ARG B 142 -70.30 -47.27 -19.47
CA ARG B 142 -70.07 -48.62 -19.99
C ARG B 142 -69.34 -48.60 -21.32
N GLN B 143 -68.73 -47.49 -21.69
CA GLN B 143 -67.97 -47.39 -22.94
C GLN B 143 -66.61 -48.05 -22.74
N ARG B 144 -66.38 -49.16 -23.42
CA ARG B 144 -65.14 -49.90 -23.27
C ARG B 144 -63.96 -49.09 -23.78
N ALA B 145 -62.87 -49.13 -23.03
CA ALA B 145 -61.63 -48.46 -23.40
C ALA B 145 -60.47 -49.21 -22.76
N ASP B 146 -59.25 -48.78 -23.07
CA ASP B 146 -58.05 -49.41 -22.54
C ASP B 146 -57.18 -48.47 -21.73
N VAL B 147 -57.50 -47.17 -21.70
CA VAL B 147 -56.73 -46.19 -20.95
C VAL B 147 -57.69 -45.31 -20.17
N ALA B 148 -57.37 -45.07 -18.90
CA ALA B 148 -58.13 -44.17 -18.04
C ALA B 148 -57.20 -43.08 -17.51
N ILE B 149 -57.70 -41.86 -17.44
CA ILE B 149 -56.95 -40.73 -16.92
C ILE B 149 -57.73 -40.10 -15.79
N TYR B 150 -57.11 -39.99 -14.62
CA TYR B 150 -57.69 -39.34 -13.45
C TYR B 150 -56.87 -38.08 -13.19
N GLN B 151 -57.22 -36.98 -13.85
CA GLN B 151 -56.51 -35.73 -13.68
C GLN B 151 -57.23 -34.90 -12.61
N ASP B 152 -56.55 -34.70 -11.47
CA ASP B 152 -57.02 -33.83 -10.41
C ASP B 152 -58.41 -34.24 -9.91
N VAL B 153 -58.65 -35.53 -9.82
CA VAL B 153 -59.87 -36.07 -9.23
C VAL B 153 -59.49 -36.81 -7.95
N TYR B 154 -60.16 -36.47 -6.85
CA TYR B 154 -59.89 -37.08 -5.56
C TYR B 154 -61.15 -37.49 -4.83
N ALA B 155 -62.33 -37.16 -5.33
CA ALA B 155 -63.59 -37.47 -4.68
C ALA B 155 -64.14 -38.83 -5.08
N VAL B 156 -63.32 -39.68 -5.69
CA VAL B 156 -63.74 -41.02 -6.06
C VAL B 156 -62.94 -42.03 -5.25
N HIS B 157 -63.58 -43.17 -4.99
CA HIS B 157 -62.92 -44.27 -4.30
C HIS B 157 -62.02 -45.00 -5.28
N ALA B 158 -60.70 -45.00 -5.02
CA ALA B 158 -59.75 -45.47 -6.02
C ALA B 158 -59.96 -46.93 -6.41
N PRO B 159 -60.04 -47.90 -5.50
CA PRO B 159 -60.26 -49.28 -5.96
C PRO B 159 -61.57 -49.47 -6.69
N THR B 160 -62.64 -48.78 -6.27
CA THR B 160 -63.93 -48.94 -6.93
C THR B 160 -63.88 -48.40 -8.36
N SER B 161 -63.37 -47.19 -8.54
CA SER B 161 -63.26 -46.62 -9.88
C SER B 161 -62.32 -47.44 -10.74
N LEU B 162 -61.20 -47.88 -10.18
CA LEU B 162 -60.24 -48.69 -10.94
C LEU B 162 -60.86 -50.01 -11.37
N TYR B 163 -61.62 -50.66 -10.49
CA TYR B 163 -62.27 -51.91 -10.85
C TYR B 163 -63.33 -51.69 -11.92
N HIS B 164 -64.12 -50.62 -11.80
CA HIS B 164 -65.14 -50.35 -12.81
C HIS B 164 -64.51 -50.02 -14.15
N GLN B 165 -63.33 -49.41 -14.15
CA GLN B 165 -62.63 -49.15 -15.41
C GLN B 165 -62.03 -50.45 -15.97
N ALA B 166 -61.53 -51.32 -15.10
CA ALA B 166 -60.85 -52.53 -15.54
C ALA B 166 -61.83 -53.51 -16.18
N ILE B 167 -63.04 -53.64 -15.61
CA ILE B 167 -64.03 -54.54 -16.20
C ILE B 167 -64.53 -54.00 -17.53
N LYS B 168 -64.25 -52.75 -17.85
CA LYS B 168 -64.50 -52.18 -19.17
C LYS B 168 -63.30 -52.33 -20.09
N GLY B 169 -62.27 -53.06 -19.67
CA GLY B 169 -61.12 -53.35 -20.50
C GLY B 169 -59.94 -52.44 -20.31
N VAL B 170 -59.97 -51.53 -19.33
CA VAL B 170 -58.87 -50.60 -19.14
C VAL B 170 -57.69 -51.34 -18.52
N ARG B 171 -56.56 -51.35 -19.22
CA ARG B 171 -55.35 -51.98 -18.73
C ARG B 171 -54.37 -50.99 -18.13
N LEU B 172 -54.51 -49.70 -18.46
CA LEU B 172 -53.58 -48.67 -18.03
C LEU B 172 -54.37 -47.45 -17.57
N ALA B 173 -54.07 -46.98 -16.36
CA ALA B 173 -54.70 -45.79 -15.81
C ALA B 173 -53.63 -44.83 -15.32
N TYR B 174 -53.94 -43.54 -15.39
CA TYR B 174 -53.02 -42.50 -14.94
C TYR B 174 -53.75 -41.60 -13.96
N TRP B 175 -53.12 -41.33 -12.82
CA TRP B 175 -53.68 -40.46 -11.80
C TRP B 175 -52.76 -39.27 -11.61
N VAL B 176 -53.26 -38.07 -11.85
CA VAL B 176 -52.50 -36.84 -11.67
C VAL B 176 -53.10 -36.11 -10.49
N GLY B 177 -52.27 -35.75 -9.51
CA GLY B 177 -52.81 -35.04 -8.37
C GLY B 177 -51.75 -34.83 -7.32
N PHE B 178 -52.14 -34.14 -6.26
CA PHE B 178 -51.21 -33.88 -5.16
C PHE B 178 -50.87 -35.18 -4.44
N ASP B 179 -49.66 -35.22 -3.89
CA ASP B 179 -49.19 -36.41 -3.18
C ASP B 179 -50.13 -36.75 -2.03
N THR B 180 -50.48 -38.02 -1.92
CA THR B 180 -51.36 -38.51 -0.88
C THR B 180 -50.61 -38.89 0.40
N THR B 181 -49.28 -38.77 0.40
CA THR B 181 -48.51 -39.08 1.60
C THR B 181 -48.90 -38.25 2.82
N PRO B 182 -49.13 -36.94 2.72
CA PRO B 182 -49.53 -36.18 3.92
C PRO B 182 -50.79 -36.70 4.58
N PHE B 183 -51.74 -37.25 3.82
CA PHE B 183 -52.97 -37.75 4.41
C PHE B 183 -52.83 -39.17 4.93
N MET B 184 -51.79 -39.89 4.50
CA MET B 184 -51.48 -41.16 5.15
C MET B 184 -50.79 -40.95 6.48
N TYR B 185 -50.05 -39.84 6.63
CA TYR B 185 -49.50 -39.46 7.91
C TYR B 185 -50.53 -38.82 8.83
N ASN B 186 -51.74 -38.57 8.32
CA ASN B 186 -52.86 -38.04 9.11
C ASN B 186 -52.55 -36.66 9.67
N ALA B 187 -52.08 -35.76 8.80
CA ALA B 187 -51.82 -34.40 9.22
C ALA B 187 -53.12 -33.61 9.30
N MET B 188 -53.20 -32.71 10.27
CA MET B 188 -54.38 -31.86 10.40
C MET B 188 -54.46 -30.84 9.28
N ALA B 189 -53.35 -30.17 8.99
CA ALA B 189 -53.27 -29.24 7.88
C ALA B 189 -51.95 -29.48 7.15
N GLY B 190 -51.76 -28.79 6.05
CA GLY B 190 -50.54 -28.98 5.29
C GLY B 190 -50.45 -28.03 4.12
N ALA B 191 -49.26 -27.97 3.56
CA ALA B 191 -48.96 -27.10 2.44
C ALA B 191 -48.28 -27.89 1.32
N TYR B 192 -48.67 -27.59 0.09
CA TYR B 192 -47.87 -27.82 -1.10
C TYR B 192 -47.37 -26.45 -1.54
N PRO B 193 -46.28 -25.98 -0.94
CA PRO B 193 -45.88 -24.57 -1.16
C PRO B 193 -45.50 -24.24 -2.58
N SER B 194 -44.89 -25.19 -3.30
CA SER B 194 -44.45 -24.92 -4.66
C SER B 194 -45.62 -24.64 -5.60
N TYR B 195 -46.80 -25.18 -5.26
CA TYR B 195 -47.99 -25.01 -6.08
C TYR B 195 -48.97 -24.03 -5.47
N SER B 196 -48.52 -23.23 -4.50
CA SER B 196 -49.37 -22.26 -3.82
C SER B 196 -50.61 -22.92 -3.23
N THR B 197 -50.47 -24.16 -2.78
CA THR B 197 -51.59 -24.96 -2.31
C THR B 197 -51.52 -25.11 -0.80
N ASN B 198 -52.63 -24.88 -0.14
CA ASN B 198 -52.73 -25.10 1.30
C ASN B 198 -54.02 -25.84 1.60
N TRP B 199 -53.91 -26.94 2.32
CA TRP B 199 -55.08 -27.72 2.69
C TRP B 199 -55.20 -27.76 4.21
N ALA B 200 -56.44 -27.78 4.69
CA ALA B 200 -56.68 -27.78 6.12
C ALA B 200 -57.90 -28.63 6.44
N ASP B 201 -57.85 -29.28 7.59
CA ASP B 201 -59.04 -29.92 8.14
C ASP B 201 -60.09 -28.87 8.44
N GLU B 202 -61.36 -29.26 8.28
CA GLU B 202 -62.46 -28.34 8.53
C GLU B 202 -62.44 -27.81 9.97
N GLN B 203 -61.85 -28.56 10.89
CA GLN B 203 -61.83 -28.15 12.29
C GLN B 203 -60.85 -27.01 12.54
N VAL B 204 -59.79 -26.92 11.75
CA VAL B 204 -58.76 -25.92 11.97
C VAL B 204 -58.83 -24.79 10.94
N LEU B 205 -59.99 -24.62 10.28
CA LEU B 205 -60.14 -23.50 9.36
C LEU B 205 -60.11 -22.16 10.07
N LYS B 206 -60.41 -22.11 11.36
CA LYS B 206 -60.38 -20.88 12.13
C LYS B 206 -59.05 -20.69 12.85
N ALA B 207 -57.98 -21.28 12.35
CA ALA B 207 -56.65 -21.10 12.91
C ALA B 207 -56.11 -19.73 12.53
N LYS B 208 -54.86 -19.48 12.92
CA LYS B 208 -54.23 -18.18 12.69
C LYS B 208 -52.98 -18.26 11.82
N ASN B 209 -52.14 -19.28 12.00
CA ASN B 209 -50.81 -19.29 11.41
C ASN B 209 -50.56 -20.51 10.54
N ILE B 210 -51.61 -21.07 9.94
CA ILE B 210 -51.45 -22.09 8.92
C ILE B 210 -51.80 -21.46 7.56
N GLY B 211 -51.56 -22.21 6.50
CA GLY B 211 -51.71 -21.66 5.16
C GLY B 211 -53.15 -21.32 4.82
N LEU B 212 -54.09 -22.18 5.18
CA LEU B 212 -55.50 -22.02 4.83
C LEU B 212 -56.29 -21.85 6.13
N CYS B 213 -56.46 -20.59 6.56
CA CYS B 213 -57.21 -20.31 7.78
C CYS B 213 -57.64 -18.86 7.77
N SER B 214 -58.61 -18.55 8.64
CA SER B 214 -58.99 -17.18 8.92
C SER B 214 -59.48 -17.10 10.36
N THR B 215 -58.91 -16.18 11.13
CA THR B 215 -59.33 -15.94 12.50
C THR B 215 -59.62 -14.47 12.68
N ASP B 216 -60.32 -14.16 13.77
CA ASP B 216 -60.68 -12.79 14.10
C ASP B 216 -59.78 -12.26 15.20
N LEU B 217 -59.84 -10.93 15.40
CA LEU B 217 -59.13 -10.30 16.50
C LEU B 217 -59.95 -10.43 17.78
N THR B 218 -59.30 -10.81 18.86
CA THR B 218 -59.97 -11.00 20.14
C THR B 218 -59.08 -10.48 21.26
N GLU B 219 -59.72 -10.12 22.37
CA GLU B 219 -59.01 -9.71 23.58
C GLU B 219 -58.88 -10.84 24.59
N GLY B 220 -59.54 -11.98 24.35
CA GLY B 220 -59.52 -13.07 25.29
C GLY B 220 -60.13 -12.71 26.62
N ARG B 221 -61.24 -11.96 26.59
CA ARG B 221 -61.92 -11.51 27.80
C ARG B 221 -63.00 -12.46 28.26
N ARG B 222 -63.86 -12.91 27.34
CA ARG B 222 -64.90 -13.88 27.65
C ARG B 222 -64.49 -15.25 27.16
N GLY B 223 -64.54 -16.24 28.04
CA GLY B 223 -64.29 -17.61 27.66
C GLY B 223 -65.47 -18.22 26.95
N LYS B 224 -65.32 -18.47 25.65
CA LYS B 224 -66.44 -18.95 24.85
C LYS B 224 -66.94 -20.30 25.35
N LEU B 225 -68.26 -20.42 25.50
CA LEU B 225 -68.89 -21.64 25.94
C LEU B 225 -69.31 -22.48 24.73
N SER B 226 -69.43 -23.79 24.95
CA SER B 226 -69.83 -24.69 23.88
C SER B 226 -70.73 -25.78 24.45
N ILE B 227 -71.59 -26.32 23.60
CA ILE B 227 -72.55 -27.32 24.04
C ILE B 227 -71.88 -28.65 24.37
N MET B 228 -70.88 -29.07 23.60
CA MET B 228 -70.29 -30.39 23.78
C MET B 228 -68.81 -30.28 24.14
N ARG B 229 -68.33 -31.31 24.81
CA ARG B 229 -66.93 -31.40 25.24
C ARG B 229 -66.10 -31.98 24.10
N GLY B 230 -65.19 -31.18 23.56
CA GLY B 230 -64.29 -31.72 22.56
C GLY B 230 -63.25 -32.64 23.16
N LYS B 231 -62.28 -32.05 23.87
CA LYS B 231 -61.24 -32.77 24.61
C LYS B 231 -60.36 -33.52 23.60
N LYS B 232 -60.75 -33.51 22.34
CA LYS B 232 -60.03 -34.23 21.30
C LYS B 232 -60.07 -33.40 20.03
N LEU B 233 -58.90 -33.22 19.42
CA LEU B 233 -58.77 -32.51 18.15
C LEU B 233 -57.99 -33.44 17.22
N GLU B 234 -58.71 -34.35 16.58
CA GLU B 234 -58.14 -35.29 15.65
C GLU B 234 -58.69 -35.06 14.26
N PRO B 235 -57.93 -35.37 13.22
CA PRO B 235 -58.41 -35.11 11.85
C PRO B 235 -59.73 -35.81 11.57
N CYS B 236 -60.63 -35.07 10.92
CA CYS B 236 -61.90 -35.58 10.47
C CYS B 236 -61.86 -35.79 8.96
N ASP B 237 -62.87 -36.47 8.44
CA ASP B 237 -62.85 -36.87 7.05
C ASP B 237 -62.87 -35.68 6.10
N ARG B 238 -63.45 -34.56 6.53
CA ARG B 238 -63.64 -33.41 5.65
C ARG B 238 -62.41 -32.52 5.69
N VAL B 239 -61.81 -32.29 4.52
N VAL B 239 -61.83 -32.27 4.51
CA VAL B 239 -60.69 -31.38 4.38
CA VAL B 239 -60.66 -31.41 4.37
C VAL B 239 -60.98 -30.43 3.24
C VAL B 239 -60.95 -30.46 3.21
N LEU B 240 -60.27 -29.31 3.22
CA LEU B 240 -60.43 -28.32 2.17
C LEU B 240 -59.07 -27.96 1.59
N PHE B 241 -58.98 -28.03 0.27
CA PHE B 241 -57.80 -27.66 -0.49
C PHE B 241 -57.99 -26.28 -1.09
N SER B 242 -56.92 -25.48 -1.04
CA SER B 242 -56.86 -24.20 -1.73
C SER B 242 -55.69 -24.29 -2.69
N VAL B 243 -55.98 -24.45 -3.97
CA VAL B 243 -54.98 -24.43 -5.02
C VAL B 243 -55.04 -23.02 -5.61
N GLY B 244 -54.07 -22.20 -5.24
CA GLY B 244 -54.21 -20.78 -5.49
C GLY B 244 -55.42 -20.28 -4.72
N SER B 245 -56.38 -19.71 -5.43
CA SER B 245 -57.63 -19.27 -4.84
C SER B 245 -58.78 -20.25 -5.09
N THR B 246 -58.49 -21.41 -5.68
CA THR B 246 -59.53 -22.38 -6.01
C THR B 246 -59.74 -23.33 -4.84
N LEU B 247 -60.99 -23.41 -4.36
CA LEU B 247 -61.34 -24.16 -3.17
C LEU B 247 -62.02 -25.47 -3.56
N TYR B 248 -61.51 -26.58 -3.02
CA TYR B 248 -62.08 -27.90 -3.28
C TYR B 248 -62.30 -28.63 -1.96
N PRO B 249 -63.52 -29.10 -1.67
CA PRO B 249 -63.71 -30.02 -0.55
C PRO B 249 -63.31 -31.44 -0.92
N GLU B 250 -62.68 -32.11 0.04
CA GLU B 250 -62.18 -33.47 -0.18
C GLU B 250 -62.46 -34.32 1.05
N SER B 251 -62.49 -35.62 0.82
CA SER B 251 -62.64 -36.61 1.88
C SER B 251 -61.30 -37.27 2.13
N ARG B 252 -60.95 -37.42 3.42
CA ARG B 252 -59.67 -38.03 3.76
C ARG B 252 -59.62 -39.49 3.31
N LYS B 253 -60.72 -40.22 3.47
CA LYS B 253 -60.72 -41.63 3.07
C LYS B 253 -60.59 -41.76 1.55
N LEU B 254 -61.25 -40.88 0.80
CA LEU B 254 -61.13 -40.91 -0.66
C LEU B 254 -59.73 -40.52 -1.12
N LEU B 255 -59.09 -39.57 -0.42
CA LEU B 255 -57.71 -39.22 -0.76
C LEU B 255 -56.76 -40.36 -0.43
N LYS B 256 -56.95 -41.00 0.72
CA LYS B 256 -56.06 -42.10 1.13
C LYS B 256 -56.27 -43.32 0.25
N SER B 257 -57.47 -43.48 -0.31
CA SER B 257 -57.72 -44.60 -1.21
C SER B 257 -56.82 -44.56 -2.44
N TRP B 258 -56.40 -43.37 -2.86
CA TRP B 258 -55.50 -43.24 -3.99
C TRP B 258 -54.04 -43.42 -3.62
N HIS B 259 -53.72 -43.54 -2.33
CA HIS B 259 -52.37 -43.91 -1.90
C HIS B 259 -52.25 -45.43 -1.97
N LEU B 260 -52.25 -45.92 -3.20
CA LEU B 260 -52.30 -47.35 -3.49
C LEU B 260 -50.94 -48.00 -3.27
N PRO B 261 -50.92 -49.27 -2.88
CA PRO B 261 -49.65 -49.98 -2.75
C PRO B 261 -49.05 -50.29 -4.12
N SER B 262 -47.82 -50.79 -4.10
CA SER B 262 -47.14 -51.14 -5.34
C SER B 262 -47.90 -52.24 -6.08
N VAL B 263 -48.46 -53.20 -5.35
CA VAL B 263 -49.26 -54.27 -5.91
C VAL B 263 -50.54 -54.40 -5.10
N PHE B 264 -51.67 -54.53 -5.78
CA PHE B 264 -52.94 -54.77 -5.11
C PHE B 264 -53.83 -55.62 -6.02
N HIS B 265 -54.90 -56.15 -5.43
CA HIS B 265 -55.79 -57.08 -6.10
C HIS B 265 -57.22 -56.59 -6.02
N LEU B 266 -57.87 -56.47 -7.17
CA LEU B 266 -59.28 -56.11 -7.26
C LEU B 266 -60.06 -57.39 -7.57
N LYS B 267 -60.68 -57.97 -6.55
CA LYS B 267 -61.37 -59.25 -6.66
C LYS B 267 -62.87 -59.02 -6.68
N GLY B 268 -63.53 -59.51 -7.72
CA GLY B 268 -64.98 -59.43 -7.83
C GLY B 268 -65.52 -60.48 -8.77
N LYS B 269 -66.50 -60.10 -9.60
CA LYS B 269 -66.92 -61.00 -10.68
C LYS B 269 -65.76 -61.28 -11.62
N LEU B 270 -64.94 -60.26 -11.88
CA LEU B 270 -63.66 -60.41 -12.56
C LEU B 270 -62.56 -59.97 -11.61
N SER B 271 -61.42 -60.65 -11.69
CA SER B 271 -60.31 -60.41 -10.78
C SER B 271 -59.14 -59.79 -11.53
N PHE B 272 -58.46 -58.84 -10.88
CA PHE B 272 -57.39 -58.10 -11.52
C PHE B 272 -56.22 -57.92 -10.57
N THR B 273 -55.01 -58.07 -11.10
CA THR B 273 -53.77 -57.72 -10.41
C THR B 273 -53.30 -56.38 -10.93
N CYS B 274 -53.19 -55.40 -10.04
CA CYS B 274 -52.90 -54.03 -10.42
C CYS B 274 -51.61 -53.58 -9.75
N ARG B 275 -50.83 -52.78 -10.46
CA ARG B 275 -49.58 -52.22 -9.96
C ARG B 275 -49.63 -50.71 -10.03
N CYS B 276 -49.36 -50.06 -8.91
CA CYS B 276 -49.33 -48.60 -8.84
C CYS B 276 -47.89 -48.13 -8.69
N ASP B 277 -47.47 -47.23 -9.57
CA ASP B 277 -46.12 -46.69 -9.56
C ASP B 277 -46.17 -45.20 -9.80
N THR B 278 -45.43 -44.45 -8.99
CA THR B 278 -45.31 -43.01 -9.16
C THR B 278 -44.27 -42.74 -10.24
N VAL B 279 -44.71 -42.27 -11.39
CA VAL B 279 -43.79 -42.09 -12.52
C VAL B 279 -43.31 -40.64 -12.58
N VAL B 280 -44.10 -39.71 -12.05
CA VAL B 280 -43.69 -38.31 -11.97
C VAL B 280 -43.91 -37.82 -10.55
N SER B 281 -42.96 -37.07 -10.02
CA SER B 281 -43.06 -36.55 -8.65
C SER B 281 -42.29 -35.24 -8.58
N CYS B 282 -43.00 -34.12 -8.54
CA CYS B 282 -42.40 -32.80 -8.43
C CYS B 282 -43.04 -32.06 -7.25
N GLU B 283 -42.30 -32.00 -6.14
CA GLU B 283 -42.56 -31.06 -5.05
C GLU B 283 -44.01 -31.13 -4.56
N GLY B 284 -44.52 -32.35 -4.43
CA GLY B 284 -45.86 -32.58 -3.91
C GLY B 284 -46.90 -32.91 -4.95
N TYR B 285 -46.57 -32.81 -6.23
CA TYR B 285 -47.50 -33.17 -7.29
C TYR B 285 -47.00 -34.44 -7.98
N VAL B 286 -47.84 -35.47 -8.03
CA VAL B 286 -47.43 -36.76 -8.53
C VAL B 286 -48.32 -37.19 -9.69
N VAL B 287 -47.71 -37.91 -10.62
CA VAL B 287 -48.38 -38.69 -11.65
C VAL B 287 -48.09 -40.15 -11.36
N LYS B 288 -49.15 -40.92 -11.11
CA LYS B 288 -49.09 -42.33 -10.80
C LYS B 288 -49.57 -43.13 -11.99
N ARG B 289 -48.83 -44.19 -12.32
CA ARG B 289 -49.22 -45.13 -13.36
C ARG B 289 -49.76 -46.40 -12.70
N ILE B 290 -50.97 -46.81 -13.09
CA ILE B 290 -51.59 -48.02 -12.59
C ILE B 290 -51.74 -48.98 -13.76
N THR B 291 -51.18 -50.18 -13.64
CA THR B 291 -51.30 -51.20 -14.67
C THR B 291 -52.17 -52.31 -14.14
N MET B 292 -53.33 -52.50 -14.75
CA MET B 292 -54.30 -53.49 -14.33
C MET B 292 -54.27 -54.68 -15.29
N SER B 293 -54.17 -55.88 -14.74
CA SER B 293 -54.11 -57.10 -15.53
C SER B 293 -55.08 -58.11 -14.96
N PRO B 294 -55.88 -58.79 -15.78
CA PRO B 294 -56.84 -59.77 -15.25
C PRO B 294 -56.13 -60.95 -14.60
N GLY B 295 -56.77 -61.48 -13.57
CA GLY B 295 -56.24 -62.60 -12.82
C GLY B 295 -55.47 -62.17 -11.59
N LEU B 296 -55.27 -63.13 -10.69
CA LEU B 296 -54.55 -62.93 -9.44
C LEU B 296 -53.17 -63.56 -9.56
N TYR B 297 -52.16 -62.73 -9.72
CA TYR B 297 -50.77 -63.17 -9.80
C TYR B 297 -49.98 -62.62 -8.62
N GLY B 298 -49.10 -63.44 -8.07
CA GLY B 298 -48.24 -63.02 -6.99
C GLY B 298 -48.99 -62.79 -5.69
N LYS B 299 -48.31 -62.09 -4.79
CA LYS B 299 -48.85 -61.75 -3.49
C LYS B 299 -48.62 -60.27 -3.21
N THR B 300 -49.45 -59.72 -2.34
CA THR B 300 -49.43 -58.30 -2.03
C THR B 300 -48.94 -58.11 -0.60
N THR B 301 -47.95 -57.23 -0.44
CA THR B 301 -47.43 -56.92 0.89
C THR B 301 -48.28 -55.89 1.63
N GLY B 302 -49.13 -55.17 0.92
CA GLY B 302 -49.92 -54.13 1.56
C GLY B 302 -49.15 -52.89 1.93
N TYR B 303 -48.00 -52.67 1.30
CA TYR B 303 -47.14 -51.54 1.62
C TYR B 303 -47.08 -50.58 0.44
N ALA B 304 -47.35 -49.31 0.72
CA ALA B 304 -47.21 -48.22 -0.24
C ALA B 304 -45.99 -47.40 0.13
N VAL B 305 -45.13 -47.14 -0.86
CA VAL B 305 -43.85 -46.47 -0.63
C VAL B 305 -43.86 -45.14 -1.36
N THR B 306 -43.49 -44.08 -0.67
CA THR B 306 -43.32 -42.76 -1.24
C THR B 306 -41.85 -42.37 -1.13
N HIS B 307 -41.22 -42.12 -2.27
CA HIS B 307 -39.86 -41.58 -2.27
C HIS B 307 -39.90 -40.07 -2.12
N HIS B 308 -38.98 -39.53 -1.34
CA HIS B 308 -38.94 -38.11 -1.05
C HIS B 308 -37.72 -37.52 -1.76
N ALA B 309 -37.95 -36.92 -2.93
CA ALA B 309 -36.89 -36.15 -3.58
C ALA B 309 -36.57 -34.90 -2.77
N ASP B 310 -37.57 -34.32 -2.13
N ASP B 310 -37.57 -34.32 -2.13
CA ASP B 310 -37.41 -33.19 -1.23
CA ASP B 310 -37.41 -33.20 -1.23
C ASP B 310 -37.82 -33.60 0.17
C ASP B 310 -37.82 -33.60 0.17
N GLY B 311 -37.47 -32.78 1.15
CA GLY B 311 -37.81 -33.08 2.53
C GLY B 311 -39.31 -33.01 2.75
N PHE B 312 -39.83 -33.96 3.52
CA PHE B 312 -41.22 -33.97 3.94
C PHE B 312 -41.28 -33.82 5.45
N LEU B 313 -42.04 -32.84 5.93
CA LEU B 313 -42.14 -32.55 7.35
C LEU B 313 -43.58 -32.72 7.79
N MET B 314 -43.78 -33.46 8.88
CA MET B 314 -45.05 -33.40 9.61
C MET B 314 -44.71 -33.08 11.06
N CYS B 315 -45.06 -31.88 11.49
CA CYS B 315 -44.63 -31.35 12.77
C CYS B 315 -45.84 -31.02 13.63
N LYS B 316 -45.69 -31.24 14.93
CA LYS B 316 -46.65 -30.70 15.88
C LYS B 316 -46.49 -29.19 15.96
N THR B 317 -47.59 -28.47 15.81
CA THR B 317 -47.59 -27.03 15.90
C THR B 317 -48.70 -26.58 16.84
N THR B 318 -48.46 -25.45 17.50
CA THR B 318 -49.42 -24.86 18.42
C THR B 318 -49.98 -23.59 17.79
N ASP B 319 -51.29 -23.57 17.60
CA ASP B 319 -51.96 -22.40 17.05
C ASP B 319 -53.17 -22.06 17.91
N THR B 320 -53.95 -21.07 17.49
CA THR B 320 -55.23 -20.75 18.12
C THR B 320 -56.32 -20.92 17.09
N VAL B 321 -57.18 -21.91 17.30
CA VAL B 321 -58.37 -22.12 16.48
C VAL B 321 -59.54 -21.48 17.20
N ASP B 322 -60.15 -20.47 16.57
CA ASP B 322 -61.23 -19.69 17.18
C ASP B 322 -60.81 -19.13 18.53
N GLY B 323 -59.53 -18.78 18.66
CA GLY B 323 -58.99 -18.25 19.89
C GLY B 323 -58.51 -19.27 20.89
N GLU B 324 -58.89 -20.53 20.73
CA GLU B 324 -58.48 -21.59 21.65
C GLU B 324 -57.10 -22.10 21.25
N ARG B 325 -56.15 -22.04 22.18
CA ARG B 325 -54.81 -22.57 21.92
C ARG B 325 -54.85 -24.09 21.88
N VAL B 326 -54.49 -24.65 20.74
CA VAL B 326 -54.50 -26.09 20.52
C VAL B 326 -53.22 -26.47 19.78
N SER B 327 -52.96 -27.77 19.74
CA SER B 327 -51.81 -28.31 19.03
C SER B 327 -52.29 -29.38 18.05
N PHE B 328 -51.74 -29.35 16.84
CA PHE B 328 -52.10 -30.33 15.83
C PHE B 328 -50.95 -30.47 14.83
N SER B 329 -51.04 -31.51 14.01
CA SER B 329 -49.98 -31.82 13.06
C SER B 329 -50.16 -31.02 11.78
N VAL B 330 -49.06 -30.49 11.27
CA VAL B 330 -49.02 -29.73 10.03
C VAL B 330 -47.91 -30.30 9.15
N CYS B 331 -48.23 -30.58 7.90
CA CYS B 331 -47.25 -31.12 6.97
C CYS B 331 -46.83 -30.05 5.98
N THR B 332 -45.65 -30.26 5.38
CA THR B 332 -45.12 -29.36 4.39
C THR B 332 -43.99 -30.05 3.64
N TYR B 333 -43.59 -29.45 2.52
CA TYR B 333 -42.45 -29.90 1.74
C TYR B 333 -41.36 -28.84 1.79
N VAL B 334 -40.15 -29.28 2.08
CA VAL B 334 -38.98 -28.42 2.18
C VAL B 334 -38.05 -28.75 1.02
N PRO B 335 -37.54 -27.76 0.29
CA PRO B 335 -36.65 -28.06 -0.84
C PRO B 335 -35.42 -28.83 -0.39
N ALA B 336 -34.96 -29.74 -1.25
CA ALA B 336 -33.85 -30.62 -0.90
C ALA B 336 -32.58 -29.83 -0.61
N THR B 337 -32.35 -28.72 -1.31
CA THR B 337 -31.17 -27.92 -1.02
C THR B 337 -31.25 -27.30 0.36
N ILE B 338 -32.44 -26.87 0.79
CA ILE B 338 -32.61 -26.34 2.13
C ILE B 338 -32.35 -27.43 3.16
N CYS B 339 -32.87 -28.64 2.92
CA CYS B 339 -32.64 -29.74 3.85
C CYS B 339 -31.16 -30.09 3.95
N ASP B 340 -30.48 -30.13 2.81
CA ASP B 340 -29.05 -30.45 2.82
C ASP B 340 -28.25 -29.37 3.53
N GLN B 341 -28.61 -28.11 3.34
CA GLN B 341 -27.91 -27.03 4.02
C GLN B 341 -28.19 -26.98 5.51
N MET B 342 -29.24 -27.67 5.97
CA MET B 342 -29.57 -27.73 7.38
C MET B 342 -28.98 -28.94 8.09
N THR B 343 -28.27 -29.81 7.37
CA THR B 343 -27.78 -31.05 7.96
C THR B 343 -26.79 -30.79 9.07
N GLY B 344 -25.87 -29.84 8.87
CA GLY B 344 -24.87 -29.58 9.89
C GLY B 344 -25.43 -28.99 11.17
N ILE B 345 -26.32 -28.00 11.04
CA ILE B 345 -26.83 -27.32 12.23
C ILE B 345 -27.80 -28.18 13.01
N LEU B 346 -28.35 -29.24 12.40
CA LEU B 346 -29.23 -30.14 13.13
C LEU B 346 -28.47 -31.20 13.91
N ALA B 347 -27.14 -31.21 13.82
CA ALA B 347 -26.36 -32.12 14.64
C ALA B 347 -26.48 -31.78 16.13
N THR B 348 -26.60 -30.50 16.44
CA THR B 348 -26.77 -30.04 17.82
C THR B 348 -28.24 -29.69 18.06
N GLU B 349 -28.52 -29.24 19.28
CA GLU B 349 -29.86 -28.79 19.63
C GLU B 349 -29.99 -27.30 19.31
N VAL B 350 -30.88 -26.98 18.38
CA VAL B 350 -31.06 -25.63 17.89
C VAL B 350 -32.44 -25.15 18.29
N THR B 351 -32.51 -23.91 18.79
CA THR B 351 -33.78 -23.32 19.14
C THR B 351 -34.57 -23.01 17.86
N PRO B 352 -35.91 -22.95 17.95
CA PRO B 352 -36.70 -22.56 16.77
C PRO B 352 -36.35 -21.18 16.25
N GLU B 353 -35.96 -20.25 17.13
N GLU B 353 -35.94 -20.25 17.12
CA GLU B 353 -35.54 -18.92 16.68
CA GLU B 353 -35.55 -18.93 16.67
C GLU B 353 -34.27 -18.98 15.84
C GLU B 353 -34.27 -18.98 15.84
N ASP B 354 -33.26 -19.70 16.34
CA ASP B 354 -32.02 -19.85 15.58
C ASP B 354 -32.26 -20.63 14.30
N ALA B 355 -33.09 -21.66 14.36
CA ALA B 355 -33.41 -22.43 13.16
C ALA B 355 -34.11 -21.56 12.13
N GLN B 356 -35.02 -20.70 12.55
CA GLN B 356 -35.72 -19.82 11.62
C GLN B 356 -34.77 -18.79 11.03
N LYS B 357 -33.87 -18.24 11.85
CA LYS B 357 -32.89 -17.29 11.32
C LYS B 357 -31.98 -17.97 10.29
N LEU B 358 -31.54 -19.20 10.57
CA LEU B 358 -30.69 -19.92 9.64
C LEU B 358 -31.43 -20.26 8.35
N LEU B 359 -32.69 -20.67 8.46
CA LEU B 359 -33.50 -20.96 7.28
C LEU B 359 -33.69 -19.71 6.42
N VAL B 360 -33.94 -18.57 7.07
CA VAL B 360 -34.07 -17.32 6.32
C VAL B 360 -32.77 -16.97 5.62
N GLY B 361 -31.65 -17.15 6.30
CA GLY B 361 -30.36 -16.91 5.66
C GLY B 361 -30.13 -17.83 4.47
N LEU B 362 -30.54 -19.09 4.59
CA LEU B 362 -30.40 -20.04 3.49
C LEU B 362 -31.43 -19.82 2.38
N ASN B 363 -32.51 -19.11 2.66
CA ASN B 363 -33.58 -18.93 1.70
C ASN B 363 -33.37 -17.74 0.78
N GLN B 364 -32.34 -16.94 1.01
CA GLN B 364 -32.07 -15.77 0.17
C GLN B 364 -31.62 -16.18 -1.23
N THR B 376 -35.11 -13.48 -4.23
CA THR B 376 -35.25 -14.89 -4.58
C THR B 376 -35.37 -15.74 -3.32
N ASN B 377 -36.45 -16.52 -3.23
CA ASN B 377 -36.69 -17.43 -2.12
C ASN B 377 -36.76 -18.85 -2.64
N THR B 378 -35.91 -19.73 -2.08
CA THR B 378 -35.98 -21.14 -2.46
C THR B 378 -37.28 -21.77 -1.99
N MET B 379 -37.66 -21.55 -0.74
CA MET B 379 -38.93 -22.02 -0.20
C MET B 379 -39.79 -20.82 0.19
N LYS B 380 -41.10 -21.05 0.22
CA LYS B 380 -42.02 -20.01 0.67
C LYS B 380 -41.79 -19.69 2.13
N ASN B 381 -41.79 -18.40 2.46
CA ASN B 381 -41.42 -17.98 3.81
C ASN B 381 -42.53 -18.26 4.82
N TYR B 382 -43.79 -18.34 4.38
CA TYR B 382 -44.88 -18.59 5.32
C TYR B 382 -44.77 -19.98 5.95
N MET B 383 -44.05 -20.91 5.32
CA MET B 383 -43.78 -22.21 5.90
C MET B 383 -42.52 -22.21 6.76
N ILE B 384 -41.69 -21.18 6.66
CA ILE B 384 -40.40 -21.19 7.35
C ILE B 384 -40.53 -21.33 8.86
N PRO B 385 -41.42 -20.58 9.56
CA PRO B 385 -41.47 -20.70 11.02
C PRO B 385 -41.74 -22.12 11.50
N VAL B 386 -42.86 -22.71 11.07
CA VAL B 386 -43.21 -24.04 11.56
C VAL B 386 -42.12 -25.05 11.16
N VAL B 387 -41.59 -24.93 9.94
CA VAL B 387 -40.49 -25.78 9.53
C VAL B 387 -39.34 -25.65 10.52
N ALA B 388 -38.97 -24.41 10.87
CA ALA B 388 -37.95 -24.20 11.88
C ALA B 388 -38.29 -24.96 13.15
N GLN B 389 -39.51 -24.77 13.65
CA GLN B 389 -39.95 -25.50 14.84
C GLN B 389 -39.73 -27.00 14.63
N ALA B 390 -40.21 -27.51 13.50
CA ALA B 390 -40.05 -28.93 13.20
C ALA B 390 -38.59 -29.33 13.32
N PHE B 391 -37.73 -28.60 12.62
CA PHE B 391 -36.31 -28.94 12.63
C PHE B 391 -35.79 -28.92 14.06
N SER B 392 -36.13 -27.85 14.80
CA SER B 392 -35.70 -27.76 16.19
C SER B 392 -36.13 -29.00 16.95
N LYS B 393 -37.42 -29.32 16.88
CA LYS B 393 -37.92 -30.48 17.59
C LYS B 393 -37.18 -31.72 17.14
N TRP B 394 -37.03 -31.88 15.82
CA TRP B 394 -36.32 -33.04 15.29
C TRP B 394 -34.95 -33.14 15.91
N ALA B 395 -34.19 -32.05 15.88
CA ALA B 395 -32.85 -32.07 16.45
C ALA B 395 -32.91 -32.51 17.89
N LYS B 396 -33.80 -31.89 18.67
CA LYS B 396 -33.95 -32.24 20.07
C LYS B 396 -34.21 -33.73 20.21
N GLU B 397 -35.18 -34.25 19.44
CA GLU B 397 -35.52 -35.66 19.55
C GLU B 397 -34.32 -36.53 19.24
N CYS B 398 -33.57 -36.17 18.20
CA CYS B 398 -32.40 -36.97 17.85
C CYS B 398 -31.43 -37.01 19.02
N ARG B 399 -31.21 -35.85 19.66
CA ARG B 399 -30.31 -35.82 20.80
C ARG B 399 -30.80 -36.78 21.89
N LYS B 400 -32.11 -36.78 22.16
CA LYS B 400 -32.64 -37.71 23.14
C LYS B 400 -32.35 -39.14 22.75
N ASP B 401 -32.55 -39.47 21.47
CA ASP B 401 -32.25 -40.82 21.01
C ASP B 401 -30.77 -41.13 21.19
N MET B 402 -29.91 -40.12 21.04
CA MET B 402 -28.48 -40.33 21.25
C MET B 402 -28.11 -40.35 22.72
N GLU B 403 -28.94 -39.77 23.59
CA GLU B 403 -28.64 -39.72 25.01
C GLU B 403 -29.32 -40.84 25.80
N ASP B 404 -30.18 -41.62 25.16
CA ASP B 404 -30.89 -42.73 25.78
C ASP B 404 -30.66 -43.99 24.97
N GLU B 405 -29.39 -44.24 24.65
CA GLU B 405 -29.01 -45.39 23.84
C GLU B 405 -29.32 -46.69 24.58
N LYS B 406 -30.09 -47.56 23.93
CA LYS B 406 -30.47 -48.84 24.50
C LYS B 406 -29.42 -49.89 24.18
N LEU B 407 -29.70 -51.14 24.55
CA LEU B 407 -28.83 -52.25 24.20
C LEU B 407 -29.25 -52.85 22.87
N LEU B 408 -28.29 -53.46 22.18
CA LEU B 408 -28.54 -54.01 20.86
C LEU B 408 -29.51 -55.19 20.95
N GLY B 409 -30.59 -55.11 20.19
CA GLY B 409 -31.51 -56.23 20.05
C GLY B 409 -32.22 -56.64 21.32
N VAL B 410 -32.53 -55.68 22.21
CA VAL B 410 -33.30 -55.95 23.41
C VAL B 410 -34.38 -54.89 23.54
N ARG B 411 -35.40 -55.22 24.31
CA ARG B 411 -36.47 -54.29 24.63
C ARG B 411 -36.80 -54.40 26.11
N GLU B 412 -37.35 -53.32 26.67
CA GLU B 412 -37.60 -53.21 28.10
C GLU B 412 -39.10 -53.15 28.40
N ARG B 413 -39.89 -53.99 27.73
CA ARG B 413 -41.32 -54.04 28.00
C ARG B 413 -41.57 -54.69 29.37
N THR B 414 -42.39 -54.04 30.18
CA THR B 414 -42.63 -54.46 31.55
C THR B 414 -43.98 -55.14 31.69
N LEU B 415 -44.02 -56.17 32.54
CA LEU B 415 -45.25 -56.89 32.83
C LEU B 415 -46.18 -56.03 33.67
N THR B 416 -47.48 -56.18 33.45
CA THR B 416 -48.49 -55.40 34.16
C THR B 416 -49.55 -56.33 34.74
N CYS B 417 -49.24 -56.95 35.88
CA CYS B 417 -50.20 -57.70 36.70
C CYS B 417 -50.94 -58.79 35.92
N CYS B 418 -50.43 -59.17 34.75
CA CYS B 418 -51.12 -60.12 33.89
C CYS B 418 -50.08 -60.73 32.95
N CYS B 419 -50.56 -61.32 31.84
CA CYS B 419 -49.69 -61.74 30.75
C CYS B 419 -49.51 -60.65 29.69
N LEU B 420 -49.72 -59.39 30.07
CA LEU B 420 -49.68 -58.27 29.13
C LEU B 420 -48.41 -57.46 29.36
N TRP B 421 -47.76 -57.08 28.26
CA TRP B 421 -46.50 -56.35 28.31
C TRP B 421 -46.68 -54.96 27.71
N ALA B 422 -46.10 -53.96 28.36
CA ALA B 422 -46.24 -52.57 27.95
C ALA B 422 -44.87 -51.90 27.91
N PHE B 423 -44.74 -50.94 26.99
CA PHE B 423 -43.51 -50.18 26.83
C PHE B 423 -43.83 -48.69 26.85
N LYS B 424 -42.79 -47.89 27.01
CA LYS B 424 -42.93 -46.43 27.01
C LYS B 424 -42.77 -45.89 25.60
N LYS B 425 -43.75 -45.10 25.18
CA LYS B 425 -43.65 -44.36 23.92
C LYS B 425 -42.99 -43.02 24.18
N GLN B 426 -42.12 -42.62 23.25
CA GLN B 426 -41.42 -41.36 23.38
C GLN B 426 -42.19 -40.24 22.71
N LYS B 427 -41.88 -39.01 23.11
CA LYS B 427 -42.46 -37.84 22.46
C LYS B 427 -41.92 -37.70 21.04
N THR B 428 -42.80 -37.81 20.06
CA THR B 428 -42.46 -37.64 18.65
C THR B 428 -43.24 -36.44 18.14
N HIS B 429 -42.61 -35.28 18.12
CA HIS B 429 -43.25 -34.05 17.67
C HIS B 429 -42.86 -33.66 16.25
N THR B 430 -41.99 -34.44 15.60
CA THR B 430 -41.61 -34.16 14.23
C THR B 430 -41.30 -35.47 13.51
N VAL B 431 -41.95 -35.67 12.38
CA VAL B 431 -41.58 -36.69 11.41
C VAL B 431 -40.90 -35.97 10.26
N TYR B 432 -39.60 -36.19 10.11
CA TYR B 432 -38.80 -35.52 9.10
C TYR B 432 -38.25 -36.58 8.15
N LYS B 433 -38.90 -36.73 7.01
CA LYS B 433 -38.41 -37.61 5.94
C LYS B 433 -37.46 -36.79 5.08
N ARG B 434 -36.17 -37.03 5.24
CA ARG B 434 -35.17 -36.27 4.52
C ARG B 434 -35.20 -36.62 3.03
N PRO B 435 -34.64 -35.77 2.17
CA PRO B 435 -34.52 -36.12 0.76
C PRO B 435 -33.74 -37.42 0.58
N ASP B 436 -34.17 -38.21 -0.41
CA ASP B 436 -33.64 -39.53 -0.73
C ASP B 436 -34.04 -40.59 0.30
N THR B 437 -35.04 -40.31 1.12
CA THR B 437 -35.63 -41.32 2.00
C THR B 437 -36.97 -41.78 1.44
N GLN B 438 -37.55 -42.78 2.08
CA GLN B 438 -38.82 -43.33 1.65
C GLN B 438 -39.72 -43.55 2.84
N SER B 439 -40.94 -43.05 2.76
CA SER B 439 -41.98 -43.36 3.72
C SER B 439 -42.71 -44.61 3.25
N ILE B 440 -43.06 -45.48 4.20
CA ILE B 440 -43.72 -46.74 3.89
C ILE B 440 -44.94 -46.89 4.79
N GLN B 441 -46.08 -47.17 4.17
CA GLN B 441 -47.36 -47.22 4.87
C GLN B 441 -48.02 -48.57 4.65
N LYS B 442 -48.63 -49.11 5.69
CA LYS B 442 -49.42 -50.33 5.58
C LYS B 442 -50.82 -49.94 5.10
N VAL B 443 -51.16 -50.34 3.89
CA VAL B 443 -52.45 -49.99 3.28
C VAL B 443 -53.14 -51.29 2.85
N GLN B 444 -54.42 -51.16 2.55
CA GLN B 444 -55.18 -52.30 2.04
C GLN B 444 -54.74 -52.60 0.60
N ALA B 445 -54.51 -53.87 0.31
CA ALA B 445 -54.08 -54.31 -1.01
C ALA B 445 -54.99 -55.37 -1.61
N GLU B 446 -56.11 -55.70 -0.95
CA GLU B 446 -57.09 -56.63 -1.48
C GLU B 446 -58.46 -55.97 -1.37
N PHE B 447 -59.12 -55.77 -2.51
CA PHE B 447 -60.37 -55.05 -2.56
C PHE B 447 -61.44 -55.94 -3.19
N ASP B 448 -62.54 -56.16 -2.45
CA ASP B 448 -63.65 -56.94 -2.96
C ASP B 448 -64.99 -56.34 -2.53
N SER B 449 -65.02 -55.05 -2.25
CA SER B 449 -66.21 -54.38 -1.71
C SER B 449 -66.57 -53.16 -2.55
N PHE B 450 -66.63 -53.34 -3.87
CA PHE B 450 -67.05 -52.27 -4.76
C PHE B 450 -68.57 -52.19 -4.82
N SER B 458 -77.76 -39.90 -14.15
CA SER B 458 -78.97 -39.12 -14.35
C SER B 458 -78.88 -37.78 -13.63
N GLY B 459 -78.09 -36.87 -14.18
CA GLY B 459 -77.91 -35.57 -13.56
C GLY B 459 -78.04 -34.42 -14.55
N LEU B 460 -78.88 -34.60 -15.56
CA LEU B 460 -79.10 -33.58 -16.58
C LEU B 460 -80.36 -32.78 -16.30
N SER B 461 -80.40 -31.56 -16.84
CA SER B 461 -81.52 -30.66 -16.66
C SER B 461 -81.99 -30.14 -18.03
N ILE B 462 -83.29 -29.89 -18.13
CA ILE B 462 -83.85 -29.41 -19.40
C ILE B 462 -83.27 -28.07 -19.83
N PRO B 463 -83.15 -27.05 -18.96
CA PRO B 463 -82.51 -25.80 -19.41
C PRO B 463 -81.09 -25.98 -19.92
N LEU B 464 -80.31 -26.86 -19.29
CA LEU B 464 -78.96 -27.13 -19.80
C LEU B 464 -79.03 -27.80 -21.17
N ARG B 465 -79.96 -28.73 -21.36
CA ARG B 465 -80.13 -29.36 -22.67
C ARG B 465 -80.44 -28.32 -23.73
N THR B 466 -81.38 -27.41 -23.44
CA THR B 466 -81.74 -26.37 -24.39
C THR B 466 -80.57 -25.44 -24.67
N ARG B 467 -79.82 -25.07 -23.62
CA ARG B 467 -78.68 -24.18 -23.79
C ARG B 467 -77.62 -24.82 -24.68
N ILE B 468 -77.31 -26.10 -24.45
CA ILE B 468 -76.32 -26.78 -25.26
C ILE B 468 -76.80 -26.90 -26.71
N LYS B 469 -78.08 -27.26 -26.89
CA LYS B 469 -78.61 -27.40 -28.24
C LYS B 469 -78.65 -26.08 -28.99
N TRP B 470 -78.78 -24.97 -28.27
CA TRP B 470 -78.83 -23.66 -28.92
C TRP B 470 -77.52 -23.32 -29.62
N LEU B 471 -76.41 -23.88 -29.15
CA LEU B 471 -75.10 -23.67 -29.76
C LEU B 471 -74.74 -24.75 -30.77
N LEU B 472 -75.63 -25.72 -30.99
CA LEU B 472 -75.37 -26.79 -31.95
C LEU B 472 -76.52 -26.92 -32.94
N PRO C 3 -49.84 -1.72 -27.11
CA PRO C 3 -51.22 -1.92 -27.54
C PRO C 3 -52.23 -1.53 -26.48
N VAL C 4 -51.84 -1.62 -25.20
CA VAL C 4 -52.65 -1.16 -24.09
C VAL C 4 -51.89 -0.06 -23.38
N TYR C 5 -52.53 1.10 -23.23
CA TYR C 5 -51.89 2.31 -22.73
C TYR C 5 -52.56 2.72 -21.42
N VAL C 6 -51.75 2.98 -20.40
CA VAL C 6 -52.24 3.32 -19.07
C VAL C 6 -51.76 4.72 -18.71
N ASP C 7 -52.67 5.51 -18.13
CA ASP C 7 -52.37 6.89 -17.75
C ASP C 7 -51.66 6.90 -16.39
N ILE C 8 -50.39 6.47 -16.42
CA ILE C 8 -49.53 6.48 -15.24
C ILE C 8 -48.15 6.96 -15.66
N ASP C 9 -47.38 7.44 -14.69
CA ASP C 9 -46.02 7.91 -14.96
C ASP C 9 -45.16 6.74 -15.41
N ALA C 10 -44.25 7.03 -16.35
CA ALA C 10 -43.38 5.98 -16.87
C ALA C 10 -42.42 5.44 -15.83
N ASP C 11 -42.19 6.16 -14.74
CA ASP C 11 -41.31 5.71 -13.66
C ASP C 11 -42.07 5.13 -12.49
N SER C 12 -43.36 4.83 -12.66
CA SER C 12 -44.16 4.30 -11.57
C SER C 12 -43.75 2.88 -11.22
N ALA C 13 -43.58 2.61 -9.93
CA ALA C 13 -43.31 1.25 -9.48
C ALA C 13 -44.52 0.35 -9.65
N PHE C 14 -45.72 0.93 -9.77
CA PHE C 14 -46.92 0.15 -10.00
C PHE C 14 -46.97 -0.44 -11.40
N LEU C 15 -46.16 0.07 -12.33
CA LEU C 15 -46.17 -0.44 -13.69
C LEU C 15 -45.75 -1.90 -13.74
N LYS C 16 -44.73 -2.27 -12.97
CA LYS C 16 -44.30 -3.66 -12.93
C LYS C 16 -45.39 -4.57 -12.39
N ALA C 17 -46.05 -4.15 -11.32
CA ALA C 17 -47.13 -4.96 -10.74
C ALA C 17 -48.28 -5.11 -11.72
N LEU C 18 -48.62 -4.03 -12.43
CA LEU C 18 -49.71 -4.10 -13.40
C LEU C 18 -49.34 -4.94 -14.61
N GLN C 19 -48.06 -4.94 -15.00
CA GLN C 19 -47.60 -5.84 -16.06
C GLN C 19 -47.69 -7.29 -15.60
N ARG C 20 -47.34 -7.56 -14.34
CA ARG C 20 -47.47 -8.92 -13.81
CA ARG C 20 -47.47 -8.92 -13.83
C ARG C 20 -48.92 -9.36 -13.76
N ALA C 21 -49.82 -8.45 -13.37
CA ALA C 21 -51.24 -8.78 -13.30
C ALA C 21 -51.86 -8.99 -14.68
N TYR C 22 -51.27 -8.43 -15.73
CA TYR C 22 -51.76 -8.58 -17.09
C TYR C 22 -50.62 -8.96 -18.02
N PRO C 23 -50.10 -10.18 -17.91
CA PRO C 23 -49.02 -10.61 -18.82
C PRO C 23 -49.46 -10.71 -20.26
N MET C 24 -50.77 -10.82 -20.52
CA MET C 24 -51.27 -11.01 -21.88
C MET C 24 -51.17 -9.73 -22.71
N PHE C 25 -51.04 -8.58 -22.07
CA PHE C 25 -50.96 -7.29 -22.75
C PHE C 25 -49.56 -6.71 -22.65
N GLU C 26 -49.27 -5.76 -23.52
CA GLU C 26 -48.06 -4.96 -23.46
C GLU C 26 -48.43 -3.62 -22.85
N VAL C 27 -48.31 -3.53 -21.53
CA VAL C 27 -48.77 -2.36 -20.80
C VAL C 27 -47.76 -1.25 -20.97
N GLU C 28 -48.21 -0.12 -21.51
CA GLU C 28 -47.33 1.01 -21.80
C GLU C 28 -47.80 2.24 -21.03
N PRO C 29 -46.95 2.86 -20.21
CA PRO C 29 -47.36 4.06 -19.47
C PRO C 29 -47.42 5.27 -20.40
N ARG C 30 -48.61 5.84 -20.53
CA ARG C 30 -48.83 7.06 -21.31
C ARG C 30 -49.57 8.03 -20.41
N GLN C 31 -48.83 8.78 -19.60
CA GLN C 31 -49.45 9.65 -18.61
C GLN C 31 -49.96 10.92 -19.27
N VAL C 32 -51.25 11.21 -19.07
CA VAL C 32 -51.85 12.42 -19.60
C VAL C 32 -52.52 13.28 -18.54
N THR C 33 -52.82 12.75 -17.36
CA THR C 33 -53.46 13.49 -16.28
C THR C 33 -52.69 13.27 -14.99
N PRO C 34 -52.78 14.22 -14.05
CA PRO C 34 -52.10 14.06 -12.76
C PRO C 34 -52.93 13.29 -11.75
N ASN C 35 -53.92 12.54 -12.25
CA ASN C 35 -54.89 11.81 -11.44
C ASN C 35 -54.25 11.14 -10.23
N ASP C 36 -54.81 11.42 -9.05
CA ASP C 36 -54.28 10.89 -7.80
C ASP C 36 -54.75 9.47 -7.50
N HIS C 37 -55.70 8.94 -8.29
CA HIS C 37 -56.06 7.54 -8.22
C HIS C 37 -55.81 6.91 -9.59
N ALA C 38 -54.65 7.21 -10.16
CA ALA C 38 -54.32 6.74 -11.51
C ALA C 38 -54.11 5.23 -11.56
N ASN C 39 -53.56 4.64 -10.49
CA ASN C 39 -53.34 3.19 -10.48
C ASN C 39 -54.66 2.43 -10.57
N ALA C 40 -55.68 2.88 -9.83
CA ALA C 40 -56.97 2.20 -9.88
C ALA C 40 -57.61 2.34 -11.26
N ARG C 41 -57.50 3.53 -11.87
CA ARG C 41 -58.04 3.72 -13.20
C ARG C 41 -57.33 2.84 -14.22
N ALA C 42 -56.00 2.74 -14.11
CA ALA C 42 -55.24 1.88 -15.02
C ALA C 42 -55.62 0.43 -14.84
N PHE C 43 -55.78 -0.03 -13.60
CA PHE C 43 -56.19 -1.40 -13.36
C PHE C 43 -57.57 -1.67 -13.93
N SER C 44 -58.51 -0.74 -13.76
CA SER C 44 -59.85 -0.94 -14.28
C SER C 44 -59.86 -0.94 -15.81
N HIS C 45 -59.06 -0.07 -16.42
CA HIS C 45 -58.96 -0.05 -17.87
C HIS C 45 -58.40 -1.37 -18.39
N LEU C 46 -57.34 -1.88 -17.75
CA LEU C 46 -56.77 -3.16 -18.16
C LEU C 46 -57.75 -4.31 -17.91
N ALA C 47 -58.53 -4.22 -16.83
CA ALA C 47 -59.54 -5.23 -16.56
C ALA C 47 -60.61 -5.25 -17.65
N ILE C 48 -61.06 -4.08 -18.08
CA ILE C 48 -62.05 -4.02 -19.15
C ILE C 48 -61.47 -4.57 -20.45
N LYS C 49 -60.21 -4.23 -20.75
CA LYS C 49 -59.58 -4.78 -21.95
C LYS C 49 -59.50 -6.31 -21.88
N LEU C 50 -59.12 -6.85 -20.72
N LEU C 50 -59.12 -6.85 -20.72
CA LEU C 50 -59.04 -8.30 -20.57
CA LEU C 50 -59.05 -8.28 -20.53
C LEU C 50 -60.42 -8.95 -20.69
C LEU C 50 -60.42 -8.94 -20.69
N ILE C 51 -61.45 -8.35 -20.09
CA ILE C 51 -62.79 -8.91 -20.18
C ILE C 51 -63.27 -8.92 -21.62
N GLU C 52 -63.02 -7.83 -22.35
CA GLU C 52 -63.38 -7.78 -23.76
C GLU C 52 -62.64 -8.86 -24.55
N GLN C 53 -61.34 -9.04 -24.28
CA GLN C 53 -60.59 -10.09 -24.95
C GLN C 53 -61.13 -11.48 -24.61
N GLU C 54 -61.67 -11.66 -23.41
CA GLU C 54 -62.10 -12.98 -22.96
C GLU C 54 -63.42 -13.41 -23.60
N ILE C 55 -64.35 -12.49 -23.76
CA ILE C 55 -65.69 -12.85 -24.20
C ILE C 55 -65.78 -12.78 -25.73
N ASP C 56 -66.77 -13.47 -26.27
CA ASP C 56 -66.92 -13.55 -27.72
C ASP C 56 -67.34 -12.20 -28.30
N PRO C 57 -66.86 -11.86 -29.49
CA PRO C 57 -67.27 -10.57 -30.10
C PRO C 57 -68.76 -10.45 -30.32
N ASP C 58 -69.47 -11.55 -30.54
CA ASP C 58 -70.90 -11.52 -30.82
C ASP C 58 -71.76 -11.52 -29.57
N SER C 59 -71.20 -11.10 -28.43
CA SER C 59 -71.89 -11.10 -27.16
C SER C 59 -72.35 -9.70 -26.80
N THR C 60 -73.57 -9.58 -26.29
CA THR C 60 -74.10 -8.33 -25.77
C THR C 60 -73.80 -8.23 -24.28
N ILE C 61 -73.26 -7.09 -23.86
CA ILE C 61 -72.66 -6.93 -22.55
C ILE C 61 -73.51 -5.98 -21.72
N LEU C 62 -74.09 -6.48 -20.64
CA LEU C 62 -74.76 -5.62 -19.67
C LEU C 62 -73.71 -4.98 -18.77
N ASP C 63 -73.69 -3.66 -18.72
CA ASP C 63 -72.67 -2.90 -17.98
C ASP C 63 -73.38 -2.23 -16.81
N ILE C 64 -73.41 -2.93 -15.68
CA ILE C 64 -74.23 -2.53 -14.54
C ILE C 64 -73.54 -1.41 -13.78
N GLY C 65 -74.31 -0.37 -13.46
CA GLY C 65 -73.82 0.71 -12.61
C GLY C 65 -72.72 1.55 -13.23
N SER C 66 -72.83 1.86 -14.51
CA SER C 66 -71.77 2.58 -15.22
C SER C 66 -72.41 3.65 -16.09
N ALA C 67 -71.58 4.26 -16.93
CA ALA C 67 -71.99 5.27 -17.88
C ALA C 67 -71.59 4.85 -19.29
N PRO C 68 -72.46 5.06 -20.28
CA PRO C 68 -72.12 4.65 -21.65
C PRO C 68 -70.99 5.45 -22.27
N ALA C 69 -70.63 6.60 -21.68
CA ALA C 69 -69.59 7.45 -22.26
C ALA C 69 -68.28 6.70 -22.44
N ARG C 70 -67.92 5.86 -21.46
CA ARG C 70 -66.67 5.10 -21.54
C ARG C 70 -66.84 3.78 -22.29
N ARG C 71 -68.04 3.46 -22.77
N ARG C 71 -68.04 3.44 -22.76
CA ARG C 71 -68.31 2.18 -23.43
CA ARG C 71 -68.27 2.18 -23.44
C ARG C 71 -68.65 2.33 -24.91
C ARG C 71 -68.77 2.37 -24.87
N MET C 72 -68.46 3.52 -25.49
CA MET C 72 -68.82 3.74 -26.88
C MET C 72 -67.69 3.43 -27.85
N MET C 73 -66.44 3.67 -27.46
CA MET C 73 -65.29 3.49 -28.32
C MET C 73 -64.93 2.01 -28.50
N SER C 74 -65.75 1.12 -27.99
CA SER C 74 -65.53 -0.32 -28.10
C SER C 74 -66.45 -0.88 -29.19
N ASP C 75 -65.96 -1.90 -29.90
CA ASP C 75 -66.71 -2.55 -30.96
C ASP C 75 -67.68 -3.60 -30.44
N ARG C 76 -68.03 -3.55 -29.16
N ARG C 76 -67.99 -3.60 -29.14
CA ARG C 76 -68.89 -4.56 -28.54
CA ARG C 76 -68.89 -4.56 -28.54
C ARG C 76 -70.21 -3.92 -28.12
C ARG C 76 -70.23 -3.90 -28.22
N LYS C 77 -71.28 -4.71 -28.20
CA LYS C 77 -72.63 -4.22 -27.94
C LYS C 77 -72.83 -4.00 -26.44
N TYR C 78 -72.48 -2.81 -25.96
CA TYR C 78 -72.57 -2.49 -24.54
C TYR C 78 -73.94 -1.90 -24.23
N HIS C 79 -74.80 -2.72 -23.63
CA HIS C 79 -76.03 -2.25 -22.99
C HIS C 79 -75.68 -1.72 -21.60
N CYS C 80 -75.64 -0.39 -21.47
CA CYS C 80 -75.25 0.27 -20.23
C CYS C 80 -76.50 0.54 -19.40
N VAL C 81 -76.72 -0.28 -18.39
CA VAL C 81 -77.85 -0.13 -17.47
C VAL C 81 -77.29 0.20 -16.09
N CYS C 82 -77.78 1.28 -15.49
CA CYS C 82 -77.30 1.71 -14.19
C CYS C 82 -78.43 2.22 -13.31
N ASP C 89 -74.27 10.36 -12.43
CA ASP C 89 -75.21 9.76 -13.37
C ASP C 89 -75.71 10.79 -14.41
N PRO C 90 -76.24 11.94 -13.98
CA PRO C 90 -76.70 12.91 -14.98
C PRO C 90 -75.56 13.55 -15.75
N GLU C 91 -74.48 13.93 -15.08
CA GLU C 91 -73.32 14.49 -15.77
C GLU C 91 -72.69 13.46 -16.69
N ARG C 92 -72.63 12.20 -16.25
CA ARG C 92 -72.07 11.15 -17.10
C ARG C 92 -72.95 10.89 -18.31
N LEU C 93 -74.28 10.92 -18.13
CA LEU C 93 -75.18 10.77 -19.27
C LEU C 93 -75.02 11.93 -20.25
N ALA C 94 -74.89 13.15 -19.73
CA ALA C 94 -74.67 14.31 -20.60
C ALA C 94 -73.35 14.18 -21.35
N ASN C 95 -72.31 13.68 -20.67
CA ASN C 95 -71.02 13.48 -21.33
C ASN C 95 -71.12 12.43 -22.42
N TYR C 96 -71.88 11.36 -22.17
CA TYR C 96 -72.07 10.33 -23.20
C TYR C 96 -72.79 10.91 -24.40
N ALA C 97 -73.82 11.72 -24.18
CA ALA C 97 -74.51 12.39 -25.28
C ALA C 97 -73.56 13.32 -26.04
N ARG C 98 -72.72 14.05 -25.30
CA ARG C 98 -71.74 14.93 -25.94
C ARG C 98 -70.79 14.16 -26.83
N LYS C 99 -70.28 13.02 -26.34
CA LYS C 99 -69.34 12.24 -27.12
C LYS C 99 -70.02 11.59 -28.32
N LEU C 100 -71.30 11.22 -28.19
CA LEU C 100 -72.05 10.76 -29.35
C LEU C 100 -72.18 11.86 -30.39
N ALA C 101 -72.51 13.08 -29.96
CA ALA C 101 -72.71 14.17 -30.90
C ALA C 101 -71.40 14.58 -31.57
N SER C 102 -70.29 14.51 -30.84
CA SER C 102 -69.01 14.94 -31.36
C SER C 102 -68.33 13.89 -32.24
N ALA C 103 -68.87 12.68 -32.32
CA ALA C 103 -68.30 11.62 -33.15
C ALA C 103 -69.34 10.96 -34.03
N ALA C 104 -70.46 11.65 -34.31
CA ALA C 104 -71.54 11.04 -35.08
C ALA C 104 -71.10 10.75 -36.52
N GLY C 105 -70.26 11.61 -37.08
CA GLY C 105 -69.85 11.44 -38.46
C GLY C 105 -68.40 11.06 -38.66
N LYS C 106 -67.54 11.41 -37.68
CA LYS C 106 -66.11 11.18 -37.85
C LYS C 106 -65.79 9.69 -37.92
N VAL C 107 -66.37 8.88 -37.04
CA VAL C 107 -66.19 7.44 -37.06
C VAL C 107 -67.55 6.76 -37.05
N LEU C 108 -67.72 5.77 -37.91
CA LEU C 108 -68.98 5.04 -38.05
C LEU C 108 -68.81 3.54 -37.86
N ASP C 109 -67.69 3.12 -37.27
CA ASP C 109 -67.42 1.71 -37.03
C ASP C 109 -67.87 1.26 -35.64
N ARG C 110 -68.48 2.15 -34.86
CA ARG C 110 -68.90 1.84 -33.49
C ARG C 110 -70.42 1.85 -33.35
N ASN C 111 -71.15 1.79 -34.45
CA ASN C 111 -72.62 1.86 -34.44
C ASN C 111 -73.11 3.11 -33.73
N ILE C 112 -72.46 4.24 -34.02
CA ILE C 112 -72.78 5.48 -33.33
C ILE C 112 -74.15 6.00 -33.77
N SER C 113 -74.51 5.80 -35.04
CA SER C 113 -75.85 6.19 -35.49
C SER C 113 -76.92 5.42 -34.73
N GLY C 114 -76.74 4.11 -34.58
CA GLY C 114 -77.68 3.32 -33.82
C GLY C 114 -77.71 3.71 -32.35
N LYS C 115 -76.54 4.03 -31.79
CA LYS C 115 -76.49 4.46 -30.39
C LYS C 115 -77.23 5.77 -30.19
N ILE C 116 -77.08 6.71 -31.13
CA ILE C 116 -77.77 7.99 -31.05
C ILE C 116 -79.28 7.78 -31.16
N GLY C 117 -79.71 6.94 -32.11
CA GLY C 117 -81.13 6.64 -32.21
C GLY C 117 -81.67 5.97 -30.96
N ASP C 118 -80.89 5.08 -30.36
CA ASP C 118 -81.29 4.42 -29.13
C ASP C 118 -81.44 5.43 -27.99
N LEU C 119 -80.47 6.34 -27.85
CA LEU C 119 -80.57 7.35 -26.81
C LEU C 119 -81.78 8.25 -27.03
N GLN C 120 -82.04 8.63 -28.28
CA GLN C 120 -83.22 9.44 -28.57
C GLN C 120 -84.50 8.70 -28.20
N ALA C 121 -84.55 7.39 -28.48
CA ALA C 121 -85.71 6.59 -28.10
C ALA C 121 -85.88 6.55 -26.59
N VAL C 122 -84.76 6.39 -25.85
CA VAL C 122 -84.84 6.33 -24.39
C VAL C 122 -85.33 7.66 -23.81
N MET C 123 -84.78 8.78 -24.30
CA MET C 123 -85.27 10.07 -23.81
C MET C 123 -86.68 10.38 -24.29
N ALA C 124 -87.14 9.72 -25.35
CA ALA C 124 -88.54 9.84 -25.74
C ALA C 124 -89.44 9.09 -24.76
N VAL C 125 -89.23 7.78 -24.64
CA VAL C 125 -89.95 6.97 -23.66
C VAL C 125 -88.92 6.36 -22.71
N PRO C 126 -88.94 6.70 -21.43
CA PRO C 126 -87.89 6.20 -20.51
C PRO C 126 -87.95 4.71 -20.26
N ASP C 127 -89.04 4.03 -20.59
CA ASP C 127 -89.17 2.61 -20.39
C ASP C 127 -88.63 1.79 -21.56
N THR C 128 -88.10 2.44 -22.58
CA THR C 128 -87.58 1.72 -23.75
C THR C 128 -86.35 0.91 -23.37
N GLU C 129 -86.20 -0.24 -24.04
CA GLU C 129 -85.12 -1.17 -23.74
C GLU C 129 -84.21 -1.37 -24.95
N THR C 130 -83.78 -0.26 -25.56
CA THR C 130 -82.87 -0.25 -26.70
C THR C 130 -81.66 -1.14 -26.44
N PRO C 131 -81.08 -1.75 -27.47
CA PRO C 131 -79.98 -2.70 -27.25
C PRO C 131 -78.70 -2.10 -26.73
N THR C 132 -78.54 -0.77 -26.77
CA THR C 132 -77.29 -0.14 -26.37
C THR C 132 -77.42 0.79 -25.17
N PHE C 133 -78.62 1.10 -24.71
CA PHE C 133 -78.77 1.97 -23.56
C PHE C 133 -80.11 1.70 -22.89
N CYS C 134 -80.15 1.95 -21.58
CA CYS C 134 -81.37 1.79 -20.80
C CYS C 134 -81.21 2.55 -19.49
N LEU C 135 -82.28 3.21 -19.06
CA LEU C 135 -82.26 4.04 -17.87
C LEU C 135 -82.78 3.33 -16.64
N HIS C 136 -83.08 2.03 -16.74
CA HIS C 136 -83.59 1.30 -15.60
C HIS C 136 -82.46 0.82 -14.71
N THR C 137 -82.82 0.31 -13.54
CA THR C 137 -81.85 -0.36 -12.69
C THR C 137 -81.55 -1.75 -13.24
N ASP C 138 -80.50 -2.37 -12.69
CA ASP C 138 -80.18 -3.74 -13.08
C ASP C 138 -81.31 -4.71 -12.76
N VAL C 139 -82.17 -4.36 -11.80
CA VAL C 139 -83.34 -5.18 -11.51
C VAL C 139 -84.47 -4.86 -12.49
N SER C 140 -84.70 -3.58 -12.76
CA SER C 140 -85.80 -3.17 -13.62
C SER C 140 -85.50 -3.38 -15.11
N CYS C 141 -84.23 -3.49 -15.48
CA CYS C 141 -83.90 -3.72 -16.89
C CYS C 141 -84.32 -5.12 -17.31
N ARG C 142 -84.81 -5.22 -18.55
CA ARG C 142 -85.29 -6.50 -19.08
C ARG C 142 -84.68 -6.82 -20.44
N GLN C 143 -83.58 -6.18 -20.79
CA GLN C 143 -82.91 -6.45 -22.06
C GLN C 143 -82.03 -7.68 -21.90
N ARG C 144 -82.37 -8.75 -22.61
CA ARG C 144 -81.66 -10.01 -22.46
C ARG C 144 -80.23 -9.89 -22.99
N ALA C 145 -79.30 -10.55 -22.31
CA ALA C 145 -77.90 -10.56 -22.70
C ALA C 145 -77.26 -11.82 -22.15
N ASP C 146 -75.97 -11.98 -22.42
CA ASP C 146 -75.21 -13.13 -21.93
C ASP C 146 -73.98 -12.75 -21.12
N VAL C 147 -73.58 -11.49 -21.10
CA VAL C 147 -72.42 -11.03 -20.34
C VAL C 147 -72.85 -9.84 -19.48
N ALA C 148 -72.42 -9.85 -18.22
CA ALA C 148 -72.65 -8.75 -17.30
C ALA C 148 -71.31 -8.24 -16.78
N ILE C 149 -71.17 -6.93 -16.67
CA ILE C 149 -69.95 -6.31 -16.18
C ILE C 149 -70.29 -5.43 -14.99
N TYR C 150 -69.60 -5.66 -13.88
CA TYR C 150 -69.74 -4.87 -12.66
C TYR C 150 -68.40 -4.18 -12.42
N GLN C 151 -68.22 -3.01 -13.01
CA GLN C 151 -66.98 -2.26 -12.87
C GLN C 151 -67.14 -1.24 -11.75
N ASP C 152 -66.45 -1.48 -10.63
CA ASP C 152 -66.38 -0.54 -9.52
C ASP C 152 -67.77 -0.19 -8.99
N VAL C 153 -68.64 -1.18 -8.93
CA VAL C 153 -69.96 -1.03 -8.31
C VAL C 153 -70.02 -1.92 -7.07
N TYR C 154 -70.44 -1.34 -5.96
CA TYR C 154 -70.50 -2.05 -4.70
C TYR C 154 -71.79 -1.83 -3.93
N ALA C 155 -72.70 -0.99 -4.43
CA ALA C 155 -73.91 -0.63 -3.71
C ALA C 155 -75.11 -1.50 -4.10
N VAL C 156 -74.87 -2.65 -4.70
CA VAL C 156 -75.93 -3.57 -5.10
C VAL C 156 -75.69 -4.91 -4.43
N HIS C 157 -76.77 -5.55 -3.99
CA HIS C 157 -76.69 -6.91 -3.45
C HIS C 157 -76.23 -7.87 -4.55
N ALA C 158 -75.13 -8.57 -4.30
CA ALA C 158 -74.57 -9.44 -5.33
C ALA C 158 -75.51 -10.57 -5.74
N PRO C 159 -76.05 -11.38 -4.82
CA PRO C 159 -76.95 -12.46 -5.28
C PRO C 159 -78.19 -11.95 -6.00
N THR C 160 -78.78 -10.84 -5.54
CA THR C 160 -79.98 -10.31 -6.18
C THR C 160 -79.68 -9.84 -7.60
N SER C 161 -78.64 -9.03 -7.75
CA SER C 161 -78.26 -8.55 -9.08
C SER C 161 -77.88 -9.71 -10.00
N LEU C 162 -77.10 -10.66 -9.49
CA LEU C 162 -76.68 -11.78 -10.31
C LEU C 162 -77.86 -12.64 -10.75
N TYR C 163 -78.83 -12.85 -9.86
CA TYR C 163 -80.03 -13.57 -10.23
C TYR C 163 -80.84 -12.81 -11.28
N HIS C 164 -80.95 -11.49 -11.12
CA HIS C 164 -81.73 -10.71 -12.07
C HIS C 164 -81.06 -10.68 -13.45
N GLN C 165 -79.73 -10.74 -13.51
CA GLN C 165 -79.08 -10.87 -14.80
C GLN C 165 -79.22 -12.28 -15.35
N ALA C 166 -79.18 -13.29 -14.46
CA ALA C 166 -79.23 -14.68 -14.91
C ALA C 166 -80.59 -15.02 -15.53
N ILE C 167 -81.68 -14.52 -14.94
CA ILE C 167 -83.00 -14.76 -15.51
C ILE C 167 -83.16 -14.02 -16.83
N LYS C 168 -82.29 -13.06 -17.11
CA LYS C 168 -82.24 -12.39 -18.41
C LYS C 168 -81.31 -13.09 -19.39
N GLY C 169 -80.77 -14.25 -19.01
CA GLY C 169 -79.93 -15.04 -19.89
C GLY C 169 -78.43 -14.88 -19.70
N VAL C 170 -78.01 -14.09 -18.72
CA VAL C 170 -76.58 -13.85 -18.52
C VAL C 170 -75.94 -15.10 -17.93
N ARG C 171 -74.92 -15.61 -18.61
CA ARG C 171 -74.17 -16.77 -18.12
C ARG C 171 -72.78 -16.40 -17.62
N LEU C 172 -72.30 -15.20 -17.90
CA LEU C 172 -70.95 -14.79 -17.53
C LEU C 172 -70.99 -13.35 -17.03
N ALA C 173 -70.71 -13.17 -15.74
CA ALA C 173 -70.62 -11.85 -15.13
C ALA C 173 -69.17 -11.58 -14.74
N TYR C 174 -68.79 -10.30 -14.77
CA TYR C 174 -67.47 -9.88 -14.36
C TYR C 174 -67.60 -8.77 -13.34
N TRP C 175 -66.91 -8.91 -12.22
CA TRP C 175 -66.92 -7.90 -11.16
C TRP C 175 -65.51 -7.36 -10.98
N VAL C 176 -65.35 -6.06 -11.14
CA VAL C 176 -64.06 -5.39 -10.97
C VAL C 176 -64.18 -4.46 -9.77
N GLY C 177 -63.27 -4.61 -8.80
CA GLY C 177 -63.34 -3.75 -7.65
C GLY C 177 -62.32 -4.15 -6.61
N PHE C 178 -62.29 -3.37 -5.53
CA PHE C 178 -61.37 -3.64 -4.45
C PHE C 178 -61.71 -4.96 -3.76
N ASP C 179 -60.68 -5.63 -3.24
CA ASP C 179 -60.86 -6.91 -2.59
C ASP C 179 -61.84 -6.80 -1.42
N THR C 180 -62.75 -7.75 -1.34
CA THR C 180 -63.76 -7.79 -0.30
C THR C 180 -63.29 -8.47 0.97
N THR C 181 -62.08 -9.04 0.96
CA THR C 181 -61.56 -9.72 2.14
C THR C 181 -61.44 -8.82 3.38
N PRO C 182 -60.96 -7.58 3.29
CA PRO C 182 -60.88 -6.76 4.51
C PRO C 182 -62.22 -6.55 5.21
N PHE C 183 -63.33 -6.61 4.47
CA PHE C 183 -64.64 -6.46 5.08
C PHE C 183 -65.23 -7.76 5.57
N MET C 184 -64.77 -8.90 5.07
CA MET C 184 -65.13 -10.17 5.67
C MET C 184 -64.38 -10.39 6.98
N TYR C 185 -63.18 -9.81 7.09
CA TYR C 185 -62.48 -9.77 8.36
C TYR C 185 -63.07 -8.74 9.31
N ASN C 186 -63.93 -7.84 8.81
CA ASN C 186 -64.67 -6.88 9.62
C ASN C 186 -63.73 -5.87 10.27
N ALA C 187 -62.82 -5.31 9.47
CA ALA C 187 -61.93 -4.28 9.95
C ALA C 187 -62.67 -2.96 10.16
N MET C 188 -62.23 -2.20 11.16
CA MET C 188 -62.82 -0.90 11.41
C MET C 188 -62.48 0.08 10.28
N ALA C 189 -61.21 0.11 9.88
CA ALA C 189 -60.74 0.90 8.76
C ALA C 189 -59.70 0.09 8.01
N GLY C 190 -59.20 0.64 6.91
CA GLY C 190 -58.20 -0.08 6.15
C GLY C 190 -57.69 0.74 4.98
N ALA C 191 -56.65 0.20 4.36
CA ALA C 191 -55.99 0.85 3.24
C ALA C 191 -55.76 -0.14 2.11
N TYR C 192 -55.95 0.32 0.88
CA TYR C 192 -55.36 -0.23 -0.33
C TYR C 192 -54.28 0.75 -0.73
N PRO C 193 -53.07 0.64 -0.17
CA PRO C 193 -52.06 1.69 -0.38
C PRO C 193 -51.57 1.80 -1.80
N SER C 194 -51.54 0.69 -2.55
CA SER C 194 -51.05 0.74 -3.92
C SER C 194 -51.92 1.61 -4.80
N TYR C 195 -53.21 1.71 -4.49
CA TYR C 195 -54.15 2.51 -5.26
C TYR C 195 -54.48 3.83 -4.59
N SER C 196 -53.70 4.23 -3.59
CA SER C 196 -53.93 5.47 -2.85
C SER C 196 -55.35 5.49 -2.26
N THR C 197 -55.82 4.33 -1.84
CA THR C 197 -57.19 4.17 -1.38
C THR C 197 -57.20 3.94 0.12
N ASN C 198 -58.03 4.69 0.83
CA ASN C 198 -58.22 4.49 2.26
C ASN C 198 -59.70 4.49 2.56
N TRP C 199 -60.16 3.48 3.29
CA TRP C 199 -61.55 3.40 3.68
C TRP C 199 -61.64 3.36 5.19
N ALA C 200 -62.72 3.95 5.70
CA ALA C 200 -62.91 3.99 7.15
C ALA C 200 -64.39 3.88 7.45
N ASP C 201 -64.70 3.24 8.58
CA ASP C 201 -66.05 3.29 9.11
C ASP C 201 -66.41 4.72 9.50
N GLU C 202 -67.70 5.04 9.39
CA GLU C 202 -68.17 6.38 9.74
C GLU C 202 -67.86 6.73 11.19
N GLN C 203 -67.72 5.73 12.07
CA GLN C 203 -67.48 6.00 13.48
C GLN C 203 -66.07 6.50 13.73
N VAL C 204 -65.12 6.16 12.88
CA VAL C 204 -63.71 6.50 13.09
C VAL C 204 -63.23 7.54 12.07
N LEU C 205 -64.14 8.31 11.48
CA LEU C 205 -63.73 9.36 10.57
C LEU C 205 -63.03 10.50 11.29
N LYS C 206 -63.20 10.62 12.60
CA LYS C 206 -62.54 11.63 13.40
C LYS C 206 -61.28 11.10 14.08
N ALA C 207 -60.69 10.05 13.52
CA ALA C 207 -59.45 9.51 14.05
C ALA C 207 -58.28 10.42 13.68
N LYS C 208 -57.08 9.99 14.03
CA LYS C 208 -55.87 10.78 13.82
C LYS C 208 -54.87 10.12 12.90
N ASN C 209 -54.59 8.83 13.09
CA ASN C 209 -53.48 8.17 12.41
C ASN C 209 -53.93 7.00 11.53
N ILE C 210 -55.10 7.11 10.92
CA ILE C 210 -55.50 6.18 9.88
C ILE C 210 -55.51 6.94 8.55
N GLY C 211 -55.73 6.20 7.46
CA GLY C 211 -55.62 6.80 6.14
C GLY C 211 -56.68 7.85 5.86
N LEU C 212 -57.92 7.58 6.25
CA LEU C 212 -59.05 8.45 5.96
C LEU C 212 -59.64 8.95 7.27
N CYS C 213 -59.14 10.10 7.73
CA CYS C 213 -59.63 10.68 8.98
C CYS C 213 -59.27 12.15 9.02
N SER C 214 -59.95 12.88 9.91
CA SER C 214 -59.61 14.25 10.22
C SER C 214 -59.96 14.52 11.68
N THR C 215 -58.99 15.02 12.43
CA THR C 215 -59.21 15.39 13.82
C THR C 215 -58.71 16.82 14.04
N ASP C 216 -59.17 17.42 15.13
CA ASP C 216 -58.79 18.77 15.49
C ASP C 216 -57.77 18.74 16.63
N LEU C 217 -57.11 19.88 16.83
CA LEU C 217 -56.19 20.02 17.95
C LEU C 217 -56.98 20.32 19.22
N THR C 218 -56.67 19.58 20.29
CA THR C 218 -57.31 19.79 21.58
C THR C 218 -56.26 19.69 22.69
N GLU C 219 -56.54 20.38 23.78
CA GLU C 219 -55.68 20.31 24.96
C GLU C 219 -56.13 19.25 25.95
N GLY C 220 -57.25 18.59 25.71
CA GLY C 220 -57.74 17.58 26.64
C GLY C 220 -58.07 18.13 28.00
N ARG C 221 -58.71 19.29 28.07
CA ARG C 221 -59.07 19.94 29.33
C ARG C 221 -60.50 19.65 29.75
N ARG C 222 -61.44 19.75 28.82
CA ARG C 222 -62.84 19.45 29.09
C ARG C 222 -63.17 18.06 28.55
N GLY C 223 -63.67 17.19 29.42
CA GLY C 223 -64.13 15.89 29.00
C GLY C 223 -65.48 15.96 28.31
N LYS C 224 -65.51 15.68 27.01
CA LYS C 224 -66.73 15.85 26.23
C LYS C 224 -67.84 14.93 26.73
N LEU C 225 -69.04 15.47 26.81
CA LEU C 225 -70.21 14.73 27.28
C LEU C 225 -70.99 14.18 26.09
N SER C 226 -71.69 13.07 26.31
CA SER C 226 -72.53 12.49 25.29
C SER C 226 -73.82 12.01 25.93
N ILE C 227 -74.92 12.10 25.17
CA ILE C 227 -76.22 11.66 25.68
C ILE C 227 -76.31 10.15 25.74
N MET C 228 -75.51 9.43 24.95
CA MET C 228 -75.56 7.98 24.89
C MET C 228 -74.26 7.37 25.39
N ARG C 229 -74.36 6.15 25.90
CA ARG C 229 -73.20 5.39 26.35
C ARG C 229 -72.72 4.52 25.19
N GLY C 230 -71.56 4.84 24.65
CA GLY C 230 -71.02 4.03 23.58
C GLY C 230 -70.63 2.64 24.08
N LYS C 231 -69.58 2.58 24.89
CA LYS C 231 -69.16 1.35 25.59
C LYS C 231 -68.77 0.25 24.61
N LYS C 232 -68.88 0.52 23.31
CA LYS C 232 -68.48 -0.44 22.29
C LYS C 232 -68.30 0.28 20.98
N LEU C 233 -67.11 0.14 20.39
CA LEU C 233 -66.80 0.69 19.08
C LEU C 233 -66.68 -0.48 18.13
N GLU C 234 -67.81 -0.90 17.58
CA GLU C 234 -67.87 -2.01 16.66
C GLU C 234 -68.16 -1.52 15.25
N PRO C 235 -67.63 -2.18 14.22
CA PRO C 235 -67.90 -1.75 12.85
C PRO C 235 -69.39 -1.75 12.54
N CYS C 236 -69.84 -0.67 11.91
CA CYS C 236 -71.21 -0.52 11.48
C CYS C 236 -71.28 -0.56 9.96
N ASP C 237 -72.51 -0.61 9.44
CA ASP C 237 -72.69 -0.87 8.01
C ASP C 237 -72.07 0.22 7.15
N ARG C 238 -72.22 1.47 7.56
CA ARG C 238 -71.77 2.60 6.74
C ARG C 238 -70.25 2.70 6.76
N VAL C 239 -69.63 2.69 5.58
N VAL C 239 -69.64 2.71 5.57
CA VAL C 239 -68.21 2.91 5.43
CA VAL C 239 -68.20 2.87 5.41
C VAL C 239 -68.01 3.92 4.32
C VAL C 239 -67.99 3.89 4.30
N LEU C 240 -66.82 4.53 4.30
CA LEU C 240 -66.48 5.51 3.28
C LEU C 240 -65.14 5.16 2.67
N PHE C 241 -65.12 5.04 1.35
CA PHE C 241 -63.92 4.81 0.56
C PHE C 241 -63.40 6.14 0.03
N SER C 242 -62.09 6.29 -0.02
CA SER C 242 -61.45 7.42 -0.67
C SER C 242 -60.42 6.83 -1.63
N VAL C 243 -60.75 6.85 -2.91
CA VAL C 243 -59.84 6.44 -3.98
C VAL C 243 -59.21 7.72 -4.51
N GLY C 244 -57.95 7.94 -4.15
CA GLY C 244 -57.37 9.25 -4.36
C GLY C 244 -58.16 10.25 -3.54
N SER C 245 -58.75 11.23 -4.22
CA SER C 245 -59.62 12.21 -3.58
C SER C 245 -61.09 11.95 -3.84
N THR C 246 -61.42 10.83 -4.48
CA THR C 246 -62.81 10.51 -4.80
C THR C 246 -63.45 9.76 -3.64
N LEU C 247 -64.59 10.27 -3.16
CA LEU C 247 -65.24 9.78 -1.97
C LEU C 247 -66.47 8.98 -2.35
N TYR C 248 -66.60 7.77 -1.78
CA TYR C 248 -67.72 6.88 -2.06
C TYR C 248 -68.30 6.29 -0.78
N PRO C 249 -69.56 6.53 -0.48
CA PRO C 249 -70.22 5.81 0.60
C PRO C 249 -70.54 4.38 0.18
N GLU C 250 -70.33 3.44 1.11
CA GLU C 250 -70.59 2.03 0.84
C GLU C 250 -71.23 1.39 2.06
N SER C 251 -71.92 0.28 1.82
CA SER C 251 -72.53 -0.53 2.85
C SER C 251 -71.68 -1.78 3.06
N ARG C 252 -71.41 -2.11 4.32
CA ARG C 252 -70.60 -3.30 4.61
C ARG C 252 -71.30 -4.57 4.13
N LYS C 253 -72.62 -4.64 4.29
CA LYS C 253 -73.34 -5.84 3.88
C LYS C 253 -73.30 -6.01 2.36
N LEU C 254 -73.42 -4.91 1.62
CA LEU C 254 -73.37 -4.99 0.15
C LEU C 254 -71.95 -5.30 -0.33
N LEU C 255 -70.93 -4.85 0.40
CA LEU C 255 -69.56 -5.21 0.06
C LEU C 255 -69.32 -6.70 0.32
N LYS C 256 -69.76 -7.19 1.48
CA LYS C 256 -69.56 -8.59 1.84
C LYS C 256 -70.36 -9.51 0.93
N SER C 257 -71.50 -9.04 0.41
CA SER C 257 -72.29 -9.86 -0.50
C SER C 257 -71.51 -10.22 -1.75
N TRP C 258 -70.55 -9.38 -2.15
CA TRP C 258 -69.74 -9.68 -3.32
C TRP C 258 -68.55 -10.58 -3.00
N HIS C 259 -68.32 -10.90 -1.73
CA HIS C 259 -67.35 -11.93 -1.35
C HIS C 259 -68.04 -13.29 -1.50
N LEU C 260 -68.24 -13.66 -2.74
CA LEU C 260 -69.01 -14.85 -3.08
C LEU C 260 -68.14 -16.11 -2.95
N PRO C 261 -68.75 -17.23 -2.58
CA PRO C 261 -67.99 -18.48 -2.51
C PRO C 261 -67.59 -18.97 -3.89
N SER C 262 -66.78 -20.02 -3.91
CA SER C 262 -66.39 -20.62 -5.17
C SER C 262 -67.60 -21.22 -5.90
N VAL C 263 -68.57 -21.72 -5.16
CA VAL C 263 -69.81 -22.24 -5.72
C VAL C 263 -70.98 -21.74 -4.87
N PHE C 264 -72.05 -21.31 -5.54
CA PHE C 264 -73.26 -20.92 -4.84
C PHE C 264 -74.46 -21.17 -5.74
N HIS C 265 -75.64 -21.15 -5.13
CA HIS C 265 -76.89 -21.49 -5.81
C HIS C 265 -77.89 -20.35 -5.63
N LEU C 266 -78.48 -19.91 -6.73
CA LEU C 266 -79.54 -18.91 -6.71
C LEU C 266 -80.85 -19.63 -7.03
N LYS C 267 -81.70 -19.78 -6.02
CA LYS C 267 -82.96 -20.49 -6.16
C LYS C 267 -84.12 -19.51 -6.18
N GLY C 268 -85.01 -19.67 -7.16
CA GLY C 268 -86.18 -18.83 -7.29
C GLY C 268 -87.17 -19.43 -8.25
N LYS C 269 -87.78 -18.59 -9.10
CA LYS C 269 -88.59 -19.13 -10.19
C LYS C 269 -87.73 -19.97 -11.12
N LEU C 270 -86.51 -19.51 -11.40
CA LEU C 270 -85.50 -20.29 -12.08
C LEU C 270 -84.30 -20.46 -11.16
N SER C 271 -83.67 -21.63 -11.24
CA SER C 271 -82.54 -21.96 -10.38
C SER C 271 -81.24 -21.88 -11.16
N PHE C 272 -80.16 -21.50 -10.49
CA PHE C 272 -78.89 -21.26 -11.14
C PHE C 272 -77.76 -21.73 -10.24
N THR C 273 -76.77 -22.39 -10.86
CA THR C 273 -75.55 -22.80 -10.18
C THR C 273 -74.42 -21.89 -10.67
N CYS C 274 -73.91 -21.04 -9.79
CA CYS C 274 -72.94 -20.03 -10.16
C CYS C 274 -71.61 -20.31 -9.47
N ARG C 275 -70.53 -19.95 -10.14
CA ARG C 275 -69.19 -20.13 -9.63
C ARG C 275 -68.44 -18.80 -9.69
N CYS C 276 -67.79 -18.42 -8.60
CA CYS C 276 -67.03 -17.19 -8.53
C CYS C 276 -65.55 -17.51 -8.41
N ASP C 277 -64.76 -17.03 -9.36
CA ASP C 277 -63.32 -17.21 -9.36
C ASP C 277 -62.65 -15.85 -9.53
N THR C 278 -61.65 -15.59 -8.69
CA THR C 278 -60.84 -14.38 -8.82
C THR C 278 -59.81 -14.63 -9.92
N VAL C 279 -59.96 -13.94 -11.05
CA VAL C 279 -59.10 -14.20 -12.20
C VAL C 279 -57.97 -13.19 -12.23
N VAL C 280 -58.18 -12.00 -11.67
CA VAL C 280 -57.12 -11.00 -11.57
C VAL C 280 -57.06 -10.50 -10.14
N SER C 281 -55.84 -10.38 -9.61
CA SER C 281 -55.66 -9.92 -8.24
C SER C 281 -54.33 -9.16 -8.15
N CYS C 282 -54.41 -7.83 -8.07
CA CYS C 282 -53.23 -6.98 -7.95
C CYS C 282 -53.40 -6.06 -6.73
N GLU C 283 -52.74 -6.43 -5.64
CA GLU C 283 -52.48 -5.53 -4.50
C GLU C 283 -53.75 -4.86 -3.99
N GLY C 284 -54.82 -5.64 -3.89
CA GLY C 284 -56.08 -5.18 -3.36
C GLY C 284 -57.18 -4.98 -4.38
N TYR C 285 -56.84 -4.95 -5.66
CA TYR C 285 -57.84 -4.83 -6.73
C TYR C 285 -58.04 -6.18 -7.37
N VAL C 286 -59.29 -6.62 -7.50
CA VAL C 286 -59.60 -7.95 -8.01
C VAL C 286 -60.62 -7.84 -9.13
N VAL C 287 -60.41 -8.66 -10.15
CA VAL C 287 -61.42 -9.00 -11.15
C VAL C 287 -61.85 -10.43 -10.90
N LYS C 288 -63.14 -10.60 -10.60
CA LYS C 288 -63.78 -11.88 -10.36
C LYS C 288 -64.64 -12.25 -11.57
N ARG C 289 -64.55 -13.50 -11.99
CA ARG C 289 -65.37 -14.03 -13.07
C ARG C 289 -66.41 -14.96 -12.46
N ILE C 290 -67.68 -14.61 -12.62
CA ILE C 290 -68.80 -15.43 -12.16
C ILE C 290 -69.40 -16.13 -13.36
N THR C 291 -69.50 -17.45 -13.28
CA THR C 291 -70.10 -18.26 -14.33
C THR C 291 -71.40 -18.86 -13.79
N MET C 292 -72.52 -18.48 -14.38
CA MET C 292 -73.83 -18.92 -13.94
C MET C 292 -74.41 -19.90 -14.95
N SER C 293 -75.09 -20.94 -14.45
CA SER C 293 -75.68 -21.97 -15.28
C SER C 293 -77.01 -22.40 -14.68
N PRO C 294 -78.06 -22.50 -15.48
CA PRO C 294 -79.35 -22.96 -14.95
C PRO C 294 -79.25 -24.38 -14.40
N GLY C 295 -79.93 -24.60 -13.28
CA GLY C 295 -79.90 -25.88 -12.59
C GLY C 295 -79.20 -25.78 -11.25
N LEU C 296 -79.32 -26.87 -10.49
CA LEU C 296 -78.78 -26.93 -9.14
C LEU C 296 -77.78 -28.07 -8.98
N TYR C 297 -76.84 -28.19 -9.91
CA TYR C 297 -75.84 -29.25 -9.85
C TYR C 297 -74.88 -29.02 -8.70
N GLY C 298 -74.34 -30.13 -8.19
CA GLY C 298 -73.30 -30.07 -7.18
C GLY C 298 -73.83 -29.66 -5.82
N LYS C 299 -72.87 -29.45 -4.92
CA LYS C 299 -73.14 -29.01 -3.56
C LYS C 299 -72.22 -27.85 -3.22
N THR C 300 -72.66 -27.04 -2.27
CA THR C 300 -71.95 -25.83 -1.87
C THR C 300 -71.41 -25.97 -0.46
N THR C 301 -70.14 -25.67 -0.28
CA THR C 301 -69.51 -25.68 1.03
C THR C 301 -69.68 -24.37 1.77
N GLY C 302 -70.15 -23.32 1.11
CA GLY C 302 -70.28 -22.02 1.74
C GLY C 302 -68.97 -21.41 2.17
N TYR C 303 -67.90 -21.66 1.41
CA TYR C 303 -66.58 -21.16 1.75
C TYR C 303 -66.05 -20.29 0.62
N ALA C 304 -65.61 -19.09 0.97
CA ALA C 304 -64.97 -18.17 0.04
C ALA C 304 -63.49 -18.09 0.40
N VAL C 305 -62.63 -18.24 -0.60
CA VAL C 305 -61.18 -18.28 -0.41
C VAL C 305 -60.55 -17.09 -1.10
N THR C 306 -59.70 -16.37 -0.38
CA THR C 306 -58.89 -15.29 -0.93
C THR C 306 -57.43 -15.70 -0.84
N HIS C 307 -56.79 -15.88 -1.98
CA HIS C 307 -55.35 -16.11 -2.02
C HIS C 307 -54.61 -14.79 -1.85
N HIS C 308 -53.49 -14.83 -1.14
CA HIS C 308 -52.72 -13.63 -0.82
C HIS C 308 -51.38 -13.70 -1.54
N ALA C 309 -51.30 -13.04 -2.69
CA ALA C 309 -50.00 -12.82 -3.33
C ALA C 309 -49.12 -11.93 -2.47
N ASP C 310 -49.71 -10.91 -1.86
N ASP C 310 -49.71 -10.91 -1.86
CA ASP C 310 -49.03 -10.02 -0.93
CA ASP C 310 -49.02 -10.03 -0.92
C ASP C 310 -49.60 -10.22 0.47
C ASP C 310 -49.61 -10.20 0.46
N GLY C 311 -48.84 -9.80 1.47
CA GLY C 311 -49.28 -9.96 2.84
C GLY C 311 -50.52 -9.13 3.13
N PHE C 312 -51.43 -9.70 3.92
CA PHE C 312 -52.63 -9.02 4.38
C PHE C 312 -52.56 -8.93 5.90
N LEU C 313 -52.78 -7.73 6.43
CA LEU C 313 -52.69 -7.50 7.86
C LEU C 313 -53.99 -6.90 8.36
N MET C 314 -54.58 -7.52 9.39
CA MET C 314 -55.61 -6.88 10.20
C MET C 314 -55.08 -6.80 11.63
N CYS C 315 -54.82 -5.60 12.09
CA CYS C 315 -54.14 -5.41 13.37
C CYS C 315 -54.94 -4.47 14.25
N LYS C 316 -54.93 -4.77 15.55
CA LYS C 316 -55.46 -3.83 16.52
C LYS C 316 -54.55 -2.61 16.59
N THR C 317 -55.14 -1.43 16.53
CA THR C 317 -54.40 -0.19 16.67
C THR C 317 -55.15 0.74 17.61
N THR C 318 -54.39 1.53 18.35
CA THR C 318 -54.92 2.50 19.30
C THR C 318 -54.79 3.89 18.69
N ASP C 319 -55.92 4.56 18.52
CA ASP C 319 -55.96 5.91 17.99
C ASP C 319 -56.81 6.77 18.91
N THR C 320 -57.01 8.03 18.53
CA THR C 320 -57.92 8.92 19.22
C THR C 320 -58.97 9.37 18.21
N VAL C 321 -60.21 8.94 18.43
CA VAL C 321 -61.35 9.39 17.64
C VAL C 321 -62.04 10.49 18.42
N ASP C 322 -62.10 11.69 17.81
CA ASP C 322 -62.63 12.88 18.47
C ASP C 322 -61.97 13.12 19.82
N GLY C 323 -60.68 12.83 19.91
CA GLY C 323 -59.92 13.01 21.13
C GLY C 323 -59.99 11.85 22.10
N GLU C 324 -60.91 10.91 21.91
CA GLU C 324 -61.07 9.78 22.81
C GLU C 324 -60.17 8.64 22.37
N ARG C 325 -59.33 8.16 23.29
CA ARG C 325 -58.43 7.05 22.98
C ARG C 325 -59.23 5.75 22.90
N VAL C 326 -59.23 5.14 21.73
CA VAL C 326 -59.94 3.89 21.47
C VAL C 326 -59.01 2.95 20.71
N SER C 327 -59.40 1.69 20.66
CA SER C 327 -58.68 0.66 19.92
C SER C 327 -59.62 -0.01 18.93
N PHE C 328 -59.16 -0.17 17.70
CA PHE C 328 -59.98 -0.79 16.66
C PHE C 328 -59.08 -1.45 15.63
N SER C 329 -59.69 -2.29 14.80
CA SER C 329 -58.95 -3.07 13.81
C SER C 329 -58.73 -2.27 12.54
N VAL C 330 -57.51 -2.35 12.01
CA VAL C 330 -57.13 -1.67 10.78
C VAL C 330 -56.49 -2.70 9.86
N CYS C 331 -56.95 -2.75 8.62
CA CYS C 331 -56.41 -3.66 7.62
C CYS C 331 -55.48 -2.92 6.66
N THR C 332 -54.63 -3.69 6.01
CA THR C 332 -53.67 -3.14 5.04
C THR C 332 -53.07 -4.28 4.25
N TYR C 333 -52.48 -3.92 3.11
CA TYR C 333 -51.73 -4.83 2.27
C TYR C 333 -50.26 -4.46 2.31
N VAL C 334 -49.41 -5.44 2.59
CA VAL C 334 -47.96 -5.27 2.65
C VAL C 334 -47.35 -5.99 1.45
N PRO C 335 -46.43 -5.36 0.72
CA PRO C 335 -45.84 -6.03 -0.44
C PRO C 335 -45.14 -7.32 -0.04
N ALA C 336 -45.19 -8.30 -0.95
CA ALA C 336 -44.67 -9.62 -0.65
C ALA C 336 -43.18 -9.60 -0.36
N THR C 337 -42.43 -8.73 -1.04
CA THR C 337 -41.00 -8.62 -0.77
C THR C 337 -40.74 -8.13 0.64
N ILE C 338 -41.52 -7.14 1.10
CA ILE C 338 -41.37 -6.65 2.47
C ILE C 338 -41.71 -7.76 3.46
N CYS C 339 -42.79 -8.51 3.19
CA CYS C 339 -43.17 -9.59 4.09
C CYS C 339 -42.10 -10.67 4.15
N ASP C 340 -41.49 -10.99 3.01
CA ASP C 340 -40.45 -12.01 3.00
C ASP C 340 -39.19 -11.54 3.71
N GLN C 341 -38.82 -10.27 3.55
CA GLN C 341 -37.64 -9.75 4.22
C GLN C 341 -37.83 -9.60 5.72
N MET C 342 -39.06 -9.68 6.22
CA MET C 342 -39.31 -9.60 7.65
C MET C 342 -39.42 -10.97 8.31
N THR C 343 -39.26 -12.06 7.55
CA THR C 343 -39.46 -13.39 8.10
C THR C 343 -38.44 -13.70 9.19
N GLY C 344 -37.18 -13.34 8.96
CA GLY C 344 -36.15 -13.65 9.95
C GLY C 344 -36.32 -12.87 11.25
N ILE C 345 -36.59 -11.56 11.15
CA ILE C 345 -36.64 -10.73 12.34
C ILE C 345 -37.90 -11.02 13.16
N LEU C 346 -38.93 -11.61 12.56
CA LEU C 346 -40.14 -11.95 13.29
C LEU C 346 -40.02 -13.28 14.03
N ALA C 347 -38.89 -13.97 13.91
CA ALA C 347 -38.67 -15.17 14.70
C ALA C 347 -38.59 -14.86 16.18
N THR C 348 -38.02 -13.71 16.53
CA THR C 348 -37.91 -13.26 17.90
C THR C 348 -38.98 -12.20 18.18
N GLU C 349 -39.04 -11.77 19.43
CA GLU C 349 -39.97 -10.71 19.83
C GLU C 349 -39.33 -9.36 19.54
N VAL C 350 -39.91 -8.62 18.61
CA VAL C 350 -39.40 -7.33 18.18
C VAL C 350 -40.35 -6.25 18.64
N THR C 351 -39.80 -5.17 19.19
CA THR C 351 -40.63 -4.05 19.58
C THR C 351 -41.16 -3.32 18.35
N PRO C 352 -42.28 -2.62 18.47
CA PRO C 352 -42.80 -1.85 17.32
C PRO C 352 -41.81 -0.81 16.81
N GLU C 353 -41.00 -0.23 17.68
N GLU C 353 -41.01 -0.22 17.68
CA GLU C 353 -40.02 0.76 17.23
CA GLU C 353 -40.02 0.76 17.23
C GLU C 353 -38.94 0.11 16.38
C GLU C 353 -38.93 0.11 16.38
N ASP C 354 -38.39 -1.01 16.85
CA ASP C 354 -37.38 -1.73 16.07
C ASP C 354 -37.98 -2.27 14.77
N ALA C 355 -39.21 -2.79 14.84
CA ALA C 355 -39.87 -3.27 13.63
C ALA C 355 -40.08 -2.15 12.64
N GLN C 356 -40.47 -0.96 13.12
CA GLN C 356 -40.66 0.17 12.22
C GLN C 356 -39.36 0.64 11.61
N LYS C 357 -38.28 0.66 12.40
CA LYS C 357 -36.98 1.03 11.85
C LYS C 357 -36.52 0.03 10.79
N LEU C 358 -36.72 -1.26 11.05
CA LEU C 358 -36.36 -2.27 10.06
C LEU C 358 -37.22 -2.15 8.80
N LEU C 359 -38.51 -1.87 8.96
CA LEU C 359 -39.37 -1.69 7.80
C LEU C 359 -38.95 -0.49 6.97
N VAL C 360 -38.57 0.61 7.64
CA VAL C 360 -38.09 1.78 6.93
C VAL C 360 -36.80 1.46 6.18
N GLY C 361 -35.90 0.71 6.82
CA GLY C 361 -34.68 0.30 6.15
C GLY C 361 -34.94 -0.57 4.94
N LEU C 362 -35.93 -1.47 5.04
CA LEU C 362 -36.28 -2.32 3.91
C LEU C 362 -37.05 -1.57 2.83
N ASN C 363 -37.67 -0.45 3.18
CA ASN C 363 -38.50 0.30 2.23
C ASN C 363 -37.69 1.21 1.32
N GLN C 364 -36.38 1.37 1.57
CA GLN C 364 -35.56 2.27 0.76
C GLN C 364 -35.34 1.70 -0.64
N THR C 376 -37.15 5.95 -3.53
CA THR C 376 -38.19 5.00 -3.91
C THR C 376 -38.62 4.15 -2.71
N ASN C 377 -39.93 3.99 -2.55
CA ASN C 377 -40.50 3.20 -1.47
C ASN C 377 -41.29 2.04 -2.04
N THR C 378 -40.98 0.83 -1.56
CA THR C 378 -41.75 -0.34 -1.98
C THR C 378 -43.19 -0.25 -1.49
N MET C 379 -43.39 0.21 -0.26
CA MET C 379 -44.71 0.37 0.32
C MET C 379 -44.88 1.79 0.84
N LYS C 380 -46.13 2.23 0.88
CA LYS C 380 -46.44 3.56 1.38
C LYS C 380 -46.03 3.68 2.84
N ASN C 381 -45.36 4.79 3.17
CA ASN C 381 -44.79 4.94 4.50
C ASN C 381 -45.84 5.20 5.57
N TYR C 382 -47.01 5.73 5.20
CA TYR C 382 -48.02 6.06 6.19
C TYR C 382 -48.61 4.82 6.84
N MET C 383 -48.48 3.65 6.23
CA MET C 383 -48.86 2.39 6.85
C MET C 383 -47.70 1.68 7.53
N ILE C 384 -46.48 2.19 7.41
CA ILE C 384 -45.34 1.54 8.05
C ILE C 384 -45.49 1.45 9.56
N PRO C 385 -45.89 2.50 10.28
CA PRO C 385 -46.00 2.34 11.76
C PRO C 385 -46.99 1.27 12.18
N VAL C 386 -48.24 1.35 11.71
CA VAL C 386 -49.25 0.39 12.13
C VAL C 386 -48.83 -1.03 11.76
N VAL C 387 -48.35 -1.20 10.52
CA VAL C 387 -47.83 -2.50 10.10
C VAL C 387 -46.77 -2.98 11.07
N ALA C 388 -45.85 -2.09 11.43
CA ALA C 388 -44.81 -2.43 12.40
C ALA C 388 -45.45 -2.98 13.67
N GLN C 389 -46.40 -2.23 14.24
CA GLN C 389 -47.10 -2.71 15.42
C GLN C 389 -47.67 -4.10 15.16
N ALA C 390 -48.39 -4.25 14.04
CA ALA C 390 -48.91 -5.55 13.66
C ALA C 390 -47.83 -6.60 13.73
N PHE C 391 -46.74 -6.40 13.00
CA PHE C 391 -45.68 -7.39 12.97
C PHE C 391 -45.21 -7.69 14.38
N SER C 392 -44.94 -6.63 15.15
CA SER C 392 -44.48 -6.84 16.52
C SER C 392 -45.46 -7.71 17.27
N LYS C 393 -46.74 -7.32 17.26
CA LYS C 393 -47.74 -8.09 17.98
C LYS C 393 -47.74 -9.53 17.47
N TRP C 394 -47.73 -9.69 16.15
CA TRP C 394 -47.73 -11.03 15.57
C TRP C 394 -46.59 -11.85 16.13
N ALA C 395 -45.38 -11.29 16.11
CA ALA C 395 -44.23 -12.01 16.62
C ALA C 395 -44.47 -12.40 18.06
N LYS C 396 -44.89 -11.44 18.88
CA LYS C 396 -45.17 -11.72 20.29
C LYS C 396 -46.14 -12.87 20.41
N GLU C 397 -47.24 -12.81 19.66
CA GLU C 397 -48.25 -13.85 19.76
C GLU C 397 -47.66 -15.21 19.39
N CYS C 398 -46.86 -15.25 18.32
CA CYS C 398 -46.26 -16.51 17.93
C CYS C 398 -45.39 -17.06 19.05
N ARG C 399 -44.61 -16.19 19.68
CA ARG C 399 -43.78 -16.64 20.80
C ARG C 399 -44.65 -17.23 21.90
N LYS C 400 -45.78 -16.57 22.19
CA LYS C 400 -46.69 -17.12 23.19
C LYS C 400 -47.19 -18.49 22.77
N ASP C 401 -47.55 -18.63 21.49
CA ASP C 401 -48.00 -19.93 21.01
C ASP C 401 -46.90 -20.97 21.15
N MET C 402 -45.64 -20.57 21.02
CA MET C 402 -44.53 -21.49 21.21
C MET C 402 -44.21 -21.72 22.69
N GLU C 403 -44.60 -20.80 23.56
CA GLU C 403 -44.31 -20.93 24.98
C GLU C 403 -45.45 -21.60 25.75
N ASP C 404 -46.58 -21.84 25.10
CA ASP C 404 -47.75 -22.48 25.70
C ASP C 404 -48.18 -23.66 24.85
N GLU C 405 -47.21 -24.50 24.50
CA GLU C 405 -47.46 -25.66 23.65
C GLU C 405 -48.37 -26.64 24.36
N LYS C 406 -49.47 -27.00 23.70
CA LYS C 406 -50.44 -27.92 24.26
C LYS C 406 -50.07 -29.35 23.90
N LEU C 407 -50.96 -30.29 24.22
CA LEU C 407 -50.75 -31.68 23.85
C LEU C 407 -51.44 -31.96 22.51
N LEU C 408 -50.90 -32.93 21.78
CA LEU C 408 -51.44 -33.25 20.46
C LEU C 408 -52.85 -33.82 20.58
N GLY C 409 -53.78 -33.23 19.84
CA GLY C 409 -55.11 -33.77 19.73
C GLY C 409 -55.95 -33.75 20.98
N VAL C 410 -55.66 -32.84 21.91
CA VAL C 410 -56.45 -32.71 23.13
C VAL C 410 -56.81 -31.25 23.33
N ARG C 411 -57.87 -31.02 24.11
CA ARG C 411 -58.31 -29.69 24.48
C ARG C 411 -58.64 -29.68 25.97
N GLU C 412 -58.56 -28.49 26.56
CA GLU C 412 -58.70 -28.37 28.01
C GLU C 412 -59.94 -27.55 28.38
N ARG C 413 -61.05 -27.80 27.71
CA ARG C 413 -62.29 -27.12 28.04
C ARG C 413 -62.79 -27.56 29.41
N THR C 414 -63.20 -26.60 30.23
CA THR C 414 -63.59 -26.86 31.61
C THR C 414 -65.10 -26.78 31.77
N LEU C 415 -65.63 -27.69 32.59
CA LEU C 415 -67.06 -27.71 32.88
C LEU C 415 -67.44 -26.55 33.78
N THR C 416 -68.61 -25.97 33.53
CA THR C 416 -69.10 -24.81 34.27
C THR C 416 -70.49 -25.12 34.84
N CYS C 417 -70.52 -25.83 35.97
CA CYS C 417 -71.71 -26.04 36.79
C CYS C 417 -72.90 -26.60 36.02
N CYS C 418 -72.68 -27.16 34.84
CA CYS C 418 -73.77 -27.65 34.00
C CYS C 418 -73.20 -28.67 33.01
N CYS C 419 -73.93 -28.92 31.94
CA CYS C 419 -73.42 -29.70 30.81
C CYS C 419 -72.77 -28.83 29.75
N LEU C 420 -72.34 -27.62 30.12
CA LEU C 420 -71.76 -26.67 29.18
C LEU C 420 -70.26 -26.58 29.39
N TRP C 421 -69.49 -26.63 28.30
CA TRP C 421 -68.05 -26.62 28.35
C TRP C 421 -67.51 -25.32 27.76
N ALA C 422 -66.52 -24.73 28.43
CA ALA C 422 -65.96 -23.46 28.03
C ALA C 422 -64.45 -23.54 27.98
N PHE C 423 -63.85 -22.86 27.01
CA PHE C 423 -62.41 -22.77 26.86
C PHE C 423 -61.96 -21.32 26.99
N LYS C 424 -60.65 -21.13 27.08
CA LYS C 424 -60.05 -19.82 27.21
C LYS C 424 -59.59 -19.33 25.83
N LYS C 425 -60.07 -18.15 25.44
CA LYS C 425 -59.64 -17.52 24.21
C LYS C 425 -58.40 -16.69 24.47
N GLN C 426 -57.50 -16.68 23.49
CA GLN C 426 -56.24 -15.96 23.64
C GLN C 426 -56.33 -14.57 23.03
N LYS C 427 -55.40 -13.71 23.42
CA LYS C 427 -55.30 -12.39 22.84
C LYS C 427 -54.82 -12.49 21.39
N THR C 428 -55.65 -12.02 20.46
CA THR C 428 -55.30 -12.00 19.04
C THR C 428 -55.41 -10.55 18.56
N HIS C 429 -54.29 -9.85 18.55
CA HIS C 429 -54.25 -8.47 18.09
C HIS C 429 -53.77 -8.33 16.66
N THR C 430 -53.39 -9.44 16.01
CA THR C 430 -52.91 -9.39 14.63
C THR C 430 -53.33 -10.65 13.90
N VAL C 431 -53.98 -10.46 12.76
CA VAL C 431 -54.17 -11.50 11.76
C VAL C 431 -53.24 -11.17 10.61
N TYR C 432 -52.24 -12.02 10.40
CA TYR C 432 -51.20 -11.80 9.39
C TYR C 432 -51.28 -12.95 8.40
N LYS C 433 -51.93 -12.70 7.27
CA LYS C 433 -51.97 -13.65 6.17
C LYS C 433 -50.76 -13.38 5.29
N ARG C 434 -49.75 -14.24 5.42
CA ARG C 434 -48.50 -14.05 4.69
C ARG C 434 -48.72 -14.31 3.20
N PRO C 435 -47.81 -13.82 2.35
CA PRO C 435 -47.90 -14.13 0.93
C PRO C 435 -47.90 -15.64 0.70
N ASP C 436 -48.69 -16.07 -0.28
CA ASP C 436 -48.91 -17.47 -0.66
C ASP C 436 -49.78 -18.22 0.35
N THR C 437 -50.45 -17.51 1.26
CA THR C 437 -51.44 -18.11 2.13
C THR C 437 -52.83 -17.84 1.56
N GLN C 438 -53.84 -18.43 2.20
CA GLN C 438 -55.22 -18.25 1.77
C GLN C 438 -56.10 -18.03 2.98
N SER C 439 -56.90 -16.97 2.94
CA SER C 439 -57.94 -16.75 3.92
C SER C 439 -59.20 -17.45 3.46
N ILE C 440 -59.91 -18.06 4.41
CA ILE C 440 -61.11 -18.84 4.10
C ILE C 440 -62.22 -18.39 5.03
N GLN C 441 -63.37 -18.03 4.45
CA GLN C 441 -64.48 -17.46 5.18
C GLN C 441 -65.73 -18.29 4.93
N LYS C 442 -66.56 -18.43 5.97
CA LYS C 442 -67.85 -19.10 5.85
C LYS C 442 -68.89 -18.07 5.44
N VAL C 443 -69.39 -18.18 4.21
CA VAL C 443 -70.35 -17.24 3.66
C VAL C 443 -71.59 -18.01 3.23
N GLN C 444 -72.66 -17.27 2.97
CA GLN C 444 -73.88 -17.89 2.45
C GLN C 444 -73.66 -18.30 1.00
N ALA C 445 -74.06 -19.53 0.67
CA ALA C 445 -73.93 -20.06 -0.68
C ALA C 445 -75.25 -20.49 -1.28
N GLU C 446 -76.36 -20.32 -0.56
CA GLU C 446 -77.69 -20.62 -1.09
C GLU C 446 -78.55 -19.37 -0.92
N PHE C 447 -79.08 -18.86 -2.02
CA PHE C 447 -79.82 -17.61 -2.03
C PHE C 447 -81.20 -17.84 -2.62
N ASP C 448 -82.23 -17.48 -1.85
CA ASP C 448 -83.61 -17.57 -2.34
C ASP C 448 -84.45 -16.39 -1.89
N SER C 449 -83.84 -15.26 -1.56
CA SER C 449 -84.55 -14.11 -1.00
C SER C 449 -84.26 -12.85 -1.83
N PHE C 450 -84.42 -12.96 -3.14
CA PHE C 450 -84.24 -11.82 -4.03
C PHE C 450 -85.47 -10.91 -4.00
N SER C 458 -87.31 4.68 -12.67
CA SER C 458 -88.06 5.91 -12.84
C SER C 458 -87.39 7.08 -12.11
N GLY C 459 -86.21 7.46 -12.59
CA GLY C 459 -85.45 8.54 -11.99
C GLY C 459 -85.02 9.58 -13.00
N LEU C 460 -85.89 9.87 -13.97
CA LEU C 460 -85.60 10.81 -15.04
C LEU C 460 -86.38 12.10 -14.82
N SER C 461 -85.78 13.22 -15.20
CA SER C 461 -86.37 14.54 -15.00
C SER C 461 -86.44 15.30 -16.31
N ILE C 462 -87.41 16.21 -16.39
CA ILE C 462 -87.64 16.97 -17.63
C ILE C 462 -86.43 17.81 -18.02
N PRO C 463 -85.81 18.61 -17.13
CA PRO C 463 -84.64 19.39 -17.56
C PRO C 463 -83.51 18.54 -18.11
N LEU C 464 -83.26 17.36 -17.53
CA LEU C 464 -82.22 16.49 -18.07
C LEU C 464 -82.60 15.98 -19.46
N ARG C 465 -83.88 15.65 -19.67
CA ARG C 465 -84.34 15.22 -20.98
C ARG C 465 -84.12 16.32 -22.01
N THR C 466 -84.48 17.56 -21.65
CA THR C 466 -84.29 18.67 -22.57
C THR C 466 -82.81 18.91 -22.86
N ARG C 467 -81.97 18.82 -21.83
CA ARG C 467 -80.53 19.01 -22.02
C ARG C 467 -79.96 17.94 -22.95
N ILE C 468 -80.35 16.68 -22.75
CA ILE C 468 -79.86 15.62 -23.61
C ILE C 468 -80.35 15.81 -25.05
N LYS C 469 -81.63 16.16 -25.21
CA LYS C 469 -82.18 16.34 -26.55
C LYS C 469 -81.55 17.53 -27.27
N TRP C 470 -81.11 18.54 -26.52
CA TRP C 470 -80.52 19.72 -27.15
C TRP C 470 -79.23 19.39 -27.88
N LEU C 471 -78.50 18.36 -27.43
CA LEU C 471 -77.26 17.95 -28.07
C LEU C 471 -77.46 16.86 -29.11
N LEU C 472 -78.71 16.47 -29.38
CA LEU C 472 -79.00 15.43 -30.37
C LEU C 472 -80.01 15.94 -31.39
N PRO D 3 -44.43 24.34 -25.69
CA PRO D 3 -45.76 24.80 -26.08
C PRO D 3 -46.44 25.61 -24.99
N VAL D 4 -46.13 25.30 -23.73
CA VAL D 4 -46.59 26.09 -22.59
C VAL D 4 -45.36 26.61 -21.87
N TYR D 5 -45.30 27.94 -21.70
CA TYR D 5 -44.13 28.62 -21.16
C TYR D 5 -44.48 29.26 -19.83
N VAL D 6 -43.64 29.04 -18.83
CA VAL D 6 -43.87 29.54 -17.48
C VAL D 6 -42.77 30.52 -17.12
N ASP D 7 -43.16 31.62 -16.48
CA ASP D 7 -42.22 32.68 -16.08
C ASP D 7 -41.58 32.28 -14.75
N ILE D 8 -40.71 31.28 -14.81
CA ILE D 8 -39.93 30.83 -13.67
C ILE D 8 -38.50 30.55 -14.12
N ASP D 9 -37.60 30.49 -13.14
CA ASP D 9 -36.19 30.23 -13.43
C ASP D 9 -36.04 28.82 -14.00
N ALA D 10 -35.12 28.67 -14.93
CA ALA D 10 -34.87 27.37 -15.54
C ALA D 10 -34.31 26.35 -14.55
N ASP D 11 -33.73 26.82 -13.44
CA ASP D 11 -33.18 25.95 -12.42
C ASP D 11 -34.10 25.81 -11.21
N SER D 12 -35.36 26.23 -11.34
CA SER D 12 -36.29 26.15 -10.22
C SER D 12 -36.65 24.71 -9.92
N ALA D 13 -36.61 24.35 -8.64
CA ALA D 13 -37.06 23.02 -8.22
C ALA D 13 -38.57 22.85 -8.35
N PHE D 14 -39.30 23.96 -8.44
CA PHE D 14 -40.75 23.90 -8.63
C PHE D 14 -41.12 23.44 -10.05
N LEU D 15 -40.17 23.51 -10.98
CA LEU D 15 -40.48 23.12 -12.36
C LEU D 15 -40.82 21.64 -12.45
N LYS D 16 -40.11 20.79 -11.70
CA LYS D 16 -40.41 19.37 -11.71
C LYS D 16 -41.81 19.09 -11.17
N ALA D 17 -42.16 19.74 -10.06
CA ALA D 17 -43.49 19.56 -9.50
C ALA D 17 -44.58 20.04 -10.45
N LEU D 18 -44.33 21.17 -11.12
CA LEU D 18 -45.31 21.70 -12.07
C LEU D 18 -45.44 20.80 -13.28
N GLN D 19 -44.33 20.20 -13.73
CA GLN D 19 -44.40 19.24 -14.82
C GLN D 19 -45.20 18.01 -14.41
N ARG D 20 -45.00 17.54 -13.18
CA ARG D 20 -45.77 16.40 -12.71
CA ARG D 20 -45.77 16.39 -12.70
C ARG D 20 -47.25 16.73 -12.61
N ALA D 21 -47.57 17.94 -12.15
CA ALA D 21 -48.97 18.36 -12.03
C ALA D 21 -49.62 18.58 -13.39
N TYR D 22 -48.83 18.78 -14.44
CA TYR D 22 -49.35 18.97 -15.80
C TYR D 22 -48.55 18.09 -16.76
N PRO D 23 -48.72 16.77 -16.69
CA PRO D 23 -47.95 15.88 -17.59
C PRO D 23 -48.34 16.00 -19.05
N MET D 24 -49.54 16.52 -19.35
CA MET D 24 -50.00 16.65 -20.73
C MET D 24 -49.40 17.83 -21.46
N PHE D 25 -48.73 18.74 -20.75
CA PHE D 25 -48.08 19.88 -21.36
C PHE D 25 -46.57 19.73 -21.27
N GLU D 26 -45.88 20.37 -22.20
CA GLU D 26 -44.42 20.49 -22.16
C GLU D 26 -44.11 21.82 -21.51
N VAL D 27 -43.92 21.79 -20.20
CA VAL D 27 -43.72 23.01 -19.42
C VAL D 27 -42.28 23.48 -19.63
N GLU D 28 -42.13 24.69 -20.18
CA GLU D 28 -40.82 25.24 -20.48
C GLU D 28 -40.59 26.49 -19.65
N PRO D 29 -39.53 26.55 -18.84
CA PRO D 29 -39.28 27.77 -18.04
C PRO D 29 -38.74 28.89 -18.92
N ARG D 30 -39.49 29.98 -18.98
CA ARG D 30 -39.09 31.18 -19.72
C ARG D 30 -39.23 32.36 -18.77
N GLN D 31 -38.20 32.60 -17.97
CA GLN D 31 -38.26 33.63 -16.93
C GLN D 31 -38.09 35.01 -17.56
N VAL D 32 -39.09 35.86 -17.40
CA VAL D 32 -39.03 37.22 -17.91
C VAL D 32 -39.15 38.27 -16.82
N THR D 33 -39.66 37.93 -15.64
CA THR D 33 -39.77 38.84 -14.51
C THR D 33 -39.28 38.15 -13.25
N PRO D 34 -38.79 38.92 -12.26
CA PRO D 34 -38.39 38.35 -10.97
C PRO D 34 -39.54 38.30 -9.97
N ASN D 35 -40.66 37.70 -10.38
CA ASN D 35 -41.84 37.70 -9.54
C ASN D 35 -41.63 36.86 -8.30
N ASP D 36 -41.93 37.44 -7.13
CA ASP D 36 -41.77 36.72 -5.88
C ASP D 36 -42.89 35.73 -5.63
N HIS D 37 -43.93 35.72 -6.46
CA HIS D 37 -44.93 34.67 -6.45
C HIS D 37 -45.04 34.08 -7.86
N ALA D 38 -43.88 33.81 -8.47
CA ALA D 38 -43.85 33.29 -9.83
C ALA D 38 -44.42 31.88 -9.91
N ASN D 39 -44.22 31.08 -8.86
CA ASN D 39 -44.73 29.71 -8.87
C ASN D 39 -46.26 29.69 -8.95
N ALA D 40 -46.92 30.54 -8.17
CA ALA D 40 -48.38 30.59 -8.20
C ALA D 40 -48.89 31.06 -9.56
N ARG D 41 -48.22 32.05 -10.16
CA ARG D 41 -48.62 32.51 -11.47
C ARG D 41 -48.44 31.43 -12.52
N ALA D 42 -47.33 30.69 -12.45
CA ALA D 42 -47.09 29.61 -13.39
C ALA D 42 -48.14 28.51 -13.25
N PHE D 43 -48.48 28.16 -12.00
CA PHE D 43 -49.51 27.15 -11.79
C PHE D 43 -50.86 27.63 -12.32
N SER D 44 -51.20 28.90 -12.10
CA SER D 44 -52.49 29.41 -12.57
C SER D 44 -52.53 29.47 -14.09
N HIS D 45 -51.42 29.84 -14.72
CA HIS D 45 -51.36 29.87 -16.18
C HIS D 45 -51.53 28.47 -16.76
N LEU D 46 -50.84 27.48 -16.18
CA LEU D 46 -51.00 26.11 -16.64
C LEU D 46 -52.41 25.60 -16.37
N ALA D 47 -53.02 26.04 -15.27
CA ALA D 47 -54.39 25.65 -14.97
C ALA D 47 -55.35 26.19 -16.01
N ILE D 48 -55.17 27.45 -16.41
CA ILE D 48 -56.04 28.02 -17.44
C ILE D 48 -55.81 27.33 -18.78
N LYS D 49 -54.57 26.99 -19.09
CA LYS D 49 -54.29 26.25 -20.32
C LYS D 49 -55.00 24.89 -20.31
N LEU D 50 -54.93 24.18 -19.19
N LEU D 50 -54.93 24.18 -19.19
CA LEU D 50 -55.59 22.88 -19.09
CA LEU D 50 -55.59 22.89 -19.07
C LEU D 50 -57.11 23.02 -19.16
C LEU D 50 -57.10 23.02 -19.16
N ILE D 51 -57.67 24.04 -18.51
CA ILE D 51 -59.11 24.25 -18.54
C ILE D 51 -59.58 24.52 -19.97
N GLU D 52 -58.83 25.36 -20.69
CA GLU D 52 -59.16 25.61 -22.09
C GLU D 52 -59.04 24.33 -22.92
N GLN D 53 -58.00 23.53 -22.68
CA GLN D 53 -57.85 22.29 -23.41
C GLN D 53 -58.98 21.31 -23.13
N GLU D 54 -59.57 21.39 -21.93
CA GLU D 54 -60.64 20.45 -21.57
C GLU D 54 -61.96 20.81 -22.22
N ILE D 55 -62.34 22.08 -22.17
CA ILE D 55 -63.68 22.48 -22.61
C ILE D 55 -63.71 22.70 -24.11
N ASP D 56 -64.90 22.55 -24.68
CA ASP D 56 -65.07 22.67 -26.12
C ASP D 56 -64.86 24.10 -26.58
N PRO D 57 -64.27 24.30 -27.76
CA PRO D 57 -64.06 25.67 -28.28
C PRO D 57 -65.35 26.43 -28.54
N ASP D 58 -66.48 25.74 -28.71
CA ASP D 58 -67.76 26.38 -28.98
C ASP D 58 -68.47 26.84 -27.71
N SER D 59 -67.75 26.99 -26.61
CA SER D 59 -68.33 27.28 -25.32
C SER D 59 -68.12 28.74 -24.93
N THR D 60 -69.11 29.31 -24.26
CA THR D 60 -69.01 30.65 -23.68
C THR D 60 -68.58 30.50 -22.23
N ILE D 61 -67.56 31.27 -21.84
CA ILE D 61 -66.87 31.07 -20.58
C ILE D 61 -67.11 32.29 -19.70
N LEU D 62 -67.84 32.13 -18.61
CA LEU D 62 -67.94 33.18 -17.61
C LEU D 62 -66.67 33.16 -16.76
N ASP D 63 -65.95 34.27 -16.74
CA ASP D 63 -64.68 34.37 -16.03
C ASP D 63 -64.92 35.26 -14.82
N ILE D 64 -65.23 34.62 -13.69
CA ILE D 64 -65.72 35.32 -12.50
C ILE D 64 -64.55 35.95 -11.75
N GLY D 65 -64.72 37.21 -11.36
CA GLY D 65 -63.78 37.89 -10.50
C GLY D 65 -62.39 38.06 -11.08
N SER D 66 -62.31 38.46 -12.35
CA SER D 66 -61.03 38.60 -13.02
C SER D 66 -61.08 39.82 -13.93
N ALA D 67 -60.07 39.95 -14.79
CA ALA D 67 -59.95 41.03 -15.74
C ALA D 67 -59.82 40.49 -17.15
N PRO D 68 -60.42 41.15 -18.14
CA PRO D 68 -60.34 40.63 -19.52
C PRO D 68 -58.98 40.85 -20.16
N ALA D 69 -58.10 41.66 -19.56
CA ALA D 69 -56.78 41.88 -20.13
C ALA D 69 -56.01 40.57 -20.30
N ARG D 70 -56.21 39.63 -19.38
CA ARG D 70 -55.56 38.33 -19.45
C ARG D 70 -56.41 37.28 -20.18
N ARG D 71 -57.59 37.66 -20.68
N ARG D 71 -57.59 37.64 -20.67
CA ARG D 71 -58.49 36.74 -21.37
CA ARG D 71 -58.45 36.71 -21.38
C ARG D 71 -58.76 37.16 -22.81
C ARG D 71 -58.79 37.23 -22.78
N MET D 72 -57.86 37.93 -23.41
CA MET D 72 -58.06 38.48 -24.74
C MET D 72 -57.28 37.77 -25.82
N MET D 73 -56.04 37.35 -25.53
CA MET D 73 -55.18 36.70 -26.51
C MET D 73 -55.54 35.23 -26.73
N SER D 74 -56.71 34.80 -26.26
CA SER D 74 -57.18 33.44 -26.43
C SER D 74 -58.35 33.42 -27.41
N ASP D 75 -58.50 32.31 -28.12
CA ASP D 75 -59.52 32.18 -29.15
C ASP D 75 -60.88 31.78 -28.60
N ARG D 76 -61.03 31.64 -27.29
N ARG D 76 -61.01 31.57 -27.30
CA ARG D 76 -62.27 31.17 -26.69
CA ARG D 76 -62.27 31.17 -26.70
C ARG D 76 -63.09 32.35 -26.20
C ARG D 76 -63.09 32.41 -26.32
N LYS D 77 -64.41 32.26 -26.37
CA LYS D 77 -65.32 33.34 -26.02
C LYS D 77 -65.35 33.48 -24.50
N TYR D 78 -64.76 34.57 -24.00
CA TYR D 78 -64.62 34.82 -22.57
C TYR D 78 -65.47 36.04 -22.19
N HIS D 79 -66.60 35.79 -21.53
CA HIS D 79 -67.38 36.85 -20.91
C HIS D 79 -66.80 37.09 -19.51
N CYS D 80 -66.17 38.25 -19.33
CA CYS D 80 -65.46 38.55 -18.09
C CYS D 80 -66.38 39.36 -17.17
N VAL D 81 -66.97 38.66 -16.21
CA VAL D 81 -67.84 39.27 -15.21
C VAL D 81 -67.12 39.23 -13.87
N CYS D 82 -67.03 40.39 -13.21
CA CYS D 82 -66.33 40.48 -11.94
C CYS D 82 -67.05 41.43 -10.97
N ASP D 89 -59.34 46.51 -9.99
CA ASP D 89 -60.47 46.43 -10.91
C ASP D 89 -60.39 47.57 -11.94
N PRO D 90 -60.28 48.84 -11.51
CA PRO D 90 -60.19 49.91 -12.51
C PRO D 90 -58.90 49.91 -13.29
N GLU D 91 -57.77 49.65 -12.63
CA GLU D 91 -56.49 49.58 -13.33
C GLU D 91 -56.48 48.41 -14.30
N ARG D 92 -57.05 47.28 -13.90
CA ARG D 92 -57.11 46.12 -14.79
C ARG D 92 -58.02 46.38 -15.98
N LEU D 93 -59.15 47.07 -15.76
CA LEU D 93 -60.03 47.42 -16.87
C LEU D 93 -59.33 48.38 -17.83
N ALA D 94 -58.60 49.35 -17.29
CA ALA D 94 -57.84 50.26 -18.14
C ALA D 94 -56.76 49.52 -18.92
N ASN D 95 -56.10 48.55 -18.28
CA ASN D 95 -55.11 47.74 -18.98
C ASN D 95 -55.74 46.93 -20.11
N TYR D 96 -56.94 46.38 -19.86
CA TYR D 96 -57.64 45.65 -20.91
C TYR D 96 -57.98 46.56 -22.08
N ALA D 97 -58.46 47.76 -21.80
CA ALA D 97 -58.76 48.71 -22.87
C ALA D 97 -57.49 49.09 -23.63
N ARG D 98 -56.39 49.31 -22.91
CA ARG D 98 -55.13 49.65 -23.56
C ARG D 98 -54.64 48.53 -24.46
N LYS D 99 -54.76 47.29 -24.00
CA LYS D 99 -54.30 46.15 -24.80
C LYS D 99 -55.20 45.94 -26.01
N LEU D 100 -56.50 46.21 -25.87
CA LEU D 100 -57.37 46.20 -27.05
C LEU D 100 -56.96 47.27 -28.05
N ALA D 101 -56.66 48.48 -27.56
CA ALA D 101 -56.32 49.58 -28.47
C ALA D 101 -54.98 49.33 -29.16
N SER D 102 -54.04 48.69 -28.46
CA SER D 102 -52.72 48.46 -29.01
C SER D 102 -52.66 47.26 -29.95
N ALA D 103 -53.73 46.45 -30.03
CA ALA D 103 -53.77 45.30 -30.91
C ALA D 103 -55.05 45.26 -31.74
N ALA D 104 -55.69 46.40 -31.97
CA ALA D 104 -56.94 46.43 -32.72
C ALA D 104 -56.74 45.97 -34.15
N GLY D 105 -55.64 46.39 -34.78
CA GLY D 105 -55.40 46.04 -36.17
C GLY D 105 -54.28 45.04 -36.38
N LYS D 106 -53.44 44.85 -35.37
CA LYS D 106 -52.31 43.95 -35.51
C LYS D 106 -52.77 42.50 -35.67
N VAL D 107 -53.65 42.04 -34.79
CA VAL D 107 -54.20 40.69 -34.84
C VAL D 107 -55.73 40.79 -34.89
N LEU D 108 -56.34 40.07 -35.83
CA LEU D 108 -57.78 40.08 -36.00
C LEU D 108 -58.40 38.70 -35.84
N ASP D 109 -57.66 37.76 -35.23
CA ASP D 109 -58.13 36.40 -35.04
C ASP D 109 -58.71 36.16 -33.65
N ARG D 110 -58.85 37.21 -32.84
CA ARG D 110 -59.34 37.08 -31.47
C ARG D 110 -60.64 37.84 -31.25
N ASN D 111 -61.35 38.20 -32.33
CA ASN D 111 -62.57 39.00 -32.24
C ASN D 111 -62.30 40.32 -31.51
N ILE D 112 -61.16 40.93 -31.80
CA ILE D 112 -60.76 42.14 -31.08
C ILE D 112 -61.67 43.31 -31.47
N SER D 113 -62.09 43.38 -32.73
CA SER D 113 -63.06 44.40 -33.12
C SER D 113 -64.36 44.23 -32.36
N GLY D 114 -64.84 42.99 -32.25
CA GLY D 114 -66.04 42.72 -31.46
C GLY D 114 -65.85 43.05 -30.00
N LYS D 115 -64.66 42.75 -29.45
CA LYS D 115 -64.39 43.08 -28.06
C LYS D 115 -64.40 44.58 -27.82
N ILE D 116 -63.82 45.35 -28.74
CA ILE D 116 -63.82 46.79 -28.62
C ILE D 116 -65.24 47.33 -28.71
N GLY D 117 -66.03 46.82 -29.65
CA GLY D 117 -67.43 47.23 -29.73
C GLY D 117 -68.20 46.90 -28.47
N ASP D 118 -67.95 45.72 -27.89
CA ASP D 118 -68.62 45.33 -26.65
C ASP D 118 -68.22 46.25 -25.50
N LEU D 119 -66.93 46.58 -25.39
CA LEU D 119 -66.48 47.48 -24.34
C LEU D 119 -67.09 48.86 -24.50
N GLN D 120 -67.16 49.37 -25.73
CA GLN D 120 -67.80 50.66 -25.96
C GLN D 120 -69.28 50.62 -25.59
N ALA D 121 -69.96 49.52 -25.93
CA ALA D 121 -71.38 49.39 -25.57
C ALA D 121 -71.56 49.37 -24.06
N VAL D 122 -70.69 48.65 -23.35
CA VAL D 122 -70.79 48.60 -21.90
C VAL D 122 -70.52 49.97 -21.29
N MET D 123 -69.51 50.68 -21.81
CA MET D 123 -69.22 52.02 -21.29
C MET D 123 -70.33 53.01 -21.62
N ALA D 124 -71.09 52.76 -22.70
CA ALA D 124 -72.24 53.60 -23.00
C ALA D 124 -73.36 53.35 -22.01
N VAL D 125 -73.85 52.11 -21.94
CA VAL D 125 -74.87 51.70 -20.98
C VAL D 125 -74.24 50.64 -20.08
N PRO D 126 -74.06 50.92 -18.77
CA PRO D 126 -73.35 49.96 -17.91
C PRO D 126 -74.15 48.70 -17.59
N ASP D 127 -75.36 48.55 -18.11
CA ASP D 127 -76.16 47.36 -17.89
C ASP D 127 -76.17 46.42 -19.08
N THR D 128 -75.42 46.72 -20.13
CA THR D 128 -75.41 45.89 -21.32
C THR D 128 -74.68 44.58 -21.06
N GLU D 129 -75.30 43.47 -21.45
CA GLU D 129 -74.69 42.14 -21.33
C GLU D 129 -74.08 41.73 -22.67
N THR D 130 -72.92 42.31 -22.95
CA THR D 130 -72.20 41.98 -24.17
C THR D 130 -71.66 40.55 -24.07
N PRO D 131 -71.52 39.86 -25.20
CA PRO D 131 -71.06 38.46 -25.15
C PRO D 131 -69.65 38.27 -24.59
N THR D 132 -68.82 39.31 -24.59
CA THR D 132 -67.43 39.17 -24.19
C THR D 132 -67.03 39.99 -22.96
N PHE D 133 -67.93 40.79 -22.42
CA PHE D 133 -67.56 41.60 -21.26
C PHE D 133 -68.81 41.98 -20.47
N CYS D 134 -68.64 42.13 -19.16
CA CYS D 134 -69.70 42.59 -18.28
C CYS D 134 -69.08 43.33 -17.11
N LEU D 135 -69.87 44.22 -16.52
CA LEU D 135 -69.45 44.97 -15.34
C LEU D 135 -70.23 44.60 -14.08
N HIS D 136 -71.27 43.79 -14.21
CA HIS D 136 -72.04 43.38 -13.04
C HIS D 136 -71.28 42.32 -12.25
N THR D 137 -71.77 42.05 -11.05
CA THR D 137 -71.23 40.95 -10.27
C THR D 137 -71.69 39.62 -10.87
N ASP D 138 -71.08 38.53 -10.40
CA ASP D 138 -71.47 37.20 -10.86
C ASP D 138 -72.93 36.90 -10.52
N VAL D 139 -73.49 37.57 -9.51
CA VAL D 139 -74.91 37.41 -9.19
C VAL D 139 -75.76 38.28 -10.11
N SER D 140 -75.34 39.52 -10.34
CA SER D 140 -76.12 40.45 -11.16
C SER D 140 -75.96 40.18 -12.64
N CYS D 141 -74.95 39.41 -13.05
CA CYS D 141 -74.79 39.08 -14.46
C CYS D 141 -75.90 38.13 -14.91
N ARG D 142 -76.33 38.30 -16.16
CA ARG D 142 -77.40 37.47 -16.73
C ARG D 142 -77.05 36.97 -18.12
N GLN D 143 -75.78 37.00 -18.50
CA GLN D 143 -75.36 36.48 -19.80
C GLN D 143 -75.20 34.97 -19.71
N ARG D 144 -76.03 34.23 -20.45
CA ARG D 144 -76.02 32.78 -20.37
C ARG D 144 -74.70 32.22 -20.91
N ALA D 145 -74.21 31.18 -20.24
CA ALA D 145 -73.00 30.48 -20.66
C ALA D 145 -73.06 29.07 -20.09
N ASP D 146 -72.11 28.24 -20.51
CA ASP D 146 -72.05 26.86 -20.06
C ASP D 146 -70.78 26.52 -19.30
N VAL D 147 -69.80 27.43 -19.23
CA VAL D 147 -68.55 27.20 -18.53
C VAL D 147 -68.25 28.40 -17.66
N ALA D 148 -67.85 28.16 -16.41
CA ALA D 148 -67.45 29.21 -15.49
C ALA D 148 -66.04 28.91 -14.98
N ILE D 149 -65.22 29.96 -14.85
CA ILE D 149 -63.87 29.83 -14.31
C ILE D 149 -63.75 30.75 -13.10
N TYR D 150 -63.35 30.18 -11.98
CA TYR D 150 -63.10 30.92 -10.74
C TYR D 150 -61.60 30.83 -10.48
N GLN D 151 -60.84 31.74 -11.07
CA GLN D 151 -59.38 31.74 -10.95
C GLN D 151 -58.98 32.71 -9.85
N ASP D 152 -58.45 32.17 -8.75
CA ASP D 152 -57.92 32.96 -7.65
C ASP D 152 -58.96 33.91 -7.07
N VAL D 153 -60.21 33.46 -7.04
CA VAL D 153 -61.30 34.19 -6.40
C VAL D 153 -61.77 33.39 -5.19
N TYR D 154 -61.83 34.04 -4.04
CA TYR D 154 -62.25 33.38 -2.81
C TYR D 154 -63.21 34.21 -1.97
N ALA D 155 -63.47 35.46 -2.34
CA ALA D 155 -64.35 36.34 -1.58
C ALA D 155 -65.80 36.21 -1.97
N VAL D 156 -66.17 35.18 -2.72
CA VAL D 156 -67.54 34.92 -3.10
C VAL D 156 -68.01 33.66 -2.38
N HIS D 157 -69.30 33.63 -2.05
CA HIS D 157 -69.89 32.44 -1.46
C HIS D 157 -70.05 31.37 -2.53
N ALA D 158 -69.40 30.22 -2.34
CA ALA D 158 -69.35 29.22 -3.39
C ALA D 158 -70.72 28.70 -3.81
N PRO D 159 -71.60 28.24 -2.91
CA PRO D 159 -72.90 27.73 -3.40
C PRO D 159 -73.76 28.81 -4.04
N THR D 160 -73.71 30.05 -3.53
CA THR D 160 -74.49 31.12 -4.12
C THR D 160 -74.02 31.43 -5.55
N SER D 161 -72.71 31.57 -5.72
CA SER D 161 -72.16 31.85 -7.05
C SER D 161 -72.43 30.69 -8.00
N LEU D 162 -72.25 29.45 -7.53
CA LEU D 162 -72.48 28.29 -8.38
C LEU D 162 -73.94 28.19 -8.79
N TYR D 163 -74.86 28.47 -7.87
CA TYR D 163 -76.28 28.48 -8.22
C TYR D 163 -76.59 29.56 -9.24
N HIS D 164 -76.05 30.77 -9.04
CA HIS D 164 -76.33 31.85 -9.98
C HIS D 164 -75.72 31.57 -11.35
N GLN D 165 -74.63 30.81 -11.39
CA GLN D 165 -74.09 30.39 -12.68
C GLN D 165 -74.94 29.30 -13.31
N ALA D 166 -75.43 28.36 -12.49
CA ALA D 166 -76.20 27.23 -13.01
C ALA D 166 -77.53 27.66 -13.60
N ILE D 167 -78.21 28.62 -12.96
CA ILE D 167 -79.48 29.11 -13.50
C ILE D 167 -79.26 29.89 -14.79
N LYS D 168 -78.02 30.28 -15.08
CA LYS D 168 -77.66 30.87 -16.36
C LYS D 168 -77.21 29.83 -17.37
N GLY D 169 -77.32 28.54 -17.04
CA GLY D 169 -77.00 27.48 -17.96
C GLY D 169 -75.63 26.85 -17.80
N VAL D 170 -74.86 27.24 -16.78
CA VAL D 170 -73.51 26.73 -16.61
C VAL D 170 -73.58 25.30 -16.09
N ARG D 171 -72.99 24.37 -16.84
CA ARG D 171 -72.90 22.98 -16.40
C ARG D 171 -71.50 22.60 -15.93
N LEU D 172 -70.50 23.41 -16.24
CA LEU D 172 -69.12 23.13 -15.87
C LEU D 172 -68.50 24.39 -15.28
N ALA D 173 -67.88 24.26 -14.12
CA ALA D 173 -67.19 25.36 -13.47
C ALA D 173 -65.81 24.88 -13.04
N TYR D 174 -64.85 25.80 -13.07
CA TYR D 174 -63.48 25.50 -12.64
C TYR D 174 -63.06 26.52 -11.60
N TRP D 175 -62.53 26.02 -10.49
CA TRP D 175 -62.04 26.88 -9.41
C TRP D 175 -60.55 26.65 -9.26
N VAL D 176 -59.77 27.72 -9.40
CA VAL D 176 -58.32 27.66 -9.25
C VAL D 176 -57.95 28.48 -8.02
N GLY D 177 -57.22 27.88 -7.09
CA GLY D 177 -56.85 28.61 -5.91
C GLY D 177 -56.14 27.73 -4.91
N PHE D 178 -55.72 28.35 -3.82
CA PHE D 178 -55.03 27.61 -2.77
C PHE D 178 -55.98 26.63 -2.10
N ASP D 179 -55.41 25.51 -1.65
CA ASP D 179 -56.19 24.46 -1.01
C ASP D 179 -56.95 25.01 0.20
N THR D 180 -58.23 24.67 0.28
CA THR D 180 -59.10 25.10 1.36
C THR D 180 -59.03 24.21 2.59
N THR D 181 -58.26 23.13 2.52
CA THR D 181 -58.14 22.22 3.66
C THR D 181 -57.62 22.90 4.93
N PRO D 182 -56.59 23.76 4.89
CA PRO D 182 -56.12 24.37 6.14
C PRO D 182 -57.18 25.17 6.87
N PHE D 183 -58.17 25.70 6.16
CA PHE D 183 -59.23 26.47 6.80
C PHE D 183 -60.40 25.61 7.27
N MET D 184 -60.53 24.39 6.74
CA MET D 184 -61.45 23.44 7.34
C MET D 184 -60.90 22.89 8.64
N TYR D 185 -59.58 22.83 8.77
CA TYR D 185 -58.94 22.47 10.01
C TYR D 185 -58.89 23.62 11.00
N ASN D 186 -59.30 24.82 10.58
CA ASN D 186 -59.38 26.00 11.44
C ASN D 186 -58.02 26.39 12.01
N ALA D 187 -57.00 26.37 11.15
CA ALA D 187 -55.67 26.81 11.56
C ALA D 187 -55.65 28.32 11.75
N MET D 188 -54.88 28.77 12.74
CA MET D 188 -54.78 30.21 13.00
C MET D 188 -53.91 30.89 11.95
N ALA D 189 -52.79 30.28 11.61
CA ALA D 189 -51.92 30.75 10.53
C ALA D 189 -51.51 29.55 9.69
N GLY D 190 -50.82 29.82 8.60
CA GLY D 190 -50.39 28.73 7.75
C GLY D 190 -49.53 29.23 6.61
N ALA D 191 -48.91 28.26 5.93
CA ALA D 191 -48.01 28.54 4.83
C ALA D 191 -48.29 27.60 3.68
N TYR D 192 -48.24 28.15 2.47
CA TYR D 192 -48.02 27.40 1.25
C TYR D 192 -46.59 27.72 0.84
N PRO D 193 -45.62 27.01 1.38
CA PRO D 193 -44.21 27.39 1.18
C PRO D 193 -43.76 27.29 -0.27
N SER D 194 -44.29 26.33 -1.04
CA SER D 194 -43.85 26.17 -2.41
C SER D 194 -44.22 27.38 -3.26
N TYR D 195 -45.30 28.07 -2.91
CA TYR D 195 -45.76 29.23 -3.64
C TYR D 195 -45.39 30.53 -2.97
N SER D 196 -44.48 30.49 -1.99
CA SER D 196 -44.05 31.67 -1.24
C SER D 196 -45.24 32.37 -0.60
N THR D 197 -46.22 31.61 -0.15
CA THR D 197 -47.47 32.17 0.36
C THR D 197 -47.57 31.93 1.85
N ASN D 198 -47.92 32.98 2.59
CA ASN D 198 -48.15 32.86 4.02
C ASN D 198 -49.46 33.57 4.35
N TRP D 199 -50.33 32.88 5.08
CA TRP D 199 -51.59 33.46 5.50
C TRP D 199 -51.68 33.42 7.01
N ALA D 200 -52.37 34.40 7.58
CA ALA D 200 -52.48 34.47 9.03
C ALA D 200 -53.79 35.15 9.40
N ASP D 201 -54.34 34.72 10.54
CA ASP D 201 -55.47 35.42 11.13
C ASP D 201 -55.06 36.84 11.52
N GLU D 202 -56.02 37.76 11.46
CA GLU D 202 -55.75 39.14 11.80
C GLU D 202 -55.23 39.29 13.23
N GLN D 203 -55.60 38.37 14.11
CA GLN D 203 -55.21 38.49 15.51
C GLN D 203 -53.74 38.18 15.72
N VAL D 204 -53.16 37.31 14.90
CA VAL D 204 -51.78 36.89 15.06
C VAL D 204 -50.86 37.60 14.05
N LEU D 205 -51.29 38.74 13.51
CA LEU D 205 -50.42 39.48 12.60
C LEU D 205 -49.22 40.07 13.32
N LYS D 206 -49.34 40.31 14.63
CA LYS D 206 -48.26 40.85 15.44
C LYS D 206 -47.41 39.75 16.07
N ALA D 207 -47.39 38.56 15.47
CA ALA D 207 -46.58 37.45 15.95
C ALA D 207 -45.12 37.70 15.56
N LYS D 208 -44.26 36.72 15.81
CA LYS D 208 -42.84 36.87 15.55
C LYS D 208 -42.26 35.78 14.66
N ASN D 209 -42.72 34.54 14.80
CA ASN D 209 -42.08 33.40 14.16
C ASN D 209 -43.01 32.63 13.24
N ILE D 210 -44.04 33.28 12.71
CA ILE D 210 -44.85 32.72 11.65
C ILE D 210 -44.49 33.41 10.34
N GLY D 211 -45.04 32.91 9.24
CA GLY D 211 -44.64 33.39 7.93
C GLY D 211 -45.03 34.83 7.68
N LEU D 212 -46.25 35.21 8.06
CA LEU D 212 -46.79 36.55 7.80
C LEU D 212 -47.03 37.23 9.15
N CYS D 213 -46.03 37.98 9.61
CA CYS D 213 -46.16 38.68 10.88
C CYS D 213 -45.12 39.78 10.95
N SER D 214 -45.35 40.72 11.87
CA SER D 214 -44.36 41.73 12.23
C SER D 214 -44.53 42.07 13.70
N THR D 215 -43.44 42.01 14.45
CA THR D 215 -43.44 42.40 15.85
C THR D 215 -42.30 43.37 16.09
N ASP D 216 -42.32 44.01 17.26
CA ASP D 216 -41.34 45.01 17.63
C ASP D 216 -40.41 44.47 18.72
N LEU D 217 -39.27 45.13 18.86
CA LEU D 217 -38.36 44.81 19.95
C LEU D 217 -38.89 45.38 21.26
N THR D 218 -38.95 44.54 22.29
CA THR D 218 -39.42 44.94 23.60
C THR D 218 -38.58 44.29 24.68
N GLU D 219 -38.46 44.98 25.82
CA GLU D 219 -37.81 44.42 26.98
C GLU D 219 -38.77 43.69 27.91
N GLY D 220 -40.07 43.79 27.67
CA GLY D 220 -41.06 43.16 28.52
C GLY D 220 -41.04 43.68 29.94
N ARG D 221 -40.89 44.99 30.09
CA ARG D 221 -40.82 45.63 31.40
C ARG D 221 -42.18 46.12 31.88
N ARG D 222 -42.98 46.70 31.00
CA ARG D 222 -44.33 47.16 31.33
C ARG D 222 -45.34 46.15 30.78
N GLY D 223 -46.21 45.65 31.65
CA GLY D 223 -47.28 44.77 31.22
C GLY D 223 -48.39 45.54 30.55
N LYS D 224 -48.57 45.34 29.25
CA LYS D 224 -49.55 46.11 28.51
C LYS D 224 -50.96 45.81 29.02
N LEU D 225 -51.75 46.88 29.17
CA LEU D 225 -53.12 46.77 29.64
C LEU D 225 -54.08 46.77 28.46
N SER D 226 -55.29 46.26 28.69
CA SER D 226 -56.31 46.20 27.66
C SER D 226 -57.68 46.37 28.29
N ILE D 227 -58.59 47.04 27.56
CA ILE D 227 -59.94 47.26 28.07
C ILE D 227 -60.72 45.95 28.11
N MET D 228 -60.40 44.99 27.24
CA MET D 228 -61.14 43.75 27.13
C MET D 228 -60.30 42.57 27.63
N ARG D 229 -60.99 41.55 28.12
CA ARG D 229 -60.35 40.31 28.53
C ARG D 229 -60.33 39.37 27.33
N GLY D 230 -59.12 39.01 26.87
CA GLY D 230 -59.04 38.07 25.79
C GLY D 230 -59.44 36.67 26.24
N LYS D 231 -58.57 36.03 27.04
CA LYS D 231 -58.86 34.75 27.67
C LYS D 231 -59.16 33.67 26.64
N LYS D 232 -59.08 34.01 25.36
CA LYS D 232 -59.38 33.08 24.28
C LYS D 232 -58.76 33.61 23.01
N LEU D 233 -58.04 32.75 22.30
CA LEU D 233 -57.40 33.10 21.03
C LEU D 233 -57.81 32.04 20.02
N GLU D 234 -58.97 32.23 19.42
CA GLU D 234 -59.51 31.32 18.43
C GLU D 234 -59.60 32.02 17.08
N PRO D 235 -59.51 31.26 15.98
CA PRO D 235 -59.55 31.90 14.65
C PRO D 235 -60.83 32.71 14.45
N CYS D 236 -60.66 33.89 13.86
CA CYS D 236 -61.76 34.75 13.49
C CYS D 236 -61.89 34.77 11.97
N ASP D 237 -63.01 35.31 11.50
CA ASP D 237 -63.33 35.21 10.07
C ASP D 237 -62.31 35.92 9.19
N ARG D 238 -61.74 37.01 9.68
CA ARG D 238 -60.83 37.82 8.87
C ARG D 238 -59.45 37.18 8.86
N VAL D 239 -58.96 36.84 7.65
N VAL D 239 -58.95 36.87 7.66
CA VAL D 239 -57.61 36.31 7.48
CA VAL D 239 -57.62 36.29 7.47
C VAL D 239 -56.94 37.13 6.39
C VAL D 239 -56.94 37.09 6.35
N LEU D 240 -55.61 37.06 6.36
CA LEU D 240 -54.85 37.79 5.36
C LEU D 240 -53.86 36.84 4.69
N PHE D 241 -53.93 36.79 3.36
CA PHE D 241 -53.02 36.01 2.54
C PHE D 241 -51.92 36.92 2.00
N SER D 242 -50.71 36.37 1.91
CA SER D 242 -49.61 37.05 1.25
C SER D 242 -49.04 36.07 0.23
N VAL D 243 -49.28 36.33 -1.04
CA VAL D 243 -48.71 35.56 -2.14
C VAL D 243 -47.53 36.36 -2.65
N GLY D 244 -46.32 35.91 -2.35
CA GLY D 244 -45.14 36.73 -2.55
C GLY D 244 -45.23 37.97 -1.69
N SER D 245 -45.37 39.14 -2.33
CA SER D 245 -45.57 40.39 -1.62
C SER D 245 -46.97 40.94 -1.81
N THR D 246 -47.87 40.19 -2.44
CA THR D 246 -49.21 40.68 -2.74
C THR D 246 -50.16 40.25 -1.63
N LEU D 247 -50.88 41.22 -1.06
CA LEU D 247 -51.69 41.04 0.13
C LEU D 247 -53.16 40.95 -0.26
N TYR D 248 -53.87 39.97 0.29
CA TYR D 248 -55.28 39.77 0.01
C TYR D 248 -56.04 39.56 1.33
N PRO D 249 -57.04 40.38 1.64
CA PRO D 249 -57.93 40.06 2.76
C PRO D 249 -58.94 39.01 2.33
N GLU D 250 -59.27 38.12 3.26
CA GLU D 250 -60.13 36.98 2.97
C GLU D 250 -61.01 36.69 4.18
N SER D 251 -62.12 36.03 3.91
CA SER D 251 -63.07 35.58 4.94
C SER D 251 -62.95 34.07 5.08
N ARG D 252 -62.87 33.61 6.33
CA ARG D 252 -62.75 32.16 6.57
C ARG D 252 -63.99 31.42 6.07
N LYS D 253 -65.18 31.99 6.28
CA LYS D 253 -66.39 31.30 5.85
C LYS D 253 -66.47 31.22 4.33
N LEU D 254 -66.05 32.28 3.63
CA LEU D 254 -66.06 32.25 2.17
C LEU D 254 -65.02 31.27 1.63
N LEU D 255 -63.86 31.18 2.28
CA LEU D 255 -62.87 30.18 1.88
C LEU D 255 -63.38 28.77 2.14
N LYS D 256 -64.00 28.54 3.28
CA LYS D 256 -64.51 27.21 3.62
C LYS D 256 -65.66 26.81 2.71
N SER D 257 -66.42 27.79 2.22
CA SER D 257 -67.53 27.49 1.32
C SER D 257 -67.05 26.82 0.04
N TRP D 258 -65.81 27.10 -0.37
CA TRP D 258 -65.25 26.47 -1.56
C TRP D 258 -64.65 25.10 -1.30
N HIS D 259 -64.62 24.66 -0.04
CA HIS D 259 -64.26 23.28 0.28
C HIS D 259 -65.52 22.41 0.14
N LEU D 260 -65.98 22.30 -1.09
CA LEU D 260 -67.23 21.66 -1.42
C LEU D 260 -67.12 20.14 -1.28
N PRO D 261 -68.21 19.47 -0.93
CA PRO D 261 -68.20 18.01 -0.90
C PRO D 261 -68.16 17.42 -2.31
N SER D 262 -67.97 16.11 -2.36
CA SER D 262 -67.94 15.42 -3.65
C SER D 262 -69.25 15.58 -4.39
N VAL D 263 -70.37 15.53 -3.67
CA VAL D 263 -71.70 15.70 -4.25
C VAL D 263 -72.49 16.65 -3.35
N PHE D 264 -73.15 17.63 -3.95
CA PHE D 264 -74.01 18.52 -3.20
C PHE D 264 -75.19 18.94 -4.08
N HIS D 265 -76.19 19.55 -3.45
CA HIS D 265 -77.44 19.89 -4.10
C HIS D 265 -77.74 21.37 -3.90
N LEU D 266 -77.98 22.08 -4.99
CA LEU D 266 -78.42 23.48 -4.95
C LEU D 266 -79.92 23.50 -5.19
N LYS D 267 -80.69 23.82 -4.16
CA LYS D 267 -82.14 23.78 -4.21
C LYS D 267 -82.70 25.20 -4.16
N GLY D 268 -83.56 25.52 -5.12
CA GLY D 268 -84.21 26.83 -5.18
C GLY D 268 -85.36 26.82 -6.16
N LYS D 269 -85.48 27.90 -6.95
CA LYS D 269 -86.44 27.89 -8.04
C LYS D 269 -86.10 26.79 -9.04
N LEU D 270 -84.81 26.62 -9.31
CA LEU D 270 -84.30 25.48 -10.07
C LEU D 270 -83.33 24.70 -9.19
N SER D 271 -83.33 23.38 -9.34
CA SER D 271 -82.54 22.49 -8.51
C SER D 271 -81.44 21.84 -9.33
N PHE D 272 -80.27 21.68 -8.73
CA PHE D 272 -79.10 21.18 -9.43
C PHE D 272 -78.36 20.19 -8.55
N THR D 273 -77.87 19.12 -9.17
CA THR D 273 -76.99 18.16 -8.51
C THR D 273 -75.57 18.39 -9.01
N CYS D 274 -74.69 18.82 -8.12
CA CYS D 274 -73.35 19.27 -8.48
C CYS D 274 -72.32 18.34 -7.87
N ARG D 275 -71.22 18.14 -8.60
CA ARG D 275 -70.12 17.30 -8.16
C ARG D 275 -68.83 18.09 -8.21
N CYS D 276 -68.11 18.13 -7.09
CA CYS D 276 -66.84 18.82 -7.01
C CYS D 276 -65.71 17.79 -6.93
N ASP D 277 -64.78 17.87 -7.88
CA ASP D 277 -63.62 17.00 -7.91
C ASP D 277 -62.37 17.85 -8.04
N THR D 278 -61.34 17.49 -7.28
CA THR D 278 -60.04 18.16 -7.38
C THR D 278 -59.26 17.52 -8.52
N VAL D 279 -59.14 18.21 -9.64
CA VAL D 279 -58.50 17.62 -10.81
C VAL D 279 -57.01 17.94 -10.85
N VAL D 280 -56.57 19.05 -10.27
CA VAL D 280 -55.15 19.35 -10.18
C VAL D 280 -54.82 19.69 -8.73
N SER D 281 -53.68 19.18 -8.25
CA SER D 281 -53.28 19.42 -6.86
C SER D 281 -51.76 19.42 -6.81
N CYS D 282 -51.16 20.61 -6.68
CA CYS D 282 -49.71 20.76 -6.59
C CYS D 282 -49.38 21.59 -5.34
N GLU D 283 -48.97 20.88 -4.27
CA GLU D 283 -48.29 21.48 -3.13
C GLU D 283 -49.05 22.68 -2.55
N GLY D 284 -50.37 22.53 -2.44
CA GLY D 284 -51.22 23.54 -1.84
C GLY D 284 -52.05 24.34 -2.83
N TYR D 285 -51.78 24.23 -4.12
CA TYR D 285 -52.58 24.91 -5.14
C TYR D 285 -53.43 23.87 -5.85
N VAL D 286 -54.74 24.10 -5.91
CA VAL D 286 -55.66 23.12 -6.48
C VAL D 286 -56.48 23.76 -7.59
N VAL D 287 -56.82 22.92 -8.55
CA VAL D 287 -57.86 23.19 -9.54
C VAL D 287 -58.96 22.17 -9.32
N LYS D 288 -60.16 22.67 -9.03
CA LYS D 288 -61.35 21.88 -8.77
C LYS D 288 -62.30 22.02 -9.94
N ARG D 289 -62.90 20.89 -10.34
CA ARG D 289 -63.91 20.86 -11.40
C ARG D 289 -65.26 20.59 -10.76
N ILE D 290 -66.22 21.49 -11.00
CA ILE D 290 -67.57 21.36 -10.48
C ILE D 290 -68.50 21.13 -11.66
N THR D 291 -69.15 19.97 -11.70
CA THR D 291 -70.10 19.65 -12.75
C THR D 291 -71.51 19.83 -12.20
N MET D 292 -72.27 20.74 -12.80
CA MET D 292 -73.63 21.04 -12.36
C MET D 292 -74.62 20.40 -13.32
N SER D 293 -75.61 19.70 -12.77
CA SER D 293 -76.63 19.04 -13.56
C SER D 293 -78.00 19.33 -12.95
N PRO D 294 -78.96 19.80 -13.73
CA PRO D 294 -80.30 20.05 -13.19
C PRO D 294 -80.93 18.79 -12.63
N GLY D 295 -81.65 18.94 -11.53
CA GLY D 295 -82.30 17.83 -10.86
C GLY D 295 -81.65 17.50 -9.54
N LEU D 296 -82.30 16.59 -8.81
CA LEU D 296 -81.86 16.19 -7.48
C LEU D 296 -81.55 14.70 -7.42
N TYR D 297 -80.79 14.20 -8.39
CA TYR D 297 -80.42 12.79 -8.42
C TYR D 297 -79.49 12.44 -7.27
N GLY D 298 -79.63 11.21 -6.78
CA GLY D 298 -78.74 10.69 -5.77
C GLY D 298 -78.94 11.29 -4.39
N LYS D 299 -77.98 11.02 -3.53
CA LYS D 299 -77.99 11.51 -2.16
C LYS D 299 -76.58 11.98 -1.80
N THR D 300 -76.52 12.87 -0.82
CA THR D 300 -75.26 13.50 -0.42
C THR D 300 -74.87 13.06 0.98
N THR D 301 -73.59 12.70 1.14
CA THR D 301 -73.05 12.34 2.44
C THR D 301 -72.54 13.54 3.22
N GLY D 302 -72.41 14.70 2.58
CA GLY D 302 -71.88 15.87 3.25
C GLY D 302 -70.43 15.75 3.66
N TYR D 303 -69.61 15.07 2.86
CA TYR D 303 -68.20 14.85 3.18
C TYR D 303 -67.34 15.39 2.05
N ALA D 304 -66.32 16.16 2.43
CA ALA D 304 -65.32 16.66 1.51
C ALA D 304 -64.00 15.98 1.81
N VAL D 305 -63.38 15.38 0.79
CA VAL D 305 -62.16 14.60 0.93
C VAL D 305 -61.02 15.34 0.24
N THR D 306 -59.91 15.49 0.95
CA THR D 306 -58.69 16.07 0.42
C THR D 306 -57.60 15.01 0.45
N HIS D 307 -57.15 14.58 -0.72
CA HIS D 307 -55.98 13.71 -0.83
C HIS D 307 -54.72 14.52 -0.58
N HIS D 308 -53.75 13.91 0.09
CA HIS D 308 -52.48 14.55 0.38
C HIS D 308 -51.37 13.84 -0.38
N ALA D 309 -50.96 14.42 -1.50
CA ALA D 309 -49.76 13.96 -2.18
C ALA D 309 -48.53 14.28 -1.34
N ASP D 310 -48.55 15.40 -0.64
N ASP D 310 -48.55 15.40 -0.64
CA ASP D 310 -47.49 15.79 0.28
CA ASP D 310 -47.50 15.79 0.28
C ASP D 310 -48.06 15.87 1.69
C ASP D 310 -48.07 15.84 1.70
N GLY D 311 -47.16 15.83 2.67
CA GLY D 311 -47.60 15.88 4.06
C GLY D 311 -48.28 17.20 4.38
N PHE D 312 -49.39 17.11 5.11
CA PHE D 312 -50.07 18.28 5.65
C PHE D 312 -49.90 18.28 7.16
N LEU D 313 -49.50 19.42 7.71
CA LEU D 313 -49.26 19.52 9.14
C LEU D 313 -50.09 20.67 9.71
N MET D 314 -50.87 20.39 10.75
CA MET D 314 -51.46 21.43 11.57
C MET D 314 -51.02 21.20 13.00
N CYS D 315 -50.16 22.08 13.50
CA CYS D 315 -49.51 21.85 14.78
C CYS D 315 -49.70 23.05 15.68
N LYS D 316 -49.83 22.78 16.98
CA LYS D 316 -49.85 23.83 17.97
C LYS D 316 -48.45 24.41 18.13
N THR D 317 -48.32 25.72 18.03
CA THR D 317 -47.04 26.40 18.20
C THR D 317 -47.22 27.55 19.17
N THR D 318 -46.14 27.84 19.89
CA THR D 318 -46.12 28.92 20.88
C THR D 318 -45.30 30.07 20.32
N ASP D 319 -45.95 31.23 20.18
CA ASP D 319 -45.30 32.44 19.69
C ASP D 319 -45.63 33.56 20.67
N THR D 320 -45.17 34.76 20.33
CA THR D 320 -45.54 35.97 21.04
C THR D 320 -46.25 36.90 20.07
N VAL D 321 -47.51 37.20 20.35
CA VAL D 321 -48.28 38.18 19.59
C VAL D 321 -48.30 39.46 20.41
N ASP D 322 -47.75 40.53 19.83
CA ASP D 322 -47.60 41.82 20.53
C ASP D 322 -46.88 41.64 21.86
N GLY D 323 -45.95 40.68 21.91
CA GLY D 323 -45.19 40.41 23.12
C GLY D 323 -45.83 39.41 24.06
N GLU D 324 -47.11 39.09 23.89
CA GLU D 324 -47.81 38.16 24.77
C GLU D 324 -47.58 36.75 24.27
N ARG D 325 -47.07 35.89 25.16
CA ARG D 325 -46.83 34.49 24.79
C ARG D 325 -48.15 33.74 24.71
N VAL D 326 -48.47 33.22 23.53
CA VAL D 326 -49.71 32.51 23.26
C VAL D 326 -49.38 31.27 22.45
N SER D 327 -50.36 30.37 22.35
CA SER D 327 -50.26 29.18 21.54
C SER D 327 -51.43 29.13 20.57
N PHE D 328 -51.15 28.79 19.32
CA PHE D 328 -52.18 28.69 18.30
C PHE D 328 -51.74 27.70 17.23
N SER D 329 -52.69 27.27 16.41
CA SER D 329 -52.42 26.28 15.39
C SER D 329 -51.82 26.92 14.15
N VAL D 330 -50.81 26.27 13.58
CA VAL D 330 -50.15 26.71 12.37
C VAL D 330 -50.13 25.53 11.41
N CYS D 331 -50.53 25.77 10.16
CA CYS D 331 -50.55 24.74 9.14
C CYS D 331 -49.41 24.95 8.14
N THR D 332 -49.04 23.86 7.49
CA THR D 332 -47.97 23.89 6.50
C THR D 332 -48.02 22.63 5.65
N TYR D 333 -47.32 22.69 4.52
CA TYR D 333 -47.18 21.56 3.61
C TYR D 333 -45.72 21.14 3.61
N VAL D 334 -45.49 19.87 3.89
CA VAL D 334 -44.15 19.27 3.91
C VAL D 334 -44.00 18.40 2.68
N PRO D 335 -42.89 18.51 1.95
CA PRO D 335 -42.72 17.67 0.75
C PRO D 335 -42.76 16.19 1.09
N ALA D 336 -43.31 15.41 0.17
CA ALA D 336 -43.52 13.99 0.42
C ALA D 336 -42.20 13.25 0.65
N THR D 337 -41.12 13.66 -0.02
CA THR D 337 -39.84 13.01 0.20
C THR D 337 -39.32 13.26 1.61
N ILE D 338 -39.52 14.47 2.13
CA ILE D 338 -39.14 14.78 3.51
C ILE D 338 -39.95 13.92 4.47
N CYS D 339 -41.25 13.83 4.24
CA CYS D 339 -42.12 13.04 5.12
C CYS D 339 -41.73 11.57 5.10
N ASP D 340 -41.42 11.04 3.91
CA ASP D 340 -41.01 9.64 3.79
C ASP D 340 -39.68 9.41 4.48
N GLN D 341 -38.75 10.36 4.37
CA GLN D 341 -37.46 10.22 5.03
C GLN D 341 -37.54 10.39 6.54
N MET D 342 -38.66 10.88 7.06
CA MET D 342 -38.85 11.06 8.49
C MET D 342 -39.54 9.88 9.16
N THR D 343 -39.92 8.86 8.39
CA THR D 343 -40.69 7.75 8.94
C THR D 343 -39.92 7.00 10.01
N GLY D 344 -38.64 6.73 9.77
CA GLY D 344 -37.87 5.93 10.71
C GLY D 344 -37.65 6.62 12.05
N ILE D 345 -37.31 7.91 12.03
CA ILE D 345 -36.96 8.59 13.27
C ILE D 345 -38.20 8.89 14.11
N LEU D 346 -39.38 8.93 13.48
CA LEU D 346 -40.61 9.17 14.22
C LEU D 346 -41.13 7.91 14.91
N ALA D 347 -40.48 6.76 14.70
CA ALA D 347 -40.84 5.56 15.45
C ALA D 347 -40.56 5.71 16.93
N THR D 348 -39.57 6.52 17.28
CA THR D 348 -39.22 6.81 18.67
C THR D 348 -39.62 8.24 19.01
N GLU D 349 -39.41 8.60 20.27
CA GLU D 349 -39.69 9.96 20.75
C GLU D 349 -38.46 10.82 20.47
N VAL D 350 -38.63 11.80 19.58
CA VAL D 350 -37.54 12.68 19.17
C VAL D 350 -37.85 14.09 19.66
N THR D 351 -36.83 14.76 20.17
CA THR D 351 -36.99 16.13 20.61
C THR D 351 -37.12 17.06 19.40
N PRO D 352 -37.73 18.24 19.58
CA PRO D 352 -37.79 19.20 18.48
C PRO D 352 -36.42 19.62 17.96
N GLU D 353 -35.41 19.67 18.83
N GLU D 353 -35.40 19.66 18.83
CA GLU D 353 -34.06 20.04 18.40
CA GLU D 353 -34.06 20.04 18.39
C GLU D 353 -33.46 18.97 17.50
C GLU D 353 -33.45 18.97 17.50
N ASP D 354 -33.52 17.70 17.92
CA ASP D 354 -33.02 16.62 17.09
C ASP D 354 -33.83 16.49 15.81
N ALA D 355 -35.14 16.66 15.89
CA ALA D 355 -35.97 16.63 14.69
C ALA D 355 -35.59 17.74 13.72
N GLN D 356 -35.33 18.94 14.24
CA GLN D 356 -34.92 20.05 13.38
C GLN D 356 -33.56 19.79 12.74
N LYS D 357 -32.62 19.24 13.51
CA LYS D 357 -31.32 18.89 12.94
C LYS D 357 -31.46 17.86 11.84
N LEU D 358 -32.29 16.83 12.06
CA LEU D 358 -32.50 15.82 11.04
C LEU D 358 -33.18 16.40 9.80
N LEU D 359 -34.16 17.28 10.00
CA LEU D 359 -34.84 17.90 8.86
C LEU D 359 -33.89 18.78 8.06
N VAL D 360 -33.00 19.49 8.74
CA VAL D 360 -32.00 20.29 8.04
C VAL D 360 -31.05 19.40 7.26
N GLY D 361 -30.63 18.28 7.86
CA GLY D 361 -29.78 17.34 7.14
C GLY D 361 -30.47 16.77 5.91
N LEU D 362 -31.77 16.51 6.02
CA LEU D 362 -32.54 15.98 4.89
C LEU D 362 -32.88 17.05 3.85
N ASN D 363 -32.79 18.33 4.21
CA ASN D 363 -33.18 19.41 3.33
C ASN D 363 -32.04 19.88 2.43
N GLN D 364 -30.83 19.38 2.61
CA GLN D 364 -29.69 19.81 1.80
C GLN D 364 -29.79 19.30 0.37
N THR D 376 -29.08 23.40 -2.34
CA THR D 376 -30.50 23.54 -2.61
C THR D 376 -31.33 23.03 -1.43
N ASN D 377 -32.59 23.44 -1.37
CA ASN D 377 -33.49 23.08 -0.29
C ASN D 377 -34.75 22.44 -0.85
N THR D 378 -35.06 21.23 -0.39
CA THR D 378 -36.31 20.59 -0.79
C THR D 378 -37.52 21.36 -0.28
N MET D 379 -37.47 21.80 0.97
CA MET D 379 -38.53 22.59 1.57
C MET D 379 -37.98 23.92 2.07
N LYS D 380 -38.87 24.90 2.20
CA LYS D 380 -38.48 26.20 2.71
C LYS D 380 -38.02 26.08 4.15
N ASN D 381 -36.92 26.76 4.48
CA ASN D 381 -36.29 26.55 5.78
C ASN D 381 -37.07 27.19 6.92
N TYR D 382 -37.79 28.29 6.65
CA TYR D 382 -38.50 28.98 7.72
C TYR D 382 -39.63 28.13 8.31
N MET D 383 -40.07 27.10 7.60
CA MET D 383 -41.05 26.16 8.12
C MET D 383 -40.42 25.01 8.89
N ILE D 384 -39.10 24.84 8.79
CA ILE D 384 -38.45 23.67 9.39
C ILE D 384 -38.63 23.61 10.90
N PRO D 385 -38.42 24.70 11.68
CA PRO D 385 -38.56 24.58 13.14
C PRO D 385 -39.92 24.08 13.58
N VAL D 386 -40.98 24.80 13.19
CA VAL D 386 -42.32 24.44 13.62
C VAL D 386 -42.67 23.02 13.17
N VAL D 387 -42.35 22.69 11.91
CA VAL D 387 -42.53 21.32 11.43
C VAL D 387 -41.84 20.34 12.35
N ALA D 388 -40.58 20.63 12.68
CA ALA D 388 -39.85 19.79 13.62
C ALA D 388 -40.64 19.61 14.90
N GLN D 389 -41.08 20.73 15.49
CA GLN D 389 -41.91 20.66 16.69
C GLN D 389 -43.10 19.75 16.43
N ALA D 390 -43.83 20.03 15.34
CA ALA D 390 -44.94 19.17 14.93
C ALA D 390 -44.53 17.71 14.97
N PHE D 391 -43.49 17.37 14.21
CA PHE D 391 -43.07 15.99 14.12
C PHE D 391 -42.79 15.44 15.51
N SER D 392 -42.03 16.19 16.30
CA SER D 392 -41.71 15.74 17.65
C SER D 392 -42.98 15.44 18.42
N LYS D 393 -43.89 16.41 18.46
CA LYS D 393 -45.13 16.20 19.20
C LYS D 393 -45.87 15.00 18.65
N TRP D 394 -45.94 14.89 17.32
CA TRP D 394 -46.62 13.75 16.72
C TRP D 394 -46.02 12.45 17.22
N ALA D 395 -44.69 12.36 17.18
CA ALA D 395 -44.03 11.15 17.68
C ALA D 395 -44.46 10.86 19.11
N LYS D 396 -44.38 11.88 19.98
CA LYS D 396 -44.79 11.71 21.36
C LYS D 396 -46.20 11.16 21.42
N GLU D 397 -47.12 11.81 20.71
CA GLU D 397 -48.51 11.39 20.76
C GLU D 397 -48.65 9.95 20.33
N CYS D 398 -47.95 9.56 19.26
CA CYS D 398 -48.03 8.19 18.80
C CYS D 398 -47.57 7.24 19.89
N ARG D 399 -46.44 7.57 20.53
CA ARG D 399 -45.97 6.73 21.63
C ARG D 399 -47.01 6.67 22.73
N LYS D 400 -47.64 7.80 23.03
CA LYS D 400 -48.72 7.81 24.02
C LYS D 400 -49.81 6.82 23.62
N ASP D 401 -50.22 6.85 22.35
CA ASP D 401 -51.26 5.94 21.89
C ASP D 401 -50.80 4.50 22.01
N MET D 402 -49.51 4.25 21.84
CA MET D 402 -49.00 2.89 21.96
C MET D 402 -48.77 2.48 23.41
N GLU D 403 -48.69 3.45 24.32
CA GLU D 403 -48.48 3.13 25.74
C GLU D 403 -49.77 3.08 26.53
N ASP D 404 -50.89 3.46 25.93
CA ASP D 404 -52.21 3.44 26.56
C ASP D 404 -53.19 2.67 25.71
N GLU D 405 -52.78 1.47 25.29
CA GLU D 405 -53.59 0.64 24.42
C GLU D 405 -54.86 0.19 25.14
N LYS D 406 -56.00 0.40 24.48
CA LYS D 406 -57.30 0.08 25.05
C LYS D 406 -57.70 -1.34 24.64
N LEU D 407 -58.96 -1.69 24.86
CA LEU D 407 -59.49 -2.98 24.42
C LEU D 407 -60.28 -2.81 23.13
N LEU D 408 -60.32 -3.87 22.33
CA LEU D 408 -61.04 -3.83 21.06
C LEU D 408 -62.53 -3.61 21.27
N GLY D 409 -63.08 -2.63 20.57
CA GLY D 409 -64.51 -2.41 20.57
C GLY D 409 -65.12 -2.11 21.92
N VAL D 410 -64.41 -1.36 22.77
CA VAL D 410 -64.96 -0.91 24.05
C VAL D 410 -64.60 0.57 24.22
N ARG D 411 -65.38 1.24 25.07
CA ARG D 411 -65.11 2.62 25.44
C ARG D 411 -65.31 2.77 26.94
N GLU D 412 -64.52 3.67 27.53
CA GLU D 412 -64.48 3.86 28.98
C GLU D 412 -65.23 5.11 29.41
N ARG D 413 -66.36 5.40 28.77
CA ARG D 413 -67.14 6.57 29.13
C ARG D 413 -67.80 6.36 30.48
N THR D 414 -67.71 7.37 31.35
CA THR D 414 -68.16 7.27 32.73
C THR D 414 -69.43 8.09 32.94
N LEU D 415 -70.31 7.56 33.78
CA LEU D 415 -71.56 8.25 34.11
C LEU D 415 -71.28 9.41 35.06
N THR D 416 -72.03 10.51 34.91
CA THR D 416 -71.86 11.71 35.73
C THR D 416 -73.21 12.10 36.34
N CYS D 417 -73.58 11.43 37.44
CA CYS D 417 -74.71 11.79 38.29
C CYS D 417 -76.01 11.99 37.51
N CYS D 418 -76.11 11.44 36.31
CA CYS D 418 -77.28 11.64 35.45
C CYS D 418 -77.33 10.51 34.44
N CYS D 419 -78.08 10.71 33.37
CA CYS D 419 -78.04 9.84 32.20
C CYS D 419 -77.01 10.31 31.16
N LEU D 420 -76.02 11.09 31.59
CA LEU D 420 -75.03 11.67 30.69
C LEU D 420 -73.69 10.96 30.85
N TRP D 421 -73.06 10.65 29.73
CA TRP D 421 -71.82 9.89 29.71
C TRP D 421 -70.69 10.76 29.20
N ALA D 422 -69.54 10.67 29.85
CA ALA D 422 -68.38 11.52 29.53
C ALA D 422 -67.13 10.66 29.35
N PHE D 423 -66.29 11.06 28.41
CA PHE D 423 -65.00 10.45 28.18
C PHE D 423 -63.91 11.52 28.28
N LYS D 424 -62.66 11.06 28.33
CA LYS D 424 -61.52 11.95 28.41
C LYS D 424 -60.95 12.19 27.03
N LYS D 425 -60.82 13.46 26.65
CA LYS D 425 -60.13 13.83 25.42
C LYS D 425 -58.64 13.93 25.70
N GLN D 426 -57.85 13.45 24.75
CA GLN D 426 -56.40 13.47 24.91
C GLN D 426 -55.82 14.73 24.30
N LYS D 427 -54.59 15.03 24.69
CA LYS D 427 -53.86 16.14 24.09
C LYS D 427 -53.49 15.80 22.66
N THR D 428 -54.04 16.55 21.70
CA THR D 428 -53.69 16.42 20.30
C THR D 428 -53.06 17.74 19.88
N HIS D 429 -51.73 17.78 19.86
CA HIS D 429 -50.99 18.98 19.48
C HIS D 429 -50.56 18.98 18.03
N THR D 430 -50.73 17.87 17.31
CA THR D 430 -50.33 17.78 15.93
C THR D 430 -51.32 16.92 15.15
N VAL D 431 -51.77 17.44 14.02
CA VAL D 431 -52.48 16.67 13.00
C VAL D 431 -51.51 16.52 11.85
N TYR D 432 -51.08 15.29 11.61
CA TYR D 432 -50.08 14.97 10.59
C TYR D 432 -50.77 14.07 9.56
N LYS D 433 -51.24 14.67 8.47
CA LYS D 433 -51.77 13.91 7.34
C LYS D 433 -50.60 13.56 6.44
N ARG D 434 -50.14 12.32 6.55
CA ARG D 434 -48.97 11.89 5.79
C ARG D 434 -49.29 11.81 4.31
N PRO D 435 -48.27 11.81 3.45
CA PRO D 435 -48.51 11.63 2.02
C PRO D 435 -49.26 10.33 1.75
N ASP D 436 -50.17 10.39 0.78
CA ASP D 436 -51.05 9.31 0.35
C ASP D 436 -52.17 9.03 1.34
N THR D 437 -52.40 9.93 2.29
CA THR D 437 -53.55 9.86 3.17
C THR D 437 -54.62 10.84 2.70
N GLN D 438 -55.76 10.84 3.37
CA GLN D 438 -56.88 11.68 2.99
C GLN D 438 -57.53 12.28 4.22
N SER D 439 -57.66 13.60 4.23
CA SER D 439 -58.48 14.28 5.22
C SER D 439 -59.92 14.26 4.77
N ILE D 440 -60.84 14.10 5.73
CA ILE D 440 -62.26 14.03 5.42
C ILE D 440 -63.00 14.95 6.38
N GLN D 441 -63.78 15.88 5.84
CA GLN D 441 -64.46 16.90 6.63
C GLN D 441 -65.96 16.79 6.41
N LYS D 442 -66.73 17.03 7.46
CA LYS D 442 -68.18 17.10 7.37
C LYS D 442 -68.57 18.53 7.00
N VAL D 443 -69.14 18.70 5.80
CA VAL D 443 -69.52 20.00 5.28
C VAL D 443 -70.98 19.96 4.87
N GLN D 444 -71.54 21.14 4.64
CA GLN D 444 -72.90 21.24 4.13
C GLN D 444 -72.95 20.77 2.68
N ALA D 445 -73.96 19.97 2.35
CA ALA D 445 -74.14 19.47 1.00
C ALA D 445 -75.51 19.80 0.42
N GLU D 446 -76.38 20.46 1.18
CA GLU D 446 -77.68 20.90 0.69
C GLU D 446 -77.77 22.40 0.89
N PHE D 447 -78.03 23.13 -0.20
CA PHE D 447 -77.97 24.59 -0.19
C PHE D 447 -79.28 25.14 -0.72
N ASP D 448 -79.98 25.91 0.10
CA ASP D 448 -81.23 26.54 -0.32
C ASP D 448 -81.37 27.96 0.21
N SER D 449 -80.27 28.64 0.51
CA SER D 449 -80.29 29.98 1.11
C SER D 449 -79.45 30.94 0.29
N PHE D 450 -79.68 30.96 -1.02
CA PHE D 450 -78.97 31.87 -1.91
C PHE D 450 -79.54 33.28 -1.81
N SER D 458 -73.67 48.16 -10.14
CA SER D 458 -73.62 49.62 -10.16
C SER D 458 -72.39 50.14 -9.43
N GLY D 459 -71.22 49.95 -10.04
CA GLY D 459 -69.97 50.39 -9.46
C GLY D 459 -69.07 51.09 -10.45
N LEU D 460 -69.68 51.82 -11.38
CA LEU D 460 -68.95 52.52 -12.43
C LEU D 460 -68.95 54.02 -12.16
N SER D 461 -67.82 54.66 -12.45
CA SER D 461 -67.64 56.08 -12.21
C SER D 461 -67.41 56.83 -13.52
N ILE D 462 -67.84 58.09 -13.55
CA ILE D 462 -67.69 58.91 -14.76
C ILE D 462 -66.24 59.08 -15.17
N PRO D 463 -65.30 59.42 -14.29
CA PRO D 463 -63.90 59.55 -14.73
C PRO D 463 -63.34 58.28 -15.33
N LEU D 464 -63.71 57.11 -14.79
CA LEU D 464 -63.25 55.87 -15.38
C LEU D 464 -63.84 55.66 -16.77
N ARG D 465 -65.12 56.01 -16.95
CA ARG D 465 -65.73 55.90 -18.27
C ARG D 465 -65.02 56.79 -19.27
N THR D 466 -64.71 58.03 -18.86
CA THR D 466 -64.02 58.94 -19.76
C THR D 466 -62.62 58.43 -20.09
N ARG D 467 -61.91 57.91 -19.08
CA ARG D 467 -60.57 57.39 -19.32
C ARG D 467 -60.59 56.20 -20.29
N ILE D 468 -61.56 55.30 -20.10
CA ILE D 468 -61.67 54.14 -20.99
C ILE D 468 -62.01 54.59 -22.41
N LYS D 469 -62.96 55.53 -22.54
CA LYS D 469 -63.36 55.99 -23.86
C LYS D 469 -62.24 56.76 -24.55
N TRP D 470 -61.33 57.37 -23.79
CA TRP D 470 -60.25 58.14 -24.39
C TRP D 470 -59.32 57.27 -25.22
N LEU D 471 -59.20 55.99 -24.89
CA LEU D 471 -58.36 55.06 -25.63
C LEU D 471 -59.15 54.24 -26.65
N LEU D 472 -60.44 54.53 -26.82
CA LEU D 472 -61.26 53.82 -27.79
C LEU D 472 -61.93 54.80 -28.75
N PRO E 3 -26.75 44.05 -23.91
CA PRO E 3 -27.67 45.15 -24.23
C PRO E 3 -27.78 46.16 -23.09
N VAL E 4 -27.67 45.70 -21.85
CA VAL E 4 -27.65 46.57 -20.68
C VAL E 4 -26.30 46.38 -19.99
N TYR E 5 -25.57 47.46 -19.83
CA TYR E 5 -24.21 47.45 -19.28
C TYR E 5 -24.21 48.14 -17.93
N VAL E 6 -23.55 47.52 -16.95
CA VAL E 6 -23.49 48.03 -15.59
C VAL E 6 -22.04 48.32 -15.22
N ASP E 7 -21.81 49.45 -14.57
CA ASP E 7 -20.47 49.86 -14.15
C ASP E 7 -20.11 49.16 -12.84
N ILE E 8 -19.84 47.85 -12.95
CA ILE E 8 -19.38 47.04 -11.84
C ILE E 8 -18.27 46.13 -12.33
N ASP E 9 -17.51 45.60 -11.38
CA ASP E 9 -16.43 44.68 -11.72
C ASP E 9 -16.99 43.39 -12.28
N ALA E 10 -16.28 42.82 -13.27
CA ALA E 10 -16.75 41.60 -13.91
C ALA E 10 -16.76 40.43 -12.95
N ASP E 11 -15.96 40.49 -11.88
CA ASP E 11 -15.89 39.42 -10.89
C ASP E 11 -16.75 39.70 -9.67
N SER E 12 -17.58 40.74 -9.71
CA SER E 12 -18.42 41.09 -8.56
C SER E 12 -19.48 40.02 -8.32
N ALA E 13 -19.66 39.66 -7.06
CA ALA E 13 -20.70 38.71 -6.69
C ALA E 13 -22.10 39.31 -6.78
N PHE E 14 -22.20 40.64 -6.82
CA PHE E 14 -23.50 41.29 -6.96
C PHE E 14 -24.06 41.17 -8.37
N LEU E 15 -23.21 40.81 -9.35
CA LEU E 15 -23.68 40.67 -10.72
C LEU E 15 -24.73 39.56 -10.84
N LYS E 16 -24.51 38.45 -10.14
CA LYS E 16 -25.48 37.36 -10.18
C LYS E 16 -26.81 37.78 -9.59
N ALA E 17 -26.77 38.48 -8.44
CA ALA E 17 -28.00 38.96 -7.82
C ALA E 17 -28.74 39.95 -8.72
N LEU E 18 -27.98 40.83 -9.37
CA LEU E 18 -28.61 41.80 -10.27
C LEU E 18 -29.17 41.13 -11.52
N GLN E 19 -28.52 40.08 -12.00
CA GLN E 19 -29.07 39.30 -13.11
C GLN E 19 -30.37 38.62 -12.71
N ARG E 20 -30.43 38.07 -11.49
CA ARG E 20 -31.66 37.48 -11.01
CA ARG E 20 -31.66 37.48 -11.01
C ARG E 20 -32.76 38.52 -10.85
N ALA E 21 -32.39 39.71 -10.37
CA ALA E 21 -33.36 40.79 -10.19
C ALA E 21 -33.87 41.33 -11.52
N TYR E 22 -33.12 41.15 -12.61
CA TYR E 22 -33.52 41.59 -13.95
C TYR E 22 -33.29 40.47 -14.95
N PRO E 23 -34.10 39.40 -14.88
CA PRO E 23 -33.91 38.28 -15.82
C PRO E 23 -34.25 38.65 -17.26
N MET E 24 -35.01 39.72 -17.48
CA MET E 24 -35.40 40.11 -18.84
C MET E 24 -34.25 40.73 -19.61
N PHE E 25 -33.24 41.25 -18.93
CA PHE E 25 -32.11 41.90 -19.56
C PHE E 25 -30.89 40.98 -19.54
N GLU E 26 -29.92 41.31 -20.40
CA GLU E 26 -28.62 40.66 -20.39
C GLU E 26 -27.66 41.62 -19.72
N VAL E 27 -27.49 41.46 -18.41
CA VAL E 27 -26.66 42.38 -17.62
C VAL E 27 -25.20 42.07 -17.89
N GLU E 28 -24.46 43.04 -18.42
CA GLU E 28 -23.06 42.86 -18.74
C GLU E 28 -22.22 43.80 -17.88
N PRO E 29 -21.29 43.28 -17.09
CA PRO E 29 -20.44 44.17 -16.27
C PRO E 29 -19.41 44.89 -17.13
N ARG E 30 -19.51 46.22 -17.15
CA ARG E 30 -18.56 47.07 -17.88
C ARG E 30 -18.08 48.13 -16.89
N GLN E 31 -17.05 47.80 -16.13
CA GLN E 31 -16.57 48.70 -15.09
C GLN E 31 -15.81 49.86 -15.71
N VAL E 32 -16.25 51.07 -15.44
CA VAL E 32 -15.57 52.27 -15.92
C VAL E 32 -15.16 53.22 -14.80
N THR E 33 -15.71 53.08 -13.60
CA THR E 33 -15.36 53.92 -12.46
C THR E 33 -15.17 53.05 -11.22
N PRO E 34 -14.37 53.52 -10.26
CA PRO E 34 -14.19 52.75 -9.01
C PRO E 34 -15.23 53.06 -7.96
N ASN E 35 -16.37 53.61 -8.38
CA ASN E 35 -17.44 54.06 -7.50
C ASN E 35 -17.69 53.09 -6.35
N ASP E 36 -17.71 53.63 -5.12
CA ASP E 36 -17.91 52.82 -3.93
C ASP E 36 -19.37 52.45 -3.70
N HIS E 37 -20.28 53.06 -4.45
CA HIS E 37 -21.69 52.66 -4.42
C HIS E 37 -22.10 52.23 -5.83
N ALA E 38 -21.27 51.41 -6.47
CA ALA E 38 -21.52 50.97 -7.83
C ALA E 38 -22.75 50.07 -7.92
N ASN E 39 -22.98 49.25 -6.89
CA ASN E 39 -24.12 48.34 -6.92
C ASN E 39 -25.44 49.09 -6.95
N ALA E 40 -25.56 50.15 -6.14
CA ALA E 40 -26.78 50.94 -6.13
C ALA E 40 -27.00 51.64 -7.47
N ARG E 41 -25.93 52.18 -8.06
CA ARG E 41 -26.04 52.83 -9.35
C ARG E 41 -26.45 51.84 -10.44
N ALA E 42 -25.88 50.64 -10.40
CA ALA E 42 -26.24 49.62 -11.38
C ALA E 42 -27.69 49.19 -11.23
N PHE E 43 -28.14 49.01 -9.99
CA PHE E 43 -29.54 48.65 -9.77
C PHE E 43 -30.48 49.74 -10.25
N SER E 44 -30.13 51.00 -9.97
CA SER E 44 -30.99 52.11 -10.42
C SER E 44 -31.00 52.23 -11.93
N HIS E 45 -29.86 52.02 -12.58
CA HIS E 45 -29.80 52.05 -14.03
C HIS E 45 -30.66 50.94 -14.65
N LEU E 46 -30.54 49.72 -14.11
CA LEU E 46 -31.38 48.63 -14.59
C LEU E 46 -32.85 48.88 -14.29
N ALA E 47 -33.15 49.52 -13.16
CA ALA E 47 -34.54 49.85 -12.84
C ALA E 47 -35.11 50.83 -13.85
N ILE E 48 -34.33 51.84 -14.23
CA ILE E 48 -34.79 52.81 -15.22
C ILE E 48 -34.97 52.13 -16.57
N LYS E 49 -34.07 51.23 -16.94
CA LYS E 49 -34.22 50.48 -18.18
C LYS E 49 -35.50 49.66 -18.17
N LEU E 50 -35.78 48.97 -17.06
N LEU E 50 -35.77 48.97 -17.06
CA LEU E 50 -36.99 48.17 -16.95
CA LEU E 50 -36.99 48.17 -16.93
C LEU E 50 -38.24 49.04 -16.99
C LEU E 50 -38.23 49.05 -16.99
N ILE E 51 -38.21 50.19 -16.32
CA ILE E 51 -39.37 51.08 -16.34
C ILE E 51 -39.63 51.59 -17.74
N GLU E 52 -38.56 51.97 -18.46
CA GLU E 52 -38.71 52.40 -19.84
C GLU E 52 -39.29 51.29 -20.71
N GLN E 53 -38.80 50.06 -20.53
CA GLN E 53 -39.34 48.93 -21.29
C GLN E 53 -40.80 48.69 -20.96
N GLU E 54 -41.22 48.97 -19.73
CA GLU E 54 -42.58 48.69 -19.30
C GLU E 54 -43.58 49.68 -19.90
N ILE E 55 -43.23 50.97 -19.90
CA ILE E 55 -44.17 52.00 -20.30
C ILE E 55 -44.12 52.21 -21.82
N ASP E 56 -45.21 52.74 -22.37
CA ASP E 56 -45.31 52.96 -23.79
C ASP E 56 -44.44 54.13 -24.22
N PRO E 57 -43.85 54.07 -25.42
CA PRO E 57 -43.04 55.20 -25.90
C PRO E 57 -43.81 56.51 -25.98
N ASP E 58 -45.09 56.46 -26.30
CA ASP E 58 -45.93 57.65 -26.41
C ASP E 58 -46.08 58.39 -25.08
N SER E 59 -45.87 57.70 -23.96
CA SER E 59 -46.11 58.26 -22.63
C SER E 59 -45.16 59.41 -22.34
N THR E 60 -45.68 60.40 -21.60
CA THR E 60 -44.88 61.49 -21.05
C THR E 60 -44.53 61.15 -19.61
N ILE E 61 -43.25 61.26 -19.25
CA ILE E 61 -42.75 60.76 -17.99
C ILE E 61 -42.30 61.94 -17.12
N LEU E 62 -42.99 62.14 -16.01
CA LEU E 62 -42.51 63.08 -15.00
C LEU E 62 -41.38 62.42 -14.21
N ASP E 63 -40.26 63.12 -14.09
CA ASP E 63 -39.07 62.59 -13.43
C ASP E 63 -38.85 63.44 -12.18
N ILE E 64 -39.40 62.98 -11.06
CA ILE E 64 -39.51 63.79 -9.85
C ILE E 64 -38.20 63.74 -9.07
N GLY E 65 -37.74 64.90 -8.61
CA GLY E 65 -36.57 64.97 -7.75
C GLY E 65 -35.30 64.49 -8.40
N SER E 66 -35.14 64.75 -9.69
CA SER E 66 -33.97 64.27 -10.42
C SER E 66 -33.43 65.40 -11.27
N ALA E 67 -32.46 65.07 -12.11
CA ALA E 67 -31.87 66.03 -13.03
C ALA E 67 -31.91 65.48 -14.45
N PRO E 68 -32.14 66.33 -15.45
CA PRO E 68 -32.12 65.85 -16.84
C PRO E 68 -30.73 65.48 -17.31
N ALA E 69 -29.70 65.77 -16.52
CA ALA E 69 -28.33 65.43 -16.91
C ALA E 69 -28.11 63.92 -16.96
N ARG E 70 -29.14 63.15 -16.64
CA ARG E 70 -29.10 61.70 -16.81
C ARG E 70 -30.26 61.17 -17.64
N ARG E 71 -31.09 62.05 -18.21
N ARG E 71 -31.11 62.03 -18.19
CA ARG E 71 -32.31 61.64 -18.90
CA ARG E 71 -32.30 61.60 -18.92
C ARG E 71 -32.37 62.06 -20.37
C ARG E 71 -32.40 62.22 -20.31
N MET E 72 -31.28 62.57 -20.94
CA MET E 72 -31.36 63.13 -22.29
C MET E 72 -31.16 62.06 -23.35
N MET E 73 -30.42 61.00 -23.04
CA MET E 73 -30.07 59.98 -24.03
C MET E 73 -31.16 58.92 -24.10
N SER E 74 -32.41 59.37 -24.24
CA SER E 74 -33.54 58.46 -24.34
C SER E 74 -34.53 59.02 -25.37
N ASP E 75 -35.28 58.12 -25.99
CA ASP E 75 -36.31 58.50 -26.94
C ASP E 75 -37.65 58.79 -26.26
N ARG E 76 -37.71 58.80 -24.94
N ARG E 76 -37.71 58.73 -24.93
CA ARG E 76 -38.94 59.00 -24.21
CA ARG E 76 -38.93 59.01 -24.20
C ARG E 76 -39.01 60.42 -23.66
C ARG E 76 -38.99 60.48 -23.80
N LYS E 77 -40.21 61.00 -23.69
CA LYS E 77 -40.41 62.40 -23.33
C LYS E 77 -40.33 62.56 -21.82
N TYR E 78 -39.13 62.87 -21.33
CA TYR E 78 -38.85 63.03 -19.90
C TYR E 78 -39.00 64.50 -19.55
N HIS E 79 -40.04 64.82 -18.78
CA HIS E 79 -40.21 66.13 -18.16
C HIS E 79 -39.63 66.06 -16.76
N CYS E 80 -38.50 66.75 -16.56
CA CYS E 80 -37.73 66.63 -15.32
C CYS E 80 -38.13 67.76 -14.37
N VAL E 81 -39.02 67.44 -13.44
CA VAL E 81 -39.45 68.36 -12.40
C VAL E 81 -38.84 67.94 -11.08
N CYS E 82 -38.16 68.88 -10.42
CA CYS E 82 -37.50 68.58 -9.15
C CYS E 82 -37.59 69.75 -8.18
N ASP E 89 -28.33 70.15 -7.46
CA ASP E 89 -29.38 70.73 -8.28
C ASP E 89 -28.75 71.75 -9.25
N PRO E 90 -28.00 72.77 -8.74
CA PRO E 90 -27.39 73.73 -9.67
C PRO E 90 -26.31 73.09 -10.54
N GLU E 91 -25.44 72.29 -9.91
CA GLU E 91 -24.40 71.61 -10.67
C GLU E 91 -24.99 70.61 -11.65
N ARG E 92 -26.05 69.91 -11.24
CA ARG E 92 -26.70 68.96 -12.14
C ARG E 92 -27.37 69.67 -13.31
N LEU E 93 -28.00 70.82 -13.07
CA LEU E 93 -28.59 71.60 -14.15
C LEU E 93 -27.51 72.10 -15.11
N ALA E 94 -26.38 72.55 -14.56
CA ALA E 94 -25.27 72.99 -15.40
C ALA E 94 -24.72 71.84 -16.23
N ASN E 95 -24.63 70.65 -15.63
CA ASN E 95 -24.17 69.48 -16.37
C ASN E 95 -25.14 69.11 -17.48
N TYR E 96 -26.45 69.23 -17.22
CA TYR E 96 -27.44 68.96 -18.26
C TYR E 96 -27.30 69.94 -19.42
N ALA E 97 -27.11 71.23 -19.09
CA ALA E 97 -26.90 72.23 -20.14
C ALA E 97 -25.63 71.94 -20.93
N ARG E 98 -24.56 71.55 -20.23
CA ARG E 98 -23.29 71.22 -20.90
C ARG E 98 -23.47 70.03 -21.84
N LYS E 99 -24.17 68.99 -21.38
CA LYS E 99 -24.38 67.81 -22.23
C LYS E 99 -25.25 68.14 -23.42
N LEU E 100 -26.25 69.02 -23.26
CA LEU E 100 -27.03 69.46 -24.42
C LEU E 100 -26.16 70.21 -25.40
N ALA E 101 -25.30 71.11 -24.90
CA ALA E 101 -24.46 71.91 -25.80
C ALA E 101 -23.41 71.07 -26.48
N SER E 102 -22.97 69.97 -25.85
CA SER E 102 -21.93 69.12 -26.41
C SER E 102 -22.49 68.06 -27.36
N ALA E 103 -23.81 68.00 -27.55
CA ALA E 103 -24.43 67.04 -28.47
C ALA E 103 -25.56 67.68 -29.27
N ALA E 104 -25.53 69.01 -29.44
CA ALA E 104 -26.60 69.68 -30.15
C ALA E 104 -26.69 69.24 -31.61
N GLY E 105 -25.54 69.08 -32.26
CA GLY E 105 -25.53 68.69 -33.65
C GLY E 105 -25.06 67.27 -33.89
N LYS E 106 -24.41 66.67 -32.89
CA LYS E 106 -23.88 65.32 -33.06
C LYS E 106 -25.00 64.30 -33.22
N VAL E 107 -25.99 64.32 -32.34
CA VAL E 107 -27.12 63.42 -32.39
C VAL E 107 -28.40 64.26 -32.40
N LEU E 108 -29.28 63.99 -33.36
CA LEU E 108 -30.53 64.72 -33.50
C LEU E 108 -31.75 63.82 -33.32
N ASP E 109 -31.57 62.61 -32.80
CA ASP E 109 -32.67 61.67 -32.62
C ASP E 109 -33.26 61.72 -31.22
N ARG E 110 -32.80 62.64 -30.37
CA ARG E 110 -33.27 62.74 -28.99
C ARG E 110 -33.99 64.06 -28.71
N ASN E 111 -34.42 64.76 -29.77
CA ASN E 111 -35.08 66.07 -29.63
C ASN E 111 -34.20 67.05 -28.86
N ILE E 112 -32.90 67.03 -29.15
CA ILE E 112 -31.97 67.88 -28.42
C ILE E 112 -32.20 69.35 -28.76
N SER E 113 -32.56 69.64 -30.01
CA SER E 113 -32.92 71.02 -30.37
C SER E 113 -34.12 71.49 -29.58
N GLY E 114 -35.15 70.66 -29.49
CA GLY E 114 -36.32 71.00 -28.70
C GLY E 114 -36.00 71.14 -27.22
N LYS E 115 -35.14 70.25 -26.71
CA LYS E 115 -34.74 70.33 -25.30
C LYS E 115 -33.97 71.61 -25.01
N ILE E 116 -33.09 72.01 -25.93
CA ILE E 116 -32.34 73.25 -25.75
C ILE E 116 -33.27 74.46 -25.80
N GLY E 117 -34.22 74.47 -26.74
CA GLY E 117 -35.20 75.54 -26.77
C GLY E 117 -36.03 75.60 -25.50
N ASP E 118 -36.43 74.43 -24.99
CA ASP E 118 -37.19 74.37 -23.74
C ASP E 118 -36.37 74.92 -22.58
N LEU E 119 -35.10 74.53 -22.48
CA LEU E 119 -34.25 75.03 -21.39
C LEU E 119 -34.08 76.54 -21.49
N GLN E 120 -33.89 77.06 -22.71
CA GLN E 120 -33.79 78.51 -22.89
C GLN E 120 -35.07 79.20 -22.47
N ALA E 121 -36.22 78.60 -22.79
CA ALA E 121 -37.50 79.18 -22.37
C ALA E 121 -37.62 79.20 -20.84
N VAL E 122 -37.20 78.12 -20.18
CA VAL E 122 -37.29 78.08 -18.72
C VAL E 122 -36.36 79.11 -18.09
N MET E 123 -35.13 79.24 -18.59
CA MET E 123 -34.24 80.27 -18.06
C MET E 123 -34.71 81.67 -18.42
N ALA E 124 -35.55 81.82 -19.45
CA ALA E 124 -36.14 83.11 -19.74
C ALA E 124 -37.23 83.46 -18.73
N VAL E 125 -38.24 82.61 -18.62
CA VAL E 125 -39.31 82.75 -17.63
C VAL E 125 -39.29 81.50 -16.75
N PRO E 126 -39.00 81.63 -15.45
CA PRO E 126 -38.85 80.43 -14.61
C PRO E 126 -40.16 79.72 -14.30
N ASP E 127 -41.31 80.24 -14.73
CA ASP E 127 -42.59 79.58 -14.53
C ASP E 127 -43.05 78.81 -15.76
N THR E 128 -42.25 78.77 -16.82
CA THR E 128 -42.63 78.09 -18.04
C THR E 128 -42.67 76.58 -17.82
N GLU E 129 -43.62 75.92 -18.48
CA GLU E 129 -43.87 74.49 -18.26
C GLU E 129 -43.61 73.67 -19.52
N THR E 130 -42.45 73.89 -20.14
CA THR E 130 -42.01 73.16 -21.32
C THR E 130 -42.20 71.65 -21.17
N PRO E 131 -42.48 70.94 -22.26
CA PRO E 131 -42.76 69.50 -22.13
C PRO E 131 -41.58 68.66 -21.65
N THR E 132 -40.36 69.17 -21.71
CA THR E 132 -39.19 68.37 -21.37
C THR E 132 -38.47 68.82 -20.11
N PHE E 133 -38.81 69.99 -19.56
CA PHE E 133 -38.10 70.46 -18.37
C PHE E 133 -38.96 71.49 -17.65
N CYS E 134 -38.80 71.53 -16.32
CA CYS E 134 -39.46 72.53 -15.49
C CYS E 134 -38.65 72.70 -14.21
N LEU E 135 -38.76 73.88 -13.60
CA LEU E 135 -38.02 74.20 -12.40
C LEU E 135 -38.87 74.17 -11.14
N HIS E 136 -40.16 73.89 -11.26
CA HIS E 136 -41.02 73.87 -10.08
C HIS E 136 -40.84 72.57 -9.32
N THR E 137 -41.41 72.52 -8.13
CA THR E 137 -41.46 71.28 -7.38
C THR E 137 -42.54 70.37 -7.97
N ASP E 138 -42.54 69.10 -7.53
CA ASP E 138 -43.56 68.18 -8.00
C ASP E 138 -44.97 68.62 -7.61
N VAL E 139 -45.09 69.45 -6.56
CA VAL E 139 -46.38 70.02 -6.20
C VAL E 139 -46.69 71.23 -7.09
N SER E 140 -45.70 72.09 -7.31
CA SER E 140 -45.91 73.32 -8.07
C SER E 140 -45.95 73.09 -9.58
N CYS E 141 -45.47 71.95 -10.06
CA CYS E 141 -45.51 71.66 -11.49
C CYS E 141 -46.95 71.39 -11.93
N ARG E 142 -47.26 71.79 -13.16
CA ARG E 142 -48.60 71.62 -13.70
C ARG E 142 -48.58 71.03 -15.11
N GLN E 143 -47.47 70.42 -15.52
CA GLN E 143 -47.37 69.80 -16.83
C GLN E 143 -48.02 68.43 -16.79
N ARG E 144 -49.10 68.26 -17.55
CA ARG E 144 -49.82 66.99 -17.57
C ARG E 144 -48.95 65.87 -18.13
N ALA E 145 -49.00 64.71 -17.46
CA ALA E 145 -48.30 63.53 -17.91
C ALA E 145 -49.02 62.32 -17.33
N ASP E 146 -48.70 61.14 -17.86
CA ASP E 146 -49.33 59.91 -17.42
C ASP E 146 -48.38 58.96 -16.68
N VAL E 147 -47.09 59.27 -16.64
CA VAL E 147 -46.11 58.43 -15.96
C VAL E 147 -45.23 59.30 -15.07
N ALA E 148 -45.00 58.86 -13.84
CA ALA E 148 -44.11 59.53 -12.91
C ALA E 148 -43.04 58.55 -12.44
N ILE E 149 -41.81 59.04 -12.30
CA ILE E 149 -40.70 58.22 -11.82
C ILE E 149 -40.09 58.91 -10.60
N TYR E 150 -39.96 58.16 -9.51
CA TYR E 150 -39.36 58.63 -8.28
C TYR E 150 -38.09 57.79 -8.06
N GLN E 151 -36.99 58.23 -8.65
CA GLN E 151 -35.72 57.50 -8.58
C GLN E 151 -34.89 58.10 -7.46
N ASP E 152 -34.69 57.33 -6.39
CA ASP E 152 -33.83 57.70 -5.27
C ASP E 152 -34.24 59.03 -4.65
N VAL E 153 -35.55 59.27 -4.58
CA VAL E 153 -36.11 60.41 -3.88
C VAL E 153 -36.88 59.90 -2.67
N TYR E 154 -36.57 60.44 -1.50
CA TYR E 154 -37.20 60.02 -0.26
C TYR E 154 -37.67 61.18 0.59
N ALA E 155 -37.29 62.42 0.26
CA ALA E 155 -37.62 63.59 1.05
C ALA E 155 -38.97 64.20 0.68
N VAL E 156 -39.84 63.45 0.03
CA VAL E 156 -41.16 63.93 -0.32
C VAL E 156 -42.20 63.06 0.37
N HIS E 157 -43.32 63.69 0.72
CA HIS E 157 -44.45 62.96 1.27
C HIS E 157 -45.10 62.14 0.16
N ALA E 158 -45.12 60.81 0.32
CA ALA E 158 -45.56 59.95 -0.77
C ALA E 158 -47.02 60.21 -1.18
N PRO E 159 -48.00 60.20 -0.28
CA PRO E 159 -49.38 60.46 -0.74
C PRO E 159 -49.57 61.85 -1.33
N THR E 160 -48.90 62.86 -0.79
CA THR E 160 -49.06 64.22 -1.32
C THR E 160 -48.51 64.33 -2.74
N SER E 161 -47.29 63.84 -2.95
CA SER E 161 -46.70 63.87 -4.28
C SER E 161 -47.50 63.00 -5.26
N LEU E 162 -47.95 61.83 -4.81
CA LEU E 162 -48.72 60.95 -5.68
C LEU E 162 -50.04 61.59 -6.07
N TYR E 163 -50.69 62.28 -5.13
CA TYR E 163 -51.96 62.94 -5.45
C TYR E 163 -51.75 64.11 -6.39
N HIS E 164 -50.68 64.89 -6.18
CA HIS E 164 -50.41 66.00 -7.08
C HIS E 164 -50.03 65.50 -8.47
N GLN E 165 -49.44 64.32 -8.57
CA GLN E 165 -49.18 63.73 -9.88
C GLN E 165 -50.45 63.19 -10.51
N ALA E 166 -51.33 62.60 -9.70
CA ALA E 166 -52.54 61.97 -10.22
C ALA E 166 -53.51 63.00 -10.77
N ILE E 167 -53.65 64.15 -10.10
CA ILE E 167 -54.53 65.19 -10.61
C ILE E 167 -53.98 65.81 -11.88
N LYS E 168 -52.70 65.58 -12.17
CA LYS E 168 -52.09 65.97 -13.44
C LYS E 168 -52.23 64.89 -14.50
N GLY E 169 -52.93 63.79 -14.21
CA GLY E 169 -53.18 62.74 -15.17
C GLY E 169 -52.30 61.53 -15.05
N VAL E 170 -51.42 61.47 -14.06
CA VAL E 170 -50.50 60.34 -13.94
C VAL E 170 -51.26 59.12 -13.44
N ARG E 171 -51.23 58.04 -14.21
CA ARG E 171 -51.82 56.78 -13.82
C ARG E 171 -50.79 55.75 -13.38
N LEU E 172 -49.52 55.97 -13.68
CA LEU E 172 -48.46 55.03 -13.37
C LEU E 172 -47.29 55.79 -12.76
N ALA E 173 -46.92 55.43 -11.54
CA ALA E 173 -45.76 55.99 -10.87
C ALA E 173 -44.78 54.86 -10.54
N TYR E 174 -43.49 55.19 -10.60
CA TYR E 174 -42.46 54.22 -10.26
C TYR E 174 -41.55 54.82 -9.20
N TRP E 175 -41.32 54.08 -8.13
CA TRP E 175 -40.46 54.52 -7.04
C TRP E 175 -39.28 53.57 -6.93
N VAL E 176 -38.08 54.08 -7.18
CA VAL E 176 -36.85 53.31 -7.06
C VAL E 176 -36.12 53.81 -5.83
N GLY E 177 -35.80 52.90 -4.90
CA GLY E 177 -35.12 53.34 -3.71
C GLY E 177 -34.90 52.20 -2.75
N PHE E 178 -34.28 52.52 -1.63
CA PHE E 178 -33.98 51.52 -0.62
C PHE E 178 -35.27 51.08 0.07
N ASP E 179 -35.30 49.80 0.45
CA ASP E 179 -36.48 49.23 1.09
C ASP E 179 -36.86 50.01 2.34
N THR E 180 -38.15 50.29 2.48
CA THR E 180 -38.66 51.08 3.59
C THR E 180 -39.04 50.23 4.80
N THR E 181 -38.91 48.91 4.69
CA THR E 181 -39.24 48.03 5.80
C THR E 181 -38.43 48.31 7.07
N PRO E 182 -37.11 48.57 7.02
CA PRO E 182 -36.39 48.86 8.26
C PRO E 182 -36.92 50.05 9.04
N PHE E 183 -37.46 51.06 8.36
CA PHE E 183 -37.99 52.22 9.04
C PHE E 183 -39.41 52.02 9.52
N MET E 184 -40.11 51.01 8.99
CA MET E 184 -41.39 50.62 9.57
C MET E 184 -41.20 49.83 10.85
N TYR E 185 -40.09 49.09 10.95
CA TYR E 185 -39.72 48.43 12.18
C TYR E 185 -39.10 49.37 13.20
N ASN E 186 -38.83 50.62 12.81
CA ASN E 186 -38.33 51.66 13.71
C ASN E 186 -36.94 51.31 14.25
N ALA E 187 -36.06 50.86 13.37
CA ALA E 187 -34.68 50.58 13.76
C ALA E 187 -33.92 51.87 13.98
N MET E 188 -33.02 51.86 14.96
CA MET E 188 -32.21 53.04 15.23
C MET E 188 -31.15 53.24 14.14
N ALA E 189 -30.47 52.16 13.75
CA ALA E 189 -29.52 52.19 12.67
C ALA E 189 -29.76 50.95 11.82
N GLY E 190 -29.05 50.87 10.70
CA GLY E 190 -29.22 49.73 9.83
C GLY E 190 -28.25 49.77 8.67
N ALA E 191 -28.18 48.64 7.97
CA ALA E 191 -27.31 48.49 6.83
C ALA E 191 -28.08 47.90 5.66
N TYR E 192 -27.79 48.41 4.46
CA TYR E 192 -28.02 47.72 3.22
C TYR E 192 -26.64 47.29 2.74
N PRO E 193 -26.13 46.15 3.24
CA PRO E 193 -24.73 45.80 2.97
C PRO E 193 -24.43 45.57 1.50
N SER E 194 -25.35 44.98 0.75
CA SER E 194 -25.08 44.67 -0.65
C SER E 194 -24.79 45.91 -1.46
N TYR E 195 -25.29 47.06 -1.02
CA TYR E 195 -25.10 48.32 -1.73
C TYR E 195 -24.12 49.23 -1.00
N SER E 196 -23.34 48.68 -0.07
CA SER E 196 -22.38 49.45 0.72
C SER E 196 -23.04 50.63 1.42
N THR E 197 -24.29 50.45 1.83
CA THR E 197 -25.09 51.53 2.40
C THR E 197 -25.26 51.32 3.89
N ASN E 198 -25.02 52.36 4.67
CA ASN E 198 -25.29 52.31 6.10
C ASN E 198 -26.04 53.56 6.50
N TRP E 199 -27.14 53.39 7.21
CA TRP E 199 -27.93 54.51 7.68
C TRP E 199 -27.99 54.48 9.20
N ALA E 200 -28.00 55.66 9.80
CA ALA E 200 -28.02 55.75 11.26
C ALA E 200 -28.87 56.94 11.68
N ASP E 201 -29.53 56.79 12.82
CA ASP E 201 -30.17 57.92 13.46
C ASP E 201 -29.12 58.93 13.89
N GLU E 202 -29.50 60.21 13.88
CA GLU E 202 -28.57 61.27 14.26
C GLU E 202 -28.05 61.09 15.68
N GLN E 203 -28.84 60.46 16.55
CA GLN E 203 -28.43 60.30 17.94
C GLN E 203 -27.29 59.31 18.10
N VAL E 204 -27.24 58.29 17.25
CA VAL E 204 -26.23 57.24 17.36
C VAL E 204 -25.11 57.41 16.33
N LEU E 205 -24.92 58.62 15.81
CA LEU E 205 -23.82 58.87 14.90
C LEU E 205 -22.47 58.78 15.59
N LYS E 206 -22.44 58.92 16.91
CA LYS E 206 -21.21 58.82 17.68
C LYS E 206 -21.02 57.42 18.26
N ALA E 207 -21.61 56.41 17.65
CA ALA E 207 -21.44 55.04 18.09
C ALA E 207 -20.07 54.52 17.67
N LYS E 208 -19.82 53.25 17.94
CA LYS E 208 -18.53 52.64 17.67
C LYS E 208 -18.59 51.50 16.66
N ASN E 209 -19.56 50.60 16.80
CA ASN E 209 -19.58 49.35 16.02
C ASN E 209 -20.81 49.22 15.15
N ILE E 210 -21.35 50.34 14.66
CA ILE E 210 -22.38 50.30 13.62
C ILE E 210 -21.74 50.76 12.32
N GLY E 211 -22.50 50.63 11.23
CA GLY E 211 -21.94 50.89 9.91
C GLY E 211 -21.55 52.34 9.71
N LEU E 212 -22.41 53.27 10.13
CA LEU E 212 -22.21 54.70 9.90
C LEU E 212 -22.07 55.38 11.26
N CYS E 213 -20.83 55.53 11.73
CA CYS E 213 -20.58 56.15 13.02
C CYS E 213 -19.12 56.58 13.09
N SER E 214 -18.84 57.45 14.05
CA SER E 214 -17.47 57.82 14.40
C SER E 214 -17.42 58.15 15.88
N THR E 215 -16.51 57.51 16.60
CA THR E 215 -16.30 57.78 18.01
C THR E 215 -14.82 58.07 18.24
N ASP E 216 -14.53 58.66 19.39
CA ASP E 216 -13.18 59.01 19.78
C ASP E 216 -12.64 58.00 20.79
N LEU E 217 -11.33 58.05 21.02
CA LEU E 217 -10.70 57.23 22.04
C LEU E 217 -10.84 57.92 23.40
N THR E 218 -11.24 57.17 24.42
CA THR E 218 -11.42 57.70 25.75
C THR E 218 -10.93 56.70 26.78
N GLU E 219 -10.56 57.21 27.94
CA GLU E 219 -10.18 56.37 29.08
C GLU E 219 -11.33 56.15 30.05
N GLY E 220 -12.46 56.85 29.87
CA GLY E 220 -13.57 56.74 30.78
C GLY E 220 -13.22 57.21 32.19
N ARG E 221 -12.50 58.32 32.28
CA ARG E 221 -12.05 58.86 33.56
C ARG E 221 -12.96 59.96 34.08
N ARG E 222 -13.51 60.79 33.20
CA ARG E 222 -14.43 61.86 33.58
C ARG E 222 -15.81 61.51 33.04
N GLY E 223 -16.81 61.53 33.93
CA GLY E 223 -18.17 61.31 33.51
C GLY E 223 -18.78 62.56 32.89
N LYS E 224 -19.05 62.52 31.59
CA LYS E 224 -19.55 63.69 30.89
C LYS E 224 -20.91 64.12 31.44
N LEU E 225 -21.08 65.42 31.61
CA LEU E 225 -22.31 66.00 32.13
C LEU E 225 -23.16 66.52 30.97
N SER E 226 -24.47 66.59 31.20
CA SER E 226 -25.40 67.09 30.20
C SER E 226 -26.46 67.95 30.86
N ILE E 227 -26.92 68.96 30.13
CA ILE E 227 -27.97 69.84 30.64
C ILE E 227 -29.32 69.16 30.67
N MET E 228 -29.51 68.10 29.89
CA MET E 228 -30.79 67.42 29.78
C MET E 228 -30.67 65.98 30.26
N ARG E 229 -31.79 65.46 30.77
CA ARG E 229 -31.89 64.06 31.16
C ARG E 229 -32.39 63.26 29.96
N GLY E 230 -31.52 62.44 29.38
CA GLY E 230 -31.95 61.61 28.28
C GLY E 230 -32.94 60.56 28.73
N LYS E 231 -32.46 59.56 29.46
CA LYS E 231 -33.30 58.54 30.10
C LYS E 231 -34.08 57.73 29.07
N LYS E 232 -33.93 58.07 27.79
CA LYS E 232 -34.59 57.34 26.73
C LYS E 232 -33.83 57.60 25.43
N LEU E 233 -33.64 56.54 24.64
CA LEU E 233 -32.96 56.62 23.36
C LEU E 233 -33.87 55.95 22.34
N GLU E 234 -34.82 56.72 21.81
CA GLU E 234 -35.74 56.21 20.81
C GLU E 234 -35.49 56.89 19.47
N PRO E 235 -35.77 56.21 18.36
CA PRO E 235 -35.53 56.81 17.05
C PRO E 235 -36.26 58.13 16.88
N CYS E 236 -35.55 59.09 16.29
CA CYS E 236 -36.10 60.40 15.96
C CYS E 236 -36.11 60.56 14.45
N ASP E 237 -36.81 61.61 13.99
CA ASP E 237 -37.11 61.76 12.57
C ASP E 237 -35.86 61.86 11.72
N ARG E 238 -34.81 62.50 12.23
CA ARG E 238 -33.62 62.78 11.43
C ARG E 238 -32.73 61.54 11.36
N VAL E 239 -32.55 61.02 10.14
N VAL E 239 -32.51 61.05 10.14
CA VAL E 239 -31.63 59.91 9.91
CA VAL E 239 -31.66 59.90 9.89
C VAL E 239 -30.67 60.33 8.81
C VAL E 239 -30.69 60.30 8.77
N LEU E 240 -29.55 59.63 8.72
CA LEU E 240 -28.54 59.90 7.70
C LEU E 240 -28.17 58.61 7.00
N PHE E 241 -28.27 58.63 5.67
CA PHE E 241 -27.87 57.53 4.81
C PHE E 241 -26.46 57.79 4.28
N SER E 242 -25.67 56.73 4.17
CA SER E 242 -24.39 56.77 3.49
C SER E 242 -24.39 55.68 2.45
N VAL E 243 -24.53 56.07 1.19
CA VAL E 243 -24.47 55.15 0.06
C VAL E 243 -23.05 55.27 -0.49
N GLY E 244 -22.22 54.28 -0.19
CA GLY E 244 -20.79 54.47 -0.41
C GLY E 244 -20.32 55.60 0.48
N SER E 245 -19.77 56.63 -0.14
CA SER E 245 -19.35 57.83 0.57
C SER E 245 -20.35 58.98 0.41
N THR E 246 -21.50 58.73 -0.21
CA THR E 246 -22.47 59.78 -0.48
C THR E 246 -23.44 59.90 0.70
N LEU E 247 -23.48 61.08 1.31
CA LEU E 247 -24.26 61.33 2.51
C LEU E 247 -25.58 62.00 2.14
N TYR E 248 -26.68 61.47 2.68
CA TYR E 248 -28.01 62.02 2.44
C TYR E 248 -28.77 62.14 3.76
N PRO E 249 -29.18 63.34 4.15
CA PRO E 249 -30.14 63.44 5.26
C PRO E 249 -31.51 62.95 4.82
N GLU E 250 -32.27 62.43 5.78
CA GLU E 250 -33.58 61.87 5.48
C GLU E 250 -34.46 62.00 6.71
N SER E 251 -35.77 62.01 6.46
CA SER E 251 -36.77 62.11 7.50
C SER E 251 -37.49 60.76 7.60
N ARG E 252 -37.68 60.28 8.84
CA ARG E 252 -38.30 58.98 9.04
C ARG E 252 -39.74 58.96 8.57
N LYS E 253 -40.50 60.04 8.82
CA LYS E 253 -41.89 60.06 8.38
C LYS E 253 -41.99 60.07 6.86
N LEU E 254 -41.10 60.80 6.19
CA LEU E 254 -41.10 60.82 4.73
C LEU E 254 -40.69 59.47 4.15
N LEU E 255 -39.74 58.80 4.80
CA LEU E 255 -39.37 57.45 4.37
C LEU E 255 -40.51 56.46 4.57
N LYS E 256 -41.20 56.56 5.71
CA LYS E 256 -42.29 55.62 6.00
C LYS E 256 -43.50 55.89 5.13
N SER E 257 -43.67 57.14 4.67
CA SER E 257 -44.79 57.44 3.78
C SER E 257 -44.71 56.64 2.49
N TRP E 258 -43.51 56.28 2.05
CA TRP E 258 -43.36 55.50 0.84
C TRP E 258 -43.53 54.00 1.07
N HIS E 259 -43.66 53.57 2.33
CA HIS E 259 -44.07 52.20 2.63
C HIS E 259 -45.60 52.13 2.52
N LEU E 260 -46.07 52.28 1.30
CA LEU E 260 -47.49 52.35 1.00
C LEU E 260 -48.12 50.97 1.08
N PRO E 261 -49.40 50.90 1.45
CA PRO E 261 -50.10 49.61 1.45
C PRO E 261 -50.40 49.15 0.03
N SER E 262 -50.87 47.90 -0.06
CA SER E 262 -51.20 47.34 -1.36
C SER E 262 -52.30 48.16 -2.05
N VAL E 263 -53.27 48.63 -1.28
CA VAL E 263 -54.34 49.50 -1.79
C VAL E 263 -54.46 50.70 -0.86
N PHE E 264 -54.60 51.89 -1.44
CA PHE E 264 -54.86 53.09 -0.65
C PHE E 264 -55.71 54.05 -1.48
N HIS E 265 -56.26 55.04 -0.81
CA HIS E 265 -57.18 55.99 -1.41
C HIS E 265 -56.70 57.41 -1.16
N LEU E 266 -56.60 58.20 -2.24
CA LEU E 266 -56.26 59.61 -2.16
C LEU E 266 -57.54 60.42 -2.33
N LYS E 267 -58.00 61.03 -1.25
CA LYS E 267 -59.28 61.74 -1.23
C LYS E 267 -59.03 63.25 -1.24
N GLY E 268 -59.69 63.94 -2.15
CA GLY E 268 -59.60 65.39 -2.23
C GLY E 268 -60.61 65.97 -3.18
N LYS E 269 -60.21 66.99 -3.96
CA LYS E 269 -61.07 67.47 -5.03
C LYS E 269 -61.32 66.38 -6.05
N LEU E 270 -60.29 65.61 -6.39
CA LEU E 270 -60.40 64.42 -7.21
C LEU E 270 -59.94 63.23 -6.38
N SER E 271 -60.72 62.15 -6.39
CA SER E 271 -60.42 60.97 -5.60
C SER E 271 -59.79 59.90 -6.48
N PHE E 272 -58.85 59.16 -5.90
CA PHE E 272 -58.09 58.16 -6.64
C PHE E 272 -57.94 56.90 -5.81
N THR E 273 -58.02 55.76 -6.48
CA THR E 273 -57.71 54.46 -5.87
C THR E 273 -56.37 53.99 -6.42
N CYS E 274 -55.38 53.87 -5.55
CA CYS E 274 -54.02 53.57 -5.96
C CYS E 274 -53.58 52.23 -5.38
N ARG E 275 -52.75 51.53 -6.13
CA ARG E 275 -52.22 50.23 -5.73
C ARG E 275 -50.71 50.28 -5.77
N CYS E 276 -50.07 49.88 -4.68
CA CYS E 276 -48.61 49.84 -4.59
C CYS E 276 -48.15 48.39 -4.60
N ASP E 277 -47.28 48.06 -5.54
CA ASP E 277 -46.72 46.72 -5.66
C ASP E 277 -45.21 46.82 -5.85
N THR E 278 -44.48 45.99 -5.12
CA THR E 278 -43.03 45.92 -5.27
C THR E 278 -42.73 44.99 -6.44
N VAL E 279 -42.31 45.58 -7.56
CA VAL E 279 -42.07 44.77 -8.75
C VAL E 279 -40.62 44.29 -8.83
N VAL E 280 -39.67 45.02 -8.24
CA VAL E 280 -38.29 44.57 -8.17
C VAL E 280 -37.81 44.66 -6.74
N SER E 281 -37.05 43.66 -6.30
CA SER E 281 -36.57 43.63 -4.92
C SER E 281 -35.26 42.86 -4.89
N CYS E 282 -34.14 43.57 -4.74
CA CYS E 282 -32.81 42.97 -4.67
C CYS E 282 -32.09 43.49 -3.42
N GLU E 283 -32.05 42.64 -2.38
CA GLU E 283 -31.13 42.80 -1.25
C GLU E 283 -31.21 44.19 -0.64
N GLY E 284 -32.43 44.69 -0.46
CA GLY E 284 -32.67 45.98 0.16
C GLY E 284 -33.00 47.11 -0.78
N TYR E 285 -32.88 46.91 -2.10
CA TYR E 285 -33.23 47.94 -3.07
C TYR E 285 -34.48 47.50 -3.81
N VAL E 286 -35.51 48.35 -3.80
CA VAL E 286 -36.80 47.98 -4.36
C VAL E 286 -37.22 48.97 -5.43
N VAL E 287 -37.91 48.44 -6.42
CA VAL E 287 -38.68 49.22 -7.39
C VAL E 287 -40.15 48.89 -7.15
N LYS E 288 -40.91 49.91 -6.78
CA LYS E 288 -42.33 49.84 -6.53
C LYS E 288 -43.09 50.46 -7.69
N ARG E 289 -44.17 49.80 -8.11
CA ARG E 289 -45.06 50.30 -9.14
C ARG E 289 -46.37 50.70 -8.49
N ILE E 290 -46.76 51.96 -8.66
CA ILE E 290 -48.01 52.49 -8.13
C ILE E 290 -48.94 52.77 -9.30
N THR E 291 -50.13 52.18 -9.27
CA THR E 291 -51.14 52.40 -10.29
C THR E 291 -52.29 53.18 -9.67
N MET E 292 -52.48 54.40 -10.13
CA MET E 292 -53.52 55.29 -9.61
C MET E 292 -54.66 55.38 -10.62
N SER E 293 -55.88 55.18 -10.14
CA SER E 293 -57.07 55.27 -10.98
C SER E 293 -58.10 56.18 -10.31
N PRO E 294 -58.73 57.07 -11.07
CA PRO E 294 -59.77 57.92 -10.48
C PRO E 294 -60.95 57.10 -9.99
N GLY E 295 -61.48 57.48 -8.84
CA GLY E 295 -62.57 56.78 -8.20
C GLY E 295 -62.15 56.21 -6.86
N LEU E 296 -63.14 55.64 -6.18
CA LEU E 296 -62.99 55.09 -4.83
C LEU E 296 -63.44 53.64 -4.77
N TYR E 297 -62.98 52.85 -5.72
CA TYR E 297 -63.36 51.44 -5.78
C TYR E 297 -62.71 50.64 -4.66
N GLY E 298 -63.45 49.64 -4.19
CA GLY E 298 -62.90 48.70 -3.25
C GLY E 298 -62.76 49.27 -1.84
N LYS E 299 -62.08 48.48 -1.01
CA LYS E 299 -61.82 48.83 0.38
C LYS E 299 -60.34 48.62 0.67
N THR E 300 -59.84 49.36 1.65
CA THR E 300 -58.43 49.33 2.02
C THR E 300 -58.27 48.70 3.39
N THR E 301 -57.42 47.67 3.48
CA THR E 301 -57.11 47.05 4.75
C THR E 301 -56.08 47.81 5.56
N GLY E 302 -55.37 48.75 4.94
CA GLY E 302 -54.31 49.47 5.63
C GLY E 302 -53.13 48.61 6.01
N TYR E 303 -52.79 47.62 5.19
CA TYR E 303 -51.71 46.70 5.47
C TYR E 303 -50.70 46.73 4.33
N ALA E 304 -49.44 46.98 4.67
CA ALA E 304 -48.34 46.94 3.74
C ALA E 304 -47.54 45.67 3.99
N VAL E 305 -47.27 44.91 2.93
CA VAL E 305 -46.61 43.62 3.03
C VAL E 305 -45.27 43.70 2.31
N THR E 306 -44.22 43.27 2.99
CA THR E 306 -42.89 43.18 2.41
C THR E 306 -42.48 41.71 2.39
N HIS E 307 -42.20 41.19 1.20
CA HIS E 307 -41.66 39.84 1.07
C HIS E 307 -40.16 39.86 1.25
N HIS E 308 -39.63 38.87 1.96
CA HIS E 308 -38.22 38.78 2.25
C HIS E 308 -37.62 37.64 1.44
N ALA E 309 -37.04 37.99 0.28
CA ALA E 309 -36.25 37.02 -0.47
C ALA E 309 -35.01 36.60 0.32
N ASP E 310 -34.43 37.54 1.07
N ASP E 310 -34.42 37.54 1.07
CA ASP E 310 -33.31 37.28 1.96
CA ASP E 310 -33.31 37.28 1.96
C ASP E 310 -33.73 37.55 3.39
C ASP E 310 -33.74 37.55 3.39
N GLY E 311 -32.90 37.13 4.33
CA GLY E 311 -33.21 37.33 5.74
C GLY E 311 -33.17 38.81 6.12
N PHE E 312 -34.14 39.23 6.90
CA PHE E 312 -34.17 40.57 7.47
C PHE E 312 -34.02 40.46 8.99
N LEU E 313 -33.10 41.22 9.56
CA LEU E 313 -32.84 41.18 10.98
C LEU E 313 -33.00 42.58 11.56
N MET E 314 -33.76 42.69 12.65
CA MET E 314 -33.71 43.86 13.50
C MET E 314 -33.43 43.39 14.92
N CYS E 315 -32.25 43.70 15.43
CA CYS E 315 -31.79 43.14 16.69
C CYS E 315 -31.36 44.23 17.64
N LYS E 316 -31.58 43.98 18.92
CA LYS E 316 -31.03 44.84 19.95
C LYS E 316 -29.52 44.64 20.02
N THR E 317 -28.78 45.75 19.99
CA THR E 317 -27.33 45.70 20.13
C THR E 317 -26.90 46.75 21.13
N THR E 318 -25.82 46.43 21.86
CA THR E 318 -25.25 47.33 22.85
C THR E 318 -23.97 47.93 22.29
N ASP E 319 -23.92 49.25 22.22
CA ASP E 319 -22.76 49.98 21.74
C ASP E 319 -22.45 51.11 22.72
N THR E 320 -21.47 51.93 22.37
CA THR E 320 -21.15 53.14 23.13
C THR E 320 -21.32 54.32 22.20
N VAL E 321 -22.30 55.17 22.49
CA VAL E 321 -22.51 56.41 21.77
C VAL E 321 -21.89 57.53 22.60
N ASP E 322 -20.87 58.17 22.02
CA ASP E 322 -20.10 59.22 22.71
C ASP E 322 -19.55 58.71 24.04
N GLY E 323 -19.22 57.42 24.09
CA GLY E 323 -18.70 56.81 25.28
C GLY E 323 -19.74 56.23 26.23
N GLU E 324 -20.99 56.65 26.10
CA GLU E 324 -22.06 56.15 26.97
C GLU E 324 -22.56 54.82 26.42
N ARG E 325 -22.54 53.78 27.24
CA ARG E 325 -22.96 52.46 26.81
C ARG E 325 -24.48 52.39 26.81
N VAL E 326 -25.05 52.16 25.62
CA VAL E 326 -26.49 52.17 25.41
C VAL E 326 -26.85 50.97 24.55
N SER E 327 -28.15 50.71 24.44
CA SER E 327 -28.68 49.63 23.61
C SER E 327 -29.74 50.20 22.67
N PHE E 328 -29.68 49.77 21.42
CA PHE E 328 -30.66 50.22 20.43
C PHE E 328 -30.78 49.18 19.33
N SER E 329 -31.82 49.32 18.52
CA SER E 329 -32.12 48.36 17.46
C SER E 329 -31.31 48.68 16.21
N VAL E 330 -30.77 47.64 15.59
CA VAL E 330 -30.01 47.74 14.35
C VAL E 330 -30.58 46.72 13.38
N CYS E 331 -30.84 47.17 12.15
CA CYS E 331 -31.37 46.29 11.11
C CYS E 331 -30.28 45.95 10.10
N THR E 332 -30.49 44.84 9.40
CA THR E 332 -29.55 44.37 8.39
C THR E 332 -30.24 43.34 7.52
N TYR E 333 -29.62 43.07 6.37
CA TYR E 333 -30.05 42.03 5.45
C TYR E 333 -29.00 40.94 5.41
N VAL E 334 -29.43 39.70 5.59
CA VAL E 334 -28.56 38.53 5.58
C VAL E 334 -28.87 37.73 4.32
N PRO E 335 -27.86 37.29 3.58
CA PRO E 335 -28.14 36.50 2.36
C PRO E 335 -28.93 35.24 2.68
N ALA E 336 -29.81 34.87 1.75
CA ALA E 336 -30.70 33.74 1.97
C ALA E 336 -29.93 32.44 2.15
N THR E 337 -28.80 32.27 1.46
CA THR E 337 -28.01 31.07 1.63
C THR E 337 -27.40 31.02 3.04
N ILE E 338 -26.96 32.16 3.56
CA ILE E 338 -26.45 32.22 4.92
C ILE E 338 -27.55 31.86 5.92
N CYS E 339 -28.74 32.42 5.72
CA CYS E 339 -29.86 32.11 6.60
C CYS E 339 -30.22 30.64 6.56
N ASP E 340 -30.25 30.06 5.36
CA ASP E 340 -30.59 28.65 5.22
C ASP E 340 -29.53 27.77 5.87
N GLN E 341 -28.26 28.13 5.74
CA GLN E 341 -27.20 27.35 6.34
C GLN E 341 -27.16 27.47 7.86
N MET E 342 -27.84 28.46 8.43
CA MET E 342 -27.90 28.66 9.86
C MET E 342 -29.13 28.02 10.50
N THR E 343 -29.99 27.37 9.70
CA THR E 343 -31.24 26.83 10.23
C THR E 343 -30.98 25.72 11.24
N GLY E 344 -30.04 24.83 10.96
CA GLY E 344 -29.78 23.72 11.86
C GLY E 344 -29.20 24.14 13.18
N ILE E 345 -28.18 25.00 13.16
CA ILE E 345 -27.51 25.37 14.40
C ILE E 345 -28.38 26.28 15.26
N LEU E 346 -29.42 26.88 14.69
CA LEU E 346 -30.33 27.71 15.44
C LEU E 346 -31.40 26.91 16.17
N ALA E 347 -31.44 25.59 15.97
CA ALA E 347 -32.36 24.75 16.73
C ALA E 347 -32.04 24.76 18.21
N THR E 348 -30.75 24.77 18.56
CA THR E 348 -30.31 24.83 19.94
C THR E 348 -29.99 26.27 20.32
N GLU E 349 -29.56 26.45 21.58
CA GLU E 349 -29.13 27.75 22.06
C GLU E 349 -27.65 27.91 21.77
N VAL E 350 -27.31 28.88 20.93
CA VAL E 350 -25.95 29.12 20.48
C VAL E 350 -25.47 30.45 21.01
N THR E 351 -24.25 30.49 21.53
CA THR E 351 -23.67 31.72 22.02
C THR E 351 -23.34 32.63 20.83
N PRO E 352 -23.29 33.94 21.07
CA PRO E 352 -22.88 34.85 19.99
C PRO E 352 -21.50 34.55 19.44
N GLU E 353 -20.58 34.07 20.28
N GLU E 353 -20.58 34.06 20.27
CA GLU E 353 -19.24 33.71 19.81
CA GLU E 353 -19.24 33.71 19.79
C GLU E 353 -19.30 32.53 18.86
C GLU E 353 -19.30 32.52 18.85
N ASP E 354 -20.01 31.46 19.24
CA ASP E 354 -20.15 30.31 18.36
C ASP E 354 -20.92 30.67 17.09
N ALA E 355 -21.96 31.49 17.23
CA ALA E 355 -22.71 31.94 16.06
C ALA E 355 -21.83 32.72 15.10
N GLN E 356 -20.98 33.60 15.64
CA GLN E 356 -20.08 34.38 14.79
C GLN E 356 -19.05 33.48 14.11
N LYS E 357 -18.51 32.51 14.85
CA LYS E 357 -17.56 31.58 14.23
C LYS E 357 -18.20 30.78 13.12
N LEU E 358 -19.44 30.31 13.34
CA LEU E 358 -20.14 29.55 12.31
C LEU E 358 -20.48 30.42 11.10
N LEU E 359 -20.88 31.67 11.34
CA LEU E 359 -21.17 32.58 10.23
C LEU E 359 -19.91 32.85 9.42
N VAL E 360 -18.77 33.04 10.10
CA VAL E 360 -17.52 33.24 9.38
C VAL E 360 -17.16 32.01 8.56
N GLY E 361 -17.34 30.82 9.13
CA GLY E 361 -17.11 29.61 8.37
C GLY E 361 -18.02 29.50 7.15
N LEU E 362 -19.27 29.92 7.29
CA LEU E 362 -20.20 29.90 6.17
C LEU E 362 -19.98 31.04 5.18
N ASN E 363 -19.25 32.07 5.57
CA ASN E 363 -19.04 33.23 4.72
C ASN E 363 -17.81 33.10 3.83
N GLN E 364 -17.07 32.00 3.92
CA GLN E 364 -15.86 31.83 3.13
C GLN E 364 -16.17 31.56 1.67
N THR E 376 -13.54 35.30 -1.00
CA THR E 376 -14.91 35.71 -1.34
C THR E 376 -15.83 35.58 -0.13
N ASN E 377 -16.62 36.62 0.11
CA ASN E 377 -17.56 36.66 1.23
C ASN E 377 -18.98 36.80 0.70
N THR E 378 -19.86 35.91 1.13
CA THR E 378 -21.27 36.01 0.76
C THR E 378 -21.89 37.27 1.35
N MET E 379 -21.70 37.49 2.64
CA MET E 379 -22.14 38.70 3.31
C MET E 379 -20.93 39.48 3.80
N LYS E 380 -21.10 40.79 3.92
CA LYS E 380 -20.02 41.63 4.41
C LYS E 380 -19.79 41.36 5.90
N ASN E 381 -18.51 41.29 6.28
CA ASN E 381 -18.15 40.81 7.60
C ASN E 381 -18.45 41.81 8.71
N TYR E 382 -18.56 43.11 8.40
CA TYR E 382 -18.80 44.09 9.45
C TYR E 382 -20.16 43.93 10.10
N MET E 383 -21.10 43.25 9.43
CA MET E 383 -22.38 42.92 10.03
C MET E 383 -22.40 41.55 10.70
N ILE E 384 -21.36 40.74 10.50
CA ILE E 384 -21.37 39.38 11.04
C ILE E 384 -21.51 39.37 12.56
N PRO E 385 -20.78 40.19 13.33
CA PRO E 385 -21.00 40.18 14.79
C PRO E 385 -22.44 40.44 15.18
N VAL E 386 -23.00 41.56 14.70
CA VAL E 386 -24.37 41.92 15.05
C VAL E 386 -25.32 40.80 14.67
N VAL E 387 -25.22 40.33 13.43
CA VAL E 387 -26.05 39.20 12.99
C VAL E 387 -25.89 38.03 13.94
N ALA E 388 -24.64 37.70 14.28
CA ALA E 388 -24.41 36.60 15.21
C ALA E 388 -25.21 36.81 16.48
N GLN E 389 -25.05 37.99 17.10
CA GLN E 389 -25.80 38.29 18.31
C GLN E 389 -27.28 38.09 18.07
N ALA E 390 -27.79 38.67 16.97
CA ALA E 390 -29.20 38.53 16.65
C ALA E 390 -29.59 37.06 16.62
N PHE E 391 -28.85 36.26 15.86
CA PHE E 391 -29.19 34.86 15.73
C PHE E 391 -29.18 34.20 17.09
N SER E 392 -28.15 34.47 17.89
CA SER E 392 -28.08 33.90 19.23
C SER E 392 -29.33 34.25 20.01
N LYS E 393 -29.66 35.54 20.06
CA LYS E 393 -30.83 35.96 20.80
C LYS E 393 -32.06 35.26 20.25
N TRP E 394 -32.19 35.24 18.92
CA TRP E 394 -33.34 34.59 18.30
C TRP E 394 -33.46 33.16 18.79
N ALA E 395 -32.35 32.42 18.71
CA ALA E 395 -32.38 31.03 19.15
C ALA E 395 -32.83 30.95 20.58
N LYS E 396 -32.22 31.76 21.45
CA LYS E 396 -32.60 31.75 22.86
C LYS E 396 -34.10 32.00 22.99
N GLU E 397 -34.59 33.04 22.32
CA GLU E 397 -36.00 33.38 22.46
C GLU E 397 -36.87 32.23 22.02
N CYS E 398 -36.51 31.58 20.90
CA CYS E 398 -37.30 30.45 20.44
C CYS E 398 -37.35 29.36 21.49
N ARG E 399 -36.20 29.08 22.11
CA ARG E 399 -36.18 28.07 23.16
C ARG E 399 -37.14 28.44 24.29
N LYS E 400 -37.15 29.71 24.68
CA LYS E 400 -38.09 30.12 25.72
C LYS E 400 -39.53 29.88 25.27
N ASP E 401 -39.82 30.22 24.00
CA ASP E 401 -41.17 29.97 23.50
C ASP E 401 -41.48 28.48 23.53
N MET E 402 -40.48 27.63 23.33
CA MET E 402 -40.70 26.19 23.39
C MET E 402 -40.75 25.68 24.82
N GLU E 403 -40.17 26.41 25.78
CA GLU E 403 -40.16 25.97 27.16
C GLU E 403 -41.28 26.58 27.99
N ASP E 404 -42.06 27.49 27.41
CA ASP E 404 -43.19 28.14 28.08
C ASP E 404 -44.45 27.97 27.24
N GLU E 405 -44.68 26.73 26.81
CA GLU E 405 -45.81 26.41 25.95
C GLU E 405 -47.12 26.66 26.69
N LYS E 406 -47.97 27.52 26.11
CA LYS E 406 -49.25 27.85 26.69
C LYS E 406 -50.31 26.85 26.22
N LEU E 407 -51.54 27.03 26.68
CA LEU E 407 -52.64 26.21 26.20
C LEU E 407 -53.20 26.77 24.90
N LEU E 408 -53.73 25.88 24.08
CA LEU E 408 -54.25 26.27 22.78
C LEU E 408 -55.48 27.14 22.94
N GLY E 409 -55.44 28.33 22.34
CA GLY E 409 -56.61 29.18 22.27
C GLY E 409 -57.02 29.84 23.57
N VAL E 410 -56.10 30.02 24.51
CA VAL E 410 -56.40 30.69 25.77
C VAL E 410 -55.32 31.74 26.03
N ARG E 411 -55.66 32.70 26.89
CA ARG E 411 -54.76 33.74 27.31
C ARG E 411 -54.87 33.93 28.82
N GLU E 412 -53.80 34.45 29.41
CA GLU E 412 -53.68 34.55 30.87
C GLU E 412 -53.62 36.00 31.31
N ARG E 413 -54.48 36.85 30.75
CA ARG E 413 -54.54 38.24 31.16
C ARG E 413 -55.23 38.36 32.52
N THR E 414 -54.60 39.10 33.42
CA THR E 414 -55.06 39.20 34.81
C THR E 414 -55.71 40.55 35.07
N LEU E 415 -56.73 40.53 35.93
CA LEU E 415 -57.44 41.73 36.33
C LEU E 415 -56.59 42.58 37.26
N THR E 416 -56.72 43.90 37.16
CA THR E 416 -55.94 44.84 37.97
C THR E 416 -56.89 45.83 38.64
N CYS E 417 -57.52 45.40 39.74
CA CYS E 417 -58.29 46.26 40.65
C CYS E 417 -59.37 47.07 39.93
N CYS E 418 -59.74 46.68 38.72
CA CYS E 418 -60.68 47.45 37.92
C CYS E 418 -61.29 46.52 36.88
N CYS E 419 -61.86 47.09 35.82
CA CYS E 419 -62.28 46.33 34.65
C CYS E 419 -61.18 46.25 33.59
N LEU E 420 -59.92 46.40 34.00
CA LEU E 420 -58.79 46.46 33.08
C LEU E 420 -57.97 45.18 33.19
N TRP E 421 -57.60 44.61 32.05
CA TRP E 421 -56.86 43.37 31.99
C TRP E 421 -55.47 43.62 31.42
N ALA E 422 -54.47 42.97 32.03
CA ALA E 422 -53.07 43.15 31.66
C ALA E 422 -52.40 41.80 31.47
N PHE E 423 -51.48 41.75 30.51
CA PHE E 423 -50.69 40.55 30.24
C PHE E 423 -49.21 40.91 30.34
N LYS E 424 -48.38 39.87 30.35
CA LYS E 424 -46.93 40.05 30.43
C LYS E 424 -46.33 40.01 29.03
N LYS E 425 -45.59 41.05 28.68
CA LYS E 425 -44.82 41.06 27.45
C LYS E 425 -43.49 40.35 27.67
N GLN E 426 -43.05 39.61 26.67
CA GLN E 426 -41.79 38.89 26.76
C GLN E 426 -40.66 39.72 26.18
N LYS E 427 -39.44 39.35 26.57
CA LYS E 427 -38.25 39.99 26.00
C LYS E 427 -38.10 39.58 24.55
N THR E 428 -38.20 40.56 23.64
CA THR E 428 -38.01 40.33 22.21
C THR E 428 -36.83 41.19 21.77
N HIS E 429 -35.65 40.58 21.72
CA HIS E 429 -34.44 41.28 21.32
C HIS E 429 -34.04 41.02 19.88
N THR E 430 -34.81 40.23 19.14
CA THR E 430 -34.50 39.95 17.74
C THR E 430 -35.79 39.72 16.98
N VAL E 431 -36.00 40.48 15.92
CA VAL E 431 -37.00 40.19 14.90
C VAL E 431 -36.24 39.63 13.71
N TYR E 432 -36.46 38.35 13.43
CA TYR E 432 -35.77 37.64 12.36
C TYR E 432 -36.81 37.19 11.36
N LYS E 433 -36.93 37.93 10.26
CA LYS E 433 -37.79 37.55 9.14
C LYS E 433 -36.95 36.69 8.21
N ARG E 434 -37.18 35.39 8.24
CA ARG E 434 -36.42 34.46 7.43
C ARG E 434 -36.77 34.62 5.96
N PRO E 435 -35.91 34.13 5.06
CA PRO E 435 -36.25 34.15 3.63
C PRO E 435 -37.57 33.43 3.38
N ASP E 436 -38.33 33.98 2.42
CA ASP E 436 -39.66 33.50 2.03
C ASP E 436 -40.72 33.80 3.08
N THR E 437 -40.44 34.69 4.01
CA THR E 437 -41.44 35.20 4.94
C THR E 437 -41.91 36.58 4.48
N GLN E 438 -42.92 37.09 5.17
CA GLN E 438 -43.46 38.41 4.85
C GLN E 438 -43.71 39.19 6.12
N SER E 439 -43.19 40.41 6.17
CA SER E 439 -43.52 41.35 7.21
C SER E 439 -44.78 42.11 6.81
N ILE E 440 -45.65 42.36 7.78
CA ILE E 440 -46.92 43.03 7.52
C ILE E 440 -47.08 44.17 8.52
N GLN E 441 -47.36 45.37 8.03
CA GLN E 441 -47.43 46.57 8.85
C GLN E 441 -48.77 47.24 8.65
N LYS E 442 -49.33 47.74 9.74
CA LYS E 442 -50.54 48.56 9.67
C LYS E 442 -50.14 49.99 9.36
N VAL E 443 -50.52 50.48 8.18
CA VAL E 443 -50.18 51.82 7.72
C VAL E 443 -51.46 52.53 7.33
N GLN E 444 -51.36 53.85 7.20
CA GLN E 444 -52.49 54.64 6.74
C GLN E 444 -52.77 54.34 5.28
N ALA E 445 -54.03 54.14 4.95
CA ALA E 445 -54.45 53.83 3.58
C ALA E 445 -55.49 54.81 3.04
N GLU E 446 -55.85 55.84 3.81
CA GLU E 446 -56.77 56.87 3.35
C GLU E 446 -56.11 58.22 3.61
N PHE E 447 -55.91 59.00 2.55
CA PHE E 447 -55.19 60.27 2.63
C PHE E 447 -56.09 61.37 2.09
N ASP E 448 -56.34 62.39 2.92
CA ASP E 448 -57.10 63.55 2.50
C ASP E 448 -56.53 64.84 3.09
N SER E 449 -55.22 64.86 3.36
CA SER E 449 -54.58 65.99 4.03
C SER E 449 -53.34 66.42 3.26
N PHE E 450 -53.47 66.57 1.95
CA PHE E 450 -52.37 67.06 1.13
C PHE E 450 -52.23 68.58 1.25
N SER E 458 -39.93 78.70 -6.96
CA SER E 458 -39.19 79.96 -6.95
C SER E 458 -37.86 79.81 -6.24
N GLY E 459 -36.94 79.08 -6.87
CA GLY E 459 -35.63 78.85 -6.29
C GLY E 459 -34.51 79.04 -7.30
N LEU E 460 -34.69 79.98 -8.22
CA LEU E 460 -33.73 80.25 -9.28
C LEU E 460 -32.95 81.51 -8.97
N SER E 461 -31.68 81.53 -9.35
CA SER E 461 -30.78 82.64 -9.06
C SER E 461 -30.25 83.23 -10.36
N ILE E 462 -29.96 84.54 -10.31
CA ILE E 462 -29.46 85.23 -11.50
C ILE E 462 -28.11 84.68 -11.97
N PRO E 463 -27.10 84.48 -11.12
CA PRO E 463 -25.85 83.91 -11.61
C PRO E 463 -26.02 82.54 -12.26
N LEU E 464 -26.91 81.70 -11.73
CA LEU E 464 -27.16 80.41 -12.37
C LEU E 464 -27.78 80.60 -13.75
N ARG E 465 -28.72 81.54 -13.89
CA ARG E 465 -29.32 81.81 -15.18
C ARG E 465 -28.26 82.26 -16.18
N THR E 466 -27.38 83.17 -15.76
CA THR E 466 -26.31 83.64 -16.64
C THR E 466 -25.37 82.51 -17.02
N ARG E 467 -25.01 81.66 -16.05
CA ARG E 467 -24.11 80.55 -16.34
C ARG E 467 -24.73 79.57 -17.34
N ILE E 468 -26.02 79.25 -17.15
CA ILE E 468 -26.68 78.34 -18.09
C ILE E 468 -26.78 78.97 -19.47
N LYS E 469 -27.13 80.25 -19.54
CA LYS E 469 -27.24 80.93 -20.82
C LYS E 469 -25.90 81.03 -21.53
N TRP E 470 -24.80 81.06 -20.77
CA TRP E 470 -23.48 81.19 -21.39
C TRP E 470 -23.13 79.98 -22.24
N LEU E 471 -23.70 78.81 -21.93
CA LEU E 471 -23.47 77.60 -22.71
C LEU E 471 -24.56 77.36 -23.75
N LEU E 472 -25.53 78.27 -23.86
CA LEU E 472 -26.60 78.13 -24.84
C LEU E 472 -26.74 79.39 -25.69
N PRO F 3 -1.51 52.28 -22.12
CA PRO F 3 -1.67 53.70 -22.42
C PRO F 3 -1.30 54.60 -21.25
N VAL F 4 -1.43 54.08 -20.03
CA VAL F 4 -0.99 54.77 -18.83
C VAL F 4 0.10 53.92 -18.19
N TYR F 5 1.27 54.53 -18.00
CA TYR F 5 2.46 53.84 -17.54
C TYR F 5 2.86 54.38 -16.17
N VAL F 6 3.09 53.47 -15.22
CA VAL F 6 3.41 53.83 -13.85
C VAL F 6 4.81 53.34 -13.51
N ASP F 7 5.57 54.19 -12.82
CA ASP F 7 6.95 53.87 -12.45
C ASP F 7 6.95 53.02 -11.17
N ILE F 8 6.52 51.77 -11.33
CA ILE F 8 6.53 50.79 -10.24
C ILE F 8 7.03 49.46 -10.79
N ASP F 9 7.47 48.60 -9.89
CA ASP F 9 7.95 47.28 -10.28
C ASP F 9 6.81 46.47 -10.85
N ALA F 10 7.11 45.65 -11.86
CA ALA F 10 6.09 44.82 -12.50
C ALA F 10 5.52 43.77 -11.56
N ASP F 11 6.22 43.43 -10.49
CA ASP F 11 5.76 42.45 -9.52
C ASP F 11 5.15 43.09 -8.28
N SER F 12 4.89 44.39 -8.32
CA SER F 12 4.33 45.09 -7.16
C SER F 12 2.91 44.64 -6.90
N ALA F 13 2.61 44.36 -5.62
CA ALA F 13 1.25 44.04 -5.22
C ALA F 13 0.34 45.26 -5.25
N PHE F 14 0.92 46.46 -5.27
CA PHE F 14 0.12 47.67 -5.36
C PHE F 14 -0.45 47.88 -6.75
N LEU F 15 0.07 47.18 -7.76
CA LEU F 15 -0.42 47.34 -9.12
C LEU F 15 -1.88 46.91 -9.23
N LYS F 16 -2.26 45.82 -8.56
CA LYS F 16 -3.65 45.38 -8.59
C LYS F 16 -4.57 46.41 -7.95
N ALA F 17 -4.16 46.97 -6.81
CA ALA F 17 -4.96 48.00 -6.15
C ALA F 17 -5.10 49.23 -7.02
N LEU F 18 -4.02 49.63 -7.69
CA LEU F 18 -4.06 50.81 -8.56
C LEU F 18 -4.91 50.55 -9.80
N GLN F 19 -4.91 49.32 -10.30
CA GLN F 19 -5.79 48.96 -11.42
C GLN F 19 -7.25 48.99 -10.98
N ARG F 20 -7.53 48.53 -9.76
CA ARG F 20 -8.89 48.59 -9.25
CA ARG F 20 -8.89 48.59 -9.25
C ARG F 20 -9.34 50.03 -9.04
N ALA F 21 -8.44 50.90 -8.56
CA ALA F 21 -8.77 52.29 -8.36
C ALA F 21 -8.96 53.05 -9.67
N TYR F 22 -8.39 52.55 -10.77
CA TYR F 22 -8.52 53.18 -12.08
C TYR F 22 -8.89 52.11 -13.12
N PRO F 23 -10.11 51.58 -13.05
CA PRO F 23 -10.52 50.59 -14.07
C PRO F 23 -10.63 51.17 -15.46
N MET F 24 -10.76 52.48 -15.59
CA MET F 24 -10.91 53.13 -16.89
C MET F 24 -9.63 53.12 -17.70
N PHE F 25 -8.48 52.93 -17.06
CA PHE F 25 -7.19 52.95 -17.71
C PHE F 25 -6.59 51.54 -17.75
N GLU F 26 -5.61 51.37 -18.62
CA GLU F 26 -4.82 50.15 -18.67
C GLU F 26 -3.47 50.47 -18.02
N VAL F 27 -3.39 50.20 -16.72
CA VAL F 27 -2.22 50.57 -15.93
C VAL F 27 -1.11 49.58 -16.21
N GLU F 28 0.03 50.08 -16.71
CA GLU F 28 1.15 49.22 -17.06
C GLU F 28 2.37 49.61 -16.23
N PRO F 29 2.96 48.67 -15.47
CA PRO F 29 4.14 49.01 -14.67
C PRO F 29 5.37 49.15 -15.56
N ARG F 30 5.95 50.35 -15.57
CA ARG F 30 7.16 50.65 -16.32
C ARG F 30 8.13 51.31 -15.35
N GLN F 31 8.88 50.49 -14.61
CA GLN F 31 9.76 51.00 -13.57
C GLN F 31 11.02 51.60 -14.18
N VAL F 32 11.31 52.85 -13.82
CA VAL F 32 12.52 53.53 -14.29
C VAL F 32 13.35 54.10 -13.15
N THR F 33 12.81 54.26 -11.95
CA THR F 33 13.54 54.80 -10.82
C THR F 33 13.31 53.91 -9.60
N PRO F 34 14.26 53.90 -8.65
CA PRO F 34 14.08 53.09 -7.43
C PRO F 34 13.29 53.83 -6.37
N ASN F 35 12.53 54.86 -6.78
CA ASN F 35 11.80 55.74 -5.89
C ASN F 35 11.12 55.00 -4.75
N ASP F 36 11.38 55.45 -3.52
CA ASP F 36 10.84 54.81 -2.34
C ASP F 36 9.43 55.29 -2.00
N HIS F 37 8.91 56.28 -2.71
CA HIS F 37 7.49 56.63 -2.63
C HIS F 37 6.88 56.51 -4.02
N ALA F 38 7.19 55.40 -4.69
CA ALA F 38 6.74 55.19 -6.07
C ALA F 38 5.23 55.00 -6.15
N ASN F 39 4.63 54.35 -5.15
CA ASN F 39 3.19 54.11 -5.18
C ASN F 39 2.41 55.42 -5.15
N ALA F 40 2.82 56.37 -4.31
CA ALA F 40 2.14 57.65 -4.25
C ALA F 40 2.30 58.42 -5.56
N ARG F 41 3.49 58.37 -6.16
CA ARG F 41 3.71 59.04 -7.44
C ARG F 41 2.84 58.41 -8.53
N ALA F 42 2.75 57.08 -8.55
CA ALA F 42 1.91 56.41 -9.54
C ALA F 42 0.45 56.76 -9.37
N PHE F 43 -0.03 56.80 -8.11
CA PHE F 43 -1.41 57.17 -7.87
C PHE F 43 -1.68 58.60 -8.29
N SER F 44 -0.75 59.52 -8.01
CA SER F 44 -0.95 60.91 -8.41
C SER F 44 -0.92 61.07 -9.92
N HIS F 45 -0.05 60.33 -10.61
CA HIS F 45 -0.01 60.36 -12.06
C HIS F 45 -1.32 59.87 -12.65
N LEU F 46 -1.84 58.76 -12.12
CA LEU F 46 -3.11 58.24 -12.62
C LEU F 46 -4.26 59.18 -12.27
N ALA F 47 -4.19 59.85 -11.12
CA ALA F 47 -5.20 60.82 -10.75
C ALA F 47 -5.22 62.00 -11.71
N ILE F 48 -4.04 62.49 -12.10
CA ILE F 48 -3.98 63.60 -13.05
C ILE F 48 -4.50 63.15 -14.41
N LYS F 49 -4.16 61.92 -14.82
CA LYS F 49 -4.69 61.40 -16.08
C LYS F 49 -6.21 61.33 -16.06
N LEU F 50 -6.78 60.84 -14.95
N LEU F 50 -6.78 60.84 -14.95
CA LEU F 50 -8.23 60.75 -14.84
CA LEU F 50 -8.22 60.75 -14.81
C LEU F 50 -8.87 62.13 -14.82
C LEU F 50 -8.87 62.12 -14.81
N ILE F 51 -8.26 63.08 -14.10
CA ILE F 51 -8.82 64.44 -14.05
C ILE F 51 -8.83 65.06 -15.42
N GLU F 52 -7.72 64.89 -16.17
CA GLU F 52 -7.67 65.41 -17.53
C GLU F 52 -8.73 64.75 -18.41
N GLN F 53 -8.91 63.43 -18.27
CA GLN F 53 -9.93 62.74 -19.05
C GLN F 53 -11.33 63.23 -18.71
N GLU F 54 -11.56 63.62 -17.45
CA GLU F 54 -12.90 64.01 -17.04
C GLU F 54 -13.28 65.39 -17.58
N ILE F 55 -12.36 66.34 -17.54
CA ILE F 55 -12.70 67.72 -17.86
C ILE F 55 -12.62 67.96 -19.37
N ASP F 56 -13.30 69.00 -19.83
CA ASP F 56 -13.35 69.32 -21.24
C ASP F 56 -11.99 69.79 -21.74
N PRO F 57 -11.63 69.43 -22.97
CA PRO F 57 -10.33 69.87 -23.51
C PRO F 57 -10.20 71.38 -23.63
N ASP F 58 -11.32 72.10 -23.78
CA ASP F 58 -11.31 73.55 -23.93
C ASP F 58 -11.33 74.27 -22.60
N SER F 59 -10.88 73.63 -21.52
CA SER F 59 -10.94 74.19 -20.19
C SER F 59 -9.55 74.62 -19.73
N THR F 60 -9.46 75.82 -19.17
CA THR F 60 -8.23 76.30 -18.55
C THR F 60 -8.19 75.85 -17.10
N ILE F 61 -7.03 75.36 -16.66
CA ILE F 61 -6.90 74.63 -15.42
C ILE F 61 -5.92 75.35 -14.53
N LEU F 62 -6.40 75.84 -13.38
CA LEU F 62 -5.50 76.39 -12.36
C LEU F 62 -4.88 75.25 -11.59
N ASP F 63 -3.55 75.22 -11.53
CA ASP F 63 -2.81 74.14 -10.89
C ASP F 63 -2.20 74.71 -9.62
N ILE F 64 -2.95 74.62 -8.52
CA ILE F 64 -2.60 75.32 -7.29
C ILE F 64 -1.50 74.58 -6.55
N GLY F 65 -0.50 75.32 -6.11
CA GLY F 65 0.57 74.76 -5.28
C GLY F 65 1.43 73.73 -5.99
N SER F 66 1.67 73.91 -7.28
CA SER F 66 2.42 72.95 -8.06
C SER F 66 3.48 73.68 -8.87
N ALA F 67 4.15 72.93 -9.75
CA ALA F 67 5.13 73.49 -10.64
C ALA F 67 4.82 73.09 -12.08
N PRO F 68 5.04 74.00 -13.04
CA PRO F 68 4.82 73.63 -14.44
C PRO F 68 5.86 72.65 -14.98
N ALA F 69 6.91 72.37 -14.21
CA ALA F 69 7.93 71.41 -14.65
C ALA F 69 7.36 70.00 -14.73
N ARG F 70 6.09 69.82 -14.39
CA ARG F 70 5.39 68.56 -14.58
C ARG F 70 4.09 68.70 -15.36
N ARG F 71 3.83 69.87 -15.94
N ARG F 71 3.82 69.88 -15.94
CA ARG F 71 2.57 70.12 -16.63
CA ARG F 71 2.56 70.10 -16.64
C ARG F 71 2.75 70.56 -18.09
C ARG F 71 2.77 70.72 -18.03
N MET F 72 3.98 70.62 -18.60
CA MET F 72 4.20 71.20 -19.92
C MET F 72 3.79 70.23 -21.03
N MET F 73 3.97 68.92 -20.82
CA MET F 73 3.73 67.89 -21.81
C MET F 73 2.26 67.49 -21.91
N SER F 74 1.36 68.48 -21.91
CA SER F 74 -0.06 68.24 -22.01
C SER F 74 -0.67 69.19 -23.02
N ASP F 75 -1.75 68.75 -23.66
CA ASP F 75 -2.49 69.58 -24.59
C ASP F 75 -3.53 70.45 -23.92
N ARG F 76 -3.60 70.44 -22.59
N ARG F 76 -3.64 70.38 -22.60
CA ARG F 76 -4.59 71.20 -21.85
CA ARG F 76 -4.58 71.21 -21.84
C ARG F 76 -3.95 72.45 -21.27
C ARG F 76 -3.89 72.50 -21.40
N LYS F 77 -4.68 73.57 -21.34
CA LYS F 77 -4.17 74.85 -20.89
C LYS F 77 -4.02 74.82 -19.36
N TYR F 78 -2.77 74.85 -18.89
CA TYR F 78 -2.46 74.76 -17.48
C TYR F 78 -1.85 76.08 -17.03
N HIS F 79 -2.54 76.78 -16.13
CA HIS F 79 -2.02 77.96 -15.47
C HIS F 79 -1.51 77.54 -14.10
N CYS F 80 -0.19 77.50 -13.94
CA CYS F 80 0.43 76.96 -12.73
C CYS F 80 0.67 78.10 -11.75
N VAL F 81 -0.24 78.24 -10.80
CA VAL F 81 -0.13 79.24 -9.74
C VAL F 81 0.17 78.54 -8.43
N CYS F 82 1.25 78.96 -7.76
CA CYS F 82 1.65 78.34 -6.51
C CYS F 82 2.16 79.38 -5.51
N ASP F 89 10.36 75.17 -4.93
CA ASP F 89 9.77 76.20 -5.77
C ASP F 89 10.80 76.78 -6.76
N PRO F 90 11.96 77.26 -6.30
CA PRO F 90 12.94 77.80 -7.25
C PRO F 90 13.54 76.73 -8.15
N GLU F 91 13.91 75.58 -7.58
CA GLU F 91 14.45 74.49 -8.39
C GLU F 91 13.40 73.97 -9.37
N ARG F 92 12.15 73.88 -8.93
CA ARG F 92 11.09 73.45 -9.83
C ARG F 92 10.87 74.44 -10.97
N LEU F 93 10.93 75.73 -10.67
CA LEU F 93 10.80 76.75 -11.71
C LEU F 93 11.97 76.66 -12.70
N ALA F 94 13.18 76.46 -12.19
CA ALA F 94 14.33 76.30 -13.06
C ALA F 94 14.20 75.05 -13.93
N ASN F 95 13.68 73.96 -13.37
CA ASN F 95 13.46 72.76 -14.14
C ASN F 95 12.40 72.99 -15.22
N TYR F 96 11.36 73.75 -14.90
CA TYR F 96 10.36 74.11 -15.90
C TYR F 96 10.98 74.90 -17.05
N ALA F 97 11.83 75.87 -16.72
CA ALA F 97 12.51 76.64 -17.76
C ALA F 97 13.41 75.74 -18.60
N ARG F 98 14.11 74.81 -17.95
CA ARG F 98 14.97 73.88 -18.67
C ARG F 98 14.16 73.00 -19.62
N LYS F 99 13.03 72.49 -19.16
CA LYS F 99 12.19 71.65 -20.00
C LYS F 99 11.63 72.45 -21.18
N LEU F 100 11.25 73.70 -20.94
CA LEU F 100 10.78 74.54 -22.03
C LEU F 100 11.88 74.78 -23.06
N ALA F 101 13.09 75.07 -22.58
CA ALA F 101 14.19 75.38 -23.50
C ALA F 101 14.64 74.15 -24.28
N SER F 102 14.59 72.98 -23.64
CA SER F 102 15.06 71.75 -24.28
C SER F 102 14.06 71.17 -25.26
N ALA F 103 12.82 71.67 -25.29
CA ALA F 103 11.80 71.19 -26.21
C ALA F 103 11.17 72.33 -27.02
N ALA F 104 11.86 73.46 -27.12
CA ALA F 104 11.29 74.62 -27.81
C ALA F 104 11.07 74.34 -29.28
N GLY F 105 11.92 73.49 -29.88
CA GLY F 105 11.82 73.22 -31.30
C GLY F 105 11.42 71.80 -31.64
N LYS F 106 11.68 70.86 -30.72
CA LYS F 106 11.41 69.45 -31.01
C LYS F 106 9.92 69.18 -31.12
N VAL F 107 9.14 69.66 -30.16
CA VAL F 107 7.70 69.48 -30.16
C VAL F 107 7.03 70.85 -30.13
N LEU F 108 6.09 71.07 -31.04
CA LEU F 108 5.38 72.35 -31.15
C LEU F 108 3.87 72.17 -30.98
N ASP F 109 3.43 71.02 -30.47
CA ASP F 109 2.02 70.75 -30.28
C ASP F 109 1.54 71.05 -28.87
N ARG F 110 2.40 71.60 -28.02
CA ARG F 110 2.06 71.88 -26.62
C ARG F 110 2.08 73.37 -26.31
N ASN F 111 2.05 74.22 -27.32
CA ASN F 111 2.14 75.68 -27.16
C ASN F 111 3.39 76.06 -26.38
N ILE F 112 4.51 75.41 -26.72
CA ILE F 112 5.75 75.67 -26.00
C ILE F 112 6.28 77.06 -26.31
N SER F 113 6.10 77.55 -27.54
CA SER F 113 6.47 78.92 -27.85
C SER F 113 5.66 79.91 -27.00
N GLY F 114 4.35 79.67 -26.90
CA GLY F 114 3.53 80.52 -26.05
C GLY F 114 3.89 80.42 -24.58
N LYS F 115 4.22 79.21 -24.13
CA LYS F 115 4.63 79.03 -22.74
C LYS F 115 5.94 79.78 -22.45
N ILE F 116 6.88 79.72 -23.38
CA ILE F 116 8.15 80.43 -23.21
C ILE F 116 7.92 81.94 -23.19
N GLY F 117 7.08 82.44 -24.10
CA GLY F 117 6.75 83.85 -24.08
C GLY F 117 6.09 84.28 -22.78
N ASP F 118 5.17 83.45 -22.28
CA ASP F 118 4.51 83.74 -21.01
C ASP F 118 5.51 83.76 -19.86
N LEU F 119 6.42 82.79 -19.83
CA LEU F 119 7.43 82.75 -18.77
C LEU F 119 8.34 83.98 -18.83
N GLN F 120 8.74 84.38 -20.04
CA GLN F 120 9.56 85.58 -20.18
C GLN F 120 8.80 86.82 -19.71
N ALA F 121 7.51 86.91 -20.06
CA ALA F 121 6.71 88.06 -19.61
C ALA F 121 6.60 88.09 -18.09
N VAL F 122 6.40 86.93 -17.47
CA VAL F 122 6.29 86.88 -16.02
C VAL F 122 7.63 87.26 -15.37
N MET F 123 8.75 86.77 -15.91
CA MET F 123 10.04 87.14 -15.36
C MET F 123 10.32 88.63 -15.53
N ALA F 124 9.85 89.22 -16.63
CA ALA F 124 9.99 90.66 -16.80
C ALA F 124 9.21 91.42 -15.73
N VAL F 125 7.89 91.24 -15.71
CA VAL F 125 7.03 91.85 -14.70
C VAL F 125 6.42 90.74 -13.85
N PRO F 126 6.77 90.63 -12.57
CA PRO F 126 6.28 89.52 -11.76
C PRO F 126 4.80 89.60 -11.41
N ASP F 127 4.09 90.63 -11.86
CA ASP F 127 2.66 90.77 -11.62
C ASP F 127 1.83 90.37 -12.83
N THR F 128 2.45 89.78 -13.84
CA THR F 128 1.72 89.41 -15.05
C THR F 128 0.90 88.14 -14.81
N GLU F 129 -0.24 88.05 -15.51
CA GLU F 129 -1.16 86.94 -15.33
C GLU F 129 -1.35 86.17 -16.63
N THR F 130 -0.24 85.83 -17.29
CA THR F 130 -0.21 85.06 -18.53
C THR F 130 -1.08 83.82 -18.43
N PRO F 131 -1.67 83.37 -19.53
CA PRO F 131 -2.64 82.25 -19.45
C PRO F 131 -2.02 80.93 -18.99
N THR F 132 -0.71 80.76 -19.06
CA THR F 132 -0.10 79.47 -18.77
C THR F 132 0.82 79.46 -17.56
N PHE F 133 1.04 80.60 -16.91
CA PHE F 133 1.93 80.62 -15.75
C PHE F 133 1.62 81.82 -14.88
N CYS F 134 1.88 81.67 -13.58
CA CYS F 134 1.71 82.75 -12.62
C CYS F 134 2.63 82.52 -11.44
N LEU F 135 3.07 83.62 -10.82
CA LEU F 135 3.92 83.57 -9.64
C LEU F 135 3.19 83.97 -8.36
N HIS F 136 1.94 84.42 -8.46
CA HIS F 136 1.19 84.81 -7.29
C HIS F 136 0.73 83.57 -6.52
N THR F 137 0.22 83.79 -5.32
CA THR F 137 -0.42 82.73 -4.58
C THR F 137 -1.80 82.43 -5.18
N ASP F 138 -2.40 81.34 -4.72
CA ASP F 138 -3.76 81.02 -5.16
C ASP F 138 -4.75 82.10 -4.76
N VAL F 139 -4.43 82.90 -3.74
CA VAL F 139 -5.28 84.01 -3.35
C VAL F 139 -4.97 85.24 -4.19
N SER F 140 -3.68 85.53 -4.41
CA SER F 140 -3.28 86.71 -5.16
C SER F 140 -3.44 86.56 -6.66
N CYS F 141 -3.61 85.34 -7.16
CA CYS F 141 -3.82 85.13 -8.58
C CYS F 141 -5.18 85.64 -9.00
N ARG F 142 -5.24 86.20 -10.21
CA ARG F 142 -6.50 86.73 -10.74
C ARG F 142 -6.77 86.23 -12.16
N GLN F 143 -6.11 85.16 -12.58
CA GLN F 143 -6.34 84.58 -13.90
C GLN F 143 -7.59 83.71 -13.84
N ARG F 144 -8.68 84.19 -14.47
CA ARG F 144 -9.94 83.47 -14.42
C ARG F 144 -9.85 82.15 -15.15
N ALA F 145 -10.46 81.12 -14.55
CA ALA F 145 -10.48 79.78 -15.14
C ALA F 145 -11.77 79.11 -14.73
N ASP F 146 -11.86 77.80 -15.02
CA ASP F 146 -13.02 77.02 -14.65
C ASP F 146 -12.68 75.69 -13.97
N VAL F 147 -11.41 75.29 -13.97
CA VAL F 147 -10.97 74.05 -13.34
C VAL F 147 -9.78 74.35 -12.46
N ALA F 148 -9.80 73.82 -11.24
CA ALA F 148 -8.68 73.94 -10.30
C ALA F 148 -8.22 72.56 -9.88
N ILE F 149 -6.91 72.39 -9.75
CA ILE F 149 -6.31 71.13 -9.33
C ILE F 149 -5.45 71.38 -8.11
N TYR F 150 -5.71 70.64 -7.04
CA TYR F 150 -4.91 70.67 -5.83
C TYR F 150 -4.25 69.30 -5.70
N GLN F 151 -3.08 69.16 -6.32
CA GLN F 151 -2.34 67.91 -6.30
C GLN F 151 -1.31 67.97 -5.18
N ASP F 152 -1.53 67.18 -4.13
CA ASP F 152 -0.58 67.02 -3.03
C ASP F 152 -0.24 68.35 -2.38
N VAL F 153 -1.24 69.22 -2.25
CA VAL F 153 -1.11 70.46 -1.50
C VAL F 153 -2.01 70.38 -0.27
N TYR F 154 -1.45 70.72 0.88
CA TYR F 154 -2.17 70.62 2.14
C TYR F 154 -2.02 71.83 3.03
N ALA F 155 -1.12 72.77 2.70
CA ALA F 155 -0.82 73.90 3.55
C ALA F 155 -1.67 75.13 3.21
N VAL F 156 -2.83 74.94 2.59
CA VAL F 156 -3.73 76.02 2.26
C VAL F 156 -5.09 75.73 2.90
N HIS F 157 -5.72 76.77 3.42
CA HIS F 157 -7.07 76.63 3.98
C HIS F 157 -8.04 76.31 2.85
N ALA F 158 -8.75 75.19 2.97
CA ALA F 158 -9.58 74.72 1.86
C ALA F 158 -10.71 75.69 1.51
N PRO F 159 -11.58 76.12 2.43
CA PRO F 159 -12.65 77.03 2.01
C PRO F 159 -12.13 78.35 1.47
N THR F 160 -11.04 78.89 2.02
CA THR F 160 -10.51 80.16 1.53
C THR F 160 -10.02 80.02 0.09
N SER F 161 -9.19 79.01 -0.17
CA SER F 161 -8.69 78.79 -1.52
C SER F 161 -9.83 78.48 -2.49
N LEU F 162 -10.78 77.65 -2.08
CA LEU F 162 -11.89 77.29 -2.96
C LEU F 162 -12.74 78.51 -3.28
N TYR F 163 -12.98 79.38 -2.30
CA TYR F 163 -13.70 80.61 -2.57
C TYR F 163 -12.92 81.52 -3.51
N HIS F 164 -11.60 81.62 -3.32
CA HIS F 164 -10.81 82.48 -4.18
C HIS F 164 -10.77 81.99 -5.61
N GLN F 165 -10.82 80.67 -5.82
CA GLN F 165 -10.95 80.17 -7.18
C GLN F 165 -12.36 80.33 -7.72
N ALA F 166 -13.37 80.20 -6.85
CA ALA F 166 -14.76 80.31 -7.29
C ALA F 166 -15.08 81.71 -7.80
N ILE F 167 -14.57 82.75 -7.11
CA ILE F 167 -14.80 84.11 -7.58
C ILE F 167 -14.05 84.39 -8.87
N LYS F 168 -13.07 83.55 -9.22
CA LYS F 168 -12.41 83.61 -10.52
C LYS F 168 -13.11 82.77 -11.56
N GLY F 169 -14.26 82.20 -11.24
CA GLY F 169 -15.05 81.45 -12.19
C GLY F 169 -14.86 79.94 -12.16
N VAL F 170 -14.09 79.41 -11.22
CA VAL F 170 -13.85 77.98 -11.17
C VAL F 170 -15.10 77.29 -10.65
N ARG F 171 -15.63 76.35 -11.45
CA ARG F 171 -16.78 75.57 -11.07
C ARG F 171 -16.44 74.14 -10.68
N LEU F 172 -15.25 73.68 -11.02
CA LEU F 172 -14.81 72.32 -10.74
C LEU F 172 -13.39 72.36 -10.20
N ALA F 173 -13.18 71.74 -9.03
CA ALA F 173 -11.87 71.64 -8.42
C ALA F 173 -11.59 70.17 -8.10
N TYR F 174 -10.32 69.81 -8.16
CA TYR F 174 -9.90 68.46 -7.84
C TYR F 174 -8.80 68.52 -6.79
N TRP F 175 -8.94 67.73 -5.73
CA TRP F 175 -7.95 67.65 -4.68
C TRP F 175 -7.40 66.23 -4.63
N VAL F 176 -6.10 66.10 -4.80
CA VAL F 176 -5.43 64.80 -4.74
C VAL F 176 -4.52 64.81 -3.52
N GLY F 177 -4.67 63.81 -2.66
CA GLY F 177 -3.82 63.76 -1.49
C GLY F 177 -4.25 62.65 -0.56
N PHE F 178 -3.50 62.52 0.53
CA PHE F 178 -3.79 61.48 1.50
C PHE F 178 -5.11 61.77 2.21
N ASP F 179 -5.78 60.69 2.62
CA ASP F 179 -7.06 60.81 3.29
C ASP F 179 -6.96 61.68 4.55
N THR F 180 -7.90 62.60 4.69
CA THR F 180 -7.95 63.50 5.84
C THR F 180 -8.66 62.89 7.04
N THR F 181 -9.23 61.70 6.90
CA THR F 181 -9.93 61.06 8.00
C THR F 181 -9.05 60.81 9.23
N PRO F 182 -7.80 60.35 9.11
CA PRO F 182 -7.00 60.15 10.32
C PRO F 182 -6.79 61.40 11.15
N PHE F 183 -6.84 62.58 10.52
CA PHE F 183 -6.70 63.83 11.27
C PHE F 183 -8.02 64.37 11.78
N MET F 184 -9.14 63.92 11.23
CA MET F 184 -10.43 64.22 11.84
C MET F 184 -10.68 63.36 13.06
N TYR F 185 -10.12 62.15 13.08
CA TYR F 185 -10.08 61.35 14.30
C TYR F 185 -9.06 61.85 15.29
N ASN F 186 -8.17 62.76 14.88
CA ASN F 186 -7.21 63.42 15.76
C ASN F 186 -6.20 62.42 16.33
N ALA F 187 -5.65 61.59 15.45
CA ALA F 187 -4.63 60.65 15.85
C ALA F 187 -3.31 61.38 16.14
N MET F 188 -2.56 60.84 17.09
CA MET F 188 -1.26 61.43 17.43
C MET F 188 -0.25 61.17 16.32
N ALA F 189 -0.22 59.96 15.79
CA ALA F 189 0.60 59.59 14.65
C ALA F 189 -0.20 58.63 13.79
N GLY F 190 0.36 58.23 12.66
CA GLY F 190 -0.34 57.31 11.79
C GLY F 190 0.49 56.93 10.59
N ALA F 191 -0.03 55.96 9.85
CA ALA F 191 0.64 55.43 8.67
C ALA F 191 -0.33 55.30 7.52
N TYR F 192 0.15 55.62 6.33
CA TYR F 192 -0.40 55.16 5.06
C TYR F 192 0.60 54.12 4.56
N PRO F 193 0.48 52.87 5.01
CA PRO F 193 1.54 51.89 4.74
C PRO F 193 1.65 51.49 3.28
N SER F 194 0.56 51.57 2.52
CA SER F 194 0.63 51.19 1.10
C SER F 194 1.50 52.15 0.31
N TYR F 195 1.60 53.40 0.74
CA TYR F 195 2.40 54.41 0.06
C TYR F 195 3.71 54.68 0.78
N SER F 196 4.11 53.80 1.69
CA SER F 196 5.33 53.97 2.48
C SER F 196 5.34 55.30 3.21
N THR F 197 4.17 55.76 3.64
CA THR F 197 4.02 57.08 4.24
C THR F 197 3.78 56.93 5.73
N ASN F 198 4.51 57.69 6.53
CA ASN F 198 4.30 57.73 7.97
C ASN F 198 4.28 59.17 8.42
N TRP F 199 3.27 59.54 9.18
CA TRP F 199 3.15 60.90 9.69
C TRP F 199 3.10 60.84 11.21
N ALA F 200 3.68 61.86 11.84
CA ALA F 200 3.71 61.91 13.29
C ALA F 200 3.62 63.36 13.73
N ASP F 201 2.97 63.56 14.88
CA ASP F 201 3.01 64.85 15.54
C ASP F 201 4.44 65.17 15.95
N GLU F 202 4.77 66.48 15.94
CA GLU F 202 6.09 66.91 16.39
C GLU F 202 6.38 66.48 17.81
N GLN F 203 5.34 66.26 18.61
CA GLN F 203 5.52 65.88 20.01
C GLN F 203 6.04 64.46 20.17
N VAL F 204 5.74 63.57 19.23
CA VAL F 204 6.11 62.17 19.35
C VAL F 204 7.17 61.78 18.31
N LEU F 205 7.93 62.76 17.80
CA LEU F 205 9.01 62.45 16.87
C LEU F 205 10.15 61.68 17.52
N LYS F 206 10.26 61.74 18.85
CA LYS F 206 11.27 61.00 19.58
C LYS F 206 10.74 59.68 20.13
N ALA F 207 9.70 59.14 19.51
CA ALA F 207 9.15 57.86 19.90
C ALA F 207 10.08 56.73 19.44
N LYS F 208 9.65 55.51 19.66
CA LYS F 208 10.46 54.34 19.35
C LYS F 208 9.82 53.40 18.34
N ASN F 209 8.52 53.14 18.45
CA ASN F 209 7.88 52.07 17.70
C ASN F 209 6.74 52.55 16.81
N ILE F 210 6.79 53.80 16.36
CA ILE F 210 5.88 54.30 15.34
C ILE F 210 6.66 54.42 14.04
N GLY F 211 5.92 54.72 12.96
CA GLY F 211 6.54 54.74 11.65
C GLY F 211 7.59 55.82 11.48
N LEU F 212 7.31 57.02 11.98
CA LEU F 212 8.18 58.18 11.80
C LEU F 212 8.66 58.65 13.17
N CYS F 213 9.81 58.12 13.60
CA CYS F 213 10.37 58.50 14.90
C CYS F 213 11.85 58.15 14.91
N SER F 214 12.55 58.74 15.88
CA SER F 214 13.92 58.37 16.17
C SER F 214 14.17 58.58 17.66
N THR F 215 14.69 57.55 18.32
CA THR F 215 15.04 57.64 19.73
C THR F 215 16.46 57.11 19.93
N ASP F 216 17.06 57.50 21.05
CA ASP F 216 18.39 57.07 21.40
C ASP F 216 18.34 55.95 22.42
N LEU F 217 19.48 55.27 22.58
CA LEU F 217 19.59 54.23 23.60
C LEU F 217 19.88 54.88 24.95
N THR F 218 19.17 54.44 25.98
CA THR F 218 19.36 54.95 27.33
C THR F 218 19.26 53.80 28.32
N GLU F 219 19.93 53.98 29.46
CA GLU F 219 19.85 53.03 30.56
C GLU F 219 18.74 53.36 31.54
N GLY F 220 18.07 54.50 31.38
CA GLY F 220 17.03 54.91 32.30
C GLY F 220 17.53 55.10 33.72
N ARG F 221 18.69 55.74 33.87
CA ARG F 221 19.31 55.96 35.16
C ARG F 221 18.95 57.33 35.74
N ARG F 222 19.14 58.39 34.99
CA ARG F 222 18.80 59.74 35.42
C ARG F 222 17.42 60.12 34.88
N GLY F 223 16.56 60.60 35.77
CA GLY F 223 15.25 61.10 35.36
C GLY F 223 15.36 62.49 34.77
N LYS F 224 15.09 62.62 33.48
CA LYS F 224 15.29 63.89 32.79
C LYS F 224 14.40 64.98 33.39
N LEU F 225 14.97 66.16 33.55
CA LEU F 225 14.30 67.33 34.11
C LEU F 225 13.65 68.15 33.00
N SER F 226 12.67 68.96 33.38
CA SER F 226 11.98 69.83 32.44
C SER F 226 11.45 71.04 33.18
N ILE F 227 11.56 72.22 32.53
CA ILE F 227 11.08 73.45 33.13
C ILE F 227 9.56 73.52 33.16
N MET F 228 8.88 72.75 32.32
CA MET F 228 7.43 72.79 32.22
C MET F 228 6.83 71.45 32.57
N ARG F 229 5.61 71.48 33.11
CA ARG F 229 4.86 70.28 33.44
C ARG F 229 4.02 69.89 32.24
N GLY F 230 4.31 68.73 31.65
CA GLY F 230 3.50 68.27 30.55
C GLY F 230 2.12 67.87 31.00
N LYS F 231 2.02 66.76 31.72
CA LYS F 231 0.78 66.29 32.35
C LYS F 231 -0.31 66.02 31.31
N LYS F 232 0.01 66.22 30.03
CA LYS F 232 -0.95 65.99 28.96
C LYS F 232 -0.19 65.93 27.65
N LEU F 233 -0.50 64.92 26.83
CA LEU F 233 0.10 64.74 25.52
C LEU F 233 -1.05 64.64 24.53
N GLU F 234 -1.51 65.78 24.06
CA GLU F 234 -2.58 65.85 23.08
C GLU F 234 -2.02 66.30 21.74
N PRO F 235 -2.64 65.88 20.63
CA PRO F 235 -2.15 66.31 19.31
C PRO F 235 -2.13 67.82 19.19
N CYS F 236 -1.04 68.33 18.64
CA CYS F 236 -0.87 69.75 18.36
C CYS F 236 -0.90 69.96 16.85
N ASP F 237 -0.97 71.24 16.46
CA ASP F 237 -1.22 71.58 15.07
C ASP F 237 -0.12 71.06 14.14
N ARG F 238 1.13 71.16 14.59
CA ARG F 238 2.26 70.79 13.73
C ARG F 238 2.37 69.28 13.61
N VAL F 239 2.38 68.79 12.37
N VAL F 239 2.40 68.79 12.37
CA VAL F 239 2.59 67.37 12.09
CA VAL F 239 2.57 67.38 12.07
C VAL F 239 3.63 67.27 10.98
C VAL F 239 3.61 67.27 10.96
N LEU F 240 4.19 66.08 10.83
CA LEU F 240 5.21 65.84 9.82
C LEU F 240 4.90 64.57 9.06
N PHE F 241 4.81 64.68 7.75
CA PHE F 241 4.61 63.55 6.85
C PHE F 241 5.96 63.12 6.30
N SER F 242 6.12 61.81 6.12
CA SER F 242 7.26 61.24 5.42
C SER F 242 6.68 60.31 4.35
N VAL F 243 6.70 60.77 3.11
CA VAL F 243 6.29 59.99 1.96
C VAL F 243 7.57 59.39 1.39
N GLY F 244 7.78 58.11 1.61
CA GLY F 244 9.09 57.55 1.36
C GLY F 244 10.10 58.23 2.27
N SER F 245 11.08 58.88 1.66
CA SER F 245 12.06 59.67 2.40
C SER F 245 11.80 61.17 2.29
N THR F 246 10.68 61.57 1.69
CA THR F 246 10.38 62.98 1.49
C THR F 246 9.62 63.53 2.70
N LEU F 247 10.14 64.59 3.29
CA LEU F 247 9.63 65.15 4.53
C LEU F 247 8.81 66.41 4.24
N TYR F 248 7.62 66.48 4.82
CA TYR F 248 6.71 67.61 4.61
C TYR F 248 6.12 68.05 5.95
N PRO F 249 6.30 69.32 6.35
CA PRO F 249 5.57 69.82 7.52
C PRO F 249 4.15 70.24 7.15
N GLU F 250 3.19 69.86 7.98
CA GLU F 250 1.79 70.15 7.73
C GLU F 250 1.14 70.67 9.00
N SER F 251 0.03 71.36 8.81
CA SER F 251 -0.79 71.88 9.90
C SER F 251 -2.05 71.03 10.01
N ARG F 252 -2.40 70.64 11.23
CA ARG F 252 -3.60 69.82 11.43
C ARG F 252 -4.85 70.56 11.00
N LYS F 253 -4.94 71.85 11.30
CA LYS F 253 -6.13 72.60 10.93
C LYS F 253 -6.26 72.70 9.41
N LEU F 254 -5.15 72.90 8.70
CA LEU F 254 -5.19 72.99 7.25
C LEU F 254 -5.50 71.64 6.61
N LEU F 255 -5.05 70.54 7.23
CA LEU F 255 -5.43 69.22 6.75
C LEU F 255 -6.91 68.96 6.97
N LYS F 256 -7.41 69.27 8.17
CA LYS F 256 -8.81 69.04 8.48
C LYS F 256 -9.73 69.93 7.66
N SER F 257 -9.27 71.10 7.26
CA SER F 257 -10.07 71.98 6.42
C SER F 257 -10.41 71.32 5.09
N TRP F 258 -9.57 70.41 4.61
CA TRP F 258 -9.83 69.71 3.36
C TRP F 258 -10.75 68.51 3.55
N HIS F 259 -11.09 68.16 4.79
CA HIS F 259 -12.13 67.16 5.05
C HIS F 259 -13.49 67.86 4.98
N LEU F 260 -13.84 68.24 3.76
CA LEU F 260 -15.04 69.02 3.53
C LEU F 260 -16.28 68.12 3.55
N PRO F 261 -17.41 68.66 3.97
CA PRO F 261 -18.65 67.86 3.96
C PRO F 261 -19.15 67.61 2.56
N SER F 262 -20.23 66.83 2.43
CA SER F 262 -20.80 66.56 1.12
C SER F 262 -21.32 67.85 0.48
N VAL F 263 -21.88 68.74 1.28
CA VAL F 263 -22.38 70.03 0.81
C VAL F 263 -21.92 71.11 1.78
N PHE F 264 -21.47 72.24 1.23
CA PHE F 264 -21.10 73.37 2.05
C PHE F 264 -21.35 74.66 1.26
N HIS F 265 -21.36 75.78 1.97
CA HIS F 265 -21.66 77.07 1.38
C HIS F 265 -20.53 78.04 1.68
N LEU F 266 -20.07 78.75 0.65
CA LEU F 266 -19.06 79.80 0.79
C LEU F 266 -19.77 81.13 0.57
N LYS F 267 -19.98 81.88 1.65
CA LYS F 267 -20.70 83.15 1.58
C LYS F 267 -19.72 84.30 1.73
N GLY F 268 -19.77 85.24 0.80
CA GLY F 268 -18.95 86.44 0.85
C GLY F 268 -19.57 87.52 0.00
N LYS F 269 -18.73 88.25 -0.74
CA LYS F 269 -19.25 89.17 -1.75
C LYS F 269 -20.05 88.40 -2.80
N LEU F 270 -19.52 87.26 -3.24
CA LEU F 270 -20.24 86.30 -4.05
C LEU F 270 -20.44 85.03 -3.23
N SER F 271 -21.57 84.37 -3.41
CA SER F 271 -21.93 83.20 -2.63
C SER F 271 -21.99 81.97 -3.53
N PHE F 272 -21.50 80.84 -3.01
CA PHE F 272 -21.40 79.62 -3.78
C PHE F 272 -21.87 78.43 -2.96
N THR F 273 -22.49 77.46 -3.65
CA THR F 273 -22.86 76.18 -3.06
C THR F 273 -21.95 75.11 -3.66
N CYS F 274 -21.13 74.50 -2.82
CA CYS F 274 -20.12 73.57 -3.28
C CYS F 274 -20.40 72.18 -2.72
N ARG F 275 -20.05 71.17 -3.50
CA ARG F 275 -20.25 69.78 -3.14
C ARG F 275 -18.93 69.05 -3.25
N CYS F 276 -18.56 68.31 -2.21
CA CYS F 276 -17.31 67.55 -2.19
C CYS F 276 -17.63 66.07 -2.21
N ASP F 277 -17.14 65.37 -3.23
CA ASP F 277 -17.30 63.93 -3.36
C ASP F 277 -15.95 63.28 -3.55
N THR F 278 -15.72 62.18 -2.86
CA THR F 278 -14.49 61.40 -3.02
C THR F 278 -14.68 60.47 -4.20
N VAL F 279 -14.04 60.79 -5.32
CA VAL F 279 -14.24 60.01 -6.54
C VAL F 279 -13.20 58.90 -6.69
N VAL F 280 -12.01 59.05 -6.11
CA VAL F 280 -11.02 57.99 -6.10
C VAL F 280 -10.55 57.78 -4.67
N SER F 281 -10.42 56.51 -4.27
CA SER F 281 -9.98 56.21 -2.90
C SER F 281 -9.23 54.88 -2.95
N CYS F 282 -7.91 54.94 -2.86
CA CYS F 282 -7.06 53.75 -2.86
C CYS F 282 -6.15 53.77 -1.64
N GLU F 283 -6.51 52.98 -0.63
CA GLU F 283 -5.60 52.57 0.44
C GLU F 283 -4.97 53.75 1.15
N GLY F 284 -5.74 54.81 1.34
CA GLY F 284 -5.28 56.00 2.02
C GLY F 284 -5.08 57.22 1.14
N TYR F 285 -5.09 57.07 -0.18
CA TYR F 285 -4.90 58.19 -1.09
C TYR F 285 -6.22 58.46 -1.79
N VAL F 286 -6.70 59.71 -1.73
CA VAL F 286 -8.01 60.06 -2.25
C VAL F 286 -7.89 61.19 -3.26
N VAL F 287 -8.73 61.11 -4.29
CA VAL F 287 -9.02 62.20 -5.20
C VAL F 287 -10.46 62.61 -4.94
N LYS F 288 -10.63 63.87 -4.53
CA LYS F 288 -11.92 64.48 -4.24
C LYS F 288 -12.29 65.44 -5.35
N ARG F 289 -13.54 65.41 -5.78
CA ARG F 289 -14.08 66.32 -6.77
C ARG F 289 -15.01 67.31 -6.06
N ILE F 290 -14.72 68.60 -6.20
CA ILE F 290 -15.51 69.66 -5.60
C ILE F 290 -16.21 70.43 -6.70
N THR F 291 -17.53 70.40 -6.72
CA THR F 291 -18.32 71.14 -7.69
C THR F 291 -18.92 72.36 -7.01
N MET F 292 -18.57 73.55 -7.50
CA MET F 292 -19.02 74.80 -6.92
C MET F 292 -19.97 75.50 -7.87
N SER F 293 -21.07 76.01 -7.34
CA SER F 293 -22.07 76.72 -8.12
C SER F 293 -22.49 77.98 -7.36
N PRO F 294 -22.67 79.10 -8.07
CA PRO F 294 -23.05 80.35 -7.39
C PRO F 294 -24.47 80.29 -6.87
N GLY F 295 -24.63 80.62 -5.59
CA GLY F 295 -25.93 80.59 -4.94
C GLY F 295 -25.90 79.76 -3.67
N LEU F 296 -27.01 79.85 -2.94
CA LEU F 296 -27.17 79.13 -1.66
C LEU F 296 -28.29 78.10 -1.72
N TYR F 297 -28.33 77.31 -2.79
CA TYR F 297 -29.35 76.29 -2.92
C TYR F 297 -29.17 75.21 -1.85
N GLY F 298 -30.29 74.69 -1.36
CA GLY F 298 -30.26 73.59 -0.42
C GLY F 298 -29.83 74.00 0.97
N LYS F 299 -29.59 72.98 1.78
CA LYS F 299 -29.15 73.14 3.16
C LYS F 299 -28.03 72.16 3.44
N THR F 300 -27.22 72.48 4.45
CA THR F 300 -26.04 71.71 4.79
C THR F 300 -26.23 71.05 6.15
N THR F 301 -25.92 69.75 6.22
CA THR F 301 -25.94 69.02 7.47
C THR F 301 -24.63 69.11 8.24
N GLY F 302 -23.58 69.66 7.63
CA GLY F 302 -22.29 69.74 8.30
C GLY F 302 -21.67 68.40 8.59
N TYR F 303 -21.91 67.40 7.75
CA TYR F 303 -21.41 66.05 7.96
C TYR F 303 -20.52 65.64 6.80
N ALA F 304 -19.32 65.17 7.12
CA ALA F 304 -18.38 64.62 6.15
C ALA F 304 -18.30 63.11 6.35
N VAL F 305 -18.47 62.36 5.27
CA VAL F 305 -18.53 60.90 5.32
C VAL F 305 -17.35 60.34 4.56
N THR F 306 -16.64 59.41 5.21
CA THR F 306 -15.52 58.69 4.60
C THR F 306 -15.89 57.22 4.54
N HIS F 307 -16.07 56.69 3.34
CA HIS F 307 -16.24 55.26 3.16
C HIS F 307 -14.91 54.54 3.35
N HIS F 308 -14.97 53.32 3.87
CA HIS F 308 -13.78 52.53 4.13
C HIS F 308 -13.83 51.26 3.29
N ALA F 309 -13.14 51.28 2.15
CA ALA F 309 -12.93 50.06 1.39
C ALA F 309 -12.03 49.09 2.17
N ASP F 310 -11.02 49.61 2.84
N ASP F 310 -11.03 49.62 2.85
CA ASP F 310 -10.15 48.85 3.72
CA ASP F 310 -10.17 48.83 3.72
C ASP F 310 -10.37 49.29 5.16
C ASP F 310 -10.35 49.30 5.16
N GLY F 311 -9.96 48.44 6.09
CA GLY F 311 -10.15 48.75 7.50
C GLY F 311 -9.32 49.95 7.92
N PHE F 312 -9.91 50.79 8.78
CA PHE F 312 -9.23 51.92 9.37
C PHE F 312 -9.16 51.72 10.88
N LEU F 313 -7.97 51.87 11.44
CA LEU F 313 -7.76 51.65 12.87
C LEU F 313 -7.17 52.90 13.49
N MET F 314 -7.80 53.37 14.57
CA MET F 314 -7.18 54.34 15.47
C MET F 314 -7.13 53.71 16.85
N CYS F 315 -5.93 53.38 17.30
CA CYS F 315 -5.78 52.60 18.52
C CYS F 315 -4.85 53.31 19.49
N LYS F 316 -5.15 53.15 20.77
CA LYS F 316 -4.23 53.59 21.81
C LYS F 316 -3.01 52.67 21.83
N THR F 317 -1.83 53.27 21.81
CA THR F 317 -0.58 52.52 21.87
C THR F 317 0.34 53.17 22.89
N THR F 318 1.12 52.34 23.56
CA THR F 318 2.06 52.80 24.58
C THR F 318 3.47 52.73 24.01
N ASP F 319 4.13 53.88 23.94
CA ASP F 319 5.50 53.94 23.45
C ASP F 319 6.36 54.71 24.45
N THR F 320 7.62 54.93 24.11
CA THR F 320 8.50 55.80 24.88
C THR F 320 8.96 56.94 24.00
N VAL F 321 8.53 58.16 24.33
CA VAL F 321 8.98 59.36 23.66
C VAL F 321 10.07 59.98 24.50
N ASP F 322 11.27 60.09 23.92
CA ASP F 322 12.45 60.58 24.64
C ASP F 322 12.69 59.78 25.93
N GLY F 323 12.38 58.50 25.89
CA GLY F 323 12.55 57.62 27.04
C GLY F 323 11.38 57.60 28.00
N GLU F 324 10.44 58.54 27.90
CA GLU F 324 9.30 58.60 28.80
C GLU F 324 8.18 57.73 28.25
N ARG F 325 7.69 56.81 29.06
CA ARG F 325 6.62 55.92 28.64
C ARG F 325 5.29 56.68 28.65
N VAL F 326 4.70 56.83 27.47
CA VAL F 326 3.44 57.56 27.29
C VAL F 326 2.52 56.71 26.42
N SER F 327 1.25 57.11 26.39
CA SER F 327 0.24 56.47 25.57
C SER F 327 -0.40 57.51 24.66
N PHE F 328 -0.56 57.17 23.39
CA PHE F 328 -1.17 58.08 22.43
C PHE F 328 -1.83 57.27 21.31
N SER F 329 -2.62 57.97 20.51
CA SER F 329 -3.41 57.34 19.46
C SER F 329 -2.61 57.23 18.17
N VAL F 330 -2.68 56.07 17.54
CA VAL F 330 -1.99 55.80 16.28
C VAL F 330 -3.01 55.27 15.29
N CYS F 331 -3.05 55.85 14.09
CA CYS F 331 -3.93 55.41 13.03
C CYS F 331 -3.18 54.58 12.01
N THR F 332 -3.94 53.78 11.27
CA THR F 332 -3.37 52.91 10.23
C THR F 332 -4.49 52.38 9.35
N TYR F 333 -4.10 51.90 8.18
CA TYR F 333 -5.00 51.24 7.25
C TYR F 333 -4.63 49.77 7.16
N VAL F 334 -5.61 48.91 7.32
CA VAL F 334 -5.44 47.46 7.26
C VAL F 334 -6.14 46.97 5.99
N PRO F 335 -5.50 46.12 5.19
CA PRO F 335 -6.15 45.64 3.96
C PRO F 335 -7.45 44.90 4.27
N ALA F 336 -8.41 45.05 3.35
CA ALA F 336 -9.74 44.49 3.57
C ALA F 336 -9.71 42.98 3.71
N THR F 337 -8.83 42.30 2.98
CA THR F 337 -8.73 40.84 3.11
C THR F 337 -8.24 40.46 4.50
N ILE F 338 -7.27 41.19 5.04
CA ILE F 338 -6.80 40.93 6.40
C ILE F 338 -7.92 41.16 7.40
N CYS F 339 -8.67 42.26 7.23
CA CYS F 339 -9.77 42.56 8.14
C CYS F 339 -10.84 41.48 8.09
N ASP F 340 -11.16 40.99 6.88
CA ASP F 340 -12.17 39.95 6.74
C ASP F 340 -11.71 38.64 7.34
N GLN F 341 -10.43 38.29 7.16
CA GLN F 341 -9.92 37.05 7.72
C GLN F 341 -9.77 37.08 9.23
N MET F 342 -9.83 38.26 9.84
CA MET F 342 -9.75 38.39 11.29
C MET F 342 -11.12 38.43 11.95
N THR F 343 -12.20 38.38 11.17
CA THR F 343 -13.54 38.54 11.73
C THR F 343 -13.88 37.41 12.70
N GLY F 344 -13.52 36.17 12.34
CA GLY F 344 -13.87 35.05 13.19
C GLY F 344 -13.15 35.06 14.52
N ILE F 345 -11.85 35.34 14.51
CA ILE F 345 -11.06 35.24 15.74
C ILE F 345 -11.35 36.41 16.67
N LEU F 346 -11.92 37.50 16.17
CA LEU F 346 -12.27 38.63 17.02
C LEU F 346 -13.61 38.43 17.72
N ALA F 347 -14.30 37.31 17.47
CA ALA F 347 -15.52 37.01 18.22
C ALA F 347 -15.22 36.78 19.69
N THR F 348 -14.04 36.24 20.01
CA THR F 348 -13.61 35.99 21.36
C THR F 348 -12.54 37.03 21.75
N GLU F 349 -12.12 36.96 23.01
CA GLU F 349 -11.05 37.84 23.50
C GLU F 349 -9.71 37.21 23.15
N VAL F 350 -8.94 37.90 22.31
CA VAL F 350 -7.64 37.42 21.85
C VAL F 350 -6.57 38.36 22.39
N THR F 351 -5.49 37.77 22.90
CA THR F 351 -4.38 38.58 23.38
C THR F 351 -3.66 39.21 22.20
N PRO F 352 -2.94 40.32 22.44
CA PRO F 352 -2.16 40.92 21.35
C PRO F 352 -1.12 39.99 20.76
N GLU F 353 -0.56 39.09 21.58
N GLU F 353 -0.57 39.08 21.58
CA GLU F 353 0.41 38.12 21.07
CA GLU F 353 0.42 38.13 21.06
C GLU F 353 -0.23 37.15 20.09
C GLU F 353 -0.23 37.13 20.09
N ASP F 354 -1.36 36.55 20.48
CA ASP F 354 -2.05 35.64 19.58
C ASP F 354 -2.58 36.36 18.35
N ALA F 355 -3.10 37.58 18.54
CA ALA F 355 -3.56 38.37 17.40
C ALA F 355 -2.42 38.67 16.43
N GLN F 356 -1.24 38.99 16.96
CA GLN F 356 -0.08 39.26 16.12
C GLN F 356 0.37 38.01 15.39
N LYS F 357 0.37 36.86 16.07
CA LYS F 357 0.74 35.62 15.40
C LYS F 357 -0.24 35.27 14.29
N LEU F 358 -1.53 35.45 14.53
CA LEU F 358 -2.53 35.20 13.50
C LEU F 358 -2.39 36.17 12.34
N LEU F 359 -2.12 37.45 12.63
CA LEU F 359 -1.92 38.43 11.56
C LEU F 359 -0.71 38.08 10.72
N VAL F 360 0.38 37.61 11.35
CA VAL F 360 1.57 37.20 10.61
C VAL F 360 1.25 36.00 9.74
N GLY F 361 0.48 35.05 10.28
CA GLY F 361 0.08 33.90 9.47
C GLY F 361 -0.76 34.29 8.28
N LEU F 362 -1.69 35.24 8.47
CA LEU F 362 -2.51 35.73 7.37
C LEU F 362 -1.72 36.59 6.39
N ASN F 363 -0.62 37.18 6.83
CA ASN F 363 0.13 38.10 5.99
C ASN F 363 1.08 37.41 5.03
N GLN F 364 1.24 36.09 5.13
CA GLN F 364 2.16 35.36 4.26
C GLN F 364 1.61 35.28 2.83
N THR F 376 5.86 37.31 0.21
CA THR F 376 4.92 38.39 -0.08
C THR F 376 4.05 38.71 1.13
N ASN F 377 3.90 40.00 1.43
CA ASN F 377 3.10 40.45 2.55
C ASN F 377 1.94 41.29 2.04
N THR F 378 0.73 40.95 2.47
CA THR F 378 -0.44 41.74 2.11
C THR F 378 -0.37 43.13 2.72
N MET F 379 0.08 43.22 3.97
CA MET F 379 0.24 44.49 4.66
C MET F 379 1.66 44.61 5.19
N LYS F 380 2.10 45.85 5.37
CA LYS F 380 3.43 46.11 5.92
C LYS F 380 3.52 45.57 7.34
N ASN F 381 4.61 44.85 7.62
CA ASN F 381 4.74 44.17 8.90
C ASN F 381 4.99 45.10 10.07
N TYR F 382 5.53 46.30 9.82
CA TYR F 382 5.85 47.21 10.92
C TYR F 382 4.60 47.72 11.61
N MET F 383 3.44 47.65 10.96
CA MET F 383 2.17 47.97 11.61
C MET F 383 1.46 46.75 12.17
N ILE F 384 1.98 45.56 11.93
CA ILE F 384 1.33 44.34 12.43
C ILE F 384 1.21 44.34 13.96
N PRO F 385 2.24 44.68 14.73
CA PRO F 385 2.07 44.66 16.19
C PRO F 385 0.96 45.58 16.68
N VAL F 386 1.03 46.88 16.35
CA VAL F 386 0.06 47.83 16.86
C VAL F 386 -1.35 47.43 16.42
N VAL F 387 -1.51 47.08 15.15
CA VAL F 387 -2.80 46.59 14.65
C VAL F 387 -3.28 45.43 15.50
N ALA F 388 -2.36 44.48 15.77
CA ALA F 388 -2.71 43.35 16.64
C ALA F 388 -3.27 43.85 17.95
N GLN F 389 -2.53 44.75 18.61
CA GLN F 389 -3.02 45.31 19.87
C GLN F 389 -4.40 45.91 19.67
N ALA F 390 -4.57 46.71 18.61
CA ALA F 390 -5.85 47.31 18.32
C ALA F 390 -6.93 46.24 18.26
N PHE F 391 -6.71 45.21 17.45
CA PHE F 391 -7.71 44.17 17.31
C PHE F 391 -8.01 43.57 18.67
N SER F 392 -6.97 43.24 19.42
CA SER F 392 -7.18 42.68 20.75
C SER F 392 -8.08 43.59 21.57
N LYS F 393 -7.71 44.87 21.66
CA LYS F 393 -8.52 45.78 22.44
C LYS F 393 -9.93 45.82 21.91
N TRP F 394 -10.08 45.92 20.59
CA TRP F 394 -11.40 45.94 19.99
C TRP F 394 -12.21 44.75 20.46
N ALA F 395 -11.63 43.55 20.32
CA ALA F 395 -12.36 42.35 20.73
C ALA F 395 -12.76 42.46 22.20
N LYS F 396 -11.80 42.83 23.05
CA LYS F 396 -12.10 42.96 24.47
C LYS F 396 -13.25 43.93 24.67
N GLU F 397 -13.18 45.10 24.03
CA GLU F 397 -14.23 46.09 24.22
C GLU F 397 -15.57 45.53 23.77
N CYS F 398 -15.59 44.83 22.63
CA CYS F 398 -16.83 44.26 22.16
C CYS F 398 -17.40 43.29 23.19
N ARG F 399 -16.53 42.46 23.77
CA ARG F 399 -16.99 41.54 24.80
C ARG F 399 -17.63 42.30 25.96
N LYS F 400 -16.98 43.39 26.39
CA LYS F 400 -17.57 44.20 27.46
C LYS F 400 -18.93 44.73 27.03
N ASP F 401 -19.04 45.20 25.79
CA ASP F 401 -20.32 45.69 25.31
C ASP F 401 -21.38 44.59 25.34
N MET F 402 -20.96 43.35 25.12
CA MET F 402 -21.90 42.24 25.16
C MET F 402 -22.13 41.72 26.58
N GLU F 403 -21.28 42.09 27.53
CA GLU F 403 -21.44 41.66 28.91
C GLU F 403 -22.08 42.72 29.78
N ASP F 404 -22.36 43.90 29.22
CA ASP F 404 -23.01 45.00 29.92
C ASP F 404 -24.19 45.50 29.11
N GLU F 405 -25.01 44.55 28.66
CA GLU F 405 -26.17 44.87 27.84
C GLU F 405 -27.17 45.71 28.63
N LYS F 406 -27.51 46.87 28.09
CA LYS F 406 -28.45 47.79 28.73
C LYS F 406 -29.87 47.45 28.29
N LEU F 407 -30.82 48.30 28.66
CA LEU F 407 -32.19 48.14 28.20
C LEU F 407 -32.43 48.96 26.93
N LEU F 408 -33.37 48.49 26.12
CA LEU F 408 -33.68 49.16 24.87
C LEU F 408 -34.23 50.55 25.12
N GLY F 409 -33.60 51.55 24.50
CA GLY F 409 -34.11 52.90 24.53
C GLY F 409 -34.18 53.54 25.90
N VAL F 410 -33.24 53.23 26.79
CA VAL F 410 -33.14 53.87 28.09
C VAL F 410 -31.70 54.25 28.35
N ARG F 411 -31.50 55.21 29.23
CA ARG F 411 -30.18 55.62 29.68
C ARG F 411 -30.20 55.78 31.19
N GLU F 412 -29.02 55.62 31.80
CA GLU F 412 -28.88 55.61 33.26
C GLU F 412 -28.07 56.81 33.75
N ARG F 413 -28.34 57.98 33.19
CA ARG F 413 -27.65 59.19 33.64
C ARG F 413 -28.12 59.57 35.04
N THR F 414 -27.16 59.90 35.91
CA THR F 414 -27.44 60.15 37.31
C THR F 414 -27.35 61.64 37.63
N LEU F 415 -28.29 62.11 38.42
CA LEU F 415 -28.33 63.50 38.84
C LEU F 415 -27.20 63.79 39.82
N THR F 416 -26.62 64.99 39.71
CA THR F 416 -25.49 65.40 40.54
C THR F 416 -25.83 66.70 41.26
N CYS F 417 -26.58 66.59 42.36
CA CYS F 417 -26.82 67.68 43.30
C CYS F 417 -27.33 68.96 42.64
N CYS F 418 -27.89 68.86 41.44
CA CYS F 418 -28.33 70.03 40.69
C CYS F 418 -29.35 69.57 39.65
N CYS F 419 -29.59 70.42 38.64
CA CYS F 419 -30.34 70.02 37.46
C CYS F 419 -29.44 69.46 36.37
N LEU F 420 -28.25 68.99 36.72
CA LEU F 420 -27.26 68.51 35.78
C LEU F 420 -27.18 66.98 35.82
N TRP F 421 -27.24 66.37 34.64
CA TRP F 421 -27.26 64.91 34.51
C TRP F 421 -25.94 64.44 33.90
N ALA F 422 -25.38 63.39 34.50
CA ALA F 422 -24.07 62.87 34.08
C ALA F 422 -24.16 61.37 33.86
N PHE F 423 -23.42 60.90 32.87
CA PHE F 423 -23.33 59.47 32.56
C PHE F 423 -21.88 59.03 32.63
N LYS F 424 -21.68 57.71 32.59
CA LYS F 424 -20.35 57.13 32.66
C LYS F 424 -19.85 56.83 31.25
N LYS F 425 -18.65 57.30 30.95
CA LYS F 425 -18.00 56.99 29.68
C LYS F 425 -17.17 55.72 29.82
N GLN F 426 -17.17 54.90 28.77
CA GLN F 426 -16.45 53.64 28.82
C GLN F 426 -15.06 53.79 28.21
N LYS F 427 -14.20 52.83 28.54
CA LYS F 427 -12.87 52.78 27.95
C LYS F 427 -12.99 52.44 26.46
N THR F 428 -12.53 53.35 25.62
CA THR F 428 -12.49 53.15 24.17
C THR F 428 -11.05 53.32 23.72
N HIS F 429 -10.32 52.22 23.61
CA HIS F 429 -8.93 52.25 23.18
C HIS F 429 -8.74 51.88 21.71
N THR F 430 -9.82 51.56 21.01
CA THR F 430 -9.73 51.22 19.60
C THR F 430 -10.98 51.69 18.88
N VAL F 431 -10.78 52.46 17.81
CA VAL F 431 -11.81 52.75 16.82
C VAL F 431 -11.47 51.93 15.59
N TYR F 432 -12.31 50.94 15.29
CA TYR F 432 -12.10 50.01 14.19
C TYR F 432 -13.24 50.22 13.19
N LYS F 433 -12.95 50.96 12.13
CA LYS F 433 -13.89 51.12 11.02
C LYS F 433 -13.62 49.98 10.05
N ARG F 434 -14.46 48.96 10.07
CA ARG F 434 -14.25 47.80 9.23
C ARG F 434 -14.48 48.15 7.76
N PRO F 435 -13.97 47.32 6.84
CA PRO F 435 -14.26 47.56 5.42
C PRO F 435 -15.75 47.60 5.16
N ASP F 436 -16.15 48.49 4.26
CA ASP F 436 -17.54 48.76 3.86
C ASP F 436 -18.33 49.48 4.94
N THR F 437 -17.65 50.06 5.94
CA THR F 437 -18.29 50.96 6.88
C THR F 437 -18.01 52.41 6.47
N GLN F 438 -18.61 53.34 7.18
CA GLN F 438 -18.42 54.75 6.90
C GLN F 438 -18.22 55.52 8.20
N SER F 439 -17.16 56.31 8.25
CA SER F 439 -16.97 57.26 9.34
C SER F 439 -17.68 58.56 8.99
N ILE F 440 -18.30 59.17 9.98
CA ILE F 440 -19.07 60.39 9.78
C ILE F 440 -18.65 61.41 10.83
N GLN F 441 -18.30 62.61 10.37
CA GLN F 441 -17.74 63.65 11.22
C GLN F 441 -18.57 64.92 11.09
N LYS F 442 -18.72 65.63 12.20
CA LYS F 442 -19.38 66.94 12.20
C LYS F 442 -18.32 68.00 11.90
N VAL F 443 -18.44 68.64 10.75
CA VAL F 443 -17.49 69.66 10.30
C VAL F 443 -18.26 70.93 9.95
N GLN F 444 -17.51 72.01 9.77
CA GLN F 444 -18.11 73.26 9.32
C GLN F 444 -18.54 73.13 7.87
N ALA F 445 -19.76 73.57 7.58
CA ALA F 445 -20.28 73.57 6.21
C ALA F 445 -20.74 74.95 5.78
N GLU F 446 -20.52 75.97 6.60
CA GLU F 446 -20.88 77.35 6.29
C GLU F 446 -19.66 78.22 6.54
N PHE F 447 -19.10 78.79 5.48
CA PHE F 447 -17.87 79.55 5.56
C PHE F 447 -18.11 80.98 5.09
N ASP F 448 -17.72 81.94 5.93
CA ASP F 448 -17.83 83.36 5.58
C ASP F 448 -16.64 84.18 6.06
N SER F 449 -15.54 83.54 6.47
CA SER F 449 -14.43 84.26 7.06
C SER F 449 -13.14 84.08 6.25
N PHE F 450 -13.22 84.26 4.94
CA PHE F 450 -12.05 84.19 4.08
C PHE F 450 -11.16 85.42 4.26
N SER F 458 4.58 88.11 -3.99
CA SER F 458 5.81 88.90 -4.07
C SER F 458 6.97 88.18 -3.39
N GLY F 459 7.37 87.05 -3.96
CA GLY F 459 8.46 86.26 -3.42
C GLY F 459 9.50 85.92 -4.47
N LEU F 460 9.77 86.86 -5.37
CA LEU F 460 10.70 86.67 -6.47
C LEU F 460 12.02 87.38 -6.15
N SER F 461 13.12 86.79 -6.62
CA SER F 461 14.45 87.30 -6.33
C SER F 461 15.20 87.56 -7.62
N ILE F 462 16.10 88.54 -7.57
CA ILE F 462 16.87 88.92 -8.77
C ILE F 462 17.76 87.79 -9.28
N PRO F 463 18.53 87.09 -8.43
CA PRO F 463 19.32 85.96 -8.97
C PRO F 463 18.47 84.89 -9.63
N LEU F 464 17.28 84.59 -9.10
CA LEU F 464 16.40 83.63 -9.74
C LEU F 464 15.94 84.13 -11.11
N ARG F 465 15.61 85.43 -11.20
CA ARG F 465 15.21 85.99 -12.48
C ARG F 465 16.34 85.88 -13.50
N THR F 466 17.57 86.21 -13.08
CA THR F 466 18.71 86.12 -13.99
C THR F 466 18.95 84.67 -14.42
N ARG F 467 18.85 83.73 -13.48
CA ARG F 467 19.06 82.32 -13.81
C ARG F 467 18.01 81.83 -14.80
N ILE F 468 16.75 82.20 -14.59
CA ILE F 468 15.69 81.79 -15.51
C ILE F 468 15.90 82.40 -16.89
N LYS F 469 16.25 83.69 -16.92
CA LYS F 469 16.46 84.37 -18.20
C LYS F 469 17.66 83.80 -18.95
N TRP F 470 18.68 83.31 -18.23
CA TRP F 470 19.87 82.79 -18.88
C TRP F 470 19.56 81.55 -19.73
N LEU F 471 18.51 80.80 -19.38
CA LEU F 471 18.10 79.63 -20.13
C LEU F 471 16.98 79.92 -21.12
N LEU F 472 16.64 81.20 -21.32
CA LEU F 472 15.58 81.57 -22.25
C LEU F 472 16.04 82.69 -23.18
N PRO G 3 24.54 46.78 -20.91
CA PRO G 3 25.00 48.14 -21.16
C PRO G 3 25.79 48.72 -19.99
N VAL G 4 25.47 48.28 -18.78
CA VAL G 4 26.24 48.62 -17.58
C VAL G 4 26.76 47.33 -16.98
N TYR G 5 28.07 47.24 -16.82
CA TYR G 5 28.75 46.03 -16.38
C TYR G 5 29.37 46.25 -15.01
N VAL G 6 29.15 45.32 -14.10
CA VAL G 6 29.62 45.42 -12.73
C VAL G 6 30.60 44.29 -12.45
N ASP G 7 31.70 44.62 -11.77
CA ASP G 7 32.75 43.66 -11.46
C ASP G 7 32.37 42.88 -10.20
N ILE G 8 31.36 42.02 -10.35
CA ILE G 8 30.92 41.12 -9.28
C ILE G 8 30.63 39.75 -9.87
N ASP G 9 30.55 38.76 -9.00
CA ASP G 9 30.28 37.40 -9.42
C ASP G 9 28.87 37.31 -10.03
N ALA G 10 28.72 36.47 -11.05
CA ALA G 10 27.42 36.30 -11.67
C ALA G 10 26.42 35.66 -10.73
N ASP G 11 26.89 34.91 -9.74
CA ASP G 11 26.03 34.25 -8.76
C ASP G 11 25.84 35.07 -7.49
N SER G 12 26.33 36.31 -7.47
CA SER G 12 26.19 37.15 -6.29
C SER G 12 24.73 37.45 -6.00
N ALA G 13 24.35 37.34 -4.73
CA ALA G 13 23.01 37.73 -4.32
C ALA G 13 22.84 39.24 -4.27
N PHE G 14 23.94 39.99 -4.32
CA PHE G 14 23.89 41.44 -4.37
C PHE G 14 23.46 41.95 -5.75
N LEU G 15 23.51 41.09 -6.77
CA LEU G 15 23.08 41.48 -8.11
C LEU G 15 21.62 41.86 -8.13
N LYS G 16 20.77 41.09 -7.43
CA LYS G 16 19.34 41.41 -7.40
C LYS G 16 19.08 42.76 -6.74
N ALA G 17 19.74 43.01 -5.61
CA ALA G 17 19.57 44.28 -4.91
C ALA G 17 20.07 45.44 -5.78
N LEU G 18 21.20 45.26 -6.46
CA LEU G 18 21.74 46.32 -7.30
C LEU G 18 20.85 46.56 -8.52
N GLN G 19 20.24 45.50 -9.06
CA GLN G 19 19.29 45.67 -10.15
C GLN G 19 18.05 46.42 -9.70
N ARG G 20 17.57 46.11 -8.49
CA ARG G 20 16.41 46.83 -7.96
CA ARG G 20 16.41 46.83 -7.96
C ARG G 20 16.74 48.30 -7.70
N ALA G 21 17.95 48.57 -7.22
CA ALA G 21 18.37 49.95 -6.96
C ALA G 21 18.59 50.73 -8.24
N TYR G 22 18.82 50.06 -9.36
CA TYR G 22 19.02 50.70 -10.67
C TYR G 22 18.16 49.99 -11.71
N PRO G 23 16.83 50.15 -11.64
CA PRO G 23 15.97 49.47 -12.63
C PRO G 23 16.12 50.03 -14.03
N MET G 24 16.62 51.25 -14.21
CA MET G 24 16.76 51.86 -15.51
C MET G 24 17.94 51.30 -16.30
N PHE G 25 18.83 50.55 -15.67
CA PHE G 25 20.00 49.97 -16.32
C PHE G 25 19.85 48.46 -16.39
N GLU G 26 20.49 47.87 -17.38
CA GLU G 26 20.62 46.42 -17.48
C GLU G 26 21.94 46.04 -16.83
N VAL G 27 21.89 45.67 -15.55
CA VAL G 27 23.10 45.41 -14.78
C VAL G 27 23.60 44.02 -15.13
N GLU G 28 24.81 43.94 -15.66
CA GLU G 28 25.38 42.66 -16.09
C GLU G 28 26.62 42.37 -15.26
N PRO G 29 26.67 41.23 -14.55
CA PRO G 29 27.87 40.89 -13.77
C PRO G 29 29.00 40.44 -14.68
N ARG G 30 30.11 41.18 -14.65
CA ARG G 30 31.31 40.84 -15.41
C ARG G 30 32.48 40.90 -14.44
N GLN G 31 32.72 39.80 -13.74
CA GLN G 31 33.74 39.77 -12.70
C GLN G 31 35.12 39.70 -13.33
N VAL G 32 35.97 40.66 -12.98
CA VAL G 32 37.35 40.67 -13.45
C VAL G 32 38.37 40.73 -12.32
N THR G 33 37.97 41.07 -11.11
CA THR G 33 38.85 41.11 -9.95
C THR G 33 38.19 40.42 -8.76
N PRO G 34 39.01 39.90 -7.83
CA PRO G 34 38.43 39.25 -6.65
C PRO G 34 38.14 40.24 -5.52
N ASN G 35 38.06 41.52 -5.87
CA ASN G 35 37.91 42.63 -4.94
C ASN G 35 36.97 42.32 -3.79
N ASP G 36 37.45 42.49 -2.55
CA ASP G 36 36.66 42.19 -1.37
C ASP G 36 35.61 43.24 -1.08
N HIS G 37 35.67 44.40 -1.73
CA HIS G 37 34.61 45.38 -1.65
C HIS G 37 34.04 45.63 -3.03
N ALA G 38 33.79 44.53 -3.76
CA ALA G 38 33.27 44.64 -5.12
C ALA G 38 31.86 45.21 -5.15
N ASN G 39 31.06 44.92 -4.13
CA ASN G 39 29.68 45.43 -4.09
C ASN G 39 29.66 46.95 -4.02
N ALA G 40 30.51 47.53 -3.18
CA ALA G 40 30.56 48.99 -3.05
C ALA G 40 31.04 49.63 -4.34
N ARG G 41 32.05 49.04 -4.98
CA ARG G 41 32.54 49.56 -6.25
C ARG G 41 31.47 49.49 -7.33
N ALA G 42 30.73 48.39 -7.38
CA ALA G 42 29.66 48.25 -8.36
C ALA G 42 28.56 49.26 -8.12
N PHE G 43 28.18 49.48 -6.85
CA PHE G 43 27.18 50.48 -6.55
C PHE G 43 27.65 51.87 -6.94
N SER G 44 28.91 52.20 -6.66
CA SER G 44 29.42 53.53 -6.99
C SER G 44 29.51 53.72 -8.50
N HIS G 45 29.89 52.67 -9.24
CA HIS G 45 29.93 52.76 -10.70
C HIS G 45 28.54 52.98 -11.27
N LEU G 46 27.55 52.24 -10.77
CA LEU G 46 26.17 52.43 -11.23
C LEU G 46 25.65 53.81 -10.84
N ALA G 47 26.07 54.31 -9.67
CA ALA G 47 25.68 55.65 -9.25
C ALA G 47 26.23 56.71 -10.19
N ILE G 48 27.50 56.57 -10.60
CA ILE G 48 28.08 57.51 -11.53
C ILE G 48 27.38 57.43 -12.89
N LYS G 49 27.06 56.21 -13.33
CA LYS G 49 26.34 56.07 -14.58
C LYS G 49 24.98 56.76 -14.53
N LEU G 50 24.24 56.57 -13.44
N LEU G 50 24.24 56.57 -13.44
CA LEU G 50 22.94 57.21 -13.29
CA LEU G 50 22.94 57.21 -13.29
C LEU G 50 23.06 58.73 -13.21
C LEU G 50 23.06 58.73 -13.21
N ILE G 51 24.08 59.22 -12.49
CA ILE G 51 24.28 60.66 -12.38
C ILE G 51 24.57 61.26 -13.74
N GLU G 52 25.43 60.60 -14.52
CA GLU G 52 25.72 61.08 -15.87
C GLU G 52 24.47 61.06 -16.74
N GLN G 53 23.68 59.98 -16.66
CA GLN G 53 22.45 59.90 -17.42
C GLN G 53 21.44 60.96 -17.01
N GLU G 54 21.52 61.46 -15.77
CA GLU G 54 20.57 62.45 -15.31
C GLU G 54 20.93 63.85 -15.80
N ILE G 55 22.21 64.22 -15.69
CA ILE G 55 22.61 65.59 -15.98
C ILE G 55 22.82 65.78 -17.49
N ASP G 56 22.70 67.03 -17.92
CA ASP G 56 22.80 67.35 -19.34
C ASP G 56 24.24 67.15 -19.85
N PRO G 57 24.40 66.70 -21.09
CA PRO G 57 25.75 66.53 -21.63
C PRO G 57 26.55 67.82 -21.69
N ASP G 58 25.90 68.97 -21.80
CA ASP G 58 26.57 70.26 -21.90
C ASP G 58 26.96 70.84 -20.54
N SER G 59 27.08 70.00 -19.52
CA SER G 59 27.33 70.45 -18.16
C SER G 59 28.77 70.18 -17.76
N THR G 60 29.37 71.13 -17.05
CA THR G 60 30.69 70.95 -16.45
C THR G 60 30.52 70.39 -15.05
N ILE G 61 31.29 69.35 -14.73
CA ILE G 61 31.08 68.55 -13.52
C ILE G 61 32.29 68.71 -12.63
N LEU G 62 32.10 69.35 -11.47
CA LEU G 62 33.14 69.37 -10.45
C LEU G 62 33.14 68.02 -9.74
N ASP G 63 34.31 67.36 -9.71
CA ASP G 63 34.43 66.03 -9.12
C ASP G 63 35.28 66.17 -7.87
N ILE G 64 34.62 66.35 -6.73
CA ILE G 64 35.28 66.75 -5.50
C ILE G 64 35.96 65.54 -4.85
N GLY G 65 37.22 65.71 -4.47
CA GLY G 65 37.94 64.71 -3.71
C GLY G 65 38.13 63.40 -4.44
N SER G 66 38.43 63.46 -5.73
CA SER G 66 38.52 62.26 -6.55
C SER G 66 39.80 62.32 -7.37
N ALA G 67 39.93 61.36 -8.28
CA ALA G 67 41.04 61.29 -9.22
C ALA G 67 40.51 61.26 -10.64
N PRO G 68 41.16 61.94 -11.58
CA PRO G 68 40.72 61.88 -12.98
C PRO G 68 41.05 60.55 -13.65
N ALA G 69 41.81 59.67 -12.98
CA ALA G 69 42.12 58.37 -13.55
C ALA G 69 40.86 57.52 -13.73
N ARG G 70 39.78 57.88 -13.05
CA ARG G 70 38.50 57.21 -13.28
C ARG G 70 37.50 58.07 -14.03
N ARG G 71 37.90 59.24 -14.55
N ARG G 71 37.89 59.25 -14.51
CA ARG G 71 36.97 60.22 -15.09
CA ARG G 71 36.93 60.18 -15.12
C ARG G 71 37.29 60.65 -16.52
C ARG G 71 37.43 60.75 -16.45
N MET G 72 38.22 59.99 -17.20
CA MET G 72 38.56 60.42 -18.55
C MET G 72 37.81 59.65 -19.63
N MET G 73 37.40 58.42 -19.35
CA MET G 73 36.72 57.62 -20.37
C MET G 73 35.23 57.96 -20.43
N SER G 74 34.93 59.26 -20.58
CA SER G 74 33.55 59.73 -20.69
C SER G 74 33.52 60.92 -21.63
N ASP G 75 32.34 61.19 -22.16
CA ASP G 75 32.13 62.33 -23.05
C ASP G 75 31.74 63.59 -22.29
N ARG G 76 31.77 63.57 -20.96
N ARG G 76 31.72 63.55 -20.97
CA ARG G 76 31.33 64.69 -20.15
CA ARG G 76 31.34 64.70 -20.15
C ARG G 76 32.54 65.40 -19.55
C ARG G 76 32.57 65.42 -19.64
N LYS G 77 32.46 66.73 -19.51
CA LYS G 77 33.57 67.56 -19.04
C LYS G 77 33.65 67.46 -17.52
N TYR G 78 34.71 66.79 -17.03
CA TYR G 78 34.93 66.58 -15.61
C TYR G 78 36.11 67.42 -15.17
N HIS G 79 35.84 68.46 -14.37
CA HIS G 79 36.88 69.20 -13.68
C HIS G 79 37.15 68.50 -12.36
N CYS G 80 38.28 67.81 -12.25
CA CYS G 80 38.59 66.98 -11.09
C CYS G 80 39.37 67.83 -10.09
N VAL G 81 38.66 68.27 -9.04
CA VAL G 81 39.27 69.05 -7.96
C VAL G 81 39.25 68.20 -6.70
N CYS G 82 40.42 68.04 -6.08
CA CYS G 82 40.53 67.22 -4.87
C CYS G 82 41.38 67.90 -3.81
N ASP G 89 46.30 60.21 -3.66
CA ASP G 89 46.34 61.40 -4.49
C ASP G 89 47.53 61.40 -5.46
N PRO G 90 48.76 61.19 -4.97
CA PRO G 90 49.89 61.17 -5.92
C PRO G 90 49.88 59.96 -6.84
N GLU G 91 49.64 58.76 -6.29
CA GLU G 91 49.58 57.58 -7.13
C GLU G 91 48.42 57.65 -8.11
N ARG G 92 47.27 58.18 -7.66
CA ARG G 92 46.14 58.33 -8.56
C ARG G 92 46.42 59.36 -9.64
N LEU G 93 47.10 60.46 -9.29
CA LEU G 93 47.50 61.44 -10.29
C LEU G 93 48.44 60.83 -11.32
N ALA G 94 49.41 60.03 -10.86
CA ALA G 94 50.32 59.37 -11.78
C ALA G 94 49.57 58.38 -12.67
N ASN G 95 48.59 57.67 -12.10
CA ASN G 95 47.77 56.76 -12.89
C ASN G 95 46.99 57.50 -13.96
N TYR G 96 46.45 58.67 -13.62
CA TYR G 96 45.73 59.48 -14.60
C TYR G 96 46.66 59.93 -15.72
N ALA G 97 47.87 60.37 -15.36
CA ALA G 97 48.83 60.75 -16.40
C ALA G 97 49.20 59.56 -17.28
N ARG G 98 49.36 58.38 -16.68
CA ARG G 98 49.67 57.18 -17.43
C ARG G 98 48.54 56.83 -18.40
N LYS G 99 47.30 56.92 -17.94
CA LYS G 99 46.16 56.61 -18.80
C LYS G 99 46.03 57.62 -19.93
N LEU G 100 46.34 58.89 -19.65
CA LEU G 100 46.36 59.89 -20.72
C LEU G 100 47.42 59.56 -21.75
N ALA G 101 48.63 59.19 -21.28
CA ALA G 101 49.73 58.92 -22.21
C ALA G 101 49.46 57.66 -23.03
N SER G 102 48.80 56.67 -22.44
CA SER G 102 48.54 55.40 -23.11
C SER G 102 47.31 55.45 -24.02
N ALA G 103 46.57 56.56 -24.02
CA ALA G 103 45.38 56.68 -24.86
C ALA G 103 45.36 58.01 -25.62
N ALA G 104 46.50 58.68 -25.73
CA ALA G 104 46.54 59.99 -26.38
C ALA G 104 46.16 59.87 -27.85
N GLY G 105 46.65 58.84 -28.54
CA GLY G 105 46.39 58.69 -29.95
C GLY G 105 45.34 57.66 -30.30
N LYS G 106 45.16 56.65 -29.44
CA LYS G 106 44.25 55.55 -29.76
C LYS G 106 42.81 56.02 -29.85
N VAL G 107 42.36 56.82 -28.88
CA VAL G 107 41.01 57.37 -28.88
C VAL G 107 41.10 58.88 -28.74
N LEU G 108 40.40 59.60 -29.63
CA LEU G 108 40.41 61.06 -29.64
C LEU G 108 39.02 61.65 -29.44
N ASP G 109 38.05 60.84 -29.00
CA ASP G 109 36.69 61.31 -28.80
C ASP G 109 36.42 61.78 -27.38
N ARG G 110 37.43 61.77 -26.51
CA ARG G 110 37.28 62.15 -25.11
C ARG G 110 38.05 63.43 -24.76
N ASN G 111 38.43 64.22 -25.77
CA ASN G 111 39.20 65.45 -25.56
C ASN G 111 40.49 65.16 -24.79
N ILE G 112 41.16 64.06 -25.17
CA ILE G 112 42.36 63.64 -24.45
C ILE G 112 43.52 64.59 -24.74
N SER G 113 43.59 65.13 -25.95
CA SER G 113 44.62 66.12 -26.25
C SER G 113 44.46 67.36 -25.37
N GLY G 114 43.21 67.84 -25.24
CA GLY G 114 42.96 68.97 -24.35
C GLY G 114 43.24 68.64 -22.90
N LYS G 115 42.90 67.41 -22.48
CA LYS G 115 43.17 67.00 -21.11
C LYS G 115 44.67 66.96 -20.84
N ILE G 116 45.46 66.46 -21.79
CA ILE G 116 46.90 66.42 -21.64
C ILE G 116 47.48 67.83 -21.57
N GLY G 117 47.00 68.71 -22.46
CA GLY G 117 47.44 70.10 -22.38
C GLY G 117 47.09 70.75 -21.06
N ASP G 118 45.89 70.46 -20.55
CA ASP G 118 45.47 70.99 -19.26
C ASP G 118 46.37 70.49 -18.13
N LEU G 119 46.68 69.19 -18.14
CA LEU G 119 47.54 68.63 -17.11
C LEU G 119 48.94 69.23 -17.17
N GLN G 120 49.48 69.42 -18.39
CA GLN G 120 50.78 70.05 -18.52
C GLN G 120 50.75 71.49 -18.03
N ALA G 121 49.68 72.23 -18.33
CA ALA G 121 49.55 73.60 -17.86
C ALA G 121 49.47 73.65 -16.34
N VAL G 122 48.73 72.73 -15.73
CA VAL G 122 48.64 72.69 -14.28
C VAL G 122 50.00 72.36 -13.66
N MET G 123 50.74 71.43 -14.26
CA MET G 123 52.05 71.09 -13.74
C MET G 123 53.05 72.22 -13.96
N ALA G 124 52.81 73.08 -14.95
CA ALA G 124 53.64 74.26 -15.14
C ALA G 124 53.38 75.28 -14.03
N VAL G 125 52.14 75.77 -13.94
CA VAL G 125 51.70 76.67 -12.89
C VAL G 125 50.64 75.94 -12.06
N PRO G 126 50.91 75.63 -10.79
CA PRO G 126 49.96 74.83 -10.00
C PRO G 126 48.67 75.56 -9.65
N ASP G 127 48.57 76.86 -9.91
CA ASP G 127 47.37 77.63 -9.64
C ASP G 127 46.42 77.71 -10.83
N THR G 128 46.76 77.05 -11.94
CA THR G 128 45.93 77.12 -13.14
C THR G 128 44.60 76.40 -12.91
N GLU G 129 43.55 76.94 -13.52
CA GLU G 129 42.20 76.40 -13.35
C GLU G 129 41.66 75.85 -14.67
N THR G 130 42.46 75.04 -15.36
CA THR G 130 42.10 74.38 -16.61
C THR G 130 40.73 73.73 -16.52
N PRO G 131 39.96 73.71 -17.61
CA PRO G 131 38.56 73.25 -17.52
C PRO G 131 38.40 71.79 -17.13
N THR G 132 39.43 70.96 -17.27
CA THR G 132 39.30 69.53 -17.02
C THR G 132 40.11 69.02 -15.84
N PHE G 133 40.85 69.88 -15.15
CA PHE G 133 41.64 69.42 -14.02
C PHE G 133 41.98 70.59 -13.12
N CYS G 134 42.16 70.29 -11.83
CA CYS G 134 42.57 71.28 -10.84
C CYS G 134 43.27 70.58 -9.70
N LEU G 135 44.23 71.28 -9.09
CA LEU G 135 44.97 70.76 -7.96
C LEU G 135 44.58 71.42 -6.64
N HIS G 136 43.69 72.41 -6.66
CA HIS G 136 43.28 73.06 -5.45
C HIS G 136 42.26 72.21 -4.71
N THR G 137 41.96 72.61 -3.47
CA THR G 137 40.87 71.99 -2.75
C THR G 137 39.53 72.48 -3.30
N ASP G 138 38.46 71.80 -2.90
CA ASP G 138 37.13 72.22 -3.34
C ASP G 138 36.78 73.63 -2.86
N VAL G 139 37.46 74.11 -1.81
CA VAL G 139 37.27 75.48 -1.36
C VAL G 139 38.15 76.43 -2.17
N SER G 140 39.40 76.04 -2.41
CA SER G 140 40.34 76.90 -3.12
C SER G 140 40.11 76.92 -4.63
N CYS G 141 39.36 75.95 -5.16
CA CYS G 141 39.08 75.93 -6.59
C CYS G 141 38.13 77.05 -6.97
N ARG G 142 38.30 77.58 -8.18
CA ARG G 142 37.47 78.68 -8.64
C ARG G 142 36.98 78.48 -10.07
N GLN G 143 36.97 77.24 -10.57
CA GLN G 143 36.48 76.96 -11.91
C GLN G 143 34.96 76.76 -11.86
N ARG G 144 34.22 77.67 -12.50
CA ARG G 144 32.77 77.62 -12.43
C ARG G 144 32.23 76.37 -13.12
N ALA G 145 31.19 75.79 -12.52
CA ALA G 145 30.51 74.64 -13.07
C ALA G 145 29.10 74.62 -12.48
N ASP G 146 28.24 73.80 -13.09
CA ASP G 146 26.86 73.69 -12.65
C ASP G 146 26.53 72.36 -11.97
N VAL G 147 27.44 71.39 -12.00
CA VAL G 147 27.21 70.08 -11.39
C VAL G 147 28.43 69.73 -10.55
N ALA G 148 28.18 69.21 -9.34
CA ALA G 148 29.23 68.72 -8.47
C ALA G 148 28.94 67.28 -8.08
N ILE G 149 29.99 66.46 -8.03
CA ILE G 149 29.87 65.06 -7.66
C ILE G 149 30.75 64.79 -6.45
N TYR G 150 30.16 64.28 -5.38
CA TYR G 150 30.86 63.90 -4.17
C TYR G 150 30.78 62.37 -4.07
N GLN G 151 31.71 61.68 -4.71
CA GLN G 151 31.74 60.23 -4.71
C GLN G 151 32.69 59.76 -3.62
N ASP G 152 32.13 59.12 -2.59
CA ASP G 152 32.90 58.47 -1.53
C ASP G 152 33.85 59.45 -0.84
N VAL G 153 33.40 60.69 -0.66
CA VAL G 153 34.15 61.69 0.09
C VAL G 153 33.31 62.07 1.31
N TYR G 154 33.92 61.93 2.48
CA TYR G 154 33.25 62.21 3.74
C TYR G 154 34.05 63.11 4.67
N ALA G 155 35.30 63.44 4.32
CA ALA G 155 36.18 64.24 5.17
C ALA G 155 36.05 65.73 4.92
N VAL G 156 34.97 66.17 4.27
CA VAL G 156 34.73 67.58 4.01
C VAL G 156 33.44 67.97 4.72
N HIS G 157 33.41 69.20 5.24
CA HIS G 157 32.20 69.74 5.84
C HIS G 157 31.17 69.97 4.75
N ALA G 158 30.01 69.33 4.86
CA ALA G 158 29.03 69.39 3.78
C ALA G 158 28.52 70.80 3.49
N PRO G 159 28.04 71.59 4.46
CA PRO G 159 27.55 72.93 4.10
C PRO G 159 28.64 73.84 3.55
N THR G 160 29.86 73.76 4.06
CA THR G 160 30.94 74.60 3.56
C THR G 160 31.26 74.27 2.11
N SER G 161 31.43 72.98 1.80
CA SER G 161 31.71 72.57 0.43
C SER G 161 30.56 72.91 -0.51
N LEU G 162 29.32 72.68 -0.05
CA LEU G 162 28.16 72.97 -0.90
C LEU G 162 28.05 74.46 -1.17
N TYR G 163 28.33 75.30 -0.18
CA TYR G 163 28.29 76.74 -0.39
C TYR G 163 29.40 77.18 -1.33
N HIS G 164 30.60 76.63 -1.18
CA HIS G 164 31.71 77.01 -2.05
C HIS G 164 31.46 76.55 -3.48
N GLN G 165 30.72 75.46 -3.67
CA GLN G 165 30.31 75.07 -5.01
C GLN G 165 29.21 75.98 -5.54
N ALA G 166 28.27 76.36 -4.68
CA ALA G 166 27.13 77.16 -5.11
C ALA G 166 27.56 78.55 -5.58
N ILE G 167 28.49 79.18 -4.87
CA ILE G 167 28.99 80.49 -5.29
C ILE G 167 29.78 80.38 -6.58
N LYS G 168 30.21 79.18 -6.95
CA LYS G 168 30.87 78.91 -8.21
C LYS G 168 29.87 78.56 -9.32
N GLY G 169 28.57 78.64 -9.04
CA GLY G 169 27.55 78.38 -10.03
C GLY G 169 26.92 77.01 -10.01
N VAL G 170 27.29 76.16 -9.05
CA VAL G 170 26.77 74.80 -9.00
C VAL G 170 25.33 74.84 -8.50
N ARG G 171 24.41 74.34 -9.32
CA ARG G 171 23.01 74.21 -8.92
C ARG G 171 22.63 72.77 -8.58
N LEU G 172 23.43 71.80 -8.98
CA LEU G 172 23.14 70.40 -8.74
C LEU G 172 24.39 69.72 -8.20
N ALA G 173 24.24 68.98 -7.11
CA ALA G 173 25.33 68.23 -6.51
C ALA G 173 24.85 66.81 -6.22
N TYR G 174 25.77 65.86 -6.33
CA TYR G 174 25.46 64.46 -6.06
C TYR G 174 26.47 63.93 -5.05
N TRP G 175 25.97 63.29 -4.00
CA TRP G 175 26.80 62.70 -2.97
C TRP G 175 26.57 61.20 -2.96
N VAL G 176 27.64 60.44 -3.16
CA VAL G 176 27.59 58.99 -3.14
C VAL G 176 28.40 58.50 -1.96
N GLY G 177 27.79 57.68 -1.12
CA GLY G 177 28.51 57.18 0.03
C GLY G 177 27.61 56.38 0.95
N PHE G 178 28.23 55.87 2.00
CA PHE G 178 27.48 55.08 2.97
C PHE G 178 26.48 55.96 3.71
N ASP G 179 25.36 55.35 4.10
CA ASP G 179 24.31 56.07 4.79
C ASP G 179 24.84 56.71 6.07
N THR G 180 24.49 57.97 6.27
CA THR G 180 24.93 58.73 7.43
C THR G 180 24.01 58.54 8.64
N THR G 181 22.93 57.78 8.48
CA THR G 181 22.01 57.55 9.60
C THR G 181 22.66 56.90 10.81
N PRO G 182 23.52 55.89 10.69
CA PRO G 182 24.12 55.31 11.90
C PRO G 182 24.90 56.29 12.75
N PHE G 183 25.45 57.34 12.15
CA PHE G 183 26.20 58.33 12.92
C PHE G 183 25.33 59.44 13.48
N MET G 184 24.15 59.67 12.90
CA MET G 184 23.18 60.52 13.57
C MET G 184 22.61 59.85 14.80
N TYR G 185 22.47 58.53 14.77
CA TYR G 185 22.11 57.77 15.95
C TYR G 185 23.26 57.63 16.93
N ASN G 186 24.48 58.03 16.53
CA ASN G 186 25.65 58.04 17.41
C ASN G 186 26.05 56.64 17.87
N ALA G 187 26.02 55.69 16.95
CA ALA G 187 26.46 54.33 17.26
C ALA G 187 27.96 54.31 17.47
N MET G 188 28.41 53.45 18.40
CA MET G 188 29.84 53.34 18.66
C MET G 188 30.55 52.56 17.57
N ALA G 189 29.96 51.48 17.10
CA ALA G 189 30.45 50.72 15.96
C ALA G 189 29.27 50.39 15.07
N GLY G 190 29.54 49.79 13.93
CA GLY G 190 28.47 49.45 13.02
C GLY G 190 28.98 48.71 11.80
N ALA G 191 28.03 48.13 11.08
CA ALA G 191 28.33 47.36 9.89
C ALA G 191 27.39 47.75 8.76
N TYR G 192 27.94 47.82 7.55
CA TYR G 192 27.19 47.70 6.30
C TYR G 192 27.54 46.32 5.76
N PRO G 193 26.82 45.28 6.19
CA PRO G 193 27.22 43.91 5.82
C PRO G 193 27.16 43.63 4.34
N SER G 194 26.21 44.24 3.61
CA SER G 194 26.07 43.95 2.19
C SER G 194 27.30 44.40 1.40
N TYR G 195 27.98 45.43 1.88
CA TYR G 195 29.16 45.95 1.20
C TYR G 195 30.45 45.52 1.90
N SER G 196 30.38 44.52 2.77
CA SER G 196 31.54 44.01 3.50
C SER G 196 32.24 45.12 4.26
N THR G 197 31.45 46.06 4.78
CA THR G 197 31.99 47.26 5.41
C THR G 197 31.73 47.21 6.91
N ASN G 198 32.76 47.48 7.69
CA ASN G 198 32.62 47.60 9.14
C ASN G 198 33.33 48.86 9.61
N TRP G 199 32.64 49.67 10.40
CA TRP G 199 33.22 50.88 10.94
C TRP G 199 33.16 50.82 12.46
N ALA G 200 34.13 51.44 13.11
CA ALA G 200 34.19 51.42 14.55
C ALA G 200 34.85 52.69 15.07
N ASP G 201 34.41 53.12 16.24
CA ASP G 201 35.10 54.19 16.94
C ASP G 201 36.51 53.75 17.31
N GLU G 202 37.43 54.71 17.34
CA GLU G 202 38.82 54.42 17.67
C GLU G 202 38.95 53.76 19.04
N GLN G 203 38.02 54.04 19.95
CA GLN G 203 38.12 53.52 21.31
C GLN G 203 37.80 52.03 21.38
N VAL G 204 36.96 51.53 20.49
CA VAL G 204 36.54 50.13 20.50
C VAL G 204 37.27 49.32 19.44
N LEU G 205 38.43 49.78 18.96
CA LEU G 205 39.17 49.01 17.98
C LEU G 205 39.77 47.74 18.59
N LYS G 206 40.01 47.74 19.90
CA LYS G 206 40.51 46.57 20.59
C LYS G 206 39.40 45.69 21.14
N ALA G 207 38.22 45.74 20.52
CA ALA G 207 37.11 44.89 20.90
C ALA G 207 37.35 43.47 20.38
N LYS G 208 36.38 42.60 20.57
CA LYS G 208 36.53 41.20 20.19
C LYS G 208 35.46 40.72 19.21
N ASN G 209 34.22 41.17 19.34
CA ASN G 209 33.10 40.57 18.63
C ASN G 209 32.33 41.58 17.78
N ILE G 210 32.99 42.65 17.36
CA ILE G 210 32.43 43.56 16.37
C ILE G 210 33.15 43.32 15.05
N GLY G 211 32.65 43.96 13.99
CA GLY G 211 33.17 43.69 12.66
C GLY G 211 34.61 44.11 12.47
N LEU G 212 34.97 45.29 12.98
CA LEU G 212 36.30 45.87 12.80
C LEU G 212 36.96 45.97 14.18
N CYS G 213 37.72 44.94 14.56
CA CYS G 213 38.40 44.95 15.84
C CYS G 213 39.51 43.92 15.83
N SER G 214 40.41 44.04 16.80
CA SER G 214 41.42 43.03 17.07
C SER G 214 41.77 43.07 18.54
N THR G 215 41.70 41.92 19.20
CA THR G 215 42.09 41.79 20.59
C THR G 215 43.06 40.62 20.72
N ASP G 216 43.74 40.58 21.86
CA ASP G 216 44.70 39.53 22.15
C ASP G 216 44.10 38.51 23.12
N LEU G 217 44.76 37.36 23.24
CA LEU G 217 44.36 36.36 24.20
C LEU G 217 44.95 36.70 25.58
N THR G 218 44.11 36.68 26.60
CA THR G 218 44.53 37.01 27.95
C THR G 218 43.90 36.04 28.94
N GLU G 219 44.59 35.81 30.04
CA GLU G 219 44.05 35.01 31.13
C GLU G 219 43.25 35.83 32.13
N GLY G 220 43.26 37.16 32.01
CA GLY G 220 42.54 38.00 32.93
C GLY G 220 43.04 37.89 34.36
N ARG G 221 44.36 37.85 34.53
CA ARG G 221 44.97 37.70 35.84
C ARG G 221 45.43 39.02 36.43
N ARG G 222 46.18 39.80 35.66
CA ARG G 222 46.63 41.11 36.10
C ARG G 222 45.64 42.17 35.63
N GLY G 223 45.11 42.95 36.57
CA GLY G 223 44.23 44.04 36.24
C GLY G 223 45.00 45.24 35.70
N LYS G 224 44.82 45.54 34.42
CA LYS G 224 45.60 46.60 33.79
C LYS G 224 45.28 47.95 34.43
N LEU G 225 46.32 48.72 34.71
CA LEU G 225 46.21 50.04 35.30
C LEU G 225 46.19 51.11 34.22
N SER G 226 45.66 52.28 34.58
CA SER G 226 45.58 53.40 33.66
C SER G 226 45.74 54.70 34.43
N ILE G 227 46.44 55.66 33.82
CA ILE G 227 46.64 56.96 34.46
C ILE G 227 45.32 57.73 34.56
N MET G 228 44.45 57.60 33.56
CA MET G 228 43.20 58.32 33.52
C MET G 228 42.04 57.42 33.93
N ARG G 229 40.99 58.04 34.45
CA ARG G 229 39.75 57.35 34.80
C ARG G 229 38.79 57.45 33.62
N GLY G 230 38.45 56.32 33.02
CA GLY G 230 37.51 56.35 31.93
C GLY G 230 36.12 56.69 32.41
N LYS G 231 35.48 55.75 33.11
CA LYS G 231 34.19 55.97 33.75
C LYS G 231 33.11 56.35 32.74
N LYS G 232 33.48 56.40 31.46
CA LYS G 232 32.55 56.76 30.40
C LYS G 232 33.12 56.27 29.09
N LEU G 233 32.28 55.64 28.27
CA LEU G 233 32.66 55.14 26.96
C LEU G 233 31.62 55.64 25.97
N GLU G 234 31.81 56.86 25.50
CA GLU G 234 30.90 57.48 24.55
C GLU G 234 31.61 57.69 23.22
N PRO G 235 30.87 57.71 22.11
CA PRO G 235 31.51 57.88 20.80
C PRO G 235 32.32 59.17 20.73
N CYS G 236 33.51 59.06 20.16
CA CYS G 236 34.38 60.20 19.90
C CYS G 236 34.40 60.49 18.41
N ASP G 237 34.96 61.64 18.05
CA ASP G 237 34.89 62.11 16.67
C ASP G 237 35.60 61.16 15.71
N ARG G 238 36.71 60.58 16.12
CA ARG G 238 37.52 59.75 15.23
C ARG G 238 36.87 58.37 15.08
N VAL G 239 36.55 58.00 13.83
N VAL G 239 36.59 57.99 13.83
CA VAL G 239 36.04 56.68 13.53
CA VAL G 239 36.02 56.70 13.51
C VAL G 239 36.87 56.11 12.39
C VAL G 239 36.83 56.12 12.35
N LEU G 240 36.81 54.80 12.23
CA LEU G 240 37.55 54.12 11.18
C LEU G 240 36.62 53.21 10.40
N PHE G 241 36.58 53.39 9.10
CA PHE G 241 35.81 52.58 8.17
C PHE G 241 36.71 51.54 7.54
N SER G 242 36.17 50.35 7.31
CA SER G 242 36.84 49.30 6.55
C SER G 242 35.87 48.84 5.49
N VAL G 243 36.15 49.21 4.23
CA VAL G 243 35.40 48.73 3.08
C VAL G 243 36.23 47.61 2.47
N GLY G 244 35.81 46.36 2.67
CA GLY G 244 36.65 45.23 2.37
C GLY G 244 37.92 45.29 3.20
N SER G 245 39.06 45.48 2.56
CA SER G 245 40.33 45.66 3.25
C SER G 245 40.81 47.11 3.24
N THR G 246 40.05 48.03 2.66
CA THR G 246 40.47 49.42 2.56
C THR G 246 40.06 50.17 3.81
N LEU G 247 41.03 50.82 4.44
CA LEU G 247 40.85 51.49 5.72
C LEU G 247 40.79 53.00 5.49
N TYR G 248 39.77 53.65 6.08
CA TYR G 248 39.57 55.09 5.93
C TYR G 248 39.34 55.72 7.28
N PRO G 249 40.14 56.72 7.68
CA PRO G 249 39.80 57.49 8.88
C PRO G 249 38.76 58.55 8.55
N GLU G 250 37.81 58.73 9.48
CA GLU G 250 36.70 59.64 9.27
C GLU G 250 36.41 60.39 10.56
N SER G 251 35.77 61.54 10.40
CA SER G 251 35.30 62.36 11.50
C SER G 251 33.80 62.20 11.63
N ARG G 252 33.33 62.00 12.86
CA ARG G 252 31.89 61.86 13.08
C ARG G 252 31.15 63.12 12.71
N LYS G 253 31.72 64.30 13.01
CA LYS G 253 31.04 65.55 12.69
C LYS G 253 30.97 65.77 11.18
N LEU G 254 32.03 65.40 10.46
CA LEU G 254 32.01 65.56 9.01
C LEU G 254 31.04 64.58 8.35
N LEU G 255 30.95 63.36 8.89
CA LEU G 255 29.94 62.41 8.40
C LEU G 255 28.53 62.91 8.68
N LYS G 256 28.30 63.42 9.89
CA LYS G 256 26.97 63.89 10.26
C LYS G 256 26.58 65.12 9.47
N SER G 257 27.56 65.93 9.07
CA SER G 257 27.27 67.12 8.27
C SER G 257 26.61 66.76 6.94
N TRP G 258 26.90 65.58 6.41
CA TRP G 258 26.28 65.14 5.15
C TRP G 258 24.91 64.52 5.35
N HIS G 259 24.45 64.35 6.59
CA HIS G 259 23.07 63.98 6.85
C HIS G 259 22.22 65.26 6.83
N LEU G 260 22.09 65.81 5.63
CA LEU G 260 21.46 67.10 5.43
C LEU G 260 19.95 66.99 5.52
N PRO G 261 19.27 68.04 5.99
CA PRO G 261 17.81 68.03 6.00
C PRO G 261 17.27 68.12 4.58
N SER G 262 15.97 67.84 4.45
CA SER G 262 15.33 67.91 3.15
C SER G 262 15.40 69.31 2.56
N VAL G 263 15.40 70.34 3.42
CA VAL G 263 15.54 71.73 3.00
C VAL G 263 16.49 72.42 3.98
N PHE G 264 17.43 73.19 3.45
CA PHE G 264 18.33 73.99 4.28
C PHE G 264 18.73 75.24 3.53
N HIS G 265 19.34 76.17 4.25
CA HIS G 265 19.69 77.48 3.73
C HIS G 265 21.16 77.77 3.99
N LEU G 266 21.87 78.16 2.93
CA LEU G 266 23.27 78.58 3.05
C LEU G 266 23.30 80.10 2.93
N LYS G 267 23.61 80.78 4.04
CA LYS G 267 23.57 82.23 4.12
C LYS G 267 24.98 82.78 4.23
N GLY G 268 25.30 83.75 3.39
CA GLY G 268 26.60 84.40 3.40
C GLY G 268 26.61 85.62 2.51
N LYS G 269 27.70 85.81 1.75
CA LYS G 269 27.71 86.86 0.74
C LYS G 269 26.61 86.61 -0.30
N LEU G 270 26.44 85.36 -0.71
CA LEU G 270 25.31 84.92 -1.51
C LEU G 270 24.54 83.87 -0.73
N SER G 271 23.23 83.88 -0.88
CA SER G 271 22.35 83.00 -0.12
C SER G 271 21.68 82.00 -1.06
N PHE G 272 21.56 80.76 -0.60
CA PHE G 272 21.05 79.67 -1.42
C PHE G 272 20.06 78.84 -0.63
N THR G 273 18.99 78.40 -1.30
CA THR G 273 18.03 77.47 -0.74
C THR G 273 18.26 76.11 -1.35
N CYS G 274 18.70 75.16 -0.54
CA CYS G 274 19.15 73.86 -1.02
C CYS G 274 18.21 72.77 -0.52
N ARG G 275 18.03 71.75 -1.35
CA ARG G 275 17.18 70.62 -1.03
C ARG G 275 17.98 69.33 -1.20
N CYS G 276 18.01 68.51 -0.17
CA CYS G 276 18.70 67.22 -0.19
C CYS G 276 17.68 66.11 -0.25
N ASP G 277 17.77 65.27 -1.28
CA ASP G 277 16.91 64.12 -1.44
C ASP G 277 17.75 62.89 -1.69
N THR G 278 17.38 61.78 -1.05
CA THR G 278 18.06 60.51 -1.26
C THR G 278 17.43 59.83 -2.47
N VAL G 279 18.13 59.85 -3.59
CA VAL G 279 17.55 59.31 -4.82
C VAL G 279 17.88 57.83 -5.02
N VAL G 280 18.99 57.34 -4.45
CA VAL G 280 19.31 55.91 -4.51
C VAL G 280 19.62 55.45 -3.09
N SER G 281 19.12 54.27 -2.73
CA SER G 281 19.34 53.73 -1.39
C SER G 281 19.35 52.21 -1.48
N CYS G 282 20.54 51.61 -1.37
CA CYS G 282 20.69 50.16 -1.42
C CYS G 282 21.49 49.70 -0.21
N GLU G 283 20.79 49.19 0.80
CA GLU G 283 21.37 48.40 1.89
C GLU G 283 22.55 49.11 2.55
N GLY G 284 22.40 50.40 2.80
CA GLY G 284 23.41 51.19 3.47
C GLY G 284 24.23 52.10 2.57
N TYR G 285 24.11 51.98 1.26
CA TYR G 285 24.80 52.87 0.33
C TYR G 285 23.78 53.78 -0.31
N VAL G 286 24.00 55.10 -0.22
CA VAL G 286 23.03 56.06 -0.70
C VAL G 286 23.67 57.01 -1.71
N VAL G 287 22.85 57.43 -2.66
CA VAL G 287 23.14 58.55 -3.55
C VAL G 287 22.11 59.62 -3.23
N LYS G 288 22.60 60.78 -2.79
CA LYS G 288 21.79 61.94 -2.45
C LYS G 288 21.94 63.00 -3.53
N ARG G 289 20.83 63.64 -3.87
CA ARG G 289 20.80 64.73 -4.83
C ARG G 289 20.52 66.03 -4.08
N ILE G 290 21.42 67.00 -4.20
CA ILE G 290 21.28 68.31 -3.57
C ILE G 290 21.04 69.33 -4.67
N THR G 291 19.91 70.02 -4.61
CA THR G 291 19.59 71.07 -5.57
C THR G 291 19.77 72.42 -4.89
N MET G 292 20.69 73.23 -5.41
CA MET G 292 20.98 74.54 -4.85
C MET G 292 20.36 75.61 -5.72
N SER G 293 19.66 76.55 -5.09
CA SER G 293 19.02 77.65 -5.79
C SER G 293 19.29 78.95 -5.04
N PRO G 294 19.77 79.99 -5.70
CA PRO G 294 20.04 81.25 -5.01
C PRO G 294 18.75 81.86 -4.46
N GLY G 295 18.85 82.44 -3.28
CA GLY G 295 17.71 83.00 -2.58
C GLY G 295 17.36 82.21 -1.34
N LEU G 296 16.47 82.81 -0.54
CA LEU G 296 16.06 82.23 0.74
C LEU G 296 14.56 81.96 0.79
N TYR G 297 14.02 81.35 -0.25
CA TYR G 297 12.60 81.04 -0.29
C TYR G 297 12.25 79.95 0.72
N GLY G 298 11.02 80.00 1.22
CA GLY G 298 10.52 78.97 2.10
C GLY G 298 11.10 79.04 3.50
N LYS G 299 10.79 77.99 4.26
CA LYS G 299 11.27 77.85 5.62
C LYS G 299 11.76 76.42 5.82
N THR G 300 12.64 76.26 6.80
CA THR G 300 13.30 74.98 7.07
C THR G 300 12.86 74.45 8.42
N THR G 301 12.47 73.18 8.45
CA THR G 301 12.08 72.51 9.68
C THR G 301 13.27 71.92 10.43
N GLY G 302 14.44 71.85 9.80
CA GLY G 302 15.61 71.26 10.44
C GLY G 302 15.47 69.78 10.71
N TYR G 303 14.82 69.04 9.82
CA TYR G 303 14.58 67.61 10.00
C TYR G 303 15.15 66.86 8.81
N ALA G 304 15.91 65.80 9.10
CA ALA G 304 16.43 64.90 8.08
C ALA G 304 15.77 63.54 8.24
N VAL G 305 15.18 63.04 7.16
CA VAL G 305 14.41 61.80 7.19
C VAL G 305 15.17 60.74 6.40
N THR G 306 15.34 59.57 7.01
CA THR G 306 15.91 58.40 6.35
C THR G 306 14.83 57.33 6.26
N HIS G 307 14.43 56.99 5.05
CA HIS G 307 13.53 55.86 4.84
C HIS G 307 14.32 54.56 4.89
N HIS G 308 13.73 53.54 5.51
CA HIS G 308 14.39 52.25 5.68
C HIS G 308 13.68 51.23 4.80
N ALA G 309 14.29 50.92 3.65
CA ALA G 309 13.84 49.79 2.86
C ALA G 309 14.18 48.46 3.53
N ASP G 310 15.21 48.44 4.35
N ASP G 310 15.21 48.44 4.36
CA ASP G 310 15.58 47.28 5.15
CA ASP G 310 15.57 47.28 5.16
C ASP G 310 15.64 47.69 6.61
C ASP G 310 15.65 47.69 6.61
N GLY G 311 15.67 46.69 7.49
CA GLY G 311 15.71 46.97 8.91
C GLY G 311 17.02 47.64 9.31
N PHE G 312 16.90 48.65 10.17
CA PHE G 312 18.05 49.29 10.78
C PHE G 312 18.04 48.99 12.27
N LEU G 313 19.16 48.52 12.80
CA LEU G 313 19.25 48.15 14.20
C LEU G 313 20.39 48.92 14.86
N MET G 314 20.07 49.61 15.95
CA MET G 314 21.09 50.12 16.87
C MET G 314 20.84 49.46 18.21
N CYS G 315 21.74 48.58 18.63
CA CYS G 315 21.52 47.78 19.81
C CYS G 315 22.69 47.92 20.76
N LYS G 316 22.37 47.90 22.06
CA LYS G 316 23.41 47.81 23.07
C LYS G 316 24.01 46.42 23.05
N THR G 317 25.34 46.34 23.01
CA THR G 317 26.03 45.07 23.05
C THR G 317 27.17 45.16 24.05
N THR G 318 27.45 44.01 24.68
CA THR G 318 28.51 43.90 25.68
C THR G 318 29.67 43.15 25.06
N ASP G 319 30.82 43.81 24.97
CA ASP G 319 32.04 43.23 24.45
C ASP G 319 33.15 43.45 25.46
N THR G 320 34.36 43.02 25.09
CA THR G 320 35.56 43.33 25.87
C THR G 320 36.49 44.13 24.98
N VAL G 321 36.76 45.37 25.37
CA VAL G 321 37.74 46.21 24.70
C VAL G 321 39.03 46.15 25.51
N ASP G 322 40.09 45.64 24.89
CA ASP G 322 41.37 45.43 25.56
C ASP G 322 41.21 44.59 26.82
N GLY G 323 40.25 43.67 26.81
CA GLY G 323 39.97 42.81 27.94
C GLY G 323 38.96 43.35 28.92
N GLU G 324 38.65 44.64 28.88
CA GLU G 324 37.70 45.24 29.80
C GLU G 324 36.28 45.05 29.28
N ARG G 325 35.41 44.46 30.10
CA ARG G 325 34.03 44.26 29.70
C ARG G 325 33.28 45.59 29.73
N VAL G 326 32.77 46.01 28.58
CA VAL G 326 32.06 47.27 28.42
C VAL G 326 30.82 47.01 27.57
N SER G 327 29.92 47.99 27.58
CA SER G 327 28.72 47.95 26.75
C SER G 327 28.69 49.22 25.90
N PHE G 328 28.38 49.05 24.62
CA PHE G 328 28.29 50.19 23.72
C PHE G 328 27.31 49.84 22.60
N SER G 329 26.92 50.87 21.85
CA SER G 329 25.93 50.69 20.78
C SER G 329 26.59 50.22 19.50
N VAL G 330 25.95 49.27 18.84
CA VAL G 330 26.39 48.73 17.56
C VAL G 330 25.22 48.81 16.58
N CYS G 331 25.46 49.35 15.40
CA CYS G 331 24.44 49.46 14.37
C CYS G 331 24.67 48.44 13.27
N THR G 332 23.60 48.13 12.55
CA THR G 332 23.65 47.17 11.46
C THR G 332 22.40 47.30 10.62
N TYR G 333 22.47 46.71 9.42
CA TYR G 333 21.34 46.62 8.51
C TYR G 333 20.93 45.16 8.37
N VAL G 334 19.64 44.91 8.51
CA VAL G 334 19.07 43.57 8.43
C VAL G 334 18.20 43.51 7.18
N PRO G 335 18.32 42.47 6.36
CA PRO G 335 17.49 42.39 5.15
C PRO G 335 16.00 42.43 5.48
N ALA G 336 15.24 43.08 4.60
CA ALA G 336 13.81 43.27 4.84
C ALA G 336 13.08 41.94 4.92
N THR G 337 13.49 40.94 4.14
CA THR G 337 12.85 39.63 4.23
C THR G 337 13.09 38.98 5.58
N ILE G 338 14.31 39.12 6.12
CA ILE G 338 14.59 38.61 7.46
C ILE G 338 13.74 39.34 8.50
N CYS G 339 13.65 40.66 8.38
CA CYS G 339 12.87 41.45 9.33
C CYS G 339 11.39 41.06 9.29
N ASP G 340 10.85 40.87 8.09
CA ASP G 340 9.46 40.47 7.96
C ASP G 340 9.23 39.06 8.49
N GLN G 341 10.19 38.16 8.27
CA GLN G 341 10.06 36.80 8.79
C GLN G 341 10.21 36.74 10.30
N MET G 342 10.70 37.80 10.92
CA MET G 342 10.89 37.85 12.37
C MET G 342 9.70 38.47 13.09
N THR G 343 8.69 38.95 12.35
CA THR G 343 7.59 39.68 12.96
C THR G 343 6.81 38.81 13.93
N GLY G 344 6.52 37.57 13.55
CA GLY G 344 5.69 36.72 14.39
C GLY G 344 6.33 36.35 15.71
N ILE G 345 7.61 35.98 15.68
CA ILE G 345 8.25 35.51 16.90
C ILE G 345 8.55 36.65 17.86
N LEU G 346 8.60 37.88 17.36
CA LEU G 346 8.84 39.04 18.22
C LEU G 346 7.59 39.50 18.95
N ALA G 347 6.44 38.87 18.69
CA ALA G 347 5.24 39.17 19.47
C ALA G 347 5.39 38.73 20.92
N THR G 348 6.17 37.69 21.16
CA THR G 348 6.45 37.19 22.50
C THR G 348 7.88 37.58 22.89
N GLU G 349 8.24 37.25 24.13
CA GLU G 349 9.58 37.49 24.64
C GLU G 349 10.46 36.32 24.27
N VAL G 350 11.42 36.54 23.39
CA VAL G 350 12.32 35.52 22.88
C VAL G 350 13.71 35.78 23.43
N THR G 351 14.38 34.70 23.84
CA THR G 351 15.76 34.82 24.32
C THR G 351 16.69 35.08 23.15
N PRO G 352 17.86 35.68 23.41
CA PRO G 352 18.84 35.85 22.33
C PRO G 352 19.27 34.54 21.69
N GLU G 353 19.33 33.45 22.46
N GLU G 353 19.32 33.45 22.46
CA GLU G 353 19.71 32.15 21.90
CA GLU G 353 19.70 32.16 21.90
C GLU G 353 18.65 31.64 20.93
C GLU G 353 18.65 31.63 20.93
N ASP G 354 17.38 31.68 21.35
CA ASP G 354 16.30 31.23 20.47
C ASP G 354 16.18 32.14 19.25
N ALA G 355 16.35 33.46 19.46
CA ALA G 355 16.32 34.39 18.34
C ALA G 355 17.44 34.12 17.36
N GLN G 356 18.64 33.81 17.87
CA GLN G 356 19.76 33.50 16.99
C GLN G 356 19.53 32.21 16.23
N LYS G 357 18.97 31.20 16.89
CA LYS G 357 18.67 29.95 16.20
C LYS G 357 17.64 30.18 15.10
N LEU G 358 16.60 30.96 15.39
CA LEU G 358 15.58 31.26 14.37
C LEU G 358 16.18 32.05 13.22
N LEU G 359 17.04 33.03 13.52
CA LEU G 359 17.66 33.83 12.47
C LEU G 359 18.56 32.98 11.58
N VAL G 360 19.28 32.03 12.18
CA VAL G 360 20.09 31.10 11.40
C VAL G 360 19.20 30.24 10.51
N GLY G 361 18.09 29.76 11.06
CA GLY G 361 17.16 28.99 10.25
C GLY G 361 16.60 29.79 9.08
N LEU G 362 16.34 31.07 9.29
CA LEU G 362 15.83 31.92 8.23
C LEU G 362 16.92 32.35 7.26
N ASN G 363 18.18 32.24 7.63
CA ASN G 363 19.28 32.70 6.79
C ASN G 363 19.74 31.65 5.79
N GLN G 364 19.26 30.42 5.88
CA GLN G 364 19.68 29.35 4.98
C GLN G 364 19.15 29.59 3.56
N THR G 376 23.77 29.45 0.83
CA THR G 376 23.40 30.84 0.55
C THR G 376 22.82 31.50 1.79
N ASN G 377 23.38 32.66 2.15
CA ASN G 377 22.94 33.42 3.31
C ASN G 377 22.34 34.74 2.87
N THR G 378 21.10 35.01 3.31
CA THR G 378 20.49 36.30 3.02
C THR G 378 21.26 37.44 3.67
N MET G 379 21.67 37.26 4.92
CA MET G 379 22.44 38.25 5.65
C MET G 379 23.77 37.64 6.10
N LYS G 380 24.75 38.51 6.31
CA LYS G 380 26.03 38.07 6.82
C LYS G 380 25.88 37.48 8.21
N ASN G 381 26.52 36.34 8.44
CA ASN G 381 26.31 35.60 9.68
C ASN G 381 26.94 36.28 10.88
N TYR G 382 28.01 37.06 10.67
CA TYR G 382 28.71 37.66 11.80
C TYR G 382 27.89 38.75 12.49
N MET G 383 26.84 39.25 11.85
CA MET G 383 25.90 40.15 12.50
C MET G 383 24.74 39.42 13.16
N ILE G 384 24.59 38.12 12.90
CA ILE G 384 23.43 37.40 13.41
C ILE G 384 23.36 37.40 14.93
N PRO G 385 24.44 37.14 15.68
CA PRO G 385 24.31 37.15 17.15
C PRO G 385 23.81 38.46 17.71
N VAL G 386 24.50 39.57 17.42
CA VAL G 386 24.11 40.86 18.00
C VAL G 386 22.69 41.22 17.56
N VAL G 387 22.37 41.01 16.28
CA VAL G 387 21.01 41.23 15.81
C VAL G 387 20.02 40.44 16.65
N ALA G 388 20.33 39.17 16.89
CA ALA G 388 19.49 38.36 17.75
C ALA G 388 19.30 39.04 19.09
N GLN G 389 20.40 39.43 19.73
CA GLN G 389 20.31 40.17 20.98
C GLN G 389 19.40 41.38 20.80
N ALA G 390 19.68 42.19 19.77
CA ALA G 390 18.84 43.32 19.44
C ALA G 390 17.38 42.91 19.44
N PHE G 391 17.05 41.94 18.58
CA PHE G 391 15.66 41.52 18.44
C PHE G 391 15.10 41.11 19.78
N SER G 392 15.84 40.28 20.52
CA SER G 392 15.37 39.84 21.82
C SER G 392 15.07 41.03 22.71
N LYS G 393 16.04 41.94 22.84
CA LYS G 393 15.83 43.09 23.70
C LYS G 393 14.63 43.88 23.21
N TRP G 394 14.53 44.08 21.90
CA TRP G 394 13.40 44.83 21.36
C TRP G 394 12.10 44.18 21.78
N ALA G 395 11.98 42.86 21.60
CA ALA G 395 10.77 42.17 22.00
C ALA G 395 10.47 42.43 23.46
N LYS G 396 11.48 42.24 24.31
CA LYS G 396 11.30 42.46 25.74
C LYS G 396 10.77 43.86 25.99
N GLU G 397 11.41 44.86 25.37
CA GLU G 397 10.99 46.24 25.61
C GLU G 397 9.56 46.43 25.18
N CYS G 398 9.19 45.87 24.03
CA CYS G 398 7.81 46.01 23.57
C CYS G 398 6.85 45.42 24.58
N ARG G 399 7.18 44.24 25.11
CA ARG G 399 6.32 43.65 26.12
C ARG G 399 6.19 44.57 27.33
N LYS G 400 7.28 45.19 27.74
CA LYS G 400 7.21 46.13 28.85
C LYS G 400 6.27 47.27 28.52
N ASP G 401 6.38 47.80 27.29
CA ASP G 401 5.48 48.87 26.89
C ASP G 401 4.03 48.42 26.92
N MET G 402 3.78 47.14 26.64
CA MET G 402 2.41 46.63 26.70
C MET G 402 2.00 46.30 28.13
N GLU G 403 2.94 46.06 29.02
CA GLU G 403 2.61 45.72 30.40
C GLU G 403 2.55 46.95 31.31
N ASP G 404 2.93 48.12 30.81
CA ASP G 404 2.93 49.37 31.57
C ASP G 404 2.17 50.43 30.79
N GLU G 405 0.98 50.07 30.34
CA GLU G 405 0.16 50.98 29.54
C GLU G 405 -0.29 52.17 30.37
N LYS G 406 -0.08 53.36 29.84
CA LYS G 406 -0.42 54.61 30.52
C LYS G 406 -1.84 55.03 30.16
N LEU G 407 -2.19 56.27 30.48
CA LEU G 407 -3.47 56.82 30.09
C LEU G 407 -3.30 57.72 28.88
N LEU G 408 -4.35 57.83 28.07
CA LEU G 408 -4.31 58.64 26.87
C LEU G 408 -4.12 60.12 27.21
N GLY G 409 -3.13 60.74 26.58
CA GLY G 409 -2.92 62.17 26.69
C GLY G 409 -2.65 62.66 28.09
N VAL G 410 -1.92 61.87 28.90
CA VAL G 410 -1.50 62.30 30.23
C VAL G 410 -0.04 61.93 30.40
N ARG G 411 0.61 62.62 31.34
CA ARG G 411 2.00 62.35 31.69
C ARG G 411 2.16 62.43 33.19
N GLU G 412 3.09 61.64 33.72
CA GLU G 412 3.27 61.47 35.16
C GLU G 412 4.54 62.13 35.67
N ARG G 413 4.84 63.32 35.14
CA ARG G 413 6.03 64.05 35.61
C ARG G 413 5.79 64.57 37.02
N THR G 414 6.77 64.36 37.89
CA THR G 414 6.65 64.67 39.30
C THR G 414 7.47 65.91 39.66
N LEU G 415 6.92 66.72 40.56
CA LEU G 415 7.59 67.92 41.03
C LEU G 415 8.71 67.56 41.99
N THR G 416 9.81 68.32 41.91
CA THR G 416 10.98 68.09 42.76
C THR G 416 11.34 69.38 43.49
N CYS G 417 10.66 69.64 44.60
CA CYS G 417 11.01 70.71 45.55
C CYS G 417 11.21 72.07 44.91
N CYS G 418 10.68 72.26 43.71
CA CYS G 418 10.92 73.48 42.94
C CYS G 418 9.78 73.62 41.94
N CYS G 419 9.97 74.47 40.92
CA CYS G 419 9.09 74.51 39.76
C CYS G 419 9.57 73.59 38.66
N LEU G 420 10.33 72.54 39.00
CA LEU G 420 10.97 71.66 38.04
C LEU G 420 10.32 70.28 38.09
N TRP G 421 10.02 69.74 36.91
CA TRP G 421 9.29 68.48 36.79
C TRP G 421 10.19 67.40 36.20
N ALA G 422 10.03 66.18 36.68
CA ALA G 422 10.87 65.06 36.27
C ALA G 422 10.03 63.85 35.92
N PHE G 423 10.42 63.17 34.85
CA PHE G 423 9.83 61.89 34.46
C PHE G 423 10.91 60.82 34.51
N LYS G 424 10.48 59.57 34.42
CA LYS G 424 11.39 58.44 34.44
C LYS G 424 11.66 57.99 33.01
N LYS G 425 12.94 57.97 32.63
CA LYS G 425 13.33 57.40 31.35
C LYS G 425 13.42 55.88 31.47
N GLN G 426 12.96 55.19 30.44
CA GLN G 426 12.96 53.74 30.45
C GLN G 426 14.24 53.21 29.80
N LYS G 427 14.53 51.94 30.09
CA LYS G 427 15.65 51.27 29.45
C LYS G 427 15.34 51.02 27.99
N THR G 428 16.10 51.66 27.10
CA THR G 428 15.98 51.46 25.66
C THR G 428 17.32 50.90 25.17
N HIS G 429 17.39 49.58 25.02
CA HIS G 429 18.60 48.92 24.57
C HIS G 429 18.58 48.58 23.09
N THR G 430 17.46 48.83 22.41
CA THR G 430 17.37 48.52 20.99
C THR G 430 16.51 49.58 20.30
N VAL G 431 17.06 50.18 19.26
CA VAL G 431 16.31 50.97 18.30
C VAL G 431 16.19 50.13 17.04
N TYR G 432 14.96 49.72 16.73
CA TYR G 432 14.69 48.84 15.61
C TYR G 432 13.79 49.59 14.65
N LYS G 433 14.39 50.19 13.61
CA LYS G 433 13.64 50.83 12.55
C LYS G 433 13.31 49.75 11.52
N ARG G 434 12.06 49.29 11.53
CA ARG G 434 11.65 48.21 10.66
C ARG G 434 11.60 48.69 9.22
N PRO G 435 11.60 47.75 8.25
CA PRO G 435 11.41 48.14 6.86
C PRO G 435 10.11 48.90 6.67
N ASP G 436 10.16 49.90 5.78
CA ASP G 436 9.06 50.81 5.45
C ASP G 436 8.80 51.84 6.55
N THR G 437 9.68 51.96 7.52
CA THR G 437 9.64 53.03 8.51
C THR G 437 10.62 54.12 8.12
N GLN G 438 10.58 55.22 8.87
CA GLN G 438 11.47 56.34 8.63
C GLN G 438 12.03 56.86 9.95
N SER G 439 13.35 56.99 10.00
CA SER G 439 14.00 57.70 11.09
C SER G 439 14.00 59.18 10.78
N ILE G 440 13.82 60.00 11.80
CA ILE G 440 13.76 61.46 11.64
C ILE G 440 14.66 62.09 12.68
N GLN G 441 15.61 62.90 12.22
CA GLN G 441 16.61 63.51 13.09
C GLN G 441 16.49 65.03 13.02
N LYS G 442 16.75 65.69 14.14
CA LYS G 442 16.77 67.14 14.20
C LYS G 442 18.20 67.60 13.90
N VAL G 443 18.37 68.28 12.77
CA VAL G 443 19.69 68.70 12.30
C VAL G 443 19.65 70.20 12.03
N GLN G 444 20.83 70.78 11.88
CA GLN G 444 20.94 72.18 11.49
C GLN G 444 20.50 72.37 10.04
N ALA G 445 19.71 73.42 9.80
CA ALA G 445 19.24 73.72 8.46
C ALA G 445 19.57 75.15 8.03
N GLU G 446 20.27 75.93 8.85
CA GLU G 446 20.66 77.29 8.50
C GLU G 446 22.16 77.41 8.77
N PHE G 447 22.94 77.53 7.71
CA PHE G 447 24.40 77.57 7.80
C PHE G 447 24.90 78.94 7.35
N ASP G 448 25.67 79.59 8.23
CA ASP G 448 26.28 80.87 7.88
C ASP G 448 27.70 81.00 8.42
N SER G 449 28.38 79.88 8.66
CA SER G 449 29.71 79.90 9.26
C SER G 449 30.72 79.15 8.41
N PHE G 450 30.74 79.42 7.11
CA PHE G 450 31.70 78.78 6.21
C PHE G 450 33.09 79.38 6.36
N SER G 458 48.05 74.40 -2.27
CA SER G 458 49.52 74.36 -2.27
C SER G 458 50.02 73.05 -1.66
N GLY G 459 49.84 71.96 -2.38
CA GLY G 459 50.26 70.65 -1.91
C GLY G 459 50.98 69.85 -2.98
N LEU G 460 51.73 70.54 -3.83
CA LEU G 460 52.43 69.92 -4.95
C LEU G 460 53.92 69.90 -4.68
N SER G 461 54.58 68.81 -5.07
CA SER G 461 55.99 68.60 -4.82
C SER G 461 56.75 68.50 -6.14
N ILE G 462 58.03 68.92 -6.10
CA ILE G 462 58.85 68.91 -7.29
C ILE G 462 59.05 67.51 -7.86
N PRO G 463 59.40 66.48 -7.08
CA PRO G 463 59.55 65.14 -7.68
C PRO G 463 58.28 64.64 -8.34
N LEU G 464 57.11 64.93 -7.78
CA LEU G 464 55.87 64.53 -8.44
C LEU G 464 55.68 65.26 -9.76
N ARG G 465 56.02 66.55 -9.80
CA ARG G 465 55.92 67.31 -11.04
C ARG G 465 56.83 66.70 -12.10
N THR G 466 58.07 66.38 -11.73
CA THR G 466 59.01 65.79 -12.67
C THR G 466 58.54 64.43 -13.15
N ARG G 467 58.01 63.60 -12.24
CA ARG G 467 57.51 62.29 -12.62
C ARG G 467 56.33 62.41 -13.58
N ILE G 468 55.40 63.33 -13.31
CA ILE G 468 54.26 63.51 -14.19
C ILE G 468 54.72 64.00 -15.56
N LYS G 469 55.65 64.97 -15.59
CA LYS G 469 56.13 65.49 -16.85
C LYS G 469 56.90 64.44 -17.65
N TRP G 470 57.56 63.50 -16.97
CA TRP G 470 58.31 62.47 -17.67
C TRP G 470 57.41 61.58 -18.52
N LEU G 471 56.15 61.41 -18.11
CA LEU G 471 55.19 60.62 -18.86
C LEU G 471 54.35 61.45 -19.81
N LEU G 472 54.63 62.74 -19.94
CA LEU G 472 53.88 63.61 -20.83
C LEU G 472 54.80 64.29 -21.84
N PRO H 3 44.28 29.02 -20.61
CA PRO H 3 45.38 29.97 -20.82
C PRO H 3 46.37 29.98 -19.66
N VAL H 4 45.90 29.77 -18.44
CA VAL H 4 46.75 29.63 -17.27
C VAL H 4 46.55 28.22 -16.72
N TYR H 5 47.65 27.47 -16.62
CA TYR H 5 47.63 26.08 -16.21
C TYR H 5 48.32 25.93 -14.86
N VAL H 6 47.69 25.19 -13.96
CA VAL H 6 48.19 25.01 -12.60
C VAL H 6 48.46 23.53 -12.37
N ASP H 7 49.59 23.23 -11.74
CA ASP H 7 50.00 21.86 -11.45
C ASP H 7 49.28 21.36 -10.19
N ILE H 8 47.98 21.12 -10.35
CA ILE H 8 47.15 20.57 -9.29
C ILE H 8 46.23 19.51 -9.90
N ASP H 9 45.71 18.65 -9.03
CA ASP H 9 44.82 17.59 -9.48
C ASP H 9 43.51 18.19 -10.00
N ALA H 10 42.98 17.58 -11.07
CA ALA H 10 41.76 18.09 -11.68
C ALA H 10 40.56 17.99 -10.74
N ASP H 11 40.62 17.13 -9.73
CA ASP H 11 39.54 16.97 -8.76
C ASP H 11 39.83 17.68 -7.44
N SER H 12 40.75 18.65 -7.45
CA SER H 12 41.09 19.35 -6.22
C SER H 12 40.01 20.35 -5.84
N ALA H 13 39.63 20.35 -4.57
CA ALA H 13 38.68 21.34 -4.07
C ALA H 13 39.29 22.74 -4.03
N PHE H 14 40.62 22.84 -4.06
CA PHE H 14 41.28 24.14 -4.08
C PHE H 14 41.17 24.82 -5.43
N LEU H 15 40.83 24.08 -6.48
CA LEU H 15 40.70 24.67 -7.81
C LEU H 15 39.60 25.72 -7.85
N LYS H 16 38.47 25.44 -7.19
CA LYS H 16 37.38 26.41 -7.15
C LYS H 16 37.80 27.68 -6.42
N ALA H 17 38.49 27.54 -5.29
CA ALA H 17 38.97 28.70 -4.55
C ALA H 17 39.97 29.51 -5.36
N LEU H 18 40.85 28.83 -6.09
CA LEU H 18 41.84 29.53 -6.90
C LEU H 18 41.21 30.22 -8.10
N GLN H 19 40.17 29.61 -8.67
CA GLN H 19 39.41 30.29 -9.73
C GLN H 19 38.71 31.52 -9.18
N ARG H 20 38.17 31.43 -7.97
CA ARG H 20 37.53 32.59 -7.35
CA ARG H 20 37.53 32.59 -7.36
C ARG H 20 38.55 33.69 -7.09
N ALA H 21 39.74 33.32 -6.63
CA ALA H 21 40.79 34.30 -6.36
C ALA H 21 41.31 34.95 -7.63
N TYR H 22 41.22 34.28 -8.78
CA TYR H 22 41.67 34.82 -10.05
C TYR H 22 40.55 34.66 -11.08
N PRO H 23 39.48 35.45 -10.97
CA PRO H 23 38.39 35.34 -11.95
C PRO H 23 38.76 35.85 -13.33
N MET H 24 39.85 36.61 -13.46
CA MET H 24 40.26 37.15 -14.74
C MET H 24 40.89 36.09 -15.64
N PHE H 25 41.39 35.00 -15.06
CA PHE H 25 42.04 33.94 -15.81
C PHE H 25 41.14 32.72 -15.91
N GLU H 26 41.47 31.85 -16.87
CA GLU H 26 40.83 30.55 -16.99
C GLU H 26 41.80 29.53 -16.39
N VAL H 27 41.61 29.22 -15.11
CA VAL H 27 42.52 28.34 -14.39
C VAL H 27 42.21 26.90 -14.80
N GLU H 28 43.21 26.23 -15.37
CA GLU H 28 43.05 24.86 -15.83
C GLU H 28 43.99 23.94 -15.06
N PRO H 29 43.47 22.93 -14.36
CA PRO H 29 44.35 22.01 -13.62
C PRO H 29 45.09 21.09 -14.58
N ARG H 30 46.42 21.18 -14.57
CA ARG H 30 47.29 20.31 -15.37
C ARG H 30 48.32 19.73 -14.40
N GLN H 31 47.97 18.63 -13.75
CA GLN H 31 48.86 18.04 -12.76
C GLN H 31 50.03 17.34 -13.46
N VAL H 32 51.24 17.73 -13.08
CA VAL H 32 52.44 17.12 -13.64
C VAL H 32 53.40 16.62 -12.57
N THR H 33 53.21 17.00 -11.31
CA THR H 33 54.05 16.56 -10.21
C THR H 33 53.17 16.21 -9.03
N PRO H 34 53.63 15.34 -8.13
CA PRO H 34 52.85 15.01 -6.92
C PRO H 34 53.10 15.98 -5.77
N ASN H 35 53.64 17.16 -6.10
CA ASN H 35 54.06 18.15 -5.13
C ASN H 35 53.09 18.29 -3.95
N ASP H 36 53.64 18.22 -2.74
CA ASP H 36 52.83 18.29 -1.53
C ASP H 36 52.51 19.72 -1.11
N HIS H 37 53.08 20.72 -1.78
CA HIS H 37 52.66 22.10 -1.60
C HIS H 37 52.25 22.66 -2.94
N ALA H 38 51.46 21.88 -3.69
CA ALA H 38 51.05 22.28 -5.03
C ALA H 38 50.13 23.48 -5.01
N ASN H 39 49.28 23.61 -3.98
CA ASN H 39 48.36 24.72 -3.90
C ASN H 39 49.10 26.05 -3.80
N ALA H 40 50.14 26.11 -2.96
CA ALA H 40 50.92 27.34 -2.83
C ALA H 40 51.63 27.68 -4.12
N ARG H 41 52.19 26.68 -4.80
CA ARG H 41 52.86 26.91 -6.07
C ARG H 41 51.88 27.43 -7.12
N ALA H 42 50.68 26.85 -7.16
CA ALA H 42 49.67 27.31 -8.11
C ALA H 42 49.25 28.74 -7.81
N PHE H 43 49.05 29.07 -6.54
CA PHE H 43 48.67 30.43 -6.19
C PHE H 43 49.78 31.41 -6.57
N SER H 44 51.04 31.05 -6.31
CA SER H 44 52.14 31.94 -6.65
C SER H 44 52.28 32.11 -8.15
N HIS H 45 52.08 31.03 -8.91
CA HIS H 45 52.14 31.12 -10.37
C HIS H 45 51.04 32.02 -10.91
N LEU H 46 49.82 31.86 -10.41
CA LEU H 46 48.72 32.73 -10.82
C LEU H 46 48.96 34.16 -10.38
N ALA H 47 49.57 34.36 -9.21
CA ALA H 47 49.89 35.71 -8.76
C ALA H 47 50.89 36.37 -9.69
N ILE H 48 51.92 35.64 -10.12
CA ILE H 48 52.89 36.21 -11.03
C ILE H 48 52.25 36.52 -12.38
N LYS H 49 51.36 35.64 -12.85
CA LYS H 49 50.65 35.92 -14.10
C LYS H 49 49.81 37.19 -13.98
N LEU H 50 49.09 37.35 -12.87
N LEU H 50 49.09 37.35 -12.87
CA LEU H 50 48.28 38.54 -12.68
CA LEU H 50 48.28 38.54 -12.67
C LEU H 50 49.14 39.79 -12.56
C LEU H 50 49.13 39.79 -12.56
N ILE H 51 50.26 39.71 -11.86
CA ILE H 51 51.15 40.85 -11.73
C ILE H 51 51.70 41.26 -13.09
N GLU H 52 52.10 40.28 -13.90
CA GLU H 52 52.57 40.57 -15.25
C GLU H 52 51.47 41.22 -16.08
N GLN H 53 50.24 40.70 -15.97
CA GLN H 53 49.12 41.30 -16.69
C GLN H 53 48.87 42.74 -16.26
N GLU H 54 49.06 43.04 -14.98
CA GLU H 54 48.77 44.38 -14.47
C GLU H 54 49.78 45.41 -14.96
N ILE H 55 51.07 45.07 -14.92
CA ILE H 55 52.12 46.05 -15.15
C ILE H 55 52.35 46.22 -16.66
N ASP H 56 52.93 47.37 -17.02
CA ASP H 56 53.13 47.70 -18.41
C ASP H 56 54.19 46.78 -19.04
N PRO H 57 54.03 46.41 -20.30
CA PRO H 57 55.05 45.56 -20.95
C PRO H 57 56.43 46.18 -21.00
N ASP H 58 56.53 47.51 -21.00
CA ASP H 58 57.81 48.20 -21.13
C ASP H 58 58.40 48.58 -19.78
N SER H 59 58.19 47.75 -18.76
CA SER H 59 58.64 48.04 -17.40
C SER H 59 59.75 47.08 -17.01
N THR H 60 60.73 47.59 -16.27
CA THR H 60 61.79 46.77 -15.71
C THR H 60 61.36 46.29 -14.33
N ILE H 61 61.49 45.00 -14.09
CA ILE H 61 60.93 44.35 -12.90
C ILE H 61 62.07 43.88 -12.03
N LEU H 62 62.23 44.50 -10.86
CA LEU H 62 63.15 43.98 -9.86
C LEU H 62 62.53 42.75 -9.20
N ASP H 63 63.21 41.62 -9.25
CA ASP H 63 62.68 40.36 -8.75
C ASP H 63 63.49 39.99 -7.51
N ILE H 64 63.01 40.43 -6.35
CA ILE H 64 63.79 40.39 -5.12
C ILE H 64 63.68 39.01 -4.48
N GLY H 65 64.82 38.50 -4.01
CA GLY H 65 64.85 37.26 -3.26
C GLY H 65 64.43 36.04 -4.03
N SER H 66 64.71 35.98 -5.33
CA SER H 66 64.30 34.88 -6.16
C SER H 66 65.47 34.47 -7.05
N ALA H 67 65.18 33.61 -8.02
CA ALA H 67 66.16 33.17 -8.98
C ALA H 67 65.60 33.32 -10.39
N PRO H 68 66.45 33.65 -11.37
CA PRO H 68 65.97 33.75 -12.76
C PRO H 68 65.64 32.40 -13.39
N ALA H 69 65.94 31.30 -12.70
CA ALA H 69 65.62 29.97 -13.22
C ALA H 69 64.12 29.74 -13.33
N ARG H 70 63.31 30.72 -12.90
CA ARG H 70 61.88 30.69 -13.10
C ARG H 70 61.33 31.94 -13.76
N ARG H 71 62.20 32.81 -14.29
N ARG H 71 62.20 32.81 -14.30
CA ARG H 71 61.79 34.08 -14.87
CA ARG H 71 61.77 34.07 -14.88
C ARG H 71 62.20 34.24 -16.33
C ARG H 71 62.35 34.30 -16.27
N MET H 72 62.90 33.27 -16.92
CA MET H 72 63.45 33.47 -18.25
C MET H 72 62.37 33.37 -19.33
N MET H 73 61.35 32.55 -19.10
CA MET H 73 60.31 32.34 -20.11
C MET H 73 59.24 33.42 -20.07
N SER H 74 59.67 34.68 -20.12
CA SER H 74 58.75 35.81 -20.11
C SER H 74 59.27 36.88 -21.06
N ASP H 75 58.36 37.69 -21.57
CA ASP H 75 58.69 38.82 -22.42
C ASP H 75 58.99 40.09 -21.64
N ARG H 76 59.01 40.02 -20.32
N ARG H 76 58.96 40.03 -20.31
CA ARG H 76 59.21 41.19 -19.47
CA ARG H 76 59.22 41.19 -19.47
C ARG H 76 60.62 41.22 -18.91
C ARG H 76 60.68 41.22 -19.05
N LYS H 77 61.19 42.42 -18.83
CA LYS H 77 62.59 42.61 -18.45
C LYS H 77 62.73 42.37 -16.94
N TYR H 78 62.96 41.11 -16.58
CA TYR H 78 63.13 40.71 -15.19
C TYR H 78 64.59 40.82 -14.79
N HIS H 79 64.90 41.80 -13.96
CA HIS H 79 66.22 41.90 -13.33
C HIS H 79 66.14 41.21 -11.97
N CYS H 80 66.77 40.05 -11.86
CA CYS H 80 66.66 39.20 -10.68
C CYS H 80 67.80 39.54 -9.72
N VAL H 81 67.44 40.08 -8.56
CA VAL H 81 68.39 40.44 -7.52
C VAL H 81 68.01 39.72 -6.24
N CYS H 82 68.97 39.03 -5.63
CA CYS H 82 68.71 38.27 -4.41
C CYS H 82 69.98 38.07 -3.58
N ASP H 89 70.13 29.06 -3.66
CA ASP H 89 70.72 30.16 -4.42
C ASP H 89 71.76 29.65 -5.43
N PRO H 90 72.74 28.84 -5.00
CA PRO H 90 73.70 28.31 -5.99
C PRO H 90 73.07 27.31 -6.94
N GLU H 91 72.27 26.38 -6.43
CA GLU H 91 71.60 25.42 -7.31
C GLU H 91 70.60 26.12 -8.21
N ARG H 92 69.92 27.13 -7.71
CA ARG H 92 68.99 27.88 -8.54
C ARG H 92 69.71 28.65 -9.65
N LEU H 93 70.86 29.25 -9.33
CA LEU H 93 71.65 29.91 -10.36
C LEU H 93 72.15 28.91 -11.40
N ALA H 94 72.56 27.73 -10.94
CA ALA H 94 72.98 26.69 -11.87
C ALA H 94 71.83 26.26 -12.77
N ASN H 95 70.62 26.15 -12.21
CA ASN H 95 69.46 25.82 -13.02
C ASN H 95 69.16 26.91 -14.04
N TYR H 96 69.31 28.17 -13.64
CA TYR H 96 69.14 29.28 -14.59
C TYR H 96 70.13 29.18 -15.74
N ALA H 97 71.40 28.93 -15.42
CA ALA H 97 72.41 28.79 -16.47
C ALA H 97 72.10 27.60 -17.37
N ARG H 98 71.66 26.49 -16.78
CA ARG H 98 71.30 25.31 -17.56
C ARG H 98 70.14 25.60 -18.51
N LYS H 99 69.12 26.31 -18.02
CA LYS H 99 67.97 26.62 -18.85
C LYS H 99 68.33 27.59 -19.97
N LEU H 100 69.23 28.54 -19.69
CA LEU H 100 69.70 29.43 -20.74
C LEU H 100 70.47 28.66 -21.80
N ALA H 101 71.35 27.75 -21.37
CA ALA H 101 72.17 27.00 -22.32
C ALA H 101 71.32 26.05 -23.15
N SER H 102 70.31 25.43 -22.54
CA SER H 102 69.48 24.46 -23.25
C SER H 102 68.52 25.11 -24.24
N ALA H 103 68.22 26.40 -24.07
CA ALA H 103 67.31 27.11 -24.95
C ALA H 103 67.96 28.33 -25.62
N ALA H 104 69.29 28.29 -25.78
CA ALA H 104 69.99 29.43 -26.35
C ALA H 104 69.58 29.70 -27.79
N GLY H 105 69.38 28.63 -28.56
CA GLY H 105 69.04 28.79 -29.97
C GLY H 105 67.62 28.37 -30.31
N LYS H 106 67.00 27.56 -29.45
CA LYS H 106 65.66 27.05 -29.75
C LYS H 106 64.63 28.18 -29.79
N VAL H 107 64.69 29.09 -28.83
CA VAL H 107 63.79 30.24 -28.77
C VAL H 107 64.63 31.50 -28.64
N LEU H 108 64.33 32.50 -29.47
CA LEU H 108 65.07 33.76 -29.47
C LEU H 108 64.14 34.95 -29.22
N ASP H 109 62.96 34.71 -28.68
CA ASP H 109 61.99 35.77 -28.41
C ASP H 109 62.01 36.23 -26.97
N ARG H 110 62.96 35.73 -26.16
CA ARG H 110 63.04 36.08 -24.74
C ARG H 110 64.35 36.76 -24.39
N ASN H 111 65.06 37.30 -25.39
CA ASN H 111 66.37 37.93 -25.19
C ASN H 111 67.34 36.98 -24.49
N ILE H 112 67.32 35.71 -24.90
CA ILE H 112 68.15 34.71 -24.26
C ILE H 112 69.64 34.96 -24.54
N SER H 113 69.96 35.43 -25.75
CA SER H 113 71.33 35.82 -26.05
C SER H 113 71.79 36.95 -25.14
N GLY H 114 70.94 37.97 -24.98
CA GLY H 114 71.27 39.06 -24.08
C GLY H 114 71.37 38.62 -22.64
N LYS H 115 70.50 37.70 -22.21
CA LYS H 115 70.55 37.18 -20.85
C LYS H 115 71.83 36.40 -20.61
N ILE H 116 72.25 35.60 -21.59
CA ILE H 116 73.49 34.85 -21.48
C ILE H 116 74.69 35.79 -21.41
N GLY H 117 74.70 36.82 -22.27
CA GLY H 117 75.76 37.81 -22.19
C GLY H 117 75.79 38.53 -20.85
N ASP H 118 74.61 38.86 -20.31
CA ASP H 118 74.54 39.51 -19.02
C ASP H 118 75.08 38.60 -17.91
N LEU H 119 74.71 37.32 -17.95
CA LEU H 119 75.21 36.37 -16.95
C LEU H 119 76.72 36.22 -17.03
N GLN H 120 77.27 36.16 -18.24
CA GLN H 120 78.71 36.10 -18.41
C GLN H 120 79.38 37.37 -17.91
N ALA H 121 78.76 38.54 -18.14
CA ALA H 121 79.31 39.78 -17.65
C ALA H 121 79.33 39.83 -16.12
N VAL H 122 78.26 39.35 -15.49
CA VAL H 122 78.21 39.30 -14.03
C VAL H 122 79.25 38.32 -13.50
N MET H 123 79.45 37.20 -14.21
CA MET H 123 80.46 36.25 -13.79
C MET H 123 81.86 36.84 -13.91
N ALA H 124 82.11 37.63 -14.97
CA ALA H 124 83.40 38.29 -15.13
C ALA H 124 83.68 39.24 -13.98
N VAL H 125 82.74 40.13 -13.69
CA VAL H 125 82.86 41.07 -12.58
C VAL H 125 81.59 40.97 -11.74
N PRO H 126 81.68 40.54 -10.48
CA PRO H 126 80.47 40.30 -9.68
C PRO H 126 79.72 41.56 -9.30
N ASP H 127 80.28 42.75 -9.54
CA ASP H 127 79.61 44.01 -9.23
C ASP H 127 78.83 44.57 -10.42
N THR H 128 78.78 43.83 -11.53
CA THR H 128 78.09 44.32 -12.72
C THR H 128 76.59 44.37 -12.48
N GLU H 129 75.96 45.39 -13.06
CA GLU H 129 74.53 45.63 -12.87
C GLU H 129 73.75 45.46 -14.17
N THR H 130 74.01 44.37 -14.89
CA THR H 130 73.34 44.01 -16.14
C THR H 130 71.83 44.17 -16.01
N PRO H 131 71.15 44.55 -17.10
CA PRO H 131 69.70 44.84 -16.98
C PRO H 131 68.84 43.64 -16.62
N THR H 132 69.34 42.41 -16.80
CA THR H 132 68.52 41.23 -16.58
C THR H 132 68.95 40.38 -15.38
N PHE H 133 70.10 40.64 -14.77
CA PHE H 133 70.55 39.82 -13.66
C PHE H 133 71.54 40.60 -12.81
N CYS H 134 71.53 40.30 -11.51
CA CYS H 134 72.49 40.88 -10.58
C CYS H 134 72.69 39.90 -9.43
N LEU H 135 73.86 39.99 -8.80
CA LEU H 135 74.22 39.13 -7.68
C LEU H 135 74.19 39.84 -6.34
N HIS H 136 73.88 41.14 -6.31
CA HIS H 136 73.86 41.87 -5.07
C HIS H 136 72.56 41.61 -4.32
N THR H 137 72.51 42.10 -3.08
CA THR H 137 71.25 42.11 -2.36
C THR H 137 70.37 43.25 -2.85
N ASP H 138 69.11 43.24 -2.43
CA ASP H 138 68.20 44.32 -2.81
C ASP H 138 68.70 45.66 -2.30
N VAL H 139 69.37 45.67 -1.15
CA VAL H 139 69.98 46.90 -0.66
C VAL H 139 71.19 47.26 -1.51
N SER H 140 72.03 46.27 -1.83
CA SER H 140 73.27 46.52 -2.56
C SER H 140 73.05 46.73 -4.05
N CYS H 141 71.92 46.30 -4.59
CA CYS H 141 71.66 46.48 -6.01
C CYS H 141 71.40 47.95 -6.32
N ARG H 142 71.78 48.36 -7.54
CA ARG H 142 71.59 49.74 -7.96
C ARG H 142 71.03 49.86 -9.37
N GLN H 143 70.47 48.78 -9.92
CA GLN H 143 69.87 48.80 -11.24
C GLN H 143 68.50 49.44 -11.16
N ARG H 144 68.35 50.61 -11.77
CA ARG H 144 67.10 51.36 -11.67
C ARG H 144 65.97 50.60 -12.37
N ALA H 145 64.80 50.59 -11.72
CA ALA H 145 63.61 49.94 -12.25
C ALA H 145 62.40 50.61 -11.64
N ASP H 146 61.23 50.31 -12.21
CA ASP H 146 59.99 50.90 -11.74
C ASP H 146 59.04 49.90 -11.11
N VAL H 147 59.34 48.60 -11.17
CA VAL H 147 58.49 47.56 -10.60
C VAL H 147 59.36 46.61 -9.79
N ALA H 148 58.89 46.25 -8.60
CA ALA H 148 59.55 45.27 -7.75
C ALA H 148 58.57 44.16 -7.41
N ILE H 149 59.06 42.92 -7.39
CA ILE H 149 58.26 41.76 -7.03
C ILE H 149 58.92 41.04 -5.87
N TYR H 150 58.15 40.81 -4.81
CA TYR H 150 58.61 40.08 -3.64
C TYR H 150 57.79 38.80 -3.56
N GLN H 151 58.23 37.76 -4.26
CA GLN H 151 57.52 36.49 -4.31
C GLN H 151 58.09 35.56 -3.26
N ASP H 152 57.30 35.30 -2.22
CA ASP H 152 57.66 34.35 -1.16
C ASP H 152 58.98 34.69 -0.50
N VAL H 153 59.21 35.97 -0.25
CA VAL H 153 60.37 36.44 0.51
C VAL H 153 59.86 37.09 1.79
N TYR H 154 60.38 36.60 2.92
CA TYR H 154 59.96 37.11 4.22
C TYR H 154 61.13 37.45 5.12
N ALA H 155 62.37 37.18 4.71
CA ALA H 155 63.55 37.43 5.53
C ALA H 155 64.12 38.82 5.33
N VAL H 156 63.37 39.72 4.69
CA VAL H 156 63.82 41.08 4.48
C VAL H 156 62.94 42.02 5.30
N HIS H 157 63.53 43.14 5.72
CA HIS H 157 62.79 44.17 6.43
C HIS H 157 62.01 44.99 5.41
N ALA H 158 60.68 44.97 5.53
CA ALA H 158 59.85 45.53 4.46
C ALA H 158 60.09 47.01 4.22
N PRO H 159 60.06 47.90 5.22
CA PRO H 159 60.33 49.32 4.90
C PRO H 159 61.72 49.57 4.35
N THR H 160 62.72 48.84 4.81
CA THR H 160 64.08 49.04 4.31
C THR H 160 64.20 48.64 2.85
N SER H 161 63.71 47.45 2.51
CA SER H 161 63.74 47.00 1.12
C SER H 161 62.91 47.90 0.23
N LEU H 162 61.72 48.31 0.70
CA LEU H 162 60.87 49.19 -0.08
C LEU H 162 61.52 50.54 -0.32
N TYR H 163 62.19 51.08 0.70
CA TYR H 163 62.92 52.34 0.52
C TYR H 163 64.05 52.19 -0.48
N HIS H 164 64.82 51.11 -0.37
CA HIS H 164 65.95 50.93 -1.29
C HIS H 164 65.47 50.70 -2.72
N GLN H 165 64.28 50.13 -2.89
CA GLN H 165 63.71 50.02 -4.22
C GLN H 165 63.18 51.36 -4.71
N ALA H 166 62.58 52.15 -3.81
CA ALA H 166 61.96 53.41 -4.20
C ALA H 166 62.99 54.42 -4.66
N ILE H 167 64.14 54.51 -3.97
CA ILE H 167 65.18 55.43 -4.39
C ILE H 167 65.80 54.99 -5.71
N LYS H 168 65.59 53.75 -6.11
CA LYS H 168 65.99 53.24 -7.41
C LYS H 168 64.93 53.48 -8.47
N GLY H 169 63.84 54.16 -8.13
CA GLY H 169 62.80 54.50 -9.08
C GLY H 169 61.57 53.61 -9.05
N VAL H 170 61.50 52.65 -8.14
CA VAL H 170 60.36 51.73 -8.12
C VAL H 170 59.15 52.45 -7.55
N ARG H 171 58.09 52.52 -8.36
CA ARG H 171 56.83 53.10 -7.93
C ARG H 171 55.78 52.06 -7.62
N LEU H 172 55.97 50.82 -8.05
CA LEU H 172 55.02 49.75 -7.84
C LEU H 172 55.76 48.50 -7.39
N ALA H 173 55.34 47.95 -6.25
CA ALA H 173 55.92 46.72 -5.72
C ALA H 173 54.80 45.72 -5.46
N TYR H 174 55.14 44.43 -5.60
CA TYR H 174 54.19 43.37 -5.35
C TYR H 174 54.82 42.39 -4.37
N TRP H 175 54.05 41.99 -3.36
CA TRP H 175 54.50 41.03 -2.35
C TRP H 175 53.55 39.86 -2.34
N VAL H 176 54.06 38.69 -2.70
CA VAL H 176 53.28 37.45 -2.70
C VAL H 176 53.75 36.60 -1.53
N GLY H 177 52.85 36.19 -0.67
CA GLY H 177 53.25 35.37 0.45
C GLY H 177 52.10 35.08 1.37
N PHE H 178 52.39 34.32 2.42
CA PHE H 178 51.37 33.97 3.38
C PHE H 178 50.93 35.19 4.17
N ASP H 179 49.65 35.19 4.55
CA ASP H 179 49.08 36.33 5.27
C ASP H 179 49.83 36.56 6.57
N THR H 180 50.13 37.82 6.84
CA THR H 180 50.91 38.21 8.02
C THR H 180 50.04 38.48 9.23
N THR H 181 48.72 38.36 9.10
CA THR H 181 47.84 38.57 10.25
C THR H 181 48.11 37.64 11.43
N PRO H 182 48.37 36.34 11.24
CA PRO H 182 48.64 35.49 12.41
C PRO H 182 49.83 35.95 13.25
N PHE H 183 50.85 36.54 12.63
CA PHE H 183 52.00 37.00 13.39
C PHE H 183 51.79 38.38 13.99
N MET H 184 50.81 39.13 13.50
CA MET H 184 50.39 40.34 14.19
C MET H 184 49.56 40.04 15.42
N TYR H 185 48.90 38.88 15.45
CA TYR H 185 48.19 38.41 16.62
C TYR H 185 49.10 37.71 17.62
N ASN H 186 50.37 37.51 17.26
CA ASN H 186 51.37 36.89 18.13
C ASN H 186 51.01 35.46 18.50
N ALA H 187 50.57 34.69 17.50
CA ALA H 187 50.28 33.28 17.73
C ALA H 187 51.57 32.49 17.90
N MET H 188 51.54 31.51 18.80
CA MET H 188 52.71 30.67 19.00
C MET H 188 52.92 29.72 17.83
N ALA H 189 51.84 29.15 17.31
CA ALA H 189 51.90 28.28 16.15
C ALA H 189 50.66 28.56 15.30
N GLY H 190 50.64 27.99 14.11
CA GLY H 190 49.49 28.21 13.25
C GLY H 190 49.54 27.35 12.01
N ALA H 191 48.42 27.34 11.31
CA ALA H 191 48.28 26.57 10.08
C ALA H 191 47.71 27.43 8.98
N TYR H 192 48.24 27.25 7.77
CA TYR H 192 47.55 27.58 6.54
C TYR H 192 47.14 26.24 5.95
N PRO H 193 46.00 25.70 6.38
CA PRO H 193 45.64 24.32 5.99
C PRO H 193 45.40 24.14 4.51
N SER H 194 44.88 25.16 3.82
CA SER H 194 44.60 25.03 2.41
C SER H 194 45.87 24.83 1.59
N TYR H 195 46.99 25.33 2.08
CA TYR H 195 48.27 25.22 1.40
C TYR H 195 49.17 24.18 2.01
N SER H 196 48.63 23.31 2.87
CA SER H 196 49.39 22.27 3.55
C SER H 196 50.58 22.88 4.31
N THR H 197 50.36 24.06 4.86
CA THR H 197 51.41 24.81 5.53
C THR H 197 51.17 24.81 7.03
N ASN H 198 52.20 24.51 7.80
CA ASN H 198 52.14 24.65 9.25
C ASN H 198 53.40 25.37 9.73
N TRP H 199 53.21 26.39 10.55
CA TRP H 199 54.32 27.15 11.10
C TRP H 199 54.27 27.07 12.61
N ALA H 200 55.45 27.03 13.23
CA ALA H 200 55.52 26.91 14.67
C ALA H 200 56.69 27.72 15.19
N ASP H 201 56.52 28.30 16.37
CA ASP H 201 57.65 28.88 17.09
C ASP H 201 58.65 27.79 17.43
N GLU H 202 59.93 28.17 17.45
CA GLU H 202 60.98 27.20 17.73
C GLU H 202 60.81 26.56 19.12
N GLN H 203 60.15 27.27 20.03
CA GLN H 203 59.99 26.76 21.39
C GLN H 203 59.02 25.57 21.44
N VAL H 204 58.00 25.58 20.59
CA VAL H 204 56.97 24.56 20.62
C VAL H 204 57.15 23.54 19.49
N LEU H 205 58.37 23.41 18.95
CA LEU H 205 58.63 22.40 17.94
C LEU H 205 58.53 20.99 18.49
N LYS H 206 58.70 20.81 19.79
CA LYS H 206 58.58 19.50 20.42
C LYS H 206 57.18 19.25 20.97
N ALA H 207 56.17 19.90 20.41
CA ALA H 207 54.80 19.69 20.82
C ALA H 207 54.30 18.35 20.26
N LYS H 208 53.02 18.07 20.52
CA LYS H 208 52.41 16.82 20.10
C LYS H 208 51.28 16.99 19.11
N ASN H 209 50.46 18.03 19.25
CA ASN H 209 49.18 18.09 18.56
C ASN H 209 49.03 19.32 17.69
N ILE H 210 50.12 19.98 17.33
CA ILE H 210 50.09 21.06 16.37
C ILE H 210 50.56 20.53 15.02
N GLY H 211 50.40 21.33 13.97
CA GLY H 211 50.71 20.86 12.63
C GLY H 211 52.18 20.55 12.43
N LEU H 212 53.06 21.38 12.96
CA LEU H 212 54.50 21.25 12.76
C LEU H 212 55.15 20.98 14.12
N CYS H 213 55.28 19.70 14.46
CA CYS H 213 55.90 19.32 15.72
C CYS H 213 56.34 17.86 15.66
N SER H 214 57.20 17.49 16.60
CA SER H 214 57.56 16.09 16.80
C SER H 214 57.87 15.89 18.27
N THR H 215 57.21 14.91 18.89
CA THR H 215 57.45 14.55 20.27
C THR H 215 57.76 13.06 20.35
N ASP H 216 58.32 12.66 21.49
CA ASP H 216 58.68 11.27 21.74
C ASP H 216 57.68 10.64 22.70
N LEU H 217 57.72 9.32 22.78
CA LEU H 217 56.91 8.59 23.74
C LEU H 217 57.59 8.60 25.10
N THR H 218 56.81 8.88 26.15
CA THR H 218 57.33 8.95 27.50
C THR H 218 56.31 8.34 28.46
N GLU H 219 56.82 7.88 29.61
CA GLU H 219 55.98 7.38 30.68
C GLU H 219 55.71 8.44 31.75
N GLY H 220 56.40 9.57 31.69
CA GLY H 220 56.27 10.59 32.71
C GLY H 220 56.73 10.12 34.08
N ARG H 221 57.85 9.40 34.11
CA ARG H 221 58.39 8.84 35.35
C ARG H 221 59.43 9.75 35.98
N ARG H 222 60.38 10.26 35.20
CA ARG H 222 61.40 11.17 35.68
C ARG H 222 61.05 12.59 35.27
N GLY H 223 61.00 13.50 36.24
CA GLY H 223 60.78 14.90 35.95
C GLY H 223 62.02 15.56 35.42
N LYS H 224 62.01 15.94 34.14
CA LYS H 224 63.20 16.51 33.51
C LYS H 224 63.61 17.81 34.18
N LEU H 225 64.91 17.94 34.44
CA LEU H 225 65.46 19.14 35.05
C LEU H 225 65.98 20.09 33.98
N SER H 226 66.14 21.35 34.37
CA SER H 226 66.67 22.36 33.46
C SER H 226 67.53 23.34 34.25
N ILE H 227 68.53 23.89 33.57
CA ILE H 227 69.43 24.84 34.22
C ILE H 227 68.72 26.15 34.54
N MET H 228 67.82 26.60 33.66
CA MET H 228 67.15 27.88 33.82
C MET H 228 65.66 27.68 34.05
N ARG H 229 65.04 28.69 34.64
CA ARG H 229 63.61 28.68 34.93
C ARG H 229 62.86 29.33 33.78
N GLY H 230 61.98 28.57 33.13
CA GLY H 230 61.18 29.13 32.08
C GLY H 230 60.11 30.07 32.63
N LYS H 231 59.11 29.50 33.29
CA LYS H 231 58.05 30.25 33.98
C LYS H 231 57.26 31.13 33.01
N LYS H 232 57.64 31.09 31.73
CA LYS H 232 57.00 31.93 30.72
C LYS H 232 57.24 31.30 29.36
N LEU H 233 56.17 31.20 28.57
CA LEU H 233 56.23 30.63 27.23
C LEU H 233 55.57 31.64 26.29
N GLU H 234 56.35 32.61 25.85
CA GLU H 234 55.87 33.60 24.91
C GLU H 234 56.59 33.44 23.58
N PRO H 235 55.95 33.84 22.48
CA PRO H 235 56.59 33.67 21.16
C PRO H 235 57.92 34.39 21.07
N CYS H 236 58.89 33.72 20.47
CA CYS H 236 60.21 34.28 20.21
C CYS H 236 60.32 34.60 18.72
N ASP H 237 61.37 35.35 18.38
CA ASP H 237 61.51 35.85 17.02
C ASP H 237 61.63 34.73 16.00
N ARG H 238 62.23 33.61 16.38
CA ARG H 238 62.52 32.53 15.45
C ARG H 238 61.28 31.65 15.27
N VAL H 239 60.79 31.53 14.04
N VAL H 239 60.81 31.51 14.03
CA VAL H 239 59.68 30.65 13.71
CA VAL H 239 59.67 30.68 13.69
C VAL H 239 60.12 29.79 12.53
C VAL H 239 60.09 29.81 12.50
N LEU H 240 59.40 28.68 12.34
CA LEU H 240 59.70 27.75 11.26
C LEU H 240 58.42 27.45 10.50
N PHE H 241 58.45 27.70 9.19
CA PHE H 241 57.37 27.38 8.28
C PHE H 241 57.66 26.04 7.63
N SER H 242 56.61 25.23 7.42
CA SER H 242 56.70 24.03 6.61
C SER H 242 55.58 24.13 5.58
N VAL H 243 55.98 24.39 4.34
CA VAL H 243 55.06 24.42 3.21
C VAL H 243 55.20 23.07 2.52
N GLY H 244 54.21 22.22 2.71
CA GLY H 244 54.40 20.82 2.36
C GLY H 244 55.53 20.27 3.20
N SER H 245 56.58 19.78 2.54
CA SER H 245 57.78 19.31 3.22
C SER H 245 58.91 20.32 3.18
N THR H 246 58.67 21.52 2.67
CA THR H 246 59.73 22.52 2.51
C THR H 246 59.82 23.37 3.77
N LEU H 247 61.00 23.38 4.39
CA LEU H 247 61.23 24.04 5.66
C LEU H 247 61.89 25.39 5.44
N TYR H 248 61.35 26.43 6.06
CA TYR H 248 61.91 27.78 5.97
C TYR H 248 61.98 28.41 7.35
N PRO H 249 63.16 28.84 7.80
CA PRO H 249 63.23 29.66 9.01
C PRO H 249 62.86 31.10 8.72
N GLU H 250 62.10 31.70 9.64
CA GLU H 250 61.65 33.08 9.50
C GLU H 250 61.80 33.81 10.82
N SER H 251 61.85 35.12 10.73
CA SER H 251 61.90 36.01 11.89
C SER H 251 60.54 36.68 12.03
N ARG H 252 60.03 36.72 13.27
CA ARG H 252 58.72 37.32 13.50
C ARG H 252 58.71 38.80 13.19
N LYS H 253 59.80 39.52 13.52
CA LYS H 253 59.84 40.94 13.24
C LYS H 253 59.85 41.21 11.74
N LEU H 254 60.58 40.39 10.97
CA LEU H 254 60.60 40.56 9.53
C LEU H 254 59.26 40.21 8.91
N LEU H 255 58.58 39.19 9.44
CA LEU H 255 57.24 38.86 8.97
C LEU H 255 56.25 39.98 9.27
N LYS H 256 56.33 40.54 10.47
CA LYS H 256 55.40 41.61 10.86
C LYS H 256 55.69 42.89 10.09
N SER H 257 56.94 43.10 9.70
CA SER H 257 57.27 44.30 8.93
C SER H 257 56.52 44.35 7.61
N TRP H 258 56.14 43.19 7.06
CA TRP H 258 55.38 43.15 5.82
C TRP H 258 53.89 43.32 6.03
N HIS H 259 53.43 43.35 7.29
CA HIS H 259 52.04 43.73 7.59
C HIS H 259 51.97 45.26 7.63
N LEU H 260 52.11 45.84 6.45
CA LEU H 260 52.19 47.29 6.32
C LEU H 260 50.80 47.92 6.43
N PRO H 261 50.72 49.15 6.93
CA PRO H 261 49.43 49.83 6.97
C PRO H 261 48.98 50.25 5.58
N SER H 262 47.74 50.73 5.51
CA SER H 262 47.18 51.18 4.24
C SER H 262 48.00 52.33 3.67
N VAL H 263 48.50 53.21 4.53
CA VAL H 263 49.33 54.34 4.12
C VAL H 263 50.50 54.43 5.08
N PHE H 264 51.70 54.61 4.54
CA PHE H 264 52.89 54.78 5.38
C PHE H 264 53.88 55.68 4.64
N HIS H 265 54.88 56.16 5.39
CA HIS H 265 55.83 57.13 4.88
C HIS H 265 57.25 56.62 5.10
N LEU H 266 58.06 56.63 4.04
CA LEU H 266 59.48 56.30 4.13
C LEU H 266 60.27 57.59 4.03
N LYS H 267 60.85 58.01 5.16
CA LYS H 267 61.56 59.27 5.25
C LYS H 267 63.06 59.03 5.31
N GLY H 268 63.81 59.77 4.48
CA GLY H 268 65.25 59.67 4.47
C GLY H 268 65.87 60.76 3.63
N LYS H 269 66.90 60.42 2.85
CA LYS H 269 67.42 61.37 1.87
C LYS H 269 66.34 61.74 0.87
N LEU H 270 65.57 60.75 0.42
CA LEU H 270 64.36 60.97 -0.35
C LEU H 270 63.17 60.45 0.45
N SER H 271 62.03 61.13 0.30
CA SER H 271 60.83 60.81 1.06
C SER H 271 59.77 60.25 0.13
N PHE H 272 59.05 59.23 0.60
CA PHE H 272 58.06 58.54 -0.22
C PHE H 272 56.80 58.32 0.59
N THR H 273 55.65 58.46 -0.07
CA THR H 273 54.35 58.13 0.49
C THR H 273 53.88 56.85 -0.20
N CYS H 274 53.79 55.77 0.56
CA CYS H 274 53.48 54.46 0.01
C CYS H 274 52.15 53.97 0.53
N ARG H 275 51.44 53.22 -0.30
CA ARG H 275 50.15 52.66 0.05
C ARG H 275 50.20 51.15 -0.16
N CYS H 276 49.78 50.40 0.86
CA CYS H 276 49.75 48.95 0.80
C CYS H 276 48.31 48.46 0.74
N ASP H 277 48.00 47.68 -0.29
CA ASP H 277 46.67 47.14 -0.47
C ASP H 277 46.77 45.65 -0.80
N THR H 278 45.92 44.85 -0.16
CA THR H 278 45.85 43.42 -0.43
C THR H 278 44.94 43.22 -1.64
N VAL H 279 45.53 42.92 -2.79
CA VAL H 279 44.74 42.80 -4.01
C VAL H 279 44.28 41.36 -4.25
N VAL H 280 45.00 40.37 -3.74
CA VAL H 280 44.55 38.98 -3.81
C VAL H 280 44.63 38.37 -2.42
N SER H 281 43.61 37.59 -2.06
CA SER H 281 43.58 36.96 -0.73
C SER H 281 42.80 35.66 -0.86
N CYS H 282 43.51 34.54 -0.84
CA CYS H 282 42.92 33.21 -0.92
C CYS H 282 43.41 32.36 0.26
N GLU H 283 42.56 32.22 1.26
CA GLU H 283 42.69 31.17 2.28
C GLU H 283 44.07 31.17 2.95
N GLY H 284 44.57 32.37 3.25
CA GLY H 284 45.84 32.54 3.92
C GLY H 284 46.99 32.97 3.03
N TYR H 285 46.80 33.02 1.71
CA TYR H 285 47.85 33.47 0.80
C TYR H 285 47.42 34.81 0.20
N VAL H 286 48.26 35.82 0.31
CA VAL H 286 47.92 37.16 -0.09
C VAL H 286 48.93 37.69 -1.12
N VAL H 287 48.41 38.42 -2.09
CA VAL H 287 49.20 39.28 -2.96
C VAL H 287 48.86 40.72 -2.58
N LYS H 288 49.89 41.45 -2.14
CA LYS H 288 49.81 42.83 -1.71
C LYS H 288 50.43 43.72 -2.78
N ARG H 289 49.76 44.83 -3.08
CA ARG H 289 50.27 45.82 -4.02
C ARG H 289 50.66 47.07 -3.23
N ILE H 290 51.92 47.49 -3.37
CA ILE H 290 52.44 48.67 -2.70
C ILE H 290 52.71 49.72 -3.78
N THR H 291 52.10 50.89 -3.63
CA THR H 291 52.30 52.00 -4.55
C THR H 291 53.07 53.09 -3.82
N MET H 292 54.32 53.32 -4.26
CA MET H 292 55.20 54.28 -3.63
C MET H 292 55.32 55.51 -4.50
N SER H 293 55.16 56.69 -3.90
CA SER H 293 55.22 57.96 -4.61
C SER H 293 56.12 58.92 -3.85
N PRO H 294 57.04 59.61 -4.53
CA PRO H 294 57.88 60.60 -3.84
C PRO H 294 57.05 61.70 -3.21
N GLY H 295 57.46 62.13 -2.03
CA GLY H 295 56.75 63.15 -1.28
C GLY H 295 56.09 62.60 -0.04
N LEU H 296 55.59 63.53 0.78
CA LEU H 296 54.98 63.20 2.06
C LEU H 296 53.53 63.66 2.14
N TYR H 297 52.75 63.38 1.10
CA TYR H 297 51.35 63.79 1.08
C TYR H 297 50.53 63.01 2.11
N GLY H 298 49.52 63.68 2.65
CA GLY H 298 48.59 63.04 3.55
C GLY H 298 49.16 62.78 4.93
N LYS H 299 48.37 62.04 5.71
CA LYS H 299 48.73 61.66 7.06
C LYS H 299 48.49 60.18 7.25
N THR H 300 49.24 59.58 8.17
CA THR H 300 49.22 58.14 8.39
C THR H 300 48.49 57.82 9.67
N THR H 301 47.49 56.94 9.59
CA THR H 301 46.76 56.49 10.77
C THR H 301 47.48 55.39 11.52
N GLY H 302 48.47 54.74 10.90
CA GLY H 302 49.17 53.65 11.54
C GLY H 302 48.32 52.43 11.81
N TYR H 303 47.37 52.15 10.94
CA TYR H 303 46.45 51.02 11.12
C TYR H 303 46.51 50.13 9.89
N ALA H 304 46.74 48.84 10.11
CA ALA H 304 46.72 47.83 9.07
C ALA H 304 45.46 47.01 9.22
N VAL H 305 44.73 46.82 8.12
CA VAL H 305 43.44 46.15 8.13
C VAL H 305 43.55 44.87 7.30
N THR H 306 43.10 43.76 7.87
CA THR H 306 43.00 42.49 7.16
C THR H 306 41.53 42.11 7.07
N HIS H 307 41.04 41.95 5.84
CA HIS H 307 39.69 41.43 5.64
C HIS H 307 39.71 39.91 5.66
N HIS H 308 38.71 39.33 6.30
CA HIS H 308 38.63 37.89 6.47
C HIS H 308 37.50 37.36 5.59
N ALA H 309 37.85 36.89 4.39
CA ALA H 309 36.89 36.16 3.57
C ALA H 309 36.48 34.87 4.25
N ASP H 310 37.43 34.19 4.89
N ASP H 310 37.42 34.20 4.90
CA ASP H 310 37.16 33.00 5.69
CA ASP H 310 37.16 33.01 5.69
C ASP H 310 37.40 33.31 7.16
C ASP H 310 37.42 33.30 7.16
N GLY H 311 36.96 32.40 8.02
CA GLY H 311 37.15 32.58 9.44
C GLY H 311 38.61 32.48 9.84
N PHE H 312 39.03 33.38 10.72
CA PHE H 312 40.37 33.34 11.31
C PHE H 312 40.24 33.05 12.79
N LEU H 313 41.02 32.09 13.28
CA LEU H 313 40.96 31.68 14.68
C LEU H 313 42.33 31.79 15.30
N MET H 314 42.40 32.42 16.46
CA MET H 314 43.55 32.29 17.35
C MET H 314 43.03 31.83 18.70
N CYS H 315 43.37 30.60 19.06
CA CYS H 315 42.80 29.97 20.25
C CYS H 315 43.90 29.52 21.18
N LYS H 316 43.65 29.66 22.48
CA LYS H 316 44.49 29.02 23.47
C LYS H 316 44.31 27.51 23.40
N THR H 317 45.42 26.79 23.32
CA THR H 317 45.39 25.33 23.31
C THR H 317 46.40 24.81 24.32
N THR H 318 46.09 23.64 24.88
CA THR H 318 46.95 22.98 25.84
C THR H 318 47.58 21.77 25.17
N ASP H 319 48.91 21.75 25.10
CA ASP H 319 49.64 20.63 24.53
C ASP H 319 50.76 20.22 25.48
N THR H 320 51.59 19.27 25.06
CA THR H 320 52.79 18.90 25.81
C THR H 320 53.99 19.16 24.91
N VAL H 321 54.82 20.12 25.30
CA VAL H 321 56.08 20.39 24.63
C VAL H 321 57.18 19.69 25.41
N ASP H 322 57.86 18.74 24.77
CA ASP H 322 58.87 17.91 25.41
C ASP H 322 58.30 17.22 26.65
N GLY H 323 57.03 16.87 26.61
CA GLY H 323 56.36 16.22 27.72
C GLY H 323 55.78 17.16 28.76
N GLU H 324 56.16 18.44 28.75
CA GLU H 324 55.65 19.40 29.72
C GLU H 324 54.34 19.96 29.23
N ARG H 325 53.28 19.84 30.04
CA ARG H 325 51.98 20.36 29.67
C ARG H 325 51.97 21.88 29.78
N VAL H 326 51.76 22.55 28.64
CA VAL H 326 51.78 24.00 28.55
C VAL H 326 50.59 24.45 27.72
N SER H 327 50.33 25.75 27.74
CA SER H 327 49.27 26.35 26.95
C SER H 327 49.84 27.50 26.13
N PHE H 328 49.42 27.57 24.87
CA PHE H 328 49.87 28.62 23.97
C PHE H 328 48.85 28.84 22.87
N SER H 329 49.00 29.95 22.16
CA SER H 329 48.06 30.33 21.12
C SER H 329 48.38 29.65 19.80
N VAL H 330 47.34 29.17 19.13
CA VAL H 330 47.45 28.55 17.82
C VAL H 330 46.45 29.23 16.89
N CYS H 331 46.92 29.63 15.71
CA CYS H 331 46.07 30.25 14.71
C CYS H 331 45.72 29.24 13.61
N THR H 332 44.63 29.53 12.91
CA THR H 332 44.18 28.70 11.81
C THR H 332 43.14 29.45 10.99
N TYR H 333 42.89 28.94 9.80
CA TYR H 333 41.85 29.46 8.92
C TYR H 333 40.77 28.40 8.76
N VAL H 334 39.53 28.81 8.96
CA VAL H 334 38.35 27.95 8.85
C VAL H 334 37.58 28.38 7.62
N PRO H 335 37.15 27.46 6.77
CA PRO H 335 36.38 27.86 5.57
C PRO H 335 35.11 28.59 5.95
N ALA H 336 34.75 29.57 5.11
CA ALA H 336 33.60 30.42 5.41
C ALA H 336 32.30 29.62 5.49
N THR H 337 32.16 28.58 4.67
CA THR H 337 30.97 27.74 4.75
C THR H 337 30.89 27.03 6.10
N ILE H 338 32.03 26.54 6.60
CA ILE H 338 32.06 25.91 7.92
C ILE H 338 31.68 26.92 9.00
N CYS H 339 32.23 28.13 8.92
CA CYS H 339 31.93 29.16 9.91
C CYS H 339 30.45 29.52 9.89
N ASP H 340 29.88 29.69 8.69
CA ASP H 340 28.46 30.00 8.58
C ASP H 340 27.58 28.87 9.09
N GLN H 341 27.97 27.63 8.84
CA GLN H 341 27.20 26.48 9.31
C GLN H 341 27.30 26.28 10.82
N MET H 342 28.26 26.94 11.48
CA MET H 342 28.41 26.86 12.93
C MET H 342 27.76 28.03 13.66
N THR H 343 27.14 28.96 12.94
CA THR H 343 26.57 30.15 13.58
C THR H 343 25.47 29.79 14.56
N GLY H 344 24.57 28.88 14.17
CA GLY H 344 23.47 28.52 15.05
C GLY H 344 23.90 27.81 16.31
N ILE H 345 24.80 26.83 16.18
CA ILE H 345 25.19 26.02 17.33
C ILE H 345 26.05 26.82 18.30
N LEU H 346 26.65 27.92 17.85
CA LEU H 346 27.43 28.77 18.73
C LEU H 346 26.58 29.75 19.52
N ALA H 347 25.26 29.77 19.29
CA ALA H 347 24.37 30.60 20.10
C ALA H 347 24.35 30.15 21.55
N THR H 348 24.45 28.85 21.78
CA THR H 348 24.48 28.28 23.12
C THR H 348 25.92 27.92 23.49
N GLU H 349 26.08 27.38 24.68
CA GLU H 349 27.37 26.91 25.16
C GLU H 349 27.54 25.45 24.72
N VAL H 350 28.53 25.19 23.88
CA VAL H 350 28.76 23.87 23.31
C VAL H 350 30.09 23.35 23.81
N THR H 351 30.12 22.08 24.19
CA THR H 351 31.36 21.46 24.63
C THR H 351 32.29 21.27 23.43
N PRO H 352 33.60 21.19 23.67
CA PRO H 352 34.52 20.89 22.56
C PRO H 352 34.23 19.56 21.88
N GLU H 353 33.75 18.57 22.62
N GLU H 353 33.74 18.56 22.62
CA GLU H 353 33.41 17.28 22.03
CA GLU H 353 33.41 17.28 22.02
C GLU H 353 32.23 17.42 21.07
C GLU H 353 32.22 17.41 21.07
N ASP H 354 31.16 18.08 21.52
CA ASP H 354 30.01 18.30 20.65
C ASP H 354 30.38 19.18 19.46
N ALA H 355 31.18 20.22 19.71
CA ALA H 355 31.62 21.08 18.62
C ALA H 355 32.43 20.32 17.59
N GLN H 356 33.30 19.42 18.04
CA GLN H 356 34.10 18.63 17.11
C GLN H 356 33.25 17.64 16.34
N LYS H 357 32.27 17.02 17.01
CA LYS H 357 31.36 16.13 16.30
C LYS H 357 30.57 16.88 15.24
N LEU H 358 30.09 18.08 15.56
CA LEU H 358 29.34 18.88 14.59
C LEU H 358 30.23 19.33 13.45
N LEU H 359 31.47 19.71 13.74
CA LEU H 359 32.41 20.11 12.69
C LEU H 359 32.70 18.95 11.75
N VAL H 360 32.88 17.75 12.30
CA VAL H 360 33.10 16.57 11.47
C VAL H 360 31.88 16.29 10.60
N GLY H 361 30.69 16.42 11.18
CA GLY H 361 29.48 16.26 10.39
C GLY H 361 29.37 17.26 9.26
N LEU H 362 29.79 18.50 9.51
CA LEU H 362 29.78 19.54 8.48
C LEU H 362 30.91 19.39 7.48
N ASN H 363 31.96 18.64 7.82
CA ASN H 363 33.12 18.51 6.95
C ASN H 363 32.96 17.41 5.90
N GLN H 364 31.92 16.61 5.98
CA GLN H 364 31.72 15.51 5.03
C GLN H 364 31.38 16.03 3.64
N THR H 376 35.27 13.64 0.73
CA THR H 376 35.65 15.03 0.54
C THR H 376 35.53 15.80 1.85
N ASN H 377 36.57 16.58 2.17
CA ASN H 377 36.62 17.37 3.39
C ASN H 377 36.73 18.85 3.02
N THR H 378 35.84 19.67 3.58
CA THR H 378 35.93 21.11 3.35
C THR H 378 37.19 21.68 3.99
N MET H 379 37.42 21.36 5.26
CA MET H 379 38.63 21.78 5.97
C MET H 379 39.45 20.55 6.35
N LYS H 380 40.74 20.76 6.52
CA LYS H 380 41.61 19.70 6.98
C LYS H 380 41.21 19.25 8.38
N ASN H 381 41.15 17.94 8.58
CA ASN H 381 40.66 17.39 9.84
C ASN H 381 41.63 17.59 11.00
N TYR H 382 42.93 17.70 10.72
CA TYR H 382 43.90 17.85 11.79
C TYR H 382 43.75 19.18 12.53
N MET H 383 43.08 20.15 11.91
CA MET H 383 42.75 21.41 12.58
C MET H 383 41.40 21.37 13.28
N ILE H 384 40.56 20.36 12.98
CA ILE H 384 39.21 20.34 13.54
C ILE H 384 39.18 20.32 15.06
N PRO H 385 40.00 19.50 15.77
CA PRO H 385 39.91 19.50 17.24
C PRO H 385 40.12 20.87 17.86
N VAL H 386 41.27 21.49 17.61
CA VAL H 386 41.56 22.78 18.24
C VAL H 386 40.52 23.82 17.82
N VAL H 387 40.12 23.80 16.54
CA VAL H 387 39.06 24.69 16.09
C VAL H 387 37.81 24.49 16.94
N ALA H 388 37.43 23.24 17.15
CA ALA H 388 36.30 22.94 18.03
C ALA H 388 36.49 23.61 19.38
N GLN H 389 37.66 23.38 20.00
CA GLN H 389 37.96 24.02 21.26
C GLN H 389 37.76 25.52 21.15
N ALA H 390 38.35 26.13 20.12
CA ALA H 390 38.20 27.56 19.92
C ALA H 390 36.73 27.94 19.91
N PHE H 391 35.95 27.27 19.05
CA PHE H 391 34.55 27.60 18.94
C PHE H 391 33.88 27.45 20.29
N SER H 392 34.14 26.33 20.97
CA SER H 392 33.54 26.11 22.28
C SER H 392 33.88 27.26 23.19
N LYS H 393 35.18 27.59 23.29
CA LYS H 393 35.58 28.67 24.17
C LYS H 393 34.89 29.97 23.75
N TRP H 394 34.90 30.24 22.44
CA TRP H 394 34.27 31.45 21.94
C TRP H 394 32.82 31.51 22.41
N ALA H 395 32.08 30.42 22.21
CA ALA H 395 30.68 30.40 22.61
C ALA H 395 30.57 30.74 24.09
N LYS H 396 31.36 30.05 24.92
CA LYS H 396 31.32 30.31 26.35
C LYS H 396 31.58 31.78 26.63
N GLU H 397 32.62 32.33 26.01
CA GLU H 397 32.97 33.72 26.28
C GLU H 397 31.81 34.62 25.89
N CYS H 398 31.18 34.35 24.74
CA CYS H 398 30.05 35.18 24.33
C CYS H 398 28.95 35.11 25.37
N ARG H 399 28.65 33.92 25.89
CA ARG H 399 27.64 33.80 26.92
C ARG H 399 28.02 34.63 28.14
N LYS H 400 29.30 34.59 28.52
CA LYS H 400 29.75 35.42 29.63
C LYS H 400 29.49 36.89 29.34
N ASP H 401 29.81 37.33 28.12
CA ASP H 401 29.56 38.72 27.76
C ASP H 401 28.07 39.03 27.82
N MET H 402 27.22 38.05 27.51
CA MET H 402 25.79 38.25 27.57
C MET H 402 25.24 38.10 28.98
N GLU H 403 26.03 37.54 29.90
CA GLU H 403 25.59 37.36 31.28
C GLU H 403 26.15 38.41 32.22
N ASP H 404 27.08 39.24 31.76
CA ASP H 404 27.69 40.31 32.55
C ASP H 404 27.52 41.64 31.82
N GLU H 405 26.28 41.89 31.40
CA GLU H 405 25.96 43.09 30.65
C GLU H 405 26.18 44.33 31.50
N LYS H 406 27.00 45.24 31.02
CA LYS H 406 27.31 46.48 31.72
C LYS H 406 26.32 47.57 31.34
N LEU H 407 26.55 48.77 31.85
CA LEU H 407 25.72 49.91 31.48
C LEU H 407 26.31 50.63 30.27
N LEU H 408 25.44 51.30 29.52
CA LEU H 408 25.86 52.02 28.33
C LEU H 408 26.80 53.16 28.69
N GLY H 409 27.95 53.20 28.03
CA GLY H 409 28.86 54.32 28.13
C GLY H 409 29.41 54.58 29.52
N VAL H 410 29.64 53.53 30.31
CA VAL H 410 30.27 53.67 31.61
C VAL H 410 31.32 52.57 31.77
N ARG H 411 32.26 52.82 32.67
CA ARG H 411 33.28 51.84 33.03
C ARG H 411 33.44 51.82 34.54
N GLU H 412 33.92 50.69 35.05
CA GLU H 412 34.01 50.45 36.48
C GLU H 412 35.46 50.35 36.93
N ARG H 413 36.31 51.25 36.44
CA ARG H 413 37.70 51.28 36.87
C ARG H 413 37.80 51.83 38.28
N THR H 414 38.49 51.10 39.15
CA THR H 414 38.59 51.45 40.56
C THR H 414 39.91 52.15 40.87
N LEU H 415 39.91 52.90 41.96
CA LEU H 415 41.09 53.64 42.40
C LEU H 415 41.93 52.79 43.32
N THR H 416 43.25 52.84 43.12
CA THR H 416 44.19 52.00 43.87
C THR H 416 45.18 52.91 44.61
N CYS H 417 44.75 53.44 45.76
CA CYS H 417 45.59 54.14 46.73
C CYS H 417 46.39 55.30 46.13
N CYS H 418 46.02 55.77 44.95
CA CYS H 418 46.77 56.81 44.26
C CYS H 418 45.84 57.49 43.27
N CYS H 419 46.42 58.17 42.28
CA CYS H 419 45.68 58.70 41.14
C CYS H 419 45.62 57.71 39.98
N LEU H 420 45.82 56.42 40.26
CA LEU H 420 45.90 55.39 39.24
C LEU H 420 44.63 54.56 39.25
N TRP H 421 44.06 54.31 38.07
CA TRP H 421 42.82 53.56 37.92
C TRP H 421 43.09 52.24 37.22
N ALA H 422 42.44 51.18 37.71
CA ALA H 422 42.62 49.84 37.18
C ALA H 422 41.27 49.18 36.94
N PHE H 423 41.21 48.34 35.91
CA PHE H 423 40.03 47.57 35.58
C PHE H 423 40.37 46.09 35.53
N LYS H 424 39.33 45.26 35.45
CA LYS H 424 39.51 43.82 35.39
C LYS H 424 39.48 43.36 33.93
N LYS H 425 40.52 42.63 33.53
CA LYS H 425 40.54 42.00 32.22
C LYS H 425 39.86 40.64 32.31
N GLN H 426 39.11 40.31 31.26
CA GLN H 426 38.40 39.03 31.23
C GLN H 426 39.25 37.97 30.55
N LYS H 427 38.88 36.71 30.80
CA LYS H 427 39.53 35.59 30.13
C LYS H 427 39.14 35.59 28.66
N THR H 428 40.12 35.80 27.79
CA THR H 428 39.93 35.75 26.34
C THR H 428 40.77 34.60 25.81
N HIS H 429 40.16 33.44 25.63
CA HIS H 429 40.87 32.26 25.15
C HIS H 429 40.62 32.00 23.67
N THR H 430 39.84 32.83 23.00
CA THR H 430 39.59 32.67 21.58
C THR H 430 39.36 34.01 20.93
N VAL H 431 40.16 34.33 19.93
CA VAL H 431 39.88 35.43 19.01
C VAL H 431 39.35 34.81 17.73
N TYR H 432 38.08 35.04 17.44
CA TYR H 432 37.40 34.45 16.30
C TYR H 432 36.94 35.58 15.39
N LYS H 433 37.70 35.81 14.32
CA LYS H 433 37.33 36.78 13.30
C LYS H 433 36.48 36.04 12.27
N ARG H 434 35.18 36.28 12.29
CA ARG H 434 34.28 35.59 11.39
C ARG H 434 34.47 36.08 9.96
N PRO H 435 33.97 35.31 8.98
CA PRO H 435 34.01 35.78 7.60
C PRO H 435 33.29 37.12 7.45
N ASP H 436 33.82 37.97 6.59
CA ASP H 436 33.34 39.32 6.33
C ASP H 436 33.62 40.27 7.48
N THR H 437 34.54 39.92 8.37
CA THR H 437 35.03 40.81 9.40
C THR H 437 36.40 41.34 9.01
N GLN H 438 36.90 42.28 9.80
CA GLN H 438 38.21 42.87 9.55
C GLN H 438 38.96 42.97 10.86
N SER H 439 40.20 42.49 10.86
CA SER H 439 41.11 42.71 11.97
C SER H 439 41.90 43.98 11.72
N ILE H 440 42.10 44.77 12.77
CA ILE H 440 42.78 46.05 12.66
C ILE H 440 43.91 46.10 13.68
N GLN H 441 45.11 46.45 13.22
CA GLN H 441 46.30 46.44 14.04
C GLN H 441 46.98 47.79 14.01
N LYS H 442 47.47 48.23 15.16
CA LYS H 442 48.27 49.46 15.22
C LYS H 442 49.71 49.11 14.90
N VAL H 443 50.18 49.56 13.74
CA VAL H 443 51.53 49.27 13.27
C VAL H 443 52.24 50.59 13.00
N GLN H 444 53.56 50.50 12.82
CA GLN H 444 54.34 51.67 12.50
C GLN H 444 54.07 52.10 11.06
N ALA H 445 53.88 53.40 10.85
CA ALA H 445 53.59 53.94 9.53
C ALA H 445 54.56 55.05 9.13
N GLU H 446 55.57 55.32 9.95
CA GLU H 446 56.60 56.31 9.63
C GLU H 446 57.96 55.65 9.84
N PHE H 447 58.71 55.50 8.76
CA PHE H 447 59.99 54.79 8.80
C PHE H 447 61.10 55.73 8.37
N ASP H 448 62.12 55.88 9.23
CA ASP H 448 63.29 56.68 8.87
C ASP H 448 64.58 56.03 9.39
N SER H 449 64.57 54.73 9.66
CA SER H 449 65.75 54.07 10.24
C SER H 449 66.23 52.93 9.35
N PHE H 450 66.36 53.20 8.06
CA PHE H 450 66.88 52.21 7.12
C PHE H 450 68.39 52.05 7.27
N SER H 458 78.68 40.57 -1.98
CA SER H 458 79.93 39.83 -2.04
C SER H 458 79.77 38.42 -1.48
N GLY H 459 79.05 37.58 -2.21
CA GLY H 459 78.81 36.21 -1.78
C GLY H 459 79.01 35.20 -2.88
N LEU H 460 79.96 35.47 -3.78
CA LEU H 460 80.24 34.62 -4.92
C LEU H 460 81.51 33.81 -4.67
N SER H 461 81.53 32.57 -5.18
CA SER H 461 82.64 31.66 -4.95
C SER H 461 83.26 31.24 -6.27
N ILE H 462 84.57 30.96 -6.22
CA ILE H 462 85.29 30.56 -7.43
C ILE H 462 84.77 29.26 -8.03
N PRO H 463 84.58 28.17 -7.26
CA PRO H 463 84.03 26.95 -7.87
C PRO H 463 82.68 27.15 -8.52
N LEU H 464 81.81 27.98 -7.92
CA LEU H 464 80.53 28.29 -8.56
C LEU H 464 80.74 29.04 -9.87
N ARG H 465 81.68 30.00 -9.89
CA ARG H 465 81.96 30.73 -11.12
C ARG H 465 82.42 29.78 -12.22
N THR H 466 83.33 28.87 -11.89
CA THR H 466 83.82 27.92 -12.88
C THR H 466 82.72 26.99 -13.36
N ARG H 467 81.88 26.51 -12.43
CA ARG H 467 80.79 25.62 -12.81
C ARG H 467 79.79 26.32 -13.74
N ILE H 468 79.43 27.57 -13.42
CA ILE H 468 78.50 28.29 -14.28
C ILE H 468 79.12 28.57 -15.64
N LYS H 469 80.40 28.96 -15.66
CA LYS H 469 81.07 29.25 -16.92
C LYS H 469 81.22 28.00 -17.78
N TRP H 470 81.30 26.82 -17.15
CA TRP H 470 81.40 25.59 -17.92
C TRP H 470 80.17 25.33 -18.77
N LEU H 471 79.01 25.86 -18.37
CA LEU H 471 77.78 25.72 -19.14
C LEU H 471 77.55 26.88 -20.10
N LEU H 472 78.46 27.84 -20.14
CA LEU H 472 78.32 28.99 -21.04
C LEU H 472 79.57 29.20 -21.87
N PRO I 3 52.47 3.79 -21.15
CA PRO I 3 53.89 3.98 -21.46
C PRO I 3 54.80 3.49 -20.33
N VAL I 4 54.29 3.47 -19.11
CA VAL I 4 55.00 2.90 -17.96
C VAL I 4 54.16 1.76 -17.42
N TYR I 5 54.77 0.58 -17.33
CA TYR I 5 54.09 -0.65 -16.99
C TYR I 5 54.60 -1.17 -15.65
N VAL I 6 53.69 -1.51 -14.75
CA VAL I 6 54.02 -1.94 -13.41
C VAL I 6 53.53 -3.37 -13.22
N ASP I 7 54.36 -4.19 -12.57
CA ASP I 7 54.04 -5.60 -12.33
C ASP I 7 53.17 -5.72 -11.07
N ILE I 8 51.92 -5.28 -11.21
CA ILE I 8 50.93 -5.41 -10.16
C ILE I 8 49.61 -5.86 -10.77
N ASP I 9 48.73 -6.38 -9.93
CA ASP I 9 47.42 -6.83 -10.38
C ASP I 9 46.61 -5.63 -10.85
N ALA I 10 45.81 -5.83 -11.90
CA ALA I 10 45.00 -4.75 -12.44
C ALA I 10 43.93 -4.27 -11.47
N ASP I 11 43.58 -5.09 -10.47
CA ASP I 11 42.58 -4.73 -9.48
C ASP I 11 43.21 -4.29 -8.16
N SER I 12 44.49 -3.92 -8.18
CA SER I 12 45.18 -3.52 -6.96
C SER I 12 44.73 -2.12 -6.53
N ALA I 13 44.43 -1.96 -5.24
CA ALA I 13 44.10 -0.65 -4.70
C ALA I 13 45.32 0.25 -4.64
N PHE I 14 46.53 -0.32 -4.67
CA PHE I 14 47.74 0.48 -4.68
C PHE I 14 47.96 1.19 -6.01
N LEU I 15 47.25 0.75 -7.06
CA LEU I 15 47.43 1.37 -8.37
C LEU I 15 47.01 2.84 -8.35
N LYS I 16 45.90 3.15 -7.67
CA LYS I 16 45.46 4.54 -7.58
C LYS I 16 46.48 5.40 -6.84
N ALA I 17 47.03 4.89 -5.73
CA ALA I 17 48.04 5.62 -4.98
C ALA I 17 49.29 5.84 -5.81
N LEU I 18 49.71 4.82 -6.56
CA LEU I 18 50.90 4.95 -7.39
C LEU I 18 50.67 5.88 -8.56
N GLN I 19 49.43 5.94 -9.07
CA GLN I 19 49.09 6.90 -10.11
C GLN I 19 49.10 8.33 -9.57
N ARG I 20 48.64 8.50 -8.33
CA ARG I 20 48.68 9.83 -7.71
CA ARG I 20 48.68 9.83 -7.71
C ARG I 20 50.12 10.26 -7.45
N ALA I 21 50.98 9.32 -7.03
CA ALA I 21 52.37 9.63 -6.78
C ALA I 21 53.13 9.95 -8.05
N TYR I 22 52.66 9.48 -9.20
CA TYR I 22 53.30 9.72 -10.49
C TYR I 22 52.25 10.17 -11.50
N PRO I 23 51.73 11.39 -11.37
CA PRO I 23 50.74 11.86 -12.35
C PRO I 23 51.34 12.17 -13.71
N MET I 24 52.66 12.24 -13.82
CA MET I 24 53.30 12.56 -15.09
C MET I 24 53.32 11.37 -16.04
N PHE I 25 53.13 10.15 -15.53
CA PHE I 25 53.11 8.95 -16.34
C PHE I 25 51.70 8.38 -16.41
N GLU I 26 51.51 7.46 -17.35
CA GLU I 26 50.29 6.65 -17.45
C GLU I 26 50.63 5.27 -16.91
N VAL I 27 50.39 5.08 -15.62
CA VAL I 27 50.76 3.83 -14.96
C VAL I 27 49.79 2.75 -15.38
N GLU I 28 50.31 1.66 -15.94
CA GLU I 28 49.49 0.58 -16.45
C GLU I 28 49.84 -0.73 -15.75
N PRO I 29 48.91 -1.37 -15.06
CA PRO I 29 49.22 -2.65 -14.39
C PRO I 29 49.40 -3.77 -15.41
N ARG I 30 50.61 -4.34 -15.41
CA ARG I 30 50.92 -5.50 -16.25
C ARG I 30 51.57 -6.55 -15.34
N GLN I 31 50.76 -7.36 -14.68
CA GLN I 31 51.27 -8.35 -13.75
C GLN I 31 51.88 -9.53 -14.51
N VAL I 32 53.10 -9.90 -14.14
CA VAL I 32 53.80 -11.01 -14.78
C VAL I 32 54.37 -11.94 -13.73
N THR I 33 54.41 -11.50 -12.48
CA THR I 33 54.95 -12.31 -11.39
C THR I 33 54.05 -12.18 -10.16
N PRO I 34 54.03 -13.20 -9.30
CA PRO I 34 53.23 -13.14 -8.08
C PRO I 34 53.94 -12.46 -6.93
N ASN I 35 54.99 -11.69 -7.25
CA ASN I 35 55.86 -11.05 -6.27
C ASN I 35 55.08 -10.48 -5.08
N ASP I 36 55.52 -10.86 -3.88
CA ASP I 36 54.87 -10.43 -2.65
C ASP I 36 55.31 -9.05 -2.19
N HIS I 37 56.33 -8.47 -2.82
CA HIS I 37 56.68 -7.07 -2.61
C HIS I 37 56.57 -6.34 -3.94
N ALA I 38 55.47 -6.59 -4.65
CA ALA I 38 55.29 -6.01 -5.98
C ALA I 38 55.07 -4.51 -5.92
N ASN I 39 54.41 -4.01 -4.86
CA ASN I 39 54.16 -2.58 -4.75
C ASN I 39 55.48 -1.81 -4.63
N ALA I 40 56.41 -2.30 -3.83
CA ALA I 40 57.70 -1.63 -3.68
C ALA I 40 58.48 -1.65 -4.99
N ARG I 41 58.45 -2.78 -5.70
CA ARG I 41 59.13 -2.86 -6.99
C ARG I 41 58.52 -1.90 -8.00
N ALA I 42 57.20 -1.80 -8.02
CA ALA I 42 56.53 -0.88 -8.93
C ALA I 42 56.87 0.56 -8.60
N PHE I 43 56.88 0.91 -7.32
CA PHE I 43 57.24 2.27 -6.92
C PHE I 43 58.68 2.57 -7.31
N SER I 44 59.60 1.63 -7.09
CA SER I 44 60.99 1.88 -7.43
C SER I 44 61.20 1.99 -8.93
N HIS I 45 60.48 1.19 -9.71
CA HIS I 45 60.56 1.29 -11.16
C HIS I 45 60.05 2.65 -11.65
N LEU I 46 58.92 3.09 -11.10
CA LEU I 46 58.38 4.40 -11.45
C LEU I 46 59.33 5.51 -11.00
N ALA I 47 59.99 5.33 -9.86
CA ALA I 47 60.97 6.30 -9.39
C ALA I 47 62.14 6.41 -10.34
N ILE I 48 62.64 5.27 -10.83
CA ILE I 48 63.74 5.29 -11.77
C ILE I 48 63.32 5.97 -13.08
N LYS I 49 62.11 5.67 -13.55
CA LYS I 49 61.62 6.33 -14.75
C LYS I 49 61.53 7.85 -14.56
N LEU I 50 61.02 8.29 -13.41
N LEU I 50 61.02 8.28 -13.41
CA LEU I 50 60.93 9.71 -13.14
CA LEU I 50 60.92 9.69 -13.09
C LEU I 50 62.31 10.36 -13.04
C LEU I 50 62.29 10.35 -13.04
N ILE I 51 63.25 9.69 -12.38
CA ILE I 51 64.61 10.24 -12.27
C ILE I 51 65.24 10.39 -13.64
N GLU I 52 65.08 9.37 -14.48
CA GLU I 52 65.60 9.46 -15.84
C GLU I 52 64.94 10.59 -16.61
N GLN I 53 63.62 10.75 -16.47
CA GLN I 53 62.94 11.85 -17.15
C GLN I 53 63.41 13.21 -16.67
N GLU I 54 63.79 13.31 -15.39
CA GLU I 54 64.20 14.61 -14.84
C GLU I 54 65.56 15.04 -15.35
N ILE I 55 66.53 14.13 -15.37
CA ILE I 55 67.91 14.52 -15.65
C ILE I 55 68.15 14.59 -17.16
N ASP I 56 69.19 15.32 -17.53
CA ASP I 56 69.50 15.52 -18.94
C ASP I 56 70.00 14.22 -19.57
N PRO I 57 69.66 13.97 -20.83
CA PRO I 57 70.13 12.73 -21.49
C PRO I 57 71.64 12.62 -21.57
N ASP I 58 72.36 13.75 -21.65
CA ASP I 58 73.81 13.75 -21.78
C ASP I 58 74.52 13.62 -20.44
N SER I 59 73.85 13.11 -19.42
CA SER I 59 74.41 13.02 -18.08
C SER I 59 74.86 11.59 -17.79
N THR I 60 75.99 11.47 -17.11
CA THR I 60 76.48 10.18 -16.64
C THR I 60 76.04 9.96 -15.20
N ILE I 61 75.52 8.77 -14.92
CA ILE I 61 74.76 8.49 -13.71
C ILE I 61 75.52 7.45 -12.89
N LEU I 62 76.02 7.85 -11.72
CA LEU I 62 76.53 6.89 -10.76
C LEU I 62 75.35 6.20 -10.10
N ASP I 63 75.35 4.87 -10.11
CA ASP I 63 74.24 4.09 -9.58
C ASP I 63 74.78 3.29 -8.40
N ILE I 64 74.69 3.89 -7.21
CA ILE I 64 75.38 3.37 -6.02
C ILE I 64 74.61 2.20 -5.45
N GLY I 65 75.35 1.14 -5.11
CA GLY I 65 74.78 -0.01 -4.41
C GLY I 65 73.75 -0.78 -5.20
N SER I 66 73.99 -1.01 -6.48
CA SER I 66 73.01 -1.66 -7.34
C SER I 66 73.70 -2.66 -8.25
N ALA I 67 72.94 -3.20 -9.19
CA ALA I 67 73.41 -4.15 -10.18
C ALA I 67 73.21 -3.57 -11.57
N PRO I 68 74.19 -3.72 -12.47
CA PRO I 68 74.03 -3.19 -13.83
C PRO I 68 73.00 -3.94 -14.66
N ALA I 69 72.58 -5.14 -14.22
CA ALA I 69 71.62 -5.92 -14.99
C ALA I 69 70.32 -5.14 -15.20
N ARG I 70 69.86 -4.43 -14.18
CA ARG I 70 68.64 -3.64 -14.29
C ARG I 70 68.89 -2.26 -14.89
N ARG I 71 70.15 -1.92 -15.21
N ARG I 71 70.14 -1.91 -15.20
CA ARG I 71 70.50 -0.61 -15.76
CA ARG I 71 70.47 -0.62 -15.77
C ARG I 71 71.04 -0.70 -17.17
C ARG I 71 71.13 -0.75 -17.14
N MET I 72 70.80 -1.81 -17.87
CA MET I 72 71.35 -2.00 -19.21
C MET I 72 70.36 -1.63 -20.30
N MET I 73 69.06 -1.77 -20.05
CA MET I 73 68.06 -1.48 -21.07
C MET I 73 67.66 0.00 -21.04
N SER I 74 68.66 0.87 -21.08
CA SER I 74 68.43 2.31 -21.05
C SER I 74 69.43 3.00 -21.97
N ASP I 75 69.06 4.19 -22.43
CA ASP I 75 69.92 5.01 -23.28
C ASP I 75 70.80 5.95 -22.47
N ARG I 76 70.79 5.84 -21.15
N ARG I 76 70.75 5.88 -21.14
CA ARG I 76 71.55 6.74 -20.29
CA ARG I 76 71.55 6.74 -20.29
C ARG I 76 72.80 6.05 -19.78
C ARG I 76 72.85 6.02 -19.91
N LYS I 77 73.89 6.81 -19.67
CA LYS I 77 75.20 6.28 -19.32
C LYS I 77 75.25 5.95 -17.84
N TYR I 78 74.87 4.71 -17.49
CA TYR I 78 74.84 4.26 -16.11
C TYR I 78 76.17 3.63 -15.74
N HIS I 79 76.92 4.28 -14.85
CA HIS I 79 78.09 3.69 -14.22
C HIS I 79 77.64 3.05 -12.91
N CYS I 80 77.60 1.73 -12.87
CA CYS I 80 77.09 0.99 -11.71
C CYS I 80 78.25 0.67 -10.79
N VAL I 81 78.32 1.39 -9.67
CA VAL I 81 79.32 1.19 -8.65
C VAL I 81 78.63 0.74 -7.37
N CYS I 82 79.05 -0.38 -6.81
CA CYS I 82 78.41 -0.92 -5.62
C CYS I 82 79.43 -1.53 -4.66
N ASP I 89 75.21 -9.91 -4.85
CA ASP I 89 76.10 -9.13 -5.70
C ASP I 89 76.73 -10.00 -6.80
N PRO I 90 77.42 -11.10 -6.44
CA PRO I 90 77.99 -11.95 -7.50
C PRO I 90 76.93 -12.53 -8.44
N GLU I 91 75.78 -12.93 -7.90
CA GLU I 91 74.70 -13.41 -8.75
C GLU I 91 74.17 -12.31 -9.64
N ARG I 92 74.07 -11.08 -9.10
CA ARG I 92 73.61 -9.96 -9.91
C ARG I 92 74.63 -9.61 -11.00
N LEU I 93 75.92 -9.68 -10.69
CA LEU I 93 76.95 -9.45 -11.70
C LEU I 93 76.88 -10.52 -12.79
N ALA I 94 76.69 -11.78 -12.40
CA ALA I 94 76.55 -12.84 -13.38
C ALA I 94 75.32 -12.64 -14.24
N ASN I 95 74.22 -12.20 -13.64
CA ASN I 95 73.00 -11.90 -14.40
C ASN I 95 73.24 -10.77 -15.39
N TYR I 96 73.97 -9.73 -14.98
CA TYR I 96 74.27 -8.63 -15.88
C TYR I 96 75.12 -9.09 -17.05
N ALA I 97 76.13 -9.92 -16.78
CA ALA I 97 76.94 -10.47 -17.86
C ALA I 97 76.10 -11.33 -18.80
N ARG I 98 75.19 -12.13 -18.24
CA ARG I 98 74.33 -12.98 -19.04
C ARG I 98 73.41 -12.14 -19.94
N LYS I 99 72.85 -11.06 -19.39
CA LYS I 99 71.99 -10.19 -20.18
C LYS I 99 72.77 -9.45 -21.26
N LEU I 100 74.03 -9.10 -20.97
CA LEU I 100 74.89 -8.55 -22.02
C LEU I 100 75.10 -9.55 -23.14
N ALA I 101 75.42 -10.80 -22.77
CA ALA I 101 75.72 -11.82 -23.78
C ALA I 101 74.50 -12.17 -24.61
N SER I 102 73.32 -12.21 -23.98
CA SER I 102 72.10 -12.60 -24.67
C SER I 102 71.51 -11.48 -25.53
N ALA I 103 72.05 -10.27 -25.44
CA ALA I 103 71.58 -9.14 -26.25
C ALA I 103 72.73 -8.43 -26.96
N ALA I 104 73.86 -9.12 -27.15
CA ALA I 104 75.02 -8.47 -27.75
C ALA I 104 74.76 -8.03 -29.18
N GLY I 105 74.02 -8.84 -29.94
CA GLY I 105 73.76 -8.53 -31.33
C GLY I 105 72.32 -8.19 -31.64
N LYS I 106 71.42 -8.54 -30.73
CA LYS I 106 69.99 -8.33 -30.98
C LYS I 106 69.66 -6.84 -31.09
N VAL I 107 70.21 -6.02 -30.19
CA VAL I 107 70.04 -4.58 -30.23
C VAL I 107 71.38 -3.91 -29.95
N LEU I 108 71.63 -2.78 -30.61
CA LEU I 108 72.88 -2.06 -30.47
C LEU I 108 72.66 -0.58 -30.16
N ASP I 109 71.48 -0.22 -29.66
CA ASP I 109 71.16 1.15 -29.32
C ASP I 109 71.46 1.50 -27.86
N ARG I 110 71.99 0.55 -27.09
CA ARG I 110 72.28 0.76 -25.68
C ARG I 110 73.77 0.66 -25.36
N ASN I 111 74.64 0.80 -26.37
CA ASN I 111 76.08 0.67 -26.21
C ASN I 111 76.45 -0.67 -25.57
N ILE I 112 75.80 -1.74 -26.05
CA ILE I 112 76.03 -3.06 -25.46
C ILE I 112 77.43 -3.56 -25.76
N SER I 113 77.94 -3.27 -26.96
CA SER I 113 79.32 -3.63 -27.28
C SER I 113 80.30 -2.90 -26.37
N GLY I 114 80.08 -1.60 -26.15
CA GLY I 114 80.92 -0.86 -25.24
C GLY I 114 80.81 -1.36 -23.82
N LYS I 115 79.60 -1.71 -23.39
CA LYS I 115 79.41 -2.24 -22.04
C LYS I 115 80.13 -3.58 -21.87
N ILE I 116 80.08 -4.44 -22.90
CA ILE I 116 80.76 -5.72 -22.83
C ILE I 116 82.28 -5.52 -22.78
N GLY I 117 82.80 -4.61 -23.60
CA GLY I 117 84.22 -4.30 -23.53
C GLY I 117 84.62 -3.74 -22.18
N ASP I 118 83.78 -2.89 -21.61
CA ASP I 118 84.04 -2.33 -20.29
C ASP I 118 84.07 -3.42 -19.23
N LEU I 119 83.11 -4.36 -19.28
CA LEU I 119 83.10 -5.46 -18.33
C LEU I 119 84.34 -6.33 -18.48
N GLN I 120 84.74 -6.60 -19.72
CA GLN I 120 85.96 -7.38 -19.94
C GLN I 120 87.18 -6.65 -19.36
N ALA I 121 87.25 -5.34 -19.55
CA ALA I 121 88.35 -4.57 -18.97
C ALA I 121 88.35 -4.64 -17.45
N VAL I 122 87.16 -4.55 -16.84
CA VAL I 122 87.07 -4.59 -15.39
C VAL I 122 87.48 -5.97 -14.85
N MET I 123 86.99 -7.04 -15.46
CA MET I 123 87.41 -8.37 -15.04
C MET I 123 88.86 -8.65 -15.35
N ALA I 124 89.47 -7.92 -16.30
CA ALA I 124 90.90 -8.04 -16.52
C ALA I 124 91.68 -7.36 -15.40
N VAL I 125 91.47 -6.07 -15.20
CA VAL I 125 92.07 -5.33 -14.09
C VAL I 125 90.94 -4.81 -13.21
N PRO I 126 90.82 -5.29 -11.96
CA PRO I 126 89.69 -4.89 -11.12
C PRO I 126 89.67 -3.42 -10.74
N ASP I 127 90.78 -2.71 -10.89
CA ASP I 127 90.85 -1.29 -10.55
C ASP I 127 90.46 -0.38 -11.69
N THR I 128 90.06 -0.94 -12.83
CA THR I 128 89.68 -0.13 -13.98
C THR I 128 88.39 0.65 -13.70
N GLU I 129 88.31 1.85 -14.26
CA GLU I 129 87.18 2.74 -14.04
C GLU I 129 86.44 3.05 -15.34
N THR I 130 86.11 1.99 -16.08
CA THR I 130 85.36 2.07 -17.33
C THR I 130 84.11 2.93 -17.17
N PRO I 131 83.68 3.65 -18.20
CA PRO I 131 82.57 4.61 -18.03
C PRO I 131 81.24 3.98 -17.64
N THR I 132 81.04 2.68 -17.88
CA THR I 132 79.75 2.07 -17.66
C THR I 132 79.71 1.07 -16.52
N PHE I 133 80.84 0.74 -15.90
CA PHE I 133 80.82 -0.23 -14.82
C PHE I 133 82.04 -0.02 -13.93
N CYS I 134 81.87 -0.33 -12.65
CA CYS I 134 82.95 -0.27 -11.67
C CYS I 134 82.69 -1.29 -10.58
N LEU I 135 83.77 -1.82 -10.01
CA LEU I 135 83.69 -2.78 -8.92
C LEU I 135 84.09 -2.20 -7.57
N HIS I 136 84.48 -0.93 -7.53
CA HIS I 136 84.86 -0.32 -6.27
C HIS I 136 83.62 0.06 -5.47
N THR I 137 83.84 0.48 -4.22
CA THR I 137 82.76 1.04 -3.44
C THR I 137 82.48 2.47 -3.89
N ASP I 138 81.38 3.03 -3.40
CA ASP I 138 81.06 4.41 -3.70
C ASP I 138 82.13 5.36 -3.19
N VAL I 139 82.93 4.93 -2.20
CA VAL I 139 84.04 5.74 -1.72
C VAL I 139 85.28 5.50 -2.58
N SER I 140 85.56 4.24 -2.91
CA SER I 140 86.77 3.90 -3.66
C SER I 140 86.65 4.25 -5.14
N CYS I 141 85.43 4.40 -5.65
CA CYS I 141 85.25 4.76 -7.05
C CYS I 141 85.76 6.18 -7.31
N ARG I 142 86.29 6.39 -8.52
CA ARG I 142 86.83 7.71 -8.89
C ARG I 142 86.36 8.14 -10.28
N GLN I 143 85.31 7.52 -10.81
CA GLN I 143 84.79 7.89 -12.12
C GLN I 143 83.89 9.10 -11.98
N ARG I 144 84.33 10.24 -12.52
CA ARG I 144 83.59 11.49 -12.36
C ARG I 144 82.24 11.40 -13.06
N ALA I 145 81.23 12.01 -12.43
CA ALA I 145 79.88 12.05 -12.99
C ALA I 145 79.20 13.31 -12.47
N ASP I 146 77.91 13.44 -12.78
CA ASP I 146 77.12 14.56 -12.30
C ASP I 146 75.80 14.16 -11.67
N VAL I 147 75.38 12.90 -11.81
CA VAL I 147 74.13 12.42 -11.22
C VAL I 147 74.43 11.12 -10.47
N ALA I 148 73.91 11.01 -9.25
CA ALA I 148 74.03 9.82 -8.44
C ALA I 148 72.65 9.30 -8.09
N ILE I 149 72.49 7.98 -8.11
CA ILE I 149 71.22 7.34 -7.77
C ILE I 149 71.48 6.37 -6.62
N TYR I 150 70.71 6.52 -5.56
CA TYR I 150 70.75 5.64 -4.39
C TYR I 150 69.40 4.93 -4.33
N GLN I 151 69.27 3.83 -5.05
CA GLN I 151 68.02 3.09 -5.11
C GLN I 151 68.07 1.95 -4.09
N ASP I 152 67.25 2.07 -3.05
CA ASP I 152 67.07 1.02 -2.05
C ASP I 152 68.40 0.62 -1.41
N VAL I 153 69.26 1.61 -1.19
CA VAL I 153 70.51 1.41 -0.44
C VAL I 153 70.40 2.18 0.87
N TYR I 154 70.70 1.50 1.97
CA TYR I 154 70.58 2.08 3.30
C TYR I 154 71.79 1.82 4.18
N ALA I 155 72.72 0.96 3.77
CA ALA I 155 73.86 0.59 4.59
C ALA I 155 75.08 1.46 4.34
N VAL I 156 74.88 2.69 3.89
CA VAL I 156 75.98 3.62 3.66
C VAL I 156 75.67 4.92 4.39
N HIS I 157 76.70 5.51 5.00
CA HIS I 157 76.55 6.81 5.65
C HIS I 157 76.23 7.86 4.61
N ALA I 158 75.09 8.56 4.79
CA ALA I 158 74.65 9.50 3.76
C ALA I 158 75.61 10.65 3.53
N PRO I 159 76.05 11.41 4.55
CA PRO I 159 76.99 12.51 4.25
C PRO I 159 78.30 12.05 3.66
N THR I 160 78.83 10.91 4.10
CA THR I 160 80.10 10.43 3.56
C THR I 160 79.98 10.07 2.08
N SER I 161 78.95 9.29 1.73
CA SER I 161 78.74 8.93 0.33
C SER I 161 78.45 10.15 -0.51
N LEU I 162 77.62 11.07 -0.01
CA LEU I 162 77.29 12.27 -0.77
C LEU I 162 78.51 13.15 -0.99
N TYR I 163 79.39 13.25 0.01
CA TYR I 163 80.62 14.01 -0.16
C TYR I 163 81.54 13.34 -1.16
N HIS I 164 81.67 12.02 -1.09
CA HIS I 164 82.54 11.32 -2.03
C HIS I 164 82.00 11.40 -3.45
N GLN I 165 80.68 11.51 -3.61
CA GLN I 165 80.12 11.75 -4.94
C GLN I 165 80.35 13.19 -5.38
N ALA I 166 80.21 14.14 -4.46
CA ALA I 166 80.33 15.55 -4.80
C ALA I 166 81.74 15.91 -5.24
N ILE I 167 82.76 15.35 -4.59
CA ILE I 167 84.13 15.61 -4.99
C ILE I 167 84.43 14.98 -6.35
N LYS I 168 83.59 14.06 -6.81
CA LYS I 168 83.66 13.52 -8.16
C LYS I 168 82.80 14.30 -9.14
N GLY I 169 82.34 15.49 -8.76
CA GLY I 169 81.58 16.35 -9.64
C GLY I 169 80.08 16.14 -9.63
N VAL I 170 79.56 15.26 -8.78
CA VAL I 170 78.13 14.99 -8.75
C VAL I 170 77.41 16.18 -8.13
N ARG I 171 76.50 16.79 -8.88
CA ARG I 171 75.69 17.89 -8.40
C ARG I 171 74.27 17.48 -8.06
N LEU I 172 73.82 16.33 -8.54
CA LEU I 172 72.46 15.86 -8.29
C LEU I 172 72.52 14.41 -7.84
N ALA I 173 71.85 14.11 -6.74
CA ALA I 173 71.74 12.76 -6.21
C ALA I 173 70.28 12.42 -5.98
N TYR I 174 69.95 11.16 -6.14
CA TYR I 174 68.58 10.69 -5.94
C TYR I 174 68.59 9.50 -5.01
N TRP I 175 67.78 9.55 -3.96
CA TRP I 175 67.68 8.47 -3.00
C TRP I 175 66.26 7.95 -3.01
N VAL I 176 66.11 6.66 -3.32
CA VAL I 176 64.81 6.00 -3.34
C VAL I 176 64.81 4.98 -2.22
N GLY I 177 63.82 5.05 -1.34
CA GLY I 177 63.77 4.09 -0.26
C GLY I 177 62.64 4.40 0.69
N PHE I 178 62.50 3.55 1.69
CA PHE I 178 61.45 3.73 2.68
C PHE I 178 61.72 4.98 3.51
N ASP I 179 60.64 5.59 3.98
CA ASP I 179 60.74 6.83 4.75
C ASP I 179 61.57 6.62 6.01
N THR I 180 62.49 7.54 6.26
CA THR I 180 63.37 7.48 7.41
C THR I 180 62.76 8.05 8.67
N THR I 181 61.55 8.61 8.57
CA THR I 181 60.90 9.19 9.74
C THR I 181 60.64 8.20 10.86
N PRO I 182 60.19 6.97 10.62
CA PRO I 182 60.00 6.03 11.75
C PRO I 182 61.24 5.77 12.57
N PHE I 183 62.43 5.89 11.98
CA PHE I 183 63.66 5.68 12.71
C PHE I 183 64.19 6.95 13.36
N MET I 184 63.75 8.11 12.92
CA MET I 184 64.03 9.34 13.66
C MET I 184 63.15 9.45 14.89
N TYR I 185 61.93 8.91 14.82
CA TYR I 185 61.10 8.75 16.01
C TYR I 185 61.60 7.63 16.91
N ASN I 186 62.50 6.79 16.42
CA ASN I 186 63.16 5.75 17.22
C ASN I 186 62.15 4.70 17.68
N ALA I 187 61.33 4.23 16.74
CA ALA I 187 60.40 3.16 17.03
C ALA I 187 61.13 1.83 17.20
N MET I 188 60.60 0.99 18.09
CA MET I 188 61.19 -0.33 18.30
C MET I 188 60.97 -1.22 17.09
N ALA I 189 59.75 -1.21 16.54
CA ALA I 189 59.41 -1.91 15.32
C ALA I 189 58.45 -1.02 14.53
N GLY I 190 58.05 -1.49 13.36
CA GLY I 190 57.14 -0.70 12.55
C GLY I 190 56.79 -1.42 11.27
N ALA I 191 55.81 -0.83 10.57
CA ALA I 191 55.32 -1.39 9.32
C ALA I 191 55.18 -0.31 8.27
N TYR I 192 55.50 -0.67 7.03
CA TYR I 192 55.04 0.00 5.82
C TYR I 192 54.01 -0.94 5.21
N PRO I 193 52.74 -0.87 5.64
CA PRO I 193 51.76 -1.88 5.22
C PRO I 193 51.47 -1.89 3.74
N SER I 194 51.50 -0.72 3.09
CA SER I 194 51.17 -0.66 1.67
C SER I 194 52.14 -1.46 0.82
N TYR I 195 53.38 -1.60 1.29
CA TYR I 195 54.41 -2.34 0.56
C TYR I 195 54.67 -3.70 1.16
N SER I 196 53.78 -4.18 2.03
CA SER I 196 53.94 -5.47 2.71
C SER I 196 55.29 -5.53 3.43
N THR I 197 55.72 -4.40 3.97
CA THR I 197 57.03 -4.29 4.59
C THR I 197 56.87 -4.19 6.10
N ASN I 198 57.64 -5.00 6.82
CA ASN I 198 57.65 -4.93 8.28
C ASN I 198 59.09 -4.97 8.76
N TRP I 199 59.44 -4.04 9.64
CA TRP I 199 60.78 -3.98 10.19
C TRP I 199 60.69 -4.06 11.70
N ALA I 200 61.70 -4.69 12.30
CA ALA I 200 61.73 -4.84 13.74
C ALA I 200 63.17 -4.78 14.22
N ASP I 201 63.35 -4.26 15.43
CA ASP I 201 64.65 -4.35 16.08
C ASP I 201 64.98 -5.80 16.37
N GLU I 202 66.28 -6.10 16.39
CA GLU I 202 66.71 -7.47 16.66
C GLU I 202 66.24 -7.95 18.03
N GLN I 203 66.00 -7.02 18.97
CA GLN I 203 65.61 -7.41 20.31
C GLN I 203 64.17 -7.91 20.37
N VAL I 204 63.33 -7.50 19.43
CA VAL I 204 61.92 -7.86 19.46
C VAL I 204 61.56 -8.79 18.31
N LEU I 205 62.56 -9.47 17.72
CA LEU I 205 62.27 -10.44 16.67
C LEU I 205 61.52 -11.65 17.19
N LYS I 206 61.55 -11.89 18.49
CA LYS I 206 60.81 -12.98 19.12
C LYS I 206 59.48 -12.51 19.72
N ALA I 207 58.96 -11.40 19.22
CA ALA I 207 57.66 -10.91 19.67
C ALA I 207 56.54 -11.80 19.11
N LYS I 208 55.30 -11.42 19.40
CA LYS I 208 54.15 -12.20 18.99
C LYS I 208 53.23 -11.47 18.03
N ASN I 209 52.94 -10.19 18.27
CA ASN I 209 51.87 -9.50 17.59
C ASN I 209 52.36 -8.27 16.82
N ILE I 210 53.58 -8.30 16.32
CA ILE I 210 54.06 -7.28 15.40
C ILE I 210 54.24 -7.92 14.03
N GLY I 211 54.56 -7.09 13.04
CA GLY I 211 54.61 -7.56 11.67
C GLY I 211 55.71 -8.58 11.41
N LEU I 212 56.90 -8.35 11.97
CA LEU I 212 58.07 -9.18 11.72
C LEU I 212 58.52 -9.80 13.04
N CYS I 213 57.98 -10.98 13.34
CA CYS I 213 58.32 -11.66 14.59
C CYS I 213 57.98 -13.14 14.46
N SER I 214 58.55 -13.92 15.38
CA SER I 214 58.18 -15.33 15.53
C SER I 214 58.38 -15.73 16.97
N THR I 215 57.35 -16.30 17.57
CA THR I 215 57.43 -16.79 18.94
C THR I 215 56.90 -18.23 18.98
N ASP I 216 57.24 -18.93 20.05
CA ASP I 216 56.80 -20.30 20.25
C ASP I 216 55.67 -20.34 21.27
N LEU I 217 55.00 -21.49 21.32
CA LEU I 217 53.96 -21.71 22.32
C LEU I 217 54.59 -22.11 23.64
N THR I 218 54.14 -21.48 24.72
CA THR I 218 54.62 -21.80 26.06
C THR I 218 53.46 -21.77 27.04
N GLU I 219 53.59 -22.54 28.11
CA GLU I 219 52.63 -22.50 29.20
C GLU I 219 53.02 -21.51 30.29
N GLY I 220 54.21 -20.93 30.22
CA GLY I 220 54.67 -20.02 31.26
C GLY I 220 54.86 -20.69 32.60
N ARG I 221 55.36 -21.93 32.60
CA ARG I 221 55.55 -22.68 33.83
C ARG I 221 56.89 -22.37 34.48
N ARG I 222 57.97 -22.33 33.69
CA ARG I 222 59.30 -22.03 34.19
C ARG I 222 59.69 -20.60 33.80
N GLY I 223 60.15 -19.83 34.79
CA GLY I 223 60.66 -18.50 34.55
C GLY I 223 62.07 -18.56 33.97
N LYS I 224 62.23 -18.16 32.71
CA LYS I 224 63.51 -18.29 32.04
C LYS I 224 64.60 -17.49 32.76
N LEU I 225 65.79 -18.07 32.83
CA LEU I 225 66.95 -17.45 33.48
C LEU I 225 67.82 -16.76 32.43
N SER I 226 68.47 -15.67 32.85
CA SER I 226 69.37 -14.92 31.98
C SER I 226 70.57 -14.48 32.79
N ILE I 227 71.75 -14.53 32.15
CA ILE I 227 72.98 -14.13 32.83
C ILE I 227 73.05 -12.62 33.03
N MET I 228 72.32 -11.85 32.23
CA MET I 228 72.36 -10.39 32.30
C MET I 228 70.99 -9.85 32.69
N ARG I 229 71.00 -8.68 33.34
CA ARG I 229 69.79 -7.98 33.71
C ARG I 229 69.43 -7.01 32.60
N GLY I 230 68.31 -7.24 31.93
CA GLY I 230 67.89 -6.32 30.89
C GLY I 230 67.48 -4.98 31.46
N LYS I 231 66.34 -4.95 32.16
CA LYS I 231 65.86 -3.77 32.87
C LYS I 231 65.63 -2.58 31.94
N LYS I 232 65.90 -2.75 30.64
CA LYS I 232 65.72 -1.68 29.67
C LYS I 232 65.64 -2.29 28.28
N LEU I 233 64.54 -2.00 27.58
CA LEU I 233 64.33 -2.46 26.22
C LEU I 233 64.14 -1.21 25.35
N GLU I 234 65.25 -0.64 24.90
CA GLU I 234 65.21 0.49 24.00
C GLU I 234 65.88 0.13 22.68
N PRO I 235 65.53 0.79 21.59
CA PRO I 235 66.03 0.38 20.28
C PRO I 235 67.55 0.37 20.22
N CYS I 236 68.09 -0.67 19.58
CA CYS I 236 69.51 -0.79 19.31
C CYS I 236 69.74 -0.65 17.80
N ASP I 237 71.01 -0.58 17.42
CA ASP I 237 71.36 -0.19 16.07
C ASP I 237 70.83 -1.17 15.03
N ARG I 238 70.92 -2.46 15.31
CA ARG I 238 70.56 -3.48 14.34
C ARG I 238 69.05 -3.59 14.18
N VAL I 239 68.57 -3.51 12.94
N VAL I 239 68.58 -3.53 12.94
CA VAL I 239 67.16 -3.72 12.64
CA VAL I 239 67.17 -3.67 12.62
C VAL I 239 67.07 -4.65 11.44
C VAL I 239 67.04 -4.61 11.42
N LEU I 240 65.91 -5.30 11.32
CA LEU I 240 65.64 -6.22 10.22
C LEU I 240 64.43 -5.70 9.45
N PHE I 241 64.59 -5.52 8.15
CA PHE I 241 63.51 -5.19 7.24
C PHE I 241 63.05 -6.45 6.52
N SER I 242 61.76 -6.55 6.29
CA SER I 242 61.18 -7.62 5.48
C SER I 242 60.26 -6.95 4.47
N VAL I 243 60.74 -6.86 3.24
CA VAL I 243 59.95 -6.36 2.11
C VAL I 243 59.38 -7.60 1.42
N GLY I 244 58.10 -7.84 1.62
CA GLY I 244 57.55 -9.14 1.25
C GLY I 244 58.25 -10.22 2.04
N SER I 245 58.92 -11.13 1.34
CA SER I 245 59.72 -12.17 1.97
C SER I 245 61.20 -11.88 1.93
N THR I 246 61.60 -10.71 1.44
CA THR I 246 63.01 -10.36 1.31
C THR I 246 63.51 -9.73 2.61
N LEU I 247 64.57 -10.31 3.16
CA LEU I 247 65.12 -9.92 4.45
C LEU I 247 66.36 -9.07 4.25
N TYR I 248 66.42 -7.93 4.94
CA TYR I 248 67.55 -7.02 4.85
C TYR I 248 67.98 -6.53 6.23
N PRO I 249 69.24 -6.72 6.61
CA PRO I 249 69.73 -6.11 7.85
C PRO I 249 70.13 -4.66 7.62
N GLU I 250 69.72 -3.79 8.54
CA GLU I 250 70.03 -2.38 8.45
C GLU I 250 70.54 -1.87 9.80
N SER I 251 71.26 -0.75 9.71
CA SER I 251 71.76 -0.02 10.87
C SER I 251 70.88 1.20 11.10
N ARG I 252 70.48 1.43 12.35
CA ARG I 252 69.65 2.58 12.65
C ARG I 252 70.38 3.89 12.37
N LYS I 253 71.69 3.94 12.69
CA LYS I 253 72.44 5.16 12.43
C LYS I 253 72.56 5.43 10.94
N LEU I 254 72.77 4.38 10.14
CA LEU I 254 72.89 4.57 8.69
C LEU I 254 71.55 4.92 8.07
N LEU I 255 70.44 4.45 8.64
CA LEU I 255 69.13 4.87 8.18
C LEU I 255 68.85 6.32 8.53
N LYS I 256 69.15 6.70 9.78
CA LYS I 256 68.90 8.07 10.21
C LYS I 256 69.80 9.07 9.49
N SER I 257 70.98 8.63 9.07
CA SER I 257 71.86 9.53 8.33
C SER I 257 71.22 10.00 7.03
N TRP I 258 70.32 9.19 6.45
CA TRP I 258 69.63 9.58 5.24
C TRP I 258 68.42 10.46 5.50
N HIS I 259 68.04 10.67 6.76
CA HIS I 259 67.03 11.67 7.11
C HIS I 259 67.71 13.03 7.15
N LEU I 260 68.05 13.52 5.97
CA LEU I 260 68.83 14.72 5.81
C LEU I 260 67.95 15.96 5.96
N PRO I 261 68.50 17.04 6.50
CA PRO I 261 67.73 18.29 6.59
C PRO I 261 67.56 18.92 5.22
N SER I 262 66.71 19.96 5.18
CA SER I 262 66.48 20.67 3.93
C SER I 262 67.75 21.32 3.41
N VAL I 263 68.64 21.74 4.30
CA VAL I 263 69.93 22.32 3.94
C VAL I 263 70.99 21.74 4.86
N PHE I 264 72.13 21.36 4.29
CA PHE I 264 73.27 20.91 5.09
C PHE I 264 74.55 21.25 4.35
N HIS I 265 75.66 21.17 5.07
CA HIS I 265 76.96 21.56 4.55
C HIS I 265 77.96 20.42 4.73
N LEU I 266 78.64 20.06 3.66
CA LEU I 266 79.72 19.06 3.70
C LEU I 266 81.04 19.79 3.61
N LYS I 267 81.77 19.86 4.72
CA LYS I 267 83.04 20.57 4.77
C LYS I 267 84.19 19.58 4.79
N GLY I 268 85.17 19.80 3.92
CA GLY I 268 86.35 18.96 3.86
C GLY I 268 87.45 19.65 3.07
N LYS I 269 88.15 18.90 2.23
CA LYS I 269 89.06 19.54 1.28
C LYS I 269 88.30 20.46 0.34
N LEU I 270 87.12 20.03 -0.09
CA LEU I 270 86.17 20.87 -0.81
C LEU I 270 84.87 20.92 -0.01
N SER I 271 84.20 22.06 -0.05
CA SER I 271 82.99 22.29 0.71
C SER I 271 81.80 22.38 -0.23
N PHE I 272 80.66 21.82 0.20
CA PHE I 272 79.46 21.78 -0.62
C PHE I 272 78.25 22.17 0.21
N THR I 273 77.35 22.93 -0.40
CA THR I 273 76.08 23.29 0.21
C THR I 273 74.99 22.43 -0.46
N CYS I 274 74.44 21.49 0.28
CA CYS I 274 73.53 20.50 -0.26
C CYS I 274 72.13 20.72 0.26
N ARG I 275 71.15 20.42 -0.58
CA ARG I 275 69.74 20.58 -0.25
C ARG I 275 69.04 19.25 -0.47
N CYS I 276 68.26 18.80 0.52
CA CYS I 276 67.51 17.56 0.41
C CYS I 276 66.03 17.87 0.40
N ASP I 277 65.35 17.46 -0.67
CA ASP I 277 63.91 17.64 -0.81
C ASP I 277 63.27 16.30 -1.16
N THR I 278 62.18 15.99 -0.47
CA THR I 278 61.40 14.79 -0.79
C THR I 278 60.48 15.13 -1.96
N VAL I 279 60.77 14.57 -3.12
CA VAL I 279 60.03 14.94 -4.33
C VAL I 279 58.91 13.94 -4.59
N VAL I 280 59.06 12.70 -4.11
CA VAL I 280 58.00 11.71 -4.22
C VAL I 280 57.77 11.10 -2.86
N SER I 281 56.50 10.89 -2.49
CA SER I 281 56.16 10.33 -1.19
C SER I 281 54.85 9.56 -1.32
N CYS I 282 54.93 8.23 -1.30
CA CYS I 282 53.75 7.37 -1.38
C CYS I 282 53.79 6.36 -0.24
N GLU I 283 53.00 6.63 0.80
CA GLU I 283 52.64 5.64 1.82
C GLU I 283 53.87 4.96 2.44
N GLY I 284 54.89 5.76 2.73
CA GLY I 284 56.10 5.28 3.37
C GLY I 284 57.28 5.10 2.45
N TYR I 285 57.08 5.17 1.14
CA TYR I 285 58.19 5.08 0.19
C TYR I 285 58.45 6.46 -0.39
N VAL I 286 59.68 6.94 -0.25
CA VAL I 286 60.01 8.30 -0.64
C VAL I 286 61.15 8.28 -1.66
N VAL I 287 61.10 9.28 -2.55
CA VAL I 287 62.19 9.63 -3.43
C VAL I 287 62.62 11.03 -3.05
N LYS I 288 63.89 11.16 -2.64
CA LYS I 288 64.49 12.41 -2.23
C LYS I 288 65.48 12.87 -3.29
N ARG I 289 65.43 14.15 -3.62
CA ARG I 289 66.38 14.76 -4.56
C ARG I 289 67.33 15.63 -3.76
N ILE I 290 68.62 15.34 -3.85
CA ILE I 290 69.66 16.10 -3.16
C ILE I 290 70.43 16.89 -4.19
N THR I 291 70.43 18.21 -4.06
CA THR I 291 71.17 19.09 -4.93
C THR I 291 72.42 19.57 -4.20
N MET I 292 73.59 19.26 -4.75
CA MET I 292 74.87 19.64 -4.15
C MET I 292 75.51 20.74 -4.97
N SER I 293 76.08 21.72 -4.29
CA SER I 293 76.72 22.86 -4.93
C SER I 293 77.99 23.21 -4.17
N PRO I 294 79.13 23.34 -4.85
CA PRO I 294 80.37 23.72 -4.16
C PRO I 294 80.23 25.10 -3.52
N GLY I 295 80.78 25.23 -2.32
CA GLY I 295 80.68 26.45 -1.55
C GLY I 295 79.85 26.24 -0.28
N LEU I 296 79.90 27.26 0.57
CA LEU I 296 79.27 27.23 1.89
C LEU I 296 78.26 28.35 2.04
N TYR I 297 77.40 28.53 1.04
CA TYR I 297 76.41 29.60 1.09
C TYR I 297 75.31 29.28 2.09
N GLY I 298 74.75 30.34 2.67
CA GLY I 298 73.59 30.19 3.53
C GLY I 298 73.94 29.65 4.90
N LYS I 299 72.89 29.44 5.69
CA LYS I 299 73.00 28.88 7.02
C LYS I 299 72.04 27.70 7.15
N THR I 300 72.35 26.81 8.08
CA THR I 300 71.61 25.57 8.27
C THR I 300 70.91 25.60 9.62
N THR I 301 69.62 25.28 9.63
CA THR I 301 68.85 25.18 10.87
C THR I 301 68.96 23.80 11.51
N GLY I 302 69.51 22.81 10.80
CA GLY I 302 69.59 21.47 11.34
C GLY I 302 68.24 20.84 11.57
N TYR I 303 67.27 21.14 10.71
CA TYR I 303 65.90 20.65 10.86
C TYR I 303 65.50 19.87 9.61
N ALA I 304 64.99 18.66 9.82
CA ALA I 304 64.46 17.82 8.77
C ALA I 304 62.96 17.71 8.94
N VAL I 305 62.22 18.00 7.88
CA VAL I 305 60.76 18.05 7.91
C VAL I 305 60.22 16.93 7.04
N THR I 306 59.29 16.16 7.60
CA THR I 306 58.57 15.11 6.87
C THR I 306 57.09 15.49 6.84
N HIS I 307 56.59 15.79 5.65
CA HIS I 307 55.16 15.98 5.47
C HIS I 307 54.45 14.64 5.49
N HIS I 308 53.22 14.64 6.02
CA HIS I 308 52.44 13.41 6.16
C HIS I 308 51.18 13.54 5.30
N ALA I 309 51.22 12.96 4.11
CA ALA I 309 50.01 12.83 3.31
C ALA I 309 49.04 11.85 3.97
N ASP I 310 49.58 10.79 4.57
N ASP I 310 49.57 10.79 4.58
CA ASP I 310 48.80 9.82 5.33
CA ASP I 310 48.79 9.84 5.33
C ASP I 310 49.21 9.89 6.80
C ASP I 310 49.21 9.89 6.80
N GLY I 311 48.34 9.39 7.67
CA GLY I 311 48.62 9.44 9.10
C GLY I 311 49.82 8.59 9.45
N PHE I 312 50.62 9.09 10.38
CA PHE I 312 51.77 8.36 10.92
C PHE I 312 51.54 8.15 12.41
N LEU I 313 51.69 6.90 12.86
CA LEU I 313 51.44 6.54 14.24
C LEU I 313 52.69 5.91 14.84
N MET I 314 53.13 6.43 15.98
CA MET I 314 54.08 5.74 16.84
C MET I 314 53.39 5.52 18.18
N CYS I 315 53.07 4.27 18.48
CA CYS I 315 52.27 3.96 19.64
C CYS I 315 53.01 2.99 20.55
N LYS I 316 52.84 3.18 21.85
CA LYS I 316 53.29 2.18 22.80
C LYS I 316 52.37 0.96 22.71
N THR I 317 52.97 -0.21 22.58
CA THR I 317 52.23 -1.46 22.53
C THR I 317 52.87 -2.46 23.45
N THR I 318 52.04 -3.31 24.04
CA THR I 318 52.48 -4.35 24.98
C THR I 318 52.43 -5.69 24.27
N ASP I 319 53.57 -6.33 24.13
CA ASP I 319 53.64 -7.65 23.52
C ASP I 319 54.40 -8.61 24.43
N THR I 320 54.64 -9.82 23.97
CA THR I 320 55.49 -10.77 24.67
C THR I 320 56.65 -11.14 23.76
N VAL I 321 57.85 -10.75 24.16
CA VAL I 321 59.07 -11.13 23.46
C VAL I 321 59.68 -12.31 24.20
N ASP I 322 59.80 -13.44 23.51
CA ASP I 322 60.29 -14.69 24.11
C ASP I 322 59.47 -15.04 25.35
N GLY I 323 58.18 -14.75 25.31
CA GLY I 323 57.29 -15.03 26.42
C GLY I 323 57.24 -13.97 27.50
N GLU I 324 58.18 -13.03 27.50
CA GLU I 324 58.23 -11.99 28.52
C GLU I 324 57.39 -10.80 28.08
N ARG I 325 56.44 -10.39 28.92
CA ARG I 325 55.57 -9.27 28.60
C ARG I 325 56.33 -7.96 28.75
N VAL I 326 56.49 -7.25 27.63
CA VAL I 326 57.21 -5.99 27.59
C VAL I 326 56.37 -4.99 26.80
N SER I 327 56.79 -3.72 26.88
CA SER I 327 56.14 -2.64 26.15
C SER I 327 57.18 -1.89 25.33
N PHE I 328 56.86 -1.62 24.07
CA PHE I 328 57.78 -0.90 23.20
C PHE I 328 56.99 -0.15 22.14
N SER I 329 57.69 0.73 21.43
CA SER I 329 57.07 1.60 20.44
C SER I 329 56.99 0.92 19.08
N VAL I 330 55.83 1.06 18.44
CA VAL I 330 55.59 0.50 17.11
C VAL I 330 55.07 1.60 16.22
N CYS I 331 55.67 1.75 15.05
CA CYS I 331 55.23 2.74 14.07
C CYS I 331 54.40 2.08 12.99
N THR I 332 53.58 2.90 12.32
CA THR I 332 52.73 2.44 11.24
C THR I 332 52.22 3.63 10.45
N TYR I 333 51.75 3.33 9.24
CA TYR I 333 51.14 4.31 8.36
C TYR I 333 49.67 3.97 8.20
N VAL I 334 48.81 4.95 8.47
CA VAL I 334 47.36 4.80 8.37
C VAL I 334 46.89 5.61 7.17
N PRO I 335 46.04 5.06 6.30
CA PRO I 335 45.58 5.82 5.15
C PRO I 335 44.85 7.09 5.57
N ALA I 336 44.99 8.12 4.75
CA ALA I 336 44.44 9.43 5.09
C ALA I 336 42.92 9.39 5.22
N THR I 337 42.26 8.58 4.41
CA THR I 337 40.81 8.48 4.51
C THR I 337 40.38 7.83 5.83
N ILE I 338 41.14 6.84 6.30
CA ILE I 338 40.84 6.23 7.60
C ILE I 338 41.06 7.24 8.70
N CYS I 339 42.15 8.01 8.63
CA CYS I 339 42.42 9.03 9.64
C CYS I 339 41.33 10.10 9.66
N ASP I 340 40.85 10.51 8.48
CA ASP I 340 39.81 11.52 8.42
C ASP I 340 38.48 10.99 8.95
N GLN I 341 38.16 9.73 8.67
CA GLN I 341 36.90 9.17 9.16
C GLN I 341 36.91 8.90 10.66
N MET I 342 38.08 8.93 11.31
CA MET I 342 38.17 8.74 12.75
C MET I 342 38.20 10.06 13.52
N THR I 343 38.13 11.19 12.83
CA THR I 343 38.26 12.48 13.51
C THR I 343 37.14 12.71 14.50
N GLY I 344 35.90 12.38 14.11
CA GLY I 344 34.77 12.61 15.00
C GLY I 344 34.79 11.72 16.24
N ILE I 345 35.08 10.43 16.05
CA ILE I 345 35.01 9.50 17.17
C ILE I 345 36.16 9.70 18.14
N LEU I 346 37.25 10.33 17.72
CA LEU I 346 38.37 10.60 18.59
C LEU I 346 38.16 11.86 19.44
N ALA I 347 37.05 12.57 19.25
CA ALA I 347 36.74 13.69 20.13
C ALA I 347 36.51 13.24 21.56
N THR I 348 35.88 12.10 21.74
CA THR I 348 35.63 11.52 23.05
C THR I 348 36.66 10.45 23.34
N GLU I 349 36.59 9.90 24.56
CA GLU I 349 37.49 8.81 24.95
C GLU I 349 36.89 7.50 24.48
N VAL I 350 37.57 6.83 23.55
CA VAL I 350 37.11 5.59 22.96
C VAL I 350 38.03 4.47 23.45
N THR I 351 37.42 3.34 23.82
CA THR I 351 38.21 2.19 24.21
C THR I 351 38.87 1.55 22.99
N PRO I 352 39.98 0.82 23.19
CA PRO I 352 40.60 0.14 22.04
C PRO I 352 39.67 -0.82 21.33
N GLU I 353 38.76 -1.48 22.06
N GLU I 353 38.76 -1.47 22.06
CA GLU I 353 37.82 -2.39 21.44
CA GLU I 353 37.82 -2.39 21.43
C GLU I 353 36.86 -1.65 20.52
C GLU I 353 36.86 -1.65 20.51
N ASP I 354 36.26 -0.56 21.00
CA ASP I 354 35.35 0.22 20.16
C ASP I 354 36.10 0.86 19.00
N ALA I 355 37.32 1.35 19.24
CA ALA I 355 38.12 1.93 18.17
C ALA I 355 38.43 0.88 17.11
N GLN I 356 38.76 -0.34 17.53
CA GLN I 356 39.06 -1.40 16.57
C GLN I 356 37.82 -1.80 15.78
N LYS I 357 36.67 -1.87 16.45
CA LYS I 357 35.44 -2.18 15.72
C LYS I 357 35.10 -1.09 14.71
N LEU I 358 35.28 0.17 15.08
CA LEU I 358 35.04 1.27 14.15
C LEU I 358 36.02 1.24 12.99
N LEU I 359 37.30 0.94 13.26
CA LEU I 359 38.27 0.83 12.19
C LEU I 359 37.93 -0.30 11.23
N VAL I 360 37.47 -1.43 11.76
CA VAL I 360 37.07 -2.55 10.90
C VAL I 360 35.88 -2.15 10.05
N GLY I 361 34.91 -1.45 10.65
CA GLY I 361 33.77 -0.98 9.89
C GLY I 361 34.17 -0.01 8.79
N LEU I 362 35.13 0.88 9.08
CA LEU I 362 35.61 1.82 8.07
C LEU I 362 36.50 1.16 7.04
N ASN I 363 37.07 0.00 7.34
CA ASN I 363 38.01 -0.65 6.44
C ASN I 363 37.32 -1.50 5.37
N GLN I 364 36.01 -1.67 5.44
CA GLN I 364 35.29 -2.50 4.47
C GLN I 364 35.23 -1.83 3.11
N THR I 376 37.46 -5.93 0.23
CA THR I 376 38.31 -4.77 -0.01
C THR I 376 38.65 -4.08 1.32
N ASN I 377 39.95 -3.93 1.58
CA ASN I 377 40.43 -3.26 2.78
C ASN I 377 41.26 -2.05 2.39
N THR I 378 40.91 -0.88 2.93
CA THR I 378 41.70 0.32 2.69
C THR I 378 43.08 0.19 3.33
N MET I 379 43.15 -0.38 4.52
CA MET I 379 44.41 -0.59 5.22
C MET I 379 44.52 -2.05 5.63
N LYS I 380 45.77 -2.50 5.78
CA LYS I 380 46.02 -3.87 6.19
C LYS I 380 45.46 -4.12 7.60
N ASN I 381 44.77 -5.24 7.75
CA ASN I 381 44.06 -5.51 8.99
C ASN I 381 44.99 -5.86 10.14
N TYR I 382 46.19 -6.37 9.86
CA TYR I 382 47.08 -6.79 10.93
C TYR I 382 47.59 -5.61 11.75
N MET I 383 47.53 -4.40 11.22
CA MET I 383 47.85 -3.20 11.98
C MET I 383 46.63 -2.55 12.60
N ILE I 384 45.43 -3.02 12.29
CA ILE I 384 44.21 -2.42 12.84
C ILE I 384 44.19 -2.45 14.37
N PRO I 385 44.51 -3.56 15.05
CA PRO I 385 44.47 -3.52 16.53
C PRO I 385 45.39 -2.48 17.13
N VAL I 386 46.68 -2.50 16.80
CA VAL I 386 47.63 -1.56 17.41
C VAL I 386 47.23 -0.13 17.10
N VAL I 387 46.86 0.14 15.83
CA VAL I 387 46.36 1.46 15.46
C VAL I 387 45.19 1.84 16.35
N ALA I 388 44.25 0.91 16.53
CA ALA I 388 43.13 1.15 17.42
C ALA I 388 43.62 1.59 18.79
N GLN I 389 44.52 0.80 19.38
CA GLN I 389 45.09 1.17 20.67
C GLN I 389 45.66 2.57 20.61
N ALA I 390 46.47 2.83 19.58
CA ALA I 390 47.06 4.15 19.42
C ALA I 390 45.99 5.22 19.47
N PHE I 391 44.97 5.06 18.61
CA PHE I 391 43.92 6.06 18.56
C PHE I 391 43.30 6.25 19.92
N SER I 392 42.95 5.13 20.58
CA SER I 392 42.36 5.21 21.90
C SER I 392 43.26 6.02 22.83
N LYS I 393 44.54 5.63 22.90
CA LYS I 393 45.46 6.34 23.78
C LYS I 393 45.50 7.81 23.39
N TRP I 394 45.63 8.09 22.10
CA TRP I 394 45.68 9.47 21.64
C TRP I 394 44.46 10.23 22.14
N ALA I 395 43.28 9.67 21.92
CA ALA I 395 42.07 10.34 22.36
C ALA I 395 42.13 10.61 23.86
N LYS I 396 42.49 9.58 24.63
CA LYS I 396 42.60 9.75 26.08
C LYS I 396 43.56 10.89 26.40
N GLU I 397 44.73 10.86 25.77
CA GLU I 397 45.72 11.89 26.07
C GLU I 397 45.16 13.27 25.74
N CYS I 398 44.48 13.39 24.59
CA CYS I 398 43.91 14.67 24.22
C CYS I 398 42.93 15.15 25.29
N ARG I 399 42.09 14.24 25.78
CA ARG I 399 41.16 14.61 26.84
C ARG I 399 41.91 15.11 28.05
N LYS I 400 42.99 14.43 28.41
CA LYS I 400 43.79 14.88 29.55
C LYS I 400 44.33 16.28 29.30
N ASP I 401 44.80 16.54 28.08
CA ASP I 401 45.28 17.89 27.76
C ASP I 401 44.17 18.90 27.88
N MET I 402 42.94 18.51 27.55
CA MET I 402 41.81 19.42 27.70
C MET I 402 41.31 19.50 29.13
N GLU I 403 41.67 18.53 29.97
CA GLU I 403 41.21 18.53 31.36
C GLU I 403 42.24 19.13 32.31
N ASP I 404 43.44 19.43 31.83
CA ASP I 404 44.51 20.03 32.62
C ASP I 404 45.01 21.29 31.93
N GLU I 405 44.08 22.14 31.54
CA GLU I 405 44.41 23.37 30.86
C GLU I 405 45.25 24.28 31.75
N LYS I 406 46.37 24.75 31.22
CA LYS I 406 47.29 25.60 31.96
C LYS I 406 46.95 27.06 31.70
N LEU I 407 47.82 27.97 32.14
CA LEU I 407 47.66 29.38 31.83
C LEU I 407 48.49 29.74 30.61
N LEU I 408 48.06 30.78 29.91
CA LEU I 408 48.75 31.20 28.69
C LEU I 408 50.14 31.74 29.02
N GLY I 409 51.14 31.19 28.34
CA GLY I 409 52.50 31.72 28.44
C GLY I 409 53.12 31.62 29.81
N VAL I 410 52.79 30.57 30.57
CA VAL I 410 53.41 30.33 31.87
C VAL I 410 53.80 28.86 31.96
N ARG I 411 54.75 28.58 32.85
CA ARG I 411 55.16 27.23 33.15
C ARG I 411 55.27 27.06 34.66
N GLU I 412 55.12 25.82 35.12
CA GLU I 412 55.05 25.52 36.55
C GLU I 412 56.26 24.69 37.00
N ARG I 413 57.45 25.04 36.52
CA ARG I 413 58.65 24.34 36.92
C ARG I 413 59.00 24.68 38.37
N THR I 414 59.30 23.66 39.16
CA THR I 414 59.55 23.82 40.59
C THR I 414 61.05 23.75 40.88
N LEU I 415 61.46 24.50 41.90
CA LEU I 415 62.85 24.54 42.33
C LEU I 415 63.17 23.31 43.18
N THR I 416 64.37 22.76 42.99
CA THR I 416 64.79 21.55 43.70
C THR I 416 66.12 21.80 44.40
N CYS I 417 66.05 22.38 45.60
CA CYS I 417 67.15 22.45 46.54
C CYS I 417 68.41 23.12 45.98
N CYS I 418 68.30 23.74 44.82
CA CYS I 418 69.45 24.32 44.13
C CYS I 418 68.95 25.39 43.18
N CYS I 419 69.80 25.80 42.24
CA CYS I 419 69.39 26.67 41.15
C CYS I 419 68.85 25.88 39.96
N LEU I 420 68.47 24.63 40.17
CA LEU I 420 68.00 23.75 39.11
C LEU I 420 66.48 23.68 39.13
N TRP I 421 65.86 23.80 37.97
CA TRP I 421 64.41 23.82 37.83
C TRP I 421 63.94 22.58 37.08
N ALA I 422 62.87 21.96 37.56
CA ALA I 422 62.35 20.73 37.00
C ALA I 422 60.85 20.83 36.80
N PHE I 423 60.36 20.17 35.76
CA PHE I 423 58.94 20.12 35.44
C PHE I 423 58.49 18.67 35.38
N LYS I 424 57.17 18.48 35.33
CA LYS I 424 56.59 17.15 35.23
C LYS I 424 56.33 16.80 33.76
N LYS I 425 56.87 15.68 33.33
CA LYS I 425 56.60 15.16 32.01
C LYS I 425 55.32 14.32 32.04
N GLN I 426 54.51 14.46 31.01
CA GLN I 426 53.25 13.74 30.95
C GLN I 426 53.42 12.40 30.24
N LYS I 427 52.53 11.48 30.55
CA LYS I 427 52.49 10.19 29.88
C LYS I 427 52.10 10.38 28.43
N THR I 428 53.02 10.06 27.52
CA THR I 428 52.79 10.17 26.08
C THR I 428 52.99 8.79 25.46
N HIS I 429 51.89 8.08 25.23
CA HIS I 429 51.94 6.74 24.66
C HIS I 429 51.59 6.70 23.19
N THR I 430 51.28 7.85 22.58
CA THR I 430 50.95 7.89 21.17
C THR I 430 51.44 9.19 20.56
N VAL I 431 52.20 9.10 19.49
CA VAL I 431 52.49 10.22 18.61
C VAL I 431 51.68 9.99 17.33
N TYR I 432 50.72 10.85 17.09
CA TYR I 432 49.80 10.73 15.96
C TYR I 432 49.98 11.95 15.07
N LYS I 433 50.75 11.80 14.01
CA LYS I 433 50.91 12.83 12.99
C LYS I 433 49.79 12.65 11.97
N ARG I 434 48.77 13.50 12.05
CA ARG I 434 47.63 13.38 11.17
C ARG I 434 48.01 13.77 9.75
N PRO I 435 47.20 13.35 8.76
CA PRO I 435 47.44 13.80 7.39
C PRO I 435 47.47 15.32 7.30
N ASP I 436 48.35 15.83 6.44
CA ASP I 436 48.62 17.24 6.21
C ASP I 436 49.35 17.91 7.37
N THR I 437 49.92 17.12 8.28
CA THR I 437 50.82 17.64 9.31
C THR I 437 52.26 17.40 8.88
N GLN I 438 53.18 17.90 9.69
CA GLN I 438 54.61 17.75 9.40
C GLN I 438 55.35 17.42 10.68
N SER I 439 56.14 16.36 10.65
CA SER I 439 57.08 16.07 11.71
C SER I 439 58.37 16.83 11.45
N ILE I 440 58.98 17.33 12.51
CA ILE I 440 60.19 18.13 12.40
C ILE I 440 61.21 17.61 13.41
N GLN I 441 62.41 17.29 12.93
CA GLN I 441 63.44 16.66 13.73
C GLN I 441 64.71 17.50 13.69
N LYS I 442 65.41 17.56 14.82
CA LYS I 442 66.71 18.22 14.89
C LYS I 442 67.78 17.21 14.51
N VAL I 443 68.40 17.42 13.35
CA VAL I 443 69.43 16.54 12.83
C VAL I 443 70.70 17.35 12.62
N GLN I 444 71.81 16.64 12.41
CA GLN I 444 73.07 17.30 12.09
C GLN I 444 73.01 17.83 10.67
N ALA I 445 73.43 19.07 10.49
CA ALA I 445 73.45 19.71 9.19
C ALA I 445 74.84 20.19 8.77
N GLU I 446 75.86 19.94 9.58
CA GLU I 446 77.24 20.28 9.24
C GLU I 446 78.09 19.04 9.40
N PHE I 447 78.73 18.60 8.32
CA PHE I 447 79.47 17.35 8.30
C PHE I 447 80.91 17.63 7.89
N ASP I 448 81.85 17.19 8.72
CA ASP I 448 83.27 17.32 8.42
C ASP I 448 84.07 16.10 8.85
N SER I 449 83.42 14.94 9.00
CA SER I 449 84.09 13.75 9.50
C SER I 449 83.93 12.56 8.55
N PHE I 450 84.19 12.78 7.27
CA PHE I 450 84.13 11.70 6.29
C PHE I 450 85.36 10.80 6.37
N SER I 458 88.24 -4.03 -3.31
CA SER I 458 89.00 -5.27 -3.45
C SER I 458 88.22 -6.45 -2.88
N GLY I 459 87.17 -6.85 -3.58
CA GLY I 459 86.35 -7.96 -3.16
C GLY I 459 86.03 -8.91 -4.29
N LEU I 460 86.98 -9.07 -5.20
CA LEU I 460 86.82 -9.91 -6.38
C LEU I 460 87.58 -11.22 -6.21
N SER I 461 86.99 -12.31 -6.69
CA SER I 461 87.57 -13.64 -6.54
C SER I 461 87.79 -14.28 -7.90
N ILE I 462 88.75 -15.20 -7.94
CA ILE I 462 89.12 -15.85 -9.20
C ILE I 462 87.95 -16.64 -9.81
N PRO I 463 87.23 -17.49 -9.06
CA PRO I 463 86.10 -18.21 -9.69
C PRO I 463 85.04 -17.30 -10.28
N LEU I 464 84.76 -16.17 -9.64
CA LEU I 464 83.79 -15.23 -10.21
C LEU I 464 84.30 -14.64 -11.51
N ARG I 465 85.58 -14.28 -11.58
CA ARG I 465 86.14 -13.75 -12.82
C ARG I 465 86.07 -14.80 -13.92
N THR I 466 86.41 -16.05 -13.60
CA THR I 466 86.33 -17.11 -14.59
C THR I 466 84.91 -17.32 -15.08
N ARG I 467 83.94 -17.31 -14.16
CA ARG I 467 82.54 -17.48 -14.55
C ARG I 467 82.07 -16.33 -15.44
N ILE I 468 82.43 -15.10 -15.10
CA ILE I 468 82.04 -13.95 -15.91
C ILE I 468 82.67 -14.03 -17.29
N LYS I 469 83.96 -14.37 -17.36
CA LYS I 469 84.65 -14.46 -18.64
C LYS I 469 84.09 -15.59 -19.51
N TRP I 470 83.61 -16.66 -18.88
CA TRP I 470 83.07 -17.77 -19.64
C TRP I 470 81.82 -17.38 -20.43
N LEU I 471 81.10 -16.37 -19.96
CA LEU I 471 79.91 -15.87 -20.64
C LEU I 471 80.21 -14.66 -21.53
N LEU I 472 81.48 -14.31 -21.69
CA LEU I 472 81.86 -13.17 -22.51
C LEU I 472 82.83 -13.60 -23.62
N PRO J 3 47.13 -22.29 -22.59
CA PRO J 3 48.49 -22.75 -22.88
C PRO J 3 49.04 -23.65 -21.77
N VAL J 4 48.58 -23.45 -20.55
CA VAL J 4 48.91 -24.31 -19.41
C VAL J 4 47.61 -24.89 -18.89
N TYR J 5 47.54 -26.22 -18.86
CA TYR J 5 46.32 -26.95 -18.51
C TYR J 5 46.54 -27.71 -17.21
N VAL J 6 45.59 -27.58 -16.29
CA VAL J 6 45.68 -28.17 -14.96
C VAL J 6 44.55 -29.18 -14.80
N ASP J 7 44.86 -30.33 -14.22
CA ASP J 7 43.89 -31.40 -14.01
C ASP J 7 43.10 -31.12 -12.72
N ILE J 8 42.23 -30.12 -12.81
CA ILE J 8 41.33 -29.76 -11.71
C ILE J 8 39.97 -29.44 -12.30
N ASP J 9 38.96 -29.45 -11.43
CA ASP J 9 37.59 -29.16 -11.84
C ASP J 9 37.50 -27.71 -12.30
N ALA J 10 36.68 -27.48 -13.33
CA ALA J 10 36.50 -26.12 -13.84
C ALA J 10 35.84 -25.20 -12.84
N ASP J 11 35.14 -25.75 -11.85
CA ASP J 11 34.48 -24.95 -10.82
C ASP J 11 35.26 -24.93 -9.51
N SER J 12 36.53 -25.34 -9.54
CA SER J 12 37.34 -25.36 -8.33
C SER J 12 37.64 -23.94 -7.86
N ALA J 13 37.47 -23.70 -6.56
CA ALA J 13 37.84 -22.42 -5.98
C ALA J 13 39.36 -22.25 -5.92
N PHE J 14 40.11 -23.35 -6.00
CA PHE J 14 41.57 -23.27 -6.03
C PHE J 14 42.09 -22.73 -7.35
N LEU J 15 41.25 -22.72 -8.40
CA LEU J 15 41.70 -22.22 -9.70
C LEU J 15 42.04 -20.74 -9.63
N LYS J 16 41.25 -19.95 -8.89
CA LYS J 16 41.54 -18.53 -8.74
C LYS J 16 42.87 -18.31 -8.03
N ALA J 17 43.12 -19.07 -6.96
CA ALA J 17 44.38 -18.93 -6.23
C ALA J 17 45.56 -19.33 -7.11
N LEU J 18 45.41 -20.40 -7.88
CA LEU J 18 46.48 -20.85 -8.75
C LEU J 18 46.72 -19.84 -9.88
N GLN J 19 45.65 -19.21 -10.36
CA GLN J 19 45.80 -18.16 -11.36
C GLN J 19 46.56 -16.97 -10.80
N ARG J 20 46.23 -16.57 -9.56
CA ARG J 20 46.94 -15.47 -8.92
CA ARG J 20 46.94 -15.47 -8.92
C ARG J 20 48.40 -15.82 -8.69
N ALA J 21 48.68 -17.06 -8.29
CA ALA J 21 50.06 -17.48 -8.06
C ALA J 21 50.86 -17.59 -9.34
N TYR J 22 50.20 -17.69 -10.50
CA TYR J 22 50.86 -17.79 -11.80
C TYR J 22 50.19 -16.83 -12.77
N PRO J 23 50.34 -15.52 -12.56
CA PRO J 23 49.69 -14.55 -13.47
C PRO J 23 50.24 -14.58 -14.89
N MET J 24 51.47 -15.06 -15.09
CA MET J 24 52.09 -15.08 -16.40
C MET J 24 51.57 -16.19 -17.30
N PHE J 25 50.84 -17.15 -16.75
CA PHE J 25 50.26 -18.23 -17.52
C PHE J 25 48.74 -18.07 -17.58
N GLU J 26 48.15 -18.65 -18.63
CA GLU J 26 46.71 -18.75 -18.76
C GLU J 26 46.33 -20.15 -18.26
N VAL J 27 45.96 -20.22 -16.98
CA VAL J 27 45.68 -21.51 -16.33
C VAL J 27 44.29 -21.95 -16.75
N GLU J 28 44.20 -23.11 -17.40
CA GLU J 28 42.93 -23.63 -17.89
C GLU J 28 42.63 -24.95 -17.21
N PRO J 29 41.50 -25.10 -16.54
CA PRO J 29 41.17 -26.37 -15.88
C PRO J 29 40.74 -27.42 -16.90
N ARG J 30 41.55 -28.47 -17.03
CA ARG J 30 41.23 -29.63 -17.87
C ARG J 30 41.23 -30.86 -16.96
N GLN J 31 40.10 -31.12 -16.32
CA GLN J 31 40.03 -32.23 -15.38
C GLN J 31 39.97 -33.56 -16.13
N VAL J 32 40.95 -34.41 -15.89
CA VAL J 32 40.98 -35.73 -16.52
C VAL J 32 41.01 -36.87 -15.51
N THR J 33 41.33 -36.61 -14.25
CA THR J 33 41.33 -37.62 -13.20
C THR J 33 40.63 -37.09 -11.96
N PRO J 34 40.07 -37.98 -11.14
CA PRO J 34 39.43 -37.55 -9.89
C PRO J 34 40.41 -37.36 -8.75
N ASN J 35 41.69 -37.22 -9.07
CA ASN J 35 42.79 -37.16 -8.11
C ASN J 35 42.43 -36.34 -6.88
N ASP J 36 42.62 -36.95 -5.70
CA ASP J 36 42.28 -36.30 -4.44
C ASP J 36 43.34 -35.32 -3.97
N HIS J 37 44.50 -35.28 -4.63
CA HIS J 37 45.48 -34.24 -4.39
C HIS J 37 45.77 -33.52 -5.71
N ALA J 38 44.70 -33.21 -6.45
CA ALA J 38 44.85 -32.57 -7.75
C ALA J 38 45.39 -31.15 -7.63
N ASN J 39 45.09 -30.47 -6.52
CA ASN J 39 45.57 -29.10 -6.34
C ASN J 39 47.08 -29.05 -6.26
N ALA J 40 47.68 -29.96 -5.48
CA ALA J 40 49.13 -30.00 -5.36
C ALA J 40 49.79 -30.38 -6.69
N ARG J 41 49.18 -31.31 -7.42
CA ARG J 41 49.71 -31.69 -8.72
C ARG J 41 49.66 -30.53 -9.70
N ALA J 42 48.56 -29.79 -9.70
CA ALA J 42 48.44 -28.63 -10.58
C ALA J 42 49.45 -27.55 -10.22
N PHE J 43 49.63 -27.30 -8.92
CA PHE J 43 50.63 -26.31 -8.50
C PHE J 43 52.03 -26.74 -8.93
N SER J 44 52.36 -28.03 -8.76
CA SER J 44 53.69 -28.49 -9.13
C SER J 44 53.91 -28.43 -10.64
N HIS J 45 52.87 -28.75 -11.41
CA HIS J 45 52.98 -28.66 -12.86
C HIS J 45 53.20 -27.21 -13.30
N LEU J 46 52.44 -26.27 -12.73
CA LEU J 46 52.65 -24.86 -13.05
C LEU J 46 54.01 -24.39 -12.59
N ALA J 47 54.50 -24.92 -11.46
CA ALA J 47 55.83 -24.56 -10.98
C ALA J 47 56.90 -25.01 -11.96
N ILE J 48 56.78 -26.23 -12.48
CA ILE J 48 57.75 -26.71 -13.45
C ILE J 48 57.67 -25.91 -14.74
N LYS J 49 56.46 -25.53 -15.15
CA LYS J 49 56.33 -24.68 -16.34
C LYS J 49 57.02 -23.34 -16.13
N LEU J 50 56.82 -22.73 -14.97
N LEU J 50 56.81 -22.73 -14.96
CA LEU J 50 57.45 -21.45 -14.68
CA LEU J 50 57.45 -21.45 -14.66
C LEU J 50 58.97 -21.58 -14.60
C LEU J 50 58.97 -21.58 -14.60
N ILE J 51 59.46 -22.66 -13.98
CA ILE J 51 60.90 -22.87 -13.88
C ILE J 51 61.51 -23.02 -15.27
N GLU J 52 60.84 -23.79 -16.14
CA GLU J 52 61.31 -23.94 -17.51
C GLU J 52 61.32 -22.59 -18.24
N GLN J 53 60.26 -21.80 -18.05
CA GLN J 53 60.21 -20.48 -18.68
C GLN J 53 61.33 -19.58 -18.18
N GLU J 54 61.72 -19.72 -16.92
CA GLU J 54 62.72 -18.83 -16.35
C GLU J 54 64.12 -19.13 -16.86
N ILE J 55 64.48 -20.41 -16.95
CA ILE J 55 65.85 -20.78 -17.25
C ILE J 55 66.06 -20.89 -18.76
N ASP J 56 67.31 -20.72 -19.17
CA ASP J 56 67.65 -20.70 -20.58
C ASP J 56 67.48 -22.09 -21.20
N PRO J 57 67.05 -22.17 -22.46
CA PRO J 57 66.92 -23.47 -23.13
C PRO J 57 68.22 -24.25 -23.23
N ASP J 58 69.36 -23.55 -23.28
CA ASP J 58 70.66 -24.19 -23.43
C ASP J 58 71.22 -24.72 -22.11
N SER J 59 70.37 -24.90 -21.10
CA SER J 59 70.82 -25.28 -19.77
C SER J 59 70.55 -26.75 -19.52
N THR J 60 71.49 -27.42 -18.84
CA THR J 60 71.30 -28.79 -18.39
C THR J 60 70.68 -28.77 -16.99
N ILE J 61 69.62 -29.53 -16.80
CA ILE J 61 68.80 -29.45 -15.60
C ILE J 61 68.96 -30.75 -14.82
N LEU J 62 69.60 -30.67 -13.66
CA LEU J 62 69.60 -31.81 -12.74
C LEU J 62 68.23 -31.89 -12.06
N ASP J 63 67.58 -33.04 -12.19
CA ASP J 63 66.24 -33.23 -11.65
C ASP J 63 66.37 -34.21 -10.48
N ILE J 64 66.53 -33.66 -9.29
CA ILE J 64 66.90 -34.45 -8.12
C ILE J 64 65.68 -35.17 -7.55
N GLY J 65 65.84 -36.46 -7.30
CA GLY J 65 64.84 -37.24 -6.59
C GLY J 65 63.51 -37.37 -7.32
N SER J 66 63.55 -37.56 -8.63
CA SER J 66 62.34 -37.62 -9.43
C SER J 66 62.45 -38.77 -10.41
N ALA J 67 61.48 -38.84 -11.33
CA ALA J 67 61.42 -39.85 -12.37
C ALA J 67 61.47 -39.20 -13.74
N PRO J 68 62.26 -39.74 -14.67
CA PRO J 68 62.35 -39.15 -16.01
C PRO J 68 61.07 -39.26 -16.82
N ALA J 69 60.13 -40.11 -16.40
CA ALA J 69 58.89 -40.29 -17.16
C ALA J 69 58.15 -38.97 -17.32
N ARG J 70 58.14 -38.13 -16.30
CA ARG J 70 57.48 -36.84 -16.36
C ARG J 70 58.38 -35.74 -16.91
N ARG J 71 59.63 -36.05 -17.26
N ARG J 71 59.63 -36.05 -17.24
CA ARG J 71 60.59 -35.08 -17.75
CA ARG J 71 60.56 -35.05 -17.77
C ARG J 71 60.97 -35.30 -19.21
C ARG J 71 61.06 -35.41 -19.16
N MET J 72 60.28 -36.18 -19.91
CA MET J 72 60.66 -36.54 -21.27
C MET J 72 59.95 -35.70 -22.34
N MET J 73 58.70 -35.31 -22.09
CA MET J 73 57.94 -34.53 -23.06
C MET J 73 58.31 -33.06 -22.98
N SER J 74 59.61 -32.77 -22.99
CA SER J 74 60.12 -31.41 -22.91
C SER J 74 61.34 -31.28 -23.80
N ASP J 75 61.59 -30.05 -24.24
CA ASP J 75 62.72 -29.75 -25.11
C ASP J 75 64.00 -29.42 -24.33
N ARG J 76 63.96 -29.51 -23.02
N ARG J 76 63.95 -29.46 -23.01
CA ARG J 76 65.10 -29.14 -22.19
CA ARG J 76 65.10 -29.15 -22.18
C ARG J 76 65.84 -30.38 -21.70
C ARG J 76 65.87 -30.42 -21.84
N LYS J 77 67.16 -30.27 -21.61
CA LYS J 77 68.04 -31.40 -21.30
C LYS J 77 67.93 -31.72 -19.81
N TYR J 78 67.00 -32.61 -19.49
CA TYR J 78 66.76 -33.03 -18.11
C TYR J 78 67.60 -34.26 -17.80
N HIS J 79 68.63 -34.09 -16.99
CA HIS J 79 69.39 -35.20 -16.42
C HIS J 79 68.73 -35.58 -15.10
N CYS J 80 68.10 -36.74 -15.06
CA CYS J 80 67.29 -37.16 -13.92
C CYS J 80 68.13 -38.03 -13.00
N VAL J 81 68.54 -37.45 -11.88
CA VAL J 81 69.30 -38.16 -10.87
C VAL J 81 68.45 -38.26 -9.60
N CYS J 82 68.28 -39.48 -9.10
CA CYS J 82 67.43 -39.69 -7.93
C CYS J 82 68.06 -40.70 -6.96
N ASP J 89 60.33 -45.64 -7.38
CA ASP J 89 61.54 -45.55 -8.18
C ASP J 89 61.59 -46.65 -9.27
N PRO J 90 61.42 -47.94 -8.89
CA PRO J 90 61.45 -48.99 -9.93
C PRO J 90 60.28 -48.91 -10.88
N GLU J 91 59.06 -48.74 -10.34
CA GLU J 91 57.89 -48.60 -11.18
C GLU J 91 57.96 -47.34 -12.04
N ARG J 92 58.47 -46.25 -11.47
CA ARG J 92 58.61 -45.02 -12.23
C ARG J 92 59.65 -45.15 -13.33
N LEU J 93 60.76 -45.85 -13.05
CA LEU J 93 61.75 -46.10 -14.10
C LEU J 93 61.17 -46.98 -15.20
N ALA J 94 60.39 -47.99 -14.82
CA ALA J 94 59.74 -48.83 -15.83
C ALA J 94 58.75 -48.04 -16.66
N ASN J 95 58.02 -47.13 -16.02
CA ASN J 95 57.08 -46.28 -16.76
C ASN J 95 57.82 -45.36 -17.71
N TYR J 96 58.97 -44.83 -17.29
CA TYR J 96 59.79 -44.00 -18.18
C TYR J 96 60.25 -44.80 -19.39
N ALA J 97 60.71 -46.03 -19.16
CA ALA J 97 61.13 -46.87 -20.28
C ALA J 97 59.95 -47.18 -21.21
N ARG J 98 58.78 -47.45 -20.63
CA ARG J 98 57.60 -47.72 -21.43
C ARG J 98 57.22 -46.52 -22.30
N LYS J 99 57.24 -45.33 -21.70
CA LYS J 99 56.89 -44.12 -22.45
C LYS J 99 57.92 -43.81 -23.53
N LEU J 100 59.20 -44.11 -23.27
CA LEU J 100 60.21 -44.00 -24.32
C LEU J 100 59.92 -44.95 -25.47
N ALA J 101 59.58 -46.20 -25.14
CA ALA J 101 59.34 -47.20 -26.18
C ALA J 101 58.06 -46.91 -26.96
N SER J 102 57.09 -46.25 -26.33
CA SER J 102 55.83 -45.94 -26.98
C SER J 102 55.86 -44.65 -27.78
N ALA J 103 56.97 -43.92 -27.75
CA ALA J 103 57.10 -42.66 -28.49
C ALA J 103 58.45 -42.57 -29.21
N ALA J 104 59.12 -43.70 -29.44
CA ALA J 104 60.43 -43.68 -30.08
C ALA J 104 60.35 -43.14 -31.49
N GLY J 105 59.32 -43.52 -32.24
CA GLY J 105 59.18 -43.11 -33.62
C GLY J 105 58.15 -42.03 -33.85
N LYS J 106 57.13 -41.97 -33.00
CA LYS J 106 56.03 -41.03 -33.20
C LYS J 106 56.53 -39.58 -33.12
N VAL J 107 57.35 -39.28 -32.12
CA VAL J 107 57.90 -37.95 -31.93
C VAL J 107 59.41 -38.06 -31.83
N LEU J 108 60.12 -37.21 -32.59
CA LEU J 108 61.58 -37.22 -32.61
C LEU J 108 62.16 -35.85 -32.29
N ASP J 109 61.37 -34.96 -31.68
CA ASP J 109 61.81 -33.61 -31.35
C ASP J 109 62.24 -33.48 -29.90
N ARG J 110 62.31 -34.59 -29.15
CA ARG J 110 62.65 -34.57 -27.73
C ARG J 110 63.92 -35.37 -27.45
N ASN J 111 64.74 -35.64 -28.47
CA ASN J 111 65.94 -36.45 -28.32
C ASN J 111 65.61 -37.82 -27.74
N ILE J 112 64.50 -38.40 -28.19
CA ILE J 112 64.04 -39.67 -27.63
C ILE J 112 64.99 -40.80 -28.01
N SER J 113 65.55 -40.76 -29.21
CA SER J 113 66.57 -41.74 -29.57
C SER J 113 67.79 -41.63 -28.66
N GLY J 114 68.25 -40.40 -28.40
CA GLY J 114 69.35 -40.22 -27.48
C GLY J 114 69.02 -40.65 -26.06
N LYS J 115 67.78 -40.37 -25.62
CA LYS J 115 67.37 -40.79 -24.29
C LYS J 115 67.33 -42.31 -24.17
N ILE J 116 66.85 -42.99 -25.22
CA ILE J 116 66.82 -44.45 -25.21
C ILE J 116 68.23 -45.01 -25.19
N GLY J 117 69.13 -44.45 -26.00
CA GLY J 117 70.52 -44.89 -25.96
C GLY J 117 71.15 -44.67 -24.60
N ASP J 118 70.85 -43.53 -23.97
CA ASP J 118 71.36 -43.25 -22.64
C ASP J 118 70.86 -44.25 -21.61
N LEU J 119 69.56 -44.57 -21.67
CA LEU J 119 69.01 -45.55 -20.74
C LEU J 119 69.63 -46.92 -20.95
N GLN J 120 69.82 -47.32 -22.21
CA GLN J 120 70.46 -48.60 -22.48
C GLN J 120 71.90 -48.63 -21.95
N ALA J 121 72.62 -47.53 -22.13
CA ALA J 121 73.99 -47.45 -21.60
C ALA J 121 73.99 -47.53 -20.07
N VAL J 122 73.03 -46.88 -19.41
CA VAL J 122 72.96 -46.93 -17.95
C VAL J 122 72.67 -48.34 -17.47
N MET J 123 71.70 -49.02 -18.10
CA MET J 123 71.42 -50.40 -17.70
C MET J 123 72.56 -51.35 -18.07
N ALA J 124 73.40 -50.97 -19.03
CA ALA J 124 74.59 -51.77 -19.31
C ALA J 124 75.63 -51.61 -18.20
N VAL J 125 76.06 -50.39 -17.96
CA VAL J 125 76.96 -50.06 -16.85
C VAL J 125 76.23 -49.09 -15.93
N PRO J 126 75.89 -49.48 -14.69
CA PRO J 126 75.09 -48.61 -13.82
C PRO J 126 75.81 -47.36 -13.35
N ASP J 127 77.12 -47.23 -13.57
CA ASP J 127 77.88 -46.06 -13.17
C ASP J 127 77.99 -45.02 -14.26
N THR J 128 77.34 -45.24 -15.41
CA THR J 128 77.43 -44.29 -16.52
C THR J 128 76.72 -42.99 -16.17
N GLU J 129 77.27 -41.89 -16.68
CA GLU J 129 76.75 -40.55 -16.40
C GLU J 129 76.19 -39.89 -17.65
N THR J 130 75.39 -40.63 -18.41
CA THR J 130 74.72 -40.15 -19.62
C THR J 130 74.08 -38.79 -19.39
N PRO J 131 74.06 -37.91 -20.41
CA PRO J 131 73.61 -36.53 -20.17
C PRO J 131 72.14 -36.41 -19.81
N THR J 132 71.31 -37.43 -20.04
CA THR J 132 69.89 -37.33 -19.80
C THR J 132 69.37 -38.22 -18.68
N PHE J 133 70.19 -39.10 -18.12
CA PHE J 133 69.70 -39.99 -17.08
C PHE J 133 70.88 -40.48 -16.23
N CYS J 134 70.58 -40.73 -14.95
CA CYS J 134 71.55 -41.33 -14.04
C CYS J 134 70.81 -42.11 -12.97
N LEU J 135 71.49 -43.10 -12.42
CA LEU J 135 70.94 -43.92 -11.34
C LEU J 135 71.59 -43.63 -10.00
N HIS J 136 72.56 -42.72 -9.95
CA HIS J 136 73.23 -42.38 -8.70
C HIS J 136 72.35 -41.44 -7.87
N THR J 137 72.75 -41.26 -6.61
CA THR J 137 72.12 -40.25 -5.79
C THR J 137 72.62 -38.87 -6.21
N ASP J 138 71.95 -37.83 -5.69
CA ASP J 138 72.38 -36.47 -5.98
C ASP J 138 73.78 -36.18 -5.46
N VAL J 139 74.25 -36.97 -4.49
CA VAL J 139 75.62 -36.84 -4.00
C VAL J 139 76.58 -37.64 -4.88
N SER J 140 76.19 -38.85 -5.26
CA SER J 140 77.06 -39.72 -6.05
C SER J 140 77.10 -39.33 -7.53
N CYS J 141 76.15 -38.52 -8.00
CA CYS J 141 76.16 -38.09 -9.38
C CYS J 141 77.30 -37.11 -9.63
N ARG J 142 77.86 -37.17 -10.84
CA ARG J 142 78.97 -36.30 -11.21
C ARG J 142 78.76 -35.67 -12.58
N GLN J 143 77.52 -35.64 -13.07
CA GLN J 143 77.21 -35.03 -14.36
C GLN J 143 77.03 -33.53 -14.16
N ARG J 144 77.94 -32.74 -14.75
CA ARG J 144 77.90 -31.30 -14.55
C ARG J 144 76.66 -30.69 -15.18
N ALA J 145 76.10 -29.69 -14.50
CA ALA J 145 74.94 -28.96 -14.99
C ALA J 145 74.92 -27.61 -14.28
N ASP J 146 74.06 -26.72 -14.76
CA ASP J 146 73.94 -25.39 -14.20
C ASP J 146 72.59 -25.12 -13.54
N VAL J 147 71.64 -26.04 -13.64
CA VAL J 147 70.32 -25.88 -13.05
C VAL J 147 69.94 -27.16 -12.33
N ALA J 148 69.41 -27.03 -11.12
CA ALA J 148 68.91 -28.16 -10.34
C ALA J 148 67.47 -27.90 -9.97
N ILE J 149 66.65 -28.95 -10.00
CA ILE J 149 65.24 -28.86 -9.64
C ILE J 149 64.97 -29.88 -8.54
N TYR J 150 64.45 -29.40 -7.42
CA TYR J 150 64.03 -30.24 -6.30
C TYR J 150 62.51 -30.15 -6.22
N GLN J 151 61.83 -30.99 -6.99
CA GLN J 151 60.38 -31.00 -7.02
C GLN J 151 59.87 -32.05 -6.03
N ASP J 152 59.22 -31.59 -4.96
CA ASP J 152 58.60 -32.46 -3.96
C ASP J 152 59.60 -33.44 -3.37
N VAL J 153 60.83 -32.98 -3.17
CA VAL J 153 61.85 -33.74 -2.46
C VAL J 153 62.11 -33.06 -1.13
N TYR J 154 62.07 -33.84 -0.05
CA TYR J 154 62.30 -33.30 1.28
C TYR J 154 63.19 -34.19 2.13
N ALA J 155 63.50 -35.41 1.71
CA ALA J 155 64.28 -36.36 2.48
C ALA J 155 65.78 -36.22 2.25
N VAL J 156 66.21 -35.10 1.67
CA VAL J 156 67.63 -34.83 1.46
C VAL J 156 68.01 -33.62 2.32
N HIS J 157 69.24 -33.65 2.82
CA HIS J 157 69.79 -32.51 3.54
C HIS J 157 70.04 -31.37 2.57
N ALA J 158 69.38 -30.24 2.81
CA ALA J 158 69.44 -29.14 1.83
C ALA J 158 70.85 -28.60 1.62
N PRO J 159 71.62 -28.23 2.65
CA PRO J 159 72.97 -27.71 2.38
C PRO J 159 73.89 -28.72 1.73
N THR J 160 73.79 -29.99 2.12
CA THR J 160 74.65 -31.01 1.52
C THR J 160 74.33 -31.19 0.03
N SER J 161 73.05 -31.32 -0.30
CA SER J 161 72.66 -31.47 -1.70
C SER J 161 73.02 -30.22 -2.51
N LEU J 162 72.78 -29.04 -1.95
CA LEU J 162 73.09 -27.81 -2.66
C LEU J 162 74.59 -27.66 -2.90
N TYR J 163 75.41 -28.04 -1.92
CA TYR J 163 76.85 -28.02 -2.11
C TYR J 163 77.29 -29.01 -3.17
N HIS J 164 76.74 -30.23 -3.14
CA HIS J 164 77.13 -31.23 -4.12
C HIS J 164 76.68 -30.84 -5.53
N GLN J 165 75.60 -30.07 -5.63
CA GLN J 165 75.22 -29.53 -6.93
C GLN J 165 76.14 -28.38 -7.35
N ALA J 166 76.51 -27.52 -6.40
CA ALA J 166 77.32 -26.35 -6.71
C ALA J 166 78.70 -26.74 -7.21
N ILE J 167 79.32 -27.74 -6.58
CA ILE J 167 80.63 -28.20 -7.03
C ILE J 167 80.55 -28.86 -8.39
N LYS J 168 79.35 -29.21 -8.86
CA LYS J 168 79.13 -29.71 -10.19
C LYS J 168 78.77 -28.60 -11.18
N GLY J 169 78.83 -27.35 -10.76
CA GLY J 169 78.60 -26.22 -11.64
C GLY J 169 77.22 -25.61 -11.55
N VAL J 170 76.34 -26.11 -10.69
CA VAL J 170 74.98 -25.60 -10.60
C VAL J 170 75.01 -24.22 -9.95
N ARG J 171 74.49 -23.21 -10.67
CA ARG J 171 74.36 -21.87 -10.13
C ARG J 171 72.92 -21.52 -9.77
N LEU J 172 71.95 -22.30 -10.24
CA LEU J 172 70.54 -22.04 -9.99
C LEU J 172 69.85 -23.33 -9.62
N ALA J 173 69.13 -23.32 -8.50
CA ALA J 173 68.37 -24.46 -8.04
C ALA J 173 66.95 -24.02 -7.73
N TYR J 174 66.00 -24.93 -7.94
CA TYR J 174 64.60 -24.66 -7.66
C TYR J 174 64.06 -25.75 -6.76
N TRP J 175 63.39 -25.35 -5.68
CA TRP J 175 62.80 -26.28 -4.74
C TRP J 175 61.30 -26.05 -4.71
N VAL J 176 60.54 -27.09 -5.05
CA VAL J 176 59.08 -27.05 -5.04
C VAL J 176 58.60 -27.97 -3.93
N GLY J 177 57.76 -27.45 -3.04
CA GLY J 177 57.26 -28.28 -1.97
C GLY J 177 56.46 -27.48 -0.98
N PHE J 178 55.91 -28.19 -0.01
CA PHE J 178 55.11 -27.54 1.02
C PHE J 178 55.97 -26.62 1.86
N ASP J 179 55.36 -25.55 2.35
CA ASP J 179 56.07 -24.55 3.14
C ASP J 179 56.68 -25.20 4.38
N THR J 180 57.96 -24.88 4.62
CA THR J 180 58.70 -25.42 5.75
C THR J 180 58.49 -24.62 7.03
N THR J 181 57.74 -23.53 6.97
CA THR J 181 57.49 -22.73 8.17
C THR J 181 56.82 -23.50 9.30
N PRO J 182 55.80 -24.34 9.07
CA PRO J 182 55.20 -25.07 10.20
C PRO J 182 56.18 -25.91 10.99
N PHE J 183 57.22 -26.44 10.34
CA PHE J 183 58.20 -27.26 11.04
C PHE J 183 59.30 -26.43 11.69
N MET J 184 59.46 -25.18 11.29
CA MET J 184 60.32 -24.28 12.05
C MET J 184 59.65 -23.79 13.31
N TYR J 185 58.33 -23.73 13.33
CA TYR J 185 57.57 -23.49 14.54
C TYR J 185 57.42 -24.73 15.41
N ASN J 186 57.87 -25.88 14.91
CA ASN J 186 57.88 -27.14 15.66
C ASN J 186 56.47 -27.59 16.05
N ALA J 187 55.55 -27.49 15.11
CA ALA J 187 54.19 -27.95 15.34
C ALA J 187 54.15 -29.47 15.41
N MET J 188 53.29 -30.00 16.28
CA MET J 188 53.15 -31.45 16.39
C MET J 188 52.41 -32.03 15.19
N ALA J 189 51.33 -31.39 14.78
CA ALA J 189 50.60 -31.76 13.58
C ALA J 189 50.26 -30.50 12.81
N GLY J 190 49.69 -30.67 11.63
CA GLY J 190 49.35 -29.51 10.83
C GLY J 190 48.62 -29.90 9.57
N ALA J 191 48.09 -28.89 8.90
CA ALA J 191 47.32 -29.06 7.69
C ALA J 191 47.71 -28.02 6.66
N TYR J 192 47.80 -28.46 5.40
CA TYR J 192 47.71 -27.59 4.23
C TYR J 192 46.34 -27.86 3.63
N PRO J 193 45.29 -27.20 4.12
CA PRO J 193 43.93 -27.56 3.71
C PRO J 193 43.65 -27.35 2.23
N SER J 194 44.26 -26.33 1.62
CA SER J 194 43.97 -26.05 0.22
C SER J 194 44.43 -27.18 -0.69
N TYR J 195 45.46 -27.92 -0.28
CA TYR J 195 45.99 -29.03 -1.05
C TYR J 195 45.56 -30.37 -0.50
N SER J 196 44.55 -30.40 0.38
CA SER J 196 44.05 -31.62 0.98
C SER J 196 45.15 -32.39 1.69
N THR J 197 46.11 -31.66 2.28
CA THR J 197 47.30 -32.27 2.86
C THR J 197 47.23 -32.17 4.37
N ASN J 198 47.52 -33.28 5.04
CA ASN J 198 47.56 -33.31 6.49
C ASN J 198 48.82 -34.03 6.93
N TRP J 199 49.60 -33.42 7.79
CA TRP J 199 50.81 -34.03 8.30
C TRP J 199 50.73 -34.11 9.81
N ALA J 200 51.34 -35.16 10.37
CA ALA J 200 51.27 -35.36 11.80
C ALA J 200 52.54 -36.04 12.27
N ASP J 201 52.96 -35.69 13.48
CA ASP J 201 54.05 -36.41 14.12
C ASP J 201 53.63 -37.85 14.39
N GLU J 202 54.62 -38.75 14.39
CA GLU J 202 54.33 -40.17 14.54
C GLU J 202 53.66 -40.48 15.87
N GLN J 203 53.92 -39.67 16.91
CA GLN J 203 53.37 -39.94 18.23
C GLN J 203 51.90 -39.57 18.34
N VAL J 204 51.39 -38.74 17.45
CA VAL J 204 49.99 -38.31 17.51
C VAL J 204 49.17 -38.91 16.36
N LEU J 205 49.63 -40.03 15.78
CA LEU J 205 48.86 -40.69 14.74
C LEU J 205 47.59 -41.33 15.26
N LYS J 206 47.57 -41.69 16.55
CA LYS J 206 46.37 -42.25 17.17
C LYS J 206 45.49 -41.18 17.81
N ALA J 207 45.56 -39.95 17.30
CA ALA J 207 44.71 -38.87 17.78
C ALA J 207 43.30 -39.05 17.22
N LYS J 208 42.42 -38.08 17.49
CA LYS J 208 41.03 -38.17 17.10
C LYS J 208 40.58 -37.04 16.20
N ASN J 209 40.99 -35.80 16.47
CA ASN J 209 40.40 -34.64 15.83
C ASN J 209 41.43 -33.79 15.08
N ILE J 210 42.52 -34.41 14.62
CA ILE J 210 43.44 -33.78 13.71
C ILE J 210 43.23 -34.37 12.32
N GLY J 211 43.89 -33.77 11.33
CA GLY J 211 43.64 -34.15 9.94
C GLY J 211 44.06 -35.57 9.63
N LEU J 212 45.24 -35.99 10.10
CA LEU J 212 45.81 -37.30 9.80
C LEU J 212 45.90 -38.09 11.10
N CYS J 213 44.87 -38.87 11.40
CA CYS J 213 44.86 -39.68 12.61
C CYS J 213 43.82 -40.78 12.48
N SER J 214 43.95 -41.79 13.34
CA SER J 214 42.94 -42.82 13.49
C SER J 214 42.94 -43.29 14.93
N THR J 215 41.79 -43.26 15.57
CA THR J 215 41.64 -43.78 16.92
C THR J 215 40.48 -44.77 16.95
N ASP J 216 40.40 -45.52 18.03
CA ASP J 216 39.36 -46.53 18.21
C ASP J 216 38.33 -46.04 19.23
N LEU J 217 37.21 -46.75 19.28
CA LEU J 217 36.17 -46.45 20.27
C LEU J 217 36.50 -47.16 21.58
N THR J 218 36.49 -46.41 22.67
CA THR J 218 36.79 -46.96 23.99
C THR J 218 35.80 -46.42 25.00
N GLU J 219 35.57 -47.20 26.04
CA GLU J 219 34.71 -46.78 27.15
C GLU J 219 35.47 -46.09 28.26
N GLY J 220 36.79 -46.04 28.19
CA GLY J 220 37.59 -45.40 29.21
C GLY J 220 37.44 -46.03 30.58
N ARG J 221 37.40 -47.36 30.62
CA ARG J 221 37.22 -48.11 31.86
C ARG J 221 38.51 -48.73 32.37
N ARG J 222 39.38 -49.19 31.47
CA ARG J 222 40.67 -49.73 31.83
C ARG J 222 41.76 -48.72 31.47
N GLY J 223 42.62 -48.40 32.43
CA GLY J 223 43.72 -47.50 32.18
C GLY J 223 44.92 -48.23 31.61
N LYS J 224 45.29 -47.91 30.37
CA LYS J 224 46.39 -48.61 29.72
C LYS J 224 47.70 -48.36 30.45
N LEU J 225 48.49 -49.43 30.61
CA LEU J 225 49.77 -49.36 31.27
C LEU J 225 50.90 -49.28 30.23
N SER J 226 51.99 -48.65 30.62
CA SER J 226 53.14 -48.49 29.74
C SER J 226 54.42 -48.78 30.50
N ILE J 227 55.38 -49.41 29.82
CA ILE J 227 56.66 -49.71 30.45
C ILE J 227 57.47 -48.44 30.68
N MET J 228 57.23 -47.41 29.88
CA MET J 228 57.98 -46.16 29.97
C MET J 228 57.09 -45.03 30.45
N ARG J 229 57.70 -44.03 31.08
CA ARG J 229 57.01 -42.84 31.54
C ARG J 229 57.12 -41.79 30.45
N GLY J 230 55.98 -41.39 29.88
CA GLY J 230 56.02 -40.35 28.87
C GLY J 230 56.35 -39.01 29.48
N LYS J 231 55.41 -38.43 30.21
CA LYS J 231 55.61 -37.19 30.97
C LYS J 231 56.02 -36.04 30.07
N LYS J 232 56.09 -36.28 28.76
CA LYS J 232 56.48 -35.27 27.80
C LYS J 232 55.98 -35.70 26.43
N LEU J 233 55.35 -34.79 25.71
CA LEU J 233 54.85 -35.03 24.36
C LEU J 233 55.38 -33.91 23.49
N GLU J 234 56.60 -34.07 23.01
CA GLU J 234 57.25 -33.10 22.16
C GLU J 234 57.47 -33.67 20.77
N PRO J 235 57.53 -32.81 19.74
CA PRO J 235 57.72 -33.32 18.38
C PRO J 235 59.00 -34.14 18.25
N CYS J 236 58.87 -35.27 17.57
CA CYS J 236 59.99 -36.14 17.24
C CYS J 236 60.33 -35.98 15.77
N ASP J 237 61.50 -36.49 15.40
CA ASP J 237 61.99 -36.26 14.04
C ASP J 237 61.09 -36.88 12.99
N ARG J 238 60.44 -38.00 13.30
CA ARG J 238 59.64 -38.71 12.32
C ARG J 238 58.26 -38.07 12.21
N VAL J 239 57.91 -37.62 11.00
N VAL J 239 57.91 -37.65 11.00
CA VAL J 239 56.59 -37.08 10.72
CA VAL J 239 56.61 -37.05 10.70
C VAL J 239 56.06 -37.80 9.49
C VAL J 239 56.06 -37.75 9.47
N LEU J 240 54.74 -37.72 9.30
CA LEU J 240 54.09 -38.37 8.19
C LEU J 240 53.18 -37.36 7.49
N PHE J 241 53.39 -37.20 6.18
CA PHE J 241 52.58 -36.35 5.33
C PHE J 241 51.55 -37.20 4.61
N SER J 242 50.36 -36.64 4.41
CA SER J 242 49.34 -37.26 3.58
C SER J 242 48.87 -36.19 2.60
N VAL J 243 49.27 -36.33 1.34
CA VAL J 243 48.80 -35.48 0.26
C VAL J 243 47.70 -36.24 -0.46
N GLY J 244 46.46 -35.83 -0.23
CA GLY J 244 45.33 -36.64 -0.62
C GLY J 244 45.37 -37.97 0.09
N SER J 245 45.57 -39.06 -0.64
CA SER J 245 45.75 -40.37 -0.06
C SER J 245 47.19 -40.86 -0.11
N THR J 246 48.12 -40.04 -0.61
CA THR J 246 49.51 -40.44 -0.75
C THR J 246 50.26 -40.17 0.55
N LEU J 247 50.91 -41.20 1.08
CA LEU J 247 51.56 -41.16 2.37
C LEU J 247 53.08 -41.06 2.17
N TYR J 248 53.70 -40.11 2.87
CA TYR J 248 55.14 -39.88 2.77
C TYR J 248 55.74 -39.78 4.16
N PRO J 249 56.68 -40.64 4.53
CA PRO J 249 57.45 -40.41 5.76
C PRO J 249 58.48 -39.32 5.55
N GLU J 250 58.72 -38.52 6.58
CA GLU J 250 59.61 -37.38 6.48
C GLU J 250 60.35 -37.19 7.79
N SER J 251 61.50 -36.53 7.70
CA SER J 251 62.32 -36.17 8.84
C SER J 251 62.19 -34.68 9.10
N ARG J 252 61.98 -34.32 10.37
CA ARG J 252 61.83 -32.91 10.71
C ARG J 252 63.10 -32.13 10.44
N LYS J 253 64.27 -32.71 10.73
CA LYS J 253 65.52 -31.99 10.48
C LYS J 253 65.75 -31.77 8.98
N LEU J 254 65.41 -32.77 8.16
CA LEU J 254 65.57 -32.62 6.72
C LEU J 254 64.60 -31.59 6.15
N LEU J 255 63.38 -31.54 6.70
CA LEU J 255 62.43 -30.53 6.28
C LEU J 255 62.89 -29.13 6.68
N LYS J 256 63.36 -28.99 7.92
CA LYS J 256 63.82 -27.68 8.39
C LYS J 256 65.07 -27.23 7.67
N SER J 257 65.87 -28.18 7.18
CA SER J 257 67.07 -27.83 6.43
C SER J 257 66.74 -27.05 5.16
N TRP J 258 65.55 -27.27 4.59
CA TRP J 258 65.13 -26.53 3.41
C TRP J 258 64.51 -25.18 3.73
N HIS J 259 64.34 -24.86 5.02
CA HIS J 259 63.96 -23.50 5.43
C HIS J 259 65.23 -22.66 5.50
N LEU J 260 65.79 -22.40 4.33
CA LEU J 260 67.08 -21.75 4.21
C LEU J 260 66.96 -20.25 4.44
N PRO J 261 67.99 -19.62 4.98
CA PRO J 261 67.97 -18.16 5.15
C PRO J 261 68.07 -17.46 3.80
N SER J 262 67.90 -16.14 3.86
CA SER J 262 68.01 -15.33 2.65
C SER J 262 69.39 -15.46 2.02
N VAL J 263 70.44 -15.47 2.85
CA VAL J 263 71.82 -15.62 2.40
C VAL J 263 72.50 -16.64 3.28
N PHE J 264 73.23 -17.57 2.68
CA PHE J 264 74.00 -18.55 3.45
C PHE J 264 75.26 -18.90 2.67
N HIS J 265 76.18 -19.55 3.36
CA HIS J 265 77.52 -19.83 2.84
C HIS J 265 77.81 -21.32 2.95
N LEU J 266 78.16 -21.93 1.82
CA LEU J 266 78.59 -23.33 1.79
C LEU J 266 80.11 -23.34 1.70
N LYS J 267 80.77 -23.74 2.79
CA LYS J 267 82.22 -23.70 2.89
C LYS J 267 82.78 -25.12 2.86
N GLY J 268 83.75 -25.35 1.99
CA GLY J 268 84.39 -26.64 1.88
C GLY J 268 85.65 -26.58 1.03
N LYS J 269 85.86 -27.58 0.16
CA LYS J 269 86.93 -27.48 -0.82
C LYS J 269 86.71 -26.28 -1.73
N LEU J 270 85.48 -26.07 -2.17
CA LEU J 270 85.06 -24.85 -2.83
C LEU J 270 83.99 -24.18 -1.99
N SER J 271 83.96 -22.86 -2.03
CA SER J 271 83.06 -22.07 -1.20
C SER J 271 82.06 -21.34 -2.09
N PHE J 272 80.83 -21.23 -1.61
CA PHE J 272 79.73 -20.66 -2.39
C PHE J 272 78.89 -19.75 -1.51
N THR J 273 78.47 -18.62 -2.08
CA THR J 273 77.53 -17.70 -1.43
C THR J 273 76.19 -17.89 -2.12
N CYS J 274 75.22 -18.44 -1.39
CA CYS J 274 73.94 -18.81 -1.96
C CYS J 274 72.83 -17.95 -1.36
N ARG J 275 71.82 -17.68 -2.18
CA ARG J 275 70.67 -16.87 -1.77
C ARG J 275 69.40 -17.65 -2.03
N CYS J 276 68.55 -17.77 -1.02
CA CYS J 276 67.28 -18.46 -1.13
C CYS J 276 66.15 -17.44 -1.08
N ASP J 277 65.32 -17.44 -2.12
CA ASP J 277 64.15 -16.57 -2.19
C ASP J 277 62.93 -17.39 -2.56
N THR J 278 61.82 -17.10 -1.90
CA THR J 278 60.55 -17.75 -2.22
C THR J 278 59.91 -17.00 -3.37
N VAL J 279 59.93 -17.60 -4.56
CA VAL J 279 59.42 -16.93 -5.73
C VAL J 279 57.94 -17.23 -5.97
N VAL J 280 57.45 -18.39 -5.52
CA VAL J 280 56.02 -18.70 -5.61
C VAL J 280 55.54 -19.14 -4.24
N SER J 281 54.35 -18.68 -3.84
CA SER J 281 53.81 -19.03 -2.54
C SER J 281 52.28 -19.03 -2.65
N CYS J 282 51.69 -20.22 -2.68
CA CYS J 282 50.24 -20.38 -2.75
C CYS J 282 49.79 -21.31 -1.63
N GLU J 283 49.26 -20.72 -0.55
CA GLU J 283 48.47 -21.44 0.45
C GLU J 283 49.20 -22.65 1.02
N GLY J 284 50.49 -22.50 1.29
CA GLY J 284 51.29 -23.54 1.88
C GLY J 284 52.21 -24.26 0.92
N TYR J 285 52.04 -24.07 -0.38
CA TYR J 285 52.94 -24.66 -1.37
C TYR J 285 53.85 -23.56 -1.90
N VAL J 286 55.16 -23.77 -1.80
CA VAL J 286 56.12 -22.75 -2.19
C VAL J 286 57.07 -23.29 -3.24
N VAL J 287 57.52 -22.38 -4.10
CA VAL J 287 58.66 -22.58 -4.98
C VAL J 287 59.73 -21.59 -4.55
N LYS J 288 60.89 -22.12 -4.18
CA LYS J 288 62.04 -21.35 -3.74
C LYS J 288 63.12 -21.40 -4.82
N ARG J 289 63.75 -20.25 -5.05
CA ARG J 289 64.86 -20.14 -5.99
C ARG J 289 66.14 -19.92 -5.20
N ILE J 290 67.12 -20.79 -5.40
CA ILE J 290 68.41 -20.71 -4.73
C ILE J 290 69.46 -20.38 -5.78
N THR J 291 70.11 -19.23 -5.63
CA THR J 291 71.18 -18.81 -6.54
C THR J 291 72.52 -19.05 -5.85
N MET J 292 73.33 -19.93 -6.41
CA MET J 292 74.63 -20.28 -5.86
C MET J 292 75.71 -19.57 -6.66
N SER J 293 76.63 -18.92 -5.95
CA SER J 293 77.73 -18.20 -6.57
C SER J 293 79.03 -18.54 -5.85
N PRO J 294 80.07 -18.94 -6.57
CA PRO J 294 81.34 -19.25 -5.90
C PRO J 294 81.92 -18.04 -5.20
N GLY J 295 82.54 -18.28 -4.05
CA GLY J 295 83.10 -17.23 -3.23
C GLY J 295 82.31 -17.04 -1.94
N LEU J 296 82.88 -16.20 -1.07
CA LEU J 296 82.31 -15.95 0.24
C LEU J 296 81.96 -14.47 0.42
N TYR J 297 81.30 -13.88 -0.57
CA TYR J 297 80.95 -12.47 -0.51
C TYR J 297 79.90 -12.21 0.56
N GLY J 298 79.97 -11.02 1.15
CA GLY J 298 78.96 -10.57 2.08
C GLY J 298 79.02 -11.27 3.43
N LYS J 299 77.97 -11.03 4.21
CA LYS J 299 77.82 -11.64 5.53
C LYS J 299 76.38 -12.13 5.66
N THR J 300 76.21 -13.10 6.56
CA THR J 300 74.93 -13.77 6.74
C THR J 300 74.37 -13.48 8.12
N THR J 301 73.09 -13.12 8.18
CA THR J 301 72.41 -12.88 9.44
C THR J 301 71.82 -14.14 10.05
N GLY J 302 71.75 -15.23 9.30
CA GLY J 302 71.15 -16.46 9.80
C GLY J 302 69.67 -16.35 10.08
N TYR J 303 68.96 -15.59 9.26
CA TYR J 303 67.53 -15.37 9.44
C TYR J 303 66.78 -15.82 8.18
N ALA J 304 65.74 -16.61 8.38
CA ALA J 304 64.84 -17.03 7.32
C ALA J 304 63.49 -16.39 7.53
N VAL J 305 62.99 -15.70 6.50
CA VAL J 305 61.76 -14.93 6.59
C VAL J 305 60.71 -15.60 5.71
N THR J 306 59.51 -15.78 6.26
CA THR J 306 58.36 -16.30 5.53
C THR J 306 57.27 -15.23 5.54
N HIS J 307 56.95 -14.71 4.36
CA HIS J 307 55.81 -13.83 4.21
C HIS J 307 54.52 -14.64 4.22
N HIS J 308 53.48 -14.09 4.82
CA HIS J 308 52.20 -14.77 4.94
C HIS J 308 51.17 -14.00 4.13
N ALA J 309 50.90 -14.49 2.91
CA ALA J 309 49.77 -13.96 2.14
C ALA J 309 48.46 -14.37 2.76
N ASP J 310 48.45 -15.49 3.48
N ASP J 310 48.44 -15.48 3.49
CA ASP J 310 47.28 -15.97 4.21
CA ASP J 310 47.27 -15.94 4.21
C ASP J 310 47.66 -16.17 5.67
C ASP J 310 47.65 -16.18 5.66
N GLY J 311 46.65 -16.21 6.53
CA GLY J 311 46.90 -16.39 7.95
C GLY J 311 47.56 -17.73 8.23
N PHE J 312 48.58 -17.70 9.07
CA PHE J 312 49.21 -18.91 9.58
C PHE J 312 48.88 -19.04 11.06
N LEU J 313 48.45 -20.22 11.48
CA LEU J 313 48.09 -20.47 12.86
C LEU J 313 48.87 -21.65 13.40
N MET J 314 49.51 -21.47 14.55
CA MET J 314 50.00 -22.59 15.35
C MET J 314 49.41 -22.45 16.74
N CYS J 315 48.53 -23.38 17.11
CA CYS J 315 47.74 -23.24 18.31
C CYS J 315 47.81 -24.51 19.14
N LYS J 316 47.77 -24.33 20.46
CA LYS J 316 47.63 -25.46 21.37
C LYS J 316 46.24 -26.05 21.23
N THR J 317 46.16 -27.35 21.06
CA THR J 317 44.90 -28.06 20.98
C THR J 317 44.94 -29.29 21.87
N THR J 318 43.80 -29.63 22.45
CA THR J 318 43.67 -30.76 23.34
C THR J 318 42.92 -31.86 22.60
N ASP J 319 43.56 -33.02 22.46
CA ASP J 319 42.97 -34.18 21.80
C ASP J 319 43.20 -35.39 22.69
N THR J 320 42.77 -36.55 22.21
CA THR J 320 43.07 -37.83 22.85
C THR J 320 43.90 -38.65 21.89
N VAL J 321 45.12 -38.97 22.29
CA VAL J 321 45.99 -39.87 21.54
C VAL J 321 45.93 -41.23 22.22
N ASP J 322 45.45 -42.23 21.49
CA ASP J 322 45.23 -43.57 22.02
C ASP J 322 44.37 -43.54 23.29
N GLY J 323 43.43 -42.59 23.34
CA GLY J 323 42.55 -42.43 24.47
C GLY J 323 43.06 -41.52 25.57
N GLU J 324 44.33 -41.16 25.55
CA GLU J 324 44.91 -40.31 26.59
C GLU J 324 44.74 -38.85 26.20
N ARG J 325 44.10 -38.07 27.08
CA ARG J 325 43.94 -36.64 26.85
C ARG J 325 45.29 -35.95 26.96
N VAL J 326 45.72 -35.32 25.86
CA VAL J 326 46.98 -34.61 25.78
C VAL J 326 46.76 -33.30 25.05
N SER J 327 47.73 -32.40 25.14
CA SER J 327 47.72 -31.14 24.43
C SER J 327 48.99 -31.00 23.61
N PHE J 328 48.83 -30.54 22.37
CA PHE J 328 49.98 -30.35 21.49
C PHE J 328 49.66 -29.27 20.48
N SER J 329 50.70 -28.79 19.81
CA SER J 329 50.54 -27.71 18.84
C SER J 329 50.08 -28.25 17.50
N VAL J 330 49.13 -27.55 16.89
CA VAL J 330 48.60 -27.89 15.58
C VAL J 330 48.67 -26.62 14.72
N CYS J 331 49.17 -26.76 13.50
CA CYS J 331 49.30 -25.63 12.59
C CYS J 331 48.31 -25.76 11.44
N THR J 332 47.98 -24.62 10.85
CA THR J 332 47.06 -24.57 9.73
C THR J 332 47.21 -23.25 9.00
N TYR J 333 46.65 -23.20 7.80
CA TYR J 333 46.57 -22.00 6.99
C TYR J 333 45.12 -21.57 6.87
N VAL J 334 44.84 -20.33 7.20
CA VAL J 334 43.50 -19.74 7.10
C VAL J 334 43.51 -18.76 5.94
N PRO J 335 42.50 -18.78 5.07
CA PRO J 335 42.46 -17.83 3.95
C PRO J 335 42.46 -16.39 4.43
N ALA J 336 43.11 -15.53 3.64
CA ALA J 336 43.27 -14.13 4.04
C ALA J 336 41.93 -13.42 4.19
N THR J 337 40.95 -13.75 3.36
CA THR J 337 39.63 -13.13 3.48
C THR J 337 38.97 -13.51 4.80
N ILE J 338 39.13 -14.76 5.23
CA ILE J 338 38.57 -15.19 6.51
C ILE J 338 39.26 -14.45 7.66
N CYS J 339 40.59 -14.33 7.58
CA CYS J 339 41.32 -13.63 8.64
C CYS J 339 40.94 -12.16 8.70
N ASP J 340 40.75 -11.53 7.54
CA ASP J 340 40.34 -10.13 7.51
C ASP J 340 38.94 -9.96 8.05
N GLN J 341 38.05 -10.91 7.77
CA GLN J 341 36.68 -10.82 8.27
C GLN J 341 36.59 -11.10 9.77
N MET J 342 37.64 -11.66 10.37
CA MET J 342 37.67 -11.94 11.79
C MET J 342 38.32 -10.82 12.61
N THR J 343 38.80 -9.76 11.96
CA THR J 343 39.56 -8.73 12.67
C THR J 343 38.69 -8.03 13.71
N GLY J 344 37.45 -7.71 13.36
CA GLY J 344 36.58 -6.99 14.29
C GLY J 344 36.19 -7.81 15.51
N ILE J 345 35.82 -9.07 15.30
CA ILE J 345 35.36 -9.88 16.42
C ILE J 345 36.50 -10.21 17.37
N LEU J 346 37.73 -10.27 16.86
CA LEU J 346 38.87 -10.57 17.71
C LEU J 346 39.30 -9.38 18.58
N ALA J 347 38.67 -8.22 18.40
CA ALA J 347 38.94 -7.09 19.28
C ALA J 347 38.50 -7.37 20.71
N THR J 348 37.47 -8.19 20.87
CA THR J 348 36.97 -8.57 22.18
C THR J 348 37.33 -10.02 22.46
N GLU J 349 36.98 -10.49 23.66
CA GLU J 349 37.22 -11.88 24.05
C GLU J 349 36.02 -12.70 23.58
N VAL J 350 36.27 -13.60 22.63
CA VAL J 350 35.24 -14.44 22.04
C VAL J 350 35.49 -15.88 22.44
N THR J 351 34.43 -16.59 22.79
CA THR J 351 34.55 -18.00 23.12
C THR J 351 34.84 -18.81 21.86
N PRO J 352 35.43 -20.01 22.01
CA PRO J 352 35.61 -20.87 20.84
C PRO J 352 34.30 -21.24 20.16
N GLU J 353 33.21 -21.36 20.90
N GLU J 353 33.21 -21.36 20.90
CA GLU J 353 31.92 -21.69 20.30
CA GLU J 353 31.93 -21.69 20.30
C GLU J 353 31.41 -20.55 19.43
C GLU J 353 31.41 -20.55 19.42
N ASP J 354 31.43 -19.33 19.96
CA ASP J 354 31.00 -18.17 19.17
C ASP J 354 31.93 -17.93 18.00
N ALA J 355 33.23 -18.10 18.21
CA ALA J 355 34.20 -17.97 17.12
C ALA J 355 33.93 -18.99 16.02
N GLN J 356 33.63 -20.23 16.41
CA GLN J 356 33.34 -21.26 15.42
C GLN J 356 32.05 -20.96 14.67
N LYS J 357 31.02 -20.49 15.36
CA LYS J 357 29.78 -20.13 14.69
C LYS J 357 30.01 -19.00 13.70
N LEU J 358 30.79 -17.98 14.09
CA LEU J 358 31.08 -16.88 13.18
C LEU J 358 31.91 -17.33 12.00
N LEU J 359 32.88 -18.22 12.24
CA LEU J 359 33.72 -18.72 11.14
C LEU J 359 32.90 -19.54 10.17
N VAL J 360 31.93 -20.32 10.67
CA VAL J 360 31.03 -21.06 9.79
C VAL J 360 30.18 -20.10 8.98
N GLY J 361 29.67 -19.05 9.63
CA GLY J 361 28.90 -18.05 8.90
C GLY J 361 29.71 -17.37 7.82
N LEU J 362 30.99 -17.12 8.07
CA LEU J 362 31.86 -16.51 7.07
C LEU J 362 32.31 -17.50 6.00
N ASN J 363 32.20 -18.80 6.26
CA ASN J 363 32.67 -19.80 5.31
C ASN J 363 31.64 -20.15 4.25
N GLN J 364 30.40 -19.66 4.38
CA GLN J 364 29.36 -20.00 3.42
C GLN J 364 29.60 -19.34 2.06
N THR J 376 29.55 -23.60 -1.15
CA THR J 376 30.95 -23.22 -1.35
C THR J 376 31.59 -22.79 -0.03
N ASN J 377 32.73 -23.41 0.30
CA ASN J 377 33.47 -23.11 1.52
C ASN J 377 34.80 -22.47 1.14
N THR J 378 35.06 -21.27 1.67
CA THR J 378 36.36 -20.64 1.46
C THR J 378 37.47 -21.45 2.10
N MET J 379 37.26 -21.92 3.32
CA MET J 379 38.23 -22.73 4.04
C MET J 379 37.62 -24.09 4.36
N LYS J 380 38.48 -25.10 4.44
CA LYS J 380 38.03 -26.45 4.76
C LYS J 380 37.43 -26.49 6.16
N ASN J 381 36.29 -27.16 6.30
CA ASN J 381 35.52 -27.08 7.54
C ASN J 381 36.18 -27.84 8.67
N TYR J 382 36.95 -28.89 8.38
CA TYR J 382 37.55 -29.68 9.44
C TYR J 382 38.61 -28.91 10.21
N MET J 383 39.12 -27.81 9.64
CA MET J 383 40.01 -26.91 10.35
C MET J 383 39.29 -25.87 11.17
N ILE J 384 37.99 -25.66 10.92
CA ILE J 384 37.28 -24.55 11.55
C ILE J 384 37.28 -24.63 13.08
N PRO J 385 37.01 -25.79 13.72
CA PRO J 385 36.99 -25.81 15.19
C PRO J 385 38.30 -25.34 15.81
N VAL J 386 39.41 -25.99 15.47
CA VAL J 386 40.68 -25.66 16.08
C VAL J 386 41.07 -24.22 15.79
N VAL J 387 40.88 -23.77 14.55
CA VAL J 387 41.09 -22.36 14.22
C VAL J 387 40.27 -21.47 15.14
N ALA J 388 38.99 -21.82 15.33
CA ALA J 388 38.16 -21.07 16.27
C ALA J 388 38.83 -21.01 17.63
N GLN J 389 39.23 -22.17 18.15
CA GLN J 389 39.94 -22.20 19.42
C GLN J 389 41.14 -21.27 19.35
N ALA J 390 41.96 -21.42 18.31
CA ALA J 390 43.12 -20.56 18.16
C ALA J 390 42.71 -19.11 18.23
N PHE J 391 41.73 -18.73 17.41
CA PHE J 391 41.32 -17.33 17.37
C PHE J 391 40.88 -16.89 18.75
N SER J 392 40.03 -17.70 19.40
CA SER J 392 39.58 -17.36 20.73
C SER J 392 40.77 -17.14 21.65
N LYS J 393 41.67 -18.11 21.70
CA LYS J 393 42.81 -17.98 22.59
C LYS J 393 43.60 -16.74 22.24
N TRP J 394 43.81 -16.52 20.94
CA TRP J 394 44.57 -15.34 20.52
C TRP J 394 43.92 -14.09 21.06
N ALA J 395 42.60 -13.95 20.86
CA ALA J 395 41.90 -12.80 21.38
C ALA J 395 42.13 -12.67 22.88
N LYS J 396 41.94 -13.76 23.60
CA LYS J 396 42.15 -13.74 25.05
C LYS J 396 43.54 -13.22 25.36
N GLU J 397 44.56 -13.79 24.71
CA GLU J 397 45.93 -13.39 25.00
C GLU J 397 46.11 -11.90 24.76
N CYS J 398 45.56 -11.40 23.65
CA CYS J 398 45.71 -9.98 23.35
C CYS J 398 45.13 -9.14 24.47
N ARG J 399 43.96 -9.53 24.98
CA ARG J 399 43.35 -8.78 26.06
C ARG J 399 44.26 -8.74 27.27
N LYS J 400 44.89 -9.87 27.62
CA LYS J 400 45.84 -9.86 28.73
C LYS J 400 46.97 -8.90 28.44
N ASP J 401 47.49 -8.91 27.21
CA ASP J 401 48.55 -7.99 26.86
C ASP J 401 48.10 -6.54 27.02
N MET J 402 46.83 -6.28 26.75
CA MET J 402 46.31 -4.93 26.92
C MET J 402 45.95 -4.64 28.36
N GLU J 403 45.70 -5.67 29.17
CA GLU J 403 45.34 -5.47 30.56
C GLU J 403 46.55 -5.50 31.50
N ASP J 404 47.72 -5.82 30.99
CA ASP J 404 48.95 -5.89 31.76
C ASP J 404 50.03 -5.06 31.10
N GLU J 405 49.67 -3.82 30.75
CA GLU J 405 50.58 -2.94 30.04
C GLU J 405 51.77 -2.56 30.94
N LYS J 406 52.97 -2.72 30.41
CA LYS J 406 54.20 -2.45 31.13
C LYS J 406 54.62 -1.00 30.89
N LEU J 407 55.85 -0.66 31.26
CA LEU J 407 56.41 0.65 31.00
C LEU J 407 57.36 0.59 29.81
N LEU J 408 57.48 1.70 29.10
CA LEU J 408 58.34 1.76 27.93
C LEU J 408 59.80 1.54 28.31
N GLY J 409 60.46 0.64 27.60
CA GLY J 409 61.89 0.43 27.75
C GLY J 409 62.33 0.01 29.13
N VAL J 410 61.52 -0.81 29.82
CA VAL J 410 61.90 -1.38 31.10
C VAL J 410 61.52 -2.85 31.11
N ARG J 411 62.19 -3.61 31.98
CA ARG J 411 61.86 -5.01 32.22
C ARG J 411 61.92 -5.28 33.71
N GLU J 412 61.14 -6.26 34.15
CA GLU J 412 60.94 -6.56 35.56
C GLU J 412 61.61 -7.86 35.96
N ARG J 413 62.79 -8.13 35.40
CA ARG J 413 63.51 -9.35 35.75
C ARG J 413 64.04 -9.27 37.17
N THR J 414 63.80 -10.32 37.94
CA THR J 414 64.12 -10.35 39.36
C THR J 414 65.38 -11.18 39.62
N LEU J 415 66.14 -10.76 40.62
CA LEU J 415 67.36 -11.44 41.02
C LEU J 415 67.03 -12.67 41.84
N THR J 416 67.79 -13.75 41.64
CA THR J 416 67.56 -15.03 42.32
C THR J 416 68.83 -15.47 43.04
N CYS J 417 69.08 -14.91 44.23
CA CYS J 417 70.12 -15.36 45.16
C CYS J 417 71.50 -15.47 44.51
N CYS J 418 71.70 -14.81 43.37
CA CYS J 418 72.95 -14.94 42.63
C CYS J 418 73.08 -13.70 41.74
N CYS J 419 73.97 -13.77 40.75
CA CYS J 419 74.01 -12.79 39.68
C CYS J 419 73.08 -13.15 38.53
N LEU J 420 72.06 -13.98 38.80
CA LEU J 420 71.19 -14.52 37.76
C LEU J 420 69.81 -13.89 37.86
N TRP J 421 69.28 -13.49 36.72
CA TRP J 421 68.02 -12.75 36.65
C TRP J 421 66.96 -13.60 35.97
N ALA J 422 65.73 -13.50 36.48
CA ALA J 422 64.61 -14.30 35.99
C ALA J 422 63.40 -13.41 35.71
N PHE J 423 62.72 -13.72 34.60
CA PHE J 423 61.48 -13.07 34.22
C PHE J 423 60.40 -14.13 34.06
N LYS J 424 59.16 -13.69 34.14
CA LYS J 424 58.03 -14.59 33.97
C LYS J 424 57.68 -14.72 32.51
N LYS J 425 57.64 -15.96 32.02
CA LYS J 425 57.14 -16.23 30.68
C LYS J 425 55.62 -16.31 30.73
N GLN J 426 54.97 -15.71 29.74
CA GLN J 426 53.52 -15.69 29.70
C GLN J 426 53.00 -16.91 28.95
N LYS J 427 51.75 -17.27 29.26
CA LYS J 427 51.09 -18.35 28.57
C LYS J 427 50.78 -17.90 27.14
N THR J 428 51.34 -18.61 26.16
CA THR J 428 51.12 -18.32 24.75
C THR J 428 50.59 -19.60 24.12
N HIS J 429 49.28 -19.64 23.87
CA HIS J 429 48.64 -20.81 23.30
C HIS J 429 48.32 -20.66 21.82
N THR J 430 48.60 -19.49 21.24
CA THR J 430 48.31 -19.25 19.83
C THR J 430 49.37 -18.33 19.25
N VAL J 431 49.98 -18.78 18.16
CA VAL J 431 50.80 -17.93 17.30
C VAL J 431 49.99 -17.69 16.04
N TYR J 432 49.57 -16.45 15.83
CA TYR J 432 48.69 -16.07 14.74
C TYR J 432 49.44 -15.07 13.87
N LYS J 433 50.05 -15.56 12.80
CA LYS J 433 50.69 -14.70 11.81
C LYS J 433 49.63 -14.27 10.82
N ARG J 434 49.16 -13.04 10.95
CA ARG J 434 48.08 -12.54 10.11
C ARG J 434 48.58 -12.34 8.67
N PRO J 435 47.65 -12.25 7.71
CA PRO J 435 48.05 -11.92 6.35
C PRO J 435 48.83 -10.62 6.30
N ASP J 436 49.84 -10.59 5.42
CA ASP J 436 50.76 -9.47 5.21
C ASP J 436 51.77 -9.31 6.34
N THR J 437 51.89 -10.30 7.22
CA THR J 437 52.94 -10.34 8.22
C THR J 437 54.05 -11.28 7.76
N GLN J 438 55.13 -11.31 8.53
CA GLN J 438 56.26 -12.16 8.22
C GLN J 438 56.76 -12.86 9.48
N SER J 439 56.90 -14.17 9.40
CA SER J 439 57.59 -14.92 10.43
C SER J 439 59.09 -14.88 10.14
N ILE J 440 59.90 -14.81 11.20
CA ILE J 440 61.34 -14.72 11.07
C ILE J 440 61.98 -15.72 12.03
N GLN J 441 62.81 -16.61 11.50
CA GLN J 441 63.41 -17.69 12.27
C GLN J 441 64.93 -17.57 12.24
N LYS J 442 65.56 -17.91 13.35
CA LYS J 442 67.01 -17.97 13.44
C LYS J 442 67.46 -19.35 12.98
N VAL J 443 68.15 -19.41 11.84
CA VAL J 443 68.58 -20.66 11.25
C VAL J 443 70.07 -20.58 10.98
N GLN J 444 70.67 -21.75 10.72
CA GLN J 444 72.08 -21.80 10.37
C GLN J 444 72.29 -21.24 8.97
N ALA J 445 73.33 -20.43 8.82
CA ALA J 445 73.66 -19.82 7.54
C ALA J 445 75.08 -20.13 7.08
N GLU J 446 75.86 -20.85 7.87
CA GLU J 446 77.20 -21.28 7.49
C GLU J 446 77.28 -22.79 7.59
N PHE J 447 77.59 -23.44 6.47
CA PHE J 447 77.58 -24.90 6.38
C PHE J 447 78.95 -25.37 5.92
N ASP J 448 79.58 -26.24 6.71
CA ASP J 448 80.86 -26.82 6.32
C ASP J 448 80.95 -28.30 6.72
N SER J 449 79.82 -28.97 6.94
CA SER J 449 79.79 -30.35 7.42
C SER J 449 79.07 -31.26 6.43
N PHE J 450 79.39 -31.14 5.15
CA PHE J 450 78.81 -32.00 4.13
C PHE J 450 79.44 -33.39 4.15
N SER J 458 74.43 -47.54 -6.00
CA SER J 458 74.37 -48.93 -6.43
C SER J 458 73.09 -49.59 -5.93
N GLY J 459 71.94 -48.98 -6.24
CA GLY J 459 70.67 -49.52 -5.83
C GLY J 459 69.90 -50.16 -6.97
N LEU J 460 70.61 -50.91 -7.82
CA LEU J 460 70.03 -51.55 -8.98
C LEU J 460 70.02 -53.07 -8.78
N SER J 461 69.08 -53.73 -9.45
CA SER J 461 68.92 -55.17 -9.33
C SER J 461 68.80 -55.79 -10.72
N ILE J 462 69.18 -57.08 -10.79
CA ILE J 462 69.17 -57.78 -12.08
C ILE J 462 67.77 -57.88 -12.68
N PRO J 463 66.73 -58.30 -11.94
CA PRO J 463 65.40 -58.36 -12.59
C PRO J 463 64.91 -57.03 -13.10
N LEU J 464 65.22 -55.92 -12.42
CA LEU J 464 64.86 -54.61 -12.94
C LEU J 464 65.58 -54.32 -14.25
N ARG J 465 66.87 -54.66 -14.33
CA ARG J 465 67.62 -54.46 -15.57
C ARG J 465 67.00 -55.27 -16.70
N THR J 466 66.64 -56.53 -16.43
CA THR J 466 66.03 -57.37 -17.45
C THR J 466 64.68 -56.80 -17.89
N ARG J 467 63.87 -56.36 -16.93
CA ARG J 467 62.56 -55.80 -17.26
C ARG J 467 62.69 -54.55 -18.12
N ILE J 468 63.62 -53.66 -17.79
CA ILE J 468 63.81 -52.46 -18.59
C ILE J 468 64.35 -52.81 -19.97
N LYS J 469 65.32 -53.73 -20.05
CA LYS J 469 65.88 -54.12 -21.34
C LYS J 469 64.83 -54.80 -22.21
N TRP J 470 63.82 -55.42 -21.61
CA TRP J 470 62.76 -56.06 -22.39
C TRP J 470 62.03 -55.07 -23.28
N LEU J 471 61.79 -53.86 -22.79
CA LEU J 471 61.06 -52.84 -23.54
C LEU J 471 61.98 -51.97 -24.40
N LEU J 472 63.27 -52.24 -24.40
CA LEU J 472 64.21 -51.47 -25.23
C LEU J 472 64.96 -52.38 -26.18
N PRO K 3 29.40 -42.02 -24.37
CA PRO K 3 30.33 -43.10 -24.72
C PRO K 3 30.35 -44.20 -23.67
N VAL K 4 30.10 -43.85 -22.40
CA VAL K 4 29.97 -44.82 -21.32
C VAL K 4 28.57 -44.68 -20.75
N TYR K 5 27.79 -45.76 -20.86
CA TYR K 5 26.40 -45.78 -20.44
C TYR K 5 26.26 -46.59 -19.17
N VAL K 6 25.52 -46.06 -18.20
CA VAL K 6 25.32 -46.68 -16.91
C VAL K 6 23.84 -46.98 -16.72
N ASP K 7 23.54 -48.16 -16.18
CA ASP K 7 22.16 -48.59 -15.96
C ASP K 7 21.65 -48.00 -14.64
N ILE K 8 21.38 -46.69 -14.68
CA ILE K 8 20.80 -45.97 -13.56
C ILE K 8 19.73 -45.03 -14.09
N ASP K 9 18.87 -44.57 -13.18
CA ASP K 9 17.82 -43.63 -13.56
C ASP K 9 18.44 -42.29 -13.95
N ALA K 10 17.85 -41.64 -14.96
CA ALA K 10 18.36 -40.37 -15.45
C ALA K 10 18.28 -39.27 -14.40
N ASP K 11 17.40 -39.42 -13.41
CA ASP K 11 17.23 -38.45 -12.35
C ASP K 11 17.96 -38.84 -11.07
N SER K 12 18.82 -39.85 -11.13
CA SER K 12 19.53 -40.30 -9.95
C SER K 12 20.52 -39.25 -9.46
N ALA K 13 20.55 -39.04 -8.15
CA ALA K 13 21.53 -38.15 -7.55
C ALA K 13 22.93 -38.74 -7.55
N PHE K 14 23.04 -40.07 -7.72
CA PHE K 14 24.34 -40.71 -7.82
C PHE K 14 25.04 -40.42 -9.13
N LEU K 15 24.30 -39.96 -10.14
CA LEU K 15 24.91 -39.69 -11.44
C LEU K 15 25.96 -38.58 -11.33
N LYS K 16 25.67 -37.53 -10.57
CA LYS K 16 26.64 -36.45 -10.42
C LYS K 16 27.90 -36.94 -9.70
N ALA K 17 27.74 -37.74 -8.65
CA ALA K 17 28.89 -38.28 -7.94
C ALA K 17 29.71 -39.19 -8.84
N LEU K 18 29.05 -40.00 -9.66
CA LEU K 18 29.77 -40.91 -10.54
C LEU K 18 30.47 -40.15 -11.66
N GLN K 19 29.87 -39.06 -12.13
CA GLN K 19 30.54 -38.20 -13.10
C GLN K 19 31.78 -37.56 -12.48
N ARG K 20 31.67 -37.12 -11.23
CA ARG K 20 32.83 -36.55 -10.55
CA ARG K 20 32.83 -36.55 -10.55
C ARG K 20 33.93 -37.59 -10.37
N ALA K 21 33.55 -38.82 -10.01
CA ALA K 21 34.54 -39.88 -9.84
C ALA K 21 35.19 -40.29 -11.16
N TYR K 22 34.51 -40.07 -12.29
CA TYR K 22 35.03 -40.41 -13.61
C TYR K 22 34.88 -39.21 -14.53
N PRO K 23 35.69 -38.16 -14.32
CA PRO K 23 35.57 -36.97 -15.16
C PRO K 23 36.15 -37.15 -16.56
N MET K 24 36.90 -38.22 -16.80
CA MET K 24 37.46 -38.50 -18.11
C MET K 24 36.42 -39.03 -19.08
N PHE K 25 35.35 -39.65 -18.58
CA PHE K 25 34.30 -40.22 -19.40
C PHE K 25 33.10 -39.28 -19.46
N GLU K 26 32.15 -39.64 -20.31
CA GLU K 26 30.86 -38.95 -20.41
C GLU K 26 29.80 -39.94 -19.93
N VAL K 27 29.55 -39.93 -18.63
CA VAL K 27 28.63 -40.89 -18.02
C VAL K 27 27.22 -40.55 -18.45
N GLU K 28 26.56 -41.47 -19.15
CA GLU K 28 25.21 -41.27 -19.64
C GLU K 28 24.27 -42.26 -18.96
N PRO K 29 23.25 -41.80 -18.24
CA PRO K 29 22.32 -42.74 -17.58
C PRO K 29 21.39 -43.39 -18.59
N ARG K 30 21.48 -44.71 -18.69
CA ARG K 30 20.62 -45.51 -19.57
C ARG K 30 20.05 -46.64 -18.73
N GLN K 31 18.94 -46.38 -18.04
CA GLN K 31 18.34 -47.39 -17.17
C GLN K 31 17.68 -48.46 -18.02
N VAL K 32 18.01 -49.72 -17.74
CA VAL K 32 17.46 -50.84 -18.48
C VAL K 32 16.93 -51.89 -17.52
N THR K 33 17.29 -51.80 -16.25
CA THR K 33 16.86 -52.74 -15.23
C THR K 33 16.50 -51.97 -13.97
N PRO K 34 15.61 -52.53 -13.14
CA PRO K 34 15.26 -51.88 -11.87
C PRO K 34 16.21 -52.26 -10.74
N ASN K 35 17.40 -52.74 -11.11
CA ASN K 35 18.39 -53.27 -10.17
C ASN K 35 18.50 -52.42 -8.91
N ASP K 36 18.43 -53.09 -7.76
CA ASP K 36 18.48 -52.40 -6.46
C ASP K 36 19.90 -52.11 -6.00
N HIS K 37 20.90 -52.64 -6.68
CA HIS K 37 22.28 -52.24 -6.44
C HIS K 37 22.86 -51.68 -7.73
N ALA K 38 22.08 -50.82 -8.40
CA ALA K 38 22.48 -50.26 -9.68
C ALA K 38 23.70 -49.36 -9.55
N ASN K 39 23.81 -48.61 -8.44
CA ASN K 39 24.93 -47.71 -8.27
C ASN K 39 26.26 -48.46 -8.22
N ALA K 40 26.30 -49.58 -7.49
CA ALA K 40 27.52 -50.38 -7.42
C ALA K 40 27.89 -50.95 -8.77
N ARG K 41 26.90 -51.44 -9.52
CA ARG K 41 27.16 -51.97 -10.85
C ARG K 41 27.69 -50.89 -11.78
N ALA K 42 27.11 -49.69 -11.71
CA ALA K 42 27.57 -48.59 -12.55
C ALA K 42 29.00 -48.19 -12.19
N PHE K 43 29.31 -48.12 -10.89
CA PHE K 43 30.67 -47.80 -10.49
C PHE K 43 31.65 -48.86 -10.96
N SER K 44 31.29 -50.13 -10.85
CA SER K 44 32.19 -51.20 -11.27
C SER K 44 32.38 -51.19 -12.79
N HIS K 45 31.31 -50.92 -13.55
CA HIS K 45 31.42 -50.84 -14.99
C HIS K 45 32.33 -49.68 -15.41
N LEU K 46 32.15 -48.51 -14.79
CA LEU K 46 33.02 -47.38 -15.08
C LEU K 46 34.45 -47.66 -14.65
N ALA K 47 34.64 -48.39 -13.55
CA ALA K 47 35.97 -48.75 -13.10
C ALA K 47 36.65 -49.66 -14.13
N ILE K 48 35.92 -50.62 -14.67
CA ILE K 48 36.51 -51.50 -15.68
C ILE K 48 36.84 -50.72 -16.94
N LYS K 49 35.97 -49.79 -17.34
CA LYS K 49 36.27 -48.95 -18.49
C LYS K 49 37.55 -48.13 -18.25
N LEU K 50 37.68 -47.55 -17.06
N LEU K 50 37.67 -47.55 -17.06
CA LEU K 50 38.88 -46.78 -16.75
CA LEU K 50 38.87 -46.78 -16.71
C LEU K 50 40.13 -47.66 -16.75
C LEU K 50 40.12 -47.66 -16.74
N ILE K 51 40.03 -48.85 -16.16
CA ILE K 51 41.18 -49.75 -16.11
C ILE K 51 41.61 -50.15 -17.51
N GLU K 52 40.64 -50.46 -18.37
CA GLU K 52 40.95 -50.76 -19.76
C GLU K 52 41.60 -49.57 -20.46
N GLN K 53 41.11 -48.36 -20.17
CA GLN K 53 41.68 -47.17 -20.79
C GLN K 53 43.13 -46.95 -20.35
N GLU K 54 43.46 -47.23 -19.09
CA GLU K 54 44.82 -47.01 -18.64
C GLU K 54 45.80 -48.04 -19.22
N ILE K 55 45.43 -49.32 -19.21
CA ILE K 55 46.39 -50.37 -19.55
C ILE K 55 46.58 -50.44 -21.06
N ASP K 56 47.74 -50.97 -21.46
CA ASP K 56 48.09 -51.06 -22.86
C ASP K 56 47.20 -52.06 -23.58
N PRO K 57 46.82 -51.80 -24.83
CA PRO K 57 45.99 -52.77 -25.56
C PRO K 57 46.63 -54.15 -25.71
N ASP K 58 47.96 -54.23 -25.78
CA ASP K 58 48.66 -55.48 -26.00
C ASP K 58 48.97 -56.22 -24.70
N SER K 59 48.18 -55.99 -23.65
CA SER K 59 48.45 -56.53 -22.32
C SER K 59 47.48 -57.66 -22.03
N THR K 60 48.01 -58.78 -21.54
CA THR K 60 47.16 -59.86 -21.04
C THR K 60 46.67 -59.53 -19.64
N ILE K 61 45.38 -59.75 -19.41
CA ILE K 61 44.71 -59.30 -18.19
C ILE K 61 44.20 -60.53 -17.46
N LEU K 62 44.77 -60.82 -16.29
CA LEU K 62 44.23 -61.85 -15.42
C LEU K 62 43.01 -61.26 -14.69
N ASP K 63 41.86 -61.91 -14.84
CA ASP K 63 40.61 -61.43 -14.27
C ASP K 63 40.26 -62.39 -13.12
N ILE K 64 40.65 -62.01 -11.91
CA ILE K 64 40.63 -62.92 -10.77
C ILE K 64 39.25 -62.92 -10.12
N GLY K 65 38.75 -64.11 -9.81
CA GLY K 65 37.50 -64.25 -9.08
C GLY K 65 36.29 -63.72 -9.82
N SER K 66 36.27 -63.88 -11.14
CA SER K 66 35.19 -63.35 -11.95
C SER K 66 34.78 -64.43 -12.95
N ALA K 67 33.93 -64.03 -13.90
CA ALA K 67 33.47 -64.92 -14.96
C ALA K 67 33.63 -64.22 -16.31
N PRO K 68 33.95 -64.97 -17.36
CA PRO K 68 34.07 -64.35 -18.69
C PRO K 68 32.74 -63.94 -19.29
N ALA K 69 31.62 -64.31 -18.66
CA ALA K 69 30.31 -63.92 -19.17
C ALA K 69 30.09 -62.42 -19.13
N ARG K 70 31.07 -61.66 -18.64
CA ARG K 70 31.05 -60.21 -18.68
C ARG K 70 32.31 -59.62 -19.30
N ARG K 71 33.18 -60.43 -19.88
N ARG K 71 33.19 -60.43 -19.87
CA ARG K 71 34.45 -59.97 -20.42
CA ARG K 71 34.45 -59.95 -20.42
C ARG K 71 34.65 -60.27 -21.90
C ARG K 71 34.72 -60.49 -21.83
N MET K 72 33.67 -60.88 -22.57
CA MET K 72 33.91 -61.33 -23.94
C MET K 72 33.84 -60.17 -24.92
N MET K 73 33.01 -59.15 -24.64
CA MET K 73 32.83 -58.05 -25.56
C MET K 73 33.92 -56.99 -25.41
N SER K 74 35.19 -57.43 -25.41
CA SER K 74 36.31 -56.53 -25.26
C SER K 74 37.45 -56.99 -26.15
N ASP K 75 38.13 -56.02 -26.77
CA ASP K 75 39.30 -56.33 -27.60
C ASP K 75 40.51 -56.73 -26.76
N ARG K 76 40.46 -56.59 -25.45
N ARG K 76 40.47 -56.55 -25.45
CA ARG K 76 41.60 -56.90 -24.59
CA ARG K 76 41.59 -56.91 -24.60
C ARG K 76 41.61 -58.37 -24.23
C ARG K 76 41.61 -58.41 -24.35
N LYS K 77 42.82 -58.93 -24.11
CA LYS K 77 43.01 -60.37 -23.89
C LYS K 77 42.76 -60.68 -22.41
N TYR K 78 41.52 -61.02 -22.09
CA TYR K 78 41.11 -61.32 -20.72
C TYR K 78 41.22 -62.82 -20.48
N HIS K 79 42.19 -63.20 -19.65
CA HIS K 79 42.28 -64.57 -19.13
C HIS K 79 41.53 -64.61 -17.81
N CYS K 80 40.37 -65.26 -17.81
CA CYS K 80 39.47 -65.26 -16.65
C CYS K 80 39.80 -66.48 -15.79
N VAL K 81 40.42 -66.22 -14.64
CA VAL K 81 40.78 -67.25 -13.67
C VAL K 81 40.04 -66.98 -12.37
N CYS K 82 39.33 -67.99 -11.87
CA CYS K 82 38.58 -67.84 -10.62
C CYS K 82 38.63 -69.10 -9.76
N ASP K 89 29.31 -69.39 -10.14
CA ASP K 89 30.42 -69.90 -10.93
C ASP K 89 29.94 -70.85 -12.04
N PRO K 90 29.13 -71.89 -11.71
CA PRO K 90 28.63 -72.78 -12.77
C PRO K 90 27.65 -72.08 -13.70
N GLU K 91 26.71 -71.33 -13.12
CA GLU K 91 25.75 -70.59 -13.92
C GLU K 91 26.44 -69.50 -14.73
N ARG K 92 27.45 -68.86 -14.15
CA ARG K 92 28.18 -67.83 -14.88
C ARG K 92 28.99 -68.43 -16.03
N LEU K 93 29.60 -69.59 -15.81
CA LEU K 93 30.29 -70.27 -16.91
C LEU K 93 29.32 -70.69 -18.01
N ALA K 94 28.14 -71.18 -17.63
CA ALA K 94 27.14 -71.53 -18.62
C ALA K 94 26.68 -70.31 -19.39
N ASN K 95 26.53 -69.17 -18.71
CA ASN K 95 26.16 -67.93 -19.39
C ASN K 95 27.24 -67.48 -20.36
N TYR K 96 28.51 -67.63 -19.96
CA TYR K 96 29.61 -67.29 -20.86
C TYR K 96 29.59 -68.18 -22.10
N ALA K 97 29.38 -69.49 -21.92
CA ALA K 97 29.29 -70.38 -23.07
C ALA K 97 28.11 -70.01 -23.96
N ARG K 98 26.98 -69.66 -23.36
CA ARG K 98 25.81 -69.25 -24.13
C ARG K 98 26.09 -67.99 -24.93
N LYS K 99 26.75 -67.01 -24.31
CA LYS K 99 27.07 -65.77 -25.01
C LYS K 99 28.06 -66.01 -26.14
N LEU K 100 29.01 -66.92 -25.95
CA LEU K 100 29.91 -67.30 -27.03
C LEU K 100 29.15 -67.95 -28.18
N ALA K 101 28.23 -68.86 -27.86
CA ALA K 101 27.51 -69.59 -28.89
C ALA K 101 26.53 -68.68 -29.64
N SER K 102 26.01 -67.65 -28.97
CA SER K 102 25.06 -66.74 -29.58
C SER K 102 25.72 -65.60 -30.35
N ALA K 103 27.06 -65.54 -30.36
CA ALA K 103 27.78 -64.51 -31.09
C ALA K 103 28.98 -65.07 -31.84
N ALA K 104 28.99 -66.39 -32.10
CA ALA K 104 30.13 -67.00 -32.77
C ALA K 104 30.32 -66.45 -34.18
N GLY K 105 29.22 -66.21 -34.89
CA GLY K 105 29.31 -65.72 -36.26
C GLY K 105 28.91 -64.27 -36.43
N LYS K 106 28.11 -63.75 -35.50
CA LYS K 106 27.61 -62.38 -35.62
C LYS K 106 28.74 -61.37 -35.56
N VAL K 107 29.63 -61.51 -34.59
CA VAL K 107 30.78 -60.62 -34.42
C VAL K 107 32.05 -61.48 -34.36
N LEU K 108 33.05 -61.10 -35.16
CA LEU K 108 34.31 -61.82 -35.22
C LEU K 108 35.50 -60.94 -34.88
N ASP K 109 35.26 -59.80 -34.22
CA ASP K 109 36.32 -58.87 -33.85
C ASP K 109 36.75 -59.02 -32.40
N ARG K 110 36.26 -60.04 -31.70
CA ARG K 110 36.57 -60.25 -30.29
C ARG K 110 37.27 -61.58 -30.06
N ASN K 111 37.84 -62.18 -31.11
CA ASN K 111 38.48 -63.50 -31.02
C ASN K 111 37.53 -64.54 -30.45
N ILE K 112 36.27 -64.48 -30.88
CA ILE K 112 35.26 -65.39 -30.33
C ILE K 112 35.52 -66.82 -30.77
N SER K 113 36.03 -67.01 -31.99
CA SER K 113 36.42 -68.35 -32.41
C SER K 113 37.53 -68.91 -31.53
N GLY K 114 38.55 -68.08 -31.26
CA GLY K 114 39.62 -68.50 -30.38
C GLY K 114 39.14 -68.75 -28.96
N LYS K 115 38.23 -67.91 -28.48
CA LYS K 115 37.68 -68.10 -27.13
C LYS K 115 36.89 -69.40 -27.04
N ILE K 116 36.11 -69.72 -28.08
CA ILE K 116 35.34 -70.96 -28.09
C ILE K 116 36.28 -72.16 -28.13
N GLY K 117 37.33 -72.09 -28.96
CA GLY K 117 38.31 -73.17 -28.97
C GLY K 117 39.00 -73.33 -27.63
N ASP K 118 39.33 -72.22 -26.98
CA ASP K 118 39.95 -72.27 -25.66
C ASP K 118 39.01 -72.92 -24.63
N LEU K 119 37.73 -72.53 -24.66
CA LEU K 119 36.78 -73.11 -23.72
C LEU K 119 36.61 -74.61 -23.97
N GLN K 120 36.54 -75.02 -25.24
CA GLN K 120 36.45 -76.45 -25.54
C GLN K 120 37.68 -77.19 -25.05
N ALA K 121 38.87 -76.61 -25.22
CA ALA K 121 40.08 -77.23 -24.72
C ALA K 121 40.05 -77.35 -23.19
N VAL K 122 39.56 -76.31 -22.51
CA VAL K 122 39.49 -76.36 -21.05
C VAL K 122 38.53 -77.44 -20.58
N MET K 123 37.35 -77.53 -21.20
CA MET K 123 36.43 -78.61 -20.82
C MET K 123 36.93 -79.97 -21.24
N ALA K 124 37.84 -80.05 -22.22
CA ALA K 124 38.47 -81.32 -22.54
C ALA K 124 39.44 -81.73 -21.45
N VAL K 125 40.45 -80.90 -21.18
CA VAL K 125 41.39 -81.12 -20.09
C VAL K 125 41.30 -79.94 -19.13
N PRO K 126 40.85 -80.14 -17.89
CA PRO K 126 40.62 -79.00 -16.98
C PRO K 126 41.90 -78.32 -16.50
N ASP K 127 43.08 -78.84 -16.82
CA ASP K 127 44.34 -78.23 -16.42
C ASP K 127 44.92 -77.35 -17.52
N THR K 128 44.21 -77.16 -18.62
CA THR K 128 44.72 -76.35 -19.72
C THR K 128 44.77 -74.89 -19.33
N GLU K 129 45.79 -74.18 -19.82
CA GLU K 129 46.01 -72.78 -19.49
C GLU K 129 45.86 -71.89 -20.72
N THR K 130 44.79 -72.10 -21.48
CA THR K 130 44.45 -71.31 -22.66
C THR K 130 44.58 -69.81 -22.39
N PRO K 131 44.97 -69.01 -23.39
CA PRO K 131 45.23 -67.59 -23.12
C PRO K 131 44.01 -66.80 -22.67
N THR K 132 42.79 -67.29 -22.91
CA THR K 132 41.59 -66.53 -22.62
C THR K 132 40.74 -67.10 -21.50
N PHE K 133 41.04 -68.30 -21.00
CA PHE K 133 40.22 -68.90 -19.97
C PHE K 133 41.04 -69.86 -19.13
N CYS K 134 40.65 -69.99 -17.86
CA CYS K 134 41.26 -70.95 -16.95
C CYS K 134 40.24 -71.32 -15.88
N LEU K 135 40.36 -72.54 -15.36
CA LEU K 135 39.50 -73.02 -14.30
C LEU K 135 40.21 -73.12 -12.95
N HIS K 136 41.50 -72.84 -12.91
CA HIS K 136 42.23 -72.92 -11.66
C HIS K 136 41.94 -71.69 -10.80
N THR K 137 42.39 -71.75 -9.54
CA THR K 137 42.36 -70.57 -8.70
C THR K 137 43.49 -69.63 -9.11
N ASP K 138 43.47 -68.41 -8.55
CA ASP K 138 44.55 -67.46 -8.82
C ASP K 138 45.90 -67.99 -8.33
N VAL K 139 45.89 -68.91 -7.36
CA VAL K 139 47.13 -69.53 -6.93
C VAL K 139 47.53 -70.66 -7.87
N SER K 140 46.56 -71.50 -8.27
CA SER K 140 46.84 -72.65 -9.11
C SER K 140 47.05 -72.28 -10.57
N CYS K 141 46.62 -71.09 -10.98
CA CYS K 141 46.82 -70.67 -12.37
C CYS K 141 48.28 -70.35 -12.62
N ARG K 142 48.75 -70.69 -13.84
CA ARG K 142 50.13 -70.45 -14.22
C ARG K 142 50.24 -69.77 -15.58
N GLN K 143 49.18 -69.09 -16.02
CA GLN K 143 49.21 -68.36 -17.29
C GLN K 143 49.86 -67.00 -17.07
N ARG K 144 51.04 -66.80 -17.63
CA ARG K 144 51.76 -65.56 -17.44
C ARG K 144 51.01 -64.39 -18.06
N ALA K 145 50.98 -63.27 -17.35
CA ALA K 145 50.38 -62.04 -17.83
C ALA K 145 51.14 -60.87 -17.24
N ASP K 146 50.58 -59.67 -17.40
CA ASP K 146 51.16 -58.47 -16.82
C ASP K 146 50.16 -57.57 -16.13
N VAL K 147 48.86 -57.84 -16.24
CA VAL K 147 47.83 -57.04 -15.60
C VAL K 147 46.86 -57.99 -14.91
N ALA K 148 46.51 -57.65 -13.67
CA ALA K 148 45.52 -58.40 -12.90
C ALA K 148 44.39 -57.47 -12.47
N ILE K 149 43.17 -57.97 -12.51
CA ILE K 149 41.99 -57.21 -12.12
C ILE K 149 41.27 -57.99 -11.03
N TYR K 150 41.03 -57.35 -9.89
CA TYR K 150 40.29 -57.91 -8.77
C TYR K 150 39.02 -57.10 -8.64
N GLN K 151 37.99 -57.47 -9.39
CA GLN K 151 36.73 -56.74 -9.40
C GLN K 151 35.76 -57.42 -8.43
N ASP K 152 35.47 -56.74 -7.33
CA ASP K 152 34.49 -57.19 -6.35
C ASP K 152 34.84 -58.58 -5.79
N VAL K 153 36.12 -58.82 -5.57
CA VAL K 153 36.59 -60.04 -4.92
C VAL K 153 37.22 -59.65 -3.58
N TYR K 154 36.77 -60.30 -2.51
CA TYR K 154 37.26 -60.01 -1.18
C TYR K 154 37.61 -61.27 -0.38
N ALA K 155 37.31 -62.46 -0.90
CA ALA K 155 37.55 -63.71 -0.19
C ALA K 155 38.94 -64.27 -0.44
N VAL K 156 39.87 -63.45 -0.91
CA VAL K 156 41.24 -63.90 -1.15
C VAL K 156 42.19 -63.08 -0.27
N HIS K 157 43.28 -63.72 0.12
CA HIS K 157 44.34 -63.03 0.86
C HIS K 157 45.10 -62.13 -0.10
N ALA K 158 45.08 -60.83 0.16
CA ALA K 158 45.66 -59.89 -0.79
C ALA K 158 47.16 -60.10 -1.03
N PRO K 159 48.01 -60.20 0.00
CA PRO K 159 49.43 -60.43 -0.29
C PRO K 159 49.69 -61.75 -1.00
N THR K 160 48.95 -62.81 -0.65
CA THR K 160 49.17 -64.11 -1.28
C THR K 160 48.78 -64.08 -2.76
N SER K 161 47.59 -63.56 -3.06
CA SER K 161 47.16 -63.46 -4.45
C SER K 161 48.06 -62.53 -5.25
N LEU K 162 48.46 -61.41 -4.66
CA LEU K 162 49.33 -60.48 -5.36
C LEU K 162 50.69 -61.09 -5.64
N TYR K 163 51.23 -61.84 -4.68
CA TYR K 163 52.51 -62.51 -4.92
C TYR K 163 52.39 -63.57 -6.00
N HIS K 164 51.32 -64.36 -5.98
CA HIS K 164 51.16 -65.39 -6.99
C HIS K 164 50.94 -64.79 -8.37
N GLN K 165 50.35 -63.59 -8.43
CA GLN K 165 50.23 -62.90 -9.71
C GLN K 165 51.56 -62.32 -10.15
N ALA K 166 52.36 -61.81 -9.20
CA ALA K 166 53.61 -61.14 -9.54
C ALA K 166 54.64 -62.13 -10.07
N ILE K 167 54.72 -63.33 -9.49
CA ILE K 167 55.66 -64.32 -9.98
C ILE K 167 55.28 -64.82 -11.36
N LYS K 168 54.05 -64.57 -11.80
CA LYS K 168 53.61 -64.85 -13.15
C LYS K 168 53.84 -63.67 -14.09
N GLY K 169 54.51 -62.61 -13.62
CA GLY K 169 54.86 -61.49 -14.45
C GLY K 169 53.95 -60.28 -14.35
N VAL K 170 52.98 -60.29 -13.44
CA VAL K 170 52.04 -59.18 -13.33
C VAL K 170 52.72 -58.02 -12.64
N ARG K 171 52.78 -56.87 -13.32
CA ARG K 171 53.33 -55.65 -12.74
C ARG K 171 52.26 -54.65 -12.34
N LEU K 172 51.04 -54.83 -12.82
CA LEU K 172 49.93 -53.91 -12.53
C LEU K 172 48.72 -54.72 -12.13
N ALA K 173 48.14 -54.37 -10.98
CA ALA K 173 46.92 -55.00 -10.51
C ALA K 173 45.91 -53.93 -10.16
N TYR K 174 44.63 -54.23 -10.37
CA TYR K 174 43.56 -53.30 -10.02
C TYR K 174 42.57 -54.03 -9.13
N TRP K 175 42.20 -53.39 -8.02
CA TRP K 175 41.23 -53.93 -7.08
C TRP K 175 40.05 -52.98 -7.01
N VAL K 176 38.88 -53.47 -7.41
CA VAL K 176 37.65 -52.70 -7.36
C VAL K 176 36.78 -53.29 -6.26
N GLY K 177 36.36 -52.46 -5.32
CA GLY K 177 35.54 -52.98 -4.25
C GLY K 177 35.22 -51.91 -3.23
N PHE K 178 34.45 -52.31 -2.22
CA PHE K 178 34.08 -51.37 -1.17
C PHE K 178 35.30 -51.02 -0.33
N ASP K 179 35.28 -49.79 0.20
CA ASP K 179 36.39 -49.30 1.01
C ASP K 179 36.61 -50.21 2.22
N THR K 180 37.87 -50.56 2.45
CA THR K 180 38.26 -51.42 3.56
C THR K 180 38.50 -50.66 4.85
N THR K 181 38.38 -49.33 4.83
CA THR K 181 38.57 -48.55 6.04
C THR K 181 37.62 -48.91 7.18
N PRO K 182 36.32 -49.16 6.96
CA PRO K 182 35.46 -49.54 8.08
C PRO K 182 35.91 -50.79 8.81
N PHE K 183 36.54 -51.74 8.10
CA PHE K 183 36.98 -52.97 8.76
C PHE K 183 38.34 -52.81 9.40
N MET K 184 39.11 -51.78 9.03
CA MET K 184 40.31 -51.46 9.79
C MET K 184 39.98 -50.76 11.09
N TYR K 185 38.86 -50.03 11.13
CA TYR K 185 38.36 -49.47 12.37
C TYR K 185 37.63 -50.49 13.23
N ASN K 186 37.42 -51.70 12.69
CA ASN K 186 36.82 -52.82 13.45
C ASN K 186 35.39 -52.52 13.86
N ALA K 187 34.60 -51.98 12.92
CA ALA K 187 33.19 -51.72 13.18
C ALA K 187 32.40 -53.03 13.20
N MET K 188 31.41 -53.11 14.08
CA MET K 188 30.58 -54.30 14.14
C MET K 188 29.64 -54.40 12.94
N ALA K 189 29.01 -53.29 12.57
CA ALA K 189 28.17 -53.20 11.39
C ALA K 189 28.50 -51.90 10.69
N GLY K 190 27.92 -51.72 9.50
CA GLY K 190 28.18 -50.51 8.76
C GLY K 190 27.34 -50.45 7.51
N ALA K 191 27.34 -49.26 6.90
CA ALA K 191 26.59 -49.01 5.69
C ALA K 191 27.46 -48.32 4.66
N TYR K 192 27.29 -48.72 3.41
CA TYR K 192 27.64 -47.93 2.25
C TYR K 192 26.31 -47.44 1.67
N PRO K 193 25.76 -46.35 2.22
CA PRO K 193 24.39 -45.96 1.85
C PRO K 193 24.24 -45.57 0.39
N SER K 194 25.26 -44.98 -0.22
CA SER K 194 25.14 -44.55 -1.61
C SER K 194 24.95 -45.73 -2.55
N TYR K 195 25.45 -46.91 -2.16
CA TYR K 195 25.35 -48.11 -2.99
C TYR K 195 24.30 -49.08 -2.46
N SER K 196 23.41 -48.62 -1.58
CA SER K 196 22.37 -49.47 -0.99
C SER K 196 22.97 -50.72 -0.34
N THR K 197 24.15 -50.55 0.25
CA THR K 197 24.89 -51.66 0.81
C THR K 197 24.89 -51.57 2.33
N ASN K 198 24.59 -52.68 2.99
CA ASN K 198 24.69 -52.76 4.43
C ASN K 198 25.41 -54.05 4.81
N TRP K 199 26.42 -53.94 5.65
CA TRP K 199 27.16 -55.10 6.12
C TRP K 199 27.06 -55.19 7.62
N ALA K 200 27.02 -56.42 8.13
CA ALA K 200 26.88 -56.63 9.55
C ALA K 200 27.68 -57.87 9.97
N ASP K 201 28.21 -57.81 11.18
CA ASP K 201 28.79 -59.00 11.80
C ASP K 201 27.70 -60.05 12.00
N GLU K 202 28.09 -61.32 11.90
CA GLU K 202 27.15 -62.41 12.11
C GLU K 202 26.50 -62.34 13.48
N GLN K 203 27.20 -61.77 14.47
CA GLN K 203 26.67 -61.72 15.82
C GLN K 203 25.49 -60.76 15.94
N VAL K 204 25.47 -59.70 15.13
CA VAL K 204 24.45 -58.67 15.24
C VAL K 204 23.44 -58.74 14.10
N LEU K 205 23.32 -59.90 13.44
CA LEU K 205 22.30 -60.05 12.40
C LEU K 205 20.89 -60.02 12.96
N LYS K 206 20.71 -60.31 14.25
CA LYS K 206 19.41 -60.26 14.89
C LYS K 206 19.16 -58.93 15.57
N ALA K 207 19.81 -57.86 15.11
CA ALA K 207 19.57 -56.53 15.64
C ALA K 207 18.24 -55.99 15.11
N LYS K 208 17.95 -54.75 15.46
CA LYS K 208 16.68 -54.12 15.10
C LYS K 208 16.85 -52.89 14.22
N ASN K 209 17.89 -52.09 14.44
CA ASN K 209 17.97 -50.77 13.85
C ASN K 209 19.19 -50.55 12.95
N ILE K 210 20.03 -51.55 12.76
CA ILE K 210 21.13 -51.43 11.80
C ILE K 210 20.58 -51.76 10.41
N GLY K 211 21.39 -51.49 9.39
CA GLY K 211 20.89 -51.63 8.02
C GLY K 211 20.56 -53.07 7.65
N LEU K 212 21.40 -54.01 8.06
CA LEU K 212 21.26 -55.42 7.70
C LEU K 212 20.97 -56.21 8.97
N CYS K 213 19.69 -56.40 9.28
CA CYS K 213 19.30 -57.15 10.46
C CYS K 213 17.84 -57.57 10.33
N SER K 214 17.45 -58.52 11.18
CA SER K 214 16.05 -58.90 11.33
C SER K 214 15.84 -59.37 12.77
N THR K 215 14.84 -58.80 13.43
CA THR K 215 14.48 -59.20 14.77
C THR K 215 12.98 -59.50 14.82
N ASP K 216 12.58 -60.19 15.88
CA ASP K 216 11.18 -60.55 16.08
C ASP K 216 10.54 -59.62 17.10
N LEU K 217 9.21 -59.69 17.18
CA LEU K 217 8.47 -58.95 18.18
C LEU K 217 8.45 -59.74 19.48
N THR K 218 8.75 -59.08 20.58
CA THR K 218 8.81 -59.72 21.89
C THR K 218 8.18 -58.81 22.94
N GLU K 219 7.68 -59.43 24.00
CA GLU K 219 7.16 -58.70 25.15
C GLU K 219 8.19 -58.56 26.27
N GLY K 220 9.33 -59.22 26.16
CA GLY K 220 10.32 -59.18 27.23
C GLY K 220 9.84 -59.81 28.51
N ARG K 221 9.08 -60.91 28.41
CA ARG K 221 8.53 -61.57 29.60
C ARG K 221 9.48 -62.61 30.17
N ARG K 222 9.94 -63.54 29.33
CA ARG K 222 10.89 -64.56 29.73
C ARG K 222 12.29 -64.14 29.34
N GLY K 223 13.22 -64.21 30.29
CA GLY K 223 14.61 -63.93 30.01
C GLY K 223 15.30 -65.13 29.38
N LYS K 224 15.68 -65.01 28.12
CA LYS K 224 16.26 -66.14 27.39
C LYS K 224 17.55 -66.61 28.05
N LEU K 225 17.66 -67.93 28.21
CA LEU K 225 18.86 -68.54 28.79
C LEU K 225 19.83 -68.94 27.69
N SER K 226 21.07 -69.20 28.10
CA SER K 226 22.10 -69.61 27.15
C SER K 226 23.08 -70.54 27.85
N ILE K 227 23.76 -71.35 27.05
CA ILE K 227 24.68 -72.34 27.62
C ILE K 227 26.03 -71.72 27.98
N MET K 228 26.44 -70.67 27.29
CA MET K 228 27.74 -70.06 27.53
C MET K 228 27.58 -68.57 27.84
N ARG K 229 28.53 -68.05 28.61
CA ARG K 229 28.53 -66.65 29.03
C ARG K 229 29.15 -65.80 27.94
N GLY K 230 28.36 -64.92 27.35
CA GLY K 230 28.90 -64.02 26.35
C GLY K 230 29.84 -63.00 26.96
N LYS K 231 29.27 -62.06 27.72
CA LYS K 231 30.04 -61.08 28.51
C LYS K 231 30.92 -60.21 27.63
N LYS K 232 30.88 -60.43 26.32
CA LYS K 232 31.71 -59.68 25.39
C LYS K 232 31.07 -59.76 24.01
N LEU K 233 30.93 -58.62 23.36
CA LEU K 233 30.38 -58.53 22.01
C LEU K 233 31.41 -57.80 21.15
N GLU K 234 32.37 -58.55 20.63
CA GLU K 234 33.41 -58.00 19.78
C GLU K 234 33.29 -58.55 18.37
N PRO K 235 33.72 -57.80 17.36
CA PRO K 235 33.62 -58.28 15.98
C PRO K 235 34.33 -59.60 15.79
N CYS K 236 33.68 -60.50 15.06
CA CYS K 236 34.23 -61.79 14.68
C CYS K 236 34.53 -61.78 13.18
N ASP K 237 35.30 -62.78 12.75
CA ASP K 237 35.78 -62.80 11.37
C ASP K 237 34.64 -62.82 10.35
N ARG K 238 33.55 -63.49 10.67
CA ARG K 238 32.46 -63.68 9.71
C ARG K 238 31.59 -62.43 9.65
N VAL K 239 31.50 -61.82 8.47
N VAL K 239 31.47 -61.85 8.46
CA VAL K 239 30.61 -60.70 8.25
CA VAL K 239 30.65 -60.68 8.22
C VAL K 239 29.78 -61.00 7.00
C VAL K 239 29.80 -60.96 6.99
N LEU K 240 28.67 -60.28 6.87
CA LEU K 240 27.78 -60.46 5.74
C LEU K 240 27.48 -59.11 5.10
N PHE K 241 27.75 -59.01 3.81
CA PHE K 241 27.44 -57.85 3.00
C PHE K 241 26.11 -58.06 2.28
N SER K 242 25.33 -56.99 2.19
CA SER K 242 24.12 -56.97 1.37
C SER K 242 24.25 -55.79 0.42
N VAL K 243 24.52 -56.07 -0.85
CA VAL K 243 24.56 -55.07 -1.90
C VAL K 243 23.21 -55.15 -2.61
N GLY K 244 22.35 -54.18 -2.33
CA GLY K 244 20.96 -54.34 -2.71
C GLY K 244 20.39 -55.54 -1.98
N SER K 245 19.92 -56.52 -2.73
CA SER K 245 19.44 -57.78 -2.16
C SER K 245 20.45 -58.92 -2.31
N THR K 246 21.65 -58.62 -2.78
CA THR K 246 22.66 -59.65 -3.03
C THR K 246 23.50 -59.86 -1.77
N LEU K 247 23.53 -61.09 -1.28
CA LEU K 247 24.17 -61.43 -0.01
C LEU K 247 25.53 -62.08 -0.27
N TYR K 248 26.55 -61.60 0.43
CA TYR K 248 27.91 -62.13 0.30
C TYR K 248 28.52 -62.36 1.67
N PRO K 249 28.93 -63.58 2.01
CA PRO K 249 29.73 -63.78 3.21
C PRO K 249 31.17 -63.35 2.97
N GLU K 250 31.76 -62.73 3.99
CA GLU K 250 33.13 -62.24 3.91
C GLU K 250 33.84 -62.51 5.22
N SER K 251 35.16 -62.55 5.14
CA SER K 251 36.03 -62.72 6.31
C SER K 251 36.71 -61.39 6.60
N ARG K 252 36.76 -61.01 7.87
CA ARG K 252 37.33 -59.72 8.24
C ARG K 252 38.83 -59.66 7.93
N LYS K 253 39.56 -60.75 8.18
CA LYS K 253 40.98 -60.73 7.89
C LYS K 253 41.25 -60.62 6.39
N LEU K 254 40.43 -61.30 5.58
CA LEU K 254 40.58 -61.20 4.14
C LEU K 254 40.23 -59.81 3.62
N LEU K 255 39.22 -59.16 4.22
CA LEU K 255 38.90 -57.79 3.85
C LEU K 255 40.02 -56.84 4.25
N LYS K 256 40.56 -57.01 5.46
CA LYS K 256 41.60 -56.12 5.94
C LYS K 256 42.91 -56.33 5.19
N SER K 257 43.14 -57.53 4.65
CA SER K 257 44.35 -57.78 3.89
C SER K 257 44.42 -56.90 2.65
N TRP K 258 43.27 -56.48 2.11
CA TRP K 258 43.25 -55.59 0.95
C TRP K 258 43.41 -54.13 1.33
N HIS K 259 43.40 -53.79 2.62
CA HIS K 259 43.77 -52.46 3.07
C HIS K 259 45.29 -52.38 3.14
N LEU K 260 45.90 -52.36 1.96
CA LEU K 260 47.34 -52.45 1.84
C LEU K 260 47.99 -51.09 2.09
N PRO K 261 49.21 -51.07 2.59
CA PRO K 261 49.92 -49.80 2.78
C PRO K 261 50.32 -49.20 1.44
N SER K 262 50.81 -47.95 1.51
CA SER K 262 51.28 -47.30 0.30
C SER K 262 52.43 -48.05 -0.33
N VAL K 263 53.32 -48.61 0.50
CA VAL K 263 54.45 -49.41 0.03
C VAL K 263 54.49 -50.68 0.88
N PHE K 264 54.68 -51.82 0.22
CA PHE K 264 54.87 -53.08 0.94
C PHE K 264 55.78 -53.98 0.12
N HIS K 265 56.26 -55.04 0.78
CA HIS K 265 57.24 -55.95 0.18
C HIS K 265 56.74 -57.37 0.26
N LEU K 266 56.79 -58.08 -0.87
CA LEU K 266 56.45 -59.49 -0.93
C LEU K 266 57.75 -60.27 -1.06
N LYS K 267 58.10 -60.99 0.01
CA LYS K 267 59.36 -61.73 0.08
C LYS K 267 59.10 -63.22 -0.07
N GLY K 268 59.86 -63.87 -0.95
CA GLY K 268 59.76 -65.30 -1.15
C GLY K 268 60.90 -65.82 -2.02
N LYS K 269 60.59 -66.76 -2.91
CA LYS K 269 61.57 -67.17 -3.90
C LYS K 269 61.94 -65.99 -4.80
N LEU K 270 60.93 -65.20 -5.20
CA LEU K 270 61.14 -63.91 -5.84
C LEU K 270 60.61 -62.82 -4.93
N SER K 271 61.29 -61.68 -4.94
CA SER K 271 60.96 -60.58 -4.06
C SER K 271 60.44 -59.40 -4.88
N PHE K 272 59.41 -58.74 -4.36
CA PHE K 272 58.74 -57.66 -5.08
C PHE K 272 58.50 -56.47 -4.16
N THR K 273 58.65 -55.28 -4.69
CA THR K 273 58.28 -54.04 -4.02
C THR K 273 57.01 -53.51 -4.68
N CYS K 274 55.93 -53.45 -3.92
CA CYS K 274 54.61 -53.13 -4.45
C CYS K 274 54.10 -51.85 -3.82
N ARG K 275 53.38 -51.07 -4.62
CA ARG K 275 52.80 -49.80 -4.18
C ARG K 275 51.29 -49.86 -4.38
N CYS K 276 50.54 -49.55 -3.34
CA CYS K 276 49.08 -49.52 -3.41
C CYS K 276 48.61 -48.08 -3.33
N ASP K 277 47.82 -47.66 -4.32
CA ASP K 277 47.28 -46.32 -4.37
C ASP K 277 45.80 -46.38 -4.74
N THR K 278 44.99 -45.61 -4.03
CA THR K 278 43.57 -45.52 -4.33
C THR K 278 43.38 -44.50 -5.45
N VAL K 279 43.10 -44.97 -6.65
CA VAL K 279 42.98 -44.07 -7.79
C VAL K 279 41.55 -43.59 -7.99
N VAL K 280 40.54 -44.36 -7.55
CA VAL K 280 39.16 -43.90 -7.60
C VAL K 280 38.54 -44.11 -6.23
N SER K 281 37.73 -43.16 -5.79
CA SER K 281 37.09 -43.23 -4.49
C SER K 281 35.78 -42.46 -4.54
N CYS K 282 34.66 -43.17 -4.58
CA CYS K 282 33.33 -42.57 -4.62
C CYS K 282 32.48 -43.19 -3.51
N GLU K 283 32.31 -42.44 -2.41
CA GLU K 283 31.28 -42.69 -1.41
C GLU K 283 31.30 -44.14 -0.91
N GLY K 284 32.50 -44.65 -0.65
CA GLY K 284 32.67 -45.98 -0.12
C GLY K 284 33.07 -47.05 -1.12
N TYR K 285 33.14 -46.72 -2.41
CA TYR K 285 33.59 -47.65 -3.43
C TYR K 285 34.92 -47.16 -3.98
N VAL K 286 35.94 -48.00 -3.92
CA VAL K 286 37.29 -47.60 -4.29
C VAL K 286 37.82 -48.51 -5.39
N VAL K 287 38.62 -47.91 -6.27
CA VAL K 287 39.49 -48.60 -7.20
C VAL K 287 40.92 -48.32 -6.77
N LYS K 288 41.64 -49.36 -6.40
CA LYS K 288 43.02 -49.31 -5.98
C LYS K 288 43.92 -49.84 -7.10
N ARG K 289 45.03 -49.14 -7.34
CA ARG K 289 46.03 -49.57 -8.30
C ARG K 289 47.27 -50.03 -7.55
N ILE K 290 47.69 -51.27 -7.78
CA ILE K 290 48.86 -51.85 -7.16
C ILE K 290 49.93 -52.03 -8.24
N THR K 291 51.09 -51.43 -8.03
CA THR K 291 52.21 -51.56 -8.95
C THR K 291 53.28 -52.41 -8.29
N MET K 292 53.54 -53.58 -8.85
CA MET K 292 54.51 -54.52 -8.30
C MET K 292 55.77 -54.52 -9.16
N SER K 293 56.92 -54.39 -8.52
CA SER K 293 58.20 -54.38 -9.21
C SER K 293 59.14 -55.36 -8.52
N PRO K 294 59.84 -56.20 -9.27
CA PRO K 294 60.78 -57.14 -8.62
C PRO K 294 61.92 -56.41 -7.94
N GLY K 295 62.33 -56.93 -6.81
CA GLY K 295 63.42 -56.33 -6.05
C GLY K 295 62.91 -55.63 -4.80
N LEU K 296 63.80 -55.52 -3.82
CA LEU K 296 63.48 -54.87 -2.53
C LEU K 296 64.08 -53.47 -2.50
N TYR K 297 63.29 -52.50 -2.95
CA TYR K 297 63.69 -51.12 -2.97
C TYR K 297 63.01 -50.33 -1.87
N GLY K 298 63.76 -49.42 -1.26
CA GLY K 298 63.20 -48.54 -0.26
C GLY K 298 62.86 -49.24 1.04
N LYS K 299 62.07 -48.54 1.85
CA LYS K 299 61.64 -49.03 3.14
C LYS K 299 60.13 -48.79 3.28
N THR K 300 59.50 -49.60 4.11
CA THR K 300 58.06 -49.57 4.31
C THR K 300 57.74 -49.05 5.69
N THR K 301 56.87 -48.05 5.77
CA THR K 301 56.43 -47.52 7.05
C THR K 301 55.34 -48.35 7.68
N GLY K 302 54.67 -49.22 6.91
CA GLY K 302 53.58 -50.00 7.45
C GLY K 302 52.31 -49.22 7.69
N TYR K 303 52.14 -48.09 7.02
CA TYR K 303 51.01 -47.20 7.23
C TYR K 303 50.14 -47.16 5.98
N ALA K 304 48.86 -47.41 6.16
CA ALA K 304 47.87 -47.30 5.10
C ALA K 304 47.02 -46.05 5.37
N VAL K 305 46.84 -45.23 4.34
CA VAL K 305 46.16 -43.96 4.46
C VAL K 305 44.90 -43.98 3.61
N THR K 306 43.78 -43.59 4.20
CA THR K 306 42.52 -43.42 3.49
C THR K 306 42.14 -41.94 3.54
N HIS K 307 42.00 -41.33 2.38
CA HIS K 307 41.48 -39.97 2.31
C HIS K 307 39.96 -40.00 2.30
N HIS K 308 39.35 -39.08 3.03
CA HIS K 308 37.91 -39.02 3.17
C HIS K 308 37.39 -37.80 2.40
N ALA K 309 36.94 -38.04 1.18
CA ALA K 309 36.23 -37.00 0.44
C ALA K 309 34.92 -36.64 1.13
N ASP K 310 34.24 -37.65 1.67
N ASP K 310 34.24 -37.65 1.67
CA ASP K 310 33.04 -37.47 2.48
CA ASP K 310 33.04 -37.47 2.48
C ASP K 310 33.32 -37.87 3.92
C ASP K 310 33.32 -37.87 3.92
N GLY K 311 32.40 -37.50 4.81
CA GLY K 311 32.56 -37.83 6.20
C GLY K 311 32.46 -39.33 6.45
N PHE K 312 33.33 -39.82 7.32
CA PHE K 312 33.30 -41.21 7.77
C PHE K 312 33.00 -41.23 9.26
N LEU K 313 32.05 -42.06 9.67
CA LEU K 313 31.63 -42.15 11.05
C LEU K 313 31.74 -43.58 11.53
N MET K 314 32.39 -43.78 12.68
CA MET K 314 32.24 -45.01 13.45
C MET K 314 31.75 -44.63 14.83
N CYS K 315 30.52 -44.98 15.15
CA CYS K 315 29.87 -44.53 16.37
C CYS K 315 29.40 -45.71 17.19
N LYS K 316 29.51 -45.57 18.51
CA LYS K 316 28.87 -46.50 19.41
C LYS K 316 27.36 -46.33 19.32
N THR K 317 26.64 -47.43 19.12
CA THR K 317 25.18 -47.40 19.07
C THR K 317 24.64 -48.51 19.95
N THR K 318 23.48 -48.26 20.54
CA THR K 318 22.82 -49.21 21.41
C THR K 318 21.59 -49.77 20.68
N ASP K 319 21.58 -51.08 20.49
CA ASP K 319 20.46 -51.75 19.84
C ASP K 319 20.04 -52.96 20.66
N THR K 320 19.12 -53.75 20.14
CA THR K 320 18.74 -55.02 20.76
C THR K 320 19.01 -56.13 19.75
N VAL K 321 19.95 -57.01 20.09
CA VAL K 321 20.22 -58.21 19.31
C VAL K 321 19.52 -59.37 20.00
N ASP K 322 18.59 -59.99 19.28
CA ASP K 322 17.74 -61.05 19.82
C ASP K 322 17.04 -60.59 21.10
N GLY K 323 16.66 -59.32 21.15
CA GLY K 323 16.01 -58.76 22.30
C GLY K 323 16.93 -58.29 23.41
N GLU K 324 18.21 -58.65 23.37
CA GLU K 324 19.16 -58.25 24.40
C GLU K 324 19.73 -56.89 24.04
N ARG K 325 19.60 -55.93 24.96
CA ARG K 325 20.13 -54.59 24.73
C ARG K 325 21.64 -54.60 24.85
N VAL K 326 22.32 -54.25 23.76
CA VAL K 326 23.78 -54.26 23.68
C VAL K 326 24.23 -52.99 22.97
N SER K 327 25.54 -52.74 23.05
CA SER K 327 26.15 -51.60 22.38
C SER K 327 27.30 -52.09 21.52
N PHE K 328 27.39 -51.57 20.30
CA PHE K 328 28.47 -51.94 19.39
C PHE K 328 28.71 -50.80 18.40
N SER K 329 29.82 -50.91 17.68
CA SER K 329 30.22 -49.87 16.75
C SER K 329 29.56 -50.05 15.39
N VAL K 330 29.09 -48.94 14.82
CA VAL K 330 28.46 -48.92 13.51
C VAL K 330 29.15 -47.84 12.69
N CYS K 331 29.54 -48.18 11.46
CA CYS K 331 30.18 -47.24 10.57
C CYS K 331 29.19 -46.79 9.50
N THR K 332 29.48 -45.62 8.92
CA THR K 332 28.65 -45.06 7.86
C THR K 332 29.43 -43.96 7.14
N TYR K 333 28.93 -43.60 5.97
CA TYR K 333 29.46 -42.48 5.19
C TYR K 333 28.41 -41.38 5.13
N VAL K 334 28.82 -40.17 5.45
CA VAL K 334 27.96 -38.99 5.45
C VAL K 334 28.39 -38.09 4.30
N PRO K 335 27.47 -37.59 3.48
CA PRO K 335 27.88 -36.71 2.37
C PRO K 335 28.61 -35.48 2.88
N ALA K 336 29.60 -35.03 2.09
CA ALA K 336 30.44 -33.92 2.51
C ALA K 336 29.65 -32.63 2.71
N THR K 337 28.62 -32.41 1.91
CA THR K 337 27.79 -31.22 2.09
C THR K 337 27.04 -31.28 3.42
N ILE K 338 26.55 -32.46 3.79
CA ILE K 338 25.89 -32.63 5.08
C ILE K 338 26.88 -32.36 6.22
N CYS K 339 28.10 -32.88 6.11
CA CYS K 339 29.10 -32.67 7.13
C CYS K 339 29.45 -31.19 7.26
N ASP K 340 29.61 -30.51 6.12
CA ASP K 340 29.94 -29.09 6.14
C ASP K 340 28.80 -28.26 6.74
N GLN K 341 27.56 -28.62 6.43
CA GLN K 341 26.43 -27.88 7.00
C GLN K 341 26.25 -28.16 8.48
N MET K 342 26.86 -29.22 9.01
CA MET K 342 26.78 -29.55 10.41
C MET K 342 27.91 -28.95 11.24
N THR K 343 28.86 -28.25 10.61
CA THR K 343 30.02 -27.75 11.31
C THR K 343 29.65 -26.74 12.39
N GLY K 344 28.74 -25.82 12.06
CA GLY K 344 28.38 -24.79 13.03
C GLY K 344 27.66 -25.33 14.25
N ILE K 345 26.70 -26.22 14.05
CA ILE K 345 25.89 -26.70 15.17
C ILE K 345 26.67 -27.66 16.05
N LEU K 346 27.77 -28.22 15.57
CA LEU K 346 28.62 -29.08 16.38
C LEU K 346 29.59 -28.30 17.25
N ALA K 347 29.60 -26.97 17.15
CA ALA K 347 30.42 -26.15 18.04
C ALA K 347 29.94 -26.26 19.48
N THR K 348 28.64 -26.47 19.68
CA THR K 348 28.05 -26.62 21.00
C THR K 348 27.65 -28.08 21.22
N GLU K 349 27.16 -28.36 22.42
CA GLU K 349 26.66 -29.69 22.76
C GLU K 349 25.21 -29.79 22.29
N VAL K 350 24.98 -30.68 21.31
CA VAL K 350 23.68 -30.84 20.70
C VAL K 350 23.14 -32.22 21.07
N THR K 351 21.86 -32.27 21.44
CA THR K 351 21.24 -33.55 21.75
C THR K 351 21.05 -34.35 20.47
N PRO K 352 20.98 -35.69 20.58
CA PRO K 352 20.70 -36.50 19.39
C PRO K 352 19.38 -36.16 18.72
N GLU K 353 18.38 -35.75 19.49
N GLU K 353 18.38 -35.75 19.48
CA GLU K 353 17.10 -35.37 18.89
CA GLU K 353 17.10 -35.36 18.88
C GLU K 353 17.23 -34.09 18.06
C GLU K 353 17.23 -34.09 18.06
N ASP K 354 17.90 -33.08 18.62
CA ASP K 354 18.14 -31.85 17.87
C ASP K 354 19.02 -32.10 16.66
N ALA K 355 20.05 -32.93 16.84
CA ALA K 355 20.93 -33.27 15.73
C ALA K 355 20.16 -33.97 14.61
N GLN K 356 19.26 -34.90 14.98
CA GLN K 356 18.47 -35.58 13.98
C GLN K 356 17.51 -34.64 13.27
N LYS K 357 16.89 -33.72 14.02
CA LYS K 357 16.01 -32.74 13.39
C LYS K 357 16.79 -31.86 12.41
N LEU K 358 17.99 -31.41 12.80
CA LEU K 358 18.79 -30.59 11.91
C LEU K 358 19.26 -31.36 10.69
N LEU K 359 19.64 -32.63 10.87
CA LEU K 359 20.05 -33.45 9.74
C LEU K 359 18.90 -33.65 8.76
N VAL K 360 17.69 -33.88 9.29
CA VAL K 360 16.52 -34.03 8.42
C VAL K 360 16.26 -32.73 7.67
N GLY K 361 16.37 -31.59 8.36
CA GLY K 361 16.21 -30.31 7.68
C GLY K 361 17.23 -30.10 6.58
N LEU K 362 18.47 -30.54 6.81
CA LEU K 362 19.52 -30.42 5.80
C LEU K 362 19.40 -31.46 4.70
N ASN K 363 18.65 -32.54 4.93
CA ASN K 363 18.54 -33.61 3.95
C ASN K 363 17.45 -33.37 2.92
N GLN K 364 16.64 -32.33 3.07
CA GLN K 364 15.57 -32.06 2.13
C GLN K 364 16.09 -31.61 0.77
N THR K 376 13.71 -35.16 -2.47
CA THR K 376 15.10 -35.55 -2.68
C THR K 376 15.87 -35.54 -1.37
N ASN K 377 16.65 -36.60 -1.13
CA ASN K 377 17.45 -36.73 0.07
C ASN K 377 18.92 -36.82 -0.31
N THR K 378 19.75 -35.97 0.29
CA THR K 378 21.19 -36.04 0.07
C THR K 378 21.76 -37.34 0.60
N MET K 379 21.38 -37.72 1.82
CA MET K 379 21.80 -38.97 2.42
C MET K 379 20.58 -39.83 2.73
N LYS K 380 20.80 -41.14 2.77
CA LYS K 380 19.73 -42.06 3.12
C LYS K 380 19.29 -41.82 4.56
N ASN K 381 17.97 -41.80 4.77
CA ASN K 381 17.43 -41.42 6.06
C ASN K 381 17.60 -42.50 7.12
N TYR K 382 17.76 -43.76 6.73
CA TYR K 382 17.88 -44.82 7.72
C TYR K 382 19.17 -44.73 8.52
N MET K 383 20.17 -44.02 8.01
CA MET K 383 21.37 -43.73 8.78
C MET K 383 21.29 -42.41 9.54
N ILE K 384 20.27 -41.59 9.28
CA ILE K 384 20.19 -40.28 9.93
C ILE K 384 20.17 -40.37 11.45
N PRO K 385 19.39 -41.26 12.08
CA PRO K 385 19.44 -41.32 13.56
C PRO K 385 20.82 -41.67 14.09
N VAL K 386 21.42 -42.76 13.61
CA VAL K 386 22.74 -43.16 14.09
C VAL K 386 23.74 -42.02 13.91
N VAL K 387 23.78 -41.46 12.70
CA VAL K 387 24.65 -40.31 12.44
C VAL K 387 24.39 -39.21 13.44
N ALA K 388 23.10 -38.89 13.66
CA ALA K 388 22.76 -37.87 14.64
C ALA K 388 23.41 -38.19 15.99
N GLN K 389 23.19 -39.41 16.48
CA GLN K 389 23.80 -39.82 17.73
C GLN K 389 25.29 -39.59 17.69
N ALA K 390 25.93 -40.09 16.62
CA ALA K 390 27.37 -39.92 16.46
C ALA K 390 27.75 -38.47 16.61
N PHE K 391 27.10 -37.60 15.83
CA PHE K 391 27.44 -36.19 15.86
C PHE K 391 27.28 -35.66 17.27
N SER K 392 26.15 -35.98 17.91
CA SER K 392 25.92 -35.52 19.27
C SER K 392 27.08 -35.94 20.16
N LYS K 393 27.40 -37.24 20.14
CA LYS K 393 28.48 -37.72 20.98
C LYS K 393 29.76 -37.00 20.63
N TRP K 394 30.05 -36.88 19.33
CA TRP K 394 31.26 -36.20 18.90
C TRP K 394 31.31 -34.81 19.51
N ALA K 395 30.22 -34.05 19.36
CA ALA K 395 30.20 -32.70 19.89
C ALA K 395 30.51 -32.73 21.38
N LYS K 396 29.81 -33.61 22.12
CA LYS K 396 30.03 -33.69 23.55
C LYS K 396 31.50 -33.97 23.84
N GLU K 397 32.07 -34.95 23.14
CA GLU K 397 33.46 -35.31 23.40
C GLU K 397 34.37 -34.12 23.15
N CYS K 398 34.12 -33.39 22.07
CA CYS K 398 34.95 -32.23 21.78
C CYS K 398 34.88 -31.23 22.92
N ARG K 399 33.67 -30.99 23.45
CA ARG K 399 33.54 -30.08 24.57
C ARG K 399 34.35 -30.56 25.76
N LYS K 400 34.33 -31.87 26.03
CA LYS K 400 35.15 -32.39 27.12
C LYS K 400 36.62 -32.11 26.86
N ASP K 401 37.08 -32.33 25.62
CA ASP K 401 38.46 -32.03 25.29
C ASP K 401 38.76 -30.55 25.50
N MET K 402 37.78 -29.68 25.25
CA MET K 402 37.95 -28.26 25.48
C MET K 402 37.87 -27.90 26.96
N GLU K 403 37.16 -28.69 27.77
CA GLU K 403 37.01 -28.39 29.19
C GLU K 403 38.08 -29.05 30.05
N ASP K 404 38.90 -29.91 29.49
CA ASP K 404 39.95 -30.62 30.21
C ASP K 404 41.29 -30.39 29.52
N GLU K 405 41.57 -29.12 29.23
CA GLU K 405 42.80 -28.75 28.54
C GLU K 405 44.01 -29.07 29.41
N LYS K 406 44.93 -29.85 28.85
CA LYS K 406 46.15 -30.23 29.54
C LYS K 406 47.23 -29.17 29.31
N LEU K 407 48.45 -29.47 29.74
CA LEU K 407 49.58 -28.59 29.47
C LEU K 407 50.31 -29.04 28.22
N LEU K 408 51.00 -28.11 27.59
CA LEU K 408 51.72 -28.40 26.36
C LEU K 408 52.87 -29.37 26.62
N GLY K 409 52.90 -30.46 25.86
CA GLY K 409 54.02 -31.37 25.88
C GLY K 409 54.27 -32.05 27.21
N VAL K 410 53.21 -32.36 27.97
CA VAL K 410 53.32 -33.10 29.21
C VAL K 410 52.24 -34.17 29.24
N ARG K 411 52.47 -35.18 30.07
CA ARG K 411 51.49 -36.23 30.31
C ARG K 411 51.46 -36.54 31.80
N GLU K 412 50.32 -37.10 32.23
CA GLU K 412 50.06 -37.35 33.65
C GLU K 412 49.98 -38.83 33.96
N ARG K 413 50.88 -39.62 33.40
CA ARG K 413 50.92 -41.05 33.69
C ARG K 413 51.44 -41.28 35.10
N THR K 414 50.72 -42.07 35.88
CA THR K 414 51.03 -42.29 37.28
C THR K 414 51.68 -43.65 37.49
N LEU K 415 52.60 -43.69 38.45
CA LEU K 415 53.30 -44.93 38.80
C LEU K 415 52.37 -45.83 39.61
N THR K 416 52.45 -47.14 39.34
CA THR K 416 51.61 -48.13 40.02
C THR K 416 52.49 -49.19 40.68
N CYS K 417 52.99 -48.87 41.88
CA CYS K 417 53.67 -49.80 42.78
C CYS K 417 54.85 -50.52 42.14
N CYS K 418 55.27 -50.11 40.95
CA CYS K 418 56.32 -50.81 40.20
C CYS K 418 57.04 -49.77 39.35
N CYS K 419 57.77 -50.23 38.33
CA CYS K 419 58.31 -49.36 37.30
C CYS K 419 57.33 -49.20 36.14
N LEU K 420 56.04 -49.38 36.39
CA LEU K 420 55.01 -49.37 35.35
C LEU K 420 54.17 -48.11 35.47
N TRP K 421 53.95 -47.45 34.34
CA TRP K 421 53.20 -46.19 34.29
C TRP K 421 51.89 -46.40 33.55
N ALA K 422 50.82 -45.81 34.10
CA ALA K 422 49.48 -45.95 33.53
C ALA K 422 48.82 -44.59 33.42
N PHE K 423 48.03 -44.43 32.36
CA PHE K 423 47.25 -43.22 32.12
C PHE K 423 45.78 -43.58 32.04
N LYS K 424 44.94 -42.54 32.03
CA LYS K 424 43.50 -42.72 31.96
C LYS K 424 43.04 -42.57 30.50
N LYS K 425 42.34 -43.58 30.00
CA LYS K 425 41.71 -43.48 28.69
C LYS K 425 40.37 -42.77 28.81
N GLN K 426 40.05 -41.96 27.82
CA GLN K 426 38.80 -41.22 27.82
C GLN K 426 37.73 -41.99 27.07
N LYS K 427 36.47 -41.64 27.34
CA LYS K 427 35.36 -42.20 26.60
C LYS K 427 35.36 -41.67 25.17
N THR K 428 35.56 -42.57 24.21
CA THR K 428 35.52 -42.23 22.79
C THR K 428 34.38 -43.04 22.16
N HIS K 429 33.22 -42.40 22.03
CA HIS K 429 32.06 -43.07 21.45
C HIS K 429 31.81 -42.68 20.00
N THR K 430 32.66 -41.82 19.42
CA THR K 430 32.51 -41.44 18.03
C THR K 430 33.87 -41.15 17.43
N VAL K 431 34.20 -41.84 16.35
CA VAL K 431 35.30 -41.48 15.47
C VAL K 431 34.69 -40.82 14.26
N TYR K 432 34.92 -39.52 14.11
CA TYR K 432 34.36 -38.72 13.03
C TYR K 432 35.51 -38.20 12.19
N LYS K 433 35.75 -38.85 11.05
CA LYS K 433 36.73 -38.37 10.07
C LYS K 433 36.00 -37.44 9.12
N ARG K 434 36.23 -36.15 9.27
CA ARG K 434 35.55 -35.16 8.46
C ARG K 434 36.04 -35.20 7.02
N PRO K 435 35.29 -34.62 6.08
CA PRO K 435 35.79 -34.50 4.71
C PRO K 435 37.13 -33.78 4.68
N ASP K 436 37.98 -34.23 3.76
CA ASP K 436 39.35 -33.73 3.57
C ASP K 436 40.29 -34.12 4.70
N THR K 437 39.91 -35.09 5.51
CA THR K 437 40.80 -35.69 6.49
C THR K 437 41.32 -37.01 5.98
N GLN K 438 42.25 -37.59 6.73
CA GLN K 438 42.85 -38.86 6.37
C GLN K 438 42.95 -39.75 7.59
N SER K 439 42.47 -40.98 7.45
CA SER K 439 42.67 -42.01 8.46
C SER K 439 43.96 -42.76 8.14
N ILE K 440 44.73 -43.08 9.18
CA ILE K 440 46.01 -43.74 9.02
C ILE K 440 46.06 -44.96 9.93
N GLN K 441 46.42 -46.10 9.37
CA GLN K 441 46.38 -47.37 10.08
C GLN K 441 47.74 -48.05 9.99
N LYS K 442 48.19 -48.63 11.11
CA LYS K 442 49.40 -49.43 11.11
C LYS K 442 49.05 -50.83 10.62
N VAL K 443 49.56 -51.20 9.45
CA VAL K 443 49.28 -52.48 8.83
C VAL K 443 50.59 -53.18 8.53
N GLN K 444 50.50 -54.48 8.25
CA GLN K 444 51.67 -55.24 7.86
C GLN K 444 52.11 -54.82 6.46
N ALA K 445 53.40 -54.57 6.29
CA ALA K 445 53.96 -54.18 5.01
C ALA K 445 55.06 -55.11 4.53
N GLU K 446 55.33 -56.20 5.26
CA GLU K 446 56.31 -57.19 4.85
C GLU K 446 55.64 -58.55 4.87
N PHE K 447 55.63 -59.23 3.72
CA PHE K 447 54.87 -60.46 3.55
C PHE K 447 55.81 -61.56 3.05
N ASP K 448 55.94 -62.62 3.85
CA ASP K 448 56.75 -63.77 3.43
C ASP K 448 56.11 -65.09 3.84
N SER K 449 54.78 -65.12 4.01
CA SER K 449 54.12 -66.33 4.48
C SER K 449 52.99 -66.75 3.54
N PHE K 450 53.26 -66.78 2.24
CA PHE K 450 52.27 -67.20 1.25
C PHE K 450 52.12 -68.72 1.25
N SER K 458 40.74 -78.03 -9.11
CA SER K 458 40.05 -79.29 -9.32
C SER K 458 38.62 -79.23 -8.77
N GLY K 459 37.81 -78.35 -9.35
CA GLY K 459 36.43 -78.19 -8.93
C GLY K 459 35.45 -78.27 -10.08
N LEU K 460 35.71 -79.15 -11.04
CA LEU K 460 34.90 -79.30 -12.23
C LEU K 460 34.14 -80.62 -12.19
N SER K 461 32.88 -80.59 -12.60
CA SER K 461 32.00 -81.74 -12.56
C SER K 461 31.66 -82.22 -13.96
N ILE K 462 31.37 -83.52 -14.06
CA ILE K 462 30.99 -84.11 -15.35
C ILE K 462 29.70 -83.50 -15.89
N PRO K 463 28.61 -83.37 -15.11
CA PRO K 463 27.40 -82.75 -15.68
C PRO K 463 27.62 -81.34 -16.20
N LEU K 464 28.43 -80.55 -15.52
CA LEU K 464 28.74 -79.20 -16.03
C LEU K 464 29.52 -79.28 -17.33
N ARG K 465 30.46 -80.22 -17.43
CA ARG K 465 31.22 -80.40 -18.67
C ARG K 465 30.28 -80.75 -19.82
N THR K 466 29.35 -81.68 -19.59
CA THR K 466 28.41 -82.07 -20.63
C THR K 466 27.50 -80.91 -21.00
N ARG K 467 27.02 -80.16 -20.00
CA ARG K 467 26.15 -79.02 -20.28
C ARG K 467 26.86 -77.96 -21.12
N ILE K 468 28.12 -77.66 -20.78
CA ILE K 468 28.87 -76.68 -21.56
C ILE K 468 29.12 -77.18 -22.97
N LYS K 469 29.50 -78.46 -23.10
CA LYS K 469 29.76 -79.01 -24.42
C LYS K 469 28.52 -79.08 -25.29
N TRP K 470 27.33 -79.18 -24.66
CA TRP K 470 26.10 -79.25 -25.43
C TRP K 470 25.84 -77.97 -26.21
N LEU K 471 26.34 -76.84 -25.73
CA LEU K 471 26.19 -75.56 -26.43
C LEU K 471 27.39 -75.21 -27.29
N LEU K 472 28.37 -76.10 -27.40
CA LEU K 472 29.55 -75.87 -28.22
C LEU K 472 29.79 -77.02 -29.18
N PRO L 3 4.20 -50.21 -26.15
CA PRO L 3 4.44 -51.60 -26.54
C PRO L 3 3.94 -52.60 -25.50
N VAL L 4 3.91 -52.18 -24.23
CA VAL L 4 3.34 -52.98 -23.15
C VAL L 4 2.17 -52.20 -22.56
N TYR L 5 1.01 -52.85 -22.53
CA TYR L 5 -0.25 -52.20 -22.17
C TYR L 5 -0.80 -52.84 -20.90
N VAL L 6 -1.15 -52.01 -19.92
CA VAL L 6 -1.61 -52.46 -18.63
C VAL L 6 -3.05 -52.00 -18.42
N ASP L 7 -3.87 -52.90 -17.87
CA ASP L 7 -5.29 -52.61 -17.61
C ASP L 7 -5.43 -51.87 -16.29
N ILE L 8 -4.96 -50.62 -16.29
CA ILE L 8 -5.10 -49.73 -15.14
C ILE L 8 -5.53 -48.35 -15.64
N ASP L 9 -6.10 -47.57 -14.74
CA ASP L 9 -6.54 -46.23 -15.08
C ASP L 9 -5.34 -45.36 -15.41
N ALA L 10 -5.53 -44.46 -16.39
CA ALA L 10 -4.44 -43.59 -16.81
C ALA L 10 -4.00 -42.61 -15.73
N ASP L 11 -4.83 -42.38 -14.72
CA ASP L 11 -4.50 -41.49 -13.62
C ASP L 11 -4.02 -42.23 -12.38
N SER L 12 -3.71 -43.51 -12.51
CA SER L 12 -3.28 -44.30 -11.36
C SER L 12 -1.89 -43.88 -10.90
N ALA L 13 -1.73 -43.68 -9.59
CA ALA L 13 -0.41 -43.40 -9.03
C ALA L 13 0.48 -44.63 -9.07
N PHE L 14 -0.09 -45.82 -9.23
CA PHE L 14 0.71 -47.03 -9.34
C PHE L 14 1.42 -47.13 -10.68
N LEU L 15 1.00 -46.34 -11.68
CA LEU L 15 1.64 -46.39 -12.99
C LEU L 15 3.09 -45.97 -12.91
N LYS L 16 3.39 -44.93 -12.10
CA LYS L 16 4.77 -44.51 -11.93
C LYS L 16 5.62 -45.60 -11.29
N ALA L 17 5.07 -46.26 -10.26
CA ALA L 17 5.80 -47.34 -9.61
C ALA L 17 6.05 -48.50 -10.56
N LEU L 18 5.06 -48.84 -11.39
CA LEU L 18 5.24 -49.92 -12.35
C LEU L 18 6.22 -49.53 -13.45
N GLN L 19 6.24 -48.26 -13.85
CA GLN L 19 7.24 -47.81 -14.82
C GLN L 19 8.64 -47.90 -14.22
N ARG L 20 8.78 -47.54 -12.95
CA ARG L 20 10.09 -47.66 -12.29
CA ARG L 20 10.09 -47.66 -12.30
C ARG L 20 10.51 -49.12 -12.16
N ALA L 21 9.56 -50.00 -11.85
CA ALA L 21 9.86 -51.42 -11.72
C ALA L 21 10.22 -52.06 -13.05
N TYR L 22 9.75 -51.51 -14.17
CA TYR L 22 10.06 -52.02 -15.50
C TYR L 22 10.50 -50.85 -16.39
N PRO L 23 11.71 -50.34 -16.17
CA PRO L 23 12.22 -49.27 -17.05
C PRO L 23 12.50 -49.74 -18.47
N MET L 24 12.63 -51.04 -18.69
CA MET L 24 12.94 -51.58 -20.01
C MET L 24 11.75 -51.49 -20.96
N PHE L 25 10.54 -51.32 -20.43
CA PHE L 25 9.34 -51.26 -21.22
C PHE L 25 8.74 -49.86 -21.20
N GLU L 26 7.86 -49.60 -22.16
CA GLU L 26 7.07 -48.38 -22.18
C GLU L 26 5.67 -48.75 -21.70
N VAL L 27 5.43 -48.63 -20.41
CA VAL L 27 4.18 -49.07 -19.80
C VAL L 27 3.10 -48.05 -20.13
N GLU L 28 2.02 -48.50 -20.76
CA GLU L 28 0.94 -47.61 -21.18
C GLU L 28 -0.37 -48.08 -20.55
N PRO L 29 -1.08 -47.22 -19.82
CA PRO L 29 -2.34 -47.63 -19.19
C PRO L 29 -3.47 -47.69 -20.20
N ARG L 30 -3.93 -48.91 -20.47
CA ARG L 30 -5.10 -49.15 -21.31
C ARG L 30 -6.14 -49.87 -20.46
N GLN L 31 -6.95 -49.09 -19.73
CA GLN L 31 -7.92 -49.66 -18.82
C GLN L 31 -9.12 -50.19 -19.59
N VAL L 32 -9.44 -51.46 -19.40
CA VAL L 32 -10.59 -52.07 -20.04
C VAL L 32 -11.55 -52.73 -19.06
N THR L 33 -11.15 -53.00 -17.82
CA THR L 33 -11.99 -53.61 -16.82
C THR L 33 -11.91 -52.84 -15.51
N PRO L 34 -12.95 -52.90 -14.68
CA PRO L 34 -12.90 -52.22 -13.39
C PRO L 34 -12.24 -53.06 -12.30
N ASN L 35 -11.45 -54.05 -12.72
CA ASN L 35 -10.80 -55.01 -11.82
C ASN L 35 -10.26 -54.35 -10.56
N ASP L 36 -10.64 -54.91 -9.42
CA ASP L 36 -10.23 -54.37 -8.13
C ASP L 36 -8.85 -54.86 -7.69
N HIS L 37 -8.26 -55.81 -8.42
CA HIS L 37 -6.86 -56.16 -8.23
C HIS L 37 -6.11 -55.93 -9.53
N ALA L 38 -6.36 -54.77 -10.15
CA ALA L 38 -5.76 -54.45 -11.44
C ALA L 38 -4.26 -54.24 -11.33
N ASN L 39 -3.78 -53.69 -10.21
CA ASN L 39 -2.35 -53.46 -10.04
C ASN L 39 -1.57 -54.77 -10.04
N ALA L 40 -2.07 -55.78 -9.34
CA ALA L 40 -1.40 -57.08 -9.31
C ALA L 40 -1.40 -57.73 -10.69
N ARG L 41 -2.52 -57.63 -11.41
CA ARG L 41 -2.59 -58.19 -12.75
C ARG L 41 -1.62 -57.49 -13.69
N ALA L 42 -1.52 -56.17 -13.58
CA ALA L 42 -0.58 -55.42 -14.41
C ALA L 42 0.86 -55.79 -14.09
N PHE L 43 1.19 -55.93 -12.80
CA PHE L 43 2.53 -56.33 -12.42
C PHE L 43 2.86 -57.73 -12.95
N SER L 44 1.91 -58.65 -12.86
CA SER L 44 2.15 -60.01 -13.34
C SER L 44 2.29 -60.04 -14.86
N HIS L 45 1.49 -59.23 -15.57
CA HIS L 45 1.63 -59.14 -17.02
C HIS L 45 3.00 -58.61 -17.42
N LEU L 46 3.44 -57.54 -16.76
CA LEU L 46 4.77 -57.00 -17.04
C LEU L 46 5.87 -57.98 -16.65
N ALA L 47 5.66 -58.74 -15.58
CA ALA L 47 6.63 -59.76 -15.19
C ALA L 47 6.75 -60.84 -16.25
N ILE L 48 5.63 -61.28 -16.81
CA ILE L 48 5.68 -62.29 -17.87
C ILE L 48 6.35 -61.73 -19.11
N LYS L 49 6.07 -60.47 -19.45
CA LYS L 49 6.74 -59.85 -20.59
C LYS L 49 8.24 -59.78 -20.38
N LEU L 50 8.68 -59.40 -19.18
N LEU L 50 8.67 -59.39 -19.18
CA LEU L 50 10.10 -59.32 -18.90
CA LEU L 50 10.09 -59.32 -18.87
C LEU L 50 10.75 -60.70 -18.92
C LEU L 50 10.75 -60.70 -18.91
N ILE L 51 10.08 -61.71 -18.37
CA ILE L 51 10.62 -63.06 -18.37
C ILE L 51 10.77 -63.56 -19.80
N GLU L 52 9.77 -63.32 -20.64
CA GLU L 52 9.87 -63.70 -22.04
C GLU L 52 11.03 -62.97 -22.73
N GLN L 53 11.19 -61.68 -22.45
CA GLN L 53 12.30 -60.93 -23.02
C GLN L 53 13.64 -61.49 -22.58
N GLU L 54 13.73 -62.00 -21.35
CA GLU L 54 15.00 -62.46 -20.82
C GLU L 54 15.42 -63.79 -21.44
N ILE L 55 14.49 -64.73 -21.60
CA ILE L 55 14.85 -66.08 -22.01
C ILE L 55 14.97 -66.16 -23.53
N ASP L 56 15.71 -67.16 -23.98
CA ASP L 56 15.93 -67.35 -25.41
C ASP L 56 14.64 -67.78 -26.11
N PRO L 57 14.42 -67.32 -27.34
CA PRO L 57 13.21 -67.72 -28.07
C PRO L 57 13.10 -69.23 -28.28
N ASP L 58 14.23 -69.93 -28.42
CA ASP L 58 14.22 -71.37 -28.66
C ASP L 58 14.08 -72.19 -27.38
N SER L 59 13.61 -71.57 -26.30
CA SER L 59 13.51 -72.23 -25.00
C SER L 59 12.08 -72.69 -24.77
N THR L 60 11.93 -73.92 -24.28
CA THR L 60 10.64 -74.45 -23.88
C THR L 60 10.41 -74.15 -22.39
N ILE L 61 9.23 -73.63 -22.09
CA ILE L 61 8.93 -73.04 -20.79
C ILE L 61 7.87 -73.87 -20.10
N LEU L 62 8.22 -74.49 -18.98
CA LEU L 62 7.24 -75.09 -18.10
C LEU L 62 6.51 -73.98 -17.35
N ASP L 63 5.19 -74.01 -17.37
CA ASP L 63 4.37 -72.96 -16.75
C ASP L 63 3.59 -73.60 -15.61
N ILE L 64 4.20 -73.61 -14.43
CA ILE L 64 3.70 -74.40 -13.30
C ILE L 64 2.52 -73.68 -12.66
N GLY L 65 1.46 -74.44 -12.39
CA GLY L 65 0.33 -73.94 -11.62
C GLY L 65 -0.50 -72.89 -12.31
N SER L 66 -0.51 -72.88 -13.63
CA SER L 66 -1.28 -71.88 -14.37
C SER L 66 -2.17 -72.54 -15.41
N ALA L 67 -2.76 -71.72 -16.28
CA ALA L 67 -3.64 -72.20 -17.33
C ALA L 67 -3.12 -71.76 -18.69
N PRO L 68 -3.27 -72.60 -19.72
CA PRO L 68 -2.88 -72.17 -21.07
C PRO L 68 -3.80 -71.13 -21.68
N ALA L 69 -4.93 -70.85 -21.04
CA ALA L 69 -5.85 -69.82 -21.53
C ALA L 69 -5.24 -68.44 -21.49
N ARG L 70 -4.08 -68.29 -20.86
CA ARG L 70 -3.34 -67.04 -20.85
C ARG L 70 -1.98 -67.15 -21.53
N ARG L 71 -1.69 -68.29 -22.18
N ARG L 71 -1.69 -68.29 -22.18
CA ARG L 71 -0.38 -68.51 -22.75
CA ARG L 71 -0.36 -68.51 -22.75
C ARG L 71 -0.38 -68.90 -24.23
C ARG L 71 -0.40 -69.00 -24.20
N MET L 72 -1.54 -68.89 -24.90
CA MET L 72 -1.56 -69.35 -26.29
C MET L 72 -1.14 -68.24 -27.26
N MET L 73 -1.20 -66.98 -26.84
CA MET L 73 -0.90 -65.86 -27.70
C MET L 73 0.56 -65.44 -27.68
N SER L 74 1.45 -66.37 -27.32
CA SER L 74 2.87 -66.10 -27.28
C SER L 74 3.59 -66.99 -28.29
N ASP L 75 4.70 -66.50 -28.83
CA ASP L 75 5.48 -67.27 -29.78
C ASP L 75 6.42 -68.26 -29.11
N ARG L 76 6.38 -68.37 -27.80
N ARG L 76 6.43 -68.33 -27.79
CA ARG L 76 7.27 -69.25 -27.05
CA ARG L 76 7.28 -69.25 -27.05
C ARG L 76 6.55 -70.53 -26.67
C ARG L 76 6.54 -70.55 -26.79
N LYS L 77 7.31 -71.63 -26.64
CA LYS L 77 6.75 -72.96 -26.42
C LYS L 77 6.40 -73.13 -24.95
N TYR L 78 5.18 -72.75 -24.57
CA TYR L 78 4.71 -72.88 -23.20
C TYR L 78 4.07 -74.25 -23.00
N HIS L 79 4.71 -75.10 -22.21
CA HIS L 79 4.12 -76.34 -21.72
C HIS L 79 3.45 -76.04 -20.38
N CYS L 80 2.12 -76.03 -20.38
CA CYS L 80 1.36 -75.63 -19.19
C CYS L 80 1.05 -76.87 -18.37
N VAL L 81 1.76 -77.02 -17.25
CA VAL L 81 1.55 -78.11 -16.32
C VAL L 81 1.10 -77.52 -14.98
N CYS L 82 -0.01 -78.02 -14.46
CA CYS L 82 -0.56 -77.49 -13.21
C CYS L 82 -1.22 -78.59 -12.38
N ASP L 89 -9.37 -74.47 -12.39
CA ASP L 89 -8.68 -75.44 -13.23
C ASP L 89 -9.59 -75.94 -14.37
N PRO L 90 -10.79 -76.44 -14.07
CA PRO L 90 -11.66 -76.88 -15.16
C PRO L 90 -12.17 -75.73 -16.02
N GLU L 91 -12.60 -74.64 -15.39
CA GLU L 91 -13.06 -73.48 -16.15
C GLU L 91 -11.92 -72.89 -16.97
N ARG L 92 -10.71 -72.84 -16.41
CA ARG L 92 -9.57 -72.33 -17.15
C ARG L 92 -9.24 -73.22 -18.34
N LEU L 93 -9.30 -74.54 -18.16
CA LEU L 93 -9.06 -75.46 -19.28
C LEU L 93 -10.11 -75.29 -20.36
N ALA L 94 -11.38 -75.12 -19.96
CA ALA L 94 -12.44 -74.88 -20.94
C ALA L 94 -12.22 -73.57 -21.67
N ASN L 95 -11.76 -72.53 -20.96
CA ASN L 95 -11.44 -71.26 -21.59
C ASN L 95 -10.30 -71.41 -22.60
N TYR L 96 -9.28 -72.20 -22.25
CA TYR L 96 -8.19 -72.44 -23.17
C TYR L 96 -8.67 -73.15 -24.43
N ALA L 97 -9.53 -74.16 -24.26
CA ALA L 97 -10.09 -74.84 -25.42
C ALA L 97 -10.93 -73.89 -26.27
N ARG L 98 -11.71 -73.03 -25.62
CA ARG L 98 -12.50 -72.03 -26.34
C ARG L 98 -11.62 -71.09 -27.15
N LYS L 99 -10.53 -70.61 -26.54
CA LYS L 99 -9.64 -69.69 -27.24
C LYS L 99 -8.91 -70.37 -28.38
N LEU L 100 -8.59 -71.67 -28.24
CA LEU L 100 -8.03 -72.41 -29.35
C LEU L 100 -9.03 -72.54 -30.49
N ALA L 101 -10.28 -72.88 -30.17
CA ALA L 101 -11.28 -73.09 -31.20
C ALA L 101 -11.70 -71.79 -31.87
N SER L 102 -11.56 -70.66 -31.18
CA SER L 102 -11.95 -69.37 -31.72
C SER L 102 -10.83 -68.67 -32.46
N ALA L 103 -9.65 -69.31 -32.58
CA ALA L 103 -8.54 -68.72 -33.31
C ALA L 103 -7.79 -69.76 -34.14
N ALA L 104 -8.42 -70.90 -34.44
CA ALA L 104 -7.73 -71.96 -35.15
C ALA L 104 -7.33 -71.53 -36.55
N GLY L 105 -8.18 -70.77 -37.23
CA GLY L 105 -7.90 -70.35 -38.59
C GLY L 105 -7.53 -68.89 -38.73
N LYS L 106 -7.91 -68.07 -37.74
CA LYS L 106 -7.67 -66.63 -37.84
C LYS L 106 -6.17 -66.32 -37.85
N VAL L 107 -5.42 -66.92 -36.93
CA VAL L 107 -3.98 -66.73 -36.85
C VAL L 107 -3.31 -68.10 -36.73
N LEU L 108 -2.23 -68.29 -37.50
CA LEU L 108 -1.50 -69.55 -37.51
C LEU L 108 -0.03 -69.36 -37.16
N ASP L 109 0.32 -68.25 -36.53
CA ASP L 109 1.70 -67.96 -36.15
C ASP L 109 2.02 -68.37 -34.72
N ARG L 110 1.07 -69.00 -34.01
CA ARG L 110 1.25 -69.40 -32.63
C ARG L 110 1.20 -70.91 -32.44
N ASN L 111 1.36 -71.68 -33.53
CA ASN L 111 1.26 -73.14 -33.49
C ASN L 111 -0.08 -73.58 -32.91
N ILE L 112 -1.15 -72.90 -33.32
CA ILE L 112 -2.47 -73.20 -32.76
C ILE L 112 -2.95 -74.57 -33.22
N SER L 113 -2.64 -74.96 -34.46
CA SER L 113 -2.98 -76.31 -34.92
C SER L 113 -2.27 -77.35 -34.07
N GLY L 114 -0.98 -77.15 -33.81
CA GLY L 114 -0.25 -78.08 -32.97
C GLY L 114 -0.77 -78.11 -31.54
N LYS L 115 -1.13 -76.94 -31.00
CA LYS L 115 -1.69 -76.87 -29.66
C LYS L 115 -3.03 -77.62 -29.58
N ILE L 116 -3.86 -77.47 -30.60
CA ILE L 116 -5.14 -78.16 -30.64
C ILE L 116 -4.93 -79.67 -30.72
N GLY L 117 -4.01 -80.11 -31.58
CA GLY L 117 -3.70 -81.52 -31.63
C GLY L 117 -3.17 -82.06 -30.31
N ASP L 118 -2.32 -81.27 -29.65
CA ASP L 118 -1.79 -81.66 -28.34
C ASP L 118 -2.91 -81.80 -27.32
N LEU L 119 -3.83 -80.83 -27.28
CA LEU L 119 -4.94 -80.90 -26.33
C LEU L 119 -5.83 -82.10 -26.62
N GLN L 120 -6.09 -82.38 -27.90
CA GLN L 120 -6.88 -83.56 -28.24
C GLN L 120 -6.17 -84.83 -27.80
N ALA L 121 -4.85 -84.89 -27.96
CA ALA L 121 -4.10 -86.05 -27.49
C ALA L 121 -4.21 -86.21 -25.98
N VAL L 122 -4.13 -85.10 -25.24
CA VAL L 122 -4.22 -85.18 -23.78
C VAL L 122 -5.61 -85.63 -23.34
N MET L 123 -6.66 -85.08 -23.95
CA MET L 123 -8.00 -85.55 -23.60
C MET L 123 -8.27 -86.97 -24.08
N ALA L 124 -7.50 -87.46 -25.06
CA ALA L 124 -7.60 -88.86 -25.45
C ALA L 124 -6.97 -89.75 -24.39
N VAL L 125 -5.68 -89.56 -24.13
CA VAL L 125 -4.96 -90.26 -23.07
C VAL L 125 -4.43 -89.21 -22.10
N PRO L 126 -4.82 -89.22 -20.83
CA PRO L 126 -4.44 -88.16 -19.91
C PRO L 126 -3.01 -88.25 -19.38
N ASP L 127 -2.22 -89.20 -19.85
CA ASP L 127 -0.82 -89.31 -19.46
C ASP L 127 0.15 -88.82 -20.55
N THR L 128 -0.37 -88.31 -21.66
CA THR L 128 0.48 -87.87 -22.75
C THR L 128 1.21 -86.57 -22.39
N GLU L 129 2.52 -86.55 -22.63
CA GLU L 129 3.33 -85.36 -22.38
C GLU L 129 3.54 -84.63 -23.70
N THR L 130 2.51 -83.91 -24.12
CA THR L 130 2.59 -83.11 -25.33
C THR L 130 3.54 -81.93 -25.13
N PRO L 131 4.17 -81.44 -26.20
CA PRO L 131 5.12 -80.34 -26.04
C PRO L 131 4.51 -79.04 -25.54
N THR L 132 3.19 -78.86 -25.63
CA THR L 132 2.57 -77.59 -25.29
C THR L 132 1.54 -77.67 -24.17
N PHE L 133 1.22 -78.86 -23.67
CA PHE L 133 0.22 -78.95 -22.60
C PHE L 133 0.41 -80.24 -21.83
N CYS L 134 0.07 -80.21 -20.55
CA CYS L 134 0.09 -81.39 -19.69
C CYS L 134 -0.98 -81.24 -18.63
N LEU L 135 -1.42 -82.39 -18.10
CA LEU L 135 -2.40 -82.43 -17.03
C LEU L 135 -1.85 -82.96 -15.72
N HIS L 136 -0.58 -83.37 -15.70
CA HIS L 136 0.01 -83.86 -14.47
C HIS L 136 0.39 -82.70 -13.56
N THR L 137 0.80 -83.03 -12.34
CA THR L 137 1.36 -82.03 -11.45
C THR L 137 2.78 -81.69 -11.87
N ASP L 138 3.33 -80.65 -11.24
CA ASP L 138 4.72 -80.30 -11.50
C ASP L 138 5.68 -81.41 -11.11
N VAL L 139 5.25 -82.30 -10.22
CA VAL L 139 6.06 -83.46 -9.84
C VAL L 139 5.84 -84.63 -10.81
N SER L 140 4.59 -84.88 -11.18
CA SER L 140 4.27 -86.00 -12.07
C SER L 140 4.58 -85.72 -13.53
N CYS L 141 4.79 -84.46 -13.91
CA CYS L 141 5.15 -84.14 -15.28
C CYS L 141 6.58 -84.58 -15.58
N ARG L 142 6.79 -85.07 -16.80
CA ARG L 142 8.11 -85.53 -17.22
C ARG L 142 8.57 -84.90 -18.52
N GLN L 143 7.90 -83.84 -18.98
CA GLN L 143 8.31 -83.17 -20.22
C GLN L 143 9.54 -82.31 -19.94
N ARG L 144 10.67 -82.69 -20.54
CA ARG L 144 11.91 -81.98 -20.31
C ARG L 144 11.84 -80.57 -20.87
N ALA L 145 12.41 -79.62 -20.14
CA ALA L 145 12.47 -78.23 -20.56
C ALA L 145 13.72 -77.59 -19.96
N ASP L 146 13.84 -76.28 -20.13
CA ASP L 146 14.96 -75.54 -19.58
C ASP L 146 14.56 -74.30 -18.81
N VAL L 147 13.31 -73.86 -18.91
CA VAL L 147 12.82 -72.69 -18.20
C VAL L 147 11.50 -73.04 -17.53
N ALA L 148 11.35 -72.63 -16.26
CA ALA L 148 10.13 -72.84 -15.51
C ALA L 148 9.62 -71.49 -15.01
N ILE L 149 8.30 -71.33 -15.02
CA ILE L 149 7.65 -70.10 -14.55
C ILE L 149 6.67 -70.47 -13.45
N TYR L 150 6.79 -69.82 -12.31
CA TYR L 150 5.88 -69.96 -11.18
C TYR L 150 5.17 -68.63 -10.99
N GLN L 151 4.08 -68.43 -11.72
CA GLN L 151 3.34 -67.18 -11.67
C GLN L 151 2.20 -67.31 -10.66
N ASP L 152 2.32 -66.59 -9.55
CA ASP L 152 1.27 -66.51 -8.53
C ASP L 152 0.85 -67.89 -8.03
N VAL L 153 1.84 -68.78 -7.87
CA VAL L 153 1.63 -70.09 -7.26
C VAL L 153 2.39 -70.13 -5.95
N TYR L 154 1.69 -70.52 -4.88
CA TYR L 154 2.28 -70.55 -3.55
C TYR L 154 2.00 -71.83 -2.79
N ALA L 155 1.17 -72.74 -3.33
CA ALA L 155 0.77 -73.94 -2.63
C ALA L 155 1.68 -75.13 -2.91
N VAL L 156 2.84 -74.90 -3.52
CA VAL L 156 3.80 -75.95 -3.82
C VAL L 156 5.04 -75.72 -2.99
N HIS L 157 5.65 -76.82 -2.52
CA HIS L 157 6.89 -76.74 -1.77
C HIS L 157 8.02 -76.35 -2.71
N ALA L 158 8.69 -75.24 -2.42
CA ALA L 158 9.63 -74.67 -3.38
C ALA L 158 10.80 -75.59 -3.71
N PRO L 159 11.57 -76.11 -2.74
CA PRO L 159 12.67 -77.00 -3.12
C PRO L 159 12.23 -78.26 -3.82
N THR L 160 11.08 -78.84 -3.45
CA THR L 160 10.60 -80.04 -4.11
C THR L 160 10.27 -79.78 -5.57
N SER L 161 9.48 -78.74 -5.84
CA SER L 161 9.13 -78.39 -7.21
C SER L 161 10.38 -78.02 -8.01
N LEU L 162 11.29 -77.25 -7.40
CA LEU L 162 12.50 -76.83 -8.11
C LEU L 162 13.38 -78.02 -8.45
N TYR L 163 13.49 -78.99 -7.53
CA TYR L 163 14.25 -80.20 -7.82
C TYR L 163 13.59 -81.01 -8.92
N HIS L 164 12.27 -81.16 -8.88
CA HIS L 164 11.58 -81.93 -9.90
C HIS L 164 11.69 -81.26 -11.27
N GLN L 165 11.78 -79.93 -11.30
CA GLN L 165 12.02 -79.24 -12.55
C GLN L 165 13.47 -79.40 -13.00
N ALA L 166 14.41 -79.38 -12.06
CA ALA L 166 15.82 -79.45 -12.40
C ALA L 166 16.20 -80.82 -12.97
N ILE L 167 15.64 -81.89 -12.42
CA ILE L 167 15.92 -83.22 -12.95
C ILE L 167 15.31 -83.40 -14.33
N LYS L 168 14.40 -82.52 -14.73
CA LYS L 168 13.87 -82.48 -16.08
C LYS L 168 14.66 -81.55 -16.99
N GLY L 169 15.80 -81.03 -16.50
CA GLY L 169 16.68 -80.22 -17.30
C GLY L 169 16.48 -78.72 -17.16
N VAL L 170 15.60 -78.27 -16.28
CA VAL L 170 15.34 -76.84 -16.13
C VAL L 170 16.52 -76.19 -15.42
N ARG L 171 17.13 -75.20 -16.06
CA ARG L 171 18.22 -74.45 -15.47
C ARG L 171 17.82 -73.05 -15.01
N LEU L 172 16.66 -72.57 -15.43
CA LEU L 172 16.19 -71.23 -15.09
C LEU L 172 14.74 -71.30 -14.69
N ALA L 173 14.43 -70.84 -13.48
CA ALA L 173 13.06 -70.78 -12.98
C ALA L 173 12.74 -69.34 -12.63
N TYR L 174 11.47 -68.98 -12.77
CA TYR L 174 11.00 -67.64 -12.44
C TYR L 174 9.78 -67.77 -11.53
N TRP L 175 9.82 -67.07 -10.41
CA TRP L 175 8.72 -67.06 -9.46
C TRP L 175 8.18 -65.65 -9.35
N VAL L 176 6.90 -65.48 -9.62
CA VAL L 176 6.23 -64.19 -9.53
C VAL L 176 5.19 -64.29 -8.43
N GLY L 177 5.24 -63.38 -7.48
CA GLY L 177 4.27 -63.42 -6.40
C GLY L 177 4.57 -62.39 -5.35
N PHE L 178 3.69 -62.32 -4.35
CA PHE L 178 3.88 -61.38 -3.27
C PHE L 178 5.11 -61.74 -2.46
N ASP L 179 5.73 -60.71 -1.87
CA ASP L 179 6.93 -60.91 -1.08
C ASP L 179 6.67 -61.87 0.07
N THR L 180 7.58 -62.83 0.24
CA THR L 180 7.51 -63.82 1.30
C THR L 180 8.12 -63.33 2.61
N THR L 181 8.66 -62.12 2.63
CA THR L 181 9.26 -61.59 3.86
C THR L 181 8.26 -61.44 5.01
N PRO L 182 7.03 -60.95 4.80
CA PRO L 182 6.10 -60.84 5.95
C PRO L 182 5.81 -62.17 6.63
N PHE L 183 5.94 -63.29 5.93
CA PHE L 183 5.71 -64.60 6.53
C PHE L 183 6.96 -65.19 7.14
N MET L 184 8.14 -64.74 6.74
CA MET L 184 9.35 -65.09 7.46
C MET L 184 9.46 -64.32 8.76
N TYR L 185 8.87 -63.13 8.81
CA TYR L 185 8.72 -62.40 10.06
C TYR L 185 7.60 -62.96 10.92
N ASN L 186 6.75 -63.82 10.36
CA ASN L 186 5.70 -64.52 11.10
C ASN L 186 4.66 -63.55 11.65
N ALA L 187 4.14 -62.71 10.76
CA ALA L 187 3.07 -61.78 11.13
C ALA L 187 1.75 -62.51 11.21
N MET L 188 0.90 -62.08 12.15
CA MET L 188 -0.43 -62.66 12.26
C MET L 188 -1.28 -62.33 11.05
N ALA L 189 -1.25 -61.07 10.61
CA ALA L 189 -1.93 -60.61 9.42
C ALA L 189 -1.05 -59.59 8.74
N GLY L 190 -1.50 -59.10 7.58
CA GLY L 190 -0.71 -58.10 6.89
C GLY L 190 -1.40 -57.61 5.64
N ALA L 191 -0.81 -56.57 5.05
CA ALA L 191 -1.34 -55.93 3.87
C ALA L 191 -0.24 -55.71 2.85
N TYR L 192 -0.59 -55.93 1.57
CA TYR L 192 0.10 -55.37 0.42
C TYR L 192 -0.83 -54.29 -0.10
N PRO L 193 -0.78 -53.07 0.44
CA PRO L 193 -1.80 -52.08 0.14
C PRO L 193 -1.76 -51.58 -1.30
N SER L 194 -0.58 -51.57 -1.94
CA SER L 194 -0.50 -51.09 -3.31
C SER L 194 -1.29 -51.97 -4.26
N TYR L 195 -1.42 -53.25 -3.94
CA TYR L 195 -2.13 -54.20 -4.78
C TYR L 195 -3.52 -54.53 -4.23
N SER L 196 -4.01 -53.73 -3.29
CA SER L 196 -5.31 -53.95 -2.66
C SER L 196 -5.39 -55.35 -2.06
N THR L 197 -4.27 -55.85 -1.54
CA THR L 197 -4.19 -57.21 -1.05
C THR L 197 -4.11 -57.20 0.47
N ASN L 198 -4.94 -58.01 1.10
CA ASN L 198 -4.88 -58.18 2.55
C ASN L 198 -4.91 -59.66 2.88
N TRP L 199 -3.97 -60.10 3.72
CA TRP L 199 -3.93 -61.49 4.12
C TRP L 199 -4.05 -61.57 5.63
N ALA L 200 -4.70 -62.62 6.10
CA ALA L 200 -4.88 -62.81 7.53
C ALA L 200 -4.80 -64.29 7.87
N ASP L 201 -4.29 -64.57 9.06
CA ASP L 201 -4.38 -65.91 9.61
C ASP L 201 -5.84 -66.27 9.86
N GLU L 202 -6.15 -67.56 9.76
CA GLU L 202 -7.51 -68.03 9.97
C GLU L 202 -8.00 -67.69 11.38
N GLN L 203 -7.08 -67.53 12.33
CA GLN L 203 -7.47 -67.28 13.71
C GLN L 203 -7.99 -65.86 13.90
N VAL L 204 -7.58 -64.92 13.07
CA VAL L 204 -7.94 -63.52 13.22
C VAL L 204 -8.88 -63.06 12.11
N LEU L 205 -9.58 -63.98 11.45
CA LEU L 205 -10.55 -63.59 10.44
C LEU L 205 -11.75 -62.88 11.04
N LYS L 206 -12.01 -63.07 12.33
CA LYS L 206 -13.10 -62.39 13.02
C LYS L 206 -12.63 -61.13 13.72
N ALA L 207 -11.52 -60.54 13.26
CA ALA L 207 -11.03 -59.30 13.82
C ALA L 207 -11.90 -58.14 13.34
N LYS L 208 -11.52 -56.93 13.74
CA LYS L 208 -12.31 -55.75 13.42
C LYS L 208 -11.57 -54.72 12.58
N ASN L 209 -10.29 -54.49 12.86
CA ASN L 209 -9.57 -53.35 12.29
C ASN L 209 -8.34 -53.76 11.50
N ILE L 210 -8.33 -54.96 10.94
CA ILE L 210 -7.31 -55.36 9.99
C ILE L 210 -7.92 -55.38 8.59
N GLY L 211 -7.08 -55.57 7.58
CA GLY L 211 -7.54 -55.47 6.21
C GLY L 211 -8.55 -56.54 5.84
N LEU L 212 -8.32 -57.77 6.26
CA LEU L 212 -9.16 -58.92 5.88
C LEU L 212 -9.78 -59.49 7.14
N CYS L 213 -10.98 -59.01 7.48
CA CYS L 213 -11.68 -59.49 8.67
C CYS L 213 -13.15 -59.15 8.56
N SER L 214 -13.95 -59.81 9.39
CA SER L 214 -15.35 -59.46 9.56
C SER L 214 -15.76 -59.79 10.98
N THR L 215 -16.29 -58.80 11.70
CA THR L 215 -16.80 -59.00 13.04
C THR L 215 -18.24 -58.53 13.12
N ASP L 216 -18.93 -58.96 14.16
CA ASP L 216 -20.32 -58.60 14.39
C ASP L 216 -20.41 -57.56 15.49
N LEU L 217 -21.57 -56.90 15.55
CA LEU L 217 -21.85 -55.94 16.60
C LEU L 217 -22.26 -56.68 17.86
N THR L 218 -21.66 -56.33 18.99
CA THR L 218 -21.98 -56.95 20.27
C THR L 218 -21.99 -55.89 21.36
N GLU L 219 -22.78 -56.15 22.41
CA GLU L 219 -22.81 -55.29 23.57
C GLU L 219 -21.82 -55.71 24.65
N GLY L 220 -21.13 -56.83 24.47
CA GLY L 220 -20.18 -57.31 25.46
C GLY L 220 -20.81 -57.60 26.80
N ARG L 221 -21.92 -58.34 26.80
CA ARG L 221 -22.67 -58.65 28.01
C ARG L 221 -22.45 -60.07 28.49
N ARG L 222 -22.53 -61.05 27.60
CA ARG L 222 -22.31 -62.44 27.94
C ARG L 222 -20.89 -62.83 27.55
N GLY L 223 -20.11 -63.31 28.52
CA GLY L 223 -18.77 -63.80 28.24
C GLY L 223 -18.81 -65.11 27.49
N LYS L 224 -18.35 -65.11 26.24
CA LYS L 224 -18.44 -66.29 25.40
C LYS L 224 -17.64 -67.44 25.98
N LEU L 225 -18.20 -68.64 25.88
CA LEU L 225 -17.63 -69.85 26.44
C LEU L 225 -16.93 -70.66 25.36
N SER L 226 -15.86 -71.35 25.76
CA SER L 226 -15.07 -72.15 24.84
C SER L 226 -14.67 -73.45 25.52
N ILE L 227 -14.70 -74.54 24.75
CA ILE L 227 -14.34 -75.85 25.28
C ILE L 227 -12.86 -75.94 25.59
N MET L 228 -12.03 -75.20 24.85
CA MET L 228 -10.58 -75.28 25.00
C MET L 228 -10.02 -73.97 25.54
N ARG L 229 -8.85 -74.07 26.17
CA ARG L 229 -8.14 -72.90 26.67
C ARG L 229 -7.20 -72.39 25.59
N GLY L 230 -7.46 -71.19 25.09
CA GLY L 230 -6.56 -70.63 24.11
C GLY L 230 -5.23 -70.25 24.72
N LYS L 231 -5.22 -69.20 25.55
CA LYS L 231 -4.07 -68.79 26.33
C LYS L 231 -2.87 -68.43 25.44
N LYS L 232 -3.04 -68.53 24.12
CA LYS L 232 -1.97 -68.20 23.19
C LYS L 232 -2.58 -68.01 21.81
N LEU L 233 -2.17 -66.94 21.14
CA LEU L 233 -2.62 -66.63 19.78
C LEU L 233 -1.36 -66.46 18.94
N GLU L 234 -0.84 -67.57 18.44
CA GLU L 234 0.33 -67.55 17.59
C GLU L 234 -0.07 -67.89 16.15
N PRO L 235 0.67 -67.39 15.17
CA PRO L 235 0.35 -67.69 13.78
C PRO L 235 0.33 -69.19 13.51
N CYS L 236 -0.72 -69.63 12.83
CA CYS L 236 -0.87 -71.02 12.41
C CYS L 236 -0.66 -71.12 10.91
N ASP L 237 -0.54 -72.35 10.42
CA ASP L 237 -0.13 -72.57 9.04
C ASP L 237 -1.12 -71.99 8.04
N ARG L 238 -2.41 -72.07 8.34
CA ARG L 238 -3.44 -71.65 7.40
C ARG L 238 -3.55 -70.13 7.37
N VAL L 239 -3.42 -69.54 6.19
N VAL L 239 -3.45 -69.54 6.18
CA VAL L 239 -3.63 -68.11 6.00
CA VAL L 239 -3.59 -68.10 5.98
C VAL L 239 -4.52 -67.93 4.79
C VAL L 239 -4.49 -67.91 4.77
N LEU L 240 -5.13 -66.75 4.69
CA LEU L 240 -5.99 -66.42 3.57
C LEU L 240 -5.59 -65.08 2.98
N PHE L 241 -5.35 -65.07 1.67
CA PHE L 241 -5.04 -63.88 0.91
C PHE L 241 -6.30 -63.38 0.23
N SER L 242 -6.45 -62.06 0.17
CA SER L 242 -7.50 -61.42 -0.61
C SER L 242 -6.81 -60.42 -1.52
N VAL L 243 -6.70 -60.77 -2.79
CA VAL L 243 -6.18 -59.90 -3.83
C VAL L 243 -7.39 -59.26 -4.49
N GLY L 244 -7.63 -58.00 -4.18
CA GLY L 244 -8.91 -57.41 -4.51
C GLY L 244 -10.01 -58.17 -3.78
N SER L 245 -10.92 -58.77 -4.54
CA SER L 245 -11.95 -59.61 -3.97
C SER L 245 -11.68 -61.10 -4.19
N THR L 246 -10.52 -61.46 -4.70
CA THR L 246 -10.19 -62.85 -4.98
C THR L 246 -9.55 -63.48 -3.75
N LEU L 247 -10.11 -64.59 -3.30
CA LEU L 247 -9.73 -65.24 -2.05
C LEU L 247 -8.92 -66.48 -2.35
N TYR L 248 -7.76 -66.61 -1.69
CA TYR L 248 -6.87 -67.75 -1.87
C TYR L 248 -6.43 -68.29 -0.52
N PRO L 249 -6.61 -69.59 -0.25
CA PRO L 249 -6.00 -70.19 0.94
C PRO L 249 -4.55 -70.57 0.68
N GLU L 250 -3.70 -70.28 1.67
CA GLU L 250 -2.28 -70.55 1.55
C GLU L 250 -1.77 -71.19 2.85
N SER L 251 -0.66 -71.89 2.72
CA SER L 251 0.05 -72.48 3.85
C SER L 251 1.27 -71.62 4.16
N ARG L 252 1.47 -71.34 5.46
CA ARG L 252 2.62 -70.53 5.86
C ARG L 252 3.93 -71.22 5.51
N LYS L 253 4.01 -72.54 5.72
CA LYS L 253 5.25 -73.25 5.42
C LYS L 253 5.54 -73.26 3.92
N LEU L 254 4.49 -73.39 3.09
CA LEU L 254 4.70 -73.37 1.65
C LEU L 254 5.08 -71.97 1.16
N LEU L 255 4.57 -70.93 1.81
CA LEU L 255 4.99 -69.57 1.48
C LEU L 255 6.44 -69.34 1.88
N LYS L 256 6.81 -69.75 3.08
CA LYS L 256 8.17 -69.55 3.56
C LYS L 256 9.17 -70.37 2.77
N SER L 257 8.75 -71.51 2.22
CA SER L 257 9.64 -72.32 1.41
C SER L 257 10.13 -71.57 0.18
N TRP L 258 9.34 -70.61 -0.31
CA TRP L 258 9.74 -69.79 -1.45
C TRP L 258 10.61 -68.62 -1.05
N HIS L 259 10.83 -68.39 0.25
CA HIS L 259 11.82 -67.42 0.70
C HIS L 259 13.19 -68.10 0.70
N LEU L 260 13.67 -68.35 -0.51
CA LEU L 260 14.89 -69.11 -0.71
C LEU L 260 16.11 -68.22 -0.47
N PRO L 261 17.20 -68.79 0.03
CA PRO L 261 18.43 -68.02 0.22
C PRO L 261 19.07 -67.70 -1.12
N SER L 262 20.10 -66.86 -1.06
CA SER L 262 20.83 -66.50 -2.28
C SER L 262 21.48 -67.71 -2.92
N VAL L 263 21.90 -68.69 -2.13
CA VAL L 263 22.48 -69.93 -2.63
C VAL L 263 21.90 -71.08 -1.82
N PHE L 264 21.53 -72.16 -2.51
CA PHE L 264 21.07 -73.36 -1.83
C PHE L 264 21.41 -74.57 -2.69
N HIS L 265 21.32 -75.75 -2.07
CA HIS L 265 21.71 -77.01 -2.68
C HIS L 265 20.55 -77.99 -2.64
N LEU L 266 20.22 -78.57 -3.78
CA LEU L 266 19.22 -79.63 -3.86
C LEU L 266 19.96 -80.96 -4.03
N LYS L 267 19.85 -81.83 -3.04
CA LYS L 267 20.60 -83.07 -2.99
C LYS L 267 19.66 -84.26 -3.14
N GLY L 268 19.96 -85.14 -4.08
CA GLY L 268 19.18 -86.34 -4.30
C GLY L 268 19.90 -87.32 -5.20
N LYS L 269 19.16 -87.95 -6.12
CA LYS L 269 19.82 -88.75 -7.15
C LYS L 269 20.74 -87.87 -8.01
N LEU L 270 20.28 -86.67 -8.33
CA LEU L 270 21.10 -85.64 -8.96
C LEU L 270 21.15 -84.43 -8.03
N SER L 271 22.29 -83.76 -8.01
CA SER L 271 22.52 -82.63 -7.12
C SER L 271 22.64 -81.35 -7.92
N PHE L 272 22.08 -80.27 -7.37
CA PHE L 272 22.05 -78.99 -8.06
C PHE L 272 22.42 -77.86 -7.11
N THR L 273 23.15 -76.88 -7.63
CA THR L 273 23.49 -75.66 -6.91
C THR L 273 22.64 -74.53 -7.50
N CYS L 274 21.63 -74.10 -6.74
CA CYS L 274 20.69 -73.11 -7.23
C CYS L 274 20.91 -71.78 -6.52
N ARG L 275 20.59 -70.70 -7.22
CA ARG L 275 20.75 -69.35 -6.70
C ARG L 275 19.44 -68.59 -6.89
N CYS L 276 18.99 -67.93 -5.84
CA CYS L 276 17.74 -67.16 -5.88
C CYS L 276 18.08 -65.67 -5.79
N ASP L 277 17.69 -64.92 -6.80
CA ASP L 277 17.87 -63.47 -6.82
C ASP L 277 16.54 -62.81 -7.12
N THR L 278 16.21 -61.78 -6.34
CA THR L 278 15.01 -60.98 -6.59
C THR L 278 15.35 -59.96 -7.67
N VAL L 279 14.77 -60.13 -8.86
CA VAL L 279 15.13 -59.29 -9.99
C VAL L 279 14.12 -58.15 -10.13
N VAL L 280 12.89 -58.36 -9.69
CA VAL L 280 11.89 -57.30 -9.70
C VAL L 280 11.27 -57.21 -8.32
N SER L 281 11.07 -55.98 -7.84
CA SER L 281 10.47 -55.77 -6.52
C SER L 281 9.72 -54.44 -6.52
N CYS L 282 8.39 -54.52 -6.56
CA CYS L 282 7.53 -53.34 -6.53
C CYS L 282 6.51 -53.49 -5.41
N GLU L 283 6.76 -52.81 -4.29
CA GLU L 283 5.77 -52.53 -3.25
C GLU L 283 5.04 -53.79 -2.78
N GLY L 284 5.78 -54.87 -2.60
CA GLY L 284 5.25 -56.12 -2.11
C GLY L 284 5.22 -57.24 -3.12
N TYR L 285 5.19 -56.92 -4.41
CA TYR L 285 5.25 -57.93 -5.45
C TYR L 285 6.71 -58.13 -5.87
N VAL L 286 7.12 -59.38 -6.05
CA VAL L 286 8.49 -59.70 -6.41
C VAL L 286 8.50 -60.72 -7.54
N VAL L 287 9.45 -60.55 -8.45
CA VAL L 287 9.85 -61.56 -9.41
C VAL L 287 11.25 -62.01 -9.01
N LYS L 288 11.38 -63.30 -8.69
CA LYS L 288 12.62 -63.94 -8.32
C LYS L 288 13.10 -64.82 -9.47
N ARG L 289 14.39 -64.75 -9.77
CA ARG L 289 15.02 -65.59 -10.77
C ARG L 289 15.89 -66.62 -10.06
N ILE L 290 15.63 -67.90 -10.31
CA ILE L 290 16.37 -69.00 -9.73
C ILE L 290 17.19 -69.64 -10.83
N THR L 291 18.51 -69.72 -10.63
CA THR L 291 19.41 -70.35 -11.58
C THR L 291 19.95 -71.63 -10.96
N MET L 292 19.55 -72.77 -11.52
CA MET L 292 19.97 -74.08 -11.03
C MET L 292 21.02 -74.67 -11.94
N SER L 293 22.06 -75.25 -11.35
CA SER L 293 23.15 -75.85 -12.10
C SER L 293 23.52 -77.18 -11.44
N PRO L 294 23.68 -78.26 -12.21
CA PRO L 294 24.06 -79.54 -11.61
C PRO L 294 25.42 -79.45 -10.92
N GLY L 295 25.51 -80.10 -9.77
CA GLY L 295 26.71 -80.08 -8.95
C GLY L 295 26.48 -79.37 -7.63
N LEU L 296 27.51 -79.41 -6.78
CA LEU L 296 27.47 -78.85 -5.44
C LEU L 296 28.63 -77.90 -5.21
N TYR L 297 28.82 -76.97 -6.14
CA TYR L 297 29.88 -75.98 -6.00
C TYR L 297 29.54 -74.98 -4.90
N GLY L 298 30.60 -74.49 -4.24
CA GLY L 298 30.44 -73.45 -3.25
C GLY L 298 29.88 -73.95 -1.94
N LYS L 299 29.61 -72.99 -1.05
CA LYS L 299 29.03 -73.27 0.25
C LYS L 299 27.84 -72.34 0.46
N THR L 300 26.92 -72.78 1.31
CA THR L 300 25.68 -72.06 1.57
C THR L 300 25.68 -71.49 2.97
N THR L 301 25.37 -70.21 3.10
CA THR L 301 25.27 -69.56 4.40
C THR L 301 23.89 -69.69 5.02
N GLY L 302 22.90 -70.15 4.26
CA GLY L 302 21.55 -70.29 4.78
C GLY L 302 20.91 -68.97 5.14
N TYR L 303 21.21 -67.91 4.39
CA TYR L 303 20.70 -66.58 4.66
C TYR L 303 19.95 -66.06 3.45
N ALA L 304 18.73 -65.59 3.68
CA ALA L 304 17.91 -64.95 2.65
C ALA L 304 17.78 -63.47 2.99
N VAL L 305 18.05 -62.62 2.01
CA VAL L 305 18.08 -61.17 2.22
C VAL L 305 16.98 -60.54 1.37
N THR L 306 16.17 -59.70 2.00
CA THR L 306 15.16 -58.90 1.33
C THR L 306 15.55 -57.43 1.44
N HIS L 307 15.89 -56.82 0.32
CA HIS L 307 16.09 -55.38 0.28
C HIS L 307 14.74 -54.67 0.33
N HIS L 308 14.72 -53.53 1.01
CA HIS L 308 13.49 -52.76 1.20
C HIS L 308 13.64 -51.43 0.47
N ALA L 309 13.05 -51.34 -0.72
CA ALA L 309 12.93 -50.05 -1.40
C ALA L 309 11.93 -49.16 -0.67
N ASP L 310 10.87 -49.75 -0.11
N ASP L 310 10.88 -49.75 -0.10
CA ASP L 310 9.90 -49.06 0.71
CA ASP L 310 9.90 -49.05 0.71
C ASP L 310 9.95 -49.61 2.13
C ASP L 310 9.94 -49.62 2.12
N GLY L 311 9.45 -48.83 3.07
CA GLY L 311 9.48 -49.25 4.46
C GLY L 311 8.62 -50.49 4.68
N PHE L 312 9.11 -51.39 5.52
CA PHE L 312 8.39 -52.58 5.93
C PHE L 312 8.15 -52.51 7.44
N LEU L 313 6.90 -52.68 7.85
CA LEU L 313 6.52 -52.58 9.25
C LEU L 313 5.90 -53.88 9.71
N MET L 314 6.40 -54.45 10.80
CA MET L 314 5.71 -55.48 11.55
C MET L 314 5.50 -54.97 12.96
N CYS L 315 4.26 -54.67 13.30
CA CYS L 315 3.97 -54.02 14.57
C CYS L 315 2.93 -54.80 15.35
N LYS L 316 3.07 -54.77 16.67
CA LYS L 316 2.03 -55.29 17.55
C LYS L 316 0.82 -54.36 17.51
N THR L 317 -0.36 -54.93 17.30
CA THR L 317 -1.59 -54.18 17.30
C THR L 317 -2.62 -54.92 18.15
N THR L 318 -3.47 -54.14 18.80
CA THR L 318 -4.53 -54.68 19.66
C THR L 318 -5.86 -54.55 18.93
N ASP L 319 -6.51 -55.68 18.69
CA ASP L 319 -7.80 -55.73 18.03
C ASP L 319 -8.75 -56.54 18.90
N THR L 320 -9.96 -56.73 18.40
CA THR L 320 -10.93 -57.65 19.01
C THR L 320 -11.29 -58.71 17.98
N VAL L 321 -10.88 -59.94 18.26
CA VAL L 321 -11.25 -61.09 17.43
C VAL L 321 -12.43 -61.77 18.10
N ASP L 322 -13.56 -61.81 17.39
CA ASP L 322 -14.81 -62.36 17.91
C ASP L 322 -15.18 -61.70 19.25
N GLY L 323 -14.88 -60.40 19.35
CA GLY L 323 -15.17 -59.64 20.54
C GLY L 323 -14.12 -59.70 21.62
N GLU L 324 -13.17 -60.63 21.54
CA GLU L 324 -12.14 -60.78 22.54
C GLU L 324 -10.96 -59.88 22.20
N ARG L 325 -10.58 -59.02 23.15
CA ARG L 325 -9.47 -58.11 22.93
C ARG L 325 -8.15 -58.87 23.01
N VAL L 326 -7.42 -58.92 21.90
CA VAL L 326 -6.16 -59.63 21.80
C VAL L 326 -5.15 -58.71 21.11
N SER L 327 -3.88 -59.11 21.17
CA SER L 327 -2.79 -58.41 20.51
C SER L 327 -2.04 -59.37 19.61
N PHE L 328 -1.73 -58.92 18.41
CA PHE L 328 -1.02 -59.76 17.45
C PHE L 328 -0.25 -58.87 16.46
N SER L 329 0.64 -59.50 15.72
CA SER L 329 1.51 -58.79 14.79
C SER L 329 0.83 -58.56 13.45
N VAL L 330 0.99 -57.35 12.93
CA VAL L 330 0.45 -56.96 11.64
C VAL L 330 1.57 -56.35 10.82
N CYS L 331 1.72 -56.82 9.58
CA CYS L 331 2.73 -56.30 8.67
C CYS L 331 2.09 -55.39 7.63
N THR L 332 2.92 -54.52 7.06
CA THR L 332 2.47 -53.58 6.05
C THR L 332 3.67 -52.99 5.33
N TYR L 333 3.41 -52.42 4.17
CA TYR L 333 4.40 -51.70 3.39
C TYR L 333 4.04 -50.22 3.38
N VAL L 334 4.99 -49.38 3.74
CA VAL L 334 4.83 -47.94 3.79
C VAL L 334 5.67 -47.35 2.67
N PRO L 335 5.12 -46.43 1.85
CA PRO L 335 5.90 -45.86 0.76
C PRO L 335 7.16 -45.16 1.26
N ALA L 336 8.21 -45.23 0.44
CA ALA L 336 9.51 -44.70 0.85
C ALA L 336 9.46 -43.21 1.13
N THR L 337 8.67 -42.45 0.34
CA THR L 337 8.57 -41.02 0.60
C THR L 337 7.92 -40.74 1.95
N ILE L 338 6.89 -41.52 2.30
CA ILE L 338 6.25 -41.36 3.60
C ILE L 338 7.24 -41.68 4.72
N CYS L 339 8.00 -42.76 4.55
CA CYS L 339 9.00 -43.13 5.56
C CYS L 339 10.06 -42.05 5.71
N ASP L 340 10.49 -41.46 4.59
CA ASP L 340 11.51 -40.42 4.64
C ASP L 340 10.99 -39.15 5.30
N GLN L 341 9.74 -38.79 5.04
CA GLN L 341 9.17 -37.59 5.65
C GLN L 341 8.88 -37.76 7.14
N MET L 342 8.91 -38.98 7.66
CA MET L 342 8.69 -39.23 9.07
C MET L 342 9.99 -39.32 9.86
N THR L 343 11.14 -39.18 9.21
CA THR L 343 12.42 -39.36 9.88
C THR L 343 12.62 -38.33 10.99
N GLY L 344 12.29 -37.07 10.72
CA GLY L 344 12.50 -36.03 11.70
C GLY L 344 11.60 -36.17 12.92
N ILE L 345 10.31 -36.45 12.70
CA ILE L 345 9.36 -36.49 13.81
C ILE L 345 9.56 -37.73 14.66
N LEU L 346 10.20 -38.76 14.13
CA LEU L 346 10.47 -39.98 14.88
C LEU L 346 11.70 -39.86 15.76
N ALA L 347 12.41 -38.73 15.71
CA ALA L 347 13.54 -38.51 16.61
C ALA L 347 13.09 -38.42 18.06
N THR L 348 11.90 -37.88 18.30
CA THR L 348 11.32 -37.75 19.63
C THR L 348 10.23 -38.79 19.80
N GLU L 349 9.67 -38.84 21.01
CA GLU L 349 8.56 -39.75 21.30
C GLU L 349 7.26 -39.08 20.88
N VAL L 350 6.59 -39.69 19.90
CA VAL L 350 5.34 -39.16 19.34
C VAL L 350 4.23 -40.14 19.68
N THR L 351 3.10 -39.60 20.13
CA THR L 351 1.95 -40.44 20.41
C THR L 351 1.36 -40.95 19.11
N PRO L 352 0.64 -42.08 19.16
CA PRO L 352 -0.01 -42.58 17.93
C PRO L 352 -0.98 -41.60 17.32
N GLU L 353 -1.64 -40.77 18.13
N GLU L 353 -1.64 -40.77 18.13
CA GLU L 353 -2.57 -39.78 17.59
CA GLU L 353 -2.57 -39.78 17.58
C GLU L 353 -1.84 -38.71 16.79
C GLU L 353 -1.84 -38.71 16.79
N ASP L 354 -0.76 -38.16 17.35
CA ASP L 354 0.02 -37.16 16.63
C ASP L 354 0.70 -37.77 15.42
N ALA L 355 1.20 -39.01 15.55
CA ALA L 355 1.81 -39.69 14.41
C ALA L 355 0.79 -39.90 13.30
N GLN L 356 -0.44 -40.28 13.65
CA GLN L 356 -1.47 -40.50 12.64
C GLN L 356 -1.90 -39.19 11.98
N LYS L 357 -1.99 -38.11 12.76
CA LYS L 357 -2.31 -36.81 12.16
C LYS L 357 -1.20 -36.37 11.21
N LEU L 358 0.06 -36.56 11.59
CA LEU L 358 1.16 -36.21 10.72
C LEU L 358 1.17 -37.07 9.46
N LEU L 359 0.88 -38.37 9.60
CA LEU L 359 0.84 -39.25 8.43
C LEU L 359 -0.29 -38.85 7.49
N VAL L 360 -1.43 -38.46 8.03
CA VAL L 360 -2.54 -37.98 7.20
C VAL L 360 -2.13 -36.70 6.48
N GLY L 361 -1.45 -35.81 7.18
CA GLY L 361 -0.97 -34.59 6.55
C GLY L 361 0.01 -34.86 5.42
N LEU L 362 0.90 -35.83 5.62
CA LEU L 362 1.85 -36.22 4.57
C LEU L 362 1.20 -37.01 3.45
N ASN L 363 0.03 -37.60 3.68
CA ASN L 363 -0.62 -38.44 2.68
C ASN L 363 -1.43 -37.66 1.66
N GLN L 364 -1.63 -36.36 1.87
CA GLN L 364 -2.41 -35.55 0.95
C GLN L 364 -1.69 -35.34 -0.37
N THR L 376 -5.64 -37.10 -3.60
CA THR L 376 -4.68 -38.17 -3.87
C THR L 376 -3.98 -38.61 -2.59
N ASN L 377 -3.86 -39.93 -2.41
CA ASN L 377 -3.21 -40.51 -1.25
C ASN L 377 -1.96 -41.27 -1.68
N THR L 378 -0.83 -40.95 -1.06
CA THR L 378 0.39 -41.69 -1.35
C THR L 378 0.27 -43.14 -0.88
N MET L 379 -0.31 -43.35 0.29
CA MET L 379 -0.52 -44.68 0.83
C MET L 379 -2.00 -44.86 1.20
N LYS L 380 -2.43 -46.11 1.24
CA LYS L 380 -3.81 -46.42 1.61
C LYS L 380 -4.07 -46.00 3.04
N ASN L 381 -5.19 -45.32 3.26
CA ASN L 381 -5.47 -44.74 4.56
C ASN L 381 -5.84 -45.77 5.62
N TYR L 382 -6.36 -46.94 5.21
CA TYR L 382 -6.79 -47.93 6.20
C TYR L 382 -5.61 -48.51 6.98
N MET L 383 -4.39 -48.36 6.49
CA MET L 383 -3.20 -48.74 7.24
C MET L 383 -2.55 -47.58 7.97
N ILE L 384 -3.05 -46.35 7.78
CA ILE L 384 -2.46 -45.20 8.47
C ILE L 384 -2.50 -45.33 9.99
N PRO L 385 -3.62 -45.72 10.61
CA PRO L 385 -3.62 -45.82 12.08
C PRO L 385 -2.59 -46.82 12.60
N VAL L 386 -2.62 -48.06 12.13
CA VAL L 386 -1.71 -49.08 12.66
C VAL L 386 -0.26 -48.67 12.43
N VAL L 387 0.05 -48.20 11.21
CA VAL L 387 1.38 -47.68 10.92
C VAL L 387 1.75 -46.60 11.92
N ALA L 388 0.82 -45.69 12.19
CA ALA L 388 1.06 -44.66 13.18
C ALA L 388 1.49 -45.27 14.50
N GLN L 389 0.69 -46.23 15.00
CA GLN L 389 1.05 -46.93 16.22
C GLN L 389 2.46 -47.47 16.11
N ALA L 390 2.73 -48.19 15.01
CA ALA L 390 4.07 -48.75 14.81
C ALA L 390 5.12 -47.67 14.96
N PHE L 391 4.96 -46.58 14.21
CA PHE L 391 5.95 -45.52 14.26
C PHE L 391 6.11 -45.02 15.68
N SER L 392 4.99 -44.75 16.34
CA SER L 392 5.04 -44.30 17.73
C SER L 392 5.84 -45.27 18.56
N LYS L 393 5.46 -46.55 18.52
CA LYS L 393 6.17 -47.55 19.31
C LYS L 393 7.64 -47.54 18.95
N TRP L 394 7.94 -47.53 17.64
CA TRP L 394 9.32 -47.54 17.19
C TRP L 394 10.07 -46.38 17.84
N ALA L 395 9.51 -45.18 17.74
CA ALA L 395 10.18 -44.02 18.31
C ALA L 395 10.42 -44.24 19.79
N LYS L 396 9.38 -44.66 20.52
CA LYS L 396 9.53 -44.93 21.94
C LYS L 396 10.67 -45.90 22.17
N GLU L 397 10.66 -47.01 21.43
CA GLU L 397 11.69 -48.02 21.65
C GLU L 397 13.07 -47.43 21.40
N CYS L 398 13.21 -46.64 20.34
CA CYS L 398 14.51 -46.05 20.04
C CYS L 398 14.95 -45.18 21.21
N ARG L 399 14.03 -44.37 21.75
CA ARG L 399 14.37 -43.53 22.90
C ARG L 399 14.86 -44.40 24.05
N LYS L 400 14.18 -45.52 24.31
CA LYS L 400 14.63 -46.41 25.37
C LYS L 400 16.03 -46.90 25.09
N ASP L 401 16.31 -47.28 23.84
CA ASP L 401 17.66 -47.72 23.48
C ASP L 401 18.67 -46.61 23.73
N MET L 402 18.27 -45.36 23.55
CA MET L 402 19.18 -44.25 23.80
C MET L 402 19.26 -43.90 25.27
N GLU L 403 18.30 -44.32 26.09
CA GLU L 403 18.32 -44.02 27.51
C GLU L 403 18.87 -45.17 28.34
N ASP L 404 19.16 -46.31 27.72
CA ASP L 404 19.73 -47.48 28.38
C ASP L 404 21.00 -47.91 27.66
N GLU L 405 21.86 -46.94 27.40
CA GLU L 405 23.11 -47.20 26.69
C GLU L 405 24.01 -48.11 27.51
N LYS L 406 24.45 -49.20 26.89
CA LYS L 406 25.32 -50.17 27.54
C LYS L 406 26.77 -49.80 27.31
N LEU L 407 27.69 -50.68 27.71
CA LEU L 407 29.10 -50.49 27.44
C LEU L 407 29.48 -51.21 26.15
N LEU L 408 30.52 -50.70 25.51
CA LEU L 408 30.97 -51.26 24.23
C LEU L 408 31.51 -52.67 24.43
N GLY L 409 30.99 -53.62 23.66
CA GLY L 409 31.51 -54.96 23.65
C GLY L 409 31.41 -55.71 24.96
N VAL L 410 30.36 -55.44 25.75
CA VAL L 410 30.11 -56.18 26.97
C VAL L 410 28.64 -56.58 27.01
N ARG L 411 28.34 -57.61 27.79
CA ARG L 411 26.99 -58.09 27.98
C ARG L 411 26.77 -58.38 29.46
N GLU L 412 25.52 -58.20 29.90
CA GLU L 412 25.17 -58.26 31.32
C GLU L 412 24.37 -59.52 31.65
N ARG L 413 24.73 -60.65 31.06
CA ARG L 413 24.04 -61.90 31.33
C ARG L 413 24.37 -62.39 32.74
N THR L 414 23.33 -62.73 33.49
CA THR L 414 23.47 -63.15 34.87
C THR L 414 23.41 -64.67 34.99
N LEU L 415 24.00 -65.18 36.07
CA LEU L 415 24.08 -66.61 36.33
C LEU L 415 22.90 -67.05 37.17
N THR L 416 22.29 -68.17 36.79
CA THR L 416 21.08 -68.68 37.44
C THR L 416 21.36 -70.05 38.04
N CYS L 417 21.97 -70.06 39.22
CA CYS L 417 22.13 -71.23 40.09
C CYS L 417 22.76 -72.44 39.39
N CYS L 418 23.42 -72.24 38.25
CA CYS L 418 23.99 -73.34 37.50
C CYS L 418 25.08 -72.79 36.60
N CYS L 419 25.46 -73.55 35.56
CA CYS L 419 26.34 -73.06 34.51
C CYS L 419 25.56 -72.41 33.37
N LEU L 420 24.31 -72.02 33.62
CA LEU L 420 23.43 -71.46 32.59
C LEU L 420 23.36 -69.95 32.76
N TRP L 421 23.51 -69.23 31.65
CA TRP L 421 23.56 -67.77 31.65
C TRP L 421 22.32 -67.22 30.96
N ALA L 422 21.69 -66.21 31.56
CA ALA L 422 20.45 -65.65 31.06
C ALA L 422 20.55 -64.13 30.99
N PHE L 423 19.87 -63.55 30.01
CA PHE L 423 19.81 -62.11 29.82
C PHE L 423 18.37 -61.66 29.75
N LYS L 424 18.17 -60.34 29.86
CA LYS L 424 16.84 -59.75 29.80
C LYS L 424 16.52 -59.36 28.36
N LYS L 425 15.37 -59.78 27.87
CA LYS L 425 14.88 -59.36 26.57
C LYS L 425 14.04 -58.11 26.72
N GLN L 426 14.14 -57.21 25.75
CA GLN L 426 13.41 -55.96 25.82
C GLN L 426 12.09 -56.06 25.06
N LYS L 427 11.19 -55.13 25.37
CA LYS L 427 9.93 -55.02 24.65
C LYS L 427 10.20 -54.56 23.23
N THR L 428 9.94 -55.44 22.26
CA THR L 428 10.07 -55.10 20.84
C THR L 428 8.68 -55.21 20.22
N HIS L 429 7.98 -54.08 20.13
CA HIS L 429 6.64 -54.06 19.58
C HIS L 429 6.59 -53.57 18.14
N THR L 430 7.73 -53.18 17.57
CA THR L 430 7.77 -52.73 16.19
C THR L 430 9.10 -53.13 15.55
N VAL L 431 9.01 -53.81 14.42
CA VAL L 431 10.15 -54.02 13.53
C VAL L 431 9.93 -53.11 12.34
N TYR L 432 10.81 -52.12 12.20
CA TYR L 432 10.69 -51.10 11.17
C TYR L 432 11.92 -51.19 10.28
N LYS L 433 11.78 -51.87 9.14
CA LYS L 433 12.83 -51.91 8.12
C LYS L 433 12.64 -50.68 7.24
N ARG L 434 13.48 -49.67 7.44
CA ARG L 434 13.37 -48.45 6.68
C ARG L 434 13.77 -48.69 5.22
N PRO L 435 13.36 -47.80 4.32
CA PRO L 435 13.82 -47.92 2.92
C PRO L 435 15.33 -47.92 2.85
N ASP L 436 15.86 -48.73 1.93
CA ASP L 436 17.28 -48.96 1.69
C ASP L 436 17.94 -49.80 2.77
N THR L 437 17.16 -50.45 3.63
CA THR L 437 17.67 -51.44 4.56
C THR L 437 17.44 -52.84 3.99
N GLN L 438 17.96 -53.84 4.70
CA GLN L 438 17.81 -55.22 4.27
C GLN L 438 17.47 -56.09 5.47
N SER L 439 16.42 -56.88 5.33
CA SER L 439 16.10 -57.91 6.31
C SER L 439 16.85 -59.18 5.93
N ILE L 440 17.37 -59.88 6.93
CA ILE L 440 18.15 -61.08 6.71
C ILE L 440 17.62 -62.18 7.61
N GLN L 441 17.31 -63.32 7.01
CA GLN L 441 16.68 -64.44 7.70
C GLN L 441 17.52 -65.69 7.54
N LYS L 442 17.57 -66.50 8.60
CA LYS L 442 18.23 -67.80 8.56
C LYS L 442 17.24 -68.84 8.06
N VAL L 443 17.48 -69.35 6.86
CA VAL L 443 16.59 -70.33 6.23
C VAL L 443 17.40 -71.58 5.90
N GLN L 444 16.69 -72.64 5.57
CA GLN L 444 17.35 -73.87 5.14
C GLN L 444 17.92 -73.68 3.73
N ALA L 445 19.16 -74.09 3.55
CA ALA L 445 19.82 -73.98 2.25
C ALA L 445 20.31 -75.31 1.70
N GLU L 446 20.08 -76.41 2.42
CA GLU L 446 20.40 -77.75 1.93
C GLU L 446 19.14 -78.59 1.98
N PHE L 447 18.74 -79.14 0.84
CA PHE L 447 17.48 -79.88 0.73
C PHE L 447 17.77 -81.27 0.20
N ASP L 448 17.32 -82.29 0.93
CA ASP L 448 17.45 -83.67 0.49
C ASP L 448 16.23 -84.51 0.84
N SER L 449 15.06 -83.87 1.02
CA SER L 449 13.87 -84.60 1.44
C SER L 449 12.70 -84.34 0.51
N PHE L 450 12.93 -84.47 -0.79
CA PHE L 450 11.86 -84.31 -1.77
C PHE L 450 10.97 -85.55 -1.83
N SER L 458 -3.71 -87.45 -11.93
CA SER L 458 -4.91 -88.21 -12.22
C SER L 458 -6.15 -87.54 -11.63
N GLY L 459 -6.47 -86.36 -12.16
CA GLY L 459 -7.62 -85.61 -11.68
C GLY L 459 -8.54 -85.18 -12.81
N LEU L 460 -8.71 -86.04 -13.79
CA LEU L 460 -9.53 -85.77 -14.96
C LEU L 460 -10.84 -86.55 -14.89
N SER L 461 -11.93 -85.92 -15.30
CA SER L 461 -13.25 -86.51 -15.22
C SER L 461 -13.88 -86.61 -16.60
N ILE L 462 -14.79 -87.58 -16.75
CA ILE L 462 -15.43 -87.82 -18.05
C ILE L 462 -16.23 -86.62 -18.54
N PRO L 463 -17.10 -85.98 -17.73
CA PRO L 463 -17.84 -84.82 -18.25
C PRO L 463 -16.94 -83.69 -18.73
N LEU L 464 -15.82 -83.45 -18.05
CA LEU L 464 -14.89 -82.42 -18.53
C LEU L 464 -14.26 -82.82 -19.85
N ARG L 465 -13.91 -84.10 -20.01
CA ARG L 465 -13.36 -84.56 -21.28
C ARG L 465 -14.36 -84.37 -22.40
N THR L 466 -15.63 -84.73 -22.15
CA THR L 466 -16.66 -84.56 -23.16
C THR L 466 -16.86 -83.09 -23.50
N ARG L 467 -16.88 -82.22 -22.49
CA ARG L 467 -17.06 -80.79 -22.74
C ARG L 467 -15.90 -80.23 -23.56
N ILE L 468 -14.66 -80.61 -23.23
CA ILE L 468 -13.51 -80.13 -23.99
C ILE L 468 -13.56 -80.64 -25.42
N LYS L 469 -13.88 -81.92 -25.61
CA LYS L 469 -13.93 -82.49 -26.95
C LYS L 469 -15.06 -81.87 -27.78
N TRP L 470 -16.13 -81.42 -27.13
CA TRP L 470 -17.24 -80.83 -27.88
C TRP L 470 -16.83 -79.55 -28.59
N LEU L 471 -15.84 -78.83 -28.06
CA LEU L 471 -15.34 -77.61 -28.68
C LEU L 471 -14.17 -77.86 -29.62
N LEU L 472 -13.77 -79.11 -29.80
CA LEU L 472 -12.66 -79.44 -30.69
C LEU L 472 -13.07 -80.49 -31.71
#